data_8F39
#
_entry.id   8F39
#
_cell.length_a   1.00
_cell.length_b   1.00
_cell.length_c   1.00
_cell.angle_alpha   90.00
_cell.angle_beta   90.00
_cell.angle_gamma   90.00
#
_symmetry.space_group_name_H-M   'P 1'
#
loop_
_entity.id
_entity.type
_entity.pdbx_description
1 polymer 'ATP synthase subunit gamma, mitochondrial'
2 polymer 'ATP synthase subunit 4, mitochondrial'
3 polymer 'ATP synthase subunit d, mitochondrial'
4 polymer 'ATP synthase subunit H, mitochondrial'
5 polymer 'ATP synthase subunit f, mitochondrial'
6 polymer 'ATP synthase subunit 9, mitochondrial'
7 polymer 'ATP synthase protein 8'
8 polymer 'ATP synthase subunit a'
9 polymer 'ATP synthase subunit J, mitochondrial'
10 polymer 'ATP synthase subunit 5, mitochondrial'
11 polymer 'ATP synthase subunit alpha, mitochondrial'
12 polymer 'ATP synthase subunit beta, mitochondrial'
13 polymer 'ATP synthase subunit delta, mitochondrial'
14 polymer 'ATP synthase subunit epsilon, mitochondrial'
15 non-polymer "ADENOSINE-5'-DIPHOSPHATE"
16 non-polymer 'MAGNESIUM ION'
#
loop_
_entity_poly.entity_id
_entity_poly.type
_entity_poly.pdbx_seq_one_letter_code
_entity_poly.pdbx_strand_id
1 'polypeptide(L)'
;EVEMRLKSIKNIEKITKTMKIVASTRLSKAEKAKISAKKMDEAEQLFYKNAETKNLDKELIVAITSDKGLCGSIHSQLAK
AVRRHLNDQPNADIVTIGDKIKMQLLRTHPNNIKLSINGIGKDAPTFQESALIADKLLSVMKAGTYPKISIFYNDPVSSL
SFEPSEKPIFNAKTIEQSPSFGKFEIDTDANVPRDLFEYTLANQMLTAMAQGYAAEISARRNAMDNASKNAGDMINRYSI
LYNRTRQAVITNELVDIITGA
;
G
2 'polypeptide(L)'
;NDESILLLTFLGFTGLVAKYLAPAYKDFADARMKKVSDVLNASRNKHVEAVKDRIDSVSQLQNVAETTKVLFDVSKETVE
LESEAFELKQKVELAHEAKAVLDSWVRYEASLRQLEQRQLAKSVISRVQSELGNPKFQEKVLQQSISEIEQLLSK
;
Z
3 'polypeptide(L)'
;AKSAANKLDWAKVISSLRITGSTATQLSSFKKRNDEARRQLLELQSQPTEVDFSHYRSVLKNTSVIDKIESYVKQYKPVK
IDASKQLQVIESFEKHAMTNAKETESLVSKELKDLQSTLDNIQSARPFDELTVDDLTKIKPEIDAKVEEMVKKGKWDVPG
YKDRFGNLNVM
;
7
4 'polypeptide(L)'
;QDLYLRELKDTKLAPSTLQDAEGNVKPWNPPQKPNLPELELQGPEALKAYTEQNVETAHVAKESEEGESEPIEEDWLVLD
DAEETKESH
;
6
5 'polypeptide(L)'
;VSTLIPPKVVSSKNIGSAPNAKRIANVVHFYKSLPQGPAPAIKANTRLARYKAKYFDGDNASGKPLWHFALGIIAFGYSM
EYYFH
;
U
6 'polypeptide(L)' MQLVLAAKYIGAGISTIGLLGAGIGIAIVFAALINGVSRNPSIKDTVFPMAILGFALSEATGLFCLMVSFLLLFG S,T,K,L,M,N,O,P,Q,R
7 'polypeptide(L)' FYFMNQLTYGFLLMITLLILFSQFFLPMILRLYVSRLFISK 8
8 'polypeptide(L)'
;LTTFSLYTIIVLLVITSLYTLTNNNNKIIGSRWLISQEAIYDTIMNMTKGQIGGKNWGLYFPMIFTLFMFIFIANLISMI
PYSFALSAHLVFIISLSIVIWLGNTILGLYKHGWVFFSLFVPAGTPLPLVPLLVIIETLSYFARAISLGLRLGSNILAGH
LLMVILAGLTFNFMLINLFTLVFGFVPLAMILAIMMLEFAIGIIQGYVWAILTASYLKDAVYLH
;
X
9 'polypeptide(L)' MLKRFPTPILKVYWPFFVAGAAVYYGMSKAADLSSNT J
10 'polypeptide(L)'
;PPPVRLFGVEGTYATALYQAAAKNSSIDAAFQSLQKVESTVKKNPKLGHLLLNPALSLKDRNSVIDAIVETHKNLDGYVV
NLLKVLSENNRLGCFEKIASDFGVLNDAHNGLLKGTVTSAEPLDPKSFKRIEKALSASKLVGQGKSLKLENVVKPEIKGG
LIVELG
;
Y
11 'polypeptide(L)'
;KAQPTEVSSILEERIKGVSDEANLNETGRVLAVGDGIARVFGLNNIQAEELVEFSSGVKGMALNLEPGQVGIVLFGSDRL
VKEGELVKRTGNIVDVPVGPGLLGRVVDALGNPIDGKGPIDAAGRSRAQVKAPGILPRRSVHEPVQTGLKAVDALVPIGR
GQRELIIGDRQTGKTAVALDTILNQKRWNNGSDESKKLYCVYVAVGQKRSTVAQLVQTLEQHDAMKYSIIVAATASEAAP
LQYLAPFTAASIGEWFRDNGKHALIVYDDLSKQAVAYRQLSLLLRRPPGREAYPGDVFYLHSRLLERAAKLSEKEGSGSL
TALPVIETQGGDVSAYIPTNVISITDGQIFLEAELFYKGIRPAINVGLSVSRVGSAAQVKALKQVAGSLKLFLAQYREVA
AFAQFGSDLDASTKQTLVRGERLTQLLKQNQYSPLATEEQVPLIYAGVNGHLDGIELSRIGEFESSFLSYLKSNHNELLT
EIREKGELSKELLASLKSATESFVATF
;
A,B,C
12 'polypeptide(L)'
;STPITGKVTAVIGAIVDVHFEQSELPAILNALEIKTPQGKLVLEVAQHLGENTVRTIAMDGTEGLVRGEKVLDTGGPISV
PVGRETLGRIINVIGEPIDERGPIKSKLRKPIHADPPSFAEQSTSAEILETGIKVVDLLAPYARGGKIGLFGGAGVGKTV
FIQELINNIAKAHGGFSVFTGVGERTREGNDLYREMKETGVINLEGESKVALVFGQMNEPPGARARVALTGLTIAEYFRD
EEGQDVLLFIDNIFRFTQAGSEVSALLGRIPSAVGYQPTLATDMGLLQERITTTKKGSVTSVQAVYVPADDLTDPAPATT
FAHLDATTVLSRGISELGIYPAVDPLDSKSRLLDAAVVGQEHYDVASKVQETLQTYKSLQDIIAILGMDELSEQDKLTVE
RARKIQRFLSQPFAVAEVFTGIPGKLVRLKDTVASFKAVLEGKYDNIPEHAFYMVGGIEDVVAKAEKLAAEAN
;
D,E,F
13 'polypeptide(L)'
;SSGLKLQFALPHETLYSGSEVTQVNLPAKSGRIGVLANHVPTVEQLLPGVVEVMEGSNSKKFFISGGFATVQPDSQLCVT
AIEAFPLESFSQENIKNLLAEAKKNVSSSDAREAAEAAIQVEVLENLQSVLK
;
H
14 'polypeptide(L)' SAWRKAGISYAAYLNVAAQAIRSSLKTELQTASVLNRSQTDAFYTQYKNGTAASEPTPI I
#
loop_
_chem_comp.id
_chem_comp.type
_chem_comp.name
_chem_comp.formula
ADP non-polymer ADENOSINE-5'-DIPHOSPHATE 'C10 H15 N5 O10 P2'
MG non-polymer 'MAGNESIUM ION' 'Mg 2'
#
# COMPACT_ATOMS: atom_id res chain seq x y z
N GLU A 1 10.47 20.19 -0.44
CA GLU A 1 9.57 19.06 -0.63
C GLU A 1 9.88 17.96 0.38
N VAL A 2 11.08 18.00 0.95
CA VAL A 2 11.45 17.03 1.96
C VAL A 2 10.59 17.21 3.21
N GLU A 3 10.29 18.46 3.56
CA GLU A 3 9.50 18.72 4.76
C GLU A 3 8.07 18.19 4.62
N MET A 4 7.47 18.33 3.43
CA MET A 4 6.11 17.84 3.23
C MET A 4 6.06 16.32 3.35
N ARG A 5 7.04 15.64 2.74
CA ARG A 5 7.10 14.18 2.87
C ARG A 5 7.36 13.76 4.32
N LEU A 6 8.21 14.51 5.02
CA LEU A 6 8.47 14.21 6.43
C LEU A 6 7.20 14.30 7.26
N LYS A 7 6.44 15.40 7.11
CA LYS A 7 5.24 15.56 7.92
C LYS A 7 4.17 14.55 7.51
N SER A 8 4.11 14.20 6.23
CA SER A 8 3.16 13.18 5.80
C SER A 8 3.48 11.83 6.42
N ILE A 9 4.75 11.43 6.40
CA ILE A 9 5.14 10.17 7.00
C ILE A 9 4.91 10.18 8.51
N LYS A 10 5.16 11.32 9.14
CA LYS A 10 4.91 11.43 10.59
C LYS A 10 3.43 11.26 10.91
N ASN A 11 2.56 11.89 10.11
CA ASN A 11 1.12 11.74 10.33
C ASN A 11 0.69 10.28 10.11
N ILE A 12 1.20 9.64 9.06
CA ILE A 12 0.88 8.24 8.82
C ILE A 12 1.35 7.38 9.97
N GLU A 13 2.54 7.67 10.50
CA GLU A 13 3.07 6.90 11.62
C GLU A 13 2.18 7.03 12.86
N LYS A 14 1.75 8.27 13.15
CA LYS A 14 0.87 8.47 14.30
C LYS A 14 -0.46 7.75 14.12
N ILE A 15 -1.03 7.81 12.91
CA ILE A 15 -2.27 7.10 12.63
C ILE A 15 -2.09 5.60 12.85
N THR A 16 -0.99 5.05 12.33
CA THR A 16 -0.74 3.62 12.46
C THR A 16 -0.57 3.22 13.92
N LYS A 17 0.13 4.03 14.71
CA LYS A 17 0.31 3.70 16.13
C LYS A 17 -1.02 3.71 16.86
N THR A 18 -1.85 4.74 16.62
CA THR A 18 -3.13 4.83 17.31
C THR A 18 -4.04 3.66 16.95
N MET A 19 -4.14 3.36 15.65
CA MET A 19 -5.01 2.27 15.25
C MET A 19 -4.43 0.91 15.65
N LYS A 20 -3.10 0.81 15.78
CA LYS A 20 -2.47 -0.40 16.28
C LYS A 20 -2.87 -0.66 17.73
N ILE A 21 -2.76 0.36 18.59
CA ILE A 21 -3.13 0.15 19.98
C ILE A 21 -4.62 -0.11 20.11
N VAL A 22 -5.43 0.53 19.25
CA VAL A 22 -6.87 0.25 19.26
C VAL A 22 -7.13 -1.21 18.92
N ALA A 23 -6.44 -1.72 17.88
CA ALA A 23 -6.61 -3.12 17.50
C ALA A 23 -6.14 -4.07 18.60
N SER A 24 -5.05 -3.70 19.28
CA SER A 24 -4.58 -4.52 20.40
C SER A 24 -5.62 -4.61 21.50
N THR A 25 -6.25 -3.48 21.84
CA THR A 25 -7.31 -3.50 22.84
C THR A 25 -8.50 -4.35 22.38
N ARG A 26 -8.86 -4.23 21.10
CA ARG A 26 -9.98 -5.01 20.59
C ARG A 26 -9.69 -6.51 20.65
N LEU A 27 -8.46 -6.91 20.31
CA LEU A 27 -8.06 -8.31 20.46
C LEU A 27 -8.16 -8.74 21.91
N SER A 28 -7.64 -7.92 22.82
CA SER A 28 -7.62 -8.29 24.24
C SER A 28 -9.03 -8.38 24.81
N LYS A 29 -10.00 -7.69 24.22
CA LYS A 29 -11.37 -7.79 24.70
C LYS A 29 -12.23 -8.78 23.91
N ALA A 30 -11.75 -9.28 22.77
CA ALA A 30 -12.55 -10.19 21.96
C ALA A 30 -12.09 -11.64 21.99
N GLU A 31 -10.81 -11.90 22.28
CA GLU A 31 -10.32 -13.28 22.22
C GLU A 31 -11.02 -14.18 23.24
N LYS A 32 -11.48 -13.60 24.36
CA LYS A 32 -12.13 -14.41 25.39
C LYS A 32 -13.41 -15.04 24.89
N ALA A 33 -14.19 -14.31 24.09
CA ALA A 33 -15.38 -14.89 23.49
C ALA A 33 -15.04 -15.68 22.22
N LYS A 34 -13.97 -15.30 21.53
CA LYS A 34 -13.56 -16.04 20.34
C LYS A 34 -13.22 -17.48 20.68
N ILE A 35 -12.48 -17.70 21.77
CA ILE A 35 -12.08 -19.06 22.14
C ILE A 35 -13.30 -19.88 22.55
N SER A 36 -14.26 -19.26 23.25
CA SER A 36 -15.47 -19.98 23.62
C SER A 36 -16.28 -20.38 22.40
N ALA A 37 -16.42 -19.47 21.43
CA ALA A 37 -17.13 -19.80 20.20
C ALA A 37 -16.43 -20.93 19.46
N LYS A 38 -15.10 -20.88 19.38
CA LYS A 38 -14.37 -21.95 18.70
C LYS A 38 -14.54 -23.27 19.42
N LYS A 39 -14.55 -23.26 20.75
CA LYS A 39 -14.73 -24.50 21.50
C LYS A 39 -16.12 -25.09 21.27
N MET A 40 -17.15 -24.24 21.25
CA MET A 40 -18.49 -24.72 20.91
C MET A 40 -18.52 -25.32 19.51
N ASP A 41 -17.88 -24.66 18.55
CA ASP A 41 -17.84 -25.16 17.18
C ASP A 41 -17.19 -26.53 17.13
N GLU A 42 -16.06 -26.70 17.82
CA GLU A 42 -15.38 -27.99 17.81
C GLU A 42 -16.22 -29.06 18.50
N ALA A 43 -16.85 -28.71 19.63
CA ALA A 43 -17.65 -29.68 20.36
C ALA A 43 -18.82 -30.19 19.53
N GLU A 44 -19.50 -29.29 18.81
CA GLU A 44 -20.59 -29.73 17.96
C GLU A 44 -20.09 -30.41 16.69
N GLN A 45 -18.96 -29.97 16.15
CA GLN A 45 -18.46 -30.52 14.90
C GLN A 45 -17.91 -31.93 15.08
N LEU A 46 -17.43 -32.27 16.27
CA LEU A 46 -17.03 -33.64 16.52
C LEU A 46 -18.20 -34.60 16.36
N PHE A 47 -19.34 -34.25 16.97
CA PHE A 47 -20.54 -35.09 16.82
C PHE A 47 -21.10 -35.04 15.41
N TYR A 48 -20.98 -33.89 14.74
CA TYR A 48 -21.40 -33.83 13.33
C TYR A 48 -20.48 -34.65 12.44
N LYS A 49 -19.23 -34.86 12.86
CA LYS A 49 -18.33 -35.76 12.17
C LYS A 49 -18.69 -37.22 12.45
N ASN A 50 -19.16 -37.51 13.66
CA ASN A 50 -19.62 -38.87 13.97
C ASN A 50 -20.63 -39.36 12.95
N ALA A 51 -21.54 -38.47 12.51
CA ALA A 51 -22.41 -38.75 11.37
C ALA A 51 -21.85 -37.97 10.17
N GLU A 52 -20.93 -38.62 9.46
CA GLU A 52 -20.09 -37.92 8.49
C GLU A 52 -20.90 -37.15 7.47
N THR A 53 -21.93 -37.80 6.89
CA THR A 53 -22.79 -37.18 5.90
C THR A 53 -21.97 -36.67 4.71
N LYS A 54 -21.46 -35.45 4.82
CA LYS A 54 -20.61 -34.80 3.82
C LYS A 54 -21.10 -35.07 2.39
N ASN A 55 -22.31 -34.57 2.12
CA ASN A 55 -22.99 -34.84 0.87
C ASN A 55 -23.56 -33.55 0.28
N LEU A 56 -24.45 -33.70 -0.71
CA LEU A 56 -25.04 -32.53 -1.39
C LEU A 56 -25.61 -31.53 -0.40
N ASP A 57 -26.32 -32.01 0.62
CA ASP A 57 -26.89 -31.12 1.62
C ASP A 57 -25.93 -30.95 2.80
N LYS A 58 -29.86 -22.20 -5.73
CA LYS A 58 -30.37 -23.33 -4.97
C LYS A 58 -29.57 -23.53 -3.69
N GLU A 59 -28.38 -22.94 -3.64
CA GLU A 59 -27.48 -23.06 -2.51
C GLU A 59 -27.34 -21.72 -1.79
N LEU A 60 -27.44 -21.74 -0.47
CA LEU A 60 -27.36 -20.53 0.35
C LEU A 60 -25.94 -20.43 0.89
N ILE A 61 -25.10 -19.72 0.17
CA ILE A 61 -23.69 -19.54 0.54
C ILE A 61 -23.54 -18.21 1.26
N VAL A 62 -22.98 -18.25 2.46
CA VAL A 62 -22.88 -17.08 3.33
C VAL A 62 -21.41 -16.68 3.45
N ALA A 63 -21.19 -15.39 3.70
CA ALA A 63 -19.85 -14.85 3.90
C ALA A 63 -19.79 -14.11 5.23
N ILE A 64 -18.62 -14.14 5.87
CA ILE A 64 -18.40 -13.48 7.15
C ILE A 64 -17.29 -12.46 6.99
N THR A 65 -17.63 -11.18 7.15
CA THR A 65 -16.66 -10.10 7.08
C THR A 65 -16.97 -9.08 8.16
N SER A 66 -15.95 -8.35 8.60
CA SER A 66 -16.13 -7.31 9.59
C SER A 66 -16.46 -5.98 8.93
N ASP A 67 -16.97 -5.05 9.73
CA ASP A 67 -17.34 -3.73 9.22
C ASP A 67 -16.12 -2.87 8.92
N LYS A 68 -14.95 -3.21 9.46
CA LYS A 68 -13.75 -2.43 9.22
C LYS A 68 -13.28 -2.58 7.78
N GLY A 69 -12.71 -1.51 7.25
CA GLY A 69 -12.19 -1.51 5.90
C GLY A 69 -10.97 -2.40 5.75
N LEU A 70 -10.54 -2.54 4.50
CA LEU A 70 -9.43 -3.43 4.16
C LEU A 70 -8.13 -2.98 4.81
N CYS A 71 -7.59 -3.81 5.71
CA CYS A 71 -6.28 -3.59 6.29
C CYS A 71 -5.22 -4.49 5.66
N GLY A 72 -5.58 -5.25 4.64
CA GLY A 72 -4.67 -6.19 4.00
C GLY A 72 -5.36 -7.02 2.94
N SER A 73 -5.16 -8.34 3.00
CA SER A 73 -5.82 -9.27 2.08
C SER A 73 -6.90 -10.08 2.79
N ILE A 74 -7.51 -9.50 3.82
CA ILE A 74 -8.53 -10.22 4.58
C ILE A 74 -9.76 -10.48 3.74
N HIS A 75 -10.27 -9.45 3.06
CA HIS A 75 -11.47 -9.59 2.26
C HIS A 75 -11.19 -10.07 0.84
N SER A 76 -9.96 -9.90 0.35
CA SER A 76 -9.64 -10.35 -1.01
C SER A 76 -9.73 -11.86 -1.14
N GLN A 77 -9.27 -12.59 -0.11
CA GLN A 77 -9.36 -14.05 -0.15
C GLN A 77 -10.81 -14.51 -0.17
N LEU A 78 -11.66 -13.90 0.65
CA LEU A 78 -13.08 -14.24 0.63
C LEU A 78 -13.72 -13.89 -0.70
N ALA A 79 -13.31 -12.77 -1.31
CA ALA A 79 -13.80 -12.42 -2.64
C ALA A 79 -13.42 -13.48 -3.65
N LYS A 80 -12.16 -13.93 -3.63
CA LYS A 80 -11.74 -14.98 -4.55
C LYS A 80 -12.52 -16.26 -4.31
N ALA A 81 -12.74 -16.62 -3.05
CA ALA A 81 -13.48 -17.83 -2.72
C ALA A 81 -14.92 -17.75 -3.24
N VAL A 82 -15.57 -16.60 -3.06
CA VAL A 82 -16.96 -16.48 -3.50
C VAL A 82 -17.03 -16.43 -5.03
N ARG A 83 -16.02 -15.86 -5.68
CA ARG A 83 -15.97 -15.91 -7.14
C ARG A 83 -15.81 -17.34 -7.65
N ARG A 84 -14.97 -18.13 -6.97
CA ARG A 84 -14.82 -19.54 -7.35
C ARG A 84 -16.13 -20.30 -7.13
N HIS A 85 -16.81 -20.04 -6.01
CA HIS A 85 -18.09 -20.70 -5.77
C HIS A 85 -19.13 -20.27 -6.81
N LEU A 86 -19.06 -19.02 -7.26
CA LEU A 86 -20.01 -18.51 -8.25
C LEU A 86 -19.77 -19.11 -9.62
N ASN A 87 -18.51 -19.15 -10.06
CA ASN A 87 -18.23 -19.69 -11.39
C ASN A 87 -18.24 -21.21 -11.41
N ASP A 88 -18.18 -21.86 -10.25
CA ASP A 88 -18.38 -23.30 -10.19
C ASP A 88 -19.86 -23.65 -10.36
N GLN A 89 -20.74 -22.87 -9.74
CA GLN A 89 -22.18 -23.07 -9.87
C GLN A 89 -22.88 -21.71 -9.95
N PRO A 90 -23.57 -21.42 -11.06
CA PRO A 90 -24.20 -20.11 -11.23
C PRO A 90 -25.51 -19.93 -10.50
N ASN A 91 -25.90 -20.86 -9.62
CA ASN A 91 -27.15 -20.76 -8.88
C ASN A 91 -26.96 -20.55 -7.38
N ALA A 92 -25.73 -20.63 -6.89
CA ALA A 92 -25.47 -20.44 -5.46
C ALA A 92 -25.64 -18.98 -5.06
N ASP A 93 -26.01 -18.77 -3.80
CA ASP A 93 -26.24 -17.44 -3.29
C ASP A 93 -24.91 -16.77 -2.92
N ILE A 94 -24.97 -15.45 -2.72
CA ILE A 94 -23.80 -14.66 -2.35
C ILE A 94 -24.07 -14.00 -1.00
N VAL A 95 -24.84 -14.67 -0.15
CA VAL A 95 -25.31 -14.09 1.11
C VAL A 95 -24.14 -13.47 1.87
N THR A 96 -24.32 -12.23 2.31
CA THR A 96 -23.25 -11.43 2.88
C THR A 96 -23.58 -11.02 4.31
N ILE A 97 -22.55 -10.58 5.02
CA ILE A 97 -22.67 -10.04 6.37
C ILE A 97 -21.75 -8.83 6.48
N GLY A 98 -21.96 -8.03 7.52
CA GLY A 98 -21.18 -6.82 7.65
C GLY A 98 -21.52 -5.82 6.56
N ASP A 99 -20.54 -5.05 6.15
CA ASP A 99 -20.82 -4.15 5.03
C ASP A 99 -19.79 -4.24 3.91
N LYS A 100 -18.50 -4.37 4.22
CA LYS A 100 -17.46 -4.19 3.22
C LYS A 100 -17.62 -5.18 2.07
N ILE A 101 -17.90 -6.45 2.40
CA ILE A 101 -18.11 -7.46 1.37
C ILE A 101 -19.26 -7.07 0.45
N LYS A 102 -20.24 -6.33 0.98
CA LYS A 102 -21.38 -5.94 0.15
C LYS A 102 -20.93 -5.01 -0.98
N MET A 103 -20.44 -3.81 -0.64
CA MET A 103 -20.02 -2.90 -1.72
C MET A 103 -18.84 -3.46 -2.49
N GLN A 104 -18.17 -4.49 -1.97
CA GLN A 104 -17.22 -5.23 -2.80
C GLN A 104 -17.97 -6.04 -3.85
N LEU A 105 -19.18 -6.50 -3.53
CA LEU A 105 -19.91 -7.40 -4.42
C LEU A 105 -21.09 -6.76 -5.16
N LEU A 106 -21.34 -5.45 -5.01
CA LEU A 106 -22.35 -4.81 -5.86
C LEU A 106 -21.98 -4.88 -7.33
N ARG A 107 -20.76 -4.45 -7.67
CA ARG A 107 -20.32 -4.39 -9.06
C ARG A 107 -19.85 -5.74 -9.58
N THR A 108 -19.98 -6.77 -8.76
CA THR A 108 -19.93 -8.16 -9.17
C THR A 108 -21.31 -8.53 -9.72
N HIS A 109 -21.64 -9.85 -9.74
CA HIS A 109 -22.81 -10.52 -10.28
C HIS A 109 -24.10 -10.28 -9.48
N PRO A 110 -25.04 -9.43 -9.96
CA PRO A 110 -26.33 -9.26 -9.34
C PRO A 110 -27.20 -10.46 -9.04
N ASN A 111 -27.45 -11.34 -10.00
CA ASN A 111 -28.60 -12.24 -9.86
C ASN A 111 -28.22 -13.59 -9.25
N ASN A 112 -27.33 -13.58 -8.26
CA ASN A 112 -27.14 -14.73 -7.37
C ASN A 112 -27.24 -14.31 -5.90
N ILE A 113 -26.93 -13.05 -5.59
CA ILE A 113 -26.96 -12.59 -4.20
C ILE A 113 -28.39 -12.65 -3.66
N LYS A 114 -28.52 -13.15 -2.44
CA LYS A 114 -29.82 -13.38 -1.81
C LYS A 114 -30.06 -12.50 -0.59
N LEU A 115 -29.11 -12.46 0.35
CA LEU A 115 -29.31 -11.79 1.63
C LEU A 115 -28.15 -10.84 1.92
N SER A 116 -28.50 -9.72 2.55
CA SER A 116 -27.52 -8.77 3.06
C SER A 116 -27.89 -8.40 4.48
N ILE A 117 -26.87 -8.12 5.30
CA ILE A 117 -27.07 -7.76 6.70
C ILE A 117 -25.81 -7.05 7.18
N ASN A 118 -26.01 -5.96 7.94
CA ASN A 118 -24.90 -5.16 8.43
C ASN A 118 -24.96 -4.98 9.94
N GLY A 119 -24.10 -4.09 10.47
CA GLY A 119 -24.04 -3.85 11.89
C GLY A 119 -23.57 -5.05 12.68
N ILE A 120 -22.50 -5.69 12.22
CA ILE A 120 -22.05 -6.95 12.80
C ILE A 120 -20.64 -6.78 13.37
N GLY A 121 -19.70 -6.36 12.53
CA GLY A 121 -18.32 -6.21 12.97
C GLY A 121 -18.08 -4.94 13.74
N LYS A 122 -18.83 -4.73 14.83
CA LYS A 122 -18.72 -3.53 15.64
C LYS A 122 -18.05 -3.80 16.99
N ASP A 123 -18.59 -4.72 17.78
CA ASP A 123 -18.12 -4.99 19.13
C ASP A 123 -17.86 -6.48 19.27
N ALA A 124 -17.66 -6.93 20.51
CA ALA A 124 -17.37 -8.31 20.81
C ALA A 124 -18.53 -9.21 20.37
N PRO A 125 -18.24 -10.46 19.99
CA PRO A 125 -19.30 -11.34 19.48
C PRO A 125 -20.40 -11.57 20.50
N THR A 126 -21.63 -11.65 20.00
CA THR A 126 -22.80 -11.95 20.80
C THR A 126 -23.73 -12.87 20.01
N PHE A 127 -24.51 -13.67 20.73
CA PHE A 127 -25.40 -14.63 20.09
C PHE A 127 -26.74 -14.04 19.70
N GLN A 128 -27.07 -12.83 20.16
CA GLN A 128 -28.36 -12.24 19.82
C GLN A 128 -28.49 -11.99 18.32
N GLU A 129 -27.51 -11.30 17.74
CA GLU A 129 -27.55 -11.01 16.31
C GLU A 129 -27.41 -12.29 15.49
N SER A 130 -26.61 -13.24 15.99
CA SER A 130 -26.48 -14.53 15.32
C SER A 130 -27.83 -15.23 15.21
N ALA A 131 -28.56 -15.31 16.33
CA ALA A 131 -29.86 -15.96 16.32
C ALA A 131 -30.86 -15.19 15.45
N LEU A 132 -30.80 -13.85 15.49
CA LEU A 132 -31.71 -13.06 14.67
C LEU A 132 -31.47 -13.32 13.18
N ILE A 133 -30.21 -13.35 12.76
CA ILE A 133 -29.89 -13.59 11.35
C ILE A 133 -30.26 -15.00 10.95
N ALA A 134 -29.99 -15.98 11.82
CA ALA A 134 -30.35 -17.36 11.52
C ALA A 134 -31.85 -17.51 11.34
N ASP A 135 -32.64 -16.89 12.23
CA ASP A 135 -34.08 -16.98 12.12
C ASP A 135 -34.60 -16.27 10.88
N LYS A 136 -34.01 -15.12 10.54
CA LYS A 136 -34.40 -14.44 9.31
C LYS A 136 -34.12 -15.31 8.09
N LEU A 137 -32.97 -15.98 8.07
CA LEU A 137 -32.66 -16.89 6.97
C LEU A 137 -33.65 -18.05 6.92
N LEU A 138 -33.99 -18.63 8.07
CA LEU A 138 -34.88 -19.78 8.09
C LEU A 138 -36.30 -19.40 7.68
N SER A 139 -36.76 -18.21 8.05
CA SER A 139 -38.15 -17.82 7.81
C SER A 139 -38.34 -17.12 6.47
N VAL A 140 -37.64 -16.01 6.26
CA VAL A 140 -37.88 -15.21 5.06
C VAL A 140 -37.39 -15.93 3.82
N MET A 141 -36.19 -16.51 3.87
CA MET A 141 -35.57 -17.12 2.71
C MET A 141 -35.74 -18.63 2.66
N LYS A 142 -36.36 -19.24 3.66
CA LYS A 142 -36.55 -20.69 3.73
C LYS A 142 -35.20 -21.41 3.62
N ALA A 143 -34.35 -21.18 4.61
CA ALA A 143 -32.99 -21.69 4.60
C ALA A 143 -32.92 -23.22 4.71
N GLY A 144 -34.03 -23.87 5.04
CA GLY A 144 -34.03 -25.32 5.18
C GLY A 144 -34.08 -26.11 3.89
N THR A 145 -34.17 -25.44 2.74
CA THR A 145 -34.22 -26.10 1.44
C THR A 145 -33.00 -25.79 0.59
N TYR A 146 -31.91 -25.31 1.21
CA TYR A 146 -30.68 -25.00 0.50
C TYR A 146 -29.63 -26.05 0.79
N PRO A 147 -29.25 -26.89 -0.18
CA PRO A 147 -28.30 -27.98 0.09
C PRO A 147 -26.98 -27.53 0.72
N LYS A 148 -26.25 -26.66 0.04
CA LYS A 148 -24.91 -26.27 0.47
C LYS A 148 -24.98 -24.93 1.20
N ILE A 149 -24.52 -24.92 2.45
CA ILE A 149 -24.40 -23.68 3.22
C ILE A 149 -22.93 -23.44 3.50
N SER A 150 -22.25 -22.70 2.61
CA SER A 150 -20.85 -22.37 2.79
C SER A 150 -20.74 -21.06 3.54
N ILE A 151 -19.83 -21.02 4.51
CA ILE A 151 -19.62 -19.84 5.35
C ILE A 151 -18.12 -19.54 5.35
N PHE A 152 -17.71 -18.65 4.45
CA PHE A 152 -16.35 -18.13 4.52
C PHE A 152 -16.18 -17.29 5.77
N TYR A 153 -15.07 -17.48 6.47
CA TYR A 153 -14.80 -16.70 7.67
C TYR A 153 -13.29 -16.59 7.84
N ASN A 154 -12.85 -15.44 8.34
CA ASN A 154 -11.42 -15.17 8.51
C ASN A 154 -10.84 -16.11 9.56
N ASP A 155 -9.95 -17.01 9.15
CA ASP A 155 -9.40 -18.00 10.05
C ASP A 155 -8.28 -17.39 10.89
N PRO A 156 -8.38 -17.41 12.23
CA PRO A 156 -7.28 -16.96 13.08
C PRO A 156 -6.26 -18.04 13.37
N VAL A 157 -5.81 -18.73 12.31
CA VAL A 157 -4.81 -19.79 12.48
C VAL A 157 -3.49 -19.20 12.96
N SER A 158 -3.06 -18.10 12.35
CA SER A 158 -1.83 -17.42 12.74
C SER A 158 -2.03 -15.92 12.56
N SER A 159 -0.94 -15.16 12.66
CA SER A 159 -1.03 -13.72 12.50
C SER A 159 -1.47 -13.35 11.08
N LEU A 160 -0.91 -14.01 10.07
CA LEU A 160 -1.26 -13.73 8.68
C LEU A 160 -1.62 -14.98 7.88
N SER A 161 -1.62 -16.16 8.50
CA SER A 161 -1.99 -17.39 7.81
C SER A 161 -3.49 -17.63 7.96
N PHE A 162 -4.24 -16.85 7.20
CA PHE A 162 -5.70 -16.90 7.23
C PHE A 162 -6.24 -17.37 5.89
N GLU A 163 -7.36 -18.09 5.94
CA GLU A 163 -8.01 -18.61 4.74
C GLU A 163 -9.52 -18.62 4.95
N PRO A 164 -10.30 -18.50 3.88
CA PRO A 164 -11.76 -18.62 4.01
C PRO A 164 -12.20 -20.07 4.17
N SER A 165 -12.19 -20.57 5.40
CA SER A 165 -12.54 -21.95 5.64
C SER A 165 -14.00 -22.21 5.27
N GLU A 166 -14.27 -23.44 4.82
CA GLU A 166 -15.60 -23.87 4.40
C GLU A 166 -16.17 -24.82 5.43
N LYS A 167 -17.41 -24.55 5.86
CA LYS A 167 -18.13 -25.40 6.80
C LYS A 167 -19.53 -25.62 6.25
N PRO A 168 -19.81 -26.81 5.72
CA PRO A 168 -21.12 -27.07 5.10
C PRO A 168 -22.14 -27.54 6.13
N ILE A 169 -23.20 -26.75 6.29
CA ILE A 169 -24.24 -27.04 7.29
C ILE A 169 -25.14 -28.12 6.74
N PHE A 170 -25.30 -29.21 7.51
CA PHE A 170 -26.18 -30.30 7.11
C PHE A 170 -27.63 -29.88 7.31
N ASN A 171 -28.44 -30.08 6.28
CA ASN A 171 -29.85 -29.69 6.35
C ASN A 171 -30.64 -30.71 7.17
N ALA A 172 -31.83 -30.28 7.61
CA ALA A 172 -32.68 -31.15 8.40
C ALA A 172 -33.13 -32.38 7.62
N LYS A 173 -33.26 -32.25 6.29
CA LYS A 173 -33.67 -33.39 5.49
C LYS A 173 -32.58 -34.46 5.46
N THR A 174 -31.31 -34.06 5.51
CA THR A 174 -30.22 -35.02 5.55
C THR A 174 -29.73 -35.32 6.96
N ILE A 175 -30.03 -34.46 7.94
CA ILE A 175 -29.71 -34.79 9.32
C ILE A 175 -30.48 -36.04 9.75
N GLU A 176 -31.78 -36.09 9.43
CA GLU A 176 -32.56 -37.29 9.67
C GLU A 176 -32.22 -38.42 8.71
N GLN A 177 -31.51 -38.12 7.62
CA GLN A 177 -31.11 -39.12 6.65
C GLN A 177 -29.60 -39.34 6.63
N SER A 178 -28.91 -38.94 7.70
CA SER A 178 -27.47 -39.10 7.76
C SER A 178 -27.11 -40.59 7.82
N PRO A 179 -25.96 -40.97 7.24
CA PRO A 179 -25.58 -42.39 7.26
C PRO A 179 -25.43 -42.97 8.66
N SER A 180 -24.99 -42.16 9.62
CA SER A 180 -24.78 -42.61 10.99
C SER A 180 -25.67 -41.85 11.96
N PHE A 181 -26.91 -41.57 11.56
CA PHE A 181 -27.86 -40.90 12.43
C PHE A 181 -28.64 -41.87 13.32
N GLY A 182 -28.51 -43.18 13.08
CA GLY A 182 -29.23 -44.14 13.91
C GLY A 182 -28.76 -44.14 15.35
N LYS A 183 -27.46 -43.90 15.57
CA LYS A 183 -26.92 -43.90 16.92
C LYS A 183 -27.51 -42.77 17.75
N PHE A 184 -27.74 -41.61 17.13
CA PHE A 184 -28.36 -40.48 17.82
C PHE A 184 -29.86 -40.74 17.92
N GLU A 185 -30.30 -41.18 19.09
CA GLU A 185 -31.73 -41.40 19.31
C GLU A 185 -32.46 -40.07 19.30
N ILE A 186 -33.69 -40.07 18.79
CA ILE A 186 -34.46 -38.86 18.58
C ILE A 186 -35.87 -39.04 19.15
N ASP A 187 -36.52 -37.91 19.39
CA ASP A 187 -37.90 -37.86 19.85
C ASP A 187 -38.73 -37.09 18.84
N THR A 188 -39.84 -37.68 18.40
CA THR A 188 -40.67 -37.02 17.40
C THR A 188 -41.41 -35.80 17.96
N ASP A 189 -41.62 -35.77 19.28
CA ASP A 189 -42.29 -34.62 19.89
C ASP A 189 -41.46 -33.35 19.76
N ALA A 190 -40.14 -33.48 19.92
CA ALA A 190 -39.24 -32.33 19.86
C ALA A 190 -38.77 -32.01 18.45
N ASN A 191 -39.23 -32.76 17.44
CA ASN A 191 -38.82 -32.61 16.04
C ASN A 191 -37.31 -32.37 15.94
N VAL A 192 -36.56 -33.37 16.38
CA VAL A 192 -35.10 -33.30 16.52
C VAL A 192 -34.41 -32.86 15.24
N PRO A 193 -34.77 -33.38 14.03
CA PRO A 193 -34.07 -32.93 12.82
C PRO A 193 -34.09 -31.42 12.59
N ARG A 194 -35.29 -30.82 12.63
CA ARG A 194 -35.42 -29.40 12.32
C ARG A 194 -34.71 -28.54 13.37
N ASP A 195 -34.93 -28.84 14.65
CA ASP A 195 -34.30 -28.05 15.71
C ASP A 195 -32.79 -28.22 15.68
N LEU A 196 -32.31 -29.44 15.42
CA LEU A 196 -30.88 -29.67 15.30
C LEU A 196 -30.29 -28.88 14.14
N PHE A 197 -30.98 -28.84 13.01
CA PHE A 197 -30.49 -28.07 11.87
C PHE A 197 -30.44 -26.59 12.20
N GLU A 198 -31.49 -26.06 12.85
CA GLU A 198 -31.51 -24.64 13.19
C GLU A 198 -30.40 -24.29 14.17
N TYR A 199 -30.22 -25.10 15.21
CA TYR A 199 -29.19 -24.84 16.20
C TYR A 199 -27.80 -25.00 15.60
N THR A 200 -27.62 -25.98 14.72
CA THR A 200 -26.34 -26.16 14.03
C THR A 200 -26.00 -24.95 13.20
N LEU A 201 -26.96 -24.46 12.41
CA LEU A 201 -26.71 -23.27 11.59
C LEU A 201 -26.38 -22.07 12.47
N ALA A 202 -27.14 -21.88 13.55
CA ALA A 202 -26.92 -20.74 14.43
C ALA A 202 -25.53 -20.79 15.05
N ASN A 203 -25.17 -21.92 15.65
CA ASN A 203 -23.88 -22.04 16.30
C ASN A 203 -22.73 -21.89 15.32
N GLN A 204 -22.83 -22.55 14.15
CA GLN A 204 -21.75 -22.50 13.18
C GLN A 204 -21.57 -21.09 12.64
N MET A 205 -22.65 -20.40 12.33
CA MET A 205 -22.50 -19.05 11.80
C MET A 205 -22.03 -18.08 12.88
N LEU A 206 -22.46 -18.28 14.13
CA LEU A 206 -21.98 -17.44 15.22
C LEU A 206 -20.49 -17.62 15.43
N THR A 207 -20.02 -18.87 15.42
CA THR A 207 -18.59 -19.11 15.57
C THR A 207 -17.81 -18.57 14.38
N ALA A 208 -18.35 -18.72 13.17
CA ALA A 208 -17.68 -18.17 12.00
C ALA A 208 -17.56 -16.65 12.11
N MET A 209 -18.62 -15.99 12.56
CA MET A 209 -18.58 -14.54 12.72
C MET A 209 -17.59 -14.13 13.80
N ALA A 210 -17.57 -14.84 14.93
CA ALA A 210 -16.63 -14.51 15.99
C ALA A 210 -15.18 -14.72 15.53
N GLN A 211 -14.91 -15.84 14.86
CA GLN A 211 -13.56 -16.10 14.38
C GLN A 211 -13.14 -15.08 13.35
N GLY A 212 -14.05 -14.71 12.43
CA GLY A 212 -13.73 -13.70 11.45
C GLY A 212 -13.44 -12.35 12.08
N TYR A 213 -14.24 -11.96 13.07
CA TYR A 213 -14.00 -10.69 13.77
C TYR A 213 -12.65 -10.70 14.48
N ALA A 214 -12.35 -11.79 15.21
CA ALA A 214 -11.09 -11.86 15.94
C ALA A 214 -9.89 -11.87 15.00
N ALA A 215 -9.99 -12.64 13.91
CA ALA A 215 -8.88 -12.72 12.96
C ALA A 215 -8.70 -11.41 12.21
N GLU A 216 -9.81 -10.72 11.91
CA GLU A 216 -9.70 -9.40 11.28
C GLU A 216 -9.00 -8.42 12.20
N ILE A 217 -9.34 -8.44 13.49
CA ILE A 217 -8.67 -7.54 14.43
C ILE A 217 -7.20 -7.91 14.60
N SER A 218 -6.90 -9.22 14.59
CA SER A 218 -5.51 -9.65 14.68
C SER A 218 -4.71 -9.22 13.46
N ALA A 219 -5.30 -9.33 12.27
CA ALA A 219 -4.65 -8.86 11.06
C ALA A 219 -4.44 -7.34 11.12
N ARG A 220 -5.43 -6.61 11.61
CA ARG A 220 -5.27 -5.17 11.83
C ARG A 220 -4.07 -4.90 12.72
N ARG A 221 -4.00 -5.57 13.88
CA ARG A 221 -2.93 -5.31 14.82
C ARG A 221 -1.57 -5.62 14.21
N ASN A 222 -1.45 -6.77 13.56
CA ASN A 222 -0.16 -7.15 12.97
C ASN A 222 0.24 -6.20 11.86
N ALA A 223 -0.68 -5.91 10.94
CA ALA A 223 -0.35 -5.06 9.80
C ALA A 223 0.03 -3.66 10.23
N MET A 224 -0.70 -3.09 11.19
CA MET A 224 -0.37 -1.72 11.58
C MET A 224 0.77 -1.67 12.60
N ASP A 225 1.11 -2.79 13.23
CA ASP A 225 2.39 -2.85 13.95
C ASP A 225 3.55 -2.84 12.98
N ASN A 226 3.43 -3.62 11.90
CA ASN A 226 4.42 -3.56 10.82
C ASN A 226 4.54 -2.14 10.29
N ALA A 227 3.41 -1.52 9.98
CA ALA A 227 3.40 -0.14 9.50
C ALA A 227 4.04 0.79 10.53
N SER A 228 3.76 0.58 11.81
CA SER A 228 4.27 1.45 12.85
C SER A 228 5.79 1.42 12.91
N LYS A 229 6.39 0.23 13.00
CA LYS A 229 7.84 0.25 13.18
C LYS A 229 8.54 0.58 11.87
N ASN A 230 7.98 0.14 10.73
CA ASN A 230 8.58 0.49 9.45
C ASN A 230 8.54 2.00 9.22
N ALA A 231 7.41 2.65 9.54
CA ALA A 231 7.32 4.08 9.38
C ALA A 231 8.11 4.83 10.45
N GLY A 232 8.36 4.20 11.60
CA GLY A 232 9.28 4.78 12.55
C GLY A 232 10.70 4.83 12.02
N ASP A 233 11.15 3.73 11.44
CA ASP A 233 12.45 3.73 10.77
C ASP A 233 12.44 4.75 9.62
N MET A 234 11.34 4.80 8.87
CA MET A 234 11.21 5.72 7.76
C MET A 234 11.32 7.18 8.23
N ILE A 235 10.61 7.53 9.31
CA ILE A 235 10.62 8.90 9.79
C ILE A 235 11.96 9.24 10.41
N ASN A 236 12.63 8.30 11.06
CA ASN A 236 13.96 8.62 11.60
C ASN A 236 14.96 8.87 10.47
N ARG A 237 14.95 8.01 9.44
CA ARG A 237 15.85 8.21 8.31
C ARG A 237 15.54 9.52 7.60
N TYR A 238 14.25 9.83 7.42
CA TYR A 238 13.89 11.06 6.74
C TYR A 238 14.15 12.29 7.60
N SER A 239 14.16 12.13 8.93
CA SER A 239 14.52 13.25 9.79
C SER A 239 16.00 13.57 9.69
N ILE A 240 16.85 12.54 9.71
CA ILE A 240 18.27 12.79 9.47
C ILE A 240 18.48 13.36 8.07
N LEU A 241 17.74 12.85 7.09
CA LEU A 241 17.86 13.37 5.72
C LEU A 241 17.45 14.82 5.64
N TYR A 242 16.36 15.20 6.33
CA TYR A 242 15.90 16.58 6.31
C TYR A 242 16.89 17.51 7.00
N ASN A 243 17.45 17.08 8.14
CA ASN A 243 18.43 17.90 8.82
C ASN A 243 19.67 18.09 7.94
N ARG A 244 20.15 17.01 7.33
CA ARG A 244 21.30 17.11 6.45
C ARG A 244 21.00 18.00 5.25
N THR A 245 19.80 17.86 4.67
CA THR A 245 19.43 18.68 3.52
C THR A 245 19.34 20.15 3.88
N ARG A 246 18.76 20.48 5.04
CA ARG A 246 18.69 21.86 5.46
C ARG A 246 20.07 22.45 5.68
N GLN A 247 20.94 21.71 6.39
CA GLN A 247 22.30 22.20 6.62
C GLN A 247 23.03 22.37 5.29
N ALA A 248 22.92 21.39 4.39
CA ALA A 248 23.62 21.47 3.12
C ALA A 248 23.10 22.63 2.27
N VAL A 249 21.79 22.83 2.23
CA VAL A 249 21.24 23.88 1.36
C VAL A 249 21.63 25.26 1.90
N ILE A 250 21.55 25.45 3.22
CA ILE A 250 21.94 26.74 3.77
C ILE A 250 23.43 26.95 3.56
N THR A 251 24.22 25.87 3.61
CA THR A 251 25.63 25.99 3.27
C THR A 251 25.84 26.42 1.83
N ASN A 252 25.05 25.86 0.89
CA ASN A 252 25.24 26.23 -0.51
C ASN A 252 24.91 27.69 -0.77
N GLU A 253 23.80 28.22 -0.25
CA GLU A 253 23.60 29.65 -0.49
C GLU A 253 24.65 30.47 0.24
N LEU A 254 25.08 30.04 1.43
CA LEU A 254 26.13 30.77 2.14
C LEU A 254 27.38 30.90 1.28
N VAL A 255 27.86 29.78 0.73
CA VAL A 255 29.05 29.86 -0.12
C VAL A 255 28.74 30.65 -1.38
N ASP A 256 27.47 30.65 -1.82
CA ASP A 256 27.10 31.45 -2.97
C ASP A 256 27.38 32.93 -2.73
N ILE A 257 26.91 33.48 -1.61
CA ILE A 257 27.27 34.88 -1.36
C ILE A 257 28.76 35.02 -1.08
N ILE A 258 29.38 34.03 -0.42
CA ILE A 258 30.80 34.16 -0.08
C ILE A 258 31.65 34.34 -1.33
N THR A 259 31.46 33.46 -2.32
CA THR A 259 32.18 33.65 -3.59
C THR A 259 31.60 34.79 -4.40
N GLY A 260 30.39 35.24 -4.08
CA GLY A 260 29.84 36.42 -4.72
C GLY A 260 30.46 37.72 -4.24
N ALA A 261 31.19 37.70 -3.13
CA ALA A 261 31.81 38.90 -2.60
C ALA A 261 33.33 38.87 -2.80
N ASN B 1 -89.99 -56.98 -4.55
CA ASN B 1 -89.63 -58.27 -5.10
C ASN B 1 -88.26 -58.73 -4.59
N ASP B 2 -87.91 -59.98 -4.90
CA ASP B 2 -86.62 -60.51 -4.46
C ASP B 2 -85.46 -59.94 -5.26
N GLU B 3 -85.72 -59.35 -6.43
CA GLU B 3 -84.64 -58.81 -7.26
C GLU B 3 -84.95 -57.45 -7.90
N SER B 4 -86.19 -56.99 -7.90
CA SER B 4 -86.54 -55.75 -8.60
C SER B 4 -86.02 -54.51 -7.89
N ILE B 5 -85.93 -54.54 -6.55
CA ILE B 5 -85.40 -53.41 -5.80
C ILE B 5 -83.95 -53.16 -6.17
N LEU B 6 -83.20 -54.22 -6.49
CA LEU B 6 -81.86 -54.06 -6.99
C LEU B 6 -81.86 -53.29 -8.32
N LEU B 7 -82.82 -53.61 -9.20
CA LEU B 7 -82.95 -52.85 -10.44
C LEU B 7 -83.27 -51.40 -10.17
N LEU B 8 -84.12 -51.13 -9.17
CA LEU B 8 -84.43 -49.75 -8.81
C LEU B 8 -83.19 -49.00 -8.33
N THR B 9 -82.36 -49.66 -7.51
CA THR B 9 -81.18 -49.01 -6.97
C THR B 9 -80.05 -48.90 -7.99
N PHE B 10 -80.07 -49.71 -9.05
CA PHE B 10 -79.05 -49.62 -10.07
C PHE B 10 -79.04 -48.26 -10.76
N LEU B 11 -80.22 -47.69 -10.99
CA LEU B 11 -80.29 -46.36 -11.60
C LEU B 11 -79.66 -45.32 -10.71
N GLY B 12 -79.92 -45.37 -9.40
CA GLY B 12 -79.28 -44.44 -8.48
C GLY B 12 -77.78 -44.62 -8.43
N PHE B 13 -77.32 -45.87 -8.46
CA PHE B 13 -75.88 -46.11 -8.47
C PHE B 13 -75.22 -45.54 -9.71
N THR B 14 -75.85 -45.75 -10.87
CA THR B 14 -75.31 -45.18 -12.11
C THR B 14 -75.33 -43.66 -12.08
N GLY B 15 -76.38 -43.07 -11.51
CA GLY B 15 -76.43 -41.63 -11.40
C GLY B 15 -75.32 -41.06 -10.53
N LEU B 16 -75.10 -41.69 -9.36
CA LEU B 16 -74.01 -41.24 -8.48
C LEU B 16 -72.65 -41.44 -9.14
N VAL B 17 -72.48 -42.56 -9.86
CA VAL B 17 -71.21 -42.79 -10.55
C VAL B 17 -70.97 -41.69 -11.57
N ALA B 18 -71.96 -41.39 -12.41
CA ALA B 18 -71.81 -40.34 -13.40
C ALA B 18 -71.61 -38.97 -12.75
N LYS B 19 -72.17 -38.78 -11.55
CA LYS B 19 -72.03 -37.49 -10.88
C LYS B 19 -70.63 -37.29 -10.30
N TYR B 20 -70.04 -38.35 -9.75
CA TYR B 20 -68.80 -38.22 -9.00
C TYR B 20 -67.59 -38.81 -9.72
N LEU B 21 -67.63 -40.09 -10.10
CA LEU B 21 -66.44 -40.73 -10.65
C LEU B 21 -66.22 -40.35 -12.11
N ALA B 22 -67.29 -40.15 -12.87
CA ALA B 22 -67.16 -39.86 -14.29
C ALA B 22 -66.42 -38.56 -14.57
N PRO B 23 -66.75 -37.41 -13.95
CA PRO B 23 -65.97 -36.20 -14.23
C PRO B 23 -64.50 -36.33 -13.85
N ALA B 24 -64.21 -37.03 -12.74
CA ALA B 24 -62.82 -37.21 -12.32
C ALA B 24 -62.04 -38.00 -13.36
N TYR B 25 -62.60 -39.11 -13.83
CA TYR B 25 -61.91 -39.91 -14.84
C TYR B 25 -61.80 -39.16 -16.14
N LYS B 26 -62.82 -38.38 -16.50
CA LYS B 26 -62.76 -37.58 -17.72
C LYS B 26 -61.61 -36.58 -17.66
N ASP B 27 -61.50 -35.85 -16.54
CA ASP B 27 -60.41 -34.90 -16.39
C ASP B 27 -59.06 -35.59 -16.37
N PHE B 28 -58.96 -36.74 -15.68
CA PHE B 28 -57.70 -37.46 -15.62
C PHE B 28 -57.25 -37.92 -17.00
N ALA B 29 -58.18 -38.41 -17.82
CA ALA B 29 -57.82 -38.85 -19.16
C ALA B 29 -57.47 -37.67 -20.05
N ASP B 30 -58.26 -36.59 -19.99
CA ASP B 30 -58.02 -35.45 -20.87
C ASP B 30 -56.73 -34.72 -20.52
N ALA B 31 -56.34 -34.73 -19.24
CA ALA B 31 -55.08 -34.11 -18.85
C ALA B 31 -53.90 -34.76 -19.55
N ARG B 32 -53.83 -36.10 -19.52
CA ARG B 32 -52.75 -36.76 -20.23
C ARG B 32 -52.96 -36.73 -21.74
N MET B 33 -54.20 -36.60 -22.21
CA MET B 33 -54.41 -36.34 -23.64
C MET B 33 -53.67 -35.09 -24.07
N LYS B 34 -53.91 -33.98 -23.37
CA LYS B 34 -53.23 -32.73 -23.68
C LYS B 34 -51.73 -32.86 -23.46
N LYS B 35 -51.32 -33.56 -22.40
CA LYS B 35 -49.89 -33.73 -22.12
C LYS B 35 -49.19 -34.47 -23.26
N VAL B 36 -49.79 -35.57 -23.73
CA VAL B 36 -49.18 -36.35 -24.80
C VAL B 36 -49.15 -35.54 -26.09
N SER B 37 -50.24 -34.86 -26.43
CA SER B 37 -50.26 -34.06 -27.64
C SER B 37 -49.21 -32.96 -27.59
N ASP B 38 -49.10 -32.28 -26.44
CA ASP B 38 -48.15 -31.18 -26.32
C ASP B 38 -46.71 -31.67 -26.35
N VAL B 39 -46.41 -32.78 -25.68
CA VAL B 39 -45.04 -33.29 -25.68
C VAL B 39 -44.66 -33.81 -27.06
N LEU B 40 -45.61 -34.42 -27.77
CA LEU B 40 -45.33 -34.89 -29.12
C LEU B 40 -45.06 -33.71 -30.06
N ASN B 41 -45.89 -32.66 -29.96
CA ASN B 41 -45.67 -31.48 -30.79
C ASN B 41 -44.36 -30.79 -30.42
N ALA B 42 -44.00 -30.80 -29.14
CA ALA B 42 -42.74 -30.19 -28.71
C ALA B 42 -41.55 -30.97 -29.23
N SER B 43 -41.61 -32.31 -29.21
CA SER B 43 -40.54 -33.10 -29.79
C SER B 43 -40.41 -32.86 -31.29
N ARG B 44 -41.54 -32.77 -32.00
CA ARG B 44 -41.50 -32.48 -33.42
C ARG B 44 -40.93 -31.09 -33.67
N ASN B 45 -41.30 -30.12 -32.83
CA ASN B 45 -40.78 -28.76 -32.96
C ASN B 45 -39.27 -28.74 -32.74
N LYS B 46 -38.79 -29.49 -31.74
CA LYS B 46 -37.35 -29.59 -31.51
C LYS B 46 -36.64 -30.20 -32.71
N HIS B 47 -37.22 -31.26 -33.28
CA HIS B 47 -36.60 -31.89 -34.45
C HIS B 47 -36.57 -30.95 -35.65
N VAL B 48 -37.66 -30.23 -35.90
CA VAL B 48 -37.67 -29.32 -37.05
C VAL B 48 -36.76 -28.12 -36.81
N GLU B 49 -36.63 -27.67 -35.56
CA GLU B 49 -35.68 -26.60 -35.26
C GLU B 49 -34.24 -27.07 -35.44
N ALA B 50 -33.96 -28.32 -35.07
CA ALA B 50 -32.62 -28.88 -35.31
C ALA B 50 -32.33 -28.96 -36.80
N VAL B 51 -33.31 -29.43 -37.59
CA VAL B 51 -33.08 -29.52 -39.03
C VAL B 51 -32.98 -28.13 -39.64
N LYS B 52 -33.67 -27.13 -39.08
CA LYS B 52 -33.54 -25.76 -39.57
C LYS B 52 -32.19 -25.17 -39.24
N ASP B 53 -31.64 -25.50 -38.06
CA ASP B 53 -30.29 -25.10 -37.74
C ASP B 53 -29.30 -25.75 -38.71
N ARG B 54 -29.55 -27.01 -39.06
CA ARG B 54 -28.75 -27.66 -40.10
C ARG B 54 -28.88 -26.93 -41.43
N ILE B 55 -30.09 -26.49 -41.76
CA ILE B 55 -30.31 -25.73 -42.99
C ILE B 55 -29.47 -24.46 -42.98
N ASP B 56 -29.49 -23.74 -41.86
CA ASP B 56 -28.71 -22.51 -41.74
C ASP B 56 -27.21 -22.79 -41.88
N SER B 57 -26.75 -23.90 -41.31
CA SER B 57 -25.34 -24.26 -41.43
C SER B 57 -24.97 -24.60 -42.88
N VAL B 58 -25.85 -25.33 -43.58
CA VAL B 58 -25.54 -25.75 -44.94
C VAL B 58 -25.69 -24.59 -45.92
N SER B 59 -26.40 -23.55 -45.50
CA SER B 59 -26.54 -22.36 -46.35
C SER B 59 -25.18 -21.74 -46.67
N GLN B 60 -24.17 -22.05 -45.86
CA GLN B 60 -22.88 -21.39 -46.05
C GLN B 60 -21.91 -22.14 -46.96
N LEU B 61 -22.20 -23.39 -47.36
CA LEU B 61 -21.46 -24.03 -48.45
C LEU B 61 -21.90 -23.57 -49.84
N GLN B 62 -22.94 -22.74 -49.93
CA GLN B 62 -23.54 -22.48 -51.24
C GLN B 62 -22.51 -21.89 -52.20
N ASN B 63 -21.72 -20.93 -51.74
CA ASN B 63 -20.78 -20.22 -52.60
C ASN B 63 -19.32 -20.27 -52.11
N VAL B 64 -18.99 -21.20 -51.21
CA VAL B 64 -17.60 -21.28 -50.75
C VAL B 64 -16.68 -21.75 -51.86
N ALA B 65 -17.13 -22.68 -52.70
CA ALA B 65 -16.26 -23.25 -53.72
C ALA B 65 -15.84 -22.19 -54.73
N GLU B 66 -16.74 -21.28 -55.10
CA GLU B 66 -16.43 -20.28 -56.12
C GLU B 66 -15.30 -19.37 -55.66
N THR B 67 -15.31 -18.95 -54.40
CA THR B 67 -14.23 -18.11 -53.87
C THR B 67 -12.97 -18.92 -53.61
N THR B 68 -13.10 -20.10 -53.01
CA THR B 68 -11.92 -20.91 -52.71
C THR B 68 -11.26 -21.43 -53.98
N LYS B 69 -11.96 -21.39 -55.12
CA LYS B 69 -11.33 -21.65 -56.40
C LYS B 69 -10.17 -20.71 -56.64
N VAL B 70 -10.45 -19.42 -56.71
CA VAL B 70 -9.41 -18.41 -56.90
C VAL B 70 -8.47 -18.40 -55.71
N LEU B 71 -8.97 -18.71 -54.52
CA LEU B 71 -8.08 -18.76 -53.35
C LEU B 71 -6.99 -19.82 -53.53
N PHE B 72 -7.38 -21.05 -53.84
CA PHE B 72 -6.40 -22.12 -54.00
C PHE B 72 -5.53 -21.89 -55.22
N ASP B 73 -6.08 -21.30 -56.28
CA ASP B 73 -5.27 -20.95 -57.44
C ASP B 73 -4.17 -19.97 -57.06
N VAL B 74 -4.57 -18.78 -56.59
CA VAL B 74 -3.63 -17.71 -56.34
C VAL B 74 -2.70 -18.03 -55.19
N SER B 75 -3.10 -18.93 -54.28
CA SER B 75 -2.20 -19.33 -53.19
C SER B 75 -0.91 -19.92 -53.75
N LYS B 76 -1.02 -21.05 -54.46
CA LYS B 76 0.14 -21.66 -55.07
C LYS B 76 0.76 -20.75 -56.12
N GLU B 77 -0.06 -19.98 -56.85
CA GLU B 77 0.50 -19.09 -57.85
C GLU B 77 1.47 -18.10 -57.22
N THR B 78 1.03 -17.38 -56.18
CA THR B 78 1.89 -16.40 -55.54
C THR B 78 3.04 -17.05 -54.78
N VAL B 79 2.84 -18.26 -54.26
CA VAL B 79 3.93 -18.91 -53.52
C VAL B 79 5.05 -19.31 -54.48
N GLU B 80 4.71 -19.77 -55.69
CA GLU B 80 5.72 -20.09 -56.68
C GLU B 80 6.20 -18.90 -57.51
N LEU B 81 5.51 -17.76 -57.50
CA LEU B 81 6.02 -16.61 -58.26
C LEU B 81 7.16 -15.89 -57.57
N GLU B 82 7.66 -16.39 -56.44
CA GLU B 82 8.84 -15.80 -55.84
C GLU B 82 10.14 -16.34 -56.43
N SER B 83 10.06 -17.11 -57.53
CA SER B 83 11.27 -17.54 -58.20
C SER B 83 12.05 -16.36 -58.78
N GLU B 84 11.34 -15.38 -59.37
CA GLU B 84 12.02 -14.20 -59.85
C GLU B 84 12.62 -13.38 -58.71
N ALA B 85 11.95 -13.38 -57.55
CA ALA B 85 12.54 -12.74 -56.38
C ALA B 85 13.82 -13.44 -55.94
N PHE B 86 13.82 -14.78 -55.98
CA PHE B 86 15.02 -15.53 -55.63
C PHE B 86 16.15 -15.24 -56.62
N GLU B 87 15.82 -15.10 -57.90
CA GLU B 87 16.83 -14.78 -58.90
C GLU B 87 17.33 -13.35 -58.73
N LEU B 88 16.46 -12.45 -58.27
CA LEU B 88 16.86 -11.07 -58.02
C LEU B 88 17.68 -10.94 -56.74
N LYS B 89 17.51 -11.87 -55.79
CA LYS B 89 18.25 -11.79 -54.53
C LYS B 89 19.76 -11.89 -54.76
N GLN B 90 20.19 -12.83 -55.61
CA GLN B 90 21.61 -12.98 -55.86
C GLN B 90 22.18 -11.77 -56.60
N LYS B 91 21.43 -11.21 -57.54
CA LYS B 91 21.88 -10.00 -58.23
C LYS B 91 21.98 -8.84 -57.26
N VAL B 92 21.02 -8.71 -56.35
CA VAL B 92 21.05 -7.65 -55.34
C VAL B 92 22.25 -7.83 -54.42
N GLU B 93 22.54 -9.07 -54.02
CA GLU B 93 23.70 -9.33 -53.17
C GLU B 93 25.00 -9.00 -53.90
N LEU B 94 25.08 -9.34 -55.20
CA LEU B 94 26.27 -8.99 -55.97
C LEU B 94 26.42 -7.48 -56.07
N ALA B 95 25.31 -6.76 -56.30
CA ALA B 95 25.38 -5.31 -56.35
C ALA B 95 25.82 -4.73 -55.02
N HIS B 96 25.29 -5.25 -53.92
CA HIS B 96 25.68 -4.78 -52.59
C HIS B 96 27.18 -5.00 -52.35
N GLU B 97 27.68 -6.19 -52.73
CA GLU B 97 29.10 -6.47 -52.60
C GLU B 97 29.93 -5.53 -53.45
N ALA B 98 29.48 -5.24 -54.67
CA ALA B 98 30.21 -4.33 -55.54
C ALA B 98 30.28 -2.92 -54.96
N LYS B 99 29.14 -2.40 -54.49
CA LYS B 99 29.15 -1.06 -53.91
C LYS B 99 30.02 -1.03 -52.65
N ALA B 100 29.94 -2.06 -51.81
CA ALA B 100 30.77 -2.12 -50.61
C ALA B 100 32.25 -2.18 -50.95
N VAL B 101 32.62 -2.97 -51.96
CA VAL B 101 34.03 -3.13 -52.29
C VAL B 101 34.60 -1.85 -52.90
N LEU B 102 33.82 -1.16 -53.73
CA LEU B 102 34.36 0.09 -54.25
C LEU B 102 34.35 1.19 -53.18
N ASP B 103 33.42 1.12 -52.22
CA ASP B 103 33.49 2.02 -51.07
C ASP B 103 34.77 1.75 -50.29
N SER B 104 35.15 0.47 -50.21
CA SER B 104 36.39 0.10 -49.54
C SER B 104 37.60 0.70 -50.25
N TRP B 105 37.62 0.59 -51.57
CA TRP B 105 38.70 1.22 -52.33
C TRP B 105 38.66 2.74 -52.19
N VAL B 106 37.47 3.32 -52.05
CA VAL B 106 37.33 4.76 -51.89
C VAL B 106 37.97 5.22 -50.59
N ARG B 107 37.63 4.57 -49.47
CA ARG B 107 38.20 5.11 -48.25
C ARG B 107 39.64 4.66 -48.08
N TYR B 108 40.06 3.61 -48.79
CA TYR B 108 41.48 3.30 -48.87
C TYR B 108 42.24 4.41 -49.59
N GLU B 109 41.69 4.93 -50.68
CA GLU B 109 42.33 6.05 -51.36
C GLU B 109 42.31 7.31 -50.49
N ALA B 110 41.22 7.52 -49.74
CA ALA B 110 41.20 8.63 -48.80
C ALA B 110 42.28 8.49 -47.73
N SER B 111 42.45 7.28 -47.19
CA SER B 111 43.52 7.03 -46.23
C SER B 111 44.90 7.19 -46.88
N LEU B 112 45.01 6.85 -48.17
CA LEU B 112 46.27 7.07 -48.88
C LEU B 112 46.60 8.55 -49.00
N ARG B 113 45.59 9.38 -49.29
CA ARG B 113 45.79 10.82 -49.31
C ARG B 113 46.20 11.32 -47.93
N GLN B 114 45.54 10.82 -46.87
CA GLN B 114 45.92 11.21 -45.52
C GLN B 114 47.35 10.80 -45.21
N LEU B 115 47.75 9.60 -45.65
CA LEU B 115 49.11 9.12 -45.39
C LEU B 115 50.14 9.92 -46.15
N GLU B 116 49.84 10.32 -47.39
CA GLU B 116 50.80 11.14 -48.13
C GLU B 116 50.91 12.53 -47.54
N GLN B 117 49.79 13.08 -47.04
CA GLN B 117 49.87 14.34 -46.30
C GLN B 117 50.72 14.20 -45.05
N ARG B 118 50.56 13.08 -44.33
CA ARG B 118 51.35 12.84 -43.13
C ARG B 118 52.83 12.69 -43.47
N GLN B 119 53.15 12.03 -44.58
CA GLN B 119 54.55 11.89 -44.97
C GLN B 119 55.14 13.22 -45.44
N LEU B 120 54.34 14.08 -46.06
CA LEU B 120 54.80 15.43 -46.35
C LEU B 120 55.08 16.20 -45.06
N ALA B 121 54.20 16.04 -44.07
CA ALA B 121 54.45 16.67 -42.77
C ALA B 121 55.72 16.12 -42.12
N LYS B 122 55.98 14.83 -42.30
CA LYS B 122 57.21 14.24 -41.78
C LYS B 122 58.44 14.84 -42.48
N SER B 123 58.37 15.01 -43.80
CA SER B 123 59.46 15.64 -44.53
C SER B 123 59.58 17.13 -44.22
N VAL B 124 58.54 17.74 -43.65
CA VAL B 124 58.61 19.15 -43.26
C VAL B 124 59.72 19.38 -42.23
N ILE B 125 60.00 18.39 -41.38
CA ILE B 125 61.08 18.57 -40.40
C ILE B 125 62.43 18.65 -41.10
N SER B 126 62.64 17.83 -42.14
CA SER B 126 63.87 17.93 -42.91
C SER B 126 63.92 19.25 -43.68
N ARG B 127 62.78 19.70 -44.18
CA ARG B 127 62.71 21.00 -44.84
C ARG B 127 63.15 22.11 -43.90
N VAL B 128 62.66 22.08 -42.65
CA VAL B 128 63.02 23.10 -41.67
C VAL B 128 64.50 23.01 -41.33
N GLN B 129 65.00 21.80 -41.11
CA GLN B 129 66.42 21.63 -40.82
C GLN B 129 67.30 22.07 -41.97
N SER B 130 66.78 22.06 -43.21
CA SER B 130 67.56 22.54 -44.35
C SER B 130 67.89 24.02 -44.19
N GLU B 131 66.93 24.83 -43.78
CA GLU B 131 67.19 26.24 -43.56
C GLU B 131 67.76 26.53 -42.18
N LEU B 132 67.66 25.58 -41.24
CA LEU B 132 68.24 25.79 -39.92
C LEU B 132 69.76 25.89 -39.99
N GLY B 133 70.39 24.99 -40.75
CA GLY B 133 71.82 25.08 -40.97
C GLY B 133 72.23 26.02 -42.07
N ASN B 134 71.29 26.43 -42.91
CA ASN B 134 71.58 27.40 -43.96
C ASN B 134 71.86 28.76 -43.34
N PRO B 135 72.97 29.42 -43.70
CA PRO B 135 73.19 30.79 -43.20
C PRO B 135 72.19 31.77 -43.78
N LYS B 136 70.94 31.63 -43.35
CA LYS B 136 69.81 32.42 -43.86
C LYS B 136 69.59 33.71 -43.07
N PHE B 137 70.28 33.88 -41.94
CA PHE B 137 70.04 35.02 -41.05
C PHE B 137 70.53 36.35 -41.62
N GLN B 138 70.98 36.45 -42.87
CA GLN B 138 71.38 37.73 -43.45
C GLN B 138 70.48 38.17 -44.60
N GLU B 139 70.23 37.28 -45.57
CA GLU B 139 69.35 37.63 -46.67
C GLU B 139 67.91 37.84 -46.19
N LYS B 140 67.46 37.02 -45.25
CA LYS B 140 66.11 37.17 -44.72
C LYS B 140 65.93 38.50 -44.02
N VAL B 141 66.95 38.94 -43.26
CA VAL B 141 66.87 40.22 -42.56
C VAL B 141 66.75 41.37 -43.54
N LEU B 142 67.56 41.34 -44.60
CA LEU B 142 67.49 42.39 -45.61
C LEU B 142 66.15 42.39 -46.31
N GLN B 143 65.63 41.20 -46.63
CA GLN B 143 64.35 41.12 -47.32
C GLN B 143 63.22 41.65 -46.45
N GLN B 144 63.20 41.26 -45.17
CA GLN B 144 62.15 41.77 -44.30
C GLN B 144 62.29 43.26 -44.03
N SER B 145 63.53 43.78 -44.01
CA SER B 145 63.73 45.21 -43.86
C SER B 145 63.18 45.98 -45.06
N ILE B 146 63.49 45.51 -46.27
CA ILE B 146 62.97 46.21 -47.45
C ILE B 146 61.47 46.03 -47.56
N SER B 147 60.93 44.90 -47.10
CA SER B 147 59.48 44.72 -47.07
C SER B 147 58.84 45.70 -46.11
N GLU B 148 59.46 45.92 -44.94
CA GLU B 148 58.96 46.93 -44.01
C GLU B 148 59.02 48.32 -44.62
N ILE B 149 60.11 48.62 -45.34
CA ILE B 149 60.23 49.92 -46.00
C ILE B 149 59.11 50.11 -47.02
N GLU B 150 58.84 49.08 -47.83
CA GLU B 150 57.75 49.15 -48.80
C GLU B 150 56.41 49.29 -48.10
N GLN B 151 56.21 48.58 -46.98
CA GLN B 151 54.97 48.67 -46.23
C GLN B 151 54.74 50.10 -45.74
N LEU B 152 55.78 50.73 -45.20
CA LEU B 152 55.63 52.09 -44.69
C LEU B 152 55.66 53.16 -45.78
N LEU B 153 56.08 52.80 -47.00
CA LEU B 153 56.00 53.76 -48.10
C LEU B 153 54.55 54.15 -48.37
N SER B 154 53.64 53.18 -48.36
CA SER B 154 52.23 53.50 -48.55
C SER B 154 51.69 54.32 -47.38
N LYS B 155 52.11 53.99 -46.16
CA LYS B 155 51.67 54.72 -44.98
C LYS B 155 52.57 55.94 -44.72
N ALA C 1 -2.70 -4.73 -58.02
CA ALA C 1 -3.11 -5.96 -58.67
C ALA C 1 -3.25 -7.09 -57.66
N LYS C 2 -2.40 -7.06 -56.63
CA LYS C 2 -2.41 -8.07 -55.59
C LYS C 2 -3.56 -7.89 -54.60
N SER C 3 -4.21 -6.73 -54.61
CA SER C 3 -5.24 -6.45 -53.60
C SER C 3 -6.41 -7.41 -53.70
N ALA C 4 -6.84 -7.74 -54.91
CA ALA C 4 -7.98 -8.64 -55.07
C ALA C 4 -7.68 -10.02 -54.50
N ALA C 5 -6.47 -10.54 -54.73
CA ALA C 5 -6.14 -11.90 -54.33
C ALA C 5 -6.19 -12.06 -52.81
N ASN C 6 -5.49 -11.19 -52.07
CA ASN C 6 -5.51 -11.33 -50.63
C ASN C 6 -6.84 -10.85 -50.04
N LYS C 7 -7.54 -9.95 -50.73
CA LYS C 7 -8.88 -9.59 -50.27
C LYS C 7 -9.80 -10.80 -50.28
N LEU C 8 -9.79 -11.59 -51.37
CA LEU C 8 -10.62 -12.78 -51.40
C LEU C 8 -10.07 -13.86 -50.46
N ASP C 9 -8.75 -13.91 -50.27
CA ASP C 9 -8.19 -14.87 -49.32
C ASP C 9 -8.69 -14.61 -47.90
N TRP C 10 -8.62 -13.36 -47.44
CA TRP C 10 -9.16 -13.03 -46.13
C TRP C 10 -10.68 -13.03 -46.09
N ALA C 11 -11.37 -12.89 -47.23
CA ALA C 11 -12.80 -13.15 -47.25
C ALA C 11 -13.09 -14.62 -46.93
N LYS C 12 -12.32 -15.53 -47.53
CA LYS C 12 -12.43 -16.94 -47.20
C LYS C 12 -12.06 -17.18 -45.73
N VAL C 13 -11.07 -16.44 -45.23
CA VAL C 13 -10.70 -16.55 -43.81
C VAL C 13 -11.87 -16.14 -42.92
N ILE C 14 -12.56 -15.05 -43.29
CA ILE C 14 -13.73 -14.60 -42.54
C ILE C 14 -14.83 -15.64 -42.62
N SER C 15 -14.90 -16.38 -43.73
CA SER C 15 -15.84 -17.49 -43.79
C SER C 15 -15.35 -18.71 -43.00
N SER C 16 -14.06 -18.75 -42.67
CA SER C 16 -13.42 -19.92 -42.09
C SER C 16 -13.57 -20.06 -40.58
N LEU C 17 -14.50 -19.38 -39.92
CA LEU C 17 -14.76 -19.70 -38.52
C LEU C 17 -15.33 -21.10 -38.33
N ARG C 18 -15.80 -21.75 -39.40
CA ARG C 18 -16.47 -23.02 -39.27
C ARG C 18 -15.58 -24.21 -39.62
N ILE C 19 -14.47 -24.00 -40.30
CA ILE C 19 -13.59 -25.09 -40.69
C ILE C 19 -12.38 -25.05 -39.77
N THR C 20 -12.59 -24.55 -38.56
CA THR C 20 -11.54 -24.47 -37.56
C THR C 20 -10.98 -25.85 -37.25
N GLY C 21 -9.72 -25.88 -36.81
CA GLY C 21 -9.01 -27.11 -36.61
C GLY C 21 -8.05 -27.47 -37.72
N SER C 22 -7.94 -26.63 -38.76
CA SER C 22 -7.00 -26.88 -39.83
C SER C 22 -5.57 -26.71 -39.35
N THR C 23 -4.65 -27.39 -40.03
CA THR C 23 -3.26 -27.46 -39.60
C THR C 23 -2.37 -26.47 -40.33
N ALA C 24 -2.34 -26.52 -41.66
CA ALA C 24 -1.37 -25.76 -42.44
C ALA C 24 -1.97 -24.66 -43.31
N THR C 25 -3.29 -24.48 -43.31
CA THR C 25 -3.88 -23.37 -44.06
C THR C 25 -3.41 -22.04 -43.49
N GLN C 26 -3.51 -21.87 -42.17
CA GLN C 26 -2.95 -20.69 -41.54
C GLN C 26 -1.44 -20.65 -41.68
N LEU C 27 -0.78 -21.81 -41.60
CA LEU C 27 0.65 -21.87 -41.80
C LEU C 27 1.03 -21.41 -43.20
N SER C 28 0.28 -21.87 -44.20
CA SER C 28 0.49 -21.38 -45.57
C SER C 28 0.20 -19.89 -45.68
N SER C 29 -0.76 -19.40 -44.89
CA SER C 29 -1.04 -17.96 -44.89
C SER C 29 0.17 -17.17 -44.39
N PHE C 30 0.76 -17.58 -43.27
CA PHE C 30 1.95 -16.88 -42.79
C PHE C 30 3.13 -17.10 -43.74
N LYS C 31 3.16 -18.24 -44.44
CA LYS C 31 4.22 -18.45 -45.43
C LYS C 31 4.11 -17.45 -46.58
N LYS C 32 2.90 -17.27 -47.11
CA LYS C 32 2.69 -16.26 -48.14
C LYS C 32 3.04 -14.88 -47.63
N ARG C 33 2.63 -14.59 -46.39
CA ARG C 33 2.88 -13.28 -45.82
C ARG C 33 4.38 -13.02 -45.67
N ASN C 34 5.13 -14.02 -45.19
CA ASN C 34 6.57 -13.89 -45.03
C ASN C 34 7.24 -13.70 -46.39
N ASP C 35 6.80 -14.47 -47.40
CA ASP C 35 7.43 -14.38 -48.70
C ASP C 35 7.18 -13.03 -49.34
N GLU C 36 5.95 -12.51 -49.25
CA GLU C 36 5.67 -11.20 -49.84
C GLU C 36 6.31 -10.07 -49.03
N ALA C 37 6.46 -10.25 -47.71
CA ALA C 37 7.20 -9.26 -46.93
C ALA C 37 8.66 -9.23 -47.33
N ARG C 38 9.27 -10.40 -47.53
CA ARG C 38 10.64 -10.42 -48.02
C ARG C 38 10.74 -9.80 -49.41
N ARG C 39 9.72 -10.05 -50.25
CA ARG C 39 9.62 -9.36 -51.53
C ARG C 39 9.71 -7.85 -51.38
N GLN C 40 8.82 -7.26 -50.58
CA GLN C 40 8.76 -5.80 -50.57
C GLN C 40 9.98 -5.22 -49.87
N LEU C 41 10.52 -5.93 -48.88
CA LEU C 41 11.74 -5.48 -48.21
C LEU C 41 12.92 -5.47 -49.18
N LEU C 42 13.09 -6.52 -49.97
CA LEU C 42 14.21 -6.57 -50.90
C LEU C 42 14.02 -5.57 -52.03
N GLU C 43 12.78 -5.32 -52.43
CA GLU C 43 12.54 -4.35 -53.50
C GLU C 43 12.73 -2.92 -53.02
N LEU C 44 12.40 -2.65 -51.75
CA LEU C 44 12.59 -1.30 -51.21
C LEU C 44 14.05 -1.03 -50.91
N GLN C 45 14.76 -2.00 -50.33
CA GLN C 45 16.15 -1.79 -49.95
C GLN C 45 17.08 -1.85 -51.16
N SER C 46 16.62 -2.38 -52.28
CA SER C 46 17.47 -2.55 -53.47
C SER C 46 17.80 -1.19 -54.06
N GLN C 47 19.03 -0.73 -53.84
CA GLN C 47 19.54 0.43 -54.54
C GLN C 47 19.76 0.08 -56.01
N PRO C 48 19.83 1.08 -56.90
CA PRO C 48 20.10 0.79 -58.32
C PRO C 48 21.29 -0.13 -58.50
N THR C 49 21.04 -1.34 -59.00
CA THR C 49 22.03 -2.41 -59.04
C THR C 49 22.99 -2.20 -60.21
N GLU C 50 23.72 -1.08 -60.15
CA GLU C 50 24.73 -0.77 -61.15
C GLU C 50 25.67 0.29 -60.59
N VAL C 51 26.93 0.20 -60.96
CA VAL C 51 27.92 1.18 -60.55
C VAL C 51 27.78 2.42 -61.43
N ASP C 52 27.63 3.58 -60.81
CA ASP C 52 27.51 4.84 -61.54
C ASP C 52 28.88 5.23 -62.06
N PHE C 53 29.27 4.61 -63.17
CA PHE C 53 30.60 4.83 -63.74
C PHE C 53 30.82 6.28 -64.15
N SER C 54 29.75 7.04 -64.39
CA SER C 54 29.92 8.44 -64.76
C SER C 54 30.49 9.27 -63.62
N HIS C 55 29.99 9.05 -62.40
CA HIS C 55 30.43 9.80 -61.22
C HIS C 55 31.02 8.92 -60.14
N TYR C 56 30.34 7.81 -59.82
CA TYR C 56 30.77 6.96 -58.71
C TYR C 56 32.05 6.21 -59.05
N ARG C 57 32.49 6.26 -60.30
CA ARG C 57 33.83 5.82 -60.71
C ARG C 57 34.82 6.98 -60.83
N SER C 58 34.37 8.13 -61.34
CA SER C 58 35.28 9.25 -61.58
C SER C 58 35.89 9.78 -60.29
N VAL C 59 35.21 9.60 -59.16
CA VAL C 59 35.75 10.06 -57.89
C VAL C 59 37.03 9.31 -57.55
N LEU C 60 37.10 8.03 -57.91
CA LEU C 60 38.30 7.24 -57.69
C LEU C 60 39.29 7.52 -58.82
N LYS C 61 40.55 7.83 -58.45
CA LYS C 61 41.55 8.28 -59.41
C LYS C 61 42.52 7.18 -59.83
N ASN C 62 42.97 6.35 -58.90
CA ASN C 62 43.94 5.31 -59.22
C ASN C 62 43.31 3.94 -59.03
N THR C 63 42.12 3.75 -59.58
CA THR C 63 41.31 2.57 -59.37
C THR C 63 42.04 1.28 -59.73
N SER C 64 42.31 1.11 -61.03
CA SER C 64 42.99 -0.07 -61.58
C SER C 64 42.15 -1.33 -61.41
N VAL C 65 40.97 -1.20 -60.79
CA VAL C 65 40.10 -2.34 -60.54
C VAL C 65 38.64 -2.06 -60.87
N ILE C 66 38.23 -0.80 -61.05
CA ILE C 66 36.83 -0.52 -61.40
C ILE C 66 36.48 -1.14 -62.73
N ASP C 67 37.40 -1.06 -63.70
CA ASP C 67 37.16 -1.67 -65.00
C ASP C 67 36.96 -3.17 -64.88
N LYS C 68 37.76 -3.83 -64.04
CA LYS C 68 37.64 -5.27 -63.87
C LYS C 68 36.29 -5.66 -63.29
N ILE C 69 35.86 -4.99 -62.22
CA ILE C 69 34.60 -5.35 -61.59
C ILE C 69 33.42 -5.00 -62.50
N GLU C 70 33.51 -3.89 -63.22
CA GLU C 70 32.45 -3.52 -64.16
C GLU C 70 32.34 -4.53 -65.30
N SER C 71 33.49 -4.99 -65.83
CA SER C 71 33.47 -6.02 -66.86
C SER C 71 32.89 -7.32 -66.31
N TYR C 72 33.23 -7.67 -65.07
CA TYR C 72 32.68 -8.87 -64.46
C TYR C 72 31.16 -8.77 -64.33
N VAL C 73 30.67 -7.62 -63.89
CA VAL C 73 29.23 -7.42 -63.74
C VAL C 73 28.55 -7.50 -65.10
N LYS C 74 29.12 -6.85 -66.11
CA LYS C 74 28.53 -6.87 -67.45
C LYS C 74 28.51 -8.28 -68.02
N GLN C 75 29.58 -9.06 -67.81
CA GLN C 75 29.61 -10.44 -68.26
C GLN C 75 28.61 -11.29 -67.48
N TYR C 76 28.32 -10.94 -66.23
CA TYR C 76 27.41 -11.69 -65.39
C TYR C 76 26.03 -11.04 -65.29
N LYS C 77 25.66 -10.20 -66.26
CA LYS C 77 24.31 -9.62 -66.25
C LYS C 77 23.22 -10.69 -66.34
N PRO C 78 23.30 -11.68 -67.26
CA PRO C 78 22.33 -12.78 -67.19
C PRO C 78 22.65 -13.73 -66.04
N VAL C 79 22.31 -13.32 -64.82
CA VAL C 79 22.70 -14.08 -63.63
C VAL C 79 22.05 -15.47 -63.65
N LYS C 80 20.74 -15.51 -63.97
CA LYS C 80 20.01 -16.76 -64.07
C LYS C 80 18.61 -16.51 -64.62
N ILE C 81 18.03 -17.51 -65.27
CA ILE C 81 16.69 -17.37 -65.82
C ILE C 81 15.66 -17.80 -64.79
N ASP C 82 14.41 -17.41 -65.03
CA ASP C 82 13.32 -17.78 -64.12
C ASP C 82 13.09 -19.28 -64.14
N ALA C 83 12.67 -19.81 -62.99
CA ALA C 83 12.47 -21.25 -62.80
C ALA C 83 10.98 -21.55 -62.92
N SER C 84 10.51 -21.69 -64.16
CA SER C 84 9.14 -22.10 -64.43
C SER C 84 9.03 -23.61 -64.61
N LYS C 85 9.52 -24.35 -63.60
CA LYS C 85 9.55 -25.81 -63.71
C LYS C 85 8.19 -26.44 -63.51
N GLN C 86 7.38 -25.91 -62.60
CA GLN C 86 6.12 -26.54 -62.21
C GLN C 86 5.08 -26.31 -63.31
N LEU C 87 4.73 -27.38 -64.03
CA LEU C 87 3.70 -27.33 -65.06
C LEU C 87 2.72 -28.49 -65.00
N GLN C 88 2.96 -29.51 -64.18
CA GLN C 88 2.05 -30.65 -64.09
C GLN C 88 1.67 -31.00 -62.66
N VAL C 89 2.59 -30.89 -61.70
CA VAL C 89 2.27 -31.23 -60.32
C VAL C 89 1.32 -30.20 -59.72
N ILE C 90 1.53 -28.91 -60.02
CA ILE C 90 0.59 -27.89 -59.60
C ILE C 90 -0.76 -28.12 -60.29
N GLU C 91 -0.73 -28.51 -61.57
CA GLU C 91 -1.95 -28.90 -62.26
C GLU C 91 -2.61 -30.10 -61.59
N SER C 92 -1.82 -31.03 -61.06
CA SER C 92 -2.40 -32.15 -60.32
C SER C 92 -3.11 -31.67 -59.07
N PHE C 93 -2.49 -30.76 -58.31
CA PHE C 93 -3.15 -30.21 -57.14
C PHE C 93 -4.45 -29.51 -57.53
N GLU C 94 -4.43 -28.77 -58.63
CA GLU C 94 -5.65 -28.09 -59.07
C GLU C 94 -6.72 -29.09 -59.51
N LYS C 95 -6.35 -30.17 -60.19
CA LYS C 95 -7.41 -31.08 -60.62
C LYS C 95 -8.02 -31.80 -59.42
N HIS C 96 -7.20 -32.11 -58.41
CA HIS C 96 -7.74 -32.65 -57.17
C HIS C 96 -8.67 -31.66 -56.49
N ALA C 97 -8.28 -30.38 -56.45
CA ALA C 97 -9.12 -29.37 -55.82
C ALA C 97 -10.42 -29.15 -56.58
N MET C 98 -10.36 -29.16 -57.92
CA MET C 98 -11.57 -29.09 -58.73
C MET C 98 -12.49 -30.27 -58.48
N THR C 99 -11.94 -31.49 -58.41
CA THR C 99 -12.77 -32.66 -58.14
C THR C 99 -13.44 -32.53 -56.77
N ASN C 100 -12.68 -32.14 -55.76
CA ASN C 100 -13.24 -31.97 -54.41
C ASN C 100 -14.32 -30.90 -54.41
N ALA C 101 -14.07 -29.78 -55.08
CA ALA C 101 -15.04 -28.68 -55.09
C ALA C 101 -16.33 -29.08 -55.81
N LYS C 102 -16.22 -29.75 -56.96
CA LYS C 102 -17.42 -30.12 -57.69
C LYS C 102 -18.24 -31.17 -56.95
N GLU C 103 -17.58 -32.18 -56.37
CA GLU C 103 -18.33 -33.15 -55.59
C GLU C 103 -18.94 -32.50 -54.35
N THR C 104 -18.22 -31.57 -53.73
CA THR C 104 -18.77 -30.84 -52.59
C THR C 104 -20.03 -30.10 -52.98
N GLU C 105 -19.97 -29.30 -54.04
CA GLU C 105 -21.12 -28.46 -54.40
C GLU C 105 -22.29 -29.30 -54.89
N SER C 106 -22.02 -30.43 -55.56
CA SER C 106 -23.12 -31.34 -55.88
C SER C 106 -23.81 -31.82 -54.61
N LEU C 107 -23.01 -32.23 -53.61
CA LEU C 107 -23.58 -32.66 -52.34
C LEU C 107 -24.40 -31.56 -51.69
N VAL C 108 -23.86 -30.34 -51.66
CA VAL C 108 -24.56 -29.23 -51.02
C VAL C 108 -25.88 -28.94 -51.74
N SER C 109 -25.85 -28.84 -53.06
CA SER C 109 -27.06 -28.50 -53.80
C SER C 109 -28.14 -29.55 -53.59
N LYS C 110 -27.75 -30.83 -53.64
CA LYS C 110 -28.74 -31.88 -53.43
C LYS C 110 -29.25 -31.87 -51.99
N GLU C 111 -28.39 -31.53 -51.02
CA GLU C 111 -28.84 -31.49 -49.63
C GLU C 111 -29.82 -30.36 -49.37
N LEU C 112 -29.52 -29.13 -49.85
CA LEU C 112 -30.50 -28.05 -49.70
C LEU C 112 -31.80 -28.36 -50.44
N LYS C 113 -31.73 -28.91 -51.64
CA LYS C 113 -32.99 -29.22 -52.32
C LYS C 113 -33.79 -30.23 -51.52
N ASP C 114 -33.10 -31.24 -50.96
CA ASP C 114 -33.76 -32.22 -50.11
C ASP C 114 -34.37 -31.58 -48.88
N LEU C 115 -33.70 -30.58 -48.29
CA LEU C 115 -34.21 -30.09 -47.00
C LEU C 115 -35.31 -29.04 -47.19
N GLN C 116 -35.32 -28.28 -48.29
CA GLN C 116 -36.56 -27.55 -48.63
C GLN C 116 -37.70 -28.51 -48.92
N SER C 117 -37.45 -29.62 -49.62
CA SER C 117 -38.53 -30.58 -49.78
C SER C 117 -39.01 -31.09 -48.43
N THR C 118 -38.08 -31.36 -47.51
CA THR C 118 -38.44 -31.83 -46.18
C THR C 118 -39.30 -30.82 -45.43
N LEU C 119 -38.89 -29.54 -45.40
CA LEU C 119 -39.67 -28.55 -44.67
C LEU C 119 -41.03 -28.33 -45.34
N ASP C 120 -41.07 -28.33 -46.67
CA ASP C 120 -42.34 -28.15 -47.37
C ASP C 120 -43.30 -29.29 -47.06
N ASN C 121 -42.79 -30.52 -47.00
CA ASN C 121 -43.64 -31.64 -46.62
C ASN C 121 -44.09 -31.53 -45.16
N ILE C 122 -43.17 -31.19 -44.26
CA ILE C 122 -43.48 -31.12 -42.84
C ILE C 122 -44.48 -30.01 -42.53
N GLN C 123 -44.54 -28.97 -43.37
CA GLN C 123 -45.43 -27.85 -43.10
C GLN C 123 -46.90 -28.28 -43.10
N SER C 124 -47.29 -29.13 -44.05
CA SER C 124 -48.71 -29.46 -44.22
C SER C 124 -48.95 -30.96 -44.37
N ALA C 125 -48.00 -31.80 -43.98
CA ALA C 125 -48.16 -33.26 -44.01
C ALA C 125 -47.64 -33.86 -42.72
N ARG C 126 -48.09 -33.30 -41.58
CA ARG C 126 -47.62 -33.68 -40.25
C ARG C 126 -48.81 -34.16 -39.43
N PRO C 127 -49.17 -35.45 -39.54
CA PRO C 127 -50.30 -35.97 -38.76
C PRO C 127 -49.94 -36.16 -37.29
N PHE C 128 -49.97 -35.08 -36.52
CA PHE C 128 -49.60 -35.19 -35.11
C PHE C 128 -50.64 -35.97 -34.31
N ASP C 129 -51.92 -35.81 -34.65
CA ASP C 129 -53.00 -36.48 -33.93
C ASP C 129 -53.79 -37.44 -34.80
N GLU C 130 -53.36 -37.69 -36.04
CA GLU C 130 -54.10 -38.57 -36.93
C GLU C 130 -53.19 -39.52 -37.71
N LEU C 131 -51.98 -39.78 -37.23
CA LEU C 131 -51.08 -40.71 -37.89
C LEU C 131 -51.50 -42.15 -37.62
N THR C 132 -51.55 -42.95 -38.67
CA THR C 132 -51.95 -44.35 -38.54
C THR C 132 -50.75 -45.19 -38.12
N VAL C 133 -50.95 -46.05 -37.12
CA VAL C 133 -49.88 -46.94 -36.68
C VAL C 133 -49.52 -47.94 -37.77
N ASP C 134 -50.52 -48.39 -38.53
CA ASP C 134 -50.24 -49.26 -39.66
C ASP C 134 -49.41 -48.54 -40.71
N ASP C 135 -49.70 -47.26 -40.94
CA ASP C 135 -48.87 -46.46 -41.85
C ASP C 135 -47.44 -46.37 -41.34
N LEU C 136 -47.27 -46.16 -40.03
CA LEU C 136 -45.93 -46.08 -39.46
C LEU C 136 -45.18 -47.39 -39.63
N THR C 137 -45.86 -48.52 -39.42
CA THR C 137 -45.21 -49.81 -39.61
C THR C 137 -44.84 -50.05 -41.06
N LYS C 138 -45.72 -49.66 -41.99
CA LYS C 138 -45.44 -49.89 -43.41
C LYS C 138 -44.30 -49.01 -43.89
N ILE C 139 -44.23 -47.77 -43.40
CA ILE C 139 -43.16 -46.86 -43.82
C ILE C 139 -41.80 -47.42 -43.42
N LYS C 140 -41.66 -47.84 -42.17
CA LYS C 140 -40.38 -48.31 -41.65
C LYS C 140 -40.49 -49.74 -41.17
N PRO C 141 -39.98 -50.72 -41.92
CA PRO C 141 -39.93 -52.10 -41.39
C PRO C 141 -38.92 -52.30 -40.28
N GLU C 142 -38.04 -51.31 -40.04
CA GLU C 142 -37.04 -51.44 -38.99
C GLU C 142 -37.69 -51.51 -37.61
N ILE C 143 -38.73 -50.72 -37.37
CA ILE C 143 -39.42 -50.76 -36.09
C ILE C 143 -40.12 -52.11 -35.92
N ASP C 144 -40.67 -52.66 -37.01
CA ASP C 144 -41.25 -54.00 -36.96
C ASP C 144 -40.18 -55.03 -36.60
N ALA C 145 -39.02 -54.96 -37.25
CA ALA C 145 -37.95 -55.91 -36.95
C ALA C 145 -37.53 -55.82 -35.51
N LYS C 146 -37.38 -54.60 -34.99
CA LYS C 146 -37.02 -54.41 -33.59
C LYS C 146 -38.08 -55.02 -32.68
N VAL C 147 -39.35 -54.82 -33.01
CA VAL C 147 -40.43 -55.31 -32.14
C VAL C 147 -40.44 -56.83 -32.08
N GLU C 148 -40.38 -57.49 -33.25
CA GLU C 148 -40.33 -58.96 -33.22
C GLU C 148 -39.04 -59.47 -32.56
N GLU C 149 -37.90 -58.82 -32.78
CA GLU C 149 -36.68 -59.29 -32.14
C GLU C 149 -36.78 -59.22 -30.63
N MET C 150 -37.28 -58.09 -30.09
CA MET C 150 -37.38 -57.97 -28.64
C MET C 150 -38.51 -58.83 -28.07
N VAL C 151 -39.53 -59.12 -28.88
CA VAL C 151 -40.59 -60.02 -28.43
C VAL C 151 -40.06 -61.45 -28.30
N LYS C 152 -39.30 -61.90 -29.31
CA LYS C 152 -38.76 -63.26 -29.27
C LYS C 152 -37.62 -63.38 -28.27
N LYS C 153 -36.95 -62.26 -27.95
CA LYS C 153 -35.90 -62.29 -26.94
C LYS C 153 -36.45 -62.40 -25.53
N GLY C 154 -37.68 -61.93 -25.30
CA GLY C 154 -38.29 -61.96 -23.98
C GLY C 154 -38.06 -60.73 -23.13
N LYS C 155 -37.19 -59.82 -23.56
CA LYS C 155 -36.93 -58.60 -22.82
C LYS C 155 -37.96 -57.56 -23.26
N TRP C 156 -39.07 -57.51 -22.53
CA TRP C 156 -40.17 -56.62 -22.88
C TRP C 156 -39.88 -55.15 -22.56
N ASP C 157 -38.78 -54.86 -21.88
CA ASP C 157 -38.43 -53.48 -21.60
C ASP C 157 -38.01 -52.76 -22.87
N VAL C 158 -38.26 -51.45 -22.90
CA VAL C 158 -37.87 -50.59 -24.02
C VAL C 158 -37.03 -49.46 -23.44
N PRO C 159 -35.71 -49.63 -23.30
CA PRO C 159 -34.89 -48.71 -22.51
C PRO C 159 -35.09 -47.24 -22.84
N GLY C 160 -35.39 -46.44 -21.81
CA GLY C 160 -35.62 -45.02 -21.97
C GLY C 160 -37.04 -44.67 -22.36
N TYR C 161 -38.01 -45.24 -21.64
CA TYR C 161 -39.42 -45.03 -21.97
C TYR C 161 -40.20 -44.23 -20.92
N LYS C 162 -39.74 -44.19 -19.67
CA LYS C 162 -40.35 -43.34 -18.66
C LYS C 162 -39.69 -41.97 -18.57
N ASP C 163 -38.65 -41.72 -19.36
CA ASP C 163 -37.94 -40.44 -19.29
C ASP C 163 -38.83 -39.28 -19.72
N ARG C 164 -39.59 -39.47 -20.79
CA ARG C 164 -40.42 -38.41 -21.34
C ARG C 164 -41.92 -38.67 -21.25
N PHE C 165 -42.33 -39.91 -21.00
CA PHE C 165 -43.73 -40.28 -20.94
C PHE C 165 -44.13 -40.57 -19.50
N GLY C 166 -45.21 -39.92 -19.05
CA GLY C 166 -45.65 -40.08 -17.68
C GLY C 166 -46.34 -41.42 -17.44
N ASN C 167 -46.65 -41.67 -16.18
CA ASN C 167 -47.30 -42.90 -15.76
C ASN C 167 -48.67 -42.69 -15.13
N LEU C 168 -48.92 -41.51 -14.54
CA LEU C 168 -50.13 -41.21 -13.76
C LEU C 168 -50.50 -42.37 -12.84
N ASN C 169 -49.48 -43.06 -12.34
CA ASN C 169 -49.68 -44.31 -11.64
C ASN C 169 -50.42 -44.10 -10.33
N VAL C 170 -51.52 -44.84 -10.16
CA VAL C 170 -52.24 -44.80 -8.90
C VAL C 170 -51.41 -45.46 -7.80
N MET C 171 -50.33 -46.12 -8.19
CA MET C 171 -49.38 -46.73 -7.27
C MET C 171 -48.15 -45.85 -7.02
N GLN D 1 60.65 37.84 -53.02
CA GLN D 1 60.76 37.78 -51.57
C GLN D 1 61.64 36.62 -51.13
N ASP D 2 62.77 36.95 -50.50
CA ASP D 2 63.69 35.92 -50.02
C ASP D 2 63.02 35.01 -49.00
N LEU D 3 62.13 35.58 -48.17
CA LEU D 3 61.37 34.76 -47.24
C LEU D 3 60.44 33.81 -47.97
N TYR D 4 60.13 34.09 -49.24
CA TYR D 4 59.19 33.30 -50.02
C TYR D 4 59.84 32.33 -50.98
N LEU D 5 60.75 32.79 -51.84
CA LEU D 5 61.24 31.95 -52.93
C LEU D 5 62.03 30.75 -52.40
N ARG D 6 62.87 30.97 -51.38
CA ARG D 6 63.73 29.89 -50.93
C ARG D 6 62.94 28.80 -50.22
N GLU D 7 61.98 29.19 -49.36
CA GLU D 7 61.10 28.19 -48.77
C GLU D 7 60.25 27.52 -49.85
N LEU D 8 59.91 28.24 -50.91
CA LEU D 8 59.12 27.65 -51.99
C LEU D 8 59.89 26.54 -52.69
N LYS D 9 61.12 26.83 -53.16
CA LYS D 9 61.83 25.74 -53.83
C LYS D 9 62.31 24.68 -52.85
N ASP D 10 62.44 25.01 -51.56
CA ASP D 10 62.74 23.96 -50.58
C ASP D 10 61.55 23.01 -50.42
N THR D 11 60.33 23.56 -50.36
CA THR D 11 59.14 22.73 -50.29
C THR D 11 58.81 22.07 -51.62
N LYS D 12 59.46 22.50 -52.71
CA LYS D 12 59.28 21.80 -53.98
C LYS D 12 60.29 20.67 -54.16
N LEU D 13 61.56 20.90 -53.82
CA LEU D 13 62.59 19.90 -54.08
C LEU D 13 62.53 18.74 -53.10
N ALA D 14 62.15 18.99 -51.85
CA ALA D 14 62.07 17.91 -50.87
C ALA D 14 61.08 16.83 -51.28
N PRO D 15 59.87 17.13 -51.75
CA PRO D 15 59.01 16.09 -52.33
C PRO D 15 59.21 15.86 -53.82
N SER D 16 60.18 16.55 -54.45
CA SER D 16 60.40 16.35 -55.88
C SER D 16 60.81 14.91 -56.17
N THR D 17 61.84 14.41 -55.46
CA THR D 17 62.19 13.01 -55.57
C THR D 17 61.11 12.11 -54.99
N LEU D 18 60.31 12.61 -54.06
CA LEU D 18 59.20 11.84 -53.50
C LEU D 18 58.08 11.64 -54.51
N GLN D 19 57.66 12.71 -55.20
CA GLN D 19 56.47 12.68 -56.04
C GLN D 19 56.76 12.97 -57.49
N ASP D 20 57.44 14.08 -57.80
CA ASP D 20 57.64 14.46 -59.19
C ASP D 20 58.64 13.54 -59.87
N ALA D 21 59.86 13.47 -59.35
CA ALA D 21 60.89 12.61 -59.90
C ALA D 21 60.83 11.23 -59.24
N GLU D 22 61.32 10.23 -59.96
CA GLU D 22 61.32 8.85 -59.46
C GLU D 22 62.65 8.54 -58.76
N GLY D 23 62.97 9.37 -57.77
CA GLY D 23 64.17 9.18 -56.98
C GLY D 23 63.87 8.56 -55.63
N ASN D 24 62.95 7.60 -55.61
CA ASN D 24 62.48 6.96 -54.37
C ASN D 24 62.01 8.02 -53.38
N VAL D 25 62.66 8.09 -52.22
CA VAL D 25 62.36 9.15 -51.26
C VAL D 25 63.62 9.45 -50.44
N LYS D 26 64.07 10.71 -50.49
CA LYS D 26 65.23 11.15 -49.73
C LYS D 26 64.95 11.56 -48.28
N PRO D 27 63.86 12.27 -47.96
CA PRO D 27 63.73 12.78 -46.57
C PRO D 27 63.72 11.69 -45.51
N TRP D 28 63.14 10.54 -45.81
CA TRP D 28 63.10 9.42 -44.86
C TRP D 28 63.65 8.17 -45.54
N ASN D 29 64.45 7.40 -44.80
CA ASN D 29 65.15 6.26 -45.38
C ASN D 29 64.23 5.18 -45.94
N PRO D 30 63.16 4.76 -45.27
CA PRO D 30 62.35 3.63 -45.80
C PRO D 30 61.82 3.94 -47.20
N PRO D 31 61.86 2.97 -48.11
CA PRO D 31 61.39 3.22 -49.48
C PRO D 31 59.88 3.38 -49.53
N GLN D 32 59.42 4.14 -50.53
CA GLN D 32 58.00 4.37 -50.74
C GLN D 32 57.49 3.81 -52.07
N LYS D 33 58.37 3.62 -53.06
CA LYS D 33 57.99 3.04 -54.34
C LYS D 33 57.41 1.64 -54.17
N PRO D 34 58.03 0.73 -53.42
CA PRO D 34 57.42 -0.59 -53.20
C PRO D 34 56.51 -0.70 -51.99
N ASN D 35 56.03 0.42 -51.42
CA ASN D 35 55.26 0.37 -50.20
C ASN D 35 53.80 0.78 -50.40
N LEU D 36 53.54 1.99 -50.89
CA LEU D 36 52.14 2.37 -51.02
C LEU D 36 51.55 1.88 -52.34
N PRO D 37 52.21 2.11 -53.49
CA PRO D 37 51.79 1.43 -54.72
C PRO D 37 51.77 -0.08 -54.68
N GLU D 38 52.63 -0.72 -53.88
CA GLU D 38 52.82 -2.16 -53.95
C GLU D 38 52.36 -2.89 -52.69
N LEU D 39 52.89 -2.51 -51.52
CA LEU D 39 52.52 -3.21 -50.30
C LEU D 39 51.14 -2.78 -49.81
N GLU D 40 50.83 -1.48 -49.93
CA GLU D 40 49.53 -0.98 -49.48
C GLU D 40 48.45 -1.11 -50.54
N LEU D 41 48.81 -1.50 -51.77
CA LEU D 41 47.80 -1.74 -52.79
C LEU D 41 46.86 -2.87 -52.38
N GLN D 42 47.38 -3.86 -51.68
CA GLN D 42 46.58 -4.93 -51.10
C GLN D 42 46.09 -4.57 -49.70
N GLY D 43 46.36 -3.35 -49.23
CA GLY D 43 45.89 -2.88 -47.95
C GLY D 43 44.39 -2.96 -47.77
N PRO D 44 43.62 -2.44 -48.73
CA PRO D 44 42.17 -2.66 -48.69
C PRO D 44 41.81 -4.13 -48.77
N GLU D 45 42.58 -4.93 -49.52
CA GLU D 45 42.36 -6.36 -49.57
C GLU D 45 42.86 -7.06 -48.31
N ALA D 46 43.87 -6.50 -47.65
CA ALA D 46 44.35 -7.08 -46.40
C ALA D 46 43.35 -6.87 -45.27
N LEU D 47 42.83 -5.65 -45.14
CA LEU D 47 41.82 -5.38 -44.12
C LEU D 47 40.54 -6.15 -44.41
N LYS D 48 40.14 -6.20 -45.68
CA LYS D 48 38.96 -6.95 -46.10
C LYS D 48 39.34 -8.41 -46.32
N ALA D 49 38.41 -9.20 -46.84
CA ALA D 49 38.66 -10.60 -47.14
C ALA D 49 39.28 -10.69 -48.53
N TYR D 50 40.59 -10.95 -48.57
CA TYR D 50 41.29 -11.07 -49.85
C TYR D 50 40.82 -12.32 -50.59
N THR D 51 40.80 -12.21 -51.93
CA THR D 51 40.43 -13.28 -52.86
C THR D 51 39.09 -13.94 -52.51
N GLU D 52 38.28 -13.27 -51.69
CA GLU D 52 36.95 -13.75 -51.32
C GLU D 52 35.86 -12.72 -51.57
N GLN D 53 36.15 -11.44 -51.39
CA GLN D 53 35.20 -10.37 -51.62
C GLN D 53 35.58 -9.47 -52.79
N ASN D 54 36.87 -9.18 -52.97
CA ASN D 54 37.29 -8.36 -54.10
C ASN D 54 37.03 -9.06 -55.43
N VAL D 55 36.96 -10.39 -55.42
CA VAL D 55 36.59 -11.12 -56.63
C VAL D 55 35.08 -11.17 -56.82
N GLU D 56 34.32 -10.85 -55.78
CA GLU D 56 32.85 -10.87 -55.82
C GLU D 56 32.33 -12.24 -56.30
N THR D 57 32.62 -13.25 -55.49
CA THR D 57 32.20 -14.61 -55.80
C THR D 57 30.68 -14.67 -55.96
N ALA D 58 30.25 -15.13 -57.15
CA ALA D 58 28.83 -15.18 -57.49
C ALA D 58 28.37 -16.62 -57.42
N HIS D 59 27.53 -16.92 -56.44
CA HIS D 59 26.93 -18.24 -56.29
C HIS D 59 25.63 -18.29 -57.09
N VAL D 60 25.56 -19.22 -58.04
CA VAL D 60 24.35 -19.39 -58.83
C VAL D 60 23.22 -19.81 -57.91
N ALA D 61 22.06 -19.17 -58.08
CA ALA D 61 20.92 -19.44 -57.21
C ALA D 61 20.52 -20.91 -57.27
N LYS D 62 20.35 -21.52 -56.11
CA LYS D 62 19.90 -22.91 -56.05
C LYS D 62 18.47 -23.02 -56.55
N GLU D 63 18.21 -24.06 -57.34
CA GLU D 63 16.90 -24.23 -57.94
C GLU D 63 15.85 -24.44 -56.85
N SER D 64 14.76 -23.67 -56.90
CA SER D 64 13.75 -23.73 -55.87
C SER D 64 12.96 -25.03 -55.97
N GLU D 65 12.99 -25.81 -54.89
CA GLU D 65 12.32 -27.10 -54.87
C GLU D 65 10.82 -26.93 -54.67
N GLU D 66 10.09 -28.01 -54.90
CA GLU D 66 8.63 -28.01 -54.87
C GLU D 66 8.18 -29.37 -54.36
N GLY D 67 6.91 -29.71 -54.62
CA GLY D 67 6.36 -31.00 -54.21
C GLY D 67 7.05 -32.20 -54.81
N GLU D 68 8.05 -32.00 -55.67
CA GLU D 68 8.85 -33.07 -56.26
C GLU D 68 8.01 -34.04 -57.08
N SER D 69 6.97 -33.52 -57.76
CA SER D 69 6.14 -34.29 -58.68
C SER D 69 5.52 -35.50 -57.98
N GLU D 70 4.65 -35.20 -57.02
CA GLU D 70 3.93 -36.19 -56.24
C GLU D 70 2.44 -35.93 -56.41
N PRO D 71 1.85 -36.38 -57.51
CA PRO D 71 0.44 -36.08 -57.79
C PRO D 71 -0.56 -37.04 -57.15
N ILE D 72 -0.10 -38.10 -56.48
CA ILE D 72 -1.01 -39.08 -55.91
C ILE D 72 -0.90 -39.10 -54.39
N GLU D 73 0.31 -39.37 -53.89
CA GLU D 73 0.50 -39.54 -52.45
C GLU D 73 0.19 -38.25 -51.70
N GLU D 74 0.67 -37.11 -52.22
CA GLU D 74 0.47 -35.85 -51.52
C GLU D 74 -1.02 -35.48 -51.46
N ASP D 75 -1.72 -35.59 -52.59
CA ASP D 75 -3.13 -35.22 -52.63
C ASP D 75 -3.96 -36.13 -51.74
N TRP D 76 -3.72 -37.45 -51.82
CA TRP D 76 -4.47 -38.38 -51.00
C TRP D 76 -4.20 -38.17 -49.52
N LEU D 77 -2.94 -37.95 -49.15
CA LEU D 77 -2.61 -37.71 -47.75
C LEU D 77 -3.25 -36.42 -47.24
N VAL D 78 -3.24 -35.37 -48.06
CA VAL D 78 -3.87 -34.11 -47.66
C VAL D 78 -5.36 -34.30 -47.48
N LEU D 79 -6.01 -35.02 -48.41
CA LEU D 79 -7.44 -35.27 -48.29
C LEU D 79 -7.77 -36.07 -47.04
N ASP D 80 -6.97 -37.10 -46.75
CA ASP D 80 -7.22 -37.92 -45.57
C ASP D 80 -7.02 -37.11 -44.29
N ASP D 81 -5.97 -36.29 -44.25
CA ASP D 81 -5.72 -35.48 -43.06
C ASP D 81 -6.83 -34.45 -42.85
N ALA D 82 -7.32 -33.85 -43.94
CA ALA D 82 -8.45 -32.93 -43.83
C ALA D 82 -9.71 -33.67 -43.37
N GLU D 83 -9.87 -34.91 -43.82
CA GLU D 83 -11.00 -35.72 -43.37
C GLU D 83 -10.92 -36.01 -41.88
N GLU D 84 -9.71 -36.24 -41.36
CA GLU D 84 -9.55 -36.47 -39.93
C GLU D 84 -9.99 -35.26 -39.12
N THR D 85 -9.63 -34.06 -39.56
CA THR D 85 -9.96 -32.84 -38.82
C THR D 85 -11.36 -32.34 -39.12
N LYS D 86 -12.02 -32.84 -40.18
CA LYS D 86 -13.35 -32.32 -40.52
C LYS D 86 -14.41 -32.85 -39.57
N GLU D 87 -14.15 -34.00 -38.93
CA GLU D 87 -15.10 -34.56 -37.98
C GLU D 87 -15.10 -33.82 -36.64
N SER D 88 -14.14 -32.91 -36.42
CA SER D 88 -14.00 -32.19 -35.16
C SER D 88 -13.94 -30.69 -35.41
N HIS D 89 -14.83 -30.19 -36.25
CA HIS D 89 -14.90 -28.75 -36.51
C HIS D 89 -15.74 -28.07 -35.44
N VAL E 1 4.23 -27.36 -45.46
CA VAL E 1 5.03 -26.52 -46.36
C VAL E 1 4.14 -25.96 -47.48
N SER E 2 3.06 -26.67 -47.77
CA SER E 2 2.10 -26.25 -48.78
C SER E 2 0.74 -26.04 -48.12
N THR E 3 -0.27 -25.77 -48.93
CA THR E 3 -1.63 -25.49 -48.44
C THR E 3 -2.47 -26.76 -48.57
N LEU E 4 -2.76 -27.38 -47.44
CA LEU E 4 -3.76 -28.45 -47.42
C LEU E 4 -5.15 -27.85 -47.62
N ILE E 5 -6.08 -28.70 -48.04
CA ILE E 5 -7.36 -28.20 -48.53
C ILE E 5 -8.52 -28.81 -47.73
N PRO E 6 -8.91 -28.18 -46.62
CA PRO E 6 -10.07 -28.67 -45.86
C PRO E 6 -11.41 -28.25 -46.45
N PRO E 7 -11.56 -27.03 -46.99
CA PRO E 7 -12.93 -26.47 -47.07
C PRO E 7 -13.84 -27.14 -48.08
N LYS E 8 -13.41 -28.21 -48.75
CA LYS E 8 -14.26 -28.93 -49.68
C LYS E 8 -14.11 -30.43 -49.49
N VAL E 9 -14.03 -30.88 -48.25
CA VAL E 9 -13.89 -32.30 -47.93
C VAL E 9 -15.16 -32.86 -47.31
N VAL E 10 -16.23 -32.07 -47.22
CA VAL E 10 -17.47 -32.54 -46.63
C VAL E 10 -18.18 -33.59 -47.48
N SER E 11 -17.66 -33.88 -48.67
CA SER E 11 -18.31 -34.86 -49.54
C SER E 11 -18.30 -36.25 -48.91
N SER E 12 -17.18 -36.63 -48.29
CA SER E 12 -17.06 -37.97 -47.72
C SER E 12 -17.94 -38.17 -46.48
N LYS E 13 -18.11 -37.14 -45.66
CA LYS E 13 -18.95 -37.24 -44.47
C LYS E 13 -19.77 -35.96 -44.36
N ASN E 14 -21.08 -36.10 -44.26
CA ASN E 14 -21.94 -34.93 -44.09
C ASN E 14 -21.63 -34.26 -42.76
N ILE E 15 -21.75 -32.92 -42.74
CA ILE E 15 -21.36 -32.16 -41.55
C ILE E 15 -22.20 -32.59 -40.36
N GLY E 16 -21.55 -32.73 -39.22
CA GLY E 16 -22.21 -33.24 -38.03
C GLY E 16 -22.15 -34.75 -37.95
N SER E 17 -22.21 -35.26 -36.72
CA SER E 17 -22.17 -36.69 -36.47
C SER E 17 -23.48 -37.20 -35.85
N ALA E 18 -23.90 -36.62 -34.73
CA ALA E 18 -25.14 -37.05 -34.10
C ALA E 18 -26.37 -36.82 -34.96
N PRO E 19 -26.60 -35.65 -35.58
CA PRO E 19 -27.81 -35.49 -36.40
C PRO E 19 -27.77 -36.26 -37.70
N ASN E 20 -26.63 -36.84 -38.09
CA ASN E 20 -26.58 -37.64 -39.31
C ASN E 20 -27.49 -38.86 -39.20
N ALA E 21 -27.50 -39.52 -38.03
CA ALA E 21 -28.39 -40.66 -37.83
C ALA E 21 -29.85 -40.25 -37.88
N LYS E 22 -30.17 -39.08 -37.31
CA LYS E 22 -31.55 -38.62 -37.30
C LYS E 22 -31.99 -38.11 -38.67
N ARG E 23 -31.05 -37.73 -39.54
CA ARG E 23 -31.43 -37.25 -40.87
C ARG E 23 -32.17 -38.33 -41.65
N ILE E 24 -31.62 -39.54 -41.71
CA ILE E 24 -32.28 -40.62 -42.42
C ILE E 24 -33.54 -41.06 -41.69
N ALA E 25 -33.55 -40.92 -40.36
CA ALA E 25 -34.71 -41.31 -39.58
C ALA E 25 -35.90 -40.38 -39.80
N ASN E 26 -35.66 -39.09 -40.02
CA ASN E 26 -36.74 -38.13 -40.16
C ASN E 26 -37.02 -37.70 -41.59
N VAL E 27 -36.16 -38.04 -42.55
CA VAL E 27 -36.43 -37.63 -43.93
C VAL E 27 -37.32 -38.64 -44.63
N VAL E 28 -37.31 -39.90 -44.18
CA VAL E 28 -37.99 -40.95 -44.94
C VAL E 28 -39.48 -41.00 -44.61
N HIS E 29 -39.88 -40.58 -43.41
CA HIS E 29 -41.28 -40.69 -43.02
C HIS E 29 -42.16 -39.61 -43.62
N PHE E 30 -41.56 -38.55 -44.18
CA PHE E 30 -42.34 -37.45 -44.74
C PHE E 30 -42.91 -37.76 -46.12
N TYR E 31 -42.43 -38.80 -46.80
CA TYR E 31 -42.94 -39.12 -48.12
C TYR E 31 -44.35 -39.73 -48.03
N LYS E 32 -44.50 -40.80 -47.24
CA LYS E 32 -45.79 -41.46 -47.08
C LYS E 32 -46.51 -40.92 -45.84
N SER E 33 -46.71 -39.60 -45.84
CA SER E 33 -47.33 -38.90 -44.74
C SER E 33 -48.68 -38.34 -45.16
N LEU E 34 -49.67 -38.48 -44.29
CA LEU E 34 -51.01 -38.00 -44.57
C LEU E 34 -51.04 -36.47 -44.56
N PRO E 35 -51.47 -35.82 -45.65
CA PRO E 35 -51.53 -34.34 -45.65
C PRO E 35 -52.45 -33.80 -44.56
N GLN E 36 -53.73 -34.17 -44.62
CA GLN E 36 -54.68 -33.79 -43.57
C GLN E 36 -55.78 -34.84 -43.53
N GLY E 37 -55.62 -35.83 -42.65
CA GLY E 37 -56.62 -36.84 -42.42
C GLY E 37 -57.00 -37.61 -43.67
N PRO E 38 -56.01 -37.91 -44.51
CA PRO E 38 -56.29 -38.69 -45.72
C PRO E 38 -56.79 -40.09 -45.37
N ALA E 39 -57.75 -40.56 -46.15
CA ALA E 39 -58.38 -41.87 -45.95
C ALA E 39 -58.86 -42.05 -44.50
N PRO E 40 -59.70 -41.13 -44.01
CA PRO E 40 -60.17 -41.26 -42.62
C PRO E 40 -60.95 -42.54 -42.36
N ALA E 41 -61.70 -43.03 -43.35
CA ALA E 41 -62.50 -44.24 -43.21
C ALA E 41 -63.46 -44.15 -42.03
N ILE E 42 -64.05 -42.97 -41.85
CA ILE E 42 -64.99 -42.76 -40.74
C ILE E 42 -66.34 -43.40 -40.98
N LYS E 43 -66.61 -43.87 -42.19
CA LYS E 43 -67.88 -44.50 -42.54
C LYS E 43 -67.67 -45.97 -42.82
N ALA E 44 -68.45 -46.82 -42.14
CA ALA E 44 -68.37 -48.26 -42.35
C ALA E 44 -69.71 -48.87 -41.97
N ASN E 45 -69.95 -50.09 -42.46
CA ASN E 45 -71.21 -50.79 -42.21
C ASN E 45 -70.97 -52.28 -42.27
N THR E 46 -70.96 -52.94 -41.11
CA THR E 46 -70.80 -54.38 -41.02
C THR E 46 -71.74 -54.97 -39.97
N ARG E 47 -72.91 -54.36 -39.79
CA ARG E 47 -73.94 -54.72 -38.81
C ARG E 47 -73.51 -54.33 -37.39
N LEU E 48 -72.25 -53.95 -37.19
CA LEU E 48 -71.77 -53.44 -35.90
C LEU E 48 -70.96 -52.17 -36.03
N ALA E 49 -70.60 -51.73 -37.24
CA ALA E 49 -69.79 -50.53 -37.39
C ALA E 49 -70.55 -49.27 -36.99
N ARG E 50 -71.87 -49.25 -37.21
CA ARG E 50 -72.68 -48.10 -36.82
C ARG E 50 -72.64 -47.91 -35.31
N TYR E 51 -72.72 -49.01 -34.55
CA TYR E 51 -72.65 -48.91 -33.10
C TYR E 51 -71.29 -48.39 -32.65
N LYS E 52 -70.21 -48.87 -33.30
CA LYS E 52 -68.88 -48.39 -32.96
C LYS E 52 -68.74 -46.90 -33.24
N ALA E 53 -69.26 -46.45 -34.39
CA ALA E 53 -69.15 -45.04 -34.74
C ALA E 53 -69.97 -44.17 -33.79
N LYS E 54 -71.17 -44.62 -33.43
CA LYS E 54 -72.04 -43.77 -32.60
C LYS E 54 -71.58 -43.75 -31.15
N TYR E 55 -71.17 -44.89 -30.60
CA TYR E 55 -70.90 -44.99 -29.17
C TYR E 55 -69.43 -45.26 -28.86
N PHE E 56 -68.79 -46.17 -29.58
CA PHE E 56 -67.41 -46.57 -29.29
C PHE E 56 -66.38 -45.64 -29.91
N ASP E 57 -66.78 -44.43 -30.28
CA ASP E 57 -65.85 -43.45 -30.84
C ASP E 57 -65.20 -42.63 -29.74
N GLY E 58 -64.11 -41.96 -30.10
CA GLY E 58 -63.40 -41.13 -29.14
C GLY E 58 -64.03 -39.78 -28.85
N ASP E 59 -65.01 -39.37 -29.66
CA ASP E 59 -65.66 -38.08 -29.43
C ASP E 59 -66.45 -38.09 -28.13
N ASN E 60 -67.31 -39.09 -27.94
CA ASN E 60 -68.09 -39.18 -26.71
C ASN E 60 -67.28 -39.82 -25.58
N ALA E 61 -66.91 -41.09 -25.77
CA ALA E 61 -66.09 -41.83 -24.80
C ALA E 61 -66.68 -41.76 -23.39
N SER E 62 -67.99 -41.94 -23.29
CA SER E 62 -68.69 -41.87 -22.02
C SER E 62 -69.06 -43.28 -21.54
N GLY E 63 -69.62 -43.32 -20.33
CA GLY E 63 -70.07 -44.57 -19.74
C GLY E 63 -71.44 -45.04 -20.15
N LYS E 64 -72.09 -44.30 -21.05
CA LYS E 64 -73.42 -44.71 -21.53
C LYS E 64 -73.44 -46.08 -22.19
N PRO E 65 -72.47 -46.46 -23.04
CA PRO E 65 -72.53 -47.83 -23.61
C PRO E 65 -72.52 -48.92 -22.56
N LEU E 66 -71.79 -48.75 -21.46
CA LEU E 66 -71.79 -49.75 -20.41
C LEU E 66 -73.18 -49.89 -19.78
N TRP E 67 -73.85 -48.76 -19.53
CA TRP E 67 -75.20 -48.80 -18.98
C TRP E 67 -76.18 -49.44 -19.96
N HIS E 68 -76.02 -49.15 -21.25
CA HIS E 68 -76.87 -49.77 -22.26
C HIS E 68 -76.65 -51.28 -22.31
N PHE E 69 -75.39 -51.71 -22.20
CA PHE E 69 -75.09 -53.13 -22.16
C PHE E 69 -75.70 -53.79 -20.93
N ALA E 70 -75.64 -53.11 -19.78
CA ALA E 70 -76.26 -53.65 -18.56
C ALA E 70 -77.78 -53.77 -18.74
N LEU E 71 -78.41 -52.76 -19.33
CA LEU E 71 -79.85 -52.83 -19.57
C LEU E 71 -80.19 -53.97 -20.51
N GLY E 72 -79.38 -54.16 -21.56
CA GLY E 72 -79.61 -55.24 -22.50
C GLY E 72 -79.47 -56.60 -21.85
N ILE E 73 -78.45 -56.77 -20.99
CA ILE E 73 -78.27 -58.06 -20.33
C ILE E 73 -79.39 -58.31 -19.31
N ILE E 74 -79.90 -57.25 -18.68
CA ILE E 74 -81.06 -57.40 -17.79
C ILE E 74 -82.27 -57.87 -18.60
N ALA E 75 -82.51 -57.24 -19.75
CA ALA E 75 -83.65 -57.63 -20.58
C ALA E 75 -83.51 -59.07 -21.07
N PHE E 76 -82.30 -59.47 -21.45
CA PHE E 76 -82.07 -60.85 -21.89
C PHE E 76 -82.27 -61.82 -20.74
N GLY E 77 -81.81 -61.47 -19.54
CA GLY E 77 -81.88 -62.38 -18.41
C GLY E 77 -83.22 -62.46 -17.73
N TYR E 78 -84.11 -61.49 -17.99
CA TYR E 78 -85.46 -61.56 -17.41
C TYR E 78 -86.19 -62.81 -17.85
N SER E 79 -86.06 -63.17 -19.13
CA SER E 79 -86.78 -64.34 -19.66
C SER E 79 -86.33 -65.62 -18.96
N MET E 80 -85.03 -65.83 -18.83
CA MET E 80 -84.57 -67.06 -18.20
C MET E 80 -84.65 -66.99 -16.68
N GLU E 81 -84.76 -65.79 -16.11
CA GLU E 81 -85.14 -65.70 -14.70
C GLU E 81 -86.57 -66.20 -14.48
N TYR E 82 -87.47 -65.84 -15.40
CA TYR E 82 -88.82 -66.39 -15.35
C TYR E 82 -88.80 -67.90 -15.59
N TYR E 83 -87.98 -68.36 -16.54
CA TYR E 83 -87.93 -69.78 -16.86
C TYR E 83 -87.42 -70.61 -15.69
N PHE E 84 -86.38 -70.14 -15.02
CA PHE E 84 -85.80 -70.91 -13.92
C PHE E 84 -86.63 -70.76 -12.64
N HIS E 85 -86.83 -69.53 -12.18
CA HIS E 85 -87.59 -69.27 -10.98
C HIS E 85 -88.63 -68.17 -11.20
N MET F 1 -72.33 -91.68 22.93
CA MET F 1 -71.35 -91.56 21.85
C MET F 1 -71.66 -90.33 21.01
N GLN F 2 -72.95 -90.00 20.89
CA GLN F 2 -73.34 -88.77 20.22
C GLN F 2 -72.76 -87.55 20.92
N LEU F 3 -72.93 -87.48 22.25
CA LEU F 3 -72.44 -86.34 23.00
C LEU F 3 -70.92 -86.28 23.00
N VAL F 4 -70.26 -87.44 23.04
CA VAL F 4 -68.80 -87.46 23.07
C VAL F 4 -68.24 -86.83 21.80
N LEU F 5 -68.72 -87.26 20.64
CA LEU F 5 -68.24 -86.71 19.38
C LEU F 5 -68.69 -85.26 19.21
N ALA F 6 -69.89 -84.94 19.69
CA ALA F 6 -70.37 -83.56 19.61
C ALA F 6 -69.46 -82.61 20.37
N ALA F 7 -69.12 -82.96 21.61
CA ALA F 7 -68.24 -82.10 22.39
C ALA F 7 -66.81 -82.16 21.89
N LYS F 8 -66.41 -83.26 21.25
CA LYS F 8 -65.12 -83.28 20.57
C LYS F 8 -65.07 -82.22 19.48
N TYR F 9 -66.14 -82.13 18.70
CA TYR F 9 -66.22 -81.09 17.67
C TYR F 9 -66.23 -79.69 18.29
N ILE F 10 -66.97 -79.52 19.38
CA ILE F 10 -67.03 -78.21 20.03
C ILE F 10 -65.66 -77.81 20.56
N GLY F 11 -64.96 -78.74 21.21
CA GLY F 11 -63.64 -78.46 21.74
C GLY F 11 -62.62 -78.20 20.64
N ALA F 12 -62.75 -78.90 19.51
CA ALA F 12 -61.89 -78.63 18.37
C ALA F 12 -62.14 -77.22 17.81
N GLY F 13 -63.41 -76.82 17.73
CA GLY F 13 -63.73 -75.48 17.28
C GLY F 13 -63.19 -74.41 18.20
N ILE F 14 -63.31 -74.62 19.52
CA ILE F 14 -62.77 -73.67 20.48
C ILE F 14 -61.24 -73.68 20.49
N SER F 15 -60.63 -74.82 20.16
CA SER F 15 -59.18 -74.96 20.29
C SER F 15 -58.44 -74.24 19.17
N THR F 16 -59.00 -74.23 17.95
CA THR F 16 -58.32 -73.65 16.81
C THR F 16 -58.24 -72.12 16.87
N ILE F 17 -58.88 -71.49 17.86
CA ILE F 17 -58.75 -70.05 18.04
C ILE F 17 -57.31 -69.65 18.34
N GLY F 18 -56.45 -70.64 18.63
CA GLY F 18 -55.06 -70.33 18.95
C GLY F 18 -54.33 -69.63 17.82
N LEU F 19 -54.83 -69.74 16.60
CA LEU F 19 -54.20 -69.05 15.47
C LEU F 19 -54.44 -67.56 15.50
N LEU F 20 -55.46 -67.09 16.22
CA LEU F 20 -55.67 -65.66 16.40
C LEU F 20 -54.43 -64.99 16.98
N GLY F 21 -53.96 -65.50 18.11
CA GLY F 21 -52.81 -64.91 18.77
C GLY F 21 -51.51 -65.25 18.08
N ALA F 22 -51.46 -66.39 17.37
CA ALA F 22 -50.28 -66.69 16.56
C ALA F 22 -50.11 -65.65 15.46
N GLY F 23 -51.21 -65.32 14.76
CA GLY F 23 -51.14 -64.29 13.75
C GLY F 23 -50.85 -62.92 14.33
N ILE F 24 -51.51 -62.59 15.44
CA ILE F 24 -51.22 -61.32 16.10
C ILE F 24 -49.77 -61.24 16.53
N GLY F 25 -49.21 -62.37 16.97
CA GLY F 25 -47.84 -62.38 17.46
C GLY F 25 -46.82 -62.23 16.35
N ILE F 26 -46.98 -63.00 15.28
CA ILE F 26 -46.09 -62.84 14.13
C ILE F 26 -46.20 -61.42 13.59
N ALA F 27 -47.41 -60.87 13.62
CA ALA F 27 -47.62 -59.51 13.12
C ALA F 27 -46.95 -58.47 14.00
N ILE F 28 -46.99 -58.63 15.32
CA ILE F 28 -46.38 -57.65 16.21
C ILE F 28 -44.86 -57.71 16.11
N VAL F 29 -44.30 -58.93 16.11
CA VAL F 29 -42.87 -59.08 15.89
C VAL F 29 -42.46 -58.44 14.58
N PHE F 30 -43.25 -58.69 13.53
CA PHE F 30 -42.95 -58.13 12.22
C PHE F 30 -43.10 -56.61 12.19
N ALA F 31 -44.08 -56.07 12.93
CA ALA F 31 -44.27 -54.63 12.96
C ALA F 31 -43.07 -53.94 13.59
N ALA F 32 -42.59 -54.47 14.70
CA ALA F 32 -41.38 -53.90 15.30
C ALA F 32 -40.17 -54.12 14.39
N LEU F 33 -40.14 -55.24 13.68
CA LEU F 33 -39.09 -55.47 12.70
C LEU F 33 -39.06 -54.35 11.66
N ILE F 34 -40.22 -54.02 11.11
CA ILE F 34 -40.31 -52.97 10.09
C ILE F 34 -39.91 -51.64 10.67
N ASN F 35 -40.41 -51.31 11.87
CA ASN F 35 -40.06 -50.04 12.50
C ASN F 35 -38.56 -49.91 12.70
N GLY F 36 -37.93 -50.94 13.26
CA GLY F 36 -36.50 -50.89 13.51
C GLY F 36 -35.68 -50.84 12.24
N VAL F 37 -36.08 -51.62 11.23
CA VAL F 37 -35.32 -51.65 9.99
C VAL F 37 -35.41 -50.31 9.27
N SER F 38 -36.61 -49.72 9.22
CA SER F 38 -36.75 -48.41 8.59
C SER F 38 -36.03 -47.33 9.40
N ARG F 39 -35.96 -47.48 10.72
CA ARG F 39 -35.21 -46.55 11.54
C ARG F 39 -33.71 -46.86 11.57
N ASN F 40 -33.31 -48.04 11.10
CA ASN F 40 -31.89 -48.41 11.07
C ASN F 40 -31.65 -49.48 10.00
N PRO F 41 -31.34 -49.08 8.77
CA PRO F 41 -31.12 -50.08 7.71
C PRO F 41 -29.95 -51.02 7.97
N SER F 42 -28.91 -50.56 8.67
CA SER F 42 -27.71 -51.36 8.84
C SER F 42 -27.90 -52.55 9.76
N ILE F 43 -29.00 -52.59 10.53
CA ILE F 43 -29.24 -53.68 11.47
C ILE F 43 -29.96 -54.86 10.82
N LYS F 44 -30.18 -54.81 9.51
CA LYS F 44 -30.94 -55.84 8.81
C LYS F 44 -30.32 -57.22 8.98
N ASP F 45 -29.02 -57.35 8.73
CA ASP F 45 -28.40 -58.67 8.68
C ASP F 45 -28.43 -59.36 10.03
N THR F 46 -28.33 -58.59 11.11
CA THR F 46 -28.31 -59.17 12.45
C THR F 46 -29.68 -59.17 13.13
N VAL F 47 -30.70 -58.56 12.53
CA VAL F 47 -32.03 -58.62 13.12
C VAL F 47 -32.88 -59.67 12.41
N PHE F 48 -32.63 -59.87 11.12
CA PHE F 48 -33.49 -60.76 10.32
C PHE F 48 -33.57 -62.18 10.87
N PRO F 49 -32.47 -62.89 11.17
CA PRO F 49 -32.64 -64.29 11.64
C PRO F 49 -33.39 -64.40 12.96
N MET F 50 -33.14 -63.47 13.88
CA MET F 50 -33.80 -63.53 15.18
C MET F 50 -35.30 -63.32 15.02
N ALA F 51 -35.69 -62.33 14.20
CA ALA F 51 -37.11 -62.09 13.95
C ALA F 51 -37.74 -63.28 13.26
N ILE F 52 -37.04 -63.89 12.30
CA ILE F 52 -37.56 -65.08 11.62
C ILE F 52 -37.84 -66.18 12.64
N LEU F 53 -36.87 -66.48 13.49
CA LEU F 53 -37.06 -67.49 14.52
C LEU F 53 -38.27 -67.14 15.39
N GLY F 54 -38.33 -65.88 15.83
CA GLY F 54 -39.39 -65.41 16.70
C GLY F 54 -40.77 -65.65 16.14
N PHE F 55 -41.06 -65.08 14.97
CA PHE F 55 -42.41 -65.27 14.43
C PHE F 55 -42.64 -66.70 13.96
N ALA F 56 -41.59 -67.43 13.58
CA ALA F 56 -41.78 -68.82 13.18
C ALA F 56 -42.31 -69.65 14.35
N LEU F 57 -41.65 -69.58 15.51
CA LEU F 57 -42.16 -70.35 16.63
C LEU F 57 -43.39 -69.71 17.27
N SER F 58 -43.60 -68.41 17.08
CA SER F 58 -44.86 -67.81 17.49
C SER F 58 -46.03 -68.42 16.72
N GLU F 59 -45.84 -68.66 15.42
CA GLU F 59 -46.84 -69.39 14.65
C GLU F 59 -46.84 -70.87 15.00
N ALA F 60 -45.70 -71.41 15.47
CA ALA F 60 -45.68 -72.79 15.92
C ALA F 60 -46.53 -73.00 17.15
N THR F 61 -46.70 -71.96 17.97
CA THR F 61 -47.67 -72.05 19.07
C THR F 61 -49.09 -72.27 18.54
N GLY F 62 -49.46 -71.52 17.51
CA GLY F 62 -50.74 -71.77 16.85
C GLY F 62 -50.80 -73.13 16.20
N LEU F 63 -49.66 -73.63 15.71
CA LEU F 63 -49.60 -74.98 15.18
C LEU F 63 -49.85 -76.01 16.28
N PHE F 64 -49.34 -75.76 17.48
CA PHE F 64 -49.63 -76.61 18.62
C PHE F 64 -51.12 -76.60 18.95
N CYS F 65 -51.74 -75.42 18.88
CA CYS F 65 -53.19 -75.33 19.06
C CYS F 65 -53.93 -76.13 18.00
N LEU F 66 -53.47 -76.04 16.74
CA LEU F 66 -54.06 -76.81 15.66
C LEU F 66 -53.91 -78.30 15.89
N MET F 67 -52.75 -78.73 16.40
CA MET F 67 -52.53 -80.14 16.72
C MET F 67 -53.47 -80.59 17.83
N VAL F 68 -53.69 -79.75 18.84
CA VAL F 68 -54.67 -80.07 19.88
C VAL F 68 -56.05 -80.24 19.28
N SER F 69 -56.44 -79.33 18.37
CA SER F 69 -57.73 -79.46 17.70
C SER F 69 -57.81 -80.75 16.89
N PHE F 70 -56.71 -81.10 16.20
CA PHE F 70 -56.69 -82.32 15.39
C PHE F 70 -56.86 -83.56 16.26
N LEU F 71 -56.15 -83.61 17.40
CA LEU F 71 -56.30 -84.77 18.27
C LEU F 71 -57.69 -84.82 18.90
N LEU F 72 -58.31 -83.64 19.14
CA LEU F 72 -59.70 -83.63 19.55
C LEU F 72 -60.60 -84.21 18.48
N LEU F 73 -60.30 -83.91 17.21
CA LEU F 73 -61.07 -84.47 16.11
C LEU F 73 -60.70 -85.94 15.87
N PHE F 74 -59.43 -86.20 15.59
CA PHE F 74 -58.97 -87.56 15.32
C PHE F 74 -58.34 -88.18 16.56
N MET G 1 -70.70 -90.40 32.63
CA MET G 1 -69.67 -91.07 31.85
C MET G 1 -69.40 -90.34 30.55
N GLN G 2 -70.32 -90.46 29.59
CA GLN G 2 -70.15 -89.79 28.31
C GLN G 2 -70.27 -88.27 28.46
N LEU G 3 -71.10 -87.82 29.41
CA LEU G 3 -71.19 -86.38 29.68
C LEU G 3 -69.90 -85.87 30.31
N VAL G 4 -69.27 -86.68 31.17
CA VAL G 4 -68.00 -86.30 31.77
C VAL G 4 -66.94 -86.13 30.69
N LEU G 5 -66.87 -87.08 29.75
CA LEU G 5 -65.92 -86.97 28.65
C LEU G 5 -66.26 -85.77 27.76
N ALA G 6 -67.54 -85.50 27.56
CA ALA G 6 -67.94 -84.35 26.75
C ALA G 6 -67.46 -83.04 27.36
N ALA G 7 -67.74 -82.85 28.65
CA ALA G 7 -67.25 -81.64 29.31
C ALA G 7 -65.74 -81.63 29.43
N LYS G 8 -65.11 -82.80 29.47
CA LYS G 8 -63.66 -82.89 29.43
C LYS G 8 -63.13 -82.30 28.12
N TYR G 9 -63.73 -82.69 27.01
CA TYR G 9 -63.31 -82.16 25.71
C TYR G 9 -63.59 -80.66 25.61
N ILE G 10 -64.74 -80.21 26.11
CA ILE G 10 -65.04 -78.78 26.05
C ILE G 10 -64.09 -77.99 26.94
N GLY G 11 -63.70 -78.55 28.09
CA GLY G 11 -62.72 -77.89 28.93
C GLY G 11 -61.35 -77.84 28.29
N ALA G 12 -60.97 -78.90 27.58
CA ALA G 12 -59.72 -78.86 26.81
C ALA G 12 -59.78 -77.79 25.74
N GLY G 13 -60.93 -77.64 25.08
CA GLY G 13 -61.07 -76.59 24.09
C GLY G 13 -60.94 -75.20 24.69
N ILE G 14 -61.58 -74.98 25.85
CA ILE G 14 -61.51 -73.67 26.49
C ILE G 14 -60.20 -73.51 27.26
N SER G 15 -59.37 -74.56 27.31
CA SER G 15 -58.03 -74.41 27.86
C SER G 15 -57.02 -74.12 26.76
N THR G 16 -57.26 -74.62 25.54
CA THR G 16 -56.39 -74.32 24.42
C THR G 16 -56.34 -72.83 24.10
N ILE G 17 -57.42 -72.09 24.40
CA ILE G 17 -57.45 -70.66 24.19
C ILE G 17 -56.51 -69.91 25.13
N GLY G 18 -55.80 -70.63 26.01
CA GLY G 18 -54.83 -69.97 26.86
C GLY G 18 -53.56 -69.58 26.12
N LEU G 19 -53.29 -70.22 24.98
CA LEU G 19 -52.05 -69.98 24.25
C LEU G 19 -52.05 -68.65 23.50
N LEU G 20 -53.20 -68.01 23.36
CA LEU G 20 -53.25 -66.71 22.71
C LEU G 20 -52.41 -65.68 23.46
N GLY G 21 -52.50 -65.71 24.80
CA GLY G 21 -51.70 -64.81 25.60
C GLY G 21 -50.22 -65.07 25.47
N ALA G 22 -49.83 -66.34 25.44
CA ALA G 22 -48.42 -66.67 25.25
C ALA G 22 -47.91 -66.15 23.92
N GLY G 23 -48.70 -66.34 22.86
CA GLY G 23 -48.29 -65.84 21.56
C GLY G 23 -48.14 -64.33 21.52
N ILE G 24 -49.14 -63.61 22.03
CA ILE G 24 -49.09 -62.15 22.01
C ILE G 24 -47.95 -61.65 22.89
N GLY G 25 -47.70 -62.33 24.01
CA GLY G 25 -46.64 -61.91 24.90
C GLY G 25 -45.26 -62.10 24.30
N ILE G 26 -44.99 -63.28 23.75
CA ILE G 26 -43.70 -63.50 23.11
C ILE G 26 -43.55 -62.55 21.93
N ALA G 27 -44.67 -62.20 21.29
CA ALA G 27 -44.64 -61.16 20.26
C ALA G 27 -44.12 -59.85 20.80
N ILE G 28 -44.69 -59.38 21.91
CA ILE G 28 -44.29 -58.07 22.43
C ILE G 28 -42.85 -58.12 22.93
N VAL G 29 -42.42 -59.26 23.49
CA VAL G 29 -41.04 -59.39 23.96
C VAL G 29 -40.07 -59.26 22.78
N PHE G 30 -40.31 -60.03 21.72
CA PHE G 30 -39.39 -59.99 20.60
C PHE G 30 -39.52 -58.68 19.83
N ALA G 31 -40.69 -58.04 19.90
CA ALA G 31 -40.87 -56.75 19.27
C ALA G 31 -40.01 -55.68 19.94
N ALA G 32 -40.09 -55.60 21.27
CA ALA G 32 -39.24 -54.66 22.00
C ALA G 32 -37.77 -55.01 21.82
N LEU G 33 -37.45 -56.30 21.76
CA LEU G 33 -36.06 -56.70 21.53
C LEU G 33 -35.56 -56.19 20.19
N ILE G 34 -36.38 -56.35 19.13
CA ILE G 34 -35.98 -55.90 17.81
C ILE G 34 -35.82 -54.38 17.79
N ASN G 35 -36.78 -53.66 18.38
CA ASN G 35 -36.67 -52.21 18.42
C ASN G 35 -35.41 -51.76 19.15
N GLY G 36 -35.11 -52.39 20.29
CA GLY G 36 -33.94 -52.01 21.05
C GLY G 36 -32.64 -52.30 20.32
N VAL G 37 -32.53 -53.49 19.72
CA VAL G 37 -31.30 -53.84 19.02
C VAL G 37 -31.15 -52.99 17.75
N SER G 38 -32.28 -52.50 17.20
CA SER G 38 -32.20 -51.60 16.06
C SER G 38 -31.74 -50.21 16.50
N ARG G 39 -32.13 -49.79 17.71
CA ARG G 39 -31.69 -48.50 18.21
C ARG G 39 -30.18 -48.43 18.33
N ASN G 40 -29.60 -49.29 19.16
CA ASN G 40 -28.15 -49.34 19.34
C ASN G 40 -27.64 -50.75 19.09
N PRO G 41 -26.80 -50.96 18.08
CA PRO G 41 -26.30 -52.33 17.80
C PRO G 41 -25.43 -52.90 18.90
N SER G 42 -24.87 -52.07 19.77
CA SER G 42 -23.95 -52.57 20.79
C SER G 42 -24.66 -53.22 21.97
N ILE G 43 -25.99 -53.09 22.06
CA ILE G 43 -26.73 -53.58 23.22
C ILE G 43 -27.29 -54.98 23.02
N LYS G 44 -27.17 -55.56 21.82
CA LYS G 44 -27.80 -56.84 21.54
C LYS G 44 -27.25 -57.96 22.41
N ASP G 45 -25.92 -57.99 22.59
CA ASP G 45 -25.31 -59.05 23.38
C ASP G 45 -25.80 -59.00 24.82
N THR G 46 -26.00 -57.80 25.37
CA THR G 46 -26.47 -57.67 26.74
C THR G 46 -27.96 -58.00 26.85
N VAL G 47 -28.76 -57.62 25.85
CA VAL G 47 -30.20 -57.76 25.97
C VAL G 47 -30.72 -59.12 25.52
N PHE G 48 -29.93 -59.89 24.78
CA PHE G 48 -30.39 -61.20 24.33
C PHE G 48 -30.70 -62.16 25.48
N PRO G 49 -29.84 -62.32 26.50
CA PRO G 49 -30.18 -63.29 27.57
C PRO G 49 -31.48 -62.96 28.30
N MET G 50 -31.69 -61.68 28.65
CA MET G 50 -32.92 -61.31 29.35
C MET G 50 -34.14 -61.52 28.46
N ALA G 51 -34.04 -61.16 27.18
CA ALA G 51 -35.16 -61.33 26.26
C ALA G 51 -35.51 -62.80 26.10
N ILE G 52 -34.51 -63.66 25.91
CA ILE G 52 -34.79 -65.08 25.74
C ILE G 52 -35.30 -65.68 27.04
N LEU G 53 -34.85 -65.18 28.20
CA LEU G 53 -35.38 -65.68 29.46
C LEU G 53 -36.85 -65.33 29.63
N GLY G 54 -37.22 -64.07 29.34
CA GLY G 54 -38.62 -63.68 29.42
C GLY G 54 -39.48 -64.44 28.43
N PHE G 55 -38.96 -64.66 27.22
CA PHE G 55 -39.64 -65.51 26.25
C PHE G 55 -39.84 -66.92 26.79
N ALA G 56 -38.81 -67.50 27.41
CA ALA G 56 -38.92 -68.86 27.92
C ALA G 56 -39.95 -68.92 29.03
N LEU G 57 -40.04 -67.88 29.85
CA LEU G 57 -41.05 -67.87 30.91
C LEU G 57 -42.46 -67.74 30.34
N SER G 58 -42.63 -66.92 29.30
CA SER G 58 -43.94 -66.84 28.66
C SER G 58 -44.32 -68.17 28.01
N GLU G 59 -43.36 -68.83 27.36
CA GLU G 59 -43.62 -70.15 26.81
C GLU G 59 -43.88 -71.18 27.90
N ALA G 60 -43.29 -70.99 29.09
CA ALA G 60 -43.58 -71.86 30.21
C ALA G 60 -45.02 -71.68 30.69
N THR G 61 -45.51 -70.44 30.70
CA THR G 61 -46.92 -70.22 31.01
C THR G 61 -47.83 -70.87 29.97
N GLY G 62 -47.48 -70.72 28.70
CA GLY G 62 -48.24 -71.38 27.65
C GLY G 62 -48.22 -72.90 27.78
N LEU G 63 -47.07 -73.44 28.16
CA LEU G 63 -46.95 -74.88 28.37
C LEU G 63 -47.73 -75.32 29.59
N PHE G 64 -47.83 -74.47 30.62
CA PHE G 64 -48.70 -74.79 31.75
C PHE G 64 -50.15 -74.88 31.31
N CYS G 65 -50.59 -73.93 30.47
CA CYS G 65 -51.95 -74.00 29.93
C CYS G 65 -52.16 -75.28 29.11
N LEU G 66 -51.18 -75.61 28.26
CA LEU G 66 -51.30 -76.81 27.44
C LEU G 66 -51.30 -78.07 28.30
N MET G 67 -50.51 -78.07 29.39
CA MET G 67 -50.46 -79.23 30.28
C MET G 67 -51.77 -79.38 31.05
N VAL G 68 -52.38 -78.27 31.44
CA VAL G 68 -53.71 -78.36 32.06
C VAL G 68 -54.72 -78.93 31.09
N SER G 69 -54.66 -78.47 29.82
CA SER G 69 -55.55 -79.02 28.81
C SER G 69 -55.31 -80.51 28.61
N PHE G 70 -54.06 -80.94 28.62
CA PHE G 70 -53.73 -82.35 28.40
C PHE G 70 -54.19 -83.21 29.58
N LEU G 71 -53.91 -82.76 30.81
CA LEU G 71 -54.37 -83.53 31.98
C LEU G 71 -55.88 -83.55 32.06
N LEU G 72 -56.55 -82.53 31.51
CA LEU G 72 -57.98 -82.65 31.28
C LEU G 72 -58.27 -83.79 30.32
N LEU G 73 -57.72 -83.72 29.11
CA LEU G 73 -57.91 -84.79 28.12
C LEU G 73 -57.42 -86.13 28.66
N PHE G 74 -56.13 -86.23 28.96
CA PHE G 74 -55.55 -87.49 29.43
C PHE G 74 -55.31 -87.44 30.93
N MET H 1 -73.51 -86.80 40.02
CA MET H 1 -72.14 -87.22 40.26
C MET H 1 -71.33 -87.01 38.98
N GLN H 2 -71.96 -87.31 37.85
CA GLN H 2 -71.32 -87.05 36.56
C GLN H 2 -71.43 -85.58 36.19
N LEU H 3 -72.59 -84.96 36.46
CA LEU H 3 -72.80 -83.57 36.11
C LEU H 3 -71.88 -82.64 36.88
N VAL H 4 -71.66 -82.92 38.17
CA VAL H 4 -70.81 -82.05 38.98
C VAL H 4 -69.36 -82.12 38.52
N LEU H 5 -68.88 -83.32 38.20
CA LEU H 5 -67.53 -83.45 37.66
C LEU H 5 -67.40 -82.80 36.29
N ALA H 6 -68.44 -82.93 35.46
CA ALA H 6 -68.45 -82.27 34.16
C ALA H 6 -68.35 -80.76 34.30
N ALA H 7 -69.12 -80.19 35.24
CA ALA H 7 -69.06 -78.75 35.44
C ALA H 7 -67.75 -78.32 36.08
N LYS H 8 -67.14 -79.19 36.90
CA LYS H 8 -65.81 -78.91 37.42
C LYS H 8 -64.81 -78.79 36.27
N TYR H 9 -64.88 -79.72 35.32
CA TYR H 9 -64.00 -79.64 34.14
C TYR H 9 -64.28 -78.39 33.33
N ILE H 10 -65.55 -78.03 33.17
CA ILE H 10 -65.91 -76.83 32.42
C ILE H 10 -65.37 -75.58 33.12
N GLY H 11 -65.49 -75.53 34.44
CA GLY H 11 -64.98 -74.40 35.19
C GLY H 11 -63.47 -74.29 35.12
N ALA H 12 -62.77 -75.43 35.16
CA ALA H 12 -61.33 -75.40 34.98
C ALA H 12 -60.95 -74.90 33.60
N GLY H 13 -61.67 -75.36 32.57
CA GLY H 13 -61.39 -74.90 31.22
C GLY H 13 -61.61 -73.42 31.05
N ILE H 14 -62.69 -72.88 31.62
CA ILE H 14 -62.95 -71.45 31.50
C ILE H 14 -62.02 -70.64 32.41
N SER H 15 -61.48 -71.25 33.47
CA SER H 15 -60.51 -70.57 34.31
C SER H 15 -59.14 -70.51 33.66
N THR H 16 -58.84 -71.47 32.79
CA THR H 16 -57.52 -71.51 32.15
C THR H 16 -57.21 -70.24 31.36
N ILE H 17 -58.25 -69.48 30.97
CA ILE H 17 -58.02 -68.19 30.32
C ILE H 17 -57.38 -67.18 31.24
N GLY H 18 -57.33 -67.46 32.55
CA GLY H 18 -56.72 -66.52 33.47
C GLY H 18 -55.23 -66.31 33.23
N LEU H 19 -54.55 -67.34 32.72
CA LEU H 19 -53.11 -67.24 32.48
C LEU H 19 -52.77 -66.45 31.23
N LEU H 20 -53.76 -66.19 30.37
CA LEU H 20 -53.52 -65.40 29.17
C LEU H 20 -53.01 -64.00 29.53
N GLY H 21 -53.73 -63.32 30.44
CA GLY H 21 -53.29 -62.02 30.89
C GLY H 21 -51.97 -62.07 31.63
N ALA H 22 -51.76 -63.12 32.42
CA ALA H 22 -50.50 -63.25 33.16
C ALA H 22 -49.32 -63.35 32.20
N GLY H 23 -49.46 -64.17 31.16
CA GLY H 23 -48.38 -64.29 30.18
C GLY H 23 -48.14 -63.00 29.43
N ILE H 24 -49.22 -62.37 28.94
CA ILE H 24 -49.07 -61.11 28.21
C ILE H 24 -48.42 -60.07 29.09
N GLY H 25 -48.79 -60.02 30.37
CA GLY H 25 -48.22 -59.03 31.27
C GLY H 25 -46.77 -59.28 31.61
N ILE H 26 -46.41 -60.52 31.92
CA ILE H 26 -45.01 -60.85 32.17
C ILE H 26 -44.18 -60.46 30.96
N ALA H 27 -44.69 -60.75 29.77
CA ALA H 27 -43.92 -60.46 28.57
C ALA H 27 -43.85 -58.96 28.28
N ILE H 28 -44.91 -58.21 28.59
CA ILE H 28 -44.85 -56.77 28.37
C ILE H 28 -43.90 -56.12 29.36
N VAL H 29 -43.82 -56.65 30.59
CA VAL H 29 -42.82 -56.18 31.54
C VAL H 29 -41.42 -56.44 31.00
N PHE H 30 -41.19 -57.64 30.48
CA PHE H 30 -39.88 -57.96 29.91
C PHE H 30 -39.58 -57.07 28.71
N ALA H 31 -40.61 -56.76 27.90
CA ALA H 31 -40.43 -55.91 26.73
C ALA H 31 -40.02 -54.50 27.13
N ALA H 32 -40.72 -53.93 28.11
CA ALA H 32 -40.35 -52.60 28.60
C ALA H 32 -38.96 -52.61 29.23
N LEU H 33 -38.62 -53.71 29.91
CA LEU H 33 -37.28 -53.83 30.48
C LEU H 33 -36.22 -53.81 29.38
N ILE H 34 -36.46 -54.53 28.29
CA ILE H 34 -35.51 -54.56 27.17
C ILE H 34 -35.39 -53.18 26.54
N ASN H 35 -36.52 -52.50 26.35
CA ASN H 35 -36.50 -51.16 25.78
C ASN H 35 -35.72 -50.20 26.67
N GLY H 36 -35.93 -50.28 27.99
CA GLY H 36 -35.22 -49.41 28.90
C GLY H 36 -33.72 -49.69 28.92
N VAL H 37 -33.35 -50.96 28.88
CA VAL H 37 -31.93 -51.31 28.83
C VAL H 37 -31.30 -50.79 27.54
N SER H 38 -31.99 -50.94 26.42
CA SER H 38 -31.45 -50.47 25.15
C SER H 38 -31.28 -48.95 25.13
N ARG H 39 -32.28 -48.22 25.64
CA ARG H 39 -32.20 -46.76 25.65
C ARG H 39 -31.29 -46.23 26.75
N ASN H 40 -30.82 -47.10 27.65
CA ASN H 40 -29.89 -46.68 28.71
C ASN H 40 -29.09 -47.90 29.13
N PRO H 41 -27.92 -48.11 28.51
CA PRO H 41 -27.11 -49.30 28.86
C PRO H 41 -26.66 -49.34 30.31
N SER H 42 -26.46 -48.18 30.94
CA SER H 42 -25.93 -48.13 32.30
C SER H 42 -26.99 -48.30 33.38
N ILE H 43 -28.26 -48.46 33.00
CA ILE H 43 -29.35 -48.56 33.97
C ILE H 43 -29.77 -50.01 34.19
N LYS H 44 -29.03 -50.97 33.64
CA LYS H 44 -29.40 -52.38 33.79
C LYS H 44 -29.39 -52.81 35.26
N ASP H 45 -28.35 -52.42 36.00
CA ASP H 45 -28.22 -52.81 37.40
C ASP H 45 -29.38 -52.32 38.24
N THR H 46 -30.06 -51.26 37.80
CA THR H 46 -31.25 -50.77 38.48
C THR H 46 -32.52 -51.43 37.97
N VAL H 47 -32.67 -51.54 36.65
CA VAL H 47 -33.95 -52.01 36.10
C VAL H 47 -34.15 -53.50 36.34
N PHE H 48 -33.07 -54.29 36.35
CA PHE H 48 -33.21 -55.74 36.48
C PHE H 48 -33.93 -56.18 37.74
N PRO H 49 -33.63 -55.66 38.94
CA PRO H 49 -34.33 -56.14 40.14
C PRO H 49 -35.84 -55.92 40.13
N MET H 50 -36.32 -54.70 39.90
CA MET H 50 -37.77 -54.52 39.87
C MET H 50 -38.40 -55.19 38.66
N ALA H 51 -37.65 -55.36 37.57
CA ALA H 51 -38.19 -56.13 36.45
C ALA H 51 -38.48 -57.56 36.85
N ILE H 52 -37.54 -58.20 37.54
CA ILE H 52 -37.76 -59.56 38.02
C ILE H 52 -38.86 -59.59 39.08
N LEU H 53 -38.93 -58.54 39.91
CA LEU H 53 -39.98 -58.47 40.92
C LEU H 53 -41.35 -58.40 40.27
N GLY H 54 -41.50 -57.59 39.23
CA GLY H 54 -42.76 -57.52 38.53
C GLY H 54 -43.09 -58.81 37.80
N PHE H 55 -42.07 -59.47 37.24
CA PHE H 55 -42.27 -60.78 36.65
C PHE H 55 -42.86 -61.75 37.67
N ALA H 56 -42.23 -61.84 38.84
CA ALA H 56 -42.71 -62.76 39.88
C ALA H 56 -44.09 -62.36 40.37
N LEU H 57 -44.37 -61.06 40.45
CA LEU H 57 -45.68 -60.58 40.90
C LEU H 57 -46.78 -61.00 39.93
N SER H 58 -46.56 -60.78 38.63
CA SER H 58 -47.54 -61.21 37.64
C SER H 58 -47.64 -62.73 37.59
N GLU H 59 -46.54 -63.43 37.80
CA GLU H 59 -46.57 -64.89 37.83
C GLU H 59 -47.44 -65.39 38.98
N ALA H 60 -47.31 -64.77 40.16
CA ALA H 60 -48.17 -65.13 41.28
C ALA H 60 -49.61 -64.77 41.01
N THR H 61 -49.85 -63.64 40.34
CA THR H 61 -51.22 -63.26 39.98
C THR H 61 -51.86 -64.32 39.08
N GLY H 62 -51.11 -64.81 38.08
CA GLY H 62 -51.63 -65.88 37.25
C GLY H 62 -51.76 -67.19 38.00
N LEU H 63 -50.81 -67.49 38.89
CA LEU H 63 -50.84 -68.73 39.65
C LEU H 63 -52.01 -68.78 40.62
N PHE H 64 -52.54 -67.62 41.03
CA PHE H 64 -53.76 -67.64 41.82
C PHE H 64 -54.90 -68.32 41.06
N CYS H 65 -55.15 -67.88 39.83
CA CYS H 65 -56.19 -68.49 39.01
C CYS H 65 -55.81 -69.92 38.62
N LEU H 66 -54.52 -70.19 38.42
CA LEU H 66 -54.09 -71.55 38.11
C LEU H 66 -54.40 -72.49 39.27
N MET H 67 -54.15 -72.06 40.50
CA MET H 67 -54.47 -72.88 41.67
C MET H 67 -55.98 -73.00 41.85
N VAL H 68 -56.73 -71.96 41.50
CA VAL H 68 -58.19 -72.07 41.55
C VAL H 68 -58.66 -73.15 40.58
N SER H 69 -58.11 -73.17 39.37
CA SER H 69 -58.45 -74.21 38.41
C SER H 69 -58.02 -75.59 38.91
N PHE H 70 -56.86 -75.67 39.56
CA PHE H 70 -56.38 -76.94 40.09
C PHE H 70 -57.32 -77.47 41.17
N LEU H 71 -57.78 -76.60 42.07
CA LEU H 71 -58.69 -77.06 43.11
C LEU H 71 -60.09 -77.34 42.55
N LEU H 72 -60.46 -76.68 41.46
CA LEU H 72 -61.69 -77.06 40.77
C LEU H 72 -61.56 -78.47 40.18
N LEU H 73 -60.39 -78.79 39.64
CA LEU H 73 -60.19 -80.10 39.02
C LEU H 73 -60.13 -81.20 40.07
N PHE H 74 -59.18 -81.11 41.00
CA PHE H 74 -58.88 -82.20 41.93
C PHE H 74 -59.53 -82.02 43.29
N GLY H 75 -60.41 -81.04 43.44
CA GLY H 75 -61.09 -80.82 44.71
C GLY H 75 -62.57 -80.55 44.56
N MET I 1 -79.75 -80.93 44.05
CA MET I 1 -78.69 -80.14 44.66
C MET I 1 -77.48 -80.20 43.74
N GLN I 2 -77.52 -81.14 42.79
CA GLN I 2 -76.37 -81.40 41.93
C GLN I 2 -76.22 -80.32 40.85
N LEU I 3 -77.32 -79.96 40.20
CA LEU I 3 -77.22 -79.02 39.07
C LEU I 3 -76.84 -77.62 39.55
N VAL I 4 -77.34 -77.21 40.72
CA VAL I 4 -76.95 -75.92 41.28
C VAL I 4 -75.49 -75.92 41.69
N LEU I 5 -75.00 -77.04 42.21
CA LEU I 5 -73.57 -77.15 42.49
C LEU I 5 -72.75 -77.07 41.21
N ALA I 6 -73.25 -77.68 40.15
CA ALA I 6 -72.59 -77.58 38.84
C ALA I 6 -72.53 -76.13 38.37
N ALA I 7 -73.64 -75.40 38.52
CA ALA I 7 -73.67 -73.99 38.15
C ALA I 7 -72.74 -73.18 39.04
N LYS I 8 -72.63 -73.54 40.32
CA LYS I 8 -71.67 -72.90 41.20
C LYS I 8 -70.26 -73.07 40.68
N TYR I 9 -69.90 -74.29 40.28
CA TYR I 9 -68.58 -74.55 39.74
C TYR I 9 -68.34 -73.74 38.47
N ILE I 10 -69.32 -73.72 37.57
CA ILE I 10 -69.16 -73.00 36.31
C ILE I 10 -69.01 -71.50 36.55
N GLY I 11 -69.85 -70.94 37.42
CA GLY I 11 -69.77 -69.53 37.71
C GLY I 11 -68.49 -69.13 38.40
N ALA I 12 -68.02 -69.96 39.33
CA ALA I 12 -66.74 -69.70 39.98
C ALA I 12 -65.60 -69.76 38.98
N GLY I 13 -65.66 -70.70 38.04
CA GLY I 13 -64.65 -70.75 36.99
C GLY I 13 -64.65 -69.51 36.11
N ILE I 14 -65.85 -69.05 35.73
CA ILE I 14 -65.95 -67.86 34.90
C ILE I 14 -65.48 -66.61 35.66
N SER I 15 -65.75 -66.55 36.96
CA SER I 15 -65.38 -65.39 37.76
C SER I 15 -63.88 -65.17 37.87
N THR I 16 -63.07 -66.17 37.49
CA THR I 16 -61.62 -66.05 37.58
C THR I 16 -61.00 -65.37 36.38
N ILE I 17 -61.81 -64.90 35.43
CA ILE I 17 -61.28 -64.16 34.28
C ILE I 17 -60.60 -62.88 34.73
N GLY I 18 -61.02 -62.33 35.88
CA GLY I 18 -60.50 -61.06 36.37
C GLY I 18 -58.99 -61.01 36.48
N LEU I 19 -58.35 -62.17 36.64
CA LEU I 19 -56.89 -62.21 36.71
C LEU I 19 -56.25 -61.72 35.43
N LEU I 20 -56.90 -61.93 34.29
CA LEU I 20 -56.49 -61.32 33.02
C LEU I 20 -56.18 -59.84 33.21
N GLY I 21 -57.22 -59.06 33.52
CA GLY I 21 -57.05 -57.62 33.64
C GLY I 21 -56.16 -57.22 34.78
N ALA I 22 -56.26 -57.94 35.91
CA ALA I 22 -55.42 -57.63 37.06
C ALA I 22 -53.93 -57.74 36.69
N GLY I 23 -53.54 -58.87 36.12
CA GLY I 23 -52.13 -59.07 35.78
C GLY I 23 -51.67 -58.14 34.68
N ILE I 24 -52.49 -57.95 33.64
CA ILE I 24 -52.09 -57.04 32.57
C ILE I 24 -51.93 -55.62 33.10
N GLY I 25 -52.78 -55.22 34.05
CA GLY I 25 -52.67 -53.88 34.60
C GLY I 25 -51.45 -53.71 35.48
N ILE I 26 -51.19 -54.67 36.37
CA ILE I 26 -49.97 -54.63 37.19
C ILE I 26 -48.76 -54.53 36.28
N ALA I 27 -48.73 -55.34 35.23
CA ALA I 27 -47.56 -55.42 34.38
C ALA I 27 -47.37 -54.15 33.56
N ILE I 28 -48.45 -53.55 33.05
CA ILE I 28 -48.28 -52.32 32.28
C ILE I 28 -47.89 -51.16 33.20
N VAL I 29 -48.38 -51.17 34.44
CA VAL I 29 -47.93 -50.19 35.42
C VAL I 29 -46.43 -50.33 35.65
N PHE I 30 -45.97 -51.57 35.85
CA PHE I 30 -44.55 -51.80 36.05
C PHE I 30 -43.74 -51.47 34.79
N ALA I 31 -44.34 -51.65 33.62
CA ALA I 31 -43.68 -51.30 32.37
C ALA I 31 -43.45 -49.81 32.27
N ALA I 32 -44.48 -49.01 32.57
CA ALA I 32 -44.31 -47.56 32.60
C ALA I 32 -43.29 -47.16 33.67
N LEU I 33 -43.33 -47.83 34.82
CA LEU I 33 -42.36 -47.56 35.88
C LEU I 33 -40.94 -47.78 35.41
N ILE I 34 -40.68 -48.93 34.78
CA ILE I 34 -39.32 -49.25 34.35
C ILE I 34 -38.88 -48.34 33.21
N ASN I 35 -39.81 -47.97 32.32
CA ASN I 35 -39.47 -47.04 31.25
C ASN I 35 -39.09 -45.68 31.80
N GLY I 36 -39.86 -45.19 32.78
CA GLY I 36 -39.52 -43.92 33.41
C GLY I 36 -38.21 -43.98 34.17
N VAL I 37 -37.95 -45.10 34.85
CA VAL I 37 -36.70 -45.25 35.60
C VAL I 37 -35.51 -45.24 34.65
N SER I 38 -35.60 -45.99 33.54
CA SER I 38 -34.49 -46.03 32.60
C SER I 38 -34.28 -44.69 31.91
N ARG I 39 -35.37 -44.07 31.41
CA ARG I 39 -35.24 -42.78 30.76
C ARG I 39 -34.87 -41.68 31.74
N ASN I 40 -35.41 -41.75 32.96
CA ASN I 40 -35.17 -40.74 33.99
C ASN I 40 -34.69 -41.46 35.25
N PRO I 41 -33.38 -41.67 35.39
CA PRO I 41 -32.86 -42.34 36.59
C PRO I 41 -33.11 -41.57 37.88
N SER I 42 -33.39 -40.27 37.80
CA SER I 42 -33.62 -39.45 38.99
C SER I 42 -35.10 -39.31 39.33
N ILE I 43 -35.91 -40.33 39.04
CA ILE I 43 -37.34 -40.32 39.29
C ILE I 43 -37.76 -41.42 40.26
N LYS I 44 -36.81 -42.25 40.70
CA LYS I 44 -37.15 -43.45 41.46
C LYS I 44 -37.84 -43.09 42.78
N ASP I 45 -37.33 -42.08 43.49
CA ASP I 45 -37.87 -41.76 44.80
C ASP I 45 -39.34 -41.35 44.72
N THR I 46 -39.69 -40.59 43.68
CA THR I 46 -41.06 -40.12 43.53
C THR I 46 -41.93 -41.04 42.70
N VAL I 47 -41.38 -42.10 42.12
CA VAL I 47 -42.18 -43.01 41.30
C VAL I 47 -42.43 -44.34 42.01
N PHE I 48 -41.55 -44.75 42.92
CA PHE I 48 -41.70 -46.05 43.57
C PHE I 48 -42.96 -46.15 44.43
N PRO I 49 -43.23 -45.25 45.37
CA PRO I 49 -44.46 -45.39 46.17
C PRO I 49 -45.73 -45.33 45.33
N MET I 50 -45.75 -44.50 44.29
CA MET I 50 -46.93 -44.40 43.45
C MET I 50 -47.09 -45.62 42.56
N ALA I 51 -45.98 -46.21 42.13
CA ALA I 51 -46.05 -47.49 41.42
C ALA I 51 -46.61 -48.58 42.32
N ILE I 52 -46.19 -48.59 43.60
CA ILE I 52 -46.71 -49.58 44.54
C ILE I 52 -48.21 -49.36 44.76
N LEU I 53 -48.63 -48.11 44.92
CA LEU I 53 -50.05 -47.81 45.11
C LEU I 53 -50.86 -48.22 43.89
N GLY I 54 -50.35 -47.94 42.69
CA GLY I 54 -51.05 -48.35 41.48
C GLY I 54 -51.15 -49.86 41.36
N PHE I 55 -50.08 -50.56 41.71
CA PHE I 55 -50.12 -52.02 41.71
C PHE I 55 -51.16 -52.55 42.70
N ALA I 56 -51.20 -51.97 43.89
CA ALA I 56 -52.20 -52.41 44.89
C ALA I 56 -53.62 -52.17 44.40
N LEU I 57 -53.86 -51.00 43.82
CA LEU I 57 -55.21 -50.70 43.32
C LEU I 57 -55.58 -51.59 42.15
N SER I 58 -54.61 -51.94 41.30
CA SER I 58 -54.89 -52.86 40.20
C SER I 58 -55.17 -54.28 40.72
N GLU I 59 -54.40 -54.73 41.72
CA GLU I 59 -54.62 -56.03 42.32
C GLU I 59 -55.89 -56.08 43.17
N ALA I 60 -56.47 -54.93 43.50
CA ALA I 60 -57.75 -54.92 44.19
C ALA I 60 -58.80 -55.71 43.40
N THR I 61 -58.86 -55.49 42.09
CA THR I 61 -59.81 -56.22 41.25
C THR I 61 -59.51 -57.71 41.24
N GLY I 62 -58.23 -58.08 41.14
CA GLY I 62 -57.88 -59.49 41.13
C GLY I 62 -58.21 -60.20 42.42
N LEU I 63 -57.90 -59.57 43.56
CA LEU I 63 -58.24 -60.18 44.84
C LEU I 63 -59.74 -60.21 45.06
N PHE I 64 -60.47 -59.21 44.54
CA PHE I 64 -61.92 -59.25 44.61
C PHE I 64 -62.48 -60.42 43.82
N CYS I 65 -61.95 -60.65 42.62
CA CYS I 65 -62.39 -61.79 41.83
C CYS I 65 -62.05 -63.11 42.52
N LEU I 66 -60.86 -63.20 43.12
CA LEU I 66 -60.49 -64.38 43.87
C LEU I 66 -61.45 -64.62 45.04
N MET I 67 -61.79 -63.56 45.76
CA MET I 67 -62.68 -63.68 46.91
C MET I 67 -64.09 -64.10 46.49
N VAL I 68 -64.60 -63.52 45.40
CA VAL I 68 -65.95 -63.89 44.97
C VAL I 68 -65.98 -65.32 44.45
N SER I 69 -64.91 -65.75 43.77
CA SER I 69 -64.83 -67.14 43.35
C SER I 69 -64.79 -68.08 44.56
N PHE I 70 -64.02 -67.71 45.58
CA PHE I 70 -63.93 -68.54 46.79
C PHE I 70 -65.29 -68.64 47.49
N LEU I 71 -66.00 -67.51 47.61
CA LEU I 71 -67.29 -67.55 48.29
C LEU I 71 -68.35 -68.27 47.47
N LEU I 72 -68.28 -68.18 46.13
CA LEU I 72 -69.17 -68.97 45.30
C LEU I 72 -68.90 -70.46 45.48
N LEU I 73 -67.62 -70.85 45.51
CA LEU I 73 -67.29 -72.24 45.75
C LEU I 73 -67.66 -72.67 47.17
N PHE I 74 -67.41 -71.81 48.15
CA PHE I 74 -67.70 -72.13 49.55
C PHE I 74 -68.69 -71.14 50.15
N MET J 1 -87.38 -73.18 41.76
CA MET J 1 -86.44 -72.08 41.64
C MET J 1 -85.00 -72.60 41.67
N GLN J 2 -84.86 -73.92 41.66
CA GLN J 2 -83.52 -74.53 41.66
C GLN J 2 -82.74 -74.11 40.43
N LEU J 3 -83.32 -74.29 39.24
CA LEU J 3 -82.65 -73.83 38.03
C LEU J 3 -82.55 -72.31 38.01
N VAL J 4 -83.50 -71.62 38.64
CA VAL J 4 -83.40 -70.17 38.78
C VAL J 4 -82.18 -69.79 39.61
N LEU J 5 -81.94 -70.51 40.71
CA LEU J 5 -80.75 -70.26 41.52
C LEU J 5 -79.47 -70.58 40.75
N ALA J 6 -79.49 -71.67 39.98
CA ALA J 6 -78.33 -72.03 39.16
C ALA J 6 -78.03 -70.92 38.15
N ALA J 7 -79.08 -70.38 37.52
CA ALA J 7 -78.89 -69.30 36.58
C ALA J 7 -78.44 -68.03 37.27
N LYS J 8 -78.90 -67.79 38.50
CA LYS J 8 -78.39 -66.67 39.28
C LYS J 8 -76.89 -66.80 39.47
N TYR J 9 -76.42 -68.00 39.83
CA TYR J 9 -74.99 -68.22 40.03
C TYR J 9 -74.22 -68.01 38.74
N ILE J 10 -74.70 -68.57 37.63
CA ILE J 10 -73.97 -68.44 36.38
C ILE J 10 -73.99 -66.99 35.89
N GLY J 11 -75.10 -66.28 36.12
CA GLY J 11 -75.16 -64.88 35.74
C GLY J 11 -74.23 -64.01 36.56
N ALA J 12 -74.11 -64.31 37.86
CA ALA J 12 -73.13 -63.60 38.67
C ALA J 12 -71.71 -63.89 38.19
N GLY J 13 -71.44 -65.15 37.84
CA GLY J 13 -70.13 -65.48 37.30
C GLY J 13 -69.82 -64.74 36.00
N ILE J 14 -70.81 -64.62 35.13
CA ILE J 14 -70.62 -63.88 33.88
C ILE J 14 -70.43 -62.40 34.17
N SER J 15 -71.23 -61.85 35.08
CA SER J 15 -71.16 -60.42 35.37
C SER J 15 -69.86 -60.04 36.08
N THR J 16 -69.21 -61.00 36.74
CA THR J 16 -67.90 -60.72 37.33
C THR J 16 -66.81 -60.44 36.29
N ILE J 17 -67.16 -60.45 35.00
CA ILE J 17 -66.17 -60.14 33.96
C ILE J 17 -66.04 -58.63 33.72
N GLY J 18 -66.66 -57.80 34.57
CA GLY J 18 -66.53 -56.37 34.39
C GLY J 18 -65.30 -55.77 35.06
N LEU J 19 -64.68 -56.53 35.99
CA LEU J 19 -63.56 -55.98 36.74
C LEU J 19 -62.28 -55.92 35.91
N LEU J 20 -62.20 -56.67 34.81
CA LEU J 20 -61.11 -56.50 33.86
C LEU J 20 -60.97 -55.05 33.44
N GLY J 21 -62.08 -54.44 33.02
CA GLY J 21 -62.02 -53.07 32.55
C GLY J 21 -61.54 -52.10 33.61
N ALA J 22 -62.11 -52.20 34.81
CA ALA J 22 -61.70 -51.30 35.89
C ALA J 22 -60.22 -51.48 36.23
N GLY J 23 -59.76 -52.73 36.34
CA GLY J 23 -58.38 -52.97 36.70
C GLY J 23 -57.41 -52.43 35.67
N ILE J 24 -57.54 -52.86 34.41
CA ILE J 24 -56.59 -52.42 33.40
C ILE J 24 -56.73 -50.92 33.16
N GLY J 25 -57.92 -50.37 33.37
CA GLY J 25 -58.10 -48.95 33.18
C GLY J 25 -57.41 -48.10 34.22
N ILE J 26 -57.60 -48.42 35.50
CA ILE J 26 -56.90 -47.67 36.53
C ILE J 26 -55.40 -47.89 36.42
N ALA J 27 -54.98 -49.06 35.91
CA ALA J 27 -53.57 -49.29 35.67
C ALA J 27 -53.04 -48.42 34.53
N ILE J 28 -53.84 -48.24 33.47
CA ILE J 28 -53.44 -47.34 32.40
C ILE J 28 -53.34 -45.92 32.90
N VAL J 29 -54.25 -45.53 33.79
CA VAL J 29 -54.20 -44.20 34.40
C VAL J 29 -52.90 -44.05 35.20
N PHE J 30 -52.54 -45.07 35.98
CA PHE J 30 -51.32 -45.00 36.76
C PHE J 30 -50.08 -45.01 35.87
N ALA J 31 -50.13 -45.73 34.75
CA ALA J 31 -49.01 -45.72 33.80
C ALA J 31 -48.83 -44.34 33.19
N ALA J 32 -49.93 -43.68 32.84
CA ALA J 32 -49.84 -42.30 32.35
C ALA J 32 -49.32 -41.38 33.44
N LEU J 33 -49.70 -41.63 34.70
CA LEU J 33 -49.14 -40.89 35.82
C LEU J 33 -47.63 -41.03 35.87
N ILE J 34 -47.14 -42.26 35.73
CA ILE J 34 -45.71 -42.51 35.78
C ILE J 34 -45.00 -41.83 34.63
N ASN J 35 -45.57 -41.92 33.42
CA ASN J 35 -44.97 -41.25 32.27
C ASN J 35 -44.94 -39.74 32.48
N GLY J 36 -46.01 -39.17 33.03
CA GLY J 36 -46.05 -37.73 33.25
C GLY J 36 -45.04 -37.26 34.28
N VAL J 37 -44.92 -37.98 35.38
CA VAL J 37 -43.95 -37.59 36.40
C VAL J 37 -42.52 -37.77 35.89
N SER J 38 -42.29 -38.82 35.09
CA SER J 38 -40.98 -39.00 34.48
C SER J 38 -40.66 -37.87 33.52
N ARG J 39 -41.68 -37.37 32.82
CA ARG J 39 -41.47 -36.24 31.91
C ARG J 39 -41.39 -34.92 32.66
N ASN J 40 -42.47 -34.54 33.34
CA ASN J 40 -42.53 -33.28 34.07
C ASN J 40 -42.61 -33.54 35.56
N PRO J 41 -41.59 -33.19 36.35
CA PRO J 41 -41.66 -33.41 37.79
C PRO J 41 -42.53 -32.39 38.51
N SER J 42 -42.58 -31.17 37.98
CA SER J 42 -43.33 -30.09 38.61
C SER J 42 -44.84 -30.28 38.50
N ILE J 43 -45.31 -31.20 37.65
CA ILE J 43 -46.74 -31.40 37.44
C ILE J 43 -47.29 -32.55 38.28
N LYS J 44 -46.45 -33.17 39.12
CA LYS J 44 -46.91 -34.31 39.91
C LYS J 44 -48.01 -33.93 40.89
N ASP J 45 -47.84 -32.80 41.59
CA ASP J 45 -48.85 -32.35 42.54
C ASP J 45 -50.15 -32.01 41.83
N THR J 46 -50.06 -31.36 40.66
CA THR J 46 -51.26 -31.01 39.92
C THR J 46 -51.99 -32.23 39.38
N VAL J 47 -51.23 -33.26 38.97
CA VAL J 47 -51.88 -34.46 38.42
C VAL J 47 -52.31 -35.45 39.49
N PHE J 48 -51.90 -35.25 40.74
CA PHE J 48 -52.39 -36.10 41.83
C PHE J 48 -53.91 -36.15 41.88
N PRO J 49 -54.62 -35.04 42.13
CA PRO J 49 -56.06 -35.16 42.39
C PRO J 49 -56.86 -35.56 41.17
N MET J 50 -56.50 -35.03 39.99
CA MET J 50 -57.23 -35.39 38.78
C MET J 50 -57.07 -36.87 38.46
N ALA J 51 -55.86 -37.42 38.61
CA ALA J 51 -55.65 -38.83 38.34
C ALA J 51 -56.35 -39.70 39.39
N ILE J 52 -56.37 -39.27 40.64
CA ILE J 52 -57.09 -40.04 41.66
C ILE J 52 -58.59 -40.04 41.37
N LEU J 53 -59.13 -38.90 40.95
CA LEU J 53 -60.54 -38.83 40.56
C LEU J 53 -60.82 -39.71 39.36
N GLY J 54 -59.92 -39.74 38.38
CA GLY J 54 -60.08 -40.62 37.24
C GLY J 54 -60.03 -42.09 37.64
N PHE J 55 -59.16 -42.43 38.59
CA PHE J 55 -59.11 -43.78 39.11
C PHE J 55 -60.44 -44.16 39.75
N ALA J 56 -61.00 -43.25 40.56
CA ALA J 56 -62.28 -43.53 41.19
C ALA J 56 -63.39 -43.69 40.15
N LEU J 57 -63.38 -42.84 39.13
CA LEU J 57 -64.41 -42.93 38.09
C LEU J 57 -64.28 -44.23 37.31
N SER J 58 -63.06 -44.66 37.01
CA SER J 58 -62.87 -45.93 36.31
C SER J 58 -63.29 -47.11 37.19
N GLU J 59 -62.97 -47.07 38.48
CA GLU J 59 -63.36 -48.14 39.38
C GLU J 59 -64.86 -48.13 39.68
N ALA J 60 -65.54 -47.02 39.36
CA ALA J 60 -66.99 -47.00 39.48
C ALA J 60 -67.65 -48.06 38.60
N THR J 61 -67.06 -48.34 37.43
CA THR J 61 -67.59 -49.41 36.58
C THR J 61 -67.47 -50.77 37.27
N GLY J 62 -66.34 -51.04 37.90
CA GLY J 62 -66.19 -52.27 38.66
C GLY J 62 -67.14 -52.34 39.84
N LEU J 63 -67.39 -51.20 40.48
CA LEU J 63 -68.37 -51.16 41.57
C LEU J 63 -69.76 -51.48 41.07
N PHE J 64 -70.13 -50.93 39.90
CA PHE J 64 -71.43 -51.24 39.31
C PHE J 64 -71.53 -52.72 38.97
N CYS J 65 -70.46 -53.30 38.43
CA CYS J 65 -70.47 -54.73 38.13
C CYS J 65 -70.60 -55.56 39.40
N LEU J 66 -69.93 -55.15 40.47
CA LEU J 66 -70.08 -55.84 41.75
C LEU J 66 -71.52 -55.74 42.26
N MET J 67 -72.13 -54.57 42.13
CA MET J 67 -73.52 -54.41 42.56
C MET J 67 -74.44 -55.30 41.75
N VAL J 68 -74.22 -55.38 40.43
CA VAL J 68 -75.03 -56.25 39.58
C VAL J 68 -74.86 -57.71 39.97
N SER J 69 -73.61 -58.12 40.23
CA SER J 69 -73.35 -59.50 40.63
C SER J 69 -74.01 -59.82 41.97
N PHE J 70 -73.96 -58.90 42.92
CA PHE J 70 -74.62 -59.11 44.20
C PHE J 70 -76.13 -59.18 44.05
N LEU J 71 -76.70 -58.33 43.21
CA LEU J 71 -78.14 -58.38 42.96
C LEU J 71 -78.53 -59.72 42.32
N LEU J 72 -77.71 -60.21 41.39
CA LEU J 72 -77.96 -61.53 40.82
C LEU J 72 -77.86 -62.62 41.88
N LEU J 73 -76.88 -62.51 42.78
CA LEU J 73 -76.71 -63.50 43.83
C LEU J 73 -77.73 -63.29 44.95
N PHE J 74 -77.70 -62.13 45.58
CA PHE J 74 -78.59 -61.84 46.70
C PHE J 74 -79.65 -60.82 46.32
N MET K 1 -92.17 -69.74 34.95
CA MET K 1 -91.21 -68.71 34.56
C MET K 1 -89.79 -69.13 34.90
N GLN K 2 -89.57 -70.45 34.98
CA GLN K 2 -88.25 -70.97 35.32
C GLN K 2 -87.22 -70.59 34.24
N LEU K 3 -87.44 -71.06 33.02
CA LEU K 3 -86.50 -70.79 31.94
C LEU K 3 -86.43 -69.30 31.62
N VAL K 4 -87.57 -68.61 31.67
CA VAL K 4 -87.59 -67.18 31.32
C VAL K 4 -86.76 -66.38 32.31
N LEU K 5 -86.95 -66.61 33.61
CA LEU K 5 -86.17 -65.90 34.61
C LEU K 5 -84.71 -66.30 34.57
N ALA K 6 -84.44 -67.58 34.29
CA ALA K 6 -83.06 -68.04 34.14
C ALA K 6 -82.35 -67.29 33.02
N ALA K 7 -83.01 -67.17 31.86
CA ALA K 7 -82.43 -66.47 30.74
C ALA K 7 -82.34 -64.97 31.00
N LYS K 8 -83.28 -64.43 31.78
CA LYS K 8 -83.17 -63.03 32.19
C LYS K 8 -81.90 -62.79 33.00
N TYR K 9 -81.62 -63.69 33.95
CA TYR K 9 -80.41 -63.58 34.75
C TYR K 9 -79.16 -63.70 33.88
N ILE K 10 -79.16 -64.68 32.96
CA ILE K 10 -78.00 -64.85 32.08
C ILE K 10 -77.80 -63.63 31.20
N GLY K 11 -78.89 -63.07 30.67
CA GLY K 11 -78.79 -61.89 29.83
C GLY K 11 -78.30 -60.68 30.58
N ALA K 12 -78.75 -60.51 31.83
CA ALA K 12 -78.23 -59.42 32.65
C ALA K 12 -76.74 -59.59 32.91
N GLY K 13 -76.31 -60.80 33.22
CA GLY K 13 -74.89 -61.05 33.41
C GLY K 13 -74.07 -60.73 32.17
N ILE K 14 -74.59 -61.09 30.99
CA ILE K 14 -73.89 -60.81 29.74
C ILE K 14 -73.93 -59.32 29.42
N SER K 15 -75.00 -58.63 29.82
CA SER K 15 -75.09 -57.20 29.57
C SER K 15 -74.15 -56.41 30.48
N THR K 16 -73.80 -56.98 31.64
CA THR K 16 -72.95 -56.29 32.60
C THR K 16 -71.55 -56.00 32.04
N ILE K 17 -71.24 -56.51 30.85
CA ILE K 17 -69.87 -56.42 30.35
C ILE K 17 -69.58 -55.08 29.67
N GLY K 18 -70.60 -54.25 29.42
CA GLY K 18 -70.34 -52.94 28.84
C GLY K 18 -69.54 -52.03 29.74
N LEU K 19 -69.54 -52.31 31.05
CA LEU K 19 -68.76 -51.50 31.97
C LEU K 19 -67.26 -51.62 31.70
N LEU K 20 -66.81 -52.74 31.13
CA LEU K 20 -65.38 -52.83 30.82
C LEU K 20 -65.01 -51.78 29.77
N GLY K 21 -65.79 -51.70 28.69
CA GLY K 21 -65.54 -50.67 27.70
C GLY K 21 -65.71 -49.27 28.25
N ALA K 22 -66.71 -49.07 29.12
CA ALA K 22 -66.87 -47.76 29.76
C ALA K 22 -65.65 -47.39 30.59
N GLY K 23 -65.11 -48.35 31.34
CA GLY K 23 -63.92 -48.11 32.13
C GLY K 23 -62.70 -47.82 31.28
N ILE K 24 -62.53 -48.56 30.18
CA ILE K 24 -61.42 -48.27 29.28
C ILE K 24 -61.56 -46.87 28.69
N GLY K 25 -62.80 -46.47 28.37
CA GLY K 25 -63.01 -45.12 27.87
C GLY K 25 -62.57 -44.06 28.86
N ILE K 26 -63.10 -44.14 30.08
CA ILE K 26 -62.74 -43.17 31.12
C ILE K 26 -61.24 -43.20 31.36
N ALA K 27 -60.65 -44.40 31.36
CA ALA K 27 -59.25 -44.56 31.72
C ALA K 27 -58.33 -43.95 30.68
N ILE K 28 -58.56 -44.25 29.40
CA ILE K 28 -57.65 -43.71 28.40
C ILE K 28 -57.90 -42.22 28.20
N VAL K 29 -59.13 -41.75 28.46
CA VAL K 29 -59.37 -40.31 28.44
C VAL K 29 -58.55 -39.62 29.52
N PHE K 30 -58.56 -40.17 30.73
CA PHE K 30 -57.76 -39.59 31.81
C PHE K 30 -56.26 -39.77 31.57
N ALA K 31 -55.87 -40.85 30.90
CA ALA K 31 -54.46 -41.06 30.59
C ALA K 31 -53.95 -40.02 29.60
N ALA K 32 -54.72 -39.77 28.54
CA ALA K 32 -54.37 -38.71 27.61
C ALA K 32 -54.39 -37.35 28.31
N LEU K 33 -55.35 -37.15 29.22
CA LEU K 33 -55.38 -35.92 30.00
C LEU K 33 -54.08 -35.73 30.78
N ILE K 34 -53.62 -36.78 31.46
CA ILE K 34 -52.40 -36.70 32.25
C ILE K 34 -51.20 -36.43 31.34
N ASN K 35 -51.12 -37.13 30.20
CA ASN K 35 -50.01 -36.91 29.29
C ASN K 35 -49.99 -35.48 28.77
N GLY K 36 -51.17 -34.95 28.40
CA GLY K 36 -51.23 -33.59 27.89
C GLY K 36 -50.88 -32.55 28.93
N VAL K 37 -51.40 -32.71 30.16
CA VAL K 37 -51.12 -31.72 31.19
C VAL K 37 -49.66 -31.78 31.62
N SER K 38 -49.05 -32.97 31.58
CA SER K 38 -47.62 -33.07 31.88
C SER K 38 -46.79 -32.47 30.75
N ARG K 39 -47.23 -32.64 29.51
CA ARG K 39 -46.49 -32.09 28.38
C ARG K 39 -46.47 -30.56 28.41
N ASN K 40 -47.61 -29.94 28.74
CA ASN K 40 -47.71 -28.49 28.83
C ASN K 40 -48.72 -28.14 29.91
N PRO K 41 -48.27 -27.55 31.02
CA PRO K 41 -49.22 -27.19 32.09
C PRO K 41 -50.28 -26.19 31.67
N SER K 42 -49.97 -25.30 30.72
CA SER K 42 -50.93 -24.28 30.32
C SER K 42 -52.15 -24.89 29.66
N ILE K 43 -51.96 -25.94 28.85
CA ILE K 43 -53.06 -26.58 28.14
C ILE K 43 -53.99 -27.34 29.08
N LYS K 44 -53.58 -27.52 30.34
CA LYS K 44 -54.40 -28.25 31.31
C LYS K 44 -55.75 -27.56 31.54
N ASP K 45 -55.74 -26.23 31.65
CA ASP K 45 -56.97 -25.50 31.93
C ASP K 45 -58.01 -25.70 30.83
N THR K 46 -57.56 -25.72 29.58
CA THR K 46 -58.46 -25.97 28.45
C THR K 46 -58.87 -27.44 28.37
N VAL K 47 -57.94 -28.36 28.57
CA VAL K 47 -58.22 -29.78 28.39
C VAL K 47 -59.13 -30.34 29.49
N PHE K 48 -59.04 -29.83 30.72
CA PHE K 48 -59.80 -30.41 31.82
C PHE K 48 -61.30 -30.48 31.56
N PRO K 49 -61.98 -29.41 31.11
CA PRO K 49 -63.39 -29.59 30.73
C PRO K 49 -63.60 -30.58 29.60
N MET K 50 -62.65 -30.65 28.66
CA MET K 50 -62.75 -31.66 27.60
C MET K 50 -62.72 -33.06 28.18
N ALA K 51 -61.83 -33.31 29.15
CA ALA K 51 -61.78 -34.61 29.81
C ALA K 51 -63.05 -34.88 30.60
N ILE K 52 -63.61 -33.86 31.27
CA ILE K 52 -64.86 -34.03 32.00
C ILE K 52 -65.97 -34.48 31.06
N LEU K 53 -66.14 -33.75 29.96
CA LEU K 53 -67.17 -34.12 28.99
C LEU K 53 -66.91 -35.49 28.39
N GLY K 54 -65.65 -35.81 28.09
CA GLY K 54 -65.34 -37.10 27.50
C GLY K 54 -65.68 -38.26 28.42
N PHE K 55 -65.30 -38.16 29.69
CA PHE K 55 -65.59 -39.29 30.58
C PHE K 55 -67.08 -39.35 30.90
N ALA K 56 -67.77 -38.21 30.94
CA ALA K 56 -69.21 -38.25 31.14
C ALA K 56 -69.90 -38.95 29.98
N LEU K 57 -69.51 -38.62 28.75
CA LEU K 57 -70.10 -39.27 27.58
C LEU K 57 -69.74 -40.76 27.53
N SER K 58 -68.52 -41.11 27.94
CA SER K 58 -68.13 -42.52 27.98
C SER K 58 -68.94 -43.28 29.03
N GLU K 59 -69.15 -42.68 30.20
CA GLU K 59 -69.94 -43.30 31.25
C GLU K 59 -71.41 -43.37 30.90
N ALA K 60 -71.87 -42.53 29.97
CA ALA K 60 -73.25 -42.63 29.50
C ALA K 60 -73.52 -44.00 28.89
N THR K 61 -72.56 -44.53 28.13
CA THR K 61 -72.72 -45.87 27.55
C THR K 61 -72.79 -46.94 28.64
N GLY K 62 -71.92 -46.84 29.65
CA GLY K 62 -71.99 -47.78 30.76
C GLY K 62 -73.31 -47.70 31.50
N LEU K 63 -73.85 -46.49 31.65
CA LEU K 63 -75.15 -46.32 32.27
C LEU K 63 -76.25 -46.96 31.42
N PHE K 64 -76.15 -46.82 30.09
CA PHE K 64 -77.12 -47.48 29.22
C PHE K 64 -77.08 -48.99 29.38
N CYS K 65 -75.87 -49.57 29.43
CA CYS K 65 -75.74 -51.00 29.64
C CYS K 65 -76.28 -51.41 31.01
N LEU K 66 -76.03 -50.60 32.03
CA LEU K 66 -76.55 -50.88 33.37
C LEU K 66 -78.08 -50.87 33.38
N MET K 67 -78.69 -49.91 32.69
CA MET K 67 -80.15 -49.87 32.61
C MET K 67 -80.68 -51.08 31.86
N VAL K 68 -80.00 -51.49 30.79
CA VAL K 68 -80.43 -52.68 30.04
C VAL K 68 -80.37 -53.91 30.93
N SER K 69 -79.30 -54.04 31.72
CA SER K 69 -79.21 -55.16 32.65
C SER K 69 -80.29 -55.07 33.73
N PHE K 70 -80.58 -53.85 34.21
CA PHE K 70 -81.54 -53.67 35.28
C PHE K 70 -82.95 -54.06 34.85
N LEU K 71 -83.34 -53.65 33.63
CA LEU K 71 -84.68 -54.02 33.15
C LEU K 71 -84.80 -55.52 32.91
N LEU K 72 -83.68 -56.23 32.79
CA LEU K 72 -83.69 -57.69 32.71
C LEU K 72 -83.83 -58.35 34.07
N LEU K 73 -83.66 -57.60 35.16
CA LEU K 73 -83.74 -58.15 36.51
C LEU K 73 -85.05 -57.85 37.21
N PHE K 74 -85.65 -56.69 36.95
CA PHE K 74 -86.90 -56.32 37.60
C PHE K 74 -87.90 -55.76 36.59
N MET L 1 -93.50 -71.24 23.76
CA MET L 1 -92.98 -69.90 23.54
C MET L 1 -92.11 -69.45 24.72
N GLN L 2 -92.02 -70.31 25.73
CA GLN L 2 -91.17 -70.00 26.88
C GLN L 2 -89.70 -69.89 26.47
N LEU L 3 -89.21 -70.89 25.73
CA LEU L 3 -87.84 -70.84 25.25
C LEU L 3 -87.63 -69.71 24.26
N VAL L 4 -88.67 -69.34 23.52
CA VAL L 4 -88.55 -68.23 22.57
C VAL L 4 -88.24 -66.94 23.31
N LEU L 5 -89.03 -66.63 24.36
CA LEU L 5 -88.77 -65.43 25.15
C LEU L 5 -87.46 -65.54 25.89
N ALA L 6 -87.12 -66.74 26.38
CA ALA L 6 -85.86 -66.93 27.09
C ALA L 6 -84.68 -66.58 26.20
N ALA L 7 -84.64 -67.15 25.00
CA ALA L 7 -83.52 -66.86 24.10
C ALA L 7 -83.60 -65.45 23.54
N LYS L 8 -84.80 -64.85 23.49
CA LYS L 8 -84.90 -63.44 23.14
C LYS L 8 -84.18 -62.57 24.18
N TYR L 9 -84.41 -62.88 25.46
CA TYR L 9 -83.71 -62.16 26.52
C TYR L 9 -82.21 -62.43 26.46
N ILE L 10 -81.82 -63.67 26.16
CA ILE L 10 -80.40 -63.99 26.04
C ILE L 10 -79.76 -63.19 24.91
N GLY L 11 -80.44 -63.12 23.77
CA GLY L 11 -79.93 -62.34 22.65
C GLY L 11 -79.85 -60.86 22.96
N ALA L 12 -80.84 -60.34 23.69
CA ALA L 12 -80.77 -58.95 24.12
C ALA L 12 -79.58 -58.73 25.05
N GLY L 13 -79.31 -59.69 25.94
CA GLY L 13 -78.16 -59.58 26.81
C GLY L 13 -76.84 -59.58 26.06
N ILE L 14 -76.72 -60.45 25.06
CA ILE L 14 -75.50 -60.49 24.27
C ILE L 14 -75.45 -59.40 23.21
N SER L 15 -76.59 -58.82 22.84
CA SER L 15 -76.61 -57.75 21.85
C SER L 15 -75.98 -56.46 22.38
N THR L 16 -75.77 -56.34 23.69
CA THR L 16 -75.19 -55.14 24.28
C THR L 16 -73.67 -55.13 24.22
N ILE L 17 -73.04 -56.18 23.68
CA ILE L 17 -71.59 -56.19 23.56
C ILE L 17 -71.13 -55.17 22.52
N GLY L 18 -72.03 -54.73 21.65
CA GLY L 18 -71.65 -53.72 20.66
C GLY L 18 -71.35 -52.37 21.27
N LEU L 19 -71.88 -52.13 22.48
CA LEU L 19 -71.55 -50.90 23.20
C LEU L 19 -70.07 -50.85 23.58
N LEU L 20 -69.41 -52.00 23.62
CA LEU L 20 -67.98 -52.03 23.91
C LEU L 20 -67.20 -51.22 22.87
N GLY L 21 -67.57 -51.38 21.60
CA GLY L 21 -66.92 -50.63 20.54
C GLY L 21 -67.13 -49.14 20.65
N ALA L 22 -68.35 -48.73 20.99
CA ALA L 22 -68.62 -47.30 21.19
C ALA L 22 -67.79 -46.76 22.35
N GLY L 23 -67.68 -47.52 23.44
CA GLY L 23 -66.89 -47.09 24.57
C GLY L 23 -65.43 -46.91 24.25
N ILE L 24 -64.78 -47.93 23.67
CA ILE L 24 -63.37 -47.77 23.35
C ILE L 24 -63.21 -46.77 22.21
N GLY L 25 -64.25 -46.57 21.41
CA GLY L 25 -64.18 -45.59 20.34
C GLY L 25 -64.11 -44.16 20.85
N ILE L 26 -65.03 -43.80 21.76
CA ILE L 26 -64.93 -42.48 22.38
C ILE L 26 -63.64 -42.36 23.15
N ALA L 27 -63.21 -43.47 23.78
CA ALA L 27 -61.90 -43.51 24.43
C ALA L 27 -60.80 -43.00 23.51
N ILE L 28 -60.58 -43.69 22.39
CA ILE L 28 -59.45 -43.36 21.52
C ILE L 28 -59.66 -42.01 20.85
N VAL L 29 -60.90 -41.66 20.50
CA VAL L 29 -61.16 -40.37 19.86
C VAL L 29 -60.75 -39.23 20.79
N PHE L 30 -61.21 -39.29 22.04
CA PHE L 30 -60.87 -38.21 22.97
C PHE L 30 -59.39 -38.25 23.36
N ALA L 31 -58.79 -39.44 23.41
CA ALA L 31 -57.36 -39.52 23.68
C ALA L 31 -56.55 -38.81 22.61
N ALA L 32 -56.88 -39.07 21.33
CA ALA L 32 -56.19 -38.40 20.25
C ALA L 32 -56.51 -36.91 20.22
N LEU L 33 -57.74 -36.54 20.59
CA LEU L 33 -58.07 -35.12 20.67
C LEU L 33 -57.21 -34.41 21.70
N ILE L 34 -57.04 -35.01 22.88
CA ILE L 34 -56.21 -34.41 23.92
C ILE L 34 -54.76 -34.34 23.47
N ASN L 35 -54.25 -35.41 22.85
CA ASN L 35 -52.88 -35.38 22.35
C ASN L 35 -52.70 -34.29 21.30
N GLY L 36 -53.66 -34.15 20.39
CA GLY L 36 -53.55 -33.15 19.35
C GLY L 36 -53.60 -31.74 19.87
N VAL L 37 -54.51 -31.46 20.81
CA VAL L 37 -54.55 -30.12 21.39
C VAL L 37 -53.31 -29.88 22.24
N SER L 38 -52.70 -30.94 22.76
CA SER L 38 -51.42 -30.78 23.45
C SER L 38 -50.31 -30.44 22.47
N ARG L 39 -50.40 -30.93 21.24
CA ARG L 39 -49.41 -30.58 20.21
C ARG L 39 -49.38 -29.07 19.99
N ASN L 40 -50.54 -28.47 19.77
CA ASN L 40 -50.65 -27.02 19.57
C ASN L 40 -52.08 -26.56 19.81
N PRO L 41 -52.28 -25.51 20.62
CA PRO L 41 -53.66 -25.05 20.88
C PRO L 41 -54.36 -24.48 19.68
N SER L 42 -53.63 -24.10 18.63
CA SER L 42 -54.25 -23.45 17.47
C SER L 42 -55.20 -24.40 16.75
N ILE L 43 -54.83 -25.68 16.64
CA ILE L 43 -55.61 -26.64 15.86
C ILE L 43 -56.90 -27.05 16.55
N LYS L 44 -57.15 -26.57 17.76
CA LYS L 44 -58.36 -26.95 18.51
C LYS L 44 -59.62 -26.57 17.75
N ASP L 45 -59.67 -25.33 17.24
CA ASP L 45 -60.90 -24.83 16.62
C ASP L 45 -61.29 -25.65 15.40
N THR L 46 -60.33 -26.30 14.76
CA THR L 46 -60.62 -27.12 13.59
C THR L 46 -60.68 -28.61 13.90
N VAL L 47 -60.16 -29.05 15.04
CA VAL L 47 -60.09 -30.47 15.32
C VAL L 47 -61.22 -30.90 16.24
N PHE L 48 -61.75 -29.97 17.04
CA PHE L 48 -62.84 -30.31 17.95
C PHE L 48 -64.12 -30.76 17.24
N PRO L 49 -64.61 -30.07 16.20
CA PRO L 49 -65.86 -30.54 15.56
C PRO L 49 -65.78 -31.95 15.02
N MET L 50 -64.63 -32.34 14.46
CA MET L 50 -64.54 -33.69 13.91
C MET L 50 -64.45 -34.72 15.04
N ALA L 51 -63.83 -34.36 16.17
CA ALA L 51 -63.86 -35.25 17.33
C ALA L 51 -65.29 -35.45 17.82
N ILE L 52 -66.08 -34.37 17.86
CA ILE L 52 -67.48 -34.48 18.26
C ILE L 52 -68.25 -35.36 17.29
N LEU L 53 -68.03 -35.15 15.98
CA LEU L 53 -68.71 -35.96 14.97
C LEU L 53 -68.31 -37.43 15.09
N GLY L 54 -67.05 -37.70 15.37
CA GLY L 54 -66.60 -39.07 15.52
C GLY L 54 -67.20 -39.75 16.73
N PHE L 55 -67.30 -39.02 17.85
CA PHE L 55 -68.00 -39.57 19.01
C PHE L 55 -69.47 -39.82 18.68
N ALA L 56 -70.09 -38.93 17.91
CA ALA L 56 -71.49 -39.11 17.52
C ALA L 56 -71.65 -40.37 16.68
N LEU L 57 -70.74 -40.60 15.73
CA LEU L 57 -70.82 -41.80 14.90
C LEU L 57 -70.57 -43.07 15.72
N SER L 58 -69.62 -43.02 16.66
CA SER L 58 -69.37 -44.17 17.53
C SER L 58 -70.59 -44.48 18.39
N GLU L 59 -71.21 -43.45 18.97
CA GLU L 59 -72.39 -43.66 19.78
C GLU L 59 -73.58 -44.10 18.93
N ALA L 60 -73.61 -43.71 17.65
CA ALA L 60 -74.64 -44.22 16.76
C ALA L 60 -74.43 -45.71 16.47
N THR L 61 -73.18 -46.13 16.29
CA THR L 61 -72.89 -47.55 16.13
C THR L 61 -73.31 -48.33 17.38
N GLY L 62 -73.05 -47.77 18.55
CA GLY L 62 -73.52 -48.42 19.78
C GLY L 62 -75.03 -48.43 19.89
N LEU L 63 -75.68 -47.34 19.48
CA LEU L 63 -77.14 -47.26 19.52
C LEU L 63 -77.78 -48.22 18.54
N PHE L 64 -77.07 -48.62 17.49
CA PHE L 64 -77.58 -49.67 16.62
C PHE L 64 -77.79 -50.96 17.40
N CYS L 65 -76.78 -51.40 18.14
CA CYS L 65 -76.92 -52.58 18.99
C CYS L 65 -77.96 -52.36 20.07
N LEU L 66 -78.01 -51.15 20.64
CA LEU L 66 -79.00 -50.87 21.67
C LEU L 66 -80.42 -51.02 21.12
N MET L 67 -80.66 -50.50 19.92
CA MET L 67 -81.99 -50.61 19.31
C MET L 67 -82.30 -52.06 18.94
N VAL L 68 -81.31 -52.80 18.46
CA VAL L 68 -81.56 -54.21 18.14
C VAL L 68 -81.91 -54.99 19.41
N SER L 69 -81.19 -54.73 20.50
CA SER L 69 -81.50 -55.37 21.77
C SER L 69 -82.88 -54.98 22.27
N PHE L 70 -83.26 -53.71 22.08
CA PHE L 70 -84.60 -53.27 22.46
C PHE L 70 -85.65 -54.01 21.65
N LEU L 71 -85.40 -54.22 20.36
CA LEU L 71 -86.29 -55.05 19.55
C LEU L 71 -86.35 -56.48 20.09
N LEU L 72 -85.24 -56.96 20.67
CA LEU L 72 -85.21 -58.24 21.35
C LEU L 72 -85.61 -58.13 22.81
N LEU L 73 -86.36 -57.09 23.18
CA LEU L 73 -86.83 -56.92 24.55
C LEU L 73 -88.32 -56.61 24.56
N PHE L 74 -88.83 -56.04 23.47
CA PHE L 74 -90.22 -55.66 23.37
C PHE L 74 -90.88 -56.25 22.13
N MET M 1 -90.97 -75.46 16.51
CA MET M 1 -90.37 -74.29 15.87
C MET M 1 -89.91 -73.27 16.91
N GLN M 2 -90.21 -73.53 18.17
CA GLN M 2 -89.80 -72.62 19.25
C GLN M 2 -88.29 -72.54 19.33
N LEU M 3 -87.60 -73.68 19.26
CA LEU M 3 -86.14 -73.68 19.34
C LEU M 3 -85.53 -72.95 18.15
N VAL M 4 -86.13 -73.08 16.98
CA VAL M 4 -85.59 -72.44 15.78
C VAL M 4 -85.61 -70.93 15.93
N LEU M 5 -86.75 -70.37 16.34
CA LEU M 5 -86.85 -68.93 16.55
C LEU M 5 -85.98 -68.47 17.71
N ALA M 6 -85.90 -69.29 18.75
CA ALA M 6 -85.03 -68.97 19.90
C ALA M 6 -83.59 -68.83 19.47
N ALA M 7 -83.10 -69.78 18.67
CA ALA M 7 -81.72 -69.70 18.20
C ALA M 7 -81.54 -68.62 17.16
N LYS M 8 -82.60 -68.29 16.41
CA LYS M 8 -82.53 -67.12 15.52
C LYS M 8 -82.26 -65.86 16.33
N TYR M 9 -83.00 -65.68 17.42
CA TYR M 9 -82.79 -64.52 18.29
C TYR M 9 -81.39 -64.53 18.89
N ILE M 10 -80.94 -65.69 19.37
CA ILE M 10 -79.60 -65.78 19.95
C ILE M 10 -78.54 -65.43 18.91
N GLY M 11 -78.66 -66.00 17.72
CA GLY M 11 -77.68 -65.75 16.67
C GLY M 11 -77.63 -64.29 16.26
N ALA M 12 -78.80 -63.65 16.14
CA ALA M 12 -78.82 -62.23 15.83
C ALA M 12 -78.19 -61.40 16.93
N GLY M 13 -78.51 -61.72 18.20
CA GLY M 13 -77.95 -60.97 19.31
C GLY M 13 -76.44 -61.05 19.36
N ILE M 14 -75.89 -62.24 19.10
CA ILE M 14 -74.43 -62.39 19.12
C ILE M 14 -73.81 -61.87 17.83
N SER M 15 -74.59 -61.84 16.74
CA SER M 15 -74.07 -61.29 15.49
C SER M 15 -74.00 -59.78 15.53
N THR M 16 -74.76 -59.15 16.43
CA THR M 16 -74.69 -57.70 16.57
C THR M 16 -73.33 -57.22 17.07
N ILE M 17 -72.45 -58.14 17.48
CA ILE M 17 -71.16 -57.75 18.04
C ILE M 17 -70.33 -56.98 17.02
N GLY M 18 -70.58 -57.17 15.72
CA GLY M 18 -69.76 -56.54 14.71
C GLY M 18 -69.76 -55.02 14.79
N LEU M 19 -70.78 -54.44 15.41
CA LEU M 19 -70.76 -53.00 15.63
C LEU M 19 -69.67 -52.59 16.62
N LEU M 20 -69.22 -53.52 17.48
CA LEU M 20 -68.02 -53.26 18.28
C LEU M 20 -66.84 -52.94 17.38
N GLY M 21 -66.58 -53.81 16.41
CA GLY M 21 -65.51 -53.56 15.46
C GLY M 21 -65.76 -52.32 14.61
N ALA M 22 -67.02 -52.09 14.25
CA ALA M 22 -67.34 -50.90 13.46
C ALA M 22 -67.01 -49.62 14.22
N GLY M 23 -67.44 -49.52 15.48
CA GLY M 23 -67.15 -48.34 16.26
C GLY M 23 -65.67 -48.18 16.55
N ILE M 24 -65.01 -49.27 16.93
CA ILE M 24 -63.57 -49.20 17.19
C ILE M 24 -62.84 -48.77 15.92
N GLY M 25 -63.33 -49.20 14.76
CA GLY M 25 -62.65 -48.86 13.53
C GLY M 25 -62.85 -47.41 13.11
N ILE M 26 -64.10 -46.95 13.11
CA ILE M 26 -64.36 -45.57 12.76
C ILE M 26 -63.60 -44.65 13.71
N ALA M 27 -63.55 -45.00 15.00
CA ALA M 27 -62.88 -44.12 15.95
C ALA M 27 -61.36 -44.20 15.84
N ILE M 28 -60.81 -45.35 15.45
CA ILE M 28 -59.38 -45.41 15.17
C ILE M 28 -59.05 -44.48 14.01
N VAL M 29 -59.88 -44.50 12.97
CA VAL M 29 -59.67 -43.61 11.83
C VAL M 29 -59.76 -42.14 12.26
N PHE M 30 -60.77 -41.82 13.07
CA PHE M 30 -60.93 -40.44 13.53
C PHE M 30 -59.75 -40.00 14.39
N ALA M 31 -59.28 -40.88 15.26
CA ALA M 31 -58.14 -40.56 16.12
C ALA M 31 -56.89 -40.29 15.30
N ALA M 32 -56.64 -41.14 14.29
CA ALA M 32 -55.49 -40.90 13.43
C ALA M 32 -55.62 -39.61 12.66
N LEU M 33 -56.82 -39.30 12.16
CA LEU M 33 -57.01 -38.04 11.45
C LEU M 33 -56.77 -36.85 12.37
N ILE M 34 -57.24 -36.94 13.61
CA ILE M 34 -57.03 -35.86 14.58
C ILE M 34 -55.55 -35.65 14.81
N ASN M 35 -54.81 -36.74 15.02
CA ASN M 35 -53.37 -36.62 15.24
C ASN M 35 -52.68 -36.02 14.02
N GLY M 36 -53.06 -36.46 12.82
CA GLY M 36 -52.43 -35.94 11.61
C GLY M 36 -52.70 -34.46 11.39
N VAL M 37 -53.95 -34.04 11.57
CA VAL M 37 -54.28 -32.64 11.33
C VAL M 37 -53.67 -31.75 12.41
N SER M 38 -53.54 -32.27 13.64
CA SER M 38 -52.89 -31.48 14.67
C SER M 38 -51.40 -31.35 14.43
N ARG M 39 -50.75 -32.43 13.97
CA ARG M 39 -49.32 -32.36 13.68
C ARG M 39 -49.03 -31.37 12.56
N ASN M 40 -49.84 -31.39 11.50
CA ASN M 40 -49.72 -30.43 10.40
C ASN M 40 -51.12 -29.99 9.97
N PRO M 41 -51.42 -28.70 10.04
CA PRO M 41 -52.74 -28.23 9.61
C PRO M 41 -52.93 -28.20 8.10
N SER M 42 -51.85 -28.09 7.33
CA SER M 42 -51.98 -27.89 5.89
C SER M 42 -52.52 -29.13 5.18
N ILE M 43 -52.20 -30.31 5.70
CA ILE M 43 -52.56 -31.56 5.03
C ILE M 43 -54.02 -31.93 5.17
N LYS M 44 -54.83 -31.10 5.85
CA LYS M 44 -56.20 -31.47 6.16
C LYS M 44 -57.01 -31.71 4.88
N ASP M 45 -56.82 -30.86 3.87
CA ASP M 45 -57.60 -30.99 2.64
C ASP M 45 -57.30 -32.30 1.91
N THR M 46 -56.10 -32.85 2.09
CA THR M 46 -55.75 -34.10 1.41
C THR M 46 -55.97 -35.32 2.30
N VAL M 47 -56.11 -35.14 3.61
CA VAL M 47 -56.30 -36.29 4.49
C VAL M 47 -57.75 -36.46 4.94
N PHE M 48 -58.61 -35.46 4.76
CA PHE M 48 -60.01 -35.59 5.14
C PHE M 48 -60.75 -36.67 4.35
N PRO M 49 -60.70 -36.69 3.01
CA PRO M 49 -61.42 -37.76 2.29
C PRO M 49 -60.91 -39.15 2.63
N MET M 50 -59.62 -39.27 2.96
CA MET M 50 -59.07 -40.55 3.39
C MET M 50 -59.78 -41.08 4.64
N ALA M 51 -59.90 -40.23 5.66
CA ALA M 51 -60.57 -40.64 6.88
C ALA M 51 -62.06 -40.86 6.65
N ILE M 52 -62.66 -40.06 5.77
CA ILE M 52 -64.06 -40.25 5.45
C ILE M 52 -64.28 -41.63 4.83
N LEU M 53 -63.41 -42.01 3.89
CA LEU M 53 -63.52 -43.32 3.27
C LEU M 53 -63.30 -44.45 4.28
N GLY M 54 -62.30 -44.29 5.15
CA GLY M 54 -62.07 -45.30 6.17
C GLY M 54 -63.25 -45.49 7.10
N PHE M 55 -63.83 -44.38 7.56
CA PHE M 55 -65.03 -44.44 8.38
C PHE M 55 -66.18 -45.09 7.63
N ALA M 56 -66.34 -44.77 6.34
CA ALA M 56 -67.41 -45.35 5.54
C ALA M 56 -67.25 -46.87 5.46
N LEU M 57 -66.03 -47.35 5.23
CA LEU M 57 -65.82 -48.79 5.12
C LEU M 57 -66.03 -49.49 6.47
N SER M 58 -65.58 -48.87 7.57
CA SER M 58 -65.79 -49.49 8.87
C SER M 58 -67.27 -49.55 9.24
N GLU M 59 -68.01 -48.46 9.03
CA GLU M 59 -69.44 -48.49 9.28
C GLU M 59 -70.15 -49.40 8.28
N ALA M 60 -69.58 -49.62 7.11
CA ALA M 60 -70.13 -50.60 6.18
C ALA M 60 -70.00 -52.01 6.72
N THR M 61 -68.85 -52.33 7.32
CA THR M 61 -68.71 -53.63 7.98
C THR M 61 -69.71 -53.75 9.12
N GLY M 62 -69.89 -52.68 9.89
CA GLY M 62 -70.89 -52.69 10.95
C GLY M 62 -72.29 -52.91 10.42
N LEU M 63 -72.62 -52.27 9.29
CA LEU M 63 -73.91 -52.49 8.65
C LEU M 63 -74.06 -53.91 8.15
N PHE M 64 -72.96 -54.52 7.68
CA PHE M 64 -73.01 -55.93 7.28
C PHE M 64 -73.39 -56.81 8.47
N CYS M 65 -72.76 -56.57 9.63
CA CYS M 65 -73.11 -57.33 10.82
C CYS M 65 -74.55 -57.08 11.26
N LEU M 66 -74.98 -55.82 11.21
CA LEU M 66 -76.37 -55.49 11.57
C LEU M 66 -77.35 -56.18 10.64
N MET M 67 -77.02 -56.24 9.35
CA MET M 67 -77.92 -56.85 8.38
C MET M 67 -77.94 -58.37 8.57
N VAL M 68 -76.81 -58.95 8.96
CA VAL M 68 -76.78 -60.37 9.33
C VAL M 68 -77.71 -60.63 10.50
N SER M 69 -77.65 -59.75 11.52
CA SER M 69 -78.56 -59.88 12.65
C SER M 69 -80.01 -59.75 12.21
N PHE M 70 -80.29 -58.80 11.31
CA PHE M 70 -81.66 -58.57 10.86
C PHE M 70 -82.19 -59.77 10.07
N LEU M 71 -81.35 -60.38 9.23
CA LEU M 71 -81.79 -61.55 8.47
C LEU M 71 -81.90 -62.78 9.36
N LEU M 72 -81.12 -62.84 10.44
CA LEU M 72 -81.33 -63.90 11.41
C LEU M 72 -82.66 -63.70 12.15
N LEU M 73 -83.04 -62.44 12.40
CA LEU M 73 -84.28 -62.16 13.09
C LEU M 73 -85.49 -62.44 12.21
N PHE M 74 -85.60 -61.74 11.09
CA PHE M 74 -86.80 -61.77 10.25
C PHE M 74 -86.72 -62.78 9.11
N GLY M 75 -85.64 -63.53 8.99
CA GLY M 75 -85.51 -64.50 7.93
C GLY M 75 -84.95 -65.84 8.38
N MET N 1 -84.92 -81.55 12.25
CA MET N 1 -84.79 -80.29 11.55
C MET N 1 -84.98 -79.10 12.50
N GLN N 2 -84.81 -79.35 13.79
CA GLN N 2 -84.99 -78.33 14.81
C GLN N 2 -83.66 -77.96 15.48
N LEU N 3 -82.95 -78.94 16.03
CA LEU N 3 -81.67 -78.63 16.67
C LEU N 3 -80.59 -78.29 15.65
N VAL N 4 -80.62 -78.94 14.49
CA VAL N 4 -79.62 -78.68 13.47
C VAL N 4 -79.73 -77.25 12.95
N LEU N 5 -80.96 -76.79 12.67
CA LEU N 5 -81.15 -75.42 12.23
C LEU N 5 -80.78 -74.42 13.33
N ALA N 6 -81.12 -74.76 14.58
CA ALA N 6 -80.80 -73.89 15.70
C ALA N 6 -79.29 -73.69 15.82
N ALA N 7 -78.54 -74.80 15.83
CA ALA N 7 -77.10 -74.69 15.92
C ALA N 7 -76.50 -74.10 14.65
N LYS N 8 -77.19 -74.24 13.51
CA LYS N 8 -76.74 -73.57 12.30
C LYS N 8 -76.76 -72.06 12.46
N TYR N 9 -77.86 -71.53 12.98
CA TYR N 9 -77.95 -70.10 13.25
C TYR N 9 -76.94 -69.67 14.30
N ILE N 10 -76.78 -70.48 15.35
CA ILE N 10 -75.82 -70.16 16.41
C ILE N 10 -74.40 -70.09 15.84
N GLY N 11 -74.02 -71.08 15.04
CA GLY N 11 -72.70 -71.07 14.43
C GLY N 11 -72.52 -69.93 13.44
N ALA N 12 -73.59 -69.56 12.73
CA ALA N 12 -73.52 -68.38 11.88
C ALA N 12 -73.19 -67.14 12.69
N GLY N 13 -73.79 -67.00 13.87
CA GLY N 13 -73.43 -65.90 14.75
C GLY N 13 -71.99 -65.98 15.24
N ILE N 14 -71.56 -67.17 15.69
CA ILE N 14 -70.20 -67.35 16.16
C ILE N 14 -69.17 -67.14 15.06
N SER N 15 -69.58 -67.22 13.80
CA SER N 15 -68.69 -66.91 12.68
C SER N 15 -68.72 -65.44 12.33
N THR N 16 -69.89 -64.80 12.37
CA THR N 16 -69.96 -63.36 12.14
C THR N 16 -69.32 -62.55 13.26
N ILE N 17 -69.02 -63.17 14.39
CA ILE N 17 -68.29 -62.46 15.45
C ILE N 17 -66.95 -61.94 14.95
N GLY N 18 -66.41 -62.55 13.88
CA GLY N 18 -65.05 -62.28 13.44
C GLY N 18 -64.86 -61.01 12.64
N LEU N 19 -65.93 -60.37 12.18
CA LEU N 19 -65.79 -59.15 11.40
C LEU N 19 -65.27 -57.97 12.23
N LEU N 20 -65.26 -58.11 13.56
CA LEU N 20 -64.66 -57.09 14.43
C LEU N 20 -63.19 -56.90 14.10
N GLY N 21 -62.46 -58.02 13.93
CA GLY N 21 -61.06 -57.92 13.60
C GLY N 21 -60.82 -57.28 12.25
N ALA N 22 -61.64 -57.61 11.26
CA ALA N 22 -61.51 -56.99 9.94
C ALA N 22 -61.78 -55.49 10.01
N GLY N 23 -62.78 -55.09 10.78
CA GLY N 23 -63.08 -53.67 10.92
C GLY N 23 -61.95 -52.91 11.57
N ILE N 24 -61.48 -53.40 12.74
CA ILE N 24 -60.37 -52.74 13.40
C ILE N 24 -59.12 -52.80 12.53
N GLY N 25 -59.03 -53.80 11.65
CA GLY N 25 -57.86 -53.92 10.81
C GLY N 25 -57.81 -52.89 9.69
N ILE N 26 -58.91 -52.78 8.94
CA ILE N 26 -58.98 -51.71 7.94
C ILE N 26 -58.82 -50.36 8.62
N ALA N 27 -59.32 -50.24 9.85
CA ALA N 27 -59.16 -49.01 10.61
C ALA N 27 -57.70 -48.69 10.87
N ILE N 28 -56.94 -49.64 11.41
CA ILE N 28 -55.56 -49.36 11.76
C ILE N 28 -54.71 -49.17 10.51
N VAL N 29 -55.07 -49.84 9.41
CA VAL N 29 -54.37 -49.60 8.15
C VAL N 29 -54.57 -48.16 7.69
N PHE N 30 -55.84 -47.72 7.65
CA PHE N 30 -56.11 -46.33 7.26
C PHE N 30 -55.49 -45.35 8.26
N ALA N 31 -55.39 -45.76 9.53
CA ALA N 31 -54.85 -44.89 10.56
C ALA N 31 -53.37 -44.66 10.36
N ALA N 32 -52.61 -45.73 10.15
CA ALA N 32 -51.19 -45.57 9.85
C ALA N 32 -51.00 -44.86 8.52
N LEU N 33 -51.91 -45.05 7.57
CA LEU N 33 -51.84 -44.31 6.31
C LEU N 33 -51.97 -42.80 6.56
N ILE N 34 -52.93 -42.42 7.41
CA ILE N 34 -53.12 -41.01 7.77
C ILE N 34 -51.87 -40.48 8.45
N ASN N 35 -51.32 -41.24 9.40
CA ASN N 35 -50.13 -40.77 10.11
C ASN N 35 -48.94 -40.63 9.17
N GLY N 36 -48.78 -41.57 8.24
CA GLY N 36 -47.68 -41.50 7.29
C GLY N 36 -47.77 -40.31 6.36
N VAL N 37 -48.96 -40.07 5.79
CA VAL N 37 -49.11 -38.90 4.94
C VAL N 37 -49.01 -37.62 5.76
N SER N 38 -49.27 -37.73 7.07
CA SER N 38 -49.12 -36.58 7.95
C SER N 38 -47.66 -36.22 8.15
N ARG N 39 -46.82 -37.21 8.44
CA ARG N 39 -45.40 -36.94 8.65
C ARG N 39 -44.74 -36.43 7.37
N ASN N 40 -45.10 -36.99 6.23
CA ASN N 40 -44.58 -36.55 4.93
C ASN N 40 -45.71 -36.47 3.93
N PRO N 41 -46.20 -35.27 3.58
CA PRO N 41 -47.19 -35.16 2.51
C PRO N 41 -46.79 -35.85 1.22
N SER N 42 -45.50 -35.85 0.88
CA SER N 42 -45.04 -36.29 -0.44
C SER N 42 -45.09 -37.80 -0.64
N ILE N 43 -45.26 -38.58 0.42
CA ILE N 43 -45.28 -40.04 0.30
C ILE N 43 -46.67 -40.60 0.05
N LYS N 44 -47.66 -39.74 -0.21
CA LYS N 44 -49.04 -40.17 -0.34
C LYS N 44 -49.20 -41.14 -1.51
N ASP N 45 -48.64 -40.79 -2.67
CA ASP N 45 -48.79 -41.61 -3.86
C ASP N 45 -48.15 -42.99 -3.69
N THR N 46 -47.24 -43.14 -2.74
CA THR N 46 -46.59 -44.41 -2.47
C THR N 46 -47.27 -45.21 -1.37
N VAL N 47 -47.87 -44.54 -0.38
CA VAL N 47 -48.43 -45.25 0.76
C VAL N 47 -49.91 -45.53 0.58
N PHE N 48 -50.57 -44.84 -0.35
CA PHE N 48 -51.96 -45.15 -0.68
C PHE N 48 -52.17 -46.59 -1.17
N PRO N 49 -51.38 -47.12 -2.12
CA PRO N 49 -51.76 -48.39 -2.74
C PRO N 49 -51.67 -49.58 -1.80
N MET N 50 -50.57 -49.73 -1.06
CA MET N 50 -50.48 -50.85 -0.14
C MET N 50 -51.44 -50.68 1.04
N ALA N 51 -51.84 -49.44 1.34
CA ALA N 51 -52.85 -49.23 2.37
C ALA N 51 -54.22 -49.73 1.91
N ILE N 52 -54.63 -49.38 0.69
CA ILE N 52 -55.89 -49.94 0.21
C ILE N 52 -55.76 -51.43 -0.03
N LEU N 53 -54.54 -51.91 -0.30
CA LEU N 53 -54.29 -53.35 -0.31
C LEU N 53 -54.62 -53.99 1.03
N GLY N 54 -54.09 -53.43 2.11
CA GLY N 54 -54.37 -53.98 3.43
C GLY N 54 -55.84 -53.89 3.79
N PHE N 55 -56.49 -52.78 3.41
CA PHE N 55 -57.93 -52.68 3.60
C PHE N 55 -58.66 -53.80 2.86
N ALA N 56 -58.29 -54.06 1.61
CA ALA N 56 -58.94 -55.12 0.84
C ALA N 56 -58.71 -56.48 1.47
N LEU N 57 -57.49 -56.73 1.94
CA LEU N 57 -57.18 -58.02 2.55
C LEU N 57 -57.98 -58.23 3.85
N SER N 58 -58.06 -57.20 4.69
CA SER N 58 -58.84 -57.32 5.92
C SER N 58 -60.33 -57.47 5.61
N GLU N 59 -60.83 -56.73 4.63
CA GLU N 59 -62.23 -56.89 4.23
C GLU N 59 -62.50 -58.28 3.70
N ALA N 60 -61.52 -58.86 2.99
CA ALA N 60 -61.68 -60.23 2.51
C ALA N 60 -61.68 -61.22 3.66
N THR N 61 -60.90 -60.95 4.71
CA THR N 61 -60.98 -61.80 5.90
C THR N 61 -62.36 -61.71 6.55
N GLY N 62 -62.89 -60.49 6.66
CA GLY N 62 -64.24 -60.31 7.18
C GLY N 62 -65.28 -61.03 6.33
N LEU N 63 -65.08 -61.02 5.01
CA LEU N 63 -65.99 -61.75 4.13
C LEU N 63 -65.76 -63.26 4.16
N PHE N 64 -64.57 -63.72 4.56
CA PHE N 64 -64.41 -65.13 4.89
C PHE N 64 -65.30 -65.50 6.07
N CYS N 65 -65.29 -64.66 7.10
CA CYS N 65 -66.20 -64.88 8.23
C CYS N 65 -67.65 -64.87 7.77
N LEU N 66 -67.99 -63.92 6.90
CA LEU N 66 -69.35 -63.82 6.38
C LEU N 66 -69.73 -65.04 5.56
N MET N 67 -68.80 -65.57 4.78
CA MET N 67 -69.06 -66.79 4.01
C MET N 67 -69.26 -67.98 4.93
N VAL N 68 -68.47 -68.10 5.98
CA VAL N 68 -68.68 -69.18 6.95
C VAL N 68 -70.05 -69.05 7.58
N SER N 69 -70.49 -67.83 7.84
CA SER N 69 -71.84 -67.63 8.36
C SER N 69 -72.91 -68.00 7.33
N PHE N 70 -72.66 -67.68 6.06
CA PHE N 70 -73.70 -67.80 5.04
C PHE N 70 -73.97 -69.25 4.65
N LEU N 71 -72.93 -70.09 4.61
CA LEU N 71 -73.17 -71.51 4.43
C LEU N 71 -73.97 -72.10 5.58
N LEU N 72 -73.94 -71.45 6.74
CA LEU N 72 -74.83 -71.76 7.85
C LEU N 72 -76.11 -70.94 7.81
N LEU N 73 -76.45 -70.38 6.65
CA LEU N 73 -77.74 -69.69 6.47
C LEU N 73 -78.48 -70.08 5.20
N PHE N 74 -77.80 -70.54 4.15
CA PHE N 74 -78.46 -70.90 2.90
C PHE N 74 -77.78 -72.10 2.26
N MET O 1 -77.46 -88.31 16.20
CA MET O 1 -76.76 -87.85 15.01
C MET O 1 -77.05 -86.37 14.79
N GLN O 2 -78.28 -85.96 15.11
CA GLN O 2 -78.67 -84.56 14.95
C GLN O 2 -77.84 -83.66 15.86
N LEU O 3 -77.62 -84.09 17.10
CA LEU O 3 -76.76 -83.32 18.00
C LEU O 3 -75.32 -83.28 17.50
N VAL O 4 -74.87 -84.36 16.84
CA VAL O 4 -73.51 -84.39 16.31
C VAL O 4 -73.35 -83.33 15.22
N LEU O 5 -74.30 -83.24 14.29
CA LEU O 5 -74.23 -82.22 13.25
C LEU O 5 -74.42 -80.82 13.84
N ALA O 6 -75.26 -80.70 14.86
CA ALA O 6 -75.44 -79.41 15.53
C ALA O 6 -74.13 -78.93 16.13
N ALA O 7 -73.41 -79.83 16.82
CA ALA O 7 -72.12 -79.44 17.39
C ALA O 7 -71.07 -79.25 16.32
N LYS O 8 -71.18 -79.96 15.20
CA LYS O 8 -70.33 -79.68 14.05
C LYS O 8 -70.48 -78.22 13.62
N TYR O 9 -71.72 -77.77 13.47
CA TYR O 9 -71.97 -76.39 13.07
C TYR O 9 -71.50 -75.40 14.13
N ILE O 10 -71.72 -75.73 15.41
CA ILE O 10 -71.28 -74.84 16.49
C ILE O 10 -69.76 -74.73 16.49
N GLY O 11 -69.05 -75.84 16.35
CA GLY O 11 -67.60 -75.80 16.31
C GLY O 11 -67.07 -75.09 15.09
N ALA O 12 -67.75 -75.23 13.94
CA ALA O 12 -67.37 -74.48 12.76
C ALA O 12 -67.54 -72.98 13.00
N GLY O 13 -68.61 -72.58 13.68
CA GLY O 13 -68.78 -71.18 14.02
C GLY O 13 -67.69 -70.67 14.94
N ILE O 14 -67.35 -71.46 15.97
CA ILE O 14 -66.29 -71.06 16.90
C ILE O 14 -64.93 -71.03 16.22
N SER O 15 -64.72 -71.87 15.21
CA SER O 15 -63.43 -71.90 14.52
C SER O 15 -63.12 -70.61 13.80
N THR O 16 -64.13 -69.80 13.47
CA THR O 16 -63.94 -68.58 12.72
C THR O 16 -63.57 -67.39 13.61
N ILE O 17 -63.64 -67.54 14.94
CA ILE O 17 -63.30 -66.44 15.82
C ILE O 17 -61.82 -66.08 15.70
N GLY O 18 -60.97 -67.09 15.52
CA GLY O 18 -59.54 -66.87 15.40
C GLY O 18 -59.12 -66.11 14.17
N LEU O 19 -60.01 -65.92 13.20
CA LEU O 19 -59.66 -65.24 11.97
C LEU O 19 -59.52 -63.73 12.17
N LEU O 20 -60.26 -63.17 13.14
CA LEU O 20 -60.14 -61.74 13.41
C LEU O 20 -58.72 -61.38 13.84
N GLY O 21 -58.04 -62.29 14.55
CA GLY O 21 -56.64 -62.08 14.86
C GLY O 21 -55.77 -62.01 13.62
N ALA O 22 -56.04 -62.89 12.65
CA ALA O 22 -55.30 -62.84 11.39
C ALA O 22 -55.54 -61.51 10.67
N GLY O 23 -56.80 -61.05 10.66
CA GLY O 23 -57.09 -59.78 10.01
C GLY O 23 -56.37 -58.60 10.67
N ILE O 24 -56.49 -58.50 11.99
CA ILE O 24 -55.81 -57.41 12.69
C ILE O 24 -54.30 -57.56 12.57
N GLY O 25 -53.81 -58.79 12.41
CA GLY O 25 -52.38 -58.99 12.27
C GLY O 25 -51.85 -58.50 10.94
N ILE O 26 -52.49 -58.91 9.85
CA ILE O 26 -52.08 -58.39 8.54
C ILE O 26 -52.23 -56.88 8.52
N ALA O 27 -53.24 -56.36 9.21
CA ALA O 27 -53.47 -54.92 9.22
C ALA O 27 -52.37 -54.17 9.95
N ILE O 28 -51.96 -54.67 11.13
CA ILE O 28 -50.88 -53.99 11.85
C ILE O 28 -49.56 -54.18 11.12
N VAL O 29 -49.39 -55.28 10.40
CA VAL O 29 -48.21 -55.45 9.56
C VAL O 29 -48.15 -54.35 8.51
N PHE O 30 -49.26 -54.13 7.79
CA PHE O 30 -49.28 -53.08 6.78
C PHE O 30 -49.21 -51.69 7.41
N ALA O 31 -49.72 -51.53 8.63
CA ALA O 31 -49.61 -50.26 9.33
C ALA O 31 -48.17 -49.92 9.64
N ALA O 32 -47.41 -50.89 10.16
CA ALA O 32 -46.00 -50.68 10.39
C ALA O 32 -45.25 -50.46 9.09
N LEU O 33 -45.69 -51.12 8.02
CA LEU O 33 -45.07 -50.89 6.72
C LEU O 33 -45.30 -49.45 6.25
N ILE O 34 -46.52 -48.93 6.47
CA ILE O 34 -46.79 -47.53 6.15
C ILE O 34 -45.87 -46.63 6.95
N ASN O 35 -45.74 -46.88 8.26
CA ASN O 35 -44.90 -46.04 9.10
C ASN O 35 -43.44 -46.11 8.67
N GLY O 36 -42.97 -47.30 8.29
CA GLY O 36 -41.60 -47.44 7.84
C GLY O 36 -41.33 -46.73 6.53
N VAL O 37 -42.27 -46.82 5.59
CA VAL O 37 -42.13 -46.08 4.34
C VAL O 37 -42.14 -44.58 4.62
N SER O 38 -42.94 -44.15 5.60
CA SER O 38 -42.94 -42.75 6.00
C SER O 38 -41.58 -42.32 6.53
N ARG O 39 -40.98 -43.14 7.38
CA ARG O 39 -39.67 -42.81 7.94
C ARG O 39 -38.57 -42.95 6.89
N ASN O 40 -38.59 -44.05 6.14
CA ASN O 40 -37.56 -44.32 5.13
C ASN O 40 -38.24 -44.73 3.82
N PRO O 41 -38.60 -43.76 2.98
CA PRO O 41 -39.19 -44.11 1.68
C PRO O 41 -38.29 -44.94 0.79
N SER O 42 -36.97 -44.76 0.89
CA SER O 42 -36.05 -45.46 0.01
C SER O 42 -35.93 -46.95 0.33
N ILE O 43 -36.39 -47.38 1.50
CA ILE O 43 -36.24 -48.78 1.92
C ILE O 43 -37.49 -49.57 1.54
N LYS O 44 -38.41 -48.92 0.82
CA LYS O 44 -39.67 -49.57 0.44
C LYS O 44 -39.41 -50.81 -0.43
N ASP O 45 -38.49 -50.70 -1.39
CA ASP O 45 -38.22 -51.82 -2.28
C ASP O 45 -37.67 -53.02 -1.53
N THR O 46 -36.81 -52.77 -0.53
CA THR O 46 -36.27 -53.88 0.26
C THR O 46 -37.29 -54.40 1.26
N VAL O 47 -38.23 -53.57 1.70
CA VAL O 47 -39.08 -53.91 2.83
C VAL O 47 -40.38 -54.57 2.39
N PHE O 48 -40.89 -54.26 1.20
CA PHE O 48 -42.17 -54.82 0.77
C PHE O 48 -42.20 -56.35 0.67
N PRO O 49 -41.17 -57.04 0.16
CA PRO O 49 -41.30 -58.51 0.00
C PRO O 49 -41.57 -59.27 1.30
N MET O 50 -40.80 -59.04 2.36
CA MET O 50 -41.10 -59.78 3.57
C MET O 50 -42.31 -59.20 4.29
N ALA O 51 -42.75 -58.01 3.90
CA ALA O 51 -44.09 -57.56 4.29
C ALA O 51 -45.17 -58.47 3.71
N ILE O 52 -45.02 -58.81 2.42
CA ILE O 52 -45.91 -59.79 1.81
C ILE O 52 -45.79 -61.13 2.52
N LEU O 53 -44.56 -61.48 2.92
CA LEU O 53 -44.35 -62.73 3.65
C LEU O 53 -45.11 -62.75 4.98
N GLY O 54 -45.06 -61.65 5.73
CA GLY O 54 -45.81 -61.58 6.98
C GLY O 54 -47.31 -61.64 6.77
N PHE O 55 -47.80 -60.94 5.74
CA PHE O 55 -49.21 -61.09 5.38
C PHE O 55 -49.54 -62.54 5.06
N ALA O 56 -48.66 -63.22 4.34
CA ALA O 56 -48.90 -64.61 3.99
C ALA O 56 -48.98 -65.48 5.23
N LEU O 57 -48.09 -65.25 6.20
CA LEU O 57 -48.13 -66.06 7.42
C LEU O 57 -49.41 -65.82 8.22
N SER O 58 -49.81 -64.56 8.39
CA SER O 58 -51.02 -64.29 9.16
C SER O 58 -52.26 -64.80 8.45
N GLU O 59 -52.36 -64.59 7.14
CA GLU O 59 -53.43 -65.17 6.36
C GLU O 59 -53.40 -66.69 6.38
N ALA O 60 -52.21 -67.29 6.51
CA ALA O 60 -52.11 -68.73 6.68
C ALA O 60 -52.71 -69.17 8.00
N THR O 61 -52.48 -68.42 9.08
CA THR O 61 -53.15 -68.74 10.34
C THR O 61 -54.66 -68.66 10.19
N GLY O 62 -55.13 -67.59 9.56
CA GLY O 62 -56.56 -67.47 9.29
C GLY O 62 -57.09 -68.62 8.46
N LEU O 63 -56.28 -69.10 7.52
CA LEU O 63 -56.71 -70.20 6.65
C LEU O 63 -56.66 -71.55 7.35
N PHE O 64 -55.76 -71.75 8.31
CA PHE O 64 -55.86 -72.91 9.19
C PHE O 64 -57.19 -72.89 9.95
N CYS O 65 -57.56 -71.72 10.47
CA CYS O 65 -58.86 -71.61 11.13
C CYS O 65 -60.00 -71.93 10.16
N LEU O 66 -59.93 -71.38 8.95
CA LEU O 66 -60.98 -71.59 7.95
C LEU O 66 -61.07 -73.05 7.54
N MET O 67 -59.93 -73.71 7.35
CA MET O 67 -59.93 -75.12 6.96
C MET O 67 -60.41 -76.01 8.10
N VAL O 68 -60.09 -75.67 9.35
CA VAL O 68 -60.64 -76.41 10.47
C VAL O 68 -62.16 -76.30 10.47
N SER O 69 -62.68 -75.09 10.26
CA SER O 69 -64.14 -74.93 10.17
C SER O 69 -64.71 -75.73 9.00
N PHE O 70 -64.04 -75.70 7.85
CA PHE O 70 -64.54 -76.38 6.66
C PHE O 70 -64.60 -77.89 6.87
N LEU O 71 -63.55 -78.48 7.46
CA LEU O 71 -63.57 -79.90 7.72
C LEU O 71 -64.55 -80.26 8.83
N LEU O 72 -64.81 -79.32 9.75
CA LEU O 72 -65.88 -79.52 10.73
C LEU O 72 -67.24 -79.55 10.04
N LEU O 73 -67.41 -78.79 8.96
CA LEU O 73 -68.67 -78.79 8.24
C LEU O 73 -68.80 -80.02 7.34
N PHE O 74 -67.89 -80.18 6.39
CA PHE O 74 -67.92 -81.32 5.48
C PHE O 74 -66.70 -82.21 5.69
N PHE P 1 -70.72 -84.18 -9.90
CA PHE P 1 -71.83 -83.25 -10.09
C PHE P 1 -71.77 -82.60 -11.47
N TYR P 2 -72.37 -81.41 -11.59
CA TYR P 2 -72.35 -80.66 -12.84
C TYR P 2 -71.07 -79.83 -12.91
N PHE P 3 -69.96 -80.55 -13.06
CA PHE P 3 -68.64 -79.94 -13.12
C PHE P 3 -68.00 -79.98 -14.50
N MET P 4 -68.40 -80.90 -15.36
CA MET P 4 -67.79 -81.03 -16.68
C MET P 4 -68.53 -80.15 -17.69
N ASN P 5 -68.78 -78.90 -17.28
CA ASN P 5 -69.33 -77.89 -18.19
C ASN P 5 -68.66 -76.54 -18.06
N GLN P 6 -68.01 -76.22 -16.94
CA GLN P 6 -67.44 -74.89 -16.71
C GLN P 6 -65.98 -74.90 -16.32
N LEU P 7 -65.45 -76.00 -15.78
CA LEU P 7 -64.07 -76.00 -15.31
C LEU P 7 -63.09 -76.21 -16.47
N THR P 8 -63.22 -77.32 -17.19
CA THR P 8 -62.39 -77.55 -18.37
C THR P 8 -62.70 -76.52 -19.46
N TYR P 9 -63.97 -76.16 -19.62
CA TYR P 9 -64.33 -75.10 -20.54
C TYR P 9 -63.71 -73.78 -20.11
N GLY P 10 -63.71 -73.50 -18.80
CA GLY P 10 -63.06 -72.29 -18.32
C GLY P 10 -61.57 -72.29 -18.55
N PHE P 11 -60.92 -73.46 -18.43
CA PHE P 11 -59.50 -73.57 -18.73
C PHE P 11 -59.22 -73.29 -20.19
N LEU P 12 -60.01 -73.87 -21.09
CA LEU P 12 -59.86 -73.55 -22.50
C LEU P 12 -60.07 -72.06 -22.73
N LEU P 13 -61.02 -71.46 -22.00
CA LEU P 13 -61.30 -70.04 -22.15
C LEU P 13 -60.13 -69.17 -21.73
N MET P 14 -59.55 -69.44 -20.56
CA MET P 14 -58.47 -68.53 -20.15
C MET P 14 -57.20 -68.81 -20.95
N ILE P 15 -57.02 -70.04 -21.44
CA ILE P 15 -55.91 -70.31 -22.35
C ILE P 15 -56.05 -69.48 -23.63
N THR P 16 -57.22 -69.53 -24.26
CA THR P 16 -57.39 -68.79 -25.52
C THR P 16 -57.38 -67.30 -25.28
N LEU P 17 -57.88 -66.84 -24.13
CA LEU P 17 -57.85 -65.42 -23.81
C LEU P 17 -56.42 -64.94 -23.57
N LEU P 18 -55.62 -65.74 -22.87
CA LEU P 18 -54.21 -65.41 -22.68
C LEU P 18 -53.48 -65.34 -24.01
N ILE P 19 -53.74 -66.31 -24.89
CA ILE P 19 -53.10 -66.31 -26.20
C ILE P 19 -53.49 -65.06 -26.98
N LEU P 20 -54.79 -64.78 -27.05
CA LEU P 20 -55.26 -63.61 -27.81
C LEU P 20 -54.68 -62.32 -27.26
N PHE P 21 -54.72 -62.16 -25.94
CA PHE P 21 -54.14 -60.98 -25.30
C PHE P 21 -52.67 -60.82 -25.66
N SER P 22 -51.86 -61.80 -25.30
CA SER P 22 -50.41 -61.68 -25.45
C SER P 22 -50.00 -61.54 -26.90
N GLN P 23 -50.75 -62.12 -27.84
CA GLN P 23 -50.35 -62.06 -29.23
C GLN P 23 -50.92 -60.87 -29.98
N PHE P 24 -51.99 -60.24 -29.46
CA PHE P 24 -52.64 -59.14 -30.16
C PHE P 24 -52.53 -57.81 -29.44
N PHE P 25 -53.01 -57.75 -28.19
CA PHE P 25 -53.30 -56.46 -27.56
C PHE P 25 -52.07 -55.81 -26.93
N LEU P 26 -51.28 -56.60 -26.18
CA LEU P 26 -50.01 -56.08 -25.69
C LEU P 26 -49.10 -55.58 -26.81
N PRO P 27 -48.99 -56.25 -27.97
CA PRO P 27 -48.20 -55.68 -29.06
C PRO P 27 -48.68 -54.32 -29.54
N MET P 28 -49.98 -54.01 -29.50
CA MET P 28 -50.40 -52.66 -29.88
C MET P 28 -49.85 -51.61 -28.91
N ILE P 29 -49.91 -51.88 -27.61
CA ILE P 29 -49.38 -50.92 -26.65
C ILE P 29 -47.88 -50.79 -26.80
N LEU P 30 -47.19 -51.91 -27.02
CA LEU P 30 -45.76 -51.86 -27.27
C LEU P 30 -45.44 -51.06 -28.52
N ARG P 31 -46.23 -51.24 -29.58
CA ARG P 31 -46.00 -50.53 -30.83
C ARG P 31 -46.20 -49.03 -30.67
N LEU P 32 -47.26 -48.63 -29.97
CA LEU P 32 -47.47 -47.21 -29.75
C LEU P 32 -46.37 -46.62 -28.87
N TYR P 33 -45.93 -47.38 -27.85
CA TYR P 33 -44.82 -46.91 -27.02
C TYR P 33 -43.56 -46.69 -27.83
N VAL P 34 -43.19 -47.68 -28.66
CA VAL P 34 -41.93 -47.56 -29.41
C VAL P 34 -42.06 -46.50 -30.50
N SER P 35 -43.25 -46.33 -31.08
CA SER P 35 -43.45 -45.28 -32.07
C SER P 35 -43.31 -43.89 -31.44
N ARG P 36 -43.91 -43.69 -30.27
CA ARG P 36 -43.77 -42.42 -29.57
C ARG P 36 -42.32 -42.18 -29.19
N LEU P 37 -41.61 -43.23 -28.75
CA LEU P 37 -40.19 -43.10 -28.43
C LEU P 37 -39.38 -42.71 -29.66
N PHE P 38 -39.67 -43.34 -30.81
CA PHE P 38 -38.90 -43.10 -32.01
C PHE P 38 -39.12 -41.69 -32.55
N ILE P 39 -40.39 -41.27 -32.66
CA ILE P 39 -40.64 -39.94 -33.20
C ILE P 39 -40.41 -38.86 -32.16
N SER P 40 -40.21 -39.24 -30.89
CA SER P 40 -39.80 -38.28 -29.87
C SER P 40 -38.28 -38.14 -29.83
N LYS P 41 -37.55 -39.23 -30.10
CA LYS P 41 -36.10 -39.21 -30.09
C LYS P 41 -35.56 -38.56 -31.37
N LEU Q 1 -75.03 -75.01 -24.87
CA LEU Q 1 -74.46 -73.86 -24.16
C LEU Q 1 -75.26 -73.53 -22.91
N THR Q 2 -74.62 -73.71 -21.75
CA THR Q 2 -75.25 -73.43 -20.47
C THR Q 2 -75.09 -71.94 -20.13
N THR Q 3 -75.57 -71.56 -18.94
CA THR Q 3 -75.46 -70.17 -18.51
C THR Q 3 -74.00 -69.72 -18.43
N PHE Q 4 -73.13 -70.57 -17.89
CA PHE Q 4 -71.71 -70.23 -17.81
C PHE Q 4 -71.11 -70.02 -19.19
N SER Q 5 -71.47 -70.87 -20.15
CA SER Q 5 -70.93 -70.76 -21.49
C SER Q 5 -71.32 -69.44 -22.15
N LEU Q 6 -72.60 -69.07 -22.05
CA LEU Q 6 -73.04 -67.82 -22.65
C LEU Q 6 -72.44 -66.63 -21.92
N TYR Q 7 -72.33 -66.70 -20.59
CA TYR Q 7 -71.69 -65.62 -19.84
C TYR Q 7 -70.25 -65.42 -20.29
N THR Q 8 -69.50 -66.52 -20.45
CA THR Q 8 -68.10 -66.42 -20.84
C THR Q 8 -67.95 -65.94 -22.28
N ILE Q 9 -68.82 -66.39 -23.18
CA ILE Q 9 -68.71 -65.93 -24.56
C ILE Q 9 -69.07 -64.45 -24.66
N ILE Q 10 -70.05 -63.99 -23.88
CA ILE Q 10 -70.38 -62.56 -23.85
C ILE Q 10 -69.22 -61.76 -23.27
N VAL Q 11 -68.59 -62.29 -22.22
CA VAL Q 11 -67.44 -61.62 -21.62
C VAL Q 11 -66.30 -61.50 -22.63
N LEU Q 12 -66.03 -62.58 -23.36
CA LEU Q 12 -64.98 -62.53 -24.37
C LEU Q 12 -65.32 -61.54 -25.48
N LEU Q 13 -66.57 -61.52 -25.92
CA LEU Q 13 -66.97 -60.60 -26.97
C LEU Q 13 -66.81 -59.15 -26.52
N VAL Q 14 -67.26 -58.83 -25.30
CA VAL Q 14 -67.18 -57.44 -24.84
C VAL Q 14 -65.72 -57.06 -24.58
N ILE Q 15 -64.92 -57.98 -24.06
CA ILE Q 15 -63.53 -57.65 -23.76
C ILE Q 15 -62.74 -57.43 -25.05
N THR Q 16 -63.03 -58.22 -26.09
CA THR Q 16 -62.34 -58.00 -27.36
C THR Q 16 -62.88 -56.77 -28.08
N SER Q 17 -64.15 -56.41 -27.85
CA SER Q 17 -64.69 -55.18 -28.41
C SER Q 17 -64.07 -53.96 -27.76
N LEU Q 18 -63.73 -54.07 -26.47
CA LEU Q 18 -63.10 -52.95 -25.77
C LEU Q 18 -61.73 -52.59 -26.33
N TYR Q 19 -61.10 -53.47 -27.11
CA TYR Q 19 -59.79 -53.17 -27.69
C TYR Q 19 -59.85 -53.08 -29.22
N THR Q 20 -60.30 -54.14 -29.91
CA THR Q 20 -60.23 -54.12 -31.37
C THR Q 20 -61.34 -53.26 -31.98
N LEU Q 21 -62.44 -53.04 -31.26
CA LEU Q 21 -63.51 -52.20 -31.78
C LEU Q 21 -63.45 -50.77 -31.25
N THR Q 22 -62.67 -50.51 -30.20
CA THR Q 22 -62.45 -49.15 -29.76
C THR Q 22 -61.69 -48.35 -30.81
N ASN Q 23 -60.71 -48.99 -31.45
CA ASN Q 23 -59.91 -48.36 -32.51
C ASN Q 23 -60.78 -48.24 -33.76
N ASN Q 24 -61.25 -47.03 -34.04
CA ASN Q 24 -61.98 -46.79 -35.28
C ASN Q 24 -61.10 -47.04 -36.49
N ASN Q 25 -59.88 -46.46 -36.48
CA ASN Q 25 -58.89 -46.75 -37.51
C ASN Q 25 -57.49 -46.85 -36.93
N ASN Q 26 -57.37 -47.00 -35.60
CA ASN Q 26 -56.10 -47.20 -34.90
C ASN Q 26 -55.13 -46.05 -35.18
N LYS Q 27 -55.53 -44.88 -34.72
CA LYS Q 27 -54.70 -43.68 -34.84
C LYS Q 27 -53.64 -43.65 -33.75
N ILE Q 28 -52.72 -42.70 -33.89
CA ILE Q 28 -51.67 -42.49 -32.89
C ILE Q 28 -52.11 -41.55 -31.77
N ILE Q 29 -53.32 -40.99 -31.85
CA ILE Q 29 -53.78 -40.06 -30.83
C ILE Q 29 -53.94 -40.75 -29.48
N GLY Q 30 -54.39 -42.01 -29.48
CA GLY Q 30 -54.57 -42.71 -28.23
C GLY Q 30 -55.74 -42.17 -27.42
N SER Q 31 -56.96 -42.41 -27.89
CA SER Q 31 -58.16 -41.80 -27.33
C SER Q 31 -58.40 -42.18 -25.87
N ARG Q 32 -59.46 -41.65 -25.28
CA ARG Q 32 -59.67 -41.77 -23.84
C ARG Q 32 -59.76 -43.23 -23.41
N TRP Q 33 -60.47 -44.07 -24.16
CA TRP Q 33 -60.46 -45.49 -23.86
C TRP Q 33 -59.12 -46.11 -24.19
N LEU Q 34 -58.51 -45.66 -25.29
CA LEU Q 34 -57.15 -46.11 -25.62
C LEU Q 34 -56.17 -45.70 -24.54
N ILE Q 35 -56.28 -44.47 -24.03
CA ILE Q 35 -55.37 -44.05 -22.97
C ILE Q 35 -55.68 -44.77 -21.66
N SER Q 36 -56.93 -45.18 -21.45
CA SER Q 36 -57.24 -45.98 -20.27
C SER Q 36 -56.57 -47.36 -20.36
N GLN Q 37 -56.64 -47.99 -21.53
CA GLN Q 37 -55.94 -49.25 -21.73
C GLN Q 37 -54.43 -49.07 -21.57
N GLU Q 38 -53.90 -47.96 -22.08
CA GLU Q 38 -52.48 -47.67 -21.93
C GLU Q 38 -52.09 -47.52 -20.46
N ALA Q 39 -52.92 -46.82 -19.69
CA ALA Q 39 -52.65 -46.67 -18.26
C ALA Q 39 -52.68 -48.01 -17.55
N ILE Q 40 -53.66 -48.86 -17.89
CA ILE Q 40 -53.72 -50.19 -17.27
C ILE Q 40 -52.48 -51.00 -17.61
N TYR Q 41 -52.06 -50.96 -18.87
CA TYR Q 41 -50.85 -51.68 -19.27
C TYR Q 41 -49.65 -51.19 -18.49
N ASP Q 42 -49.51 -49.87 -18.36
CA ASP Q 42 -48.37 -49.29 -17.65
C ASP Q 42 -48.40 -49.67 -16.18
N THR Q 43 -49.58 -49.66 -15.57
CA THR Q 43 -49.70 -50.06 -14.18
C THR Q 43 -49.31 -51.53 -13.98
N ILE Q 44 -49.81 -52.43 -14.84
CA ILE Q 44 -49.47 -53.85 -14.67
C ILE Q 44 -47.97 -54.08 -14.91
N MET Q 45 -47.41 -53.40 -15.91
CA MET Q 45 -45.98 -53.53 -16.20
C MET Q 45 -45.13 -53.03 -15.04
N ASN Q 46 -45.60 -52.00 -14.32
CA ASN Q 46 -44.82 -51.56 -13.17
C ASN Q 46 -45.11 -52.37 -11.90
N MET Q 47 -46.29 -53.02 -11.76
CA MET Q 47 -46.32 -54.15 -10.82
C MET Q 47 -45.18 -55.12 -11.12
N THR Q 48 -45.06 -55.51 -12.38
CA THR Q 48 -44.07 -56.53 -12.73
C THR Q 48 -42.67 -56.07 -12.40
N LYS Q 49 -42.33 -54.83 -12.77
CA LYS Q 49 -41.00 -54.31 -12.48
C LYS Q 49 -40.74 -54.20 -10.99
N GLY Q 50 -41.70 -53.67 -10.24
CA GLY Q 50 -41.48 -53.45 -8.82
C GLY Q 50 -41.42 -54.73 -8.01
N GLN Q 51 -42.21 -55.73 -8.37
CA GLN Q 51 -42.37 -56.90 -7.51
C GLN Q 51 -41.70 -58.16 -8.03
N ILE Q 52 -41.36 -58.26 -9.31
CA ILE Q 52 -40.65 -59.45 -9.77
C ILE Q 52 -39.45 -59.02 -10.61
N GLY Q 53 -39.17 -57.73 -10.62
CA GLY Q 53 -38.16 -57.20 -11.52
C GLY Q 53 -36.74 -57.57 -11.10
N GLY Q 54 -35.83 -57.44 -12.06
CA GLY Q 54 -34.41 -57.54 -11.81
C GLY Q 54 -33.65 -58.35 -12.85
N LYS Q 55 -34.23 -59.45 -13.34
CA LYS Q 55 -33.70 -60.06 -14.55
C LYS Q 55 -34.80 -60.42 -15.56
N ASN Q 56 -35.94 -60.90 -15.07
CA ASN Q 56 -36.93 -61.54 -15.95
C ASN Q 56 -38.35 -61.10 -15.64
N TRP Q 57 -38.57 -59.84 -15.27
CA TRP Q 57 -39.93 -59.37 -15.04
C TRP Q 57 -40.73 -59.36 -16.34
N GLY Q 58 -40.14 -58.87 -17.43
CA GLY Q 58 -40.89 -58.74 -18.67
C GLY Q 58 -41.46 -60.06 -19.14
N LEU Q 59 -40.71 -61.15 -18.95
CA LEU Q 59 -41.17 -62.47 -19.38
C LEU Q 59 -42.47 -62.85 -18.69
N TYR Q 60 -42.61 -62.50 -17.42
CA TYR Q 60 -43.77 -62.90 -16.63
C TYR Q 60 -44.84 -61.83 -16.52
N PHE Q 61 -44.61 -60.64 -17.09
CA PHE Q 61 -45.65 -59.61 -17.13
C PHE Q 61 -46.94 -60.07 -17.82
N PRO Q 62 -46.90 -60.76 -18.97
CA PRO Q 62 -48.16 -61.05 -19.68
C PRO Q 62 -49.19 -61.84 -18.89
N MET Q 63 -48.80 -62.82 -18.07
CA MET Q 63 -49.83 -63.53 -17.31
C MET Q 63 -50.45 -62.62 -16.26
N ILE Q 64 -49.64 -61.75 -15.65
CA ILE Q 64 -50.17 -60.76 -14.73
C ILE Q 64 -51.22 -59.90 -15.44
N PHE Q 65 -50.89 -59.43 -16.64
CA PHE Q 65 -51.80 -58.60 -17.41
C PHE Q 65 -53.10 -59.34 -17.71
N THR Q 66 -52.98 -60.58 -18.22
CA THR Q 66 -54.17 -61.31 -18.65
C THR Q 66 -55.05 -61.67 -17.47
N LEU Q 67 -54.46 -62.10 -16.35
CA LEU Q 67 -55.24 -62.39 -15.17
C LEU Q 67 -55.91 -61.13 -14.65
N PHE Q 68 -55.22 -59.99 -14.70
CA PHE Q 68 -55.81 -58.73 -14.28
C PHE Q 68 -57.03 -58.39 -15.12
N MET Q 69 -56.93 -58.51 -16.45
CA MET Q 69 -58.08 -58.18 -17.30
C MET Q 69 -59.21 -59.17 -17.12
N PHE Q 70 -58.90 -60.46 -16.95
CA PHE Q 70 -59.96 -61.45 -16.74
C PHE Q 70 -60.71 -61.17 -15.46
N ILE Q 71 -59.98 -60.88 -14.38
CA ILE Q 71 -60.63 -60.58 -13.10
C ILE Q 71 -61.37 -59.25 -13.18
N PHE Q 72 -60.83 -58.29 -13.92
CA PHE Q 72 -61.49 -57.01 -14.09
C PHE Q 72 -62.83 -57.17 -14.80
N ILE Q 73 -62.86 -57.94 -15.89
CA ILE Q 73 -64.11 -58.14 -16.61
C ILE Q 73 -65.07 -59.00 -15.81
N ALA Q 74 -64.56 -59.93 -14.98
CA ALA Q 74 -65.44 -60.70 -14.12
C ALA Q 74 -66.08 -59.82 -13.04
N ASN Q 75 -65.30 -58.91 -12.46
CA ASN Q 75 -65.81 -58.07 -11.38
C ASN Q 75 -66.71 -56.97 -11.93
N LEU Q 76 -66.46 -56.52 -13.15
CA LEU Q 76 -67.32 -55.49 -13.75
C LEU Q 76 -68.74 -55.99 -13.91
N ILE Q 77 -68.92 -57.22 -14.39
CA ILE Q 77 -70.25 -57.84 -14.43
C ILE Q 77 -70.42 -58.58 -13.11
N SER Q 78 -70.70 -57.81 -12.06
CA SER Q 78 -71.08 -58.35 -10.76
C SER Q 78 -72.21 -57.59 -10.09
N MET Q 79 -72.45 -56.33 -10.47
CA MET Q 79 -73.38 -55.44 -9.79
C MET Q 79 -74.66 -55.22 -10.57
N ILE Q 80 -74.69 -55.61 -11.85
CA ILE Q 80 -75.90 -55.49 -12.66
C ILE Q 80 -77.01 -56.29 -11.99
N PRO Q 81 -78.24 -55.80 -11.92
CA PRO Q 81 -79.28 -56.50 -11.15
C PRO Q 81 -79.47 -57.95 -11.55
N TYR Q 82 -79.37 -58.27 -12.83
CA TYR Q 82 -79.44 -59.65 -13.30
C TYR Q 82 -78.12 -60.39 -13.18
N SER Q 83 -77.00 -59.68 -13.15
CA SER Q 83 -75.67 -60.27 -13.28
C SER Q 83 -75.48 -61.46 -12.34
N PHE Q 84 -75.22 -62.62 -12.93
CA PHE Q 84 -74.96 -63.84 -12.19
C PHE Q 84 -73.45 -64.02 -12.10
N ALA Q 85 -72.96 -64.39 -10.91
CA ALA Q 85 -71.54 -64.46 -10.66
C ALA Q 85 -70.90 -65.68 -11.32
N LEU Q 86 -70.93 -65.72 -12.65
CA LEU Q 86 -70.33 -66.81 -13.44
C LEU Q 86 -70.83 -68.17 -12.95
N SER Q 87 -72.14 -68.37 -13.11
CA SER Q 87 -72.89 -69.54 -12.66
C SER Q 87 -72.95 -69.66 -11.15
N ALA Q 88 -72.41 -68.69 -10.40
CA ALA Q 88 -72.54 -68.62 -8.95
C ALA Q 88 -72.02 -69.87 -8.25
N HIS Q 89 -70.93 -70.43 -8.77
CA HIS Q 89 -70.20 -71.49 -8.09
C HIS Q 89 -68.87 -71.03 -7.51
N LEU Q 90 -68.19 -70.12 -8.20
CA LEU Q 90 -66.97 -69.47 -7.72
C LEU Q 90 -65.83 -70.45 -7.50
N VAL Q 91 -66.04 -71.74 -7.81
CA VAL Q 91 -64.97 -72.72 -7.73
C VAL Q 91 -63.92 -72.47 -8.81
N PHE Q 92 -64.26 -71.67 -9.82
CA PHE Q 92 -63.30 -71.32 -10.86
C PHE Q 92 -62.11 -70.56 -10.29
N ILE Q 93 -62.37 -69.65 -9.35
CA ILE Q 93 -61.28 -68.91 -8.72
C ILE Q 93 -60.39 -69.84 -7.91
N ILE Q 94 -60.99 -70.81 -7.23
CA ILE Q 94 -60.21 -71.80 -6.49
C ILE Q 94 -59.33 -72.60 -7.45
N SER Q 95 -59.89 -73.01 -8.60
CA SER Q 95 -59.11 -73.75 -9.58
C SER Q 95 -57.95 -72.90 -10.11
N LEU Q 96 -58.20 -71.61 -10.35
CA LEU Q 96 -57.14 -70.71 -10.79
C LEU Q 96 -56.04 -70.60 -9.75
N SER Q 97 -56.42 -70.46 -8.48
CA SER Q 97 -55.42 -70.38 -7.41
C SER Q 97 -54.60 -71.65 -7.33
N ILE Q 98 -55.26 -72.81 -7.42
CA ILE Q 98 -54.56 -74.08 -7.32
C ILE Q 98 -53.60 -74.26 -8.49
N VAL Q 99 -54.05 -73.94 -9.72
CA VAL Q 99 -53.18 -74.13 -10.87
C VAL Q 99 -52.01 -73.15 -10.84
N ILE Q 100 -52.23 -71.93 -10.35
CA ILE Q 100 -51.13 -70.98 -10.28
C ILE Q 100 -50.11 -71.42 -9.24
N TRP Q 101 -50.58 -71.91 -8.09
CA TRP Q 101 -49.65 -72.43 -7.08
C TRP Q 101 -48.87 -73.63 -7.62
N LEU Q 102 -49.54 -74.52 -8.34
CA LEU Q 102 -48.86 -75.67 -8.91
C LEU Q 102 -47.82 -75.23 -9.94
N GLY Q 103 -48.16 -74.25 -10.78
CA GLY Q 103 -47.19 -73.76 -11.74
C GLY Q 103 -46.00 -73.09 -11.09
N ASN Q 104 -46.24 -72.32 -10.03
CA ASN Q 104 -45.13 -71.70 -9.29
C ASN Q 104 -44.23 -72.76 -8.66
N THR Q 105 -44.82 -73.80 -8.08
CA THR Q 105 -44.00 -74.87 -7.50
C THR Q 105 -43.21 -75.61 -8.57
N ILE Q 106 -43.82 -75.86 -9.73
CA ILE Q 106 -43.10 -76.52 -10.81
C ILE Q 106 -41.95 -75.65 -11.30
N LEU Q 107 -42.18 -74.34 -11.42
CA LEU Q 107 -41.12 -73.43 -11.82
C LEU Q 107 -39.98 -73.42 -10.80
N GLY Q 108 -40.32 -73.44 -9.51
CA GLY Q 108 -39.30 -73.47 -8.48
C GLY Q 108 -38.49 -74.76 -8.51
N LEU Q 109 -39.16 -75.89 -8.69
CA LEU Q 109 -38.47 -77.17 -8.78
C LEU Q 109 -37.69 -77.33 -10.08
N TYR Q 110 -38.02 -76.54 -11.10
CA TYR Q 110 -37.28 -76.61 -12.36
C TYR Q 110 -36.05 -75.71 -12.32
N LYS Q 111 -36.20 -74.46 -11.88
CA LYS Q 111 -35.09 -73.52 -11.87
C LYS Q 111 -34.18 -73.68 -10.67
N HIS Q 112 -34.61 -74.39 -9.63
CA HIS Q 112 -33.79 -74.56 -8.44
C HIS Q 112 -33.62 -76.02 -8.07
N GLY Q 113 -34.63 -76.84 -8.32
CA GLY Q 113 -34.55 -78.24 -7.95
C GLY Q 113 -34.58 -78.41 -6.45
N TRP Q 114 -33.58 -79.12 -5.92
CA TRP Q 114 -33.51 -79.35 -4.48
C TRP Q 114 -33.24 -78.06 -3.71
N VAL Q 115 -32.70 -77.03 -4.37
CA VAL Q 115 -32.45 -75.76 -3.71
C VAL Q 115 -33.76 -75.10 -3.28
N PHE Q 116 -34.88 -75.46 -3.90
CA PHE Q 116 -36.17 -74.91 -3.49
C PHE Q 116 -36.47 -75.23 -2.03
N PHE Q 117 -36.00 -76.37 -1.54
CA PHE Q 117 -36.17 -76.71 -0.13
C PHE Q 117 -35.38 -75.79 0.78
N SER Q 118 -34.34 -75.12 0.27
CA SER Q 118 -33.58 -74.18 1.09
C SER Q 118 -34.34 -72.88 1.31
N LEU Q 119 -35.42 -72.64 0.57
CA LEU Q 119 -36.22 -71.44 0.78
C LEU Q 119 -36.89 -71.43 2.15
N PHE Q 120 -37.07 -72.60 2.76
CA PHE Q 120 -37.66 -72.68 4.09
C PHE Q 120 -36.72 -72.15 5.18
N VAL Q 121 -35.45 -71.91 4.84
CA VAL Q 121 -34.45 -71.43 5.80
C VAL Q 121 -33.84 -70.15 5.24
N PRO Q 122 -34.52 -69.00 5.34
CA PRO Q 122 -34.03 -67.79 4.68
C PRO Q 122 -32.66 -67.31 5.14
N ALA Q 123 -32.52 -66.98 6.42
CA ALA Q 123 -31.28 -66.40 6.93
C ALA Q 123 -30.63 -67.23 8.02
N GLY Q 124 -31.35 -67.53 9.09
CA GLY Q 124 -30.77 -68.20 10.24
C GLY Q 124 -31.44 -69.52 10.56
N THR Q 125 -32.05 -69.62 11.75
CA THR Q 125 -32.80 -70.79 12.19
C THR Q 125 -31.97 -72.06 12.08
N PRO Q 126 -31.01 -72.28 12.98
CA PRO Q 126 -30.12 -73.44 12.86
C PRO Q 126 -30.83 -74.78 13.05
N LEU Q 127 -30.04 -75.85 13.05
CA LEU Q 127 -30.60 -77.20 13.03
C LEU Q 127 -31.66 -77.49 14.09
N PRO Q 128 -31.53 -77.06 15.35
CA PRO Q 128 -32.62 -77.34 16.32
C PRO Q 128 -33.97 -76.80 15.90
N LEU Q 129 -34.01 -75.70 15.14
CA LEU Q 129 -35.26 -75.10 14.70
C LEU Q 129 -35.54 -75.31 13.21
N VAL Q 130 -34.70 -76.07 12.51
CA VAL Q 130 -34.90 -76.27 11.07
C VAL Q 130 -36.21 -77.03 10.78
N PRO Q 131 -36.50 -78.17 11.42
CA PRO Q 131 -37.77 -78.86 11.09
C PRO Q 131 -39.00 -78.00 11.35
N LEU Q 132 -38.99 -77.23 12.44
CA LEU Q 132 -40.12 -76.35 12.71
C LEU Q 132 -40.27 -75.31 11.61
N LEU Q 133 -39.16 -74.71 11.19
CA LEU Q 133 -39.22 -73.70 10.13
C LEU Q 133 -39.73 -74.29 8.82
N VAL Q 134 -39.24 -75.48 8.44
CA VAL Q 134 -39.66 -76.05 7.17
C VAL Q 134 -41.13 -76.45 7.22
N ILE Q 135 -41.59 -76.96 8.36
CA ILE Q 135 -43.00 -77.30 8.50
C ILE Q 135 -43.86 -76.05 8.39
N ILE Q 136 -43.44 -74.98 9.07
CA ILE Q 136 -44.22 -73.74 9.07
C ILE Q 136 -44.30 -73.15 7.67
N GLU Q 137 -43.17 -73.13 6.95
CA GLU Q 137 -43.19 -72.55 5.61
C GLU Q 137 -43.93 -73.43 4.62
N THR Q 138 -43.84 -74.76 4.77
CA THR Q 138 -44.63 -75.64 3.91
C THR Q 138 -46.13 -75.44 4.13
N LEU Q 139 -46.55 -75.31 5.39
CA LEU Q 139 -47.96 -75.05 5.66
C LEU Q 139 -48.38 -73.67 5.16
N SER Q 140 -47.48 -72.68 5.25
CA SER Q 140 -47.79 -71.35 4.72
C SER Q 140 -47.98 -71.40 3.21
N TYR Q 141 -47.13 -72.17 2.51
CA TYR Q 141 -47.29 -72.31 1.06
C TYR Q 141 -48.56 -73.08 0.71
N PHE Q 142 -48.90 -74.09 1.51
CA PHE Q 142 -50.16 -74.80 1.30
C PHE Q 142 -51.35 -73.86 1.48
N ALA Q 143 -51.29 -72.98 2.47
CA ALA Q 143 -52.33 -71.97 2.64
C ALA Q 143 -52.36 -71.00 1.46
N ARG Q 144 -51.18 -70.62 0.96
CA ARG Q 144 -51.10 -69.77 -0.22
C ARG Q 144 -51.79 -70.42 -1.41
N ALA Q 145 -51.69 -71.75 -1.51
CA ALA Q 145 -52.32 -72.46 -2.62
C ALA Q 145 -53.82 -72.22 -2.68
N ILE Q 146 -54.46 -72.01 -1.53
CA ILE Q 146 -55.89 -71.74 -1.47
C ILE Q 146 -56.21 -70.28 -1.19
N SER Q 147 -55.20 -69.45 -0.94
CA SER Q 147 -55.44 -68.06 -0.56
C SER Q 147 -56.16 -67.29 -1.67
N LEU Q 148 -55.74 -67.46 -2.92
CA LEU Q 148 -56.20 -66.58 -3.99
C LEU Q 148 -57.66 -66.85 -4.35
N GLY Q 149 -58.06 -68.12 -4.43
CA GLY Q 149 -59.43 -68.45 -4.77
C GLY Q 149 -60.40 -68.08 -3.66
N LEU Q 150 -60.16 -68.64 -2.48
CA LEU Q 150 -60.91 -68.27 -1.27
C LEU Q 150 -60.44 -66.87 -0.88
N ARG Q 151 -60.90 -65.90 -1.66
CA ARG Q 151 -60.53 -64.50 -1.54
C ARG Q 151 -61.41 -63.75 -2.54
N LEU Q 152 -61.01 -63.74 -3.81
CA LEU Q 152 -61.85 -63.12 -4.83
C LEU Q 152 -63.17 -63.86 -4.97
N GLY Q 153 -63.14 -65.19 -5.02
CA GLY Q 153 -64.38 -65.94 -5.12
C GLY Q 153 -65.28 -65.72 -3.91
N SER Q 154 -64.69 -65.74 -2.71
CA SER Q 154 -65.46 -65.54 -1.50
C SER Q 154 -66.09 -64.15 -1.46
N ASN Q 155 -65.33 -63.12 -1.82
CA ASN Q 155 -65.86 -61.76 -1.79
C ASN Q 155 -66.96 -61.58 -2.83
N ILE Q 156 -66.79 -62.14 -4.04
CA ILE Q 156 -67.82 -62.02 -5.06
C ILE Q 156 -69.10 -62.71 -4.61
N LEU Q 157 -68.97 -63.94 -4.08
CA LEU Q 157 -70.16 -64.67 -3.64
C LEU Q 157 -70.83 -63.98 -2.47
N ALA Q 158 -70.04 -63.45 -1.52
CA ALA Q 158 -70.61 -62.74 -0.39
C ALA Q 158 -71.33 -61.48 -0.83
N GLY Q 159 -70.75 -60.75 -1.78
CA GLY Q 159 -71.43 -59.58 -2.31
C GLY Q 159 -72.75 -59.93 -2.99
N HIS Q 160 -72.75 -61.00 -3.80
CA HIS Q 160 -73.99 -61.41 -4.45
C HIS Q 160 -75.04 -61.85 -3.44
N LEU Q 161 -74.62 -62.59 -2.41
CA LEU Q 161 -75.57 -63.06 -1.40
C LEU Q 161 -76.12 -61.88 -0.59
N LEU Q 162 -75.27 -60.92 -0.24
CA LEU Q 162 -75.76 -59.71 0.42
C LEU Q 162 -76.76 -58.99 -0.47
N MET Q 163 -76.46 -58.89 -1.77
CA MET Q 163 -77.37 -58.28 -2.73
C MET Q 163 -78.74 -58.95 -2.67
N VAL Q 164 -78.75 -60.28 -2.76
CA VAL Q 164 -80.00 -61.04 -2.81
C VAL Q 164 -80.78 -60.88 -1.50
N ILE Q 165 -80.09 -61.01 -0.37
CA ILE Q 165 -80.79 -60.97 0.91
C ILE Q 165 -81.33 -59.57 1.19
N LEU Q 166 -80.54 -58.53 0.87
CA LEU Q 166 -81.01 -57.17 1.00
C LEU Q 166 -82.26 -56.95 0.15
N ALA Q 167 -82.22 -57.35 -1.12
CA ALA Q 167 -83.38 -57.14 -1.99
C ALA Q 167 -84.59 -57.92 -1.48
N GLY Q 168 -84.37 -59.11 -0.93
CA GLY Q 168 -85.47 -59.89 -0.42
C GLY Q 168 -86.13 -59.29 0.81
N LEU Q 169 -85.32 -58.76 1.74
CA LEU Q 169 -85.86 -58.31 3.01
C LEU Q 169 -86.50 -56.94 2.97
N THR Q 170 -86.31 -56.17 1.89
CA THR Q 170 -87.00 -54.90 1.74
C THR Q 170 -88.14 -54.96 0.73
N PHE Q 171 -88.74 -56.15 0.53
CA PHE Q 171 -89.81 -56.31 -0.45
C PHE Q 171 -91.03 -55.46 -0.11
N ASN Q 172 -91.16 -55.02 1.14
CA ASN Q 172 -92.26 -54.19 1.57
C ASN Q 172 -91.88 -52.70 1.62
N PHE Q 173 -91.07 -52.27 0.65
CA PHE Q 173 -90.46 -50.93 0.71
C PHE Q 173 -91.51 -49.83 0.52
N MET Q 174 -92.34 -49.91 -0.52
CA MET Q 174 -93.62 -49.18 -0.51
C MET Q 174 -94.75 -50.04 -1.04
N LEU Q 175 -94.85 -51.28 -0.52
CA LEU Q 175 -95.94 -52.15 -0.93
C LEU Q 175 -97.22 -51.87 -0.15
N ILE Q 176 -97.17 -52.05 1.18
CA ILE Q 176 -98.35 -51.84 2.01
C ILE Q 176 -98.09 -50.97 3.22
N ASN Q 177 -96.84 -50.67 3.59
CA ASN Q 177 -96.58 -49.94 4.81
C ASN Q 177 -96.99 -48.47 4.68
N LEU Q 178 -97.28 -47.85 5.83
CA LEU Q 178 -97.58 -46.43 5.90
C LEU Q 178 -96.37 -45.60 6.32
N PHE Q 179 -95.29 -46.23 6.78
CA PHE Q 179 -94.09 -45.55 7.26
C PHE Q 179 -92.97 -45.60 6.22
N THR Q 180 -93.31 -45.45 4.94
CA THR Q 180 -92.35 -45.56 3.85
C THR Q 180 -91.68 -44.23 3.53
N LEU Q 181 -91.46 -43.39 4.54
CA LEU Q 181 -90.77 -42.11 4.35
C LEU Q 181 -89.27 -42.37 4.22
N VAL Q 182 -88.47 -41.31 4.29
CA VAL Q 182 -87.02 -41.43 4.12
C VAL Q 182 -86.42 -42.40 5.13
N PHE Q 183 -87.07 -42.55 6.29
CA PHE Q 183 -86.65 -43.59 7.24
C PHE Q 183 -86.79 -44.97 6.62
N GLY Q 184 -87.88 -45.21 5.89
CA GLY Q 184 -88.03 -46.44 5.13
C GLY Q 184 -87.24 -46.47 3.84
N PHE Q 185 -86.72 -45.33 3.39
CA PHE Q 185 -85.85 -45.26 2.23
C PHE Q 185 -84.38 -45.43 2.59
N VAL Q 186 -84.05 -45.44 3.87
CA VAL Q 186 -82.70 -45.71 4.37
C VAL Q 186 -82.20 -47.06 3.85
N PRO Q 187 -83.02 -48.13 3.80
CA PRO Q 187 -82.54 -49.36 3.17
C PRO Q 187 -82.06 -49.17 1.74
N LEU Q 188 -82.71 -48.30 0.97
CA LEU Q 188 -82.20 -47.97 -0.35
C LEU Q 188 -80.82 -47.34 -0.26
N ALA Q 189 -80.60 -46.51 0.77
CA ALA Q 189 -79.29 -45.90 0.95
C ALA Q 189 -78.23 -46.95 1.26
N MET Q 190 -78.55 -47.94 2.10
CA MET Q 190 -77.57 -48.99 2.37
C MET Q 190 -77.33 -49.87 1.14
N ILE Q 191 -78.36 -50.09 0.32
CA ILE Q 191 -78.16 -50.85 -0.91
C ILE Q 191 -77.23 -50.08 -1.86
N LEU Q 192 -77.41 -48.77 -1.96
CA LEU Q 192 -76.51 -47.94 -2.75
C LEU Q 192 -75.08 -48.00 -2.21
N ALA Q 193 -74.96 -47.95 -0.88
CA ALA Q 193 -73.65 -48.04 -0.25
C ALA Q 193 -72.98 -49.36 -0.59
N ILE Q 194 -73.72 -50.46 -0.55
CA ILE Q 194 -73.10 -51.76 -0.83
C ILE Q 194 -72.82 -51.90 -2.32
N MET Q 195 -73.57 -51.22 -3.19
CA MET Q 195 -73.16 -51.10 -4.59
C MET Q 195 -71.76 -50.52 -4.70
N MET Q 196 -71.55 -49.36 -4.07
CA MET Q 196 -70.23 -48.71 -4.14
C MET Q 196 -69.16 -49.57 -3.50
N LEU Q 197 -69.48 -50.21 -2.37
CA LEU Q 197 -68.52 -51.06 -1.69
C LEU Q 197 -68.13 -52.25 -2.54
N GLU Q 198 -69.11 -52.89 -3.19
CA GLU Q 198 -68.80 -54.04 -4.04
C GLU Q 198 -67.92 -53.63 -5.21
N PHE Q 199 -68.22 -52.48 -5.81
CA PHE Q 199 -67.37 -52.02 -6.93
C PHE Q 199 -65.94 -51.78 -6.48
N ALA Q 200 -65.77 -50.99 -5.41
CA ALA Q 200 -64.42 -50.67 -4.94
C ALA Q 200 -63.69 -51.93 -4.49
N ILE Q 201 -64.39 -52.83 -3.80
CA ILE Q 201 -63.78 -54.06 -3.32
C ILE Q 201 -63.33 -54.94 -4.48
N GLY Q 202 -64.17 -55.05 -5.52
CA GLY Q 202 -63.77 -55.83 -6.68
C GLY Q 202 -62.51 -55.30 -7.33
N ILE Q 203 -62.46 -53.97 -7.53
CA ILE Q 203 -61.28 -53.39 -8.19
C ILE Q 203 -60.03 -53.59 -7.31
N ILE Q 204 -60.13 -53.24 -6.03
CA ILE Q 204 -58.97 -53.31 -5.15
C ILE Q 204 -58.53 -54.75 -4.95
N GLN Q 205 -59.45 -55.71 -5.01
CA GLN Q 205 -59.05 -57.10 -4.86
C GLN Q 205 -58.51 -57.71 -6.16
N GLY Q 206 -58.89 -57.17 -7.32
CA GLY Q 206 -58.15 -57.48 -8.53
C GLY Q 206 -56.70 -57.02 -8.41
N TYR Q 207 -56.50 -55.81 -7.89
CA TYR Q 207 -55.15 -55.34 -7.62
C TYR Q 207 -54.44 -56.24 -6.59
N VAL Q 208 -55.18 -56.68 -5.57
CA VAL Q 208 -54.65 -57.62 -4.59
C VAL Q 208 -54.17 -58.90 -5.25
N TRP Q 209 -54.99 -59.47 -6.13
CA TRP Q 209 -54.62 -60.69 -6.84
C TRP Q 209 -53.37 -60.48 -7.66
N ALA Q 210 -53.29 -59.36 -8.37
CA ALA Q 210 -52.10 -59.10 -9.20
C ALA Q 210 -50.85 -59.02 -8.35
N ILE Q 211 -50.91 -58.27 -7.24
CA ILE Q 211 -49.71 -58.10 -6.42
C ILE Q 211 -49.35 -59.41 -5.72
N LEU Q 212 -50.34 -60.21 -5.33
CA LEU Q 212 -50.06 -61.48 -4.67
C LEU Q 212 -49.40 -62.46 -5.63
N THR Q 213 -49.92 -62.58 -6.86
CA THR Q 213 -49.29 -63.49 -7.80
C THR Q 213 -47.91 -62.99 -8.22
N ALA Q 214 -47.71 -61.68 -8.28
CA ALA Q 214 -46.38 -61.14 -8.53
C ALA Q 214 -45.41 -61.53 -7.41
N SER Q 215 -45.85 -61.38 -6.17
CA SER Q 215 -44.99 -61.74 -5.03
C SER Q 215 -44.67 -63.23 -5.04
N TYR Q 216 -45.67 -64.05 -5.36
CA TYR Q 216 -45.44 -65.49 -5.42
C TYR Q 216 -44.44 -65.84 -6.53
N LEU Q 217 -44.56 -65.20 -7.68
CA LEU Q 217 -43.61 -65.43 -8.76
C LEU Q 217 -42.20 -65.01 -8.37
N LYS Q 218 -42.08 -63.86 -7.67
CA LYS Q 218 -40.76 -63.43 -7.20
C LYS Q 218 -40.16 -64.43 -6.22
N ASP Q 219 -40.98 -64.94 -5.29
CA ASP Q 219 -40.49 -65.92 -4.34
C ASP Q 219 -40.06 -67.19 -5.05
N ALA Q 220 -40.78 -67.57 -6.11
CA ALA Q 220 -40.40 -68.75 -6.88
C ALA Q 220 -39.07 -68.54 -7.60
N VAL Q 221 -38.93 -67.44 -8.33
CA VAL Q 221 -37.73 -67.25 -9.16
C VAL Q 221 -36.53 -66.88 -8.29
N TYR Q 222 -36.73 -66.01 -7.30
CA TYR Q 222 -35.65 -65.49 -6.49
C TYR Q 222 -35.76 -66.08 -5.09
N LEU Q 223 -34.67 -66.71 -4.63
CA LEU Q 223 -34.63 -67.32 -3.31
C LEU Q 223 -33.96 -66.38 -2.33
N HIS Q 224 -34.63 -66.14 -1.20
CA HIS Q 224 -34.12 -65.23 -0.18
C HIS Q 224 -34.38 -65.77 1.22
N MET R 1 -54.08 -53.28 -39.19
CA MET R 1 -55.04 -53.21 -38.10
C MET R 1 -54.70 -54.23 -37.02
N LEU R 2 -54.91 -55.51 -37.33
CA LEU R 2 -54.66 -56.60 -36.39
C LEU R 2 -53.67 -57.57 -37.04
N LYS R 3 -52.59 -57.87 -36.32
CA LYS R 3 -51.56 -58.78 -36.79
C LYS R 3 -51.13 -59.71 -35.67
N ARG R 4 -50.57 -60.86 -36.07
CA ARG R 4 -50.14 -61.89 -35.13
C ARG R 4 -48.65 -61.71 -34.88
N PHE R 5 -48.29 -61.49 -33.61
CA PHE R 5 -46.90 -61.38 -33.18
C PHE R 5 -46.54 -62.55 -32.29
N PRO R 6 -45.54 -63.36 -32.65
CA PRO R 6 -45.26 -64.62 -31.92
C PRO R 6 -44.46 -64.45 -30.64
N THR R 7 -45.17 -64.09 -29.56
CA THR R 7 -44.57 -64.07 -28.24
C THR R 7 -44.49 -65.50 -27.69
N PRO R 8 -43.53 -65.78 -26.81
CA PRO R 8 -43.39 -67.13 -26.26
C PRO R 8 -44.59 -67.53 -25.40
N ILE R 9 -45.27 -68.59 -25.78
CA ILE R 9 -46.46 -69.05 -25.07
C ILE R 9 -46.18 -70.37 -24.36
N LEU R 10 -45.18 -71.10 -24.83
CA LEU R 10 -44.82 -72.39 -24.27
C LEU R 10 -43.40 -72.46 -23.72
N LYS R 11 -42.46 -71.72 -24.32
CA LYS R 11 -41.09 -71.72 -23.83
C LYS R 11 -41.00 -71.20 -22.40
N VAL R 12 -41.89 -70.29 -22.02
CA VAL R 12 -41.83 -69.66 -20.71
C VAL R 12 -43.04 -69.98 -19.85
N TYR R 13 -44.20 -70.28 -20.44
CA TYR R 13 -45.43 -70.52 -19.69
C TYR R 13 -45.79 -71.99 -19.63
N TRP R 14 -44.82 -72.88 -19.87
CA TRP R 14 -45.11 -74.32 -19.77
C TRP R 14 -45.55 -74.79 -18.39
N PRO R 15 -44.98 -74.33 -17.26
CA PRO R 15 -45.43 -74.89 -15.97
C PRO R 15 -46.90 -74.64 -15.68
N PHE R 16 -47.41 -73.46 -16.01
CA PHE R 16 -48.82 -73.18 -15.78
C PHE R 16 -49.72 -74.08 -16.64
N PHE R 17 -49.34 -74.27 -17.91
CA PHE R 17 -50.14 -75.12 -18.79
C PHE R 17 -50.13 -76.57 -18.32
N VAL R 18 -48.96 -77.08 -17.92
CA VAL R 18 -48.89 -78.47 -17.46
C VAL R 18 -49.64 -78.62 -16.13
N ALA R 19 -49.60 -77.60 -15.28
CA ALA R 19 -50.38 -77.63 -14.04
C ALA R 19 -51.87 -77.66 -14.34
N GLY R 20 -52.32 -76.88 -15.33
CA GLY R 20 -53.71 -76.92 -15.73
C GLY R 20 -54.13 -78.27 -16.27
N ALA R 21 -53.26 -78.88 -17.09
CA ALA R 21 -53.54 -80.22 -17.60
C ALA R 21 -53.64 -81.24 -16.48
N ALA R 22 -52.72 -81.16 -15.51
CA ALA R 22 -52.76 -82.08 -14.38
C ALA R 22 -54.01 -81.87 -13.53
N VAL R 23 -54.41 -80.62 -13.32
CA VAL R 23 -55.62 -80.34 -12.56
C VAL R 23 -56.84 -80.88 -13.28
N TYR R 24 -56.91 -80.70 -14.61
CA TYR R 24 -58.03 -81.23 -15.37
C TYR R 24 -58.07 -82.75 -15.31
N TYR R 25 -56.91 -83.40 -15.42
CA TYR R 25 -56.87 -84.86 -15.33
C TYR R 25 -57.31 -85.34 -13.96
N GLY R 26 -56.86 -84.68 -12.90
CA GLY R 26 -57.28 -85.05 -11.56
C GLY R 26 -58.77 -84.86 -11.34
N MET R 27 -59.32 -83.76 -11.88
CA MET R 27 -60.76 -83.54 -11.80
C MET R 27 -61.52 -84.63 -12.52
N SER R 28 -61.06 -85.01 -13.72
CA SER R 28 -61.74 -86.06 -14.47
C SER R 28 -61.67 -87.39 -13.73
N LYS R 29 -60.52 -87.70 -13.12
CA LYS R 29 -60.39 -88.93 -12.37
C LYS R 29 -61.29 -88.94 -11.14
N ALA R 30 -61.37 -87.80 -10.43
CA ALA R 30 -62.14 -87.73 -9.19
C ALA R 30 -63.61 -87.44 -9.42
N ALA R 31 -64.03 -87.20 -10.67
CA ALA R 31 -65.45 -86.95 -10.93
C ALA R 31 -66.31 -88.16 -10.58
N ASP R 32 -65.83 -89.36 -10.91
CA ASP R 32 -66.53 -90.59 -10.58
C ASP R 32 -66.22 -91.09 -9.17
N LEU R 33 -65.26 -90.47 -8.47
CA LEU R 33 -64.85 -90.88 -7.15
C LEU R 33 -65.21 -89.87 -6.07
N SER R 34 -64.79 -88.62 -6.23
CA SER R 34 -65.05 -87.58 -5.23
C SER R 34 -66.34 -86.82 -5.53
N SER R 35 -67.44 -87.56 -5.67
CA SER R 35 -68.74 -86.96 -5.92
C SER R 35 -69.77 -87.47 -4.93
N ASN R 36 -69.59 -88.72 -4.47
CA ASN R 36 -70.51 -89.36 -3.52
C ASN R 36 -71.94 -89.39 -4.05
N THR R 37 -72.08 -89.55 -5.37
CA THR R 37 -73.39 -89.61 -6.00
C THR R 37 -73.44 -90.71 -7.04
N PRO S 1 42.92 66.45 -19.80
CA PRO S 1 43.09 65.55 -20.94
C PRO S 1 44.53 65.07 -21.12
N PRO S 2 44.95 64.12 -20.28
CA PRO S 2 46.32 63.59 -20.37
C PRO S 2 46.55 62.90 -21.70
N PRO S 3 47.77 62.96 -22.24
CA PRO S 3 48.02 62.35 -23.55
C PRO S 3 47.77 60.86 -23.61
N VAL S 4 48.05 60.14 -22.53
CA VAL S 4 47.94 58.67 -22.53
C VAL S 4 47.28 58.23 -21.23
N ARG S 5 46.55 57.12 -21.30
CA ARG S 5 45.79 56.60 -20.16
C ARG S 5 46.62 55.55 -19.41
N LEU S 6 46.81 55.78 -18.12
CA LEU S 6 47.41 54.77 -17.25
C LEU S 6 46.39 53.81 -16.67
N PHE S 7 45.10 54.11 -16.81
CA PHE S 7 44.00 53.23 -16.40
C PHE S 7 44.03 52.94 -14.91
N GLY S 8 44.58 53.85 -14.12
CA GLY S 8 44.63 53.68 -12.68
C GLY S 8 45.48 52.49 -12.28
N VAL S 9 45.10 51.89 -11.15
CA VAL S 9 45.77 50.72 -10.60
C VAL S 9 47.26 51.02 -10.43
N GLU S 10 47.59 51.82 -9.41
CA GLU S 10 48.93 52.26 -9.03
C GLU S 10 49.46 53.33 -9.99
N GLY S 11 48.78 53.60 -11.10
CA GLY S 11 49.19 54.63 -12.03
C GLY S 11 48.47 55.94 -11.91
N THR S 12 47.54 56.06 -10.95
CA THR S 12 46.79 57.31 -10.81
C THR S 12 47.66 58.45 -10.31
N TYR S 13 48.69 58.15 -9.52
CA TYR S 13 49.54 59.20 -8.97
C TYR S 13 50.29 59.95 -10.06
N ALA S 14 50.81 59.22 -11.06
CA ALA S 14 51.53 59.88 -12.15
C ALA S 14 50.60 60.76 -12.95
N THR S 15 49.38 60.29 -13.23
CA THR S 15 48.42 61.12 -13.97
C THR S 15 48.03 62.35 -13.17
N ALA S 16 47.86 62.20 -11.85
CA ALA S 16 47.53 63.34 -11.01
C ALA S 16 48.65 64.37 -11.01
N LEU S 17 49.90 63.92 -10.91
CA LEU S 17 51.03 64.84 -10.97
C LEU S 17 51.09 65.54 -12.32
N TYR S 18 50.86 64.80 -13.40
CA TYR S 18 50.91 65.41 -14.72
C TYR S 18 49.81 66.45 -14.89
N GLN S 19 48.61 66.15 -14.39
CA GLN S 19 47.52 67.14 -14.44
C GLN S 19 47.86 68.37 -13.62
N ALA S 20 48.41 68.18 -12.43
CA ALA S 20 48.78 69.32 -11.58
C ALA S 20 49.82 70.18 -12.27
N ALA S 21 50.80 69.56 -12.92
CA ALA S 21 51.81 70.33 -13.66
C ALA S 21 51.17 71.05 -14.84
N ALA S 22 50.41 70.33 -15.66
CA ALA S 22 49.80 70.94 -16.84
C ALA S 22 48.81 72.03 -16.49
N LYS S 23 48.34 72.08 -15.24
CA LYS S 23 47.49 73.18 -14.82
C LYS S 23 48.19 74.52 -15.01
N ASN S 24 49.42 74.66 -14.51
CA ASN S 24 50.16 75.90 -14.63
C ASN S 24 51.44 75.77 -15.46
N SER S 25 52.38 74.93 -15.04
CA SER S 25 53.70 74.87 -15.68
C SER S 25 54.45 73.66 -15.10
N SER S 26 55.75 73.58 -15.42
CA SER S 26 56.67 72.60 -14.85
C SER S 26 56.37 71.18 -15.37
N ILE S 27 56.12 71.06 -16.67
CA ILE S 27 56.09 69.76 -17.32
C ILE S 27 57.44 69.07 -17.28
N ASP S 28 58.53 69.85 -17.21
CA ASP S 28 59.88 69.32 -17.24
C ASP S 28 60.58 69.44 -15.90
N ALA S 29 60.48 70.60 -15.24
CA ALA S 29 61.24 70.83 -14.00
C ALA S 29 60.92 69.78 -12.94
N ALA S 30 59.62 69.57 -12.69
CA ALA S 30 59.21 68.51 -11.78
C ALA S 30 59.74 67.16 -12.25
N PHE S 31 59.83 66.98 -13.57
CA PHE S 31 60.25 65.68 -14.09
C PHE S 31 61.74 65.44 -13.91
N GLN S 32 62.59 66.44 -14.13
CA GLN S 32 64.01 66.21 -13.84
C GLN S 32 64.26 66.13 -12.35
N SER S 33 63.46 66.81 -11.52
CA SER S 33 63.59 66.61 -10.08
C SER S 33 63.22 65.18 -9.71
N LEU S 34 62.17 64.63 -10.32
CA LEU S 34 61.79 63.24 -10.07
C LEU S 34 62.86 62.27 -10.56
N GLN S 35 63.48 62.57 -11.71
CA GLN S 35 64.59 61.74 -12.19
C GLN S 35 65.76 61.80 -11.22
N LYS S 36 66.03 62.97 -10.64
CA LYS S 36 67.05 63.07 -9.61
C LYS S 36 66.68 62.24 -8.38
N VAL S 37 65.39 62.22 -8.03
CA VAL S 37 64.94 61.39 -6.92
C VAL S 37 65.25 59.92 -7.20
N GLU S 38 64.92 59.45 -8.41
CA GLU S 38 65.18 58.06 -8.75
C GLU S 38 66.67 57.76 -8.77
N SER S 39 67.48 58.71 -9.27
CA SER S 39 68.93 58.53 -9.28
C SER S 39 69.49 58.42 -7.87
N THR S 40 69.00 59.27 -6.96
CA THR S 40 69.42 59.18 -5.57
C THR S 40 68.97 57.85 -4.96
N VAL S 41 67.79 57.37 -5.34
CA VAL S 41 67.30 56.09 -4.82
C VAL S 41 68.22 54.95 -5.27
N LYS S 42 68.59 54.93 -6.55
CA LYS S 42 69.44 53.84 -7.03
C LYS S 42 70.89 54.01 -6.59
N LYS S 43 71.27 55.24 -6.18
CA LYS S 43 72.65 55.46 -5.75
C LYS S 43 72.98 54.65 -4.50
N ASN S 44 72.04 54.57 -3.56
CA ASN S 44 72.18 53.75 -2.35
C ASN S 44 71.13 52.65 -2.43
N PRO S 45 71.51 51.43 -2.82
CA PRO S 45 70.50 50.37 -2.98
C PRO S 45 69.89 49.86 -1.67
N LYS S 46 70.72 49.48 -0.70
CA LYS S 46 70.20 49.01 0.57
C LYS S 46 69.48 50.13 1.33
N LEU S 47 69.79 51.37 1.02
CA LEU S 47 69.21 52.52 1.70
C LEU S 47 68.20 53.27 0.85
N GLY S 48 67.93 52.81 -0.38
CA GLY S 48 67.07 53.54 -1.27
C GLY S 48 65.85 52.77 -1.76
N HIS S 49 65.86 51.45 -1.63
CA HIS S 49 64.70 50.65 -1.98
C HIS S 49 64.29 49.66 -0.90
N LEU S 50 65.17 49.31 0.04
CA LEU S 50 64.74 48.57 1.20
C LEU S 50 63.87 49.43 2.13
N LEU S 51 64.14 50.73 2.18
CA LEU S 51 63.38 51.64 3.02
C LEU S 51 61.93 51.80 2.55
N LEU S 52 61.63 51.42 1.31
CA LEU S 52 60.28 51.56 0.77
C LEU S 52 59.38 50.38 1.13
N ASN S 53 59.72 49.66 2.19
CA ASN S 53 58.94 48.49 2.59
C ASN S 53 57.64 48.93 3.27
N PRO S 54 56.58 48.12 3.16
CA PRO S 54 55.34 48.46 3.87
C PRO S 54 55.50 48.50 5.38
N ALA S 55 56.37 47.67 5.95
CA ALA S 55 56.59 47.64 7.40
C ALA S 55 57.42 48.85 7.79
N LEU S 56 56.75 50.00 7.86
CA LEU S 56 57.43 51.24 8.18
C LEU S 56 56.39 52.22 8.69
N SER S 57 56.60 52.75 9.89
CA SER S 57 55.61 53.64 10.51
C SER S 57 55.58 54.99 9.79
N LEU S 58 54.48 55.70 9.99
CA LEU S 58 54.28 56.98 9.29
C LEU S 58 55.36 57.98 9.66
N LYS S 59 55.78 58.00 10.93
CA LYS S 59 56.83 58.93 11.34
C LYS S 59 58.15 58.64 10.61
N ASP S 60 58.50 57.36 10.49
CA ASP S 60 59.76 57.02 9.82
C ASP S 60 59.64 57.21 8.31
N ARG S 61 58.45 57.00 7.76
CA ARG S 61 58.22 57.35 6.36
C ARG S 61 58.42 58.84 6.13
N ASN S 62 57.92 59.67 7.05
CA ASN S 62 58.13 61.11 6.94
C ASN S 62 59.61 61.45 7.05
N SER S 63 60.33 60.82 7.98
CA SER S 63 61.76 61.05 8.10
C SER S 63 62.48 60.70 6.81
N VAL S 64 62.10 59.59 6.18
CA VAL S 64 62.69 59.22 4.89
C VAL S 64 62.39 60.28 3.85
N ILE S 65 61.13 60.73 3.77
CA ILE S 65 60.77 61.68 2.70
C ILE S 65 61.48 63.01 2.91
N ASP S 66 61.81 63.37 4.16
CA ASP S 66 62.75 64.48 4.34
C ASP S 66 64.16 64.07 3.93
N ALA S 67 64.50 62.78 4.06
CA ALA S 67 65.84 62.35 3.68
C ALA S 67 66.10 62.57 2.19
N ILE S 68 65.14 62.23 1.33
CA ILE S 68 65.38 62.51 -0.09
C ILE S 68 65.43 64.01 -0.36
N VAL S 69 64.76 64.81 0.49
CA VAL S 69 64.88 66.25 0.40
C VAL S 69 66.31 66.66 0.78
N GLU S 70 67.13 66.95 -0.22
CA GLU S 70 68.54 67.23 0.00
C GLU S 70 69.09 67.93 -1.23
N THR S 71 70.38 68.31 -1.15
CA THR S 71 71.12 68.89 -2.26
C THR S 71 70.44 70.13 -2.84
N HIS S 72 70.33 71.16 -2.00
CA HIS S 72 69.83 72.47 -2.40
C HIS S 72 68.44 72.37 -3.04
N LYS S 73 67.55 71.71 -2.30
CA LYS S 73 66.12 71.57 -2.66
C LYS S 73 65.92 71.29 -4.15
N ASN S 74 66.61 70.25 -4.64
CA ASN S 74 66.36 69.79 -6.00
C ASN S 74 64.89 69.40 -6.18
N LEU S 75 64.26 68.94 -5.10
CA LEU S 75 62.82 68.74 -5.08
C LEU S 75 62.10 70.05 -5.36
N ASP S 76 61.41 70.11 -6.49
CA ASP S 76 60.71 71.32 -6.91
C ASP S 76 59.35 70.93 -7.48
N GLY S 77 58.45 71.90 -7.53
CA GLY S 77 57.13 71.66 -8.08
C GLY S 77 56.28 70.81 -7.17
N TYR S 78 55.45 69.96 -7.78
CA TYR S 78 54.51 69.12 -7.04
C TYR S 78 55.09 67.75 -6.69
N VAL S 79 56.37 67.51 -6.97
CA VAL S 79 56.99 66.24 -6.60
C VAL S 79 56.99 66.08 -5.08
N VAL S 80 57.28 67.16 -4.36
CA VAL S 80 57.27 67.11 -2.90
C VAL S 80 55.89 66.67 -2.41
N ASN S 81 54.83 67.18 -3.04
CA ASN S 81 53.49 66.76 -2.67
C ASN S 81 53.27 65.29 -2.97
N LEU S 82 53.87 64.78 -4.05
CA LEU S 82 53.75 63.36 -4.36
C LEU S 82 54.39 62.51 -3.27
N LEU S 83 55.60 62.88 -2.83
CA LEU S 83 56.21 62.15 -1.72
C LEU S 83 55.40 62.28 -0.44
N LYS S 84 54.85 63.47 -0.17
CA LYS S 84 54.06 63.66 1.03
C LYS S 84 52.83 62.74 1.04
N VAL S 85 52.14 62.64 -0.08
CA VAL S 85 50.94 61.81 -0.13
C VAL S 85 51.30 60.33 -0.22
N LEU S 86 52.49 60.01 -0.75
CA LEU S 86 52.91 58.62 -0.78
C LEU S 86 53.35 58.14 0.60
N SER S 87 53.78 59.06 1.47
CA SER S 87 54.11 58.67 2.83
C SER S 87 52.89 58.15 3.57
N GLU S 88 51.73 58.79 3.38
CA GLU S 88 50.49 58.38 4.02
C GLU S 88 49.72 57.35 3.19
N ASN S 89 50.32 56.84 2.12
CA ASN S 89 49.67 55.90 1.22
C ASN S 89 50.69 54.83 0.85
N ASN S 90 50.42 54.09 -0.23
CA ASN S 90 51.36 53.10 -0.72
C ASN S 90 52.76 53.70 -0.84
N ARG S 91 53.73 53.00 -0.26
CA ARG S 91 55.03 53.58 0.03
C ARG S 91 55.99 53.53 -1.18
N LEU S 92 56.28 52.33 -1.66
CA LEU S 92 57.33 52.17 -2.66
C LEU S 92 56.95 52.89 -3.96
N GLY S 93 57.95 53.54 -4.56
CA GLY S 93 57.70 54.58 -5.56
C GLY S 93 58.43 54.49 -6.87
N CYS S 94 58.52 53.30 -7.46
CA CYS S 94 59.22 53.15 -8.74
C CYS S 94 58.29 53.07 -9.94
N PHE S 95 57.27 52.21 -9.92
CA PHE S 95 56.44 52.04 -11.13
C PHE S 95 55.67 53.30 -11.48
N GLU S 96 55.17 54.04 -10.47
CA GLU S 96 54.49 55.29 -10.83
C GLU S 96 55.48 56.30 -11.40
N LYS S 97 56.76 56.22 -11.00
CA LYS S 97 57.78 57.02 -11.65
C LYS S 97 57.90 56.66 -13.12
N ILE S 98 58.06 55.36 -13.41
CA ILE S 98 58.17 54.93 -14.81
C ILE S 98 56.93 55.34 -15.58
N ALA S 99 55.76 55.27 -14.94
CA ALA S 99 54.54 55.72 -15.60
C ALA S 99 54.60 57.21 -15.91
N SER S 100 55.18 58.00 -15.01
CA SER S 100 55.35 59.43 -15.27
C SER S 100 56.23 59.68 -16.49
N ASP S 101 57.40 59.04 -16.55
CA ASP S 101 58.25 59.23 -17.73
C ASP S 101 57.56 58.74 -19.00
N PHE S 102 56.81 57.64 -18.92
CA PHE S 102 56.11 57.13 -20.10
C PHE S 102 55.04 58.12 -20.56
N GLY S 103 54.32 58.71 -19.60
CA GLY S 103 53.32 59.70 -19.96
C GLY S 103 53.91 60.93 -20.60
N VAL S 104 55.01 61.44 -20.05
CA VAL S 104 55.64 62.61 -20.65
C VAL S 104 56.25 62.24 -22.00
N LEU S 105 56.69 61.00 -22.14
CA LEU S 105 57.25 60.52 -23.42
C LEU S 105 56.18 60.54 -24.49
N ASN S 106 54.98 60.06 -24.16
CA ASN S 106 53.86 60.16 -25.10
C ASN S 106 53.45 61.60 -25.32
N ASP S 107 53.60 62.46 -24.30
CA ASP S 107 53.21 63.85 -24.43
C ASP S 107 54.09 64.59 -25.44
N ALA S 108 55.40 64.39 -25.37
CA ALA S 108 56.32 65.23 -26.12
C ALA S 108 57.28 64.49 -27.05
N HIS S 109 57.33 63.16 -27.00
CA HIS S 109 58.33 62.43 -27.78
C HIS S 109 57.70 61.37 -28.69
N ASN S 110 56.69 60.65 -28.21
CA ASN S 110 55.86 59.77 -29.04
C ASN S 110 56.71 58.74 -29.78
N GLY S 111 57.33 57.85 -29.01
CA GLY S 111 58.14 56.76 -29.56
C GLY S 111 57.64 55.42 -29.07
N LEU S 112 57.83 54.39 -29.90
CA LEU S 112 57.42 53.04 -29.55
C LEU S 112 58.22 52.06 -30.39
N LEU S 113 58.57 50.92 -29.80
CA LEU S 113 59.49 49.97 -30.40
C LEU S 113 58.74 48.86 -31.14
N LYS S 114 58.12 49.25 -32.25
CA LYS S 114 57.35 48.30 -33.06
C LYS S 114 58.24 47.73 -34.17
N GLY S 115 57.62 47.06 -35.14
CA GLY S 115 58.34 46.44 -36.24
C GLY S 115 57.70 45.14 -36.68
N THR S 116 56.67 44.71 -35.94
CA THR S 116 55.96 43.46 -36.23
C THR S 116 56.93 42.29 -36.34
N VAL S 117 57.23 41.87 -37.57
CA VAL S 117 58.15 40.74 -37.76
C VAL S 117 59.56 41.11 -37.32
N THR S 118 59.95 42.38 -37.45
CA THR S 118 61.29 42.80 -37.05
C THR S 118 61.39 42.82 -35.54
N SER S 119 62.37 42.10 -35.00
CA SER S 119 62.66 42.12 -33.57
C SER S 119 63.70 43.18 -33.24
N ALA S 120 63.46 44.41 -33.69
CA ALA S 120 64.37 45.52 -33.50
C ALA S 120 63.81 46.49 -32.47
N GLU S 121 64.55 47.57 -32.23
CA GLU S 121 64.16 48.61 -31.27
C GLU S 121 64.27 49.98 -31.92
N PRO S 122 63.41 50.30 -32.89
CA PRO S 122 63.50 51.60 -33.59
C PRO S 122 62.74 52.72 -32.89
N LEU S 123 63.32 53.22 -31.80
CA LEU S 123 62.73 54.35 -31.10
C LEU S 123 62.79 55.60 -31.97
N ASP S 124 61.68 56.33 -32.04
CA ASP S 124 61.62 57.56 -32.84
C ASP S 124 61.13 58.76 -32.02
N PRO S 125 61.85 59.88 -32.06
CA PRO S 125 61.40 61.08 -31.34
C PRO S 125 60.58 62.04 -32.20
N LYS S 126 59.34 61.69 -32.52
CA LYS S 126 58.55 62.59 -33.36
C LYS S 126 57.07 62.31 -33.14
N SER S 127 56.27 63.38 -33.04
CA SER S 127 54.84 63.26 -32.80
C SER S 127 54.06 62.81 -34.02
N PHE S 128 54.53 63.13 -35.23
CA PHE S 128 53.86 62.75 -36.46
C PHE S 128 54.30 61.33 -36.82
N LYS S 129 53.54 60.35 -36.35
CA LYS S 129 53.89 58.93 -36.55
C LYS S 129 53.21 58.42 -37.82
N ARG S 130 53.77 58.85 -38.95
CA ARG S 130 53.31 58.39 -40.26
C ARG S 130 54.40 57.72 -41.07
N ILE S 131 55.54 58.38 -41.27
CA ILE S 131 56.60 57.87 -42.13
C ILE S 131 57.96 57.81 -41.45
N GLU S 132 58.19 58.52 -40.35
CA GLU S 132 59.52 58.55 -39.76
C GLU S 132 59.90 57.21 -39.14
N LYS S 133 58.91 56.35 -38.87
CA LYS S 133 59.23 55.00 -38.41
C LYS S 133 60.00 54.22 -39.46
N ALA S 134 59.70 54.45 -40.74
CA ALA S 134 60.47 53.81 -41.80
C ALA S 134 61.93 54.26 -41.77
N LEU S 135 62.16 55.57 -41.57
CA LEU S 135 63.52 56.07 -41.47
C LEU S 135 64.24 55.48 -40.26
N SER S 136 63.54 55.37 -39.13
CA SER S 136 64.13 54.78 -37.94
C SER S 136 64.50 53.31 -38.18
N ALA S 137 63.62 52.57 -38.85
CA ALA S 137 63.92 51.17 -39.16
C ALA S 137 65.10 51.05 -40.11
N SER S 138 65.17 51.93 -41.11
CA SER S 138 66.29 51.92 -42.03
C SER S 138 67.60 52.21 -41.32
N LYS S 139 67.59 53.18 -40.41
CA LYS S 139 68.79 53.47 -39.63
C LYS S 139 69.18 52.30 -38.74
N LEU S 140 68.19 51.65 -38.13
CA LEU S 140 68.47 50.53 -37.24
C LEU S 140 69.05 49.34 -38.01
N VAL S 141 68.54 49.08 -39.21
CA VAL S 141 69.07 47.96 -39.99
C VAL S 141 70.42 48.33 -40.61
N GLY S 142 70.64 49.62 -40.87
CA GLY S 142 71.91 50.06 -41.41
C GLY S 142 73.06 49.91 -40.44
N GLN S 143 73.03 50.68 -39.35
CA GLN S 143 74.04 50.63 -38.32
C GLN S 143 73.49 49.91 -37.08
N GLY S 144 74.41 49.36 -36.29
CA GLY S 144 74.01 48.59 -35.13
C GLY S 144 73.96 47.10 -35.38
N LYS S 145 72.75 46.59 -35.67
CA LYS S 145 72.48 45.17 -35.90
C LYS S 145 73.27 44.28 -34.93
N SER S 146 73.08 44.57 -33.64
CA SER S 146 73.84 43.88 -32.60
C SER S 146 73.40 42.43 -32.45
N LEU S 147 72.14 42.20 -32.10
CA LEU S 147 71.63 40.86 -31.85
C LEU S 147 70.86 40.28 -33.04
N LYS S 148 69.83 40.98 -33.51
CA LYS S 148 68.99 40.52 -34.62
C LYS S 148 68.47 39.11 -34.38
N LEU S 149 68.10 38.81 -33.13
CA LEU S 149 67.60 37.48 -32.77
C LEU S 149 66.12 37.42 -33.14
N GLU S 150 65.85 36.96 -34.36
CA GLU S 150 64.49 36.92 -34.86
C GLU S 150 63.67 35.79 -34.26
N ASN S 151 64.34 34.75 -33.73
CA ASN S 151 63.67 33.62 -33.07
C ASN S 151 62.66 32.94 -34.00
N VAL S 152 63.11 32.63 -35.22
CA VAL S 152 62.35 31.87 -36.22
C VAL S 152 61.15 32.67 -36.72
N VAL S 153 61.09 32.88 -38.04
CA VAL S 153 59.98 33.61 -38.63
C VAL S 153 58.68 32.88 -38.35
N LYS S 154 57.68 33.61 -37.86
CA LYS S 154 56.37 33.04 -37.58
C LYS S 154 55.55 32.77 -38.85
N PRO S 155 55.63 33.57 -39.93
CA PRO S 155 54.81 33.23 -41.10
C PRO S 155 55.14 31.88 -41.70
N GLU S 156 56.42 31.50 -41.75
CA GLU S 156 56.81 30.23 -42.35
C GLU S 156 56.25 29.06 -41.56
N ILE S 157 56.47 29.06 -40.24
CA ILE S 157 55.99 27.95 -39.41
C ILE S 157 54.47 27.91 -39.40
N LYS S 158 53.82 29.07 -39.35
CA LYS S 158 52.36 29.10 -39.36
C LYS S 158 51.81 28.52 -40.66
N GLY S 159 52.35 28.98 -41.80
CA GLY S 159 51.88 28.46 -43.07
C GLY S 159 52.14 26.98 -43.24
N GLY S 160 53.32 26.51 -42.84
CA GLY S 160 53.59 25.08 -42.88
C GLY S 160 52.62 24.30 -42.02
N LEU S 161 52.34 24.79 -40.82
CA LEU S 161 51.44 24.09 -39.92
C LEU S 161 50.03 23.99 -40.49
N ILE S 162 49.53 25.07 -41.09
CA ILE S 162 48.19 24.97 -41.67
C ILE S 162 48.22 24.09 -42.92
N VAL S 163 49.35 24.05 -43.62
CA VAL S 163 49.43 23.22 -44.82
C VAL S 163 49.39 21.74 -44.46
N GLU S 164 50.19 21.30 -43.49
CA GLU S 164 50.20 19.89 -43.15
C GLU S 164 48.88 19.46 -42.54
N LEU S 165 48.29 20.29 -41.69
CA LEU S 165 47.03 19.97 -41.05
C LEU S 165 45.83 20.07 -41.99
N GLY S 166 46.01 20.69 -43.16
CA GLY S 166 44.93 20.83 -44.10
C GLY S 166 44.05 22.05 -43.85
N LYS T 1 77.95 66.58 -1.64
CA LYS T 1 78.36 65.18 -1.59
C LYS T 1 78.29 64.66 -0.16
N ALA T 2 78.71 65.49 0.79
CA ALA T 2 78.63 65.12 2.20
C ALA T 2 77.19 65.11 2.69
N GLN T 3 76.34 65.96 2.13
CA GLN T 3 74.93 65.97 2.51
C GLN T 3 74.24 64.65 2.22
N PRO T 4 74.42 64.01 1.04
CA PRO T 4 73.87 62.66 0.88
C PRO T 4 74.39 61.66 1.91
N THR T 5 75.66 61.78 2.30
CA THR T 5 76.20 60.86 3.30
C THR T 5 75.52 61.06 4.65
N GLU T 6 75.34 62.31 5.07
CA GLU T 6 74.64 62.58 6.31
C GLU T 6 73.19 62.13 6.23
N VAL T 7 72.55 62.31 5.07
CA VAL T 7 71.18 61.86 4.88
C VAL T 7 71.10 60.34 5.04
N SER T 8 72.04 59.61 4.45
CA SER T 8 72.06 58.16 4.59
C SER T 8 72.27 57.75 6.04
N SER T 9 73.18 58.44 6.73
CA SER T 9 73.48 58.12 8.12
C SER T 9 72.24 58.32 9.00
N ILE T 10 71.53 59.43 8.80
CA ILE T 10 70.34 59.67 9.61
C ILE T 10 69.17 58.81 9.15
N LEU T 11 69.20 58.33 7.91
CA LEU T 11 68.13 57.47 7.42
C LEU T 11 68.26 56.07 7.98
N GLU T 12 69.50 55.59 8.16
CA GLU T 12 69.70 54.30 8.81
C GLU T 12 69.22 54.32 10.26
N GLU T 13 69.08 55.50 10.85
CA GLU T 13 68.52 55.64 12.18
C GLU T 13 67.01 55.85 12.10
N ARG T 14 66.36 55.76 13.27
CA ARG T 14 64.92 55.95 13.41
C ARG T 14 64.12 54.88 12.69
N ILE T 15 64.80 53.92 12.06
CA ILE T 15 64.13 52.83 11.36
C ILE T 15 64.42 51.47 11.98
N LYS T 16 65.34 51.39 12.93
CA LYS T 16 65.71 50.14 13.61
C LYS T 16 66.28 49.14 12.62
N GLY T 17 65.97 47.86 12.82
CA GLY T 17 66.59 46.80 12.04
C GLY T 17 65.88 46.42 10.75
N VAL T 18 64.98 47.28 10.27
CA VAL T 18 64.27 46.98 9.03
C VAL T 18 65.23 46.96 7.85
N SER T 19 66.22 47.87 7.85
CA SER T 19 67.22 47.89 6.79
C SER T 19 68.62 48.21 7.31
N ASP T 20 68.84 48.09 8.61
CA ASP T 20 70.12 48.44 9.21
C ASP T 20 70.86 47.22 9.76
N GLU T 21 70.23 46.45 10.64
CA GLU T 21 70.85 45.25 11.21
C GLU T 21 69.96 44.04 10.93
N ALA T 22 70.58 42.99 10.39
CA ALA T 22 69.95 41.70 10.11
C ALA T 22 68.99 41.78 8.93
N ASN T 23 68.70 42.99 8.46
CA ASN T 23 67.95 43.25 7.23
C ASN T 23 66.67 42.42 7.12
N LEU T 24 66.09 42.05 8.26
CA LEU T 24 64.89 41.20 8.29
C LEU T 24 65.09 39.91 7.49
N ASN T 25 66.33 39.41 7.45
CA ASN T 25 66.59 38.15 6.78
C ASN T 25 66.25 36.97 7.69
N GLU T 26 66.90 36.88 8.84
CA GLU T 26 66.52 35.93 9.88
C GLU T 26 65.42 36.48 10.80
N THR T 27 65.37 37.80 10.98
CA THR T 27 64.37 38.44 11.81
C THR T 27 63.24 38.97 10.93
N GLY T 28 62.34 39.75 11.52
CA GLY T 28 61.24 40.32 10.77
C GLY T 28 60.39 41.23 11.63
N ARG T 29 59.31 41.72 11.03
CA ARG T 29 58.40 42.64 11.71
C ARG T 29 56.98 42.32 11.27
N VAL T 30 56.05 42.27 12.22
CA VAL T 30 54.67 41.92 11.91
C VAL T 30 54.01 43.07 11.16
N LEU T 31 53.37 42.76 10.04
CA LEU T 31 52.63 43.74 9.27
C LEU T 31 51.23 43.97 9.82
N ALA T 32 50.47 42.89 10.02
CA ALA T 32 49.11 43.00 10.54
C ALA T 32 48.70 41.63 11.07
N VAL T 33 48.30 41.58 12.34
CA VAL T 33 47.82 40.34 12.95
C VAL T 33 46.40 40.11 12.45
N GLY T 34 46.24 39.13 11.56
CA GLY T 34 44.95 38.86 10.98
C GLY T 34 43.98 38.20 11.93
N ASP T 35 42.97 37.52 11.36
CA ASP T 35 41.92 36.93 12.18
C ASP T 35 42.51 35.87 13.11
N GLY T 36 43.32 34.98 12.56
CA GLY T 36 44.10 34.05 13.35
C GLY T 36 45.50 33.90 12.79
N ILE T 37 45.75 34.58 11.68
CA ILE T 37 46.97 34.46 10.90
C ILE T 37 47.57 35.85 10.75
N ALA T 38 48.75 36.07 11.30
CA ALA T 38 49.37 37.38 11.27
C ALA T 38 50.14 37.56 9.98
N ARG T 39 49.82 38.59 9.21
CA ARG T 39 50.60 38.97 8.05
C ARG T 39 51.91 39.54 8.57
N VAL T 40 53.01 38.84 8.31
CA VAL T 40 54.31 39.21 8.84
C VAL T 40 55.21 39.65 7.69
N PHE T 41 55.87 40.78 7.87
CA PHE T 41 56.84 41.27 6.91
C PHE T 41 58.23 40.84 7.33
N GLY T 42 59.12 40.71 6.35
CA GLY T 42 60.48 40.28 6.62
C GLY T 42 60.63 38.78 6.46
N LEU T 43 61.51 38.19 7.27
CA LEU T 43 61.79 36.75 7.21
C LEU T 43 62.15 36.33 5.80
N ASN T 44 63.13 37.03 5.22
CA ASN T 44 63.51 36.80 3.84
C ASN T 44 64.03 35.38 3.63
N ASN T 45 64.76 34.85 4.62
CA ASN T 45 65.36 33.53 4.51
C ASN T 45 64.44 32.42 5.03
N ILE T 46 63.20 32.75 5.41
CA ILE T 46 62.28 31.72 5.88
C ILE T 46 61.93 30.77 4.75
N GLN T 47 61.54 29.56 5.14
CA GLN T 47 61.07 28.54 4.20
C GLN T 47 59.65 28.16 4.56
N ALA T 48 58.98 27.46 3.63
CA ALA T 48 57.61 27.05 3.86
C ALA T 48 57.53 26.06 5.02
N GLU T 49 56.46 26.17 5.80
CA GLU T 49 56.21 25.30 6.95
C GLU T 49 57.36 25.35 7.96
N GLU T 50 57.89 26.55 8.20
CA GLU T 50 58.99 26.74 9.13
C GLU T 50 58.46 27.30 10.45
N LEU T 51 58.89 26.70 11.56
CA LEU T 51 58.54 27.22 12.87
C LEU T 51 59.18 28.58 13.09
N VAL T 52 58.43 29.50 13.68
CA VAL T 52 58.89 30.87 13.89
C VAL T 52 58.63 31.25 15.35
N GLU T 53 59.38 32.24 15.82
CA GLU T 53 59.25 32.76 17.18
C GLU T 53 58.76 34.21 17.11
N PHE T 54 57.73 34.52 17.89
CA PHE T 54 57.11 35.84 17.87
C PHE T 54 57.58 36.74 19.02
N SER T 55 58.64 36.34 19.72
CA SER T 55 59.23 37.05 20.84
C SER T 55 58.31 37.13 22.05
N SER T 56 57.12 36.53 21.99
CA SER T 56 56.21 36.48 23.12
C SER T 56 55.89 35.06 23.54
N GLY T 57 56.71 34.09 23.12
CA GLY T 57 56.49 32.70 23.44
C GLY T 57 55.50 31.99 22.54
N VAL T 58 54.99 32.65 21.50
CA VAL T 58 54.01 32.06 20.61
C VAL T 58 54.72 31.55 19.37
N LYS T 59 54.56 30.26 19.08
CA LYS T 59 55.13 29.67 17.87
C LYS T 59 54.28 30.02 16.66
N GLY T 60 54.87 29.86 15.48
CA GLY T 60 54.16 30.14 14.25
C GLY T 60 54.70 29.30 13.11
N MET T 61 53.83 29.09 12.11
CA MET T 61 54.15 28.24 10.97
C MET T 61 53.86 29.01 9.68
N ALA T 62 54.76 28.88 8.70
CA ALA T 62 54.71 29.68 7.48
C ALA T 62 53.90 28.93 6.42
N LEU T 63 52.60 29.24 6.36
CA LEU T 63 51.77 28.71 5.28
C LEU T 63 51.63 29.69 4.12
N ASN T 64 51.66 30.98 4.40
CA ASN T 64 51.42 32.03 3.40
C ASN T 64 52.74 32.74 3.11
N LEU T 65 53.30 32.48 1.93
CA LEU T 65 54.52 33.14 1.49
C LEU T 65 54.22 33.97 0.25
N GLU T 66 54.55 35.25 0.30
CA GLU T 66 54.30 36.21 -0.76
C GLU T 66 55.63 36.88 -1.06
N PRO T 67 55.82 37.40 -2.28
CA PRO T 67 57.09 38.09 -2.56
C PRO T 67 57.37 39.28 -1.65
N GLY T 68 56.34 39.92 -1.09
CA GLY T 68 56.54 41.04 -0.20
C GLY T 68 56.43 40.70 1.28
N GLN T 69 55.40 39.95 1.66
CA GLN T 69 55.18 39.58 3.06
C GLN T 69 55.16 38.07 3.18
N VAL T 70 55.10 37.59 4.41
CA VAL T 70 54.95 36.17 4.69
C VAL T 70 53.88 36.01 5.77
N GLY T 71 52.84 35.24 5.46
CA GLY T 71 51.76 35.01 6.41
C GLY T 71 52.10 33.87 7.33
N ILE T 72 52.02 34.13 8.64
CA ILE T 72 52.36 33.15 9.67
C ILE T 72 51.10 32.81 10.45
N VAL T 73 50.79 31.52 10.53
CA VAL T 73 49.67 31.07 11.33
C VAL T 73 50.11 31.00 12.79
N LEU T 74 49.20 31.34 13.69
CA LEU T 74 49.54 31.51 15.10
C LEU T 74 49.30 30.21 15.87
N PHE T 75 50.35 29.70 16.50
CA PHE T 75 50.23 28.52 17.37
C PHE T 75 49.92 28.98 18.79
N GLY T 76 48.67 29.39 18.97
CA GLY T 76 48.21 29.87 20.25
C GLY T 76 47.26 31.04 20.06
N SER T 77 46.89 31.66 21.18
CA SER T 77 46.02 32.82 21.12
C SER T 77 46.73 33.97 20.40
N ASP T 78 46.00 34.62 19.50
CA ASP T 78 46.56 35.73 18.74
C ASP T 78 46.71 37.00 19.56
N ARG T 79 46.21 37.01 20.81
CA ARG T 79 46.35 38.19 21.65
C ARG T 79 47.80 38.51 21.93
N LEU T 80 48.62 37.49 22.16
CA LEU T 80 50.00 37.68 22.58
C LEU T 80 50.90 38.28 21.50
N VAL T 81 50.44 38.35 20.26
CA VAL T 81 51.22 38.92 19.16
C VAL T 81 50.58 40.25 18.75
N LYS T 82 51.43 41.27 18.58
CA LYS T 82 51.01 42.60 18.19
C LYS T 82 51.54 42.94 16.81
N GLU T 83 50.89 43.89 16.15
CA GLU T 83 51.38 44.40 14.89
C GLU T 83 52.69 45.16 15.11
N GLY T 84 53.67 44.88 14.25
CA GLY T 84 54.97 45.48 14.38
C GLY T 84 55.88 44.82 15.40
N GLU T 85 55.43 43.75 16.05
CA GLU T 85 56.26 43.08 17.04
C GLU T 85 57.44 42.37 16.38
N LEU T 86 58.48 42.15 17.17
CA LEU T 86 59.69 41.51 16.67
C LEU T 86 59.45 40.01 16.52
N VAL T 87 59.70 39.48 15.32
CA VAL T 87 59.49 38.07 15.02
C VAL T 87 60.75 37.52 14.36
N LYS T 88 61.20 36.37 14.84
CA LYS T 88 62.41 35.72 14.34
C LYS T 88 62.14 34.24 14.10
N ARG T 89 62.80 33.67 13.09
CA ARG T 89 62.59 32.29 12.73
C ARG T 89 63.38 31.35 13.63
N THR T 90 62.85 30.13 13.80
CA THR T 90 63.57 29.11 14.55
C THR T 90 64.64 28.41 13.72
N GLY T 91 64.61 28.61 12.40
CA GLY T 91 65.62 28.05 11.52
C GLY T 91 65.38 26.62 11.08
N ASN T 92 64.19 26.06 11.33
CA ASN T 92 63.93 24.67 10.97
C ASN T 92 62.46 24.51 10.63
N ILE T 93 62.16 23.44 9.87
CA ILE T 93 60.78 23.06 9.60
C ILE T 93 60.08 22.74 10.92
N VAL T 94 58.75 22.79 10.89
CA VAL T 94 57.96 22.46 12.07
C VAL T 94 58.33 21.06 12.52
N ASP T 95 58.92 20.95 13.71
CA ASP T 95 59.52 19.72 14.18
C ASP T 95 58.90 19.30 15.50
N VAL T 96 59.01 18.02 15.80
CA VAL T 96 58.41 17.44 17.00
C VAL T 96 59.44 16.61 17.73
N PRO T 97 59.66 16.84 19.03
CA PRO T 97 60.57 15.98 19.79
C PRO T 97 60.02 14.56 19.88
N VAL T 98 60.85 13.60 19.48
CA VAL T 98 60.46 12.20 19.40
C VAL T 98 61.49 11.35 20.13
N GLY T 99 61.08 10.14 20.50
CA GLY T 99 61.95 9.21 21.18
C GLY T 99 61.23 8.40 22.22
N PRO T 100 61.96 7.53 22.93
CA PRO T 100 61.34 6.72 23.99
C PRO T 100 61.17 7.46 25.30
N GLY T 101 61.70 8.68 25.42
CA GLY T 101 61.53 9.44 26.64
C GLY T 101 60.15 10.02 26.83
N LEU T 102 59.33 10.03 25.78
CA LEU T 102 57.96 10.51 25.90
C LEU T 102 57.03 9.45 26.49
N LEU T 103 57.51 8.22 26.68
CA LEU T 103 56.69 7.19 27.31
C LEU T 103 56.24 7.64 28.69
N GLY T 104 54.96 7.46 28.96
CA GLY T 104 54.40 7.93 30.22
C GLY T 104 54.42 9.44 30.36
N ARG T 105 54.17 10.16 29.27
CA ARG T 105 54.17 11.62 29.28
C ARG T 105 53.03 12.14 28.41
N VAL T 106 52.49 13.30 28.79
CA VAL T 106 51.45 13.97 28.03
C VAL T 106 51.98 15.33 27.59
N VAL T 107 51.82 15.63 26.30
CA VAL T 107 52.39 16.83 25.70
C VAL T 107 51.29 17.57 24.94
N ASP T 108 51.64 18.76 24.45
CA ASP T 108 50.75 19.56 23.63
C ASP T 108 50.93 19.19 22.17
N ALA T 109 50.38 20.00 21.27
CA ALA T 109 50.49 19.74 19.84
C ALA T 109 51.89 20.00 19.29
N LEU T 110 52.77 20.61 20.08
CA LEU T 110 54.13 20.91 19.63
C LEU T 110 55.20 20.19 20.45
N GLY T 111 54.81 19.19 21.23
CA GLY T 111 55.75 18.42 22.02
C GLY T 111 56.12 19.03 23.35
N ASN T 112 55.59 20.21 23.68
CA ASN T 112 55.86 20.83 24.97
C ASN T 112 55.10 20.10 26.06
N PRO T 113 55.76 19.64 27.12
CA PRO T 113 55.04 18.96 28.20
C PRO T 113 54.04 19.89 28.87
N ILE T 114 52.91 19.33 29.29
CA ILE T 114 51.84 20.08 29.93
C ILE T 114 51.50 19.54 31.31
N ASP T 115 52.11 18.44 31.73
CA ASP T 115 51.85 17.87 33.05
C ASP T 115 52.75 18.43 34.13
N GLY T 116 53.71 19.28 33.77
CA GLY T 116 54.61 19.86 34.75
C GLY T 116 55.48 18.85 35.45
N LYS T 117 56.02 17.88 34.70
CA LYS T 117 56.88 16.84 35.26
C LYS T 117 58.30 16.94 34.73
N GLY T 118 58.73 18.15 34.39
CA GLY T 118 60.08 18.38 33.92
C GLY T 118 60.22 18.27 32.41
N PRO T 119 61.41 18.58 31.91
CA PRO T 119 61.64 18.50 30.46
C PRO T 119 61.64 17.06 29.98
N ILE T 120 61.48 16.90 28.67
CA ILE T 120 61.37 15.60 28.05
C ILE T 120 62.68 15.24 27.38
N ASP T 121 63.15 14.02 27.62
CA ASP T 121 64.33 13.49 26.95
C ASP T 121 63.91 12.98 25.57
N ALA T 122 64.31 13.70 24.53
CA ALA T 122 63.92 13.39 23.16
C ALA T 122 65.11 12.81 22.42
N ALA T 123 64.91 11.63 21.81
CA ALA T 123 65.97 11.03 21.00
C ALA T 123 66.27 11.89 19.78
N GLY T 124 65.24 12.47 19.16
CA GLY T 124 65.44 13.30 17.99
C GLY T 124 64.25 14.23 17.81
N ARG T 125 64.29 14.98 16.72
CA ARG T 125 63.23 15.92 16.37
C ARG T 125 62.71 15.57 14.98
N SER T 126 61.57 14.90 14.92
CA SER T 126 60.95 14.53 13.66
C SER T 126 60.01 15.63 13.18
N ARG T 127 60.02 15.89 11.88
CA ARG T 127 59.18 16.93 11.31
C ARG T 127 57.71 16.55 11.45
N ALA T 128 56.87 17.57 11.62
CA ALA T 128 55.44 17.34 11.78
C ALA T 128 54.83 16.73 10.52
N GLN T 129 55.21 17.25 9.35
CA GLN T 129 54.69 16.76 8.07
C GLN T 129 55.78 15.91 7.42
N VAL T 130 55.65 14.59 7.58
CA VAL T 130 56.60 13.63 7.02
C VAL T 130 55.87 12.81 5.96
N LYS T 131 56.47 12.68 4.79
CA LYS T 131 55.88 11.90 3.72
C LYS T 131 55.72 10.46 4.15
N ALA T 132 54.57 9.87 3.81
CA ALA T 132 54.27 8.50 4.18
C ALA T 132 55.20 7.53 3.45
N PRO T 133 55.44 6.36 4.02
CA PRO T 133 56.27 5.37 3.33
C PRO T 133 55.65 4.93 2.01
N GLY T 134 56.52 4.60 1.06
CA GLY T 134 56.09 4.20 -0.27
C GLY T 134 55.57 2.78 -0.31
N ILE T 135 55.44 2.28 -1.54
CA ILE T 135 54.88 0.95 -1.75
C ILE T 135 55.78 -0.11 -1.13
N LEU T 136 57.09 -0.03 -1.38
CA LEU T 136 58.00 -1.08 -0.93
C LEU T 136 58.15 -1.13 0.59
N PRO T 137 58.42 -0.03 1.30
CA PRO T 137 58.61 -0.14 2.76
C PRO T 137 57.41 -0.72 3.47
N ARG T 138 56.20 -0.47 2.98
CA ARG T 138 55.01 -1.06 3.58
C ARG T 138 54.99 -2.57 3.35
N ARG T 139 54.35 -3.27 4.29
CA ARG T 139 54.20 -4.71 4.22
C ARG T 139 52.78 -5.05 4.62
N SER T 140 52.23 -6.11 4.00
CA SER T 140 50.86 -6.50 4.28
C SER T 140 50.70 -6.84 5.75
N VAL T 141 49.63 -6.30 6.37
CA VAL T 141 49.46 -6.43 7.81
C VAL T 141 49.21 -7.89 8.16
N HIS T 142 50.06 -8.43 9.04
CA HIS T 142 49.93 -9.82 9.48
C HIS T 142 50.03 -10.00 10.98
N GLU T 143 50.63 -9.07 11.71
CA GLU T 143 50.68 -9.22 13.16
C GLU T 143 49.39 -8.69 13.78
N PRO T 144 48.89 -9.34 14.83
CA PRO T 144 47.64 -8.89 15.46
C PRO T 144 47.86 -7.92 16.60
N VAL T 145 46.92 -6.98 16.73
CA VAL T 145 46.82 -6.13 17.91
C VAL T 145 45.49 -6.48 18.59
N GLN T 146 45.57 -6.92 19.84
CA GLN T 146 44.41 -7.38 20.58
C GLN T 146 43.85 -6.22 21.39
N THR T 147 42.63 -5.79 21.06
CA THR T 147 42.00 -4.67 21.75
C THR T 147 41.32 -5.07 23.04
N GLY T 148 41.01 -6.34 23.22
CA GLY T 148 40.30 -6.80 24.39
C GLY T 148 38.80 -6.96 24.20
N LEU T 149 38.23 -6.33 23.18
CA LEU T 149 36.81 -6.47 22.90
C LEU T 149 36.55 -7.74 22.11
N LYS T 150 35.59 -8.55 22.57
CA LYS T 150 35.22 -9.75 21.83
C LYS T 150 34.66 -9.40 20.47
N ALA T 151 33.81 -8.38 20.39
CA ALA T 151 33.21 -7.96 19.13
C ALA T 151 34.20 -7.28 18.21
N VAL T 152 35.38 -6.89 18.70
CA VAL T 152 36.37 -6.24 17.88
C VAL T 152 37.57 -7.15 17.57
N ASP T 153 37.98 -7.99 18.52
CA ASP T 153 39.06 -8.95 18.26
C ASP T 153 38.57 -10.12 17.42
N ALA T 154 37.51 -10.81 17.87
CA ALA T 154 36.98 -11.94 17.12
C ALA T 154 36.36 -11.49 15.79
N LEU T 155 35.64 -10.37 15.80
CA LEU T 155 34.98 -9.86 14.60
C LEU T 155 35.56 -8.49 14.27
N VAL T 156 35.78 -8.24 12.98
CA VAL T 156 36.45 -7.04 12.50
C VAL T 156 37.80 -6.92 13.20
N PRO T 157 38.70 -7.89 13.00
CA PRO T 157 39.99 -7.84 13.71
C PRO T 157 40.87 -6.72 13.18
N ILE T 158 41.66 -6.14 14.07
CA ILE T 158 42.63 -5.11 13.73
C ILE T 158 44.03 -5.70 13.88
N GLY T 159 44.89 -5.42 12.91
CA GLY T 159 46.26 -5.88 12.93
C GLY T 159 47.21 -4.71 13.06
N ARG T 160 48.46 -5.01 13.41
CA ARG T 160 49.46 -3.96 13.57
C ARG T 160 49.78 -3.33 12.21
N GLY T 161 49.75 -2.00 12.17
CA GLY T 161 49.92 -1.27 10.93
C GLY T 161 48.63 -0.96 10.19
N GLN T 162 47.50 -1.52 10.63
CA GLN T 162 46.22 -1.24 10.00
C GLN T 162 45.67 0.10 10.47
N ARG T 163 44.95 0.77 9.57
CA ARG T 163 44.26 2.01 9.88
C ARG T 163 42.76 1.68 9.97
N GLU T 164 42.29 1.43 11.19
CA GLU T 164 40.91 1.03 11.43
C GLU T 164 40.13 2.20 12.01
N LEU T 165 38.99 2.50 11.40
CA LEU T 165 38.16 3.63 11.79
C LEU T 165 37.25 3.24 12.94
N ILE T 166 37.01 4.17 13.85
CA ILE T 166 36.00 4.05 14.88
C ILE T 166 34.96 5.13 14.65
N ILE T 167 33.71 4.73 14.45
CA ILE T 167 32.63 5.65 14.11
C ILE T 167 31.59 5.60 15.23
N GLY T 168 31.25 6.77 15.76
CA GLY T 168 30.20 6.86 16.76
C GLY T 168 29.50 8.19 16.66
N ASP T 169 28.29 8.25 17.23
CA ASP T 169 27.48 9.46 17.09
C ASP T 169 27.90 10.53 18.10
N ARG T 170 27.62 10.30 19.38
CA ARG T 170 28.03 11.24 20.41
C ARG T 170 28.80 10.57 21.54
N GLN T 171 28.23 9.49 22.07
CA GLN T 171 28.74 8.83 23.27
C GLN T 171 28.71 7.31 23.14
N THR T 172 28.69 6.81 21.90
CA THR T 172 28.55 5.38 21.66
C THR T 172 29.90 4.67 21.66
N GLY T 173 30.68 4.87 22.72
CA GLY T 173 31.99 4.27 22.80
C GLY T 173 33.08 5.15 22.21
N LYS T 174 33.45 4.88 20.95
CA LYS T 174 34.47 5.64 20.25
C LYS T 174 35.78 5.61 21.01
N THR T 175 36.03 6.64 21.82
CA THR T 175 37.26 6.65 22.63
C THR T 175 37.27 5.51 23.63
N ALA T 176 36.09 4.99 23.99
CA ALA T 176 36.04 3.87 24.93
C ALA T 176 36.79 2.67 24.38
N VAL T 177 36.47 2.24 23.16
CA VAL T 177 37.13 1.09 22.55
C VAL T 177 38.63 1.32 22.47
N ALA T 178 39.04 2.55 22.17
CA ALA T 178 40.46 2.88 22.20
C ALA T 178 41.04 2.66 23.60
N LEU T 179 40.27 2.99 24.64
CA LEU T 179 40.75 2.75 26.00
C LEU T 179 40.90 1.27 26.31
N ASP T 180 39.93 0.44 25.92
CA ASP T 180 40.11 -0.99 26.15
C ASP T 180 41.31 -1.52 25.38
N THR T 181 41.54 -1.01 24.16
CA THR T 181 42.73 -1.41 23.41
C THR T 181 44.00 -1.01 24.17
N ILE T 182 44.02 0.21 24.68
CA ILE T 182 45.20 0.73 25.37
C ILE T 182 45.49 -0.13 26.59
N LEU T 183 44.46 -0.45 27.37
CA LEU T 183 44.65 -1.23 28.58
C LEU T 183 45.01 -2.69 28.26
N ASN T 184 44.50 -3.22 27.15
CA ASN T 184 44.85 -4.57 26.76
C ASN T 184 46.30 -4.66 26.30
N GLN T 185 46.85 -3.55 25.77
CA GLN T 185 48.26 -3.56 25.39
C GLN T 185 49.18 -3.79 26.60
N LYS T 186 48.67 -3.60 27.82
CA LYS T 186 49.47 -3.82 29.02
C LYS T 186 49.89 -5.27 29.17
N ARG T 187 49.14 -6.21 28.59
CA ARG T 187 49.48 -7.63 28.73
C ARG T 187 50.86 -7.93 28.18
N TRP T 188 51.19 -7.35 27.03
CA TRP T 188 52.50 -7.54 26.42
C TRP T 188 53.48 -6.42 26.71
N ASN T 189 52.99 -5.22 27.05
CA ASN T 189 53.90 -4.10 27.30
C ASN T 189 54.76 -4.35 28.54
N ASN T 190 54.28 -5.15 29.48
CA ASN T 190 55.10 -5.50 30.63
C ASN T 190 56.15 -6.56 30.30
N GLY T 191 56.00 -7.27 29.18
CA GLY T 191 56.95 -8.28 28.80
C GLY T 191 58.22 -7.70 28.19
N SER T 192 59.18 -8.59 27.95
CA SER T 192 60.47 -8.21 27.38
C SER T 192 60.52 -8.39 25.87
N ASP T 193 59.42 -8.82 25.24
CA ASP T 193 59.39 -9.05 23.80
C ASP T 193 59.10 -7.73 23.10
N GLU T 194 60.11 -7.16 22.46
CA GLU T 194 59.92 -5.88 21.76
C GLU T 194 58.92 -6.02 20.62
N SER T 195 58.93 -7.15 19.91
CA SER T 195 58.01 -7.33 18.79
C SER T 195 56.56 -7.29 19.24
N LYS T 196 56.24 -7.95 20.35
CA LYS T 196 54.87 -7.97 20.85
C LYS T 196 54.50 -6.70 21.63
N LYS T 197 55.49 -5.92 22.08
CA LYS T 197 55.18 -4.70 22.79
C LYS T 197 54.67 -3.64 21.82
N LEU T 198 53.69 -2.86 22.28
CA LEU T 198 53.05 -1.84 21.46
C LEU T 198 53.08 -0.52 22.21
N TYR T 199 53.95 0.40 21.78
CA TYR T 199 54.10 1.69 22.41
C TYR T 199 53.03 2.63 21.84
N CYS T 200 51.90 2.73 22.54
CA CYS T 200 50.76 3.47 22.02
C CYS T 200 50.93 4.96 22.20
N VAL T 201 50.24 5.72 21.35
CA VAL T 201 50.17 7.17 21.46
C VAL T 201 48.71 7.58 21.27
N TYR T 202 48.32 8.68 21.90
CA TYR T 202 46.94 9.14 21.91
C TYR T 202 46.86 10.60 21.45
N VAL T 203 45.81 10.91 20.69
CA VAL T 203 45.54 12.26 20.22
C VAL T 203 44.25 12.75 20.86
N ALA T 204 44.24 14.01 21.28
CA ALA T 204 43.11 14.57 22.03
C ALA T 204 42.70 15.91 21.47
N VAL T 205 42.48 15.97 20.16
CA VAL T 205 42.04 17.22 19.54
C VAL T 205 40.58 17.48 19.88
N GLY T 206 40.25 18.74 20.14
CA GLY T 206 38.90 19.15 20.41
C GLY T 206 38.31 18.65 21.71
N GLN T 207 39.13 18.02 22.56
CA GLN T 207 38.66 17.49 23.82
C GLN T 207 39.00 18.43 24.96
N LYS T 208 38.36 18.24 26.10
CA LYS T 208 38.66 19.07 27.26
C LYS T 208 39.90 18.65 28.02
N ARG T 209 40.59 19.66 28.55
CA ARG T 209 41.67 19.46 29.50
C ARG T 209 41.18 18.61 30.67
N SER T 210 39.91 18.76 31.04
CA SER T 210 39.32 17.94 32.09
C SER T 210 39.14 16.50 31.63
N THR T 211 38.62 16.31 30.41
CA THR T 211 38.45 14.95 29.90
C THR T 211 39.80 14.26 29.70
N VAL T 212 40.79 14.99 29.17
CA VAL T 212 42.12 14.40 29.03
C VAL T 212 42.76 14.15 30.40
N ALA T 213 42.48 15.02 31.37
CA ALA T 213 43.01 14.80 32.72
C ALA T 213 42.43 13.52 33.32
N GLN T 214 41.12 13.32 33.21
CA GLN T 214 40.52 12.07 33.68
C GLN T 214 41.03 10.89 32.88
N LEU T 215 41.27 11.06 31.58
CA LEU T 215 41.82 10.00 30.77
C LEU T 215 43.21 9.57 31.25
N VAL T 216 44.07 10.56 31.53
CA VAL T 216 45.41 10.28 32.04
C VAL T 216 45.33 9.62 33.41
N GLN T 217 44.40 10.09 34.26
CA GLN T 217 44.23 9.47 35.57
C GLN T 217 43.81 8.02 35.45
N THR T 218 42.86 7.73 34.57
CA THR T 218 42.42 6.34 34.37
C THR T 218 43.55 5.49 33.81
N LEU T 219 44.34 6.04 32.89
CA LEU T 219 45.48 5.31 32.36
C LEU T 219 46.50 5.01 33.45
N GLU T 220 46.75 5.98 34.33
CA GLU T 220 47.68 5.77 35.42
C GLU T 220 47.16 4.73 36.41
N GLN T 221 45.84 4.72 36.65
CA GLN T 221 45.26 3.75 37.57
C GLN T 221 45.47 2.32 37.08
N HIS T 222 45.31 2.10 35.78
CA HIS T 222 45.52 0.79 35.19
C HIS T 222 46.97 0.55 34.78
N ASP T 223 47.90 1.35 35.28
CA ASP T 223 49.33 1.24 34.97
C ASP T 223 49.61 1.42 33.48
N ALA T 224 48.67 2.02 32.74
CA ALA T 224 48.88 2.27 31.33
C ALA T 224 49.62 3.57 31.05
N MET T 225 49.84 4.40 32.07
CA MET T 225 50.58 5.66 31.89
C MET T 225 52.08 5.41 31.96
N LYS T 226 52.53 4.36 31.26
CA LYS T 226 53.93 4.00 31.19
C LYS T 226 54.42 3.73 29.78
N TYR T 227 53.55 3.30 28.87
CA TYR T 227 53.91 3.07 27.47
C TYR T 227 53.05 3.90 26.53
N SER T 228 52.21 4.78 27.06
CA SER T 228 51.29 5.58 26.27
C SER T 228 51.70 7.04 26.30
N ILE T 229 51.60 7.70 25.15
CA ILE T 229 51.88 9.12 25.01
C ILE T 229 50.60 9.80 24.59
N ILE T 230 50.28 10.92 25.23
CA ILE T 230 49.06 11.66 24.94
C ILE T 230 49.44 13.05 24.45
N VAL T 231 48.99 13.40 23.25
CA VAL T 231 49.09 14.78 22.75
C VAL T 231 47.72 15.42 22.93
N ALA T 232 47.69 16.58 23.56
CA ALA T 232 46.44 17.24 23.93
C ALA T 232 46.27 18.50 23.10
N ALA T 233 45.22 18.53 22.29
CA ALA T 233 44.81 19.72 21.55
C ALA T 233 43.45 20.12 22.10
N THR T 234 43.46 20.88 23.18
CA THR T 234 42.23 21.29 23.83
C THR T 234 41.43 22.24 22.94
N ALA T 235 40.11 22.19 23.08
CA ALA T 235 39.26 23.12 22.35
C ALA T 235 39.59 24.57 22.69
N SER T 236 40.09 24.82 23.91
CA SER T 236 40.55 26.15 24.26
C SER T 236 41.77 26.55 23.41
N GLU T 237 42.68 25.60 23.17
CA GLU T 237 43.84 25.88 22.35
C GLU T 237 43.41 26.21 20.92
N ALA T 238 44.23 27.02 20.26
CA ALA T 238 43.86 27.54 18.95
C ALA T 238 43.70 26.41 17.94
N ALA T 239 42.91 26.68 16.90
CA ALA T 239 42.69 25.71 15.83
C ALA T 239 43.98 25.19 15.21
N PRO T 240 45.02 26.00 14.97
CA PRO T 240 46.28 25.43 14.48
C PRO T 240 46.86 24.37 15.39
N LEU T 241 46.69 24.49 16.71
CA LEU T 241 47.13 23.45 17.62
C LEU T 241 46.37 22.15 17.37
N GLN T 242 45.04 22.25 17.18
CA GLN T 242 44.24 21.07 16.92
C GLN T 242 44.60 20.46 15.57
N TYR T 243 44.99 21.28 14.61
CA TYR T 243 45.51 20.77 13.35
C TYR T 243 46.83 20.02 13.54
N LEU T 244 47.74 20.60 14.33
CA LEU T 244 49.09 20.05 14.41
C LEU T 244 49.15 18.79 15.27
N ALA T 245 48.31 18.69 16.29
CA ALA T 245 48.38 17.57 17.23
C ALA T 245 48.32 16.19 16.54
N PRO T 246 47.42 15.93 15.59
CA PRO T 246 47.47 14.63 14.90
C PRO T 246 48.79 14.38 14.19
N PHE T 247 49.38 15.40 13.57
CA PHE T 247 50.68 15.21 12.94
C PHE T 247 51.78 15.05 13.98
N THR T 248 51.66 15.75 15.11
CA THR T 248 52.57 15.54 16.22
C THR T 248 52.59 14.07 16.65
N ALA T 249 51.41 13.51 16.91
CA ALA T 249 51.34 12.11 17.32
C ALA T 249 51.72 11.18 16.19
N ALA T 250 51.48 11.57 14.94
CA ALA T 250 51.93 10.76 13.81
C ALA T 250 53.45 10.66 13.79
N SER T 251 54.14 11.77 14.03
CA SER T 251 55.60 11.73 14.11
C SER T 251 56.05 10.91 15.32
N ILE T 252 55.34 11.05 16.46
CA ILE T 252 55.68 10.27 17.64
C ILE T 252 55.61 8.78 17.35
N GLY T 253 54.52 8.35 16.73
CA GLY T 253 54.39 6.94 16.37
C GLY T 253 55.36 6.51 15.29
N GLU T 254 55.66 7.40 14.34
CA GLU T 254 56.59 7.06 13.26
C GLU T 254 57.99 6.86 13.80
N TRP T 255 58.34 7.51 14.91
CA TRP T 255 59.63 7.23 15.54
C TRP T 255 59.72 5.76 15.92
N PHE T 256 58.70 5.24 16.60
CA PHE T 256 58.69 3.82 16.94
C PHE T 256 58.64 2.95 15.69
N ARG T 257 57.84 3.37 14.70
CA ARG T 257 57.68 2.57 13.49
C ARG T 257 58.99 2.40 12.74
N ASP T 258 59.78 3.48 12.63
CA ASP T 258 61.04 3.39 11.89
C ASP T 258 62.11 2.66 12.68
N ASN T 259 62.10 2.76 14.01
CA ASN T 259 63.11 2.13 14.84
C ASN T 259 62.81 0.67 15.14
N GLY T 260 61.94 0.03 14.37
CA GLY T 260 61.65 -1.38 14.54
C GLY T 260 60.61 -1.71 15.57
N LYS T 261 60.10 -0.72 16.31
CA LYS T 261 59.09 -0.96 17.31
C LYS T 261 57.69 -0.80 16.70
N HIS T 262 56.70 -1.30 17.43
CA HIS T 262 55.31 -1.24 17.00
C HIS T 262 54.55 -0.25 17.87
N ALA T 263 53.78 0.62 17.22
CA ALA T 263 53.06 1.68 17.90
C ALA T 263 51.62 1.71 17.43
N LEU T 264 50.73 2.21 18.29
CA LEU T 264 49.33 2.40 17.98
C LEU T 264 48.96 3.85 18.26
N ILE T 265 48.20 4.46 17.36
CA ILE T 265 47.83 5.86 17.48
C ILE T 265 46.33 5.99 17.32
N VAL T 266 45.70 6.74 18.22
CA VAL T 266 44.25 6.94 18.23
C VAL T 266 44.00 8.40 17.89
N TYR T 267 43.60 8.67 16.65
CA TYR T 267 43.18 10.01 16.25
C TYR T 267 41.76 10.25 16.76
N ASP T 268 41.68 10.62 18.04
CA ASP T 268 40.39 10.73 18.70
C ASP T 268 39.67 11.99 18.22
N ASP T 269 38.41 11.83 17.83
CA ASP T 269 37.61 12.89 17.22
C ASP T 269 38.38 13.65 16.13
N LEU T 270 38.72 12.91 15.07
CA LEU T 270 39.29 13.57 13.90
C LEU T 270 38.30 14.53 13.25
N SER T 271 37.01 14.40 13.55
CA SER T 271 36.05 15.39 13.07
C SER T 271 36.32 16.76 13.69
N LYS T 272 36.71 16.79 14.96
CA LYS T 272 37.07 18.06 15.60
C LYS T 272 38.31 18.66 14.95
N GLN T 273 39.30 17.84 14.62
CA GLN T 273 40.45 18.35 13.88
C GLN T 273 40.05 18.84 12.50
N ALA T 274 39.08 18.17 11.87
CA ALA T 274 38.58 18.62 10.57
C ALA T 274 37.94 20.00 10.68
N VAL T 275 37.11 20.21 11.71
CA VAL T 275 36.50 21.54 11.87
C VAL T 275 37.57 22.57 12.24
N ALA T 276 38.61 22.17 12.95
CA ALA T 276 39.70 23.10 13.25
C ALA T 276 40.42 23.54 11.98
N TYR T 277 40.73 22.58 11.10
CA TYR T 277 41.35 22.94 9.83
C TYR T 277 40.41 23.73 8.95
N ARG T 278 39.10 23.46 9.03
CA ARG T 278 38.13 24.27 8.32
C ARG T 278 38.17 25.72 8.80
N GLN T 279 38.17 25.91 10.12
CA GLN T 279 38.30 27.25 10.67
C GLN T 279 39.57 27.92 10.19
N LEU T 280 40.68 27.19 10.21
CA LEU T 280 41.94 27.73 9.73
C LEU T 280 41.84 28.14 8.27
N SER T 281 41.19 27.30 7.45
CA SER T 281 41.13 27.55 6.02
C SER T 281 40.32 28.81 5.72
N LEU T 282 39.09 28.92 6.23
CA LEU T 282 38.34 30.14 5.92
C LEU T 282 38.79 31.33 6.76
N LEU T 283 39.70 31.12 7.70
CA LEU T 283 40.48 32.26 8.19
C LEU T 283 41.56 32.68 7.22
N LEU T 284 42.08 31.76 6.41
CA LEU T 284 42.99 32.10 5.32
C LEU T 284 42.25 32.65 4.10
N ARG T 285 40.96 32.96 4.22
CA ARG T 285 40.12 33.36 3.10
C ARG T 285 40.09 32.30 2.01
N ARG T 286 40.35 31.04 2.37
CA ARG T 286 40.25 29.95 1.44
C ARG T 286 38.80 29.69 1.06
N PRO T 287 38.57 29.08 -0.10
CA PRO T 287 37.20 28.79 -0.54
C PRO T 287 36.47 27.92 0.47
N PRO T 288 35.18 28.19 0.70
CA PRO T 288 34.40 27.32 1.59
C PRO T 288 34.42 25.86 1.16
N GLY T 289 34.51 25.59 -0.14
CA GLY T 289 34.64 24.21 -0.60
C GLY T 289 33.32 23.47 -0.56
N ARG T 290 33.43 22.15 -0.34
CA ARG T 290 32.29 21.25 -0.37
C ARG T 290 31.75 21.05 1.03
N GLU T 291 30.50 21.47 1.23
CA GLU T 291 29.82 21.38 2.54
C GLU T 291 30.69 22.06 3.60
N ALA T 292 31.02 23.33 3.34
CA ALA T 292 31.72 24.22 4.28
C ALA T 292 33.17 23.82 4.55
N TYR T 293 33.61 22.66 4.02
CA TYR T 293 34.98 22.28 4.30
C TYR T 293 35.89 22.60 3.12
N PRO T 294 37.14 22.95 3.36
CA PRO T 294 38.08 23.19 2.27
C PRO T 294 38.30 21.92 1.46
N GLY T 295 38.59 22.10 0.17
CA GLY T 295 38.73 20.97 -0.73
C GLY T 295 39.87 20.04 -0.38
N ASP T 296 40.80 20.47 0.46
CA ASP T 296 41.95 19.67 0.85
C ASP T 296 41.80 19.02 2.22
N VAL T 297 40.60 19.02 2.80
CA VAL T 297 40.39 18.31 4.06
C VAL T 297 40.62 16.82 3.86
N PHE T 298 40.20 16.29 2.70
CA PHE T 298 40.52 14.90 2.38
C PHE T 298 42.03 14.70 2.29
N TYR T 299 42.72 15.64 1.66
CA TYR T 299 44.18 15.55 1.60
C TYR T 299 44.79 15.60 3.00
N LEU T 300 44.26 16.47 3.85
CA LEU T 300 44.71 16.54 5.24
C LEU T 300 44.60 15.16 5.91
N HIS T 301 43.39 14.60 5.94
CA HIS T 301 43.19 13.33 6.61
C HIS T 301 43.99 12.21 5.96
N SER T 302 44.12 12.24 4.64
CA SER T 302 44.80 11.16 3.92
C SER T 302 46.30 11.18 4.20
N ARG T 303 46.94 12.35 4.08
CA ARG T 303 48.35 12.45 4.40
C ARG T 303 48.61 12.22 5.88
N LEU T 304 47.60 12.46 6.72
CA LEU T 304 47.74 12.18 8.13
C LEU T 304 47.72 10.67 8.39
N LEU T 305 46.78 9.96 7.78
CA LEU T 305 46.59 8.54 8.03
C LEU T 305 47.64 7.68 7.34
N GLU T 306 48.10 8.08 6.15
CA GLU T 306 49.01 7.24 5.39
C GLU T 306 50.33 7.02 6.12
N ARG T 307 50.67 7.90 7.06
CA ARG T 307 51.89 7.70 7.84
C ARG T 307 51.82 6.45 8.71
N ALA T 308 50.63 5.94 8.97
CA ALA T 308 50.46 4.73 9.77
C ALA T 308 50.45 3.52 8.84
N ALA T 309 51.45 2.67 8.96
CA ALA T 309 51.58 1.50 8.10
C ALA T 309 52.49 0.49 8.76
N LYS T 310 52.46 -0.74 8.24
CA LYS T 310 53.31 -1.83 8.71
C LYS T 310 54.54 -1.89 7.81
N LEU T 311 55.69 -1.51 8.36
CA LEU T 311 56.92 -1.52 7.58
C LEU T 311 57.41 -2.94 7.34
N SER T 312 58.12 -3.12 6.23
CA SER T 312 58.66 -4.42 5.88
C SER T 312 59.89 -4.75 6.71
N GLU T 313 60.37 -5.99 6.58
CA GLU T 313 61.52 -6.44 7.36
C GLU T 313 62.77 -5.64 7.02
N LYS T 314 62.88 -5.14 5.79
CA LYS T 314 64.03 -4.33 5.42
C LYS T 314 64.08 -3.02 6.20
N GLU T 315 62.94 -2.46 6.56
CA GLU T 315 62.86 -1.21 7.29
C GLU T 315 62.65 -1.42 8.80
N GLY T 316 63.15 -2.54 9.32
CA GLY T 316 63.05 -2.83 10.73
C GLY T 316 61.79 -3.54 11.16
N SER T 317 60.87 -3.80 10.23
CA SER T 317 59.62 -4.50 10.50
C SER T 317 58.76 -3.78 11.54
N GLY T 318 58.88 -2.46 11.64
CA GLY T 318 58.04 -1.70 12.53
C GLY T 318 56.64 -1.53 11.99
N SER T 319 55.78 -0.96 12.83
CA SER T 319 54.39 -0.74 12.44
C SER T 319 53.82 0.45 13.21
N LEU T 320 52.77 1.02 12.67
CA LEU T 320 52.04 2.12 13.31
C LEU T 320 50.55 1.87 13.06
N THR T 321 49.84 1.43 14.10
CA THR T 321 48.43 1.11 13.98
C THR T 321 47.61 2.37 14.27
N ALA T 322 46.75 2.74 13.34
CA ALA T 322 45.93 3.94 13.45
C ALA T 322 44.51 3.58 13.84
N LEU T 323 43.98 4.31 14.82
CA LEU T 323 42.58 4.15 15.25
C LEU T 323 41.89 5.51 15.25
N PRO T 324 41.65 6.09 14.07
CA PRO T 324 40.96 7.38 14.01
C PRO T 324 39.53 7.27 14.51
N VAL T 325 39.04 8.35 15.09
CA VAL T 325 37.68 8.42 15.61
C VAL T 325 36.95 9.56 14.91
N ILE T 326 35.80 9.24 14.34
CA ILE T 326 34.94 10.23 13.67
C ILE T 326 33.66 10.36 14.48
N GLU T 327 33.34 11.59 14.87
CA GLU T 327 32.08 11.88 15.56
C GLU T 327 31.09 12.29 14.48
N THR T 328 29.99 11.54 14.36
CA THR T 328 29.04 11.75 13.29
C THR T 328 27.75 12.38 13.82
N GLN T 329 26.87 12.73 12.88
CA GLN T 329 25.56 13.30 13.19
C GLN T 329 24.48 12.28 12.86
N GLY T 330 23.81 11.77 13.88
CA GLY T 330 22.73 10.81 13.66
C GLY T 330 23.17 9.52 13.03
N GLY T 331 24.37 9.04 13.36
CA GLY T 331 24.88 7.79 12.82
C GLY T 331 24.98 7.80 11.32
N ASP T 332 25.50 8.89 10.76
CA ASP T 332 25.52 9.11 9.32
C ASP T 332 26.92 8.82 8.79
N VAL T 333 27.02 7.83 7.90
CA VAL T 333 28.27 7.58 7.17
C VAL T 333 28.31 8.30 5.84
N SER T 334 27.23 8.95 5.43
CA SER T 334 27.15 9.62 4.14
C SER T 334 27.55 11.09 4.20
N ALA T 335 27.97 11.59 5.35
CA ALA T 335 28.49 12.94 5.43
C ALA T 335 29.88 13.01 4.82
N TYR T 336 30.33 14.24 4.53
CA TYR T 336 31.62 14.43 3.87
C TYR T 336 32.76 13.78 4.65
N ILE T 337 33.01 14.29 5.86
CA ILE T 337 34.17 13.83 6.62
C ILE T 337 34.12 12.33 6.90
N PRO T 338 33.01 11.75 7.35
CA PRO T 338 32.98 10.29 7.47
C PRO T 338 33.28 9.58 6.16
N THR T 339 32.70 10.04 5.05
CA THR T 339 32.92 9.35 3.77
C THR T 339 34.39 9.37 3.39
N ASN T 340 35.01 10.55 3.42
CA ASN T 340 36.40 10.62 3.00
C ASN T 340 37.31 9.85 3.94
N VAL T 341 37.03 9.92 5.25
CA VAL T 341 37.87 9.20 6.21
C VAL T 341 37.75 7.70 5.99
N ILE T 342 36.55 7.18 5.76
CA ILE T 342 36.41 5.76 5.38
C ILE T 342 37.20 5.48 4.11
N SER T 343 37.16 6.42 3.15
CA SER T 343 37.93 6.23 1.92
C SER T 343 39.43 6.17 2.17
N ILE T 344 39.91 6.71 3.28
CA ILE T 344 41.33 6.59 3.62
C ILE T 344 41.62 5.35 4.46
N THR T 345 40.94 5.18 5.59
CA THR T 345 41.30 4.11 6.51
C THR T 345 41.00 2.74 5.90
N ASP T 346 41.58 1.71 6.52
CA ASP T 346 41.53 0.34 6.03
C ASP T 346 40.37 -0.45 6.62
N GLY T 347 39.29 0.22 6.97
CA GLY T 347 38.13 -0.41 7.59
C GLY T 347 37.55 0.50 8.64
N GLN T 348 36.31 0.22 9.02
CA GLN T 348 35.58 1.03 9.97
C GLN T 348 34.94 0.16 11.03
N ILE T 349 34.79 0.73 12.22
CA ILE T 349 34.07 0.08 13.32
C ILE T 349 32.91 1.01 13.68
N PHE T 350 31.76 0.78 13.06
CA PHE T 350 30.58 1.57 13.37
C PHE T 350 30.03 1.20 14.74
N LEU T 351 29.50 2.19 15.44
CA LEU T 351 28.95 2.01 16.79
C LEU T 351 27.55 2.64 16.80
N GLU T 352 26.52 1.79 16.80
CA GLU T 352 25.15 2.28 16.80
C GLU T 352 24.83 3.07 18.07
N ALA T 353 24.07 4.15 17.90
CA ALA T 353 23.58 4.90 19.05
C ALA T 353 22.46 4.15 19.76
N GLU T 354 21.54 3.57 19.01
CA GLU T 354 20.45 2.81 19.62
C GLU T 354 20.96 1.56 20.32
N LEU T 355 21.97 0.89 19.76
CA LEU T 355 22.57 -0.25 20.44
C LEU T 355 23.17 0.17 21.78
N PHE T 356 23.80 1.35 21.82
CA PHE T 356 24.26 1.90 23.09
C PHE T 356 23.10 2.15 24.04
N TYR T 357 22.00 2.69 23.52
CA TYR T 357 20.83 2.96 24.35
C TYR T 357 20.04 1.70 24.66
N LYS T 358 20.02 0.74 23.74
CA LYS T 358 19.23 -0.48 23.94
C LYS T 358 19.75 -1.30 25.12
N GLY T 359 21.07 -1.37 25.30
CA GLY T 359 21.64 -2.17 26.36
C GLY T 359 22.96 -2.81 25.96
N ILE T 360 23.22 -2.89 24.66
CA ILE T 360 24.49 -3.42 24.17
C ILE T 360 25.55 -2.37 24.45
N ARG T 361 26.29 -2.54 25.55
CA ARG T 361 27.22 -1.51 25.99
C ARG T 361 28.34 -1.24 24.98
N PRO T 362 29.03 -2.23 24.42
CA PRO T 362 30.01 -1.92 23.36
C PRO T 362 29.37 -1.51 22.05
N ALA T 363 28.04 -1.61 21.93
CA ALA T 363 27.32 -1.22 20.73
C ALA T 363 27.83 -1.99 19.52
N ILE T 364 28.77 -1.37 18.78
CA ILE T 364 29.42 -1.87 17.57
C ILE T 364 28.46 -2.66 16.67
N ASN T 365 28.01 -2.02 15.59
CA ASN T 365 27.17 -2.70 14.60
C ASN T 365 28.00 -3.79 13.94
N VAL T 366 27.66 -5.05 14.25
CA VAL T 366 28.43 -6.18 13.77
C VAL T 366 28.42 -6.27 12.25
N GLY T 367 27.41 -5.72 11.59
CA GLY T 367 27.33 -5.77 10.15
C GLY T 367 28.10 -4.65 9.47
N LEU T 368 27.86 -3.42 9.90
CA LEU T 368 28.51 -2.27 9.26
C LEU T 368 30.02 -2.31 9.48
N SER T 369 30.44 -2.65 10.70
CA SER T 369 31.88 -2.74 11.00
C SER T 369 32.52 -3.84 10.17
N VAL T 370 33.67 -3.54 9.59
CA VAL T 370 34.34 -4.46 8.68
C VAL T 370 35.82 -4.14 8.64
N SER T 371 36.65 -5.16 8.43
CA SER T 371 38.09 -5.01 8.37
C SER T 371 38.62 -5.50 7.04
N ARG T 372 39.62 -4.78 6.48
CA ARG T 372 40.31 -5.20 5.27
C ARG T 372 41.49 -6.12 5.55
N VAL T 373 42.51 -5.60 6.23
CA VAL T 373 43.79 -6.29 6.35
C VAL T 373 43.98 -6.95 7.70
N GLY T 374 43.10 -6.71 8.68
CA GLY T 374 43.20 -7.39 9.95
C GLY T 374 42.69 -8.83 9.93
N SER T 375 41.91 -9.19 8.92
CA SER T 375 41.43 -10.56 8.80
C SER T 375 42.59 -11.53 8.62
N ALA T 376 43.53 -11.19 7.75
CA ALA T 376 44.73 -12.00 7.60
C ALA T 376 45.61 -11.91 8.84
N ALA T 377 45.53 -10.80 9.57
CA ALA T 377 46.32 -10.59 10.78
C ALA T 377 45.65 -11.13 12.03
N GLN T 378 44.42 -11.63 11.93
CA GLN T 378 43.70 -12.12 13.10
C GLN T 378 44.40 -13.35 13.67
N VAL T 379 44.27 -13.53 15.00
CA VAL T 379 44.82 -14.70 15.65
C VAL T 379 44.21 -15.96 15.05
N LYS T 380 45.04 -16.95 14.76
CA LYS T 380 44.60 -18.11 14.00
C LYS T 380 43.53 -18.88 14.78
N ALA T 381 43.74 -19.09 16.08
CA ALA T 381 42.72 -19.74 16.89
C ALA T 381 41.46 -18.90 16.95
N LEU T 382 41.61 -17.58 17.08
CA LEU T 382 40.45 -16.69 17.07
C LEU T 382 39.73 -16.75 15.73
N LYS T 383 40.50 -16.88 14.63
CA LYS T 383 39.89 -17.03 13.32
C LYS T 383 39.10 -18.34 13.24
N GLN T 384 39.66 -19.42 13.79
CA GLN T 384 38.96 -20.70 13.77
C GLN T 384 37.65 -20.63 14.55
N VAL T 385 37.68 -20.02 15.74
CA VAL T 385 36.49 -19.98 16.59
C VAL T 385 35.52 -18.88 16.19
N ALA T 386 35.92 -17.94 15.34
CA ALA T 386 35.06 -16.83 14.93
C ALA T 386 34.81 -16.80 13.44
N GLY T 387 35.20 -17.84 12.69
CA GLY T 387 34.96 -17.84 11.26
C GLY T 387 33.48 -17.83 10.91
N SER T 388 32.68 -18.59 11.67
CA SER T 388 31.24 -18.62 11.45
C SER T 388 30.49 -17.62 12.30
N LEU T 389 31.17 -16.87 13.16
CA LEU T 389 30.50 -15.86 13.99
C LEU T 389 29.85 -14.80 13.13
N LYS T 390 30.53 -14.37 12.07
CA LYS T 390 29.94 -13.39 11.15
C LYS T 390 28.67 -13.92 10.53
N LEU T 391 28.65 -15.19 10.14
CA LEU T 391 27.46 -15.77 9.55
C LEU T 391 26.29 -15.78 10.53
N PHE T 392 26.55 -16.18 11.78
CA PHE T 392 25.48 -16.21 12.77
C PHE T 392 24.94 -14.81 13.06
N LEU T 393 25.83 -13.83 13.19
CA LEU T 393 25.38 -12.47 13.45
C LEU T 393 24.60 -11.89 12.27
N ALA T 394 25.03 -12.20 11.04
CA ALA T 394 24.26 -11.78 9.87
C ALA T 394 22.89 -12.44 9.85
N GLN T 395 22.84 -13.72 10.22
CA GLN T 395 21.55 -14.40 10.26
C GLN T 395 20.63 -13.78 11.29
N TYR T 396 21.16 -13.40 12.45
CA TYR T 396 20.33 -12.68 13.42
C TYR T 396 19.91 -11.32 12.87
N ARG T 397 20.82 -10.63 12.17
CA ARG T 397 20.47 -9.32 11.62
C ARG T 397 19.32 -9.44 10.63
N GLU T 398 19.24 -10.56 9.92
CA GLU T 398 18.10 -10.78 9.03
C GLU T 398 16.86 -11.24 9.81
N VAL T 399 17.04 -12.09 10.82
CA VAL T 399 15.90 -12.67 11.54
C VAL T 399 15.18 -11.62 12.37
N ALA T 400 15.91 -10.67 12.96
CA ALA T 400 15.31 -9.66 13.81
C ALA T 400 14.30 -8.81 13.05
N ALA T 401 14.37 -8.78 11.72
CA ALA T 401 13.35 -8.15 10.89
C ALA T 401 12.13 -9.05 10.70
N PHE T 402 12.09 -10.21 11.34
CA PHE T 402 10.97 -11.14 11.25
C PHE T 402 10.24 -11.30 12.58
N ALA T 403 10.67 -10.60 13.63
CA ALA T 403 10.08 -10.77 14.96
C ALA T 403 8.70 -10.15 15.09
N GLN T 404 8.25 -9.37 14.10
CA GLN T 404 6.95 -8.72 14.21
C GLN T 404 5.81 -9.72 14.26
N PHE T 405 5.79 -10.69 13.34
CA PHE T 405 4.72 -11.69 13.28
C PHE T 405 5.14 -12.87 14.14
N GLY T 406 4.98 -12.70 15.45
CA GLY T 406 5.32 -13.74 16.41
C GLY T 406 4.53 -15.01 16.17
N SER T 407 5.20 -16.02 15.64
CA SER T 407 4.56 -17.28 15.25
C SER T 407 5.60 -18.39 15.37
N ASP T 408 5.33 -19.52 14.74
CA ASP T 408 6.30 -20.61 14.73
C ASP T 408 7.62 -20.17 14.12
N LEU T 409 7.57 -19.37 13.04
CA LEU T 409 8.73 -18.77 12.40
C LEU T 409 9.72 -19.79 11.86
N ASP T 410 9.33 -21.06 11.78
CA ASP T 410 10.19 -22.17 11.38
C ASP T 410 11.27 -22.42 12.42
N ALA T 411 11.71 -23.68 12.54
CA ALA T 411 12.66 -24.04 13.60
C ALA T 411 14.02 -23.40 13.37
N SER T 412 14.43 -23.26 12.11
CA SER T 412 15.77 -22.73 11.82
C SER T 412 15.91 -21.28 12.30
N THR T 413 14.89 -20.45 12.06
CA THR T 413 14.96 -19.07 12.49
C THR T 413 14.95 -18.96 14.01
N LYS T 414 14.16 -19.82 14.68
CA LYS T 414 14.16 -19.84 16.14
C LYS T 414 15.53 -20.23 16.69
N GLN T 415 16.16 -21.23 16.07
CA GLN T 415 17.50 -21.62 16.49
C GLN T 415 18.50 -20.50 16.29
N THR T 416 18.43 -19.83 15.14
CA THR T 416 19.34 -18.72 14.89
C THR T 416 19.13 -17.59 15.89
N LEU T 417 17.87 -17.30 16.23
CA LEU T 417 17.58 -16.27 17.23
C LEU T 417 18.13 -16.66 18.60
N VAL T 418 17.82 -17.88 19.06
CA VAL T 418 18.25 -18.34 20.36
C VAL T 418 19.75 -18.53 20.45
N ARG T 419 20.44 -18.56 19.31
CA ARG T 419 21.89 -18.58 19.30
C ARG T 419 22.47 -17.17 19.29
N GLY T 420 21.97 -16.31 18.40
CA GLY T 420 22.55 -15.01 18.23
C GLY T 420 22.25 -14.07 19.38
N GLU T 421 21.16 -14.31 20.12
CA GLU T 421 20.91 -13.48 21.30
C GLU T 421 21.98 -13.72 22.36
N ARG T 422 22.32 -14.99 22.60
CA ARG T 422 23.41 -15.30 23.51
C ARG T 422 24.74 -14.79 22.96
N LEU T 423 24.92 -14.87 21.64
CA LEU T 423 26.14 -14.32 21.03
C LEU T 423 26.27 -12.82 21.30
N THR T 424 25.20 -12.07 21.07
CA THR T 424 25.24 -10.62 21.28
C THR T 424 25.44 -10.26 22.74
N GLN T 425 24.78 -10.99 23.64
CA GLN T 425 25.01 -10.75 25.07
C GLN T 425 26.44 -11.11 25.45
N LEU T 426 27.03 -12.11 24.79
CA LEU T 426 28.42 -12.46 25.03
C LEU T 426 29.35 -11.34 24.60
N LEU T 427 29.07 -10.74 23.44
CA LEU T 427 29.94 -9.68 22.92
C LEU T 427 29.95 -8.45 23.81
N LYS T 428 28.98 -8.32 24.71
CA LYS T 428 28.97 -7.18 25.63
C LYS T 428 30.13 -7.26 26.61
N GLN T 429 30.69 -6.10 26.95
CA GLN T 429 31.79 -6.01 27.88
C GLN T 429 31.60 -4.78 28.76
N ASN T 430 32.56 -4.55 29.65
CA ASN T 430 32.55 -3.41 30.55
C ASN T 430 33.74 -2.51 30.26
N GLN T 431 33.58 -1.21 30.54
CA GLN T 431 34.63 -0.25 30.28
C GLN T 431 35.84 -0.54 31.16
N TYR T 432 37.03 -0.30 30.61
CA TYR T 432 38.30 -0.51 31.31
C TYR T 432 38.44 -1.95 31.80
N SER T 433 37.86 -2.90 31.08
CA SER T 433 37.96 -4.32 31.41
C SER T 433 38.33 -5.12 30.17
N PRO T 434 39.55 -4.95 29.66
CA PRO T 434 39.96 -5.69 28.46
C PRO T 434 40.28 -7.14 28.80
N LEU T 435 40.21 -7.99 27.78
CA LEU T 435 40.52 -9.40 27.89
C LEU T 435 41.58 -9.80 26.85
N ALA T 436 42.18 -10.96 27.06
CA ALA T 436 43.19 -11.49 26.16
C ALA T 436 42.66 -12.74 25.46
N THR T 437 43.52 -13.36 24.66
CA THR T 437 43.10 -14.50 23.85
C THR T 437 42.64 -15.67 24.72
N GLU T 438 43.28 -15.88 25.86
CA GLU T 438 42.85 -16.93 26.78
C GLU T 438 41.44 -16.67 27.30
N GLU T 439 41.01 -15.41 27.33
CA GLU T 439 39.63 -15.09 27.69
C GLU T 439 38.71 -15.13 26.47
N GLN T 440 39.21 -14.74 25.30
CA GLN T 440 38.37 -14.68 24.10
C GLN T 440 38.01 -16.08 23.61
N VAL T 441 39.02 -16.90 23.33
CA VAL T 441 38.80 -18.12 22.55
C VAL T 441 37.74 -19.04 23.16
N PRO T 442 37.77 -19.36 24.46
CA PRO T 442 36.70 -20.24 24.99
C PRO T 442 35.31 -19.67 24.83
N LEU T 443 35.15 -18.36 25.03
CA LEU T 443 33.82 -17.76 24.92
C LEU T 443 33.31 -17.77 23.49
N ILE T 444 34.17 -17.40 22.54
CA ILE T 444 33.77 -17.44 21.13
C ILE T 444 33.43 -18.86 20.72
N TYR T 445 34.25 -19.83 21.13
CA TYR T 445 33.98 -21.22 20.76
C TYR T 445 32.66 -21.71 21.36
N ALA T 446 32.41 -21.39 22.63
CA ALA T 446 31.17 -21.81 23.27
C ALA T 446 29.96 -21.18 22.59
N GLY T 447 30.06 -19.89 22.28
CA GLY T 447 28.94 -19.22 21.62
C GLY T 447 28.67 -19.76 20.23
N VAL T 448 29.72 -20.00 19.46
CA VAL T 448 29.54 -20.52 18.11
C VAL T 448 28.99 -21.93 18.14
N ASN T 449 29.49 -22.77 19.04
CA ASN T 449 29.10 -24.18 19.09
C ASN T 449 27.73 -24.40 19.70
N GLY T 450 27.07 -23.36 20.22
CA GLY T 450 25.73 -23.49 20.76
C GLY T 450 25.65 -23.96 22.19
N HIS T 451 26.73 -23.85 22.96
CA HIS T 451 26.69 -24.27 24.36
C HIS T 451 25.95 -23.28 25.24
N LEU T 452 25.60 -22.11 24.72
CA LEU T 452 24.83 -21.12 25.46
C LEU T 452 23.34 -21.17 25.15
N ASP T 453 22.89 -22.14 24.35
CA ASP T 453 21.46 -22.23 24.06
C ASP T 453 20.66 -22.59 25.32
N GLY T 454 21.28 -23.29 26.26
CA GLY T 454 20.65 -23.63 27.51
C GLY T 454 20.87 -22.64 28.64
N ILE T 455 21.47 -21.49 28.37
CA ILE T 455 21.77 -20.49 29.38
C ILE T 455 20.85 -19.30 29.19
N GLU T 456 20.36 -18.76 30.29
CA GLU T 456 19.43 -17.64 30.24
C GLU T 456 20.11 -16.39 29.70
N LEU T 457 19.31 -15.53 29.07
CA LEU T 457 19.86 -14.31 28.47
C LEU T 457 20.45 -13.38 29.52
N SER T 458 19.78 -13.25 30.67
CA SER T 458 20.29 -12.40 31.74
C SER T 458 21.48 -13.00 32.47
N ARG T 459 21.79 -14.27 32.21
CA ARG T 459 22.87 -14.96 32.90
C ARG T 459 24.13 -15.09 32.06
N ILE T 460 24.20 -14.40 30.91
CA ILE T 460 25.37 -14.51 30.05
C ILE T 460 26.61 -13.95 30.73
N GLY T 461 26.47 -12.81 31.40
CA GLY T 461 27.62 -12.22 32.08
C GLY T 461 28.12 -13.08 33.23
N GLU T 462 27.21 -13.62 34.03
CA GLU T 462 27.62 -14.50 35.12
C GLU T 462 28.22 -15.79 34.59
N PHE T 463 27.71 -16.29 33.46
CA PHE T 463 28.34 -17.43 32.82
C PHE T 463 29.77 -17.10 32.40
N GLU T 464 29.97 -15.91 31.82
CA GLU T 464 31.31 -15.50 31.42
C GLU T 464 32.24 -15.47 32.62
N SER T 465 31.83 -14.81 33.70
CA SER T 465 32.68 -14.68 34.86
C SER T 465 33.00 -16.05 35.46
N SER T 466 31.98 -16.88 35.63
CA SER T 466 32.19 -18.19 36.24
C SER T 466 33.04 -19.09 35.35
N PHE T 467 32.84 -19.03 34.04
CA PHE T 467 33.61 -19.87 33.12
C PHE T 467 35.08 -19.47 33.11
N LEU T 468 35.36 -18.15 33.10
CA LEU T 468 36.75 -17.73 33.18
C LEU T 468 37.37 -18.11 34.51
N SER T 469 36.63 -17.96 35.60
CA SER T 469 37.16 -18.36 36.91
C SER T 469 37.47 -19.85 36.94
N TYR T 470 36.57 -20.67 36.42
CA TYR T 470 36.78 -22.12 36.42
C TYR T 470 37.97 -22.50 35.53
N LEU T 471 38.07 -21.88 34.35
CA LEU T 471 39.18 -22.19 33.46
C LEU T 471 40.51 -21.77 34.06
N LYS T 472 40.57 -20.60 34.71
CA LYS T 472 41.81 -20.13 35.30
C LYS T 472 42.14 -20.88 36.59
N SER T 473 41.17 -21.53 37.23
CA SER T 473 41.41 -22.18 38.50
C SER T 473 42.12 -23.53 38.32
N ASN T 474 41.47 -24.46 37.63
CA ASN T 474 41.99 -25.82 37.51
C ASN T 474 42.44 -26.17 36.10
N HIS T 475 41.60 -25.93 35.09
CA HIS T 475 41.92 -26.28 33.71
C HIS T 475 42.64 -25.14 33.02
N ASN T 476 43.72 -24.67 33.65
CA ASN T 476 44.48 -23.54 33.16
C ASN T 476 45.44 -23.92 32.04
N GLU T 477 45.72 -25.21 31.86
CA GLU T 477 46.66 -25.62 30.82
C GLU T 477 46.10 -25.35 29.43
N LEU T 478 44.78 -25.49 29.25
CA LEU T 478 44.17 -25.28 27.94
C LEU T 478 44.34 -23.83 27.48
N LEU T 479 43.96 -22.88 28.34
CA LEU T 479 44.07 -21.47 27.96
C LEU T 479 45.53 -21.04 27.83
N THR T 480 46.42 -21.57 28.68
CA THR T 480 47.84 -21.26 28.56
C THR T 480 48.39 -21.75 27.22
N GLU T 481 48.01 -22.98 26.82
CA GLU T 481 48.44 -23.51 25.54
C GLU T 481 47.89 -22.67 24.39
N ILE T 482 46.63 -22.25 24.49
CA ILE T 482 46.04 -21.40 23.47
C ILE T 482 46.82 -20.10 23.36
N ARG T 483 47.17 -19.50 24.50
CA ARG T 483 47.90 -18.23 24.49
C ARG T 483 49.28 -18.38 23.88
N GLU T 484 50.02 -19.41 24.28
CA GLU T 484 51.40 -19.54 23.81
C GLU T 484 51.45 -19.94 22.33
N LYS T 485 50.70 -20.98 21.96
CA LYS T 485 50.77 -21.48 20.59
C LYS T 485 50.06 -20.55 19.62
N GLY T 486 48.86 -20.09 19.98
CA GLY T 486 48.09 -19.20 19.14
C GLY T 486 47.15 -19.89 18.17
N GLU T 487 47.28 -21.20 17.98
CA GLU T 487 46.38 -21.95 17.12
C GLU T 487 45.57 -22.94 17.96
N LEU T 488 44.67 -23.67 17.31
CA LEU T 488 43.85 -24.68 17.97
C LEU T 488 43.86 -25.94 17.13
N SER T 489 44.55 -26.97 17.61
CA SER T 489 44.57 -28.26 16.95
C SER T 489 43.31 -29.05 17.31
N LYS T 490 43.22 -30.26 16.77
CA LYS T 490 42.07 -31.11 17.07
C LYS T 490 42.01 -31.47 18.54
N GLU T 491 43.16 -31.80 19.14
CA GLU T 491 43.19 -32.13 20.56
C GLU T 491 42.80 -30.94 21.42
N LEU T 492 43.31 -29.75 21.08
CA LEU T 492 42.96 -28.55 21.84
C LEU T 492 41.47 -28.24 21.72
N LEU T 493 40.92 -28.36 20.51
CA LEU T 493 39.50 -28.11 20.31
C LEU T 493 38.65 -29.09 21.09
N ALA T 494 39.02 -30.38 21.06
CA ALA T 494 38.28 -31.39 21.79
C ALA T 494 38.35 -31.13 23.30
N SER T 495 39.53 -30.78 23.81
CA SER T 495 39.65 -30.49 25.24
C SER T 495 38.82 -29.28 25.63
N LEU T 496 38.82 -28.24 24.80
CA LEU T 496 38.04 -27.05 25.11
C LEU T 496 36.54 -27.34 25.07
N LYS T 497 36.10 -28.14 24.09
CA LYS T 497 34.70 -28.54 24.04
C LYS T 497 34.31 -29.35 25.27
N SER T 498 35.17 -30.28 25.67
CA SER T 498 34.89 -31.08 26.86
C SER T 498 34.81 -30.22 28.11
N ALA T 499 35.74 -29.27 28.25
CA ALA T 499 35.71 -28.38 29.41
C ALA T 499 34.45 -27.53 29.43
N THR T 500 34.06 -26.99 28.27
CA THR T 500 32.84 -26.18 28.21
C THR T 500 31.61 -27.01 28.55
N GLU T 501 31.53 -28.24 28.02
CA GLU T 501 30.39 -29.10 28.32
C GLU T 501 30.34 -29.45 29.80
N SER T 502 31.51 -29.72 30.39
CA SER T 502 31.55 -30.01 31.83
C SER T 502 31.10 -28.82 32.65
N PHE T 503 31.51 -27.61 32.24
CA PHE T 503 31.17 -26.42 33.02
C PHE T 503 29.68 -26.10 32.91
N VAL T 504 29.13 -26.12 31.69
CA VAL T 504 27.74 -25.71 31.50
C VAL T 504 26.79 -26.65 32.23
N ALA T 505 27.04 -27.96 32.14
CA ALA T 505 26.24 -28.97 32.81
C ALA T 505 24.75 -28.76 32.55
N THR T 506 24.07 -28.15 33.52
CA THR T 506 22.66 -27.79 33.39
C THR T 506 22.42 -26.35 33.87
N PHE T 507 23.44 -25.51 33.78
CA PHE T 507 23.35 -24.11 34.21
C PHE T 507 22.34 -23.34 33.38
N LYS U 1 50.17 15.10 -56.67
CA LYS U 1 49.33 15.89 -55.77
C LYS U 1 49.59 17.39 -55.97
N ALA U 2 48.97 17.96 -57.01
CA ALA U 2 49.11 19.38 -57.27
C ALA U 2 48.26 20.22 -56.33
N GLN U 3 47.19 19.64 -55.77
CA GLN U 3 46.32 20.39 -54.87
C GLN U 3 47.04 20.91 -53.62
N PRO U 4 47.77 20.09 -52.85
CA PRO U 4 48.49 20.66 -51.71
C PRO U 4 49.47 21.73 -52.15
N THR U 5 50.09 21.57 -53.31
CA THR U 5 51.06 22.54 -53.80
C THR U 5 50.39 23.89 -54.03
N GLU U 6 49.27 23.93 -54.76
CA GLU U 6 48.74 25.24 -55.11
C GLU U 6 48.06 25.87 -53.92
N VAL U 7 47.48 25.05 -53.02
CA VAL U 7 46.87 25.63 -51.83
C VAL U 7 47.94 26.21 -50.91
N SER U 8 49.08 25.52 -50.79
CA SER U 8 50.18 26.08 -50.02
C SER U 8 50.70 27.37 -50.65
N SER U 9 50.84 27.39 -51.97
CA SER U 9 51.31 28.58 -52.65
C SER U 9 50.35 29.75 -52.45
N ILE U 10 49.05 29.49 -52.55
CA ILE U 10 48.06 30.56 -52.39
C ILE U 10 48.06 31.08 -50.95
N LEU U 11 48.09 30.18 -49.97
CA LEU U 11 48.11 30.61 -48.58
C LEU U 11 49.36 31.41 -48.26
N GLU U 12 50.52 30.96 -48.76
CA GLU U 12 51.76 31.68 -48.49
C GLU U 12 51.79 33.03 -49.22
N GLU U 13 51.21 33.11 -50.42
CA GLU U 13 51.10 34.39 -51.10
C GLU U 13 50.20 35.35 -50.34
N ARG U 14 49.10 34.83 -49.78
CA ARG U 14 48.23 35.68 -48.97
C ARG U 14 48.97 36.15 -47.72
N ILE U 15 49.78 35.28 -47.12
CA ILE U 15 50.58 35.68 -45.97
C ILE U 15 51.57 36.78 -46.36
N LYS U 16 52.21 36.64 -47.52
CA LYS U 16 53.12 37.67 -47.99
C LYS U 16 52.39 39.00 -48.20
N GLY U 17 51.21 38.94 -48.81
CA GLY U 17 50.44 40.16 -49.02
C GLY U 17 50.02 40.82 -47.72
N VAL U 18 49.65 40.01 -46.72
CA VAL U 18 49.31 40.55 -45.41
C VAL U 18 50.53 41.21 -44.78
N SER U 19 51.69 40.57 -44.89
CA SER U 19 52.92 41.16 -44.35
C SER U 19 53.25 42.48 -45.05
N ASP U 20 53.04 42.53 -46.36
CA ASP U 20 53.33 43.76 -47.11
C ASP U 20 52.41 44.90 -46.71
N GLU U 21 51.15 44.60 -46.38
CA GLU U 21 50.19 45.63 -45.94
C GLU U 21 49.56 45.13 -44.64
N ALA U 22 50.23 45.41 -43.52
CA ALA U 22 49.70 45.12 -42.20
C ALA U 22 49.60 46.36 -41.33
N ASN U 23 50.71 47.09 -41.16
CA ASN U 23 50.81 48.28 -40.31
C ASN U 23 50.05 48.12 -38.99
N LEU U 24 50.19 46.95 -38.38
CA LEU U 24 49.64 46.69 -37.05
C LEU U 24 50.58 47.27 -36.01
N ASN U 25 50.13 48.31 -35.32
CA ASN U 25 50.90 48.94 -34.24
C ASN U 25 50.23 48.84 -32.88
N GLU U 26 48.93 49.09 -32.79
CA GLU U 26 48.19 48.99 -31.54
C GLU U 26 47.88 47.55 -31.16
N THR U 27 48.51 46.58 -31.82
CA THR U 27 48.30 45.17 -31.47
C THR U 27 48.81 44.91 -30.05
N GLY U 28 48.16 43.97 -29.37
CA GLY U 28 48.40 43.78 -27.95
C GLY U 28 49.58 42.87 -27.64
N ARG U 29 50.02 42.95 -26.38
CA ARG U 29 51.06 42.08 -25.84
C ARG U 29 50.54 41.42 -24.58
N VAL U 30 50.69 40.11 -24.48
CA VAL U 30 50.06 39.35 -23.40
C VAL U 30 50.75 39.66 -22.08
N LEU U 31 49.97 40.01 -21.07
CA LEU U 31 50.50 40.20 -19.73
C LEU U 31 50.46 38.90 -18.93
N ALA U 32 49.27 38.33 -18.76
CA ALA U 32 49.12 37.16 -17.90
C ALA U 32 48.12 36.21 -18.54
N VAL U 33 48.59 35.03 -18.96
CA VAL U 33 47.72 33.99 -19.51
C VAL U 33 47.46 32.96 -18.40
N GLY U 34 46.19 32.75 -18.10
CA GLY U 34 45.83 31.80 -17.06
C GLY U 34 45.59 30.40 -17.60
N ASP U 35 44.44 29.83 -17.25
CA ASP U 35 44.07 28.48 -17.69
C ASP U 35 43.11 28.61 -18.87
N GLY U 36 43.69 28.72 -20.06
CA GLY U 36 42.92 28.85 -21.27
C GLY U 36 42.42 30.24 -21.57
N ILE U 37 42.78 31.24 -20.77
CA ILE U 37 42.44 32.63 -21.02
C ILE U 37 43.70 33.47 -20.80
N ALA U 38 43.81 34.58 -21.52
CA ALA U 38 44.94 35.49 -21.40
C ALA U 38 44.44 36.92 -21.27
N ARG U 39 45.10 37.69 -20.41
CA ARG U 39 44.87 39.13 -20.32
C ARG U 39 45.96 39.85 -21.10
N VAL U 40 45.56 40.73 -22.02
CA VAL U 40 46.49 41.36 -22.96
C VAL U 40 46.31 42.87 -22.88
N PHE U 41 47.42 43.59 -22.81
CA PHE U 41 47.43 45.05 -22.86
C PHE U 41 47.62 45.50 -24.30
N GLY U 42 46.93 46.57 -24.66
CA GLY U 42 46.93 47.05 -26.03
C GLY U 42 45.58 46.84 -26.68
N LEU U 43 45.56 46.71 -28.00
CA LEU U 43 44.32 46.54 -28.75
C LEU U 43 43.32 47.63 -28.39
N ASN U 44 43.77 48.88 -28.49
CA ASN U 44 42.93 50.00 -28.09
C ASN U 44 41.68 50.11 -28.97
N ASN U 45 41.71 49.51 -30.16
CA ASN U 45 40.58 49.54 -31.07
C ASN U 45 39.90 48.18 -31.20
N ILE U 46 40.07 47.28 -30.22
CA ILE U 46 39.50 45.95 -30.33
C ILE U 46 37.99 46.03 -30.16
N GLN U 47 37.24 45.35 -31.02
CA GLN U 47 35.82 45.19 -30.80
C GLN U 47 35.58 44.11 -29.76
N ALA U 48 34.48 44.26 -29.02
CA ALA U 48 34.10 43.25 -28.05
C ALA U 48 33.73 41.95 -28.77
N GLU U 49 34.03 40.81 -28.13
CA GLU U 49 33.94 39.48 -28.76
C GLU U 49 34.36 39.51 -30.23
N GLU U 50 35.54 40.07 -30.49
CA GLU U 50 36.18 40.04 -31.79
C GLU U 50 37.28 38.99 -31.79
N LEU U 51 37.34 38.20 -32.86
CA LEU U 51 38.38 37.18 -32.98
C LEU U 51 39.76 37.82 -33.07
N VAL U 52 40.74 37.19 -32.42
CA VAL U 52 42.13 37.61 -32.48
C VAL U 52 42.98 36.37 -32.76
N GLU U 53 44.18 36.62 -33.28
CA GLU U 53 45.13 35.57 -33.64
C GLU U 53 46.40 35.79 -32.83
N PHE U 54 46.69 34.87 -31.91
CA PHE U 54 47.91 34.95 -31.14
C PHE U 54 49.11 34.58 -32.01
N SER U 55 50.30 35.02 -31.57
CA SER U 55 51.52 34.71 -32.30
C SER U 55 51.76 33.20 -32.37
N SER U 56 51.32 32.47 -31.35
CA SER U 56 51.45 31.02 -31.35
C SER U 56 50.45 30.33 -32.26
N GLY U 57 49.45 31.05 -32.77
CA GLY U 57 48.45 30.49 -33.66
C GLY U 57 47.11 30.20 -33.01
N VAL U 58 47.03 30.22 -31.68
CA VAL U 58 45.76 29.95 -31.01
C VAL U 58 44.85 31.16 -31.15
N LYS U 59 43.63 30.92 -31.61
CA LYS U 59 42.67 32.01 -31.79
C LYS U 59 42.01 32.38 -30.47
N GLY U 60 41.58 33.64 -30.37
CA GLY U 60 41.01 34.16 -29.16
C GLY U 60 39.78 34.99 -29.43
N MET U 61 39.11 35.38 -28.34
CA MET U 61 37.86 36.14 -28.41
C MET U 61 37.70 36.96 -27.14
N ALA U 62 37.24 38.20 -27.29
CA ALA U 62 37.34 39.23 -26.25
C ALA U 62 36.00 39.40 -25.54
N LEU U 63 35.86 38.75 -24.38
CA LEU U 63 34.65 38.93 -23.57
C LEU U 63 34.67 40.22 -22.76
N ASN U 64 35.64 40.36 -21.85
CA ASN U 64 35.74 41.55 -21.01
C ASN U 64 36.86 42.44 -21.52
N LEU U 65 36.50 43.69 -21.83
CA LEU U 65 37.46 44.73 -22.22
C LEU U 65 37.64 45.70 -21.05
N GLU U 66 38.50 45.33 -20.10
CA GLU U 66 38.81 46.23 -19.00
C GLU U 66 39.57 47.43 -19.53
N PRO U 67 39.60 48.53 -18.77
CA PRO U 67 40.45 49.67 -19.14
C PRO U 67 41.92 49.24 -19.13
N GLY U 68 42.55 49.33 -20.29
CA GLY U 68 43.95 48.92 -20.45
C GLY U 68 44.18 47.51 -20.93
N GLN U 69 43.63 46.53 -20.20
CA GLN U 69 43.77 45.13 -20.55
C GLN U 69 42.40 44.57 -20.94
N VAL U 70 42.38 43.60 -21.85
CA VAL U 70 41.16 42.92 -22.25
C VAL U 70 41.35 41.43 -22.06
N GLY U 71 40.31 40.76 -21.58
CA GLY U 71 40.35 39.33 -21.38
C GLY U 71 40.07 38.57 -22.65
N ILE U 72 41.02 37.74 -23.08
CA ILE U 72 40.90 36.96 -24.30
C ILE U 72 40.75 35.49 -23.93
N VAL U 73 39.59 34.93 -24.25
CA VAL U 73 39.36 33.50 -24.09
C VAL U 73 39.96 32.77 -25.28
N LEU U 74 40.73 31.72 -25.01
CA LEU U 74 41.47 31.02 -26.04
C LEU U 74 40.64 29.89 -26.62
N PHE U 75 40.60 29.79 -27.95
CA PHE U 75 39.91 28.71 -28.64
C PHE U 75 40.84 27.53 -28.86
N GLY U 76 41.43 27.07 -27.77
CA GLY U 76 42.39 25.99 -27.81
C GLY U 76 43.21 25.96 -26.54
N SER U 77 44.27 25.16 -26.57
CA SER U 77 45.13 24.97 -25.41
C SER U 77 46.00 26.20 -25.18
N ASP U 78 46.43 26.37 -23.94
CA ASP U 78 47.36 27.43 -23.55
C ASP U 78 48.81 26.95 -23.46
N ARG U 79 49.08 25.73 -23.91
CA ARG U 79 50.46 25.28 -24.15
C ARG U 79 51.29 26.33 -24.88
N LEU U 80 50.83 26.75 -26.06
CA LEU U 80 51.71 27.49 -26.96
C LEU U 80 51.87 28.95 -26.53
N VAL U 81 50.80 29.55 -26.00
CA VAL U 81 50.84 30.97 -25.68
C VAL U 81 51.71 31.21 -24.45
N LYS U 82 52.45 32.32 -24.46
CA LYS U 82 53.30 32.72 -23.36
C LYS U 82 53.15 34.21 -23.13
N GLU U 83 53.71 34.69 -22.01
CA GLU U 83 53.69 36.10 -21.70
C GLU U 83 54.50 36.89 -22.72
N GLY U 84 54.00 38.06 -23.09
CA GLY U 84 54.68 38.91 -24.05
C GLY U 84 54.50 38.51 -25.49
N GLU U 85 53.62 37.56 -25.79
CA GLU U 85 53.39 37.14 -27.15
C GLU U 85 52.48 38.13 -27.87
N LEU U 86 52.77 38.36 -29.15
CA LEU U 86 51.94 39.25 -29.95
C LEU U 86 50.59 38.62 -30.22
N VAL U 87 49.55 39.45 -30.23
CA VAL U 87 48.20 39.02 -30.57
C VAL U 87 47.73 39.86 -31.75
N LYS U 88 47.18 39.20 -32.76
CA LYS U 88 46.73 39.85 -33.98
C LYS U 88 45.20 39.85 -34.03
N ARG U 89 44.60 41.03 -33.94
CA ARG U 89 43.15 41.15 -34.01
C ARG U 89 42.69 40.94 -35.45
N THR U 90 41.68 40.09 -35.63
CA THR U 90 41.20 39.79 -36.97
C THR U 90 40.37 40.91 -37.56
N GLY U 91 39.89 41.84 -36.73
CA GLY U 91 39.12 42.97 -37.20
C GLY U 91 37.64 42.69 -37.42
N ASN U 92 37.18 41.47 -37.18
CA ASN U 92 35.77 41.13 -37.36
C ASN U 92 35.30 40.27 -36.19
N ILE U 93 34.03 40.47 -35.82
CA ILE U 93 33.42 39.68 -34.76
C ILE U 93 33.44 38.20 -35.17
N VAL U 94 33.60 37.32 -34.18
CA VAL U 94 33.71 35.89 -34.45
C VAL U 94 32.51 35.42 -35.26
N ASP U 95 32.77 34.62 -36.28
CA ASP U 95 31.75 34.12 -37.19
C ASP U 95 32.03 32.66 -37.51
N VAL U 96 31.11 32.03 -38.21
CA VAL U 96 31.23 30.63 -38.58
C VAL U 96 30.86 30.49 -40.06
N PRO U 97 31.58 29.69 -40.83
CA PRO U 97 31.16 29.43 -42.22
C PRO U 97 29.79 28.79 -42.26
N VAL U 98 28.96 29.28 -43.19
CA VAL U 98 27.59 28.80 -43.35
C VAL U 98 27.32 28.57 -44.83
N GLY U 99 26.33 27.71 -45.10
CA GLY U 99 25.95 27.40 -46.45
C GLY U 99 25.50 25.96 -46.60
N PRO U 100 25.20 25.55 -47.84
CA PRO U 100 24.78 24.17 -48.08
C PRO U 100 25.92 23.16 -48.13
N GLY U 101 27.15 23.62 -48.32
CA GLY U 101 28.28 22.72 -48.35
C GLY U 101 28.66 22.15 -47.00
N LEU U 102 28.16 22.74 -45.91
CA LEU U 102 28.40 22.18 -44.58
C LEU U 102 27.72 20.84 -44.39
N LEU U 103 26.70 20.54 -45.18
CA LEU U 103 26.02 19.25 -45.09
C LEU U 103 26.98 18.13 -45.44
N GLY U 104 26.90 17.03 -44.70
CA GLY U 104 27.81 15.92 -44.89
C GLY U 104 29.17 16.11 -44.27
N ARG U 105 29.35 17.13 -43.43
CA ARG U 105 30.63 17.45 -42.83
C ARG U 105 30.49 17.60 -41.32
N VAL U 106 31.58 17.32 -40.62
CA VAL U 106 31.67 17.52 -39.17
C VAL U 106 32.67 18.65 -38.92
N VAL U 107 32.23 19.66 -38.18
CA VAL U 107 33.03 20.86 -37.94
C VAL U 107 33.10 21.12 -36.45
N ASP U 108 34.12 21.88 -36.06
CA ASP U 108 34.32 22.26 -34.66
C ASP U 108 33.46 23.49 -34.35
N ALA U 109 33.73 24.14 -33.21
CA ALA U 109 32.99 25.33 -32.83
C ALA U 109 33.18 26.44 -33.86
N LEU U 110 34.42 26.66 -34.30
CA LEU U 110 34.71 27.73 -35.25
C LEU U 110 34.28 27.39 -36.67
N GLY U 111 33.84 26.16 -36.92
CA GLY U 111 33.44 25.75 -38.25
C GLY U 111 34.53 25.10 -39.07
N ASN U 112 35.75 25.00 -38.55
CA ASN U 112 36.82 24.34 -39.28
C ASN U 112 36.50 22.85 -39.40
N PRO U 113 36.79 22.24 -40.55
CA PRO U 113 36.49 20.81 -40.72
C PRO U 113 37.39 19.95 -39.85
N ILE U 114 36.77 19.05 -39.09
CA ILE U 114 37.49 18.12 -38.23
C ILE U 114 37.28 16.67 -38.63
N ASP U 115 36.44 16.40 -39.64
CA ASP U 115 36.21 15.06 -40.11
C ASP U 115 37.26 14.57 -41.09
N GLY U 116 38.21 15.42 -41.47
CA GLY U 116 39.23 15.04 -42.43
C GLY U 116 38.69 14.73 -43.81
N LYS U 117 37.68 15.49 -44.24
CA LYS U 117 37.08 15.30 -45.56
C LYS U 117 37.37 16.45 -46.50
N GLY U 118 38.31 17.32 -46.16
CA GLY U 118 38.68 18.42 -47.02
C GLY U 118 38.16 19.76 -46.53
N PRO U 119 38.44 20.82 -47.27
CA PRO U 119 37.99 22.15 -46.85
C PRO U 119 36.48 22.29 -46.94
N ILE U 120 35.97 23.25 -46.15
CA ILE U 120 34.54 23.50 -46.07
C ILE U 120 34.16 24.51 -47.14
N ASP U 121 33.17 24.16 -47.96
CA ASP U 121 32.61 25.07 -48.95
C ASP U 121 31.43 25.80 -48.31
N ALA U 122 31.59 27.10 -48.10
CA ALA U 122 30.60 27.92 -47.41
C ALA U 122 30.04 28.97 -48.35
N ALA U 123 28.71 29.11 -48.37
CA ALA U 123 28.08 30.15 -49.16
C ALA U 123 28.32 31.54 -48.58
N GLY U 124 28.75 31.62 -47.33
CA GLY U 124 29.01 32.90 -46.70
C GLY U 124 29.44 32.71 -45.26
N ARG U 125 29.68 33.83 -44.59
CA ARG U 125 30.07 33.84 -43.19
C ARG U 125 29.01 34.57 -42.38
N SER U 126 28.48 33.91 -41.36
CA SER U 126 27.47 34.48 -40.48
C SER U 126 28.04 34.61 -39.07
N ARG U 127 27.70 35.72 -38.42
CA ARG U 127 28.19 35.95 -37.07
C ARG U 127 27.72 34.85 -36.13
N ALA U 128 28.60 34.45 -35.21
CA ALA U 128 28.22 33.48 -34.20
C ALA U 128 27.13 34.03 -33.30
N GLN U 129 27.17 35.33 -33.02
CA GLN U 129 26.16 36.01 -32.21
C GLN U 129 25.28 36.82 -33.15
N VAL U 130 24.08 36.32 -33.41
CA VAL U 130 23.13 36.95 -34.32
C VAL U 130 21.84 37.22 -33.56
N LYS U 131 21.33 38.44 -33.69
CA LYS U 131 20.08 38.81 -33.02
C LYS U 131 18.93 37.95 -33.53
N ALA U 132 18.08 37.51 -32.61
CA ALA U 132 16.94 36.68 -32.96
C ALA U 132 15.91 37.49 -33.76
N PRO U 133 15.12 36.83 -34.59
CA PRO U 133 14.09 37.54 -35.35
C PRO U 133 13.06 38.20 -34.42
N GLY U 134 12.52 39.33 -34.89
CA GLY U 134 11.58 40.09 -34.10
C GLY U 134 10.20 39.47 -34.06
N ILE U 135 9.25 40.23 -33.52
CA ILE U 135 7.89 39.74 -33.36
C ILE U 135 7.24 39.49 -34.71
N LEU U 136 7.38 40.43 -35.63
CA LEU U 136 6.68 40.34 -36.91
C LEU U 136 7.30 39.31 -37.85
N PRO U 137 8.63 39.27 -38.04
CA PRO U 137 9.19 38.34 -39.05
C PRO U 137 8.86 36.88 -38.78
N ARG U 138 8.59 36.50 -37.52
CA ARG U 138 8.24 35.13 -37.23
C ARG U 138 6.84 34.80 -37.73
N ARG U 139 6.48 33.53 -37.64
CA ARG U 139 5.15 33.05 -37.98
C ARG U 139 4.77 31.95 -37.01
N SER U 140 3.46 31.81 -36.79
CA SER U 140 2.98 30.80 -35.85
C SER U 140 3.34 29.40 -36.35
N VAL U 141 3.85 28.57 -35.45
CA VAL U 141 4.30 27.24 -35.82
C VAL U 141 3.10 26.38 -36.18
N HIS U 142 3.04 25.95 -37.44
CA HIS U 142 1.93 25.12 -37.91
C HIS U 142 2.44 23.87 -38.61
N GLU U 143 3.58 23.97 -39.27
CA GLU U 143 4.14 22.82 -39.98
C GLU U 143 4.79 21.87 -38.99
N PRO U 144 4.33 20.62 -38.91
CA PRO U 144 4.89 19.70 -37.91
C PRO U 144 6.29 19.22 -38.29
N VAL U 145 7.05 18.85 -37.27
CA VAL U 145 8.33 18.16 -37.44
C VAL U 145 8.07 16.70 -37.12
N GLN U 146 8.16 15.84 -38.13
CA GLN U 146 7.85 14.43 -37.96
C GLN U 146 8.99 13.74 -37.23
N THR U 147 8.82 13.55 -35.92
CA THR U 147 9.84 12.90 -35.12
C THR U 147 9.94 11.40 -35.38
N GLY U 148 8.83 10.75 -35.73
CA GLY U 148 8.84 9.33 -36.00
C GLY U 148 8.68 8.43 -34.81
N LEU U 149 8.48 8.97 -33.61
CA LEU U 149 8.19 8.19 -32.42
C LEU U 149 6.76 8.46 -31.98
N LYS U 150 6.06 7.39 -31.57
CA LYS U 150 4.62 7.49 -31.32
C LYS U 150 4.33 8.44 -30.16
N ALA U 151 5.01 8.25 -29.03
CA ALA U 151 4.67 8.98 -27.82
C ALA U 151 4.88 10.47 -28.00
N VAL U 152 6.04 10.87 -28.51
CA VAL U 152 6.36 12.29 -28.61
C VAL U 152 5.49 12.97 -29.66
N ASP U 153 5.25 12.30 -30.79
CA ASP U 153 4.38 12.87 -31.82
C ASP U 153 2.95 13.02 -31.31
N ALA U 154 2.44 12.02 -30.60
CA ALA U 154 1.05 12.04 -30.17
C ALA U 154 0.82 13.02 -29.02
N LEU U 155 1.77 13.10 -28.08
CA LEU U 155 1.56 13.88 -26.87
C LEU U 155 2.26 15.23 -26.89
N VAL U 156 3.47 15.31 -27.43
CA VAL U 156 4.23 16.56 -27.42
C VAL U 156 4.77 16.85 -28.83
N PRO U 157 3.90 17.18 -29.78
CA PRO U 157 4.37 17.37 -31.16
C PRO U 157 5.34 18.54 -31.27
N ILE U 158 6.32 18.39 -32.16
CA ILE U 158 7.28 19.43 -32.48
C ILE U 158 6.98 19.95 -33.87
N GLY U 159 6.98 21.26 -34.03
CA GLY U 159 6.75 21.84 -35.34
C GLY U 159 7.92 22.64 -35.87
N ARG U 160 7.85 23.04 -37.13
CA ARG U 160 8.92 23.81 -37.74
C ARG U 160 9.02 25.17 -37.06
N GLY U 161 10.19 25.46 -36.49
CA GLY U 161 10.41 26.67 -35.74
C GLY U 161 10.16 26.56 -34.26
N GLN U 162 9.58 25.45 -33.80
CA GLN U 162 9.35 25.25 -32.37
C GLN U 162 10.65 24.93 -31.66
N ARG U 163 10.68 25.24 -30.36
CA ARG U 163 11.81 24.93 -29.49
C ARG U 163 11.32 23.98 -28.41
N GLU U 164 11.62 22.69 -28.56
CA GLU U 164 11.19 21.67 -27.62
C GLU U 164 12.40 21.13 -26.87
N LEU U 165 12.36 21.22 -25.54
CA LEU U 165 13.48 20.84 -24.70
C LEU U 165 13.40 19.35 -24.36
N ILE U 166 14.47 18.62 -24.66
CA ILE U 166 14.55 17.20 -24.24
C ILE U 166 15.26 17.21 -22.90
N ILE U 167 14.48 17.39 -21.84
CA ILE U 167 14.99 17.46 -20.47
C ILE U 167 14.95 16.06 -19.87
N GLY U 168 16.02 15.67 -19.19
CA GLY U 168 16.05 14.35 -18.61
C GLY U 168 17.27 14.13 -17.76
N ASP U 169 17.29 12.98 -17.11
CA ASP U 169 18.42 12.57 -16.28
C ASP U 169 19.54 12.01 -17.17
N ARG U 170 20.58 11.51 -16.53
CA ARG U 170 21.71 10.94 -17.27
C ARG U 170 21.28 9.67 -18.00
N GLN U 171 21.76 9.53 -19.23
CA GLN U 171 21.52 8.37 -20.10
C GLN U 171 20.09 7.84 -19.98
N THR U 172 19.13 8.76 -20.14
CA THR U 172 17.71 8.42 -20.11
C THR U 172 17.07 8.46 -21.49
N GLY U 173 17.87 8.55 -22.55
CA GLY U 173 17.34 8.58 -23.90
C GLY U 173 17.27 9.94 -24.54
N LYS U 174 17.96 10.95 -23.98
CA LYS U 174 17.89 12.29 -24.54
C LYS U 174 18.50 12.35 -25.93
N THR U 175 19.78 12.00 -26.04
CA THR U 175 20.38 11.93 -27.36
C THR U 175 19.77 10.83 -28.20
N ALA U 176 19.13 9.83 -27.57
CA ALA U 176 18.48 8.77 -28.33
C ALA U 176 17.24 9.31 -29.05
N VAL U 177 16.37 10.02 -28.34
CA VAL U 177 15.20 10.60 -28.99
C VAL U 177 15.63 11.69 -29.95
N ALA U 178 16.71 12.41 -29.62
CA ALA U 178 17.30 13.33 -30.58
C ALA U 178 17.68 12.60 -31.86
N LEU U 179 18.25 11.40 -31.74
CA LEU U 179 18.67 10.63 -32.91
C LEU U 179 17.48 10.12 -33.70
N ASP U 180 16.41 9.67 -33.04
CA ASP U 180 15.25 9.24 -33.81
C ASP U 180 14.60 10.41 -34.54
N THR U 181 14.53 11.57 -33.90
CA THR U 181 14.07 12.77 -34.61
C THR U 181 14.98 13.06 -35.79
N ILE U 182 16.29 12.89 -35.60
CA ILE U 182 17.28 13.17 -36.64
C ILE U 182 17.06 12.24 -37.83
N LEU U 183 16.86 10.96 -37.55
CA LEU U 183 16.82 9.94 -38.60
C LEU U 183 15.48 9.94 -39.34
N ASN U 184 14.40 10.32 -38.66
CA ASN U 184 13.09 10.23 -39.31
C ASN U 184 12.98 11.14 -40.52
N GLN U 185 13.83 12.17 -40.60
CA GLN U 185 13.75 13.12 -41.71
C GLN U 185 14.23 12.55 -43.03
N LYS U 186 14.84 11.37 -43.04
CA LYS U 186 15.31 10.77 -44.29
C LYS U 186 14.16 10.46 -45.24
N ARG U 187 12.94 10.34 -44.74
CA ARG U 187 11.79 10.07 -45.61
C ARG U 187 11.54 11.23 -46.56
N TRP U 188 11.67 12.46 -46.07
CA TRP U 188 11.40 13.64 -46.88
C TRP U 188 12.67 14.25 -47.47
N ASN U 189 13.81 14.12 -46.80
CA ASN U 189 15.05 14.69 -47.32
C ASN U 189 15.54 13.97 -48.57
N ASN U 190 15.10 12.74 -48.79
CA ASN U 190 15.46 12.01 -49.99
C ASN U 190 14.58 12.35 -51.18
N GLY U 191 13.56 13.17 -50.99
CA GLY U 191 12.66 13.59 -52.04
C GLY U 191 13.14 14.84 -52.76
N SER U 192 12.20 15.59 -53.31
CA SER U 192 12.50 16.81 -54.04
C SER U 192 11.84 18.05 -53.47
N ASP U 193 10.75 17.92 -52.73
CA ASP U 193 10.03 19.07 -52.19
C ASP U 193 10.86 19.69 -51.07
N GLU U 194 11.48 20.84 -51.34
CA GLU U 194 12.28 21.51 -50.34
C GLU U 194 11.44 22.04 -49.20
N SER U 195 10.15 22.34 -49.44
CA SER U 195 9.28 22.81 -48.37
C SER U 195 9.05 21.74 -47.31
N LYS U 196 9.24 20.46 -47.65
CA LYS U 196 9.15 19.39 -46.66
C LYS U 196 10.52 18.88 -46.21
N LYS U 197 11.57 19.16 -46.98
CA LYS U 197 12.92 18.82 -46.53
C LYS U 197 13.25 19.57 -45.25
N LEU U 198 13.94 18.90 -44.33
CA LEU U 198 14.25 19.47 -43.04
C LEU U 198 15.71 19.12 -42.75
N TYR U 199 16.61 20.05 -43.05
CA TYR U 199 18.04 19.84 -42.82
C TYR U 199 18.35 19.86 -41.34
N CYS U 200 19.33 19.06 -40.95
CA CYS U 200 19.60 18.77 -39.54
C CYS U 200 20.97 19.31 -39.12
N VAL U 201 21.03 19.81 -37.88
CA VAL U 201 22.25 20.35 -37.30
C VAL U 201 22.37 19.79 -35.88
N TYR U 202 23.36 18.95 -35.65
CA TYR U 202 23.60 18.41 -34.31
C TYR U 202 24.69 19.23 -33.62
N VAL U 203 24.47 19.53 -32.34
CA VAL U 203 25.44 20.26 -31.53
C VAL U 203 25.97 19.31 -30.48
N ALA U 204 27.20 18.83 -30.68
CA ALA U 204 27.84 17.92 -29.73
C ALA U 204 28.79 18.73 -28.85
N VAL U 205 28.20 19.46 -27.90
CA VAL U 205 28.95 20.29 -26.97
C VAL U 205 29.09 19.54 -25.65
N GLY U 206 30.33 19.29 -25.25
CA GLY U 206 30.60 18.56 -24.03
C GLY U 206 30.63 17.06 -24.17
N GLN U 207 30.14 16.52 -25.29
CA GLN U 207 30.23 15.09 -25.52
C GLN U 207 31.66 14.70 -25.86
N LYS U 208 31.98 13.43 -25.64
CA LYS U 208 33.32 12.94 -25.92
C LYS U 208 33.46 12.55 -27.39
N ARG U 209 34.70 12.55 -27.87
CA ARG U 209 34.96 12.31 -29.28
C ARG U 209 34.50 10.92 -29.71
N SER U 210 34.60 9.94 -28.81
CA SER U 210 34.10 8.60 -29.13
C SER U 210 32.59 8.62 -29.35
N THR U 211 31.87 9.38 -28.53
CA THR U 211 30.43 9.51 -28.73
C THR U 211 30.11 10.19 -30.05
N VAL U 212 30.90 11.21 -30.43
CA VAL U 212 30.66 11.89 -31.68
C VAL U 212 30.95 10.97 -32.87
N ALA U 213 31.96 10.11 -32.74
CA ALA U 213 32.24 9.12 -33.78
C ALA U 213 31.10 8.12 -33.89
N GLN U 214 30.60 7.63 -32.74
CA GLN U 214 29.41 6.80 -32.72
C GLN U 214 28.27 7.49 -33.46
N LEU U 215 28.06 8.77 -33.17
CA LEU U 215 27.00 9.55 -33.79
C LEU U 215 27.16 9.63 -35.30
N VAL U 216 28.36 9.98 -35.77
CA VAL U 216 28.55 10.21 -37.20
C VAL U 216 28.44 8.89 -37.96
N GLN U 217 28.93 7.79 -37.38
CA GLN U 217 28.79 6.51 -38.05
C GLN U 217 27.34 6.05 -38.05
N THR U 218 26.60 6.28 -36.95
CA THR U 218 25.19 5.92 -36.93
C THR U 218 24.42 6.69 -37.98
N LEU U 219 24.70 7.99 -38.13
CA LEU U 219 24.06 8.77 -39.18
C LEU U 219 24.48 8.28 -40.57
N GLU U 220 25.73 7.82 -40.69
CA GLU U 220 26.20 7.31 -41.98
C GLU U 220 25.44 6.04 -42.38
N GLN U 221 25.20 5.14 -41.43
CA GLN U 221 24.55 3.88 -41.76
C GLN U 221 23.13 4.09 -42.28
N HIS U 222 22.34 4.90 -41.57
CA HIS U 222 20.94 5.10 -41.96
C HIS U 222 20.79 6.30 -42.88
N ASP U 223 21.63 6.37 -43.92
CA ASP U 223 21.58 7.38 -44.97
C ASP U 223 21.17 8.76 -44.48
N ALA U 224 21.77 9.20 -43.38
CA ALA U 224 21.36 10.45 -42.74
C ALA U 224 22.46 11.50 -42.65
N MET U 225 23.72 11.11 -42.86
CA MET U 225 24.81 12.07 -42.71
C MET U 225 24.79 13.11 -43.83
N LYS U 226 24.15 12.80 -44.95
CA LYS U 226 24.18 13.70 -46.10
C LYS U 226 23.40 14.99 -45.84
N TYR U 227 22.36 14.93 -45.02
CA TYR U 227 21.54 16.11 -44.73
C TYR U 227 21.72 16.63 -43.32
N SER U 228 22.59 16.02 -42.53
CA SER U 228 22.81 16.42 -41.15
C SER U 228 24.13 17.17 -41.03
N ILE U 229 24.24 17.99 -39.99
CA ILE U 229 25.41 18.82 -39.74
C ILE U 229 25.85 18.57 -38.31
N ILE U 230 27.13 18.24 -38.13
CA ILE U 230 27.66 17.92 -36.82
C ILE U 230 28.60 19.05 -36.39
N VAL U 231 28.21 19.77 -35.35
CA VAL U 231 29.05 20.78 -34.74
C VAL U 231 29.50 20.21 -33.40
N ALA U 232 30.75 19.76 -33.34
CA ALA U 232 31.27 19.04 -32.17
C ALA U 232 32.12 19.98 -31.33
N ALA U 233 31.77 20.10 -30.04
CA ALA U 233 32.56 20.83 -29.07
C ALA U 233 33.02 19.82 -28.02
N THR U 234 34.17 19.22 -28.26
CA THR U 234 34.71 18.20 -27.38
C THR U 234 35.01 18.78 -26.00
N ALA U 235 34.82 17.95 -24.97
CA ALA U 235 35.15 18.37 -23.61
C ALA U 235 36.63 18.69 -23.47
N SER U 236 37.49 17.96 -24.17
CA SER U 236 38.92 18.28 -24.14
C SER U 236 39.20 19.61 -24.82
N GLU U 237 38.39 19.99 -25.81
CA GLU U 237 38.54 21.29 -26.43
C GLU U 237 38.30 22.39 -25.40
N ALA U 238 38.84 23.57 -25.68
CA ALA U 238 38.79 24.67 -24.73
C ALA U 238 37.33 25.03 -24.41
N ALA U 239 37.10 25.42 -23.16
CA ALA U 239 35.77 25.83 -22.74
C ALA U 239 35.15 26.93 -23.60
N PRO U 240 35.89 27.94 -24.08
CA PRO U 240 35.27 28.90 -25.00
C PRO U 240 34.71 28.24 -26.26
N LEU U 241 35.37 27.20 -26.76
CA LEU U 241 34.83 26.47 -27.91
C LEU U 241 33.49 25.83 -27.57
N GLN U 242 33.38 25.23 -26.38
CA GLN U 242 32.11 24.66 -25.96
C GLN U 242 31.05 25.74 -25.80
N TYR U 243 31.44 26.90 -25.28
CA TYR U 243 30.51 28.02 -25.14
C TYR U 243 30.00 28.48 -26.49
N LEU U 244 30.87 28.52 -27.49
CA LEU U 244 30.54 29.15 -28.76
C LEU U 244 29.90 28.19 -29.77
N ALA U 245 30.18 26.89 -29.68
CA ALA U 245 29.73 25.96 -30.71
C ALA U 245 28.22 25.97 -30.91
N PRO U 246 27.38 25.95 -29.86
CA PRO U 246 25.93 26.06 -30.11
C PRO U 246 25.54 27.35 -30.81
N PHE U 247 26.21 28.47 -30.52
CA PHE U 247 25.91 29.71 -31.21
C PHE U 247 26.26 29.63 -32.69
N THR U 248 27.41 29.04 -33.01
CA THR U 248 27.80 28.90 -34.42
C THR U 248 26.87 27.95 -35.15
N ALA U 249 26.45 26.86 -34.49
CA ALA U 249 25.47 25.97 -35.10
C ALA U 249 24.12 26.66 -35.28
N ALA U 250 23.77 27.55 -34.35
CA ALA U 250 22.57 28.35 -34.50
C ALA U 250 22.66 29.24 -35.72
N SER U 251 23.82 29.86 -35.94
CA SER U 251 24.03 30.65 -37.16
C SER U 251 23.91 29.78 -38.40
N ILE U 252 24.47 28.56 -38.36
CA ILE U 252 24.40 27.65 -39.49
C ILE U 252 22.95 27.32 -39.81
N GLY U 253 22.16 27.02 -38.77
CA GLY U 253 20.75 26.77 -38.98
C GLY U 253 19.98 27.99 -39.43
N GLU U 254 20.38 29.17 -38.95
CA GLU U 254 19.75 30.41 -39.39
C GLU U 254 20.00 30.66 -40.87
N TRP U 255 21.12 30.17 -41.39
CA TRP U 255 21.36 30.27 -42.82
C TRP U 255 20.26 29.55 -43.59
N PHE U 256 19.94 28.32 -43.20
CA PHE U 256 18.84 27.59 -43.83
C PHE U 256 17.51 28.29 -43.58
N ARG U 257 17.30 28.79 -42.36
CA ARG U 257 16.02 29.41 -42.02
C ARG U 257 15.75 30.65 -42.87
N ASP U 258 16.77 31.47 -43.10
CA ASP U 258 16.60 32.71 -43.84
C ASP U 258 16.54 32.50 -45.34
N ASN U 259 16.90 31.32 -45.85
CA ASN U 259 16.87 31.03 -47.26
C ASN U 259 15.67 30.18 -47.66
N GLY U 260 14.59 30.22 -46.89
CA GLY U 260 13.39 29.48 -47.20
C GLY U 260 13.41 28.02 -46.85
N LYS U 261 14.48 27.53 -46.24
CA LYS U 261 14.60 26.13 -45.86
C LYS U 261 14.31 25.94 -44.38
N HIS U 262 13.99 24.72 -44.00
CA HIS U 262 13.67 24.37 -42.63
C HIS U 262 14.83 23.60 -42.02
N ALA U 263 15.28 24.04 -40.84
CA ALA U 263 16.43 23.46 -40.18
C ALA U 263 16.06 23.00 -38.78
N LEU U 264 16.51 21.80 -38.42
CA LEU U 264 16.34 21.25 -37.08
C LEU U 264 17.71 21.18 -36.42
N ILE U 265 17.91 22.00 -35.39
CA ILE U 265 19.16 21.99 -34.66
C ILE U 265 18.87 21.42 -33.27
N VAL U 266 19.57 20.35 -32.92
CA VAL U 266 19.41 19.72 -31.63
C VAL U 266 20.55 20.19 -30.73
N TYR U 267 20.22 21.07 -29.77
CA TYR U 267 21.21 21.56 -28.81
C TYR U 267 21.45 20.51 -27.74
N ASP U 268 21.99 19.37 -28.17
CA ASP U 268 22.20 18.26 -27.27
C ASP U 268 23.27 18.64 -26.25
N ASP U 269 23.15 18.04 -25.06
CA ASP U 269 23.71 18.60 -23.83
C ASP U 269 23.17 20.01 -23.62
N LEU U 270 24.02 21.01 -23.82
CA LEU U 270 23.83 22.44 -23.53
C LEU U 270 23.93 22.72 -22.04
N SER U 271 23.87 21.68 -21.20
CA SER U 271 24.31 21.82 -19.82
C SER U 271 25.82 21.82 -19.72
N LYS U 272 26.48 21.05 -20.60
CA LYS U 272 27.93 21.15 -20.71
C LYS U 272 28.34 22.53 -21.23
N GLN U 273 27.57 23.09 -22.16
CA GLN U 273 27.82 24.48 -22.54
C GLN U 273 27.59 25.41 -21.35
N ALA U 274 26.57 25.14 -20.54
CA ALA U 274 26.32 25.97 -19.36
C ALA U 274 27.51 25.95 -18.41
N VAL U 275 28.05 24.77 -18.11
CA VAL U 275 29.17 24.69 -17.17
C VAL U 275 30.44 25.24 -17.81
N ALA U 276 30.59 25.08 -19.13
CA ALA U 276 31.74 25.68 -19.80
C ALA U 276 31.70 27.20 -19.71
N TYR U 277 30.51 27.78 -19.89
CA TYR U 277 30.38 29.22 -19.72
C TYR U 277 30.56 29.64 -18.27
N ARG U 278 30.14 28.78 -17.32
CA ARG U 278 30.44 29.04 -15.92
C ARG U 278 31.93 29.11 -15.69
N GLN U 279 32.69 28.20 -16.30
CA GLN U 279 34.15 28.25 -16.24
C GLN U 279 34.69 29.54 -16.86
N LEU U 280 34.15 29.92 -18.01
CA LEU U 280 34.57 31.17 -18.66
C LEU U 280 34.40 32.35 -17.71
N SER U 281 33.23 32.47 -17.10
CA SER U 281 32.98 33.59 -16.19
C SER U 281 33.87 33.50 -14.95
N LEU U 282 34.04 32.30 -14.40
CA LEU U 282 34.76 32.16 -13.13
C LEU U 282 36.26 32.28 -13.28
N LEU U 283 36.81 32.17 -14.49
CA LEU U 283 38.20 32.61 -14.66
C LEU U 283 38.31 33.98 -15.33
N LEU U 284 37.22 34.55 -15.81
CA LEU U 284 37.26 35.90 -16.36
C LEU U 284 37.05 36.95 -15.28
N ARG U 285 37.13 36.56 -14.00
CA ARG U 285 36.96 37.41 -12.83
C ARG U 285 35.53 37.90 -12.66
N ARG U 286 34.59 37.38 -13.43
CA ARG U 286 33.19 37.74 -13.26
C ARG U 286 32.64 37.04 -12.02
N PRO U 287 32.07 37.77 -11.06
CA PRO U 287 31.45 37.13 -9.91
C PRO U 287 30.23 36.32 -10.33
N PRO U 288 30.02 35.15 -9.74
CA PRO U 288 28.92 34.28 -10.15
C PRO U 288 27.60 34.66 -9.48
N GLY U 289 26.54 34.00 -9.91
CA GLY U 289 25.23 34.19 -9.35
C GLY U 289 24.80 33.07 -8.43
N ARG U 290 23.97 32.17 -8.92
CA ARG U 290 23.45 31.06 -8.14
C ARG U 290 24.27 29.80 -8.39
N GLU U 291 24.52 29.04 -7.32
CA GLU U 291 25.36 27.84 -7.31
C GLU U 291 26.61 28.00 -8.19
N ALA U 292 27.23 29.18 -8.10
CA ALA U 292 28.43 29.58 -8.82
C ALA U 292 28.21 29.71 -10.32
N TYR U 293 26.99 29.58 -10.82
CA TYR U 293 26.72 29.87 -12.21
C TYR U 293 26.72 31.39 -12.42
N PRO U 294 27.24 31.86 -13.55
CA PRO U 294 27.28 33.30 -13.80
C PRO U 294 25.88 33.88 -13.98
N GLY U 295 25.84 35.21 -14.06
CA GLY U 295 24.55 35.89 -14.15
C GLY U 295 23.79 35.56 -15.41
N ASP U 296 24.45 35.67 -16.57
CA ASP U 296 23.79 35.42 -17.84
C ASP U 296 24.02 34.00 -18.36
N VAL U 297 23.53 33.03 -17.59
CA VAL U 297 23.24 31.72 -18.17
C VAL U 297 21.81 31.68 -18.68
N PHE U 298 20.89 32.36 -17.99
CA PHE U 298 19.54 32.52 -18.49
C PHE U 298 19.54 33.35 -19.78
N TYR U 299 20.21 34.50 -19.76
CA TYR U 299 20.29 35.31 -20.96
C TYR U 299 20.99 34.56 -22.09
N LEU U 300 22.06 33.84 -21.76
CA LEU U 300 22.77 33.05 -22.76
C LEU U 300 21.85 32.02 -23.41
N HIS U 301 21.17 31.21 -22.59
CA HIS U 301 20.29 30.17 -23.13
C HIS U 301 19.16 30.79 -23.94
N SER U 302 18.56 31.85 -23.43
CA SER U 302 17.43 32.47 -24.11
C SER U 302 17.84 33.10 -25.43
N ARG U 303 18.95 33.83 -25.44
CA ARG U 303 19.44 34.45 -26.66
C ARG U 303 19.83 33.41 -27.69
N LEU U 304 20.42 32.30 -27.26
CA LEU U 304 20.80 31.26 -28.20
C LEU U 304 19.56 30.58 -28.78
N LEU U 305 18.60 30.25 -27.92
CA LEU U 305 17.42 29.50 -28.36
C LEU U 305 16.48 30.35 -29.21
N GLU U 306 16.33 31.64 -28.89
CA GLU U 306 15.37 32.48 -29.59
C GLU U 306 15.71 32.64 -31.07
N ARG U 307 16.95 32.34 -31.46
CA ARG U 307 17.30 32.35 -32.88
C ARG U 307 16.53 31.30 -33.66
N ALA U 308 15.99 30.29 -33.00
CA ALA U 308 15.19 29.27 -33.65
C ALA U 308 13.74 29.75 -33.72
N ALA U 309 13.23 29.90 -34.93
CA ALA U 309 11.89 30.46 -35.11
C ALA U 309 11.35 30.02 -36.47
N LYS U 310 10.03 30.18 -36.63
CA LYS U 310 9.36 29.93 -37.90
C LYS U 310 9.13 31.28 -38.58
N LEU U 311 9.92 31.57 -39.61
CA LEU U 311 9.82 32.84 -40.30
C LEU U 311 8.52 32.93 -41.09
N SER U 312 8.07 34.16 -41.31
CA SER U 312 6.84 34.40 -42.06
C SER U 312 7.09 34.24 -43.56
N GLU U 313 6.00 34.25 -44.33
CA GLU U 313 6.11 34.10 -45.77
C GLU U 313 6.86 35.27 -46.39
N LYS U 314 6.73 36.46 -45.80
CA LYS U 314 7.48 37.62 -46.28
C LYS U 314 8.99 37.42 -46.13
N GLU U 315 9.42 36.62 -45.16
CA GLU U 315 10.83 36.36 -44.92
C GLU U 315 11.31 35.06 -45.55
N GLY U 316 10.51 34.48 -46.45
CA GLY U 316 10.87 33.24 -47.11
C GLY U 316 10.18 32.00 -46.55
N SER U 317 9.37 32.15 -45.51
CA SER U 317 8.62 31.06 -44.88
C SER U 317 9.55 29.98 -44.33
N GLY U 318 10.81 30.31 -44.10
CA GLY U 318 11.74 29.36 -43.53
C GLY U 318 11.48 29.13 -42.06
N SER U 319 12.13 28.10 -41.52
CA SER U 319 11.97 27.77 -40.11
C SER U 319 13.29 27.23 -39.58
N LEU U 320 13.46 27.33 -38.27
CA LEU U 320 14.64 26.80 -37.61
C LEU U 320 14.14 26.17 -36.32
N THR U 321 14.20 24.84 -36.24
CA THR U 321 13.63 24.11 -35.11
C THR U 321 14.74 23.74 -34.12
N ALA U 322 14.51 24.05 -32.85
CA ALA U 322 15.47 23.79 -31.79
C ALA U 322 15.03 22.59 -30.96
N LEU U 323 16.00 21.72 -30.65
CA LEU U 323 15.78 20.57 -29.76
C LEU U 323 16.85 20.57 -28.68
N PRO U 324 16.78 21.50 -27.74
CA PRO U 324 17.78 21.54 -26.67
C PRO U 324 17.60 20.39 -25.67
N VAL U 325 18.64 20.18 -24.89
CA VAL U 325 18.66 19.13 -23.88
C VAL U 325 19.03 19.76 -22.54
N ILE U 326 18.57 19.13 -21.45
CA ILE U 326 19.01 19.45 -20.10
C ILE U 326 19.30 18.14 -19.38
N GLU U 327 20.52 18.02 -18.83
CA GLU U 327 20.89 16.84 -18.05
C GLU U 327 20.64 17.16 -16.58
N THR U 328 19.46 16.76 -16.09
CA THR U 328 19.12 16.99 -14.70
C THR U 328 19.95 16.09 -13.79
N GLN U 329 20.05 16.49 -12.52
CA GLN U 329 20.80 15.73 -11.53
C GLN U 329 19.81 15.04 -10.59
N GLY U 330 19.68 13.73 -10.74
CA GLY U 330 18.76 12.96 -9.91
C GLY U 330 17.31 13.33 -10.11
N GLY U 331 16.90 13.60 -11.35
CA GLY U 331 15.52 13.94 -11.61
C GLY U 331 15.09 15.28 -11.06
N ASP U 332 16.02 16.18 -10.79
CA ASP U 332 15.72 17.48 -10.19
C ASP U 332 15.28 18.45 -11.28
N VAL U 333 14.00 18.35 -11.65
CA VAL U 333 13.43 19.32 -12.58
C VAL U 333 13.39 20.71 -11.96
N SER U 334 13.17 20.80 -10.65
CA SER U 334 13.07 22.10 -9.97
C SER U 334 14.46 22.60 -9.58
N ALA U 335 15.29 22.79 -10.59
CA ALA U 335 16.63 23.33 -10.44
C ALA U 335 16.78 24.54 -11.37
N TYR U 336 17.79 25.36 -11.09
CA TYR U 336 17.96 26.64 -11.75
C TYR U 336 18.04 26.50 -13.27
N ILE U 337 19.04 25.78 -13.77
CA ILE U 337 19.19 25.59 -15.21
C ILE U 337 17.98 24.88 -15.83
N PRO U 338 17.47 23.76 -15.27
CA PRO U 338 16.31 23.11 -15.89
C PRO U 338 15.10 24.02 -16.05
N THR U 339 14.60 24.60 -14.96
CA THR U 339 13.43 25.47 -15.06
C THR U 339 13.74 26.72 -15.89
N ASN U 340 14.99 27.15 -15.90
CA ASN U 340 15.36 28.28 -16.75
C ASN U 340 15.15 27.93 -18.22
N VAL U 341 15.70 26.80 -18.67
CA VAL U 341 15.56 26.42 -20.07
C VAL U 341 14.12 26.08 -20.40
N ILE U 342 13.38 25.47 -19.47
CA ILE U 342 11.98 25.15 -19.72
C ILE U 342 11.19 26.44 -19.97
N SER U 343 11.53 27.51 -19.27
CA SER U 343 10.88 28.79 -19.49
C SER U 343 11.23 29.39 -20.85
N ILE U 344 12.28 28.91 -21.50
CA ILE U 344 12.64 29.37 -22.84
C ILE U 344 11.94 28.55 -23.91
N THR U 345 12.13 27.24 -23.88
CA THR U 345 11.65 26.36 -24.93
C THR U 345 10.13 26.32 -24.97
N ASP U 346 9.60 26.12 -26.17
CA ASP U 346 8.15 26.03 -26.39
C ASP U 346 7.69 24.63 -25.99
N GLY U 347 7.81 24.36 -24.70
CA GLY U 347 7.51 23.04 -24.16
C GLY U 347 8.76 22.21 -23.94
N GLN U 348 8.60 21.15 -23.15
CA GLN U 348 9.72 20.30 -22.78
C GLN U 348 9.31 18.83 -22.94
N ILE U 349 10.33 17.99 -23.10
CA ILE U 349 10.15 16.54 -23.19
C ILE U 349 10.91 15.94 -22.01
N PHE U 350 10.18 15.45 -21.01
CA PHE U 350 10.81 14.91 -19.81
C PHE U 350 11.06 13.43 -19.94
N LEU U 351 12.27 13.00 -19.59
CA LEU U 351 12.66 11.60 -19.54
C LEU U 351 13.31 11.34 -18.19
N GLU U 352 12.83 10.34 -17.46
CA GLU U 352 13.50 9.93 -16.23
C GLU U 352 13.83 8.45 -16.32
N ALA U 353 14.79 8.03 -15.51
CA ALA U 353 15.10 6.60 -15.42
C ALA U 353 13.93 5.79 -14.89
N GLU U 354 13.01 6.43 -14.15
CA GLU U 354 11.88 5.70 -13.59
C GLU U 354 11.07 5.01 -14.68
N LEU U 355 10.66 5.75 -15.71
CA LEU U 355 9.93 5.14 -16.82
C LEU U 355 10.85 4.32 -17.71
N PHE U 356 12.14 4.68 -17.78
CA PHE U 356 13.07 3.93 -18.62
C PHE U 356 13.19 2.48 -18.16
N TYR U 357 13.34 2.28 -16.84
CA TYR U 357 13.38 0.91 -16.33
C TYR U 357 11.99 0.33 -16.17
N LYS U 358 10.95 1.17 -16.06
CA LYS U 358 9.59 0.68 -15.96
C LYS U 358 9.09 0.10 -17.28
N GLY U 359 9.83 0.31 -18.37
CA GLY U 359 9.49 -0.32 -19.62
C GLY U 359 9.32 0.65 -20.77
N ILE U 360 8.91 1.88 -20.46
CA ILE U 360 8.67 2.89 -21.49
C ILE U 360 10.00 3.17 -22.18
N ARG U 361 10.12 2.74 -23.43
CA ARG U 361 11.40 2.77 -24.13
C ARG U 361 11.74 4.18 -24.61
N PRO U 362 10.78 4.94 -25.14
CA PRO U 362 11.04 6.38 -25.31
C PRO U 362 11.18 7.12 -23.99
N ALA U 363 10.75 6.51 -22.88
CA ALA U 363 10.82 7.12 -21.55
C ALA U 363 10.07 8.45 -21.50
N ILE U 364 9.00 8.56 -22.29
CA ILE U 364 8.25 9.80 -22.41
C ILE U 364 7.42 9.95 -21.14
N ASN U 365 7.78 10.92 -20.29
CA ASN U 365 6.98 11.22 -19.11
C ASN U 365 5.84 12.15 -19.52
N VAL U 366 4.67 11.55 -19.79
CA VAL U 366 3.56 12.31 -20.36
C VAL U 366 3.13 13.44 -19.43
N GLY U 367 3.44 13.33 -18.13
CA GLY U 367 3.05 14.37 -17.20
C GLY U 367 3.78 15.68 -17.44
N LEU U 368 5.09 15.68 -17.18
CA LEU U 368 5.88 16.90 -17.32
C LEU U 368 6.32 17.17 -18.75
N SER U 369 6.04 16.27 -19.68
CA SER U 369 6.28 16.55 -21.09
C SER U 369 5.05 17.23 -21.68
N VAL U 370 5.17 18.51 -22.02
CA VAL U 370 4.08 19.28 -22.60
C VAL U 370 4.62 20.05 -23.79
N SER U 371 3.80 20.19 -24.83
CA SER U 371 4.15 20.95 -26.02
C SER U 371 3.27 22.20 -26.07
N ARG U 372 3.87 23.32 -26.45
CA ARG U 372 3.14 24.59 -26.40
C ARG U 372 2.21 24.77 -27.59
N VAL U 373 2.29 23.91 -28.60
CA VAL U 373 1.39 23.96 -29.75
C VAL U 373 0.88 22.55 -29.99
N GLY U 374 -0.27 22.22 -29.40
CA GLY U 374 -0.85 20.90 -29.54
C GLY U 374 -1.57 20.68 -30.85
N SER U 375 -2.64 21.44 -31.09
CA SER U 375 -3.40 21.29 -32.34
C SER U 375 -2.54 21.64 -33.53
N ALA U 376 -1.90 22.80 -33.51
CA ALA U 376 -0.96 23.16 -34.55
C ALA U 376 0.32 22.34 -34.40
N ALA U 377 1.15 22.38 -35.42
CA ALA U 377 2.41 21.64 -35.46
C ALA U 377 2.20 20.14 -35.31
N GLN U 378 1.05 19.64 -35.72
CA GLN U 378 0.72 18.22 -35.64
C GLN U 378 0.08 17.78 -36.95
N VAL U 379 0.26 16.51 -37.29
CA VAL U 379 -0.37 15.95 -38.47
C VAL U 379 -1.88 15.97 -38.29
N LYS U 380 -2.59 16.39 -39.34
CA LYS U 380 -4.05 16.46 -39.25
C LYS U 380 -4.66 15.10 -39.00
N ALA U 381 -4.09 14.05 -39.59
CA ALA U 381 -4.58 12.70 -39.38
C ALA U 381 -4.38 12.22 -37.95
N LEU U 382 -3.50 12.88 -37.19
CA LEU U 382 -3.16 12.46 -35.84
C LEU U 382 -3.65 13.43 -34.77
N LYS U 383 -4.07 14.63 -35.15
CA LYS U 383 -4.37 15.65 -34.14
C LYS U 383 -5.65 15.34 -33.39
N GLN U 384 -6.79 15.35 -34.08
CA GLN U 384 -8.05 15.07 -33.40
C GLN U 384 -8.89 14.03 -34.12
N VAL U 385 -8.90 14.03 -35.46
CA VAL U 385 -9.71 13.21 -36.35
C VAL U 385 -10.96 12.62 -35.69
N ALA U 386 -10.77 11.73 -34.72
CA ALA U 386 -11.88 11.08 -34.03
C ALA U 386 -12.15 11.69 -32.66
N GLY U 387 -11.54 12.83 -32.35
CA GLY U 387 -11.71 13.47 -31.05
C GLY U 387 -10.83 12.96 -29.95
N SER U 388 -10.81 11.63 -29.73
CA SER U 388 -10.01 11.06 -28.66
C SER U 388 -8.52 11.33 -28.86
N LEU U 389 -8.08 11.39 -30.12
CA LEU U 389 -6.67 11.69 -30.39
C LEU U 389 -6.28 13.08 -29.91
N LYS U 390 -7.24 13.97 -29.69
CA LYS U 390 -6.95 15.31 -29.22
C LYS U 390 -6.81 15.38 -27.70
N LEU U 391 -7.78 14.82 -26.97
CA LEU U 391 -7.66 14.71 -25.52
C LEU U 391 -6.90 13.45 -25.10
N PHE U 392 -6.06 12.92 -26.01
CA PHE U 392 -5.15 11.84 -25.66
C PHE U 392 -4.31 12.19 -24.43
N LEU U 393 -3.78 13.43 -24.41
CA LEU U 393 -2.96 13.85 -23.27
C LEU U 393 -3.78 13.92 -21.98
N ALA U 394 -5.01 14.46 -22.06
CA ALA U 394 -5.86 14.52 -20.88
C ALA U 394 -6.21 13.12 -20.39
N GLN U 395 -6.45 12.19 -21.31
CA GLN U 395 -6.72 10.81 -20.93
C GLN U 395 -5.53 10.18 -20.24
N TYR U 396 -4.32 10.46 -20.74
CA TYR U 396 -3.11 9.96 -20.07
C TYR U 396 -2.98 10.55 -18.67
N ARG U 397 -3.27 11.84 -18.52
CA ARG U 397 -3.21 12.46 -17.19
C ARG U 397 -4.23 11.82 -16.25
N GLU U 398 -5.43 11.54 -16.75
CA GLU U 398 -6.42 10.83 -15.95
C GLU U 398 -5.91 9.45 -15.55
N VAL U 399 -5.32 8.71 -16.49
CA VAL U 399 -4.82 7.38 -16.19
C VAL U 399 -3.75 7.44 -15.10
N ALA U 400 -2.88 8.46 -15.17
CA ALA U 400 -1.91 8.65 -14.11
C ALA U 400 -2.59 8.98 -12.78
N ALA U 401 -3.65 9.79 -12.83
CA ALA U 401 -4.34 10.20 -11.61
C ALA U 401 -5.11 9.07 -10.94
N PHE U 402 -5.55 8.07 -11.71
CA PHE U 402 -6.26 6.91 -11.19
C PHE U 402 -5.55 5.63 -11.61
N ALA U 403 -4.24 5.57 -11.37
CA ALA U 403 -3.46 4.40 -11.74
C ALA U 403 -3.74 3.26 -10.75
N GLN U 404 -2.91 2.22 -10.79
CA GLN U 404 -3.18 1.03 -9.99
C GLN U 404 -3.22 1.33 -8.49
N PHE U 405 -2.60 2.43 -8.06
CA PHE U 405 -2.70 2.82 -6.66
C PHE U 405 -4.13 3.18 -6.29
N GLY U 406 -4.84 3.86 -7.19
CA GLY U 406 -6.23 4.19 -6.93
C GLY U 406 -7.10 2.95 -6.91
N SER U 407 -8.16 3.02 -6.09
CA SER U 407 -9.08 1.89 -5.98
C SER U 407 -9.81 1.66 -7.29
N ASP U 408 -9.88 0.40 -7.70
CA ASP U 408 -10.63 0.01 -8.90
C ASP U 408 -12.11 0.14 -8.58
N LEU U 409 -12.69 1.28 -8.93
CA LEU U 409 -14.06 1.58 -8.53
C LEU U 409 -15.04 0.57 -9.12
N ASP U 410 -15.20 0.59 -10.43
CA ASP U 410 -16.24 -0.21 -11.08
C ASP U 410 -15.76 -0.65 -12.45
N ALA U 411 -16.68 -1.20 -13.24
CA ALA U 411 -16.32 -1.67 -14.58
C ALA U 411 -15.83 -0.54 -15.46
N SER U 412 -16.39 0.66 -15.29
CA SER U 412 -15.88 1.82 -16.02
C SER U 412 -14.44 2.12 -15.62
N THR U 413 -14.15 2.06 -14.31
CA THR U 413 -12.79 2.29 -13.85
C THR U 413 -11.84 1.19 -14.34
N LYS U 414 -12.30 -0.06 -14.34
CA LYS U 414 -11.48 -1.13 -14.89
C LYS U 414 -11.18 -0.92 -16.37
N GLN U 415 -12.20 -0.49 -17.13
CA GLN U 415 -11.99 -0.22 -18.55
C GLN U 415 -11.02 0.94 -18.76
N THR U 416 -11.13 1.99 -17.95
CA THR U 416 -10.21 3.11 -18.06
C THR U 416 -8.78 2.69 -17.74
N LEU U 417 -8.61 1.88 -16.69
CA LEU U 417 -7.28 1.39 -16.34
C LEU U 417 -6.70 0.52 -17.45
N VAL U 418 -7.52 -0.36 -18.02
CA VAL U 418 -7.06 -1.22 -19.11
C VAL U 418 -6.67 -0.36 -20.31
N ARG U 419 -7.49 0.64 -20.64
CA ARG U 419 -7.19 1.52 -21.76
C ARG U 419 -5.86 2.23 -21.55
N GLY U 420 -5.64 2.77 -20.34
CA GLY U 420 -4.39 3.45 -20.07
C GLY U 420 -3.19 2.52 -20.14
N GLU U 421 -3.31 1.33 -19.55
CA GLU U 421 -2.20 0.39 -19.57
C GLU U 421 -1.87 -0.04 -21.00
N ARG U 422 -2.88 -0.33 -21.81
CA ARG U 422 -2.64 -0.70 -23.20
C ARG U 422 -2.02 0.45 -23.97
N LEU U 423 -2.46 1.68 -23.67
CA LEU U 423 -1.93 2.84 -24.39
C LEU U 423 -0.46 3.08 -24.08
N THR U 424 -0.08 3.04 -22.80
CA THR U 424 1.34 3.18 -22.46
C THR U 424 2.14 1.98 -22.94
N GLN U 425 1.52 0.80 -23.04
CA GLN U 425 2.18 -0.33 -23.67
C GLN U 425 2.49 -0.05 -25.13
N LEU U 426 1.55 0.58 -25.83
CA LEU U 426 1.72 0.83 -27.26
C LEU U 426 2.84 1.83 -27.52
N LEU U 427 2.98 2.85 -26.67
CA LEU U 427 3.89 3.95 -26.93
C LEU U 427 5.35 3.54 -26.95
N LYS U 428 5.70 2.35 -26.47
CA LYS U 428 7.09 1.93 -26.46
C LYS U 428 7.58 1.69 -27.89
N GLN U 429 8.75 2.23 -28.22
CA GLN U 429 9.26 2.17 -29.57
C GLN U 429 10.75 1.86 -29.53
N ASN U 430 11.17 0.89 -30.34
CA ASN U 430 12.58 0.49 -30.36
C ASN U 430 13.45 1.61 -30.94
N GLN U 431 14.69 1.64 -30.49
CA GLN U 431 15.63 2.68 -30.92
C GLN U 431 15.97 2.50 -32.40
N TYR U 432 16.26 3.63 -33.05
CA TYR U 432 16.62 3.66 -34.46
C TYR U 432 15.51 3.08 -35.34
N SER U 433 14.27 3.24 -34.91
CA SER U 433 13.10 2.75 -35.64
C SER U 433 12.09 3.88 -35.76
N PRO U 434 12.36 4.87 -36.62
CA PRO U 434 11.42 5.99 -36.79
C PRO U 434 10.16 5.51 -37.49
N LEU U 435 9.02 5.68 -36.82
CA LEU U 435 7.75 5.15 -37.30
C LEU U 435 6.92 6.31 -37.83
N ALA U 436 6.61 6.27 -39.12
CA ALA U 436 6.03 7.41 -39.82
C ALA U 436 4.58 7.65 -39.40
N THR U 437 4.11 8.87 -39.67
CA THR U 437 2.76 9.27 -39.29
C THR U 437 1.70 8.44 -40.01
N GLU U 438 1.95 8.10 -41.27
CA GLU U 438 1.03 7.23 -41.99
C GLU U 438 0.91 5.86 -41.33
N GLU U 439 1.88 5.51 -40.49
CA GLU U 439 1.79 4.29 -39.71
C GLU U 439 1.47 4.58 -38.26
N GLN U 440 1.77 5.79 -37.77
CA GLN U 440 1.41 6.16 -36.41
C GLN U 440 -0.10 6.24 -36.23
N VAL U 441 -0.79 6.86 -37.20
CA VAL U 441 -2.22 7.12 -37.04
C VAL U 441 -3.03 5.84 -36.85
N PRO U 442 -2.84 4.77 -37.67
CA PRO U 442 -3.61 3.54 -37.41
C PRO U 442 -3.37 2.97 -36.03
N LEU U 443 -2.13 3.08 -35.51
CA LEU U 443 -1.84 2.53 -34.20
C LEU U 443 -2.50 3.34 -33.08
N ILE U 444 -2.47 4.66 -33.18
CA ILE U 444 -3.13 5.49 -32.19
C ILE U 444 -4.63 5.26 -32.23
N TYR U 445 -5.20 5.11 -33.43
CA TYR U 445 -6.62 4.80 -33.53
C TYR U 445 -6.93 3.44 -32.92
N ALA U 446 -6.06 2.45 -33.14
CA ALA U 446 -6.25 1.14 -32.53
C ALA U 446 -6.12 1.18 -31.02
N GLY U 447 -5.47 2.21 -30.47
CA GLY U 447 -5.41 2.38 -29.03
C GLY U 447 -6.69 2.90 -28.41
N VAL U 448 -7.67 3.27 -29.23
CA VAL U 448 -8.97 3.70 -28.75
C VAL U 448 -10.05 2.65 -28.98
N ASN U 449 -9.97 1.89 -30.08
CA ASN U 449 -10.91 0.82 -30.37
C ASN U 449 -10.12 -0.45 -30.65
N GLY U 450 -10.50 -1.54 -29.99
CA GLY U 450 -9.78 -2.79 -30.10
C GLY U 450 -8.55 -2.88 -29.22
N HIS U 451 -8.30 -1.86 -28.39
CA HIS U 451 -7.14 -1.90 -27.50
C HIS U 451 -7.41 -2.77 -26.28
N LEU U 452 -8.63 -2.74 -25.76
CA LEU U 452 -8.91 -3.37 -24.47
C LEU U 452 -8.79 -4.89 -24.51
N ASP U 453 -9.14 -5.51 -25.64
CA ASP U 453 -9.12 -6.96 -25.76
C ASP U 453 -7.77 -7.51 -26.21
N GLY U 454 -6.69 -6.76 -25.97
CA GLY U 454 -5.37 -7.28 -26.32
C GLY U 454 -5.03 -8.50 -25.47
N ILE U 455 -4.38 -9.47 -26.11
CA ILE U 455 -4.02 -10.73 -25.45
C ILE U 455 -2.68 -10.48 -24.76
N GLU U 456 -2.75 -10.14 -23.47
CA GLU U 456 -1.60 -9.86 -22.61
C GLU U 456 -0.90 -8.57 -23.02
N LEU U 457 -0.40 -7.82 -22.05
CA LEU U 457 0.26 -6.56 -22.35
C LEU U 457 1.56 -6.77 -23.13
N SER U 458 2.31 -7.81 -22.77
CA SER U 458 3.61 -8.03 -23.41
C SER U 458 3.48 -8.31 -24.89
N ARG U 459 2.36 -8.88 -25.33
CA ARG U 459 2.19 -9.22 -26.74
C ARG U 459 1.84 -8.03 -27.62
N ILE U 460 1.56 -6.86 -27.05
CA ILE U 460 1.26 -5.70 -27.88
C ILE U 460 2.50 -5.29 -28.68
N GLY U 461 3.69 -5.62 -28.19
CA GLY U 461 4.89 -5.32 -28.96
C GLY U 461 4.89 -5.99 -30.32
N GLU U 462 4.57 -7.29 -30.36
CA GLU U 462 4.44 -7.97 -31.64
C GLU U 462 3.13 -7.65 -32.34
N PHE U 463 2.08 -7.31 -31.58
CA PHE U 463 0.82 -6.92 -32.17
C PHE U 463 0.99 -5.67 -33.03
N GLU U 464 1.81 -4.73 -32.58
CA GLU U 464 2.06 -3.52 -33.36
C GLU U 464 2.72 -3.87 -34.69
N SER U 465 3.74 -4.72 -34.67
CA SER U 465 4.41 -5.10 -35.91
C SER U 465 3.45 -5.84 -36.85
N SER U 466 2.63 -6.72 -36.31
CA SER U 466 1.65 -7.42 -37.13
C SER U 466 0.62 -6.46 -37.71
N PHE U 467 0.24 -5.43 -36.95
CA PHE U 467 -0.72 -4.47 -37.46
C PHE U 467 -0.12 -3.60 -38.56
N LEU U 468 1.15 -3.22 -38.42
CA LEU U 468 1.86 -2.57 -39.52
C LEU U 468 1.88 -3.45 -40.77
N SER U 469 2.22 -4.72 -40.60
CA SER U 469 2.25 -5.62 -41.76
C SER U 469 0.87 -5.73 -42.39
N TYR U 470 -0.17 -5.80 -41.56
CA TYR U 470 -1.54 -5.87 -42.07
C TYR U 470 -1.88 -4.62 -42.87
N LEU U 471 -1.48 -3.45 -42.38
CA LEU U 471 -1.76 -2.21 -43.10
C LEU U 471 -0.93 -2.12 -44.38
N LYS U 472 0.18 -2.85 -44.45
CA LYS U 472 0.99 -2.84 -45.67
C LYS U 472 0.34 -3.67 -46.77
N SER U 473 -0.33 -4.76 -46.41
CA SER U 473 -0.90 -5.69 -47.37
C SER U 473 -2.32 -5.28 -47.73
N ASN U 474 -2.54 -4.95 -49.01
CA ASN U 474 -3.82 -4.52 -49.58
C ASN U 474 -4.51 -3.45 -48.74
N HIS U 475 -3.73 -2.73 -47.94
CA HIS U 475 -4.23 -1.56 -47.22
C HIS U 475 -3.28 -0.38 -47.40
N ASN U 476 -2.27 -0.52 -48.26
CA ASN U 476 -1.38 0.60 -48.57
C ASN U 476 -2.14 1.75 -49.20
N GLU U 477 -3.32 1.50 -49.76
CA GLU U 477 -4.16 2.60 -50.23
C GLU U 477 -4.54 3.51 -49.08
N LEU U 478 -4.95 2.93 -47.95
CA LEU U 478 -5.26 3.72 -46.77
C LEU U 478 -4.02 4.45 -46.25
N LEU U 479 -2.87 3.77 -46.23
CA LEU U 479 -1.65 4.38 -45.74
C LEU U 479 -1.26 5.60 -46.58
N THR U 480 -1.29 5.45 -47.90
CA THR U 480 -0.94 6.57 -48.77
C THR U 480 -2.01 7.66 -48.75
N GLU U 481 -3.28 7.28 -48.51
CA GLU U 481 -4.32 8.28 -48.39
C GLU U 481 -4.11 9.15 -47.15
N ILE U 482 -3.75 8.53 -46.04
CA ILE U 482 -3.55 9.31 -44.81
C ILE U 482 -2.21 10.03 -44.85
N ARG U 483 -1.26 9.53 -45.65
CA ARG U 483 0.02 10.22 -45.79
C ARG U 483 -0.12 11.46 -46.66
N GLU U 484 -0.85 11.37 -47.76
CA GLU U 484 -0.90 12.46 -48.73
C GLU U 484 -1.93 13.52 -48.34
N LYS U 485 -3.18 13.11 -48.12
CA LYS U 485 -4.24 14.08 -47.86
C LYS U 485 -3.99 14.83 -46.55
N GLY U 486 -3.51 14.14 -45.53
CA GLY U 486 -3.28 14.76 -44.23
C GLY U 486 -4.47 14.67 -43.31
N GLU U 487 -5.66 15.04 -43.79
CA GLU U 487 -6.87 14.89 -43.00
C GLU U 487 -7.49 13.51 -43.24
N LEU U 488 -8.38 13.12 -42.34
CA LEU U 488 -9.09 11.85 -42.43
C LEU U 488 -10.58 12.12 -42.65
N SER U 489 -11.13 11.54 -43.71
CA SER U 489 -12.53 11.68 -44.00
C SER U 489 -13.35 10.65 -43.22
N LYS U 490 -14.68 10.84 -43.25
CA LYS U 490 -15.57 9.91 -42.55
C LYS U 490 -15.46 8.51 -43.14
N GLU U 491 -15.42 8.41 -44.47
CA GLU U 491 -15.24 7.10 -45.10
C GLU U 491 -13.88 6.51 -44.74
N LEU U 492 -12.86 7.36 -44.65
CA LEU U 492 -11.54 6.88 -44.21
C LEU U 492 -11.60 6.34 -42.80
N LEU U 493 -12.30 7.04 -41.90
CA LEU U 493 -12.43 6.57 -40.53
C LEU U 493 -13.18 5.24 -40.48
N ALA U 494 -14.24 5.10 -41.30
CA ALA U 494 -14.97 3.85 -41.35
C ALA U 494 -14.09 2.72 -41.86
N SER U 495 -13.29 2.97 -42.89
CA SER U 495 -12.39 1.96 -43.41
C SER U 495 -11.34 1.55 -42.37
N LEU U 496 -10.81 2.53 -41.64
CA LEU U 496 -9.83 2.23 -40.60
C LEU U 496 -10.46 1.41 -39.48
N LYS U 497 -11.69 1.75 -39.10
CA LYS U 497 -12.40 0.97 -38.09
C LYS U 497 -12.64 -0.45 -38.56
N SER U 498 -13.03 -0.62 -39.83
CA SER U 498 -13.25 -1.96 -40.36
C SER U 498 -11.96 -2.77 -40.37
N ALA U 499 -10.85 -2.14 -40.77
CA ALA U 499 -9.56 -2.84 -40.76
C ALA U 499 -9.15 -3.22 -39.35
N THR U 500 -9.35 -2.32 -38.39
CA THR U 500 -9.02 -2.61 -37.00
C THR U 500 -9.86 -3.78 -36.47
N GLU U 501 -11.15 -3.79 -36.78
CA GLU U 501 -12.00 -4.89 -36.34
C GLU U 501 -11.58 -6.21 -37.00
N SER U 502 -11.25 -6.16 -38.28
CA SER U 502 -10.82 -7.37 -38.98
C SER U 502 -9.53 -7.92 -38.37
N PHE U 503 -8.59 -7.03 -38.03
CA PHE U 503 -7.33 -7.48 -37.45
C PHE U 503 -7.53 -8.03 -36.04
N VAL U 504 -8.31 -7.32 -35.21
CA VAL U 504 -8.51 -7.76 -33.84
C VAL U 504 -9.32 -9.05 -33.81
N ALA U 505 -10.12 -9.31 -34.85
CA ALA U 505 -10.81 -10.59 -34.95
C ALA U 505 -9.81 -11.74 -35.09
N THR U 506 -8.77 -11.52 -35.89
CA THR U 506 -7.74 -12.54 -36.10
C THR U 506 -6.86 -12.68 -34.85
N GLN V 3 62.30 39.69 -8.31
CA GLN V 3 61.24 40.64 -8.02
C GLN V 3 61.52 41.40 -6.73
N PRO V 4 62.36 42.44 -6.83
CA PRO V 4 62.65 43.24 -5.63
C PRO V 4 61.46 44.06 -5.14
N THR V 5 60.74 44.69 -6.05
CA THR V 5 59.60 45.54 -5.71
C THR V 5 58.34 44.97 -6.37
N GLU V 6 57.28 44.84 -5.58
CA GLU V 6 55.99 44.38 -6.06
C GLU V 6 55.06 45.59 -6.19
N VAL V 7 53.87 45.37 -6.77
CA VAL V 7 52.97 46.46 -7.10
C VAL V 7 52.67 47.30 -5.87
N SER V 8 52.88 48.62 -5.99
CA SER V 8 52.77 49.51 -4.84
C SER V 8 51.33 49.58 -4.34
N SER V 9 50.36 49.71 -5.24
CA SER V 9 48.98 49.94 -4.88
C SER V 9 48.10 48.82 -5.40
N ILE V 10 47.18 48.34 -4.55
CA ILE V 10 46.20 47.34 -4.92
C ILE V 10 44.80 47.94 -4.95
N LEU V 11 44.39 48.58 -3.86
CA LEU V 11 43.10 49.28 -3.79
C LEU V 11 43.32 50.63 -3.12
N GLU V 12 42.80 51.69 -3.72
CA GLU V 12 42.97 53.04 -3.20
C GLU V 12 41.61 53.70 -3.06
N GLU V 13 41.37 54.32 -1.91
CA GLU V 13 40.13 55.03 -1.65
C GLU V 13 40.22 56.53 -1.92
N ARG V 14 41.38 57.13 -1.68
CA ARG V 14 41.59 58.54 -1.95
C ARG V 14 42.17 58.69 -3.35
N ILE V 15 41.41 59.32 -4.25
CA ILE V 15 41.79 59.43 -5.65
C ILE V 15 42.11 60.86 -6.06
N LYS V 16 41.93 61.82 -5.14
CA LYS V 16 42.22 63.21 -5.44
C LYS V 16 43.71 63.43 -5.56
N GLY V 17 44.09 64.39 -6.42
CA GLY V 17 45.48 64.63 -6.71
C GLY V 17 45.95 66.05 -6.46
N VAL V 18 45.06 66.94 -6.04
CA VAL V 18 45.45 68.32 -5.78
C VAL V 18 46.37 68.38 -4.56
N SER V 19 46.11 67.55 -3.55
CA SER V 19 46.95 67.42 -2.36
C SER V 19 47.08 68.75 -1.60
N ASP V 20 46.07 69.61 -1.68
CA ASP V 20 46.09 70.85 -0.94
C ASP V 20 44.66 71.39 -0.83
N GLU V 21 44.43 72.21 0.20
CA GLU V 21 43.15 72.89 0.41
C GLU V 21 42.00 71.88 0.49
N ALA V 22 42.04 71.06 1.54
CA ALA V 22 41.00 70.05 1.74
C ALA V 22 39.85 70.61 2.60
N ASN V 23 40.15 70.96 3.85
CA ASN V 23 39.23 71.58 4.81
C ASN V 23 37.80 71.03 4.72
N LEU V 24 37.67 69.72 4.54
CA LEU V 24 36.36 69.08 4.42
C LEU V 24 35.94 68.50 5.77
N ASN V 25 35.60 69.41 6.68
CA ASN V 25 35.13 69.03 8.01
C ASN V 25 33.61 68.96 8.05
N GLU V 26 32.94 70.07 7.74
CA GLU V 26 31.49 70.14 7.75
C GLU V 26 30.87 69.93 6.38
N THR V 27 31.67 69.63 5.37
CA THR V 27 31.17 69.43 4.01
C THR V 27 32.01 68.39 3.31
N GLY V 28 31.44 67.82 2.24
CA GLY V 28 32.13 66.77 1.50
C GLY V 28 31.71 66.78 0.04
N ARG V 29 32.38 65.93 -0.73
CA ARG V 29 32.14 65.82 -2.17
C ARG V 29 31.91 64.36 -2.54
N VAL V 30 30.97 64.13 -3.46
CA VAL V 30 30.61 62.77 -3.85
C VAL V 30 31.69 62.20 -4.76
N LEU V 31 32.14 60.99 -4.45
CA LEU V 31 33.02 60.23 -5.35
C LEU V 31 32.25 59.24 -6.19
N ALA V 32 31.48 58.36 -5.54
CA ALA V 32 30.71 57.34 -6.24
C ALA V 32 29.29 57.34 -5.73
N VAL V 33 28.32 57.48 -6.64
CA VAL V 33 26.91 57.44 -6.31
C VAL V 33 26.24 56.39 -7.19
N GLY V 34 25.42 55.54 -6.57
CA GLY V 34 24.73 54.50 -7.30
C GLY V 34 23.97 53.55 -6.40
N ASP V 35 22.78 53.13 -6.85
CA ASP V 35 21.94 52.19 -6.10
C ASP V 35 21.57 52.73 -4.73
N GLY V 36 21.41 54.04 -4.61
CA GLY V 36 21.06 54.65 -3.35
C GLY V 36 22.21 54.88 -2.39
N ILE V 37 23.45 54.62 -2.81
CA ILE V 37 24.63 54.83 -1.98
C ILE V 37 25.50 55.88 -2.64
N ALA V 38 25.92 56.88 -1.86
CA ALA V 38 26.75 57.97 -2.34
C ALA V 38 28.01 58.02 -1.50
N ARG V 39 29.09 57.42 -1.99
CA ARG V 39 30.37 57.50 -1.31
C ARG V 39 30.93 58.91 -1.43
N VAL V 40 31.16 59.56 -0.30
CA VAL V 40 31.54 60.96 -0.25
C VAL V 40 32.90 61.09 0.43
N PHE V 41 33.79 61.85 -0.20
CA PHE V 41 35.07 62.21 0.40
C PHE V 41 34.90 63.46 1.23
N GLY V 42 35.51 63.45 2.42
CA GLY V 42 35.38 64.58 3.32
C GLY V 42 34.47 64.28 4.49
N LEU V 43 33.76 65.30 4.97
CA LEU V 43 32.89 65.17 6.15
C LEU V 43 33.67 64.59 7.32
N ASN V 44 34.80 65.21 7.65
CA ASN V 44 35.65 64.67 8.71
C ASN V 44 34.97 64.74 10.07
N ASN V 45 33.94 65.59 10.22
CA ASN V 45 33.24 65.75 11.47
C ASN V 45 31.86 65.11 11.48
N ILE V 46 31.56 64.26 10.49
CA ILE V 46 30.25 63.61 10.44
C ILE V 46 30.14 62.57 11.55
N GLN V 47 28.93 62.37 12.05
CA GLN V 47 28.64 61.36 13.06
C GLN V 47 28.00 60.14 12.42
N ALA V 48 27.98 59.04 13.18
CA ALA V 48 27.41 57.79 12.67
C ALA V 48 25.90 57.92 12.50
N GLU V 49 25.40 57.43 11.36
CA GLU V 49 24.02 57.63 10.90
C GLU V 49 23.48 59.01 11.29
N GLU V 50 24.20 60.04 10.86
CA GLU V 50 23.78 61.43 10.94
C GLU V 50 23.26 61.88 9.59
N LEU V 51 22.11 62.55 9.57
CA LEU V 51 21.55 63.02 8.32
C LEU V 51 22.49 64.01 7.64
N VAL V 52 22.52 63.96 6.31
CA VAL V 52 23.38 64.84 5.53
C VAL V 52 22.58 65.37 4.35
N GLU V 53 22.95 66.56 3.89
CA GLU V 53 22.26 67.23 2.79
C GLU V 53 23.14 67.23 1.55
N PHE V 54 22.51 66.95 0.41
CA PHE V 54 23.19 67.00 -0.88
C PHE V 54 22.81 68.28 -1.62
N SER V 55 23.61 68.61 -2.63
CA SER V 55 23.36 69.83 -3.41
C SER V 55 22.03 69.75 -4.14
N SER V 56 21.60 68.55 -4.54
CA SER V 56 20.33 68.39 -5.23
C SER V 56 19.14 68.57 -4.30
N GLY V 57 19.34 68.54 -2.99
CA GLY V 57 18.27 68.68 -2.03
C GLY V 57 17.83 67.39 -1.38
N VAL V 58 18.22 66.24 -1.93
CA VAL V 58 17.83 64.97 -1.35
C VAL V 58 18.61 64.74 -0.06
N LYS V 59 17.98 64.03 0.87
CA LYS V 59 18.59 63.76 2.16
C LYS V 59 19.33 62.42 2.15
N GLY V 60 20.26 62.29 3.08
CA GLY V 60 21.03 61.06 3.21
C GLY V 60 21.57 60.94 4.61
N MET V 61 21.82 59.69 5.02
CA MET V 61 22.29 59.38 6.36
C MET V 61 23.42 58.37 6.28
N ALA V 62 24.55 58.68 6.92
CA ALA V 62 25.82 58.01 6.64
C ALA V 62 26.04 56.83 7.58
N LEU V 63 26.18 55.64 7.01
CA LEU V 63 26.41 54.42 7.80
C LEU V 63 27.89 54.05 7.88
N ASN V 64 28.55 53.91 6.73
CA ASN V 64 29.93 53.46 6.67
C ASN V 64 30.86 54.66 6.77
N LEU V 65 31.88 54.55 7.62
CA LEU V 65 32.74 55.68 7.93
C LEU V 65 34.20 55.41 7.60
N GLU V 66 34.50 54.83 6.43
CA GLU V 66 35.85 54.47 6.05
C GLU V 66 36.80 55.66 6.20
N PRO V 67 38.10 55.41 6.48
CA PRO V 67 39.02 56.54 6.72
C PRO V 67 39.11 57.50 5.56
N GLY V 68 39.02 57.03 4.32
CA GLY V 68 39.12 57.89 3.17
C GLY V 68 37.81 58.53 2.78
N GLN V 69 36.77 57.71 2.63
CA GLN V 69 35.45 58.19 2.22
C GLN V 69 34.41 57.70 3.21
N VAL V 70 33.29 58.40 3.27
CA VAL V 70 32.15 58.06 4.12
C VAL V 70 30.99 57.64 3.23
N GLY V 71 30.38 56.50 3.57
CA GLY V 71 29.27 56.01 2.79
C GLY V 71 27.92 56.50 3.28
N ILE V 72 27.20 57.23 2.42
CA ILE V 72 25.89 57.77 2.76
C ILE V 72 24.85 57.01 1.94
N VAL V 73 23.85 56.47 2.62
CA VAL V 73 22.71 55.87 1.96
C VAL V 73 21.69 56.97 1.67
N LEU V 74 21.19 57.00 0.44
CA LEU V 74 20.31 58.08 0.00
C LEU V 74 18.86 57.79 0.36
N PHE V 75 18.19 58.80 0.90
CA PHE V 75 16.78 58.68 1.27
C PHE V 75 15.85 58.75 0.07
N GLY V 76 16.34 59.19 -1.08
CA GLY V 76 15.52 59.29 -2.28
C GLY V 76 16.17 58.65 -3.49
N SER V 77 15.74 59.06 -4.68
CA SER V 77 16.32 58.52 -5.90
C SER V 77 17.77 58.96 -6.06
N ASP V 78 18.61 58.03 -6.50
CA ASP V 78 20.02 58.33 -6.74
C ASP V 78 20.24 59.17 -7.99
N ARG V 79 19.20 59.38 -8.80
CA ARG V 79 19.35 60.17 -10.01
C ARG V 79 19.76 61.61 -9.70
N LEU V 80 19.16 62.20 -8.67
CA LEU V 80 19.46 63.58 -8.32
C LEU V 80 20.90 63.79 -7.89
N VAL V 81 21.56 62.75 -7.37
CA VAL V 81 22.93 62.86 -6.88
C VAL V 81 23.89 62.53 -8.02
N LYS V 82 24.89 63.38 -8.21
CA LYS V 82 25.90 63.20 -9.24
C LYS V 82 27.28 63.30 -8.61
N GLU V 83 28.27 62.74 -9.32
CA GLU V 83 29.64 62.79 -8.85
C GLU V 83 30.13 64.23 -8.76
N GLY V 84 30.79 64.54 -7.65
CA GLY V 84 31.31 65.88 -7.42
C GLY V 84 30.34 66.85 -6.81
N GLU V 85 29.10 66.43 -6.53
CA GLU V 85 28.12 67.32 -5.93
C GLU V 85 28.49 67.65 -4.49
N LEU V 86 28.24 68.89 -4.09
CA LEU V 86 28.57 69.32 -2.74
C LEU V 86 27.62 68.69 -1.74
N VAL V 87 28.18 68.20 -0.63
CA VAL V 87 27.43 67.56 0.44
C VAL V 87 27.70 68.31 1.73
N LYS V 88 26.64 68.66 2.45
CA LYS V 88 26.76 69.41 3.70
C LYS V 88 26.01 68.70 4.82
N ARG V 89 26.61 68.70 6.00
CA ARG V 89 26.06 68.02 7.16
C ARG V 89 24.81 68.72 7.67
N THR V 90 23.84 67.93 8.14
CA THR V 90 22.68 68.50 8.80
C THR V 90 22.99 68.92 10.23
N GLY V 91 23.95 68.26 10.88
CA GLY V 91 24.32 68.57 12.24
C GLY V 91 23.60 67.79 13.31
N ASN V 92 22.62 66.95 12.94
CA ASN V 92 21.84 66.21 13.92
C ASN V 92 21.60 64.80 13.45
N ILE V 93 21.39 63.89 14.41
CA ILE V 93 21.02 62.52 14.10
C ILE V 93 19.56 62.49 13.62
N VAL V 94 19.19 61.39 12.97
CA VAL V 94 17.82 61.23 12.49
C VAL V 94 16.85 61.36 13.65
N ASP V 95 15.85 62.22 13.48
CA ASP V 95 14.87 62.50 14.53
C ASP V 95 13.49 62.62 13.90
N VAL V 96 12.47 62.45 14.74
CA VAL V 96 11.08 62.48 14.28
C VAL V 96 10.26 63.39 15.17
N PRO V 97 9.37 64.21 14.61
CA PRO V 97 8.40 64.93 15.44
C PRO V 97 7.48 63.96 16.16
N VAL V 98 7.37 64.12 17.48
CA VAL V 98 6.59 63.22 18.31
C VAL V 98 5.65 64.05 19.18
N GLY V 99 4.55 63.42 19.59
CA GLY V 99 3.57 64.07 20.41
C GLY V 99 2.15 63.59 20.14
N PRO V 100 1.16 64.24 20.74
CA PRO V 100 -0.23 63.84 20.52
C PRO V 100 -0.80 64.33 19.20
N GLY V 101 -0.14 65.28 18.52
CA GLY V 101 -0.63 65.75 17.25
C GLY V 101 -0.54 64.74 16.13
N LEU V 102 0.32 63.73 16.28
CA LEU V 102 0.44 62.69 15.26
C LEU V 102 -0.79 61.79 15.21
N LEU V 103 -1.65 61.85 16.23
CA LEU V 103 -2.88 61.08 16.21
C LEU V 103 -3.75 61.48 15.02
N GLY V 104 -4.28 60.48 14.33
CA GLY V 104 -5.11 60.76 13.17
C GLY V 104 -4.35 61.25 11.96
N ARG V 105 -3.05 60.97 11.88
CA ARG V 105 -2.22 61.42 10.77
C ARG V 105 -1.39 60.26 10.24
N VAL V 106 -1.09 60.30 8.95
CA VAL V 106 -0.22 59.33 8.30
C VAL V 106 1.08 60.03 7.95
N VAL V 107 2.20 59.47 8.39
CA VAL V 107 3.50 60.09 8.23
C VAL V 107 4.46 59.11 7.57
N ASP V 108 5.52 59.65 6.97
CA ASP V 108 6.54 58.84 6.32
C ASP V 108 7.55 58.38 7.36
N ALA V 109 8.70 57.87 6.88
CA ALA V 109 9.74 57.39 7.78
C ALA V 109 10.42 58.53 8.54
N LEU V 110 10.19 59.77 8.17
CA LEU V 110 10.80 60.92 8.83
C LEU V 110 9.77 61.82 9.50
N GLY V 111 8.52 61.36 9.62
CA GLY V 111 7.48 62.15 10.24
C GLY V 111 6.80 63.16 9.34
N ASN V 112 7.23 63.27 8.09
CA ASN V 112 6.58 64.19 7.16
C ASN V 112 5.18 63.68 6.85
N PRO V 113 4.14 64.50 6.97
CA PRO V 113 2.77 64.04 6.71
C PRO V 113 2.56 63.72 5.24
N ILE V 114 2.29 62.45 4.94
CA ILE V 114 2.04 62.01 3.58
C ILE V 114 0.55 61.94 3.24
N ASP V 115 -0.33 62.09 4.24
CA ASP V 115 -1.77 62.08 4.00
C ASP V 115 -2.29 63.38 3.43
N GLY V 116 -1.49 64.44 3.43
CA GLY V 116 -1.93 65.71 2.90
C GLY V 116 -2.93 66.45 3.76
N LYS V 117 -2.98 66.15 5.06
CA LYS V 117 -3.92 66.79 5.97
C LYS V 117 -3.33 68.02 6.66
N GLY V 118 -2.09 68.40 6.33
CA GLY V 118 -1.49 69.57 6.92
C GLY V 118 -0.25 69.24 7.73
N PRO V 119 0.39 70.27 8.28
CA PRO V 119 1.61 70.05 9.08
C PRO V 119 1.31 69.28 10.35
N ILE V 120 2.33 68.57 10.83
CA ILE V 120 2.22 67.73 12.00
C ILE V 120 2.49 68.57 13.25
N ASP V 121 1.57 68.54 14.20
CA ASP V 121 1.73 69.23 15.47
C ASP V 121 2.70 68.43 16.32
N ALA V 122 3.91 68.97 16.50
CA ALA V 122 4.99 68.25 17.19
C ALA V 122 5.12 68.77 18.61
N ALA V 123 4.94 67.87 19.57
CA ALA V 123 5.24 68.21 20.96
C ALA V 123 6.75 68.21 21.21
N GLY V 124 7.49 67.39 20.49
CA GLY V 124 8.94 67.35 20.62
C GLY V 124 9.54 66.53 19.50
N ARG V 125 10.86 66.39 19.56
CA ARG V 125 11.61 65.62 18.58
C ARG V 125 12.50 64.63 19.31
N SER V 126 12.39 63.36 18.96
CA SER V 126 13.20 62.29 19.57
C SER V 126 13.95 61.54 18.47
N ARG V 127 15.18 61.15 18.78
CA ARG V 127 16.00 60.43 17.82
C ARG V 127 15.42 59.04 17.54
N ALA V 128 15.48 58.63 16.28
CA ALA V 128 15.01 57.29 15.92
C ALA V 128 15.82 56.21 16.60
N GLN V 129 17.14 56.38 16.66
CA GLN V 129 18.03 55.43 17.33
C GLN V 129 18.30 55.94 18.73
N VAL V 130 17.51 55.46 19.70
CA VAL V 130 17.68 55.82 21.10
C VAL V 130 17.77 54.54 21.91
N LYS V 131 18.59 54.57 22.95
CA LYS V 131 18.80 53.38 23.78
C LYS V 131 17.52 52.98 24.48
N ALA V 132 17.26 51.67 24.49
CA ALA V 132 16.07 51.15 25.17
C ALA V 132 16.20 51.35 26.67
N PRO V 133 15.07 51.45 27.38
CA PRO V 133 15.13 51.61 28.84
C PRO V 133 15.83 50.43 29.50
N GLY V 134 16.56 50.73 30.56
CA GLY V 134 17.34 49.73 31.26
C GLY V 134 16.48 48.76 32.05
N ILE V 135 17.17 47.87 32.77
CA ILE V 135 16.47 46.83 33.53
C ILE V 135 15.60 47.45 34.61
N LEU V 136 16.16 48.35 35.41
CA LEU V 136 15.44 48.89 36.56
C LEU V 136 14.21 49.70 36.18
N PRO V 137 14.24 50.63 35.18
CA PRO V 137 13.04 51.40 34.83
C PRO V 137 12.00 50.59 34.04
N ARG V 138 11.68 49.40 34.55
CA ARG V 138 10.67 48.54 33.96
C ARG V 138 9.83 47.91 35.05
N ARG V 139 8.62 47.50 34.68
CA ARG V 139 7.71 46.83 35.59
C ARG V 139 7.18 45.57 34.91
N SER V 140 6.98 44.52 35.70
CA SER V 140 6.47 43.26 35.17
C SER V 140 5.13 43.49 34.47
N VAL V 141 4.98 42.86 33.31
CA VAL V 141 3.79 43.07 32.49
C VAL V 141 2.58 42.45 33.18
N HIS V 142 1.61 43.29 33.53
CA HIS V 142 0.40 42.83 34.20
C HIS V 142 -0.87 43.29 33.51
N GLU V 143 -0.88 44.52 32.96
CA GLU V 143 -2.08 45.02 32.31
C GLU V 143 -2.32 44.28 31.00
N PRO V 144 -3.57 44.00 30.65
CA PRO V 144 -3.87 43.26 29.42
C PRO V 144 -4.10 44.15 28.21
N VAL V 145 -3.61 43.68 27.07
CA VAL V 145 -3.90 44.30 25.78
C VAL V 145 -4.99 43.45 25.16
N GLN V 146 -6.23 43.93 25.27
CA GLN V 146 -7.39 43.19 24.77
C GLN V 146 -7.46 43.33 23.26
N THR V 147 -6.96 42.32 22.55
CA THR V 147 -6.94 42.37 21.09
C THR V 147 -8.31 42.17 20.47
N GLY V 148 -9.28 41.66 21.23
CA GLY V 148 -10.60 41.41 20.70
C GLY V 148 -10.78 40.08 20.01
N LEU V 149 -9.71 39.30 19.89
CA LEU V 149 -9.78 37.96 19.31
C LEU V 149 -9.95 36.95 20.43
N LYS V 150 -10.98 36.09 20.31
CA LYS V 150 -11.25 35.12 21.36
C LYS V 150 -10.05 34.20 21.58
N ALA V 151 -9.53 33.62 20.50
CA ALA V 151 -8.38 32.72 20.62
C ALA V 151 -7.16 33.45 21.15
N VAL V 152 -6.89 34.65 20.62
CA VAL V 152 -5.69 35.39 21.04
C VAL V 152 -5.83 35.83 22.48
N ASP V 153 -6.96 36.43 22.84
CA ASP V 153 -7.14 36.93 24.20
C ASP V 153 -7.32 35.80 25.21
N ALA V 154 -7.60 34.58 24.75
CA ALA V 154 -7.82 33.45 25.65
C ALA V 154 -6.58 32.61 25.88
N LEU V 155 -5.89 32.21 24.81
CA LEU V 155 -4.80 31.25 24.91
C LEU V 155 -3.42 31.88 24.77
N VAL V 156 -3.28 32.99 24.06
CA VAL V 156 -1.99 33.66 23.95
C VAL V 156 -2.19 35.14 24.26
N PRO V 157 -2.43 35.49 25.53
CA PRO V 157 -2.74 36.88 25.86
C PRO V 157 -1.57 37.81 25.62
N ILE V 158 -1.90 39.06 25.30
CA ILE V 158 -0.92 40.11 25.04
C ILE V 158 -1.05 41.15 26.14
N GLY V 159 0.08 41.52 26.75
CA GLY V 159 0.06 42.49 27.82
C GLY V 159 0.74 43.80 27.46
N ARG V 160 0.45 44.85 28.23
CA ARG V 160 1.08 46.15 27.99
C ARG V 160 2.58 46.06 28.21
N GLY V 161 3.34 46.48 27.20
CA GLY V 161 4.78 46.37 27.24
C GLY V 161 5.34 45.09 26.66
N GLN V 162 4.49 44.14 26.28
CA GLN V 162 4.96 42.90 25.68
C GLN V 162 5.39 43.13 24.23
N ARG V 163 6.11 42.16 23.68
CA ARG V 163 6.57 42.23 22.30
C ARG V 163 6.07 41.01 21.53
N GLU V 164 4.78 40.71 21.66
CA GLU V 164 4.21 39.53 21.01
C GLU V 164 4.41 39.60 19.49
N LEU V 165 4.87 38.50 18.93
CA LEU V 165 5.17 38.42 17.50
C LEU V 165 4.00 37.80 16.77
N ILE V 166 3.56 38.45 15.69
CA ILE V 166 2.54 37.88 14.81
C ILE V 166 3.30 37.16 13.69
N ILE V 167 3.68 35.92 13.96
CA ILE V 167 4.40 35.08 13.02
C ILE V 167 3.41 34.32 12.16
N GLY V 168 3.75 34.14 10.88
CA GLY V 168 2.87 33.43 9.98
C GLY V 168 3.31 33.59 8.55
N ASP V 169 2.66 32.81 7.69
CA ASP V 169 2.95 32.85 6.27
C ASP V 169 2.23 34.03 5.62
N ARG V 170 2.50 34.23 4.33
CA ARG V 170 1.87 35.30 3.58
C ARG V 170 0.37 35.08 3.49
N GLN V 171 -0.38 36.19 3.58
CA GLN V 171 -1.84 36.18 3.44
C GLN V 171 -2.48 35.20 4.42
N THR V 172 -2.09 35.30 5.68
CA THR V 172 -2.61 34.45 6.74
C THR V 172 -3.34 35.22 7.83
N GLY V 173 -3.54 36.52 7.67
CA GLY V 173 -4.26 37.30 8.63
C GLY V 173 -3.42 38.02 9.67
N LYS V 174 -2.13 38.22 9.42
CA LYS V 174 -1.27 38.88 10.39
C LYS V 174 -1.66 40.34 10.58
N THR V 175 -1.62 41.12 9.49
CA THR V 175 -2.09 42.50 9.57
C THR V 175 -3.57 42.54 9.90
N ALA V 176 -4.31 41.46 9.59
CA ALA V 176 -5.71 41.39 10.01
C ALA V 176 -5.82 41.32 11.53
N VAL V 177 -4.96 40.51 12.17
CA VAL V 177 -4.96 40.45 13.63
C VAL V 177 -4.57 41.80 14.22
N ALA V 178 -3.55 42.45 13.64
CA ALA V 178 -3.15 43.76 14.13
C ALA V 178 -4.28 44.77 13.98
N LEU V 179 -4.97 44.75 12.84
CA LEU V 179 -6.08 45.66 12.61
C LEU V 179 -7.22 45.40 13.58
N ASP V 180 -7.51 44.12 13.85
CA ASP V 180 -8.56 43.79 14.81
C ASP V 180 -8.21 44.30 16.20
N THR V 181 -6.93 44.17 16.60
CA THR V 181 -6.51 44.73 17.87
C THR V 181 -6.69 46.24 17.91
N ILE V 182 -6.31 46.92 16.83
CA ILE V 182 -6.44 48.37 16.77
C ILE V 182 -7.91 48.77 16.89
N LEU V 183 -8.79 48.06 16.18
CA LEU V 183 -10.22 48.34 16.25
C LEU V 183 -10.76 48.09 17.65
N ASN V 184 -10.32 47.01 18.29
CA ASN V 184 -10.77 46.71 19.65
C ASN V 184 -10.34 47.80 20.63
N GLN V 185 -9.19 48.43 20.38
CA GLN V 185 -8.73 49.49 21.28
C GLN V 185 -9.70 50.67 21.35
N LYS V 186 -10.59 50.81 20.36
CA LYS V 186 -11.54 51.92 20.36
C LYS V 186 -12.50 51.88 21.55
N ARG V 187 -12.65 50.72 22.20
CA ARG V 187 -13.56 50.63 23.34
C ARG V 187 -13.10 51.52 24.47
N TRP V 188 -11.80 51.58 24.73
CA TRP V 188 -11.25 52.42 25.78
C TRP V 188 -10.65 53.71 25.27
N ASN V 189 -10.26 53.77 23.99
CA ASN V 189 -9.73 55.02 23.44
C ASN V 189 -10.81 56.10 23.35
N ASN V 190 -12.08 55.72 23.36
CA ASN V 190 -13.18 56.67 23.36
C ASN V 190 -13.62 57.09 24.74
N GLY V 191 -13.02 56.52 25.79
CA GLY V 191 -13.37 56.84 27.15
C GLY V 191 -12.58 58.01 27.70
N SER V 192 -12.56 58.11 29.03
CA SER V 192 -11.87 59.18 29.72
C SER V 192 -10.63 58.72 30.49
N ASP V 193 -10.57 57.44 30.87
CA ASP V 193 -9.44 56.94 31.64
C ASP V 193 -8.24 56.77 30.72
N GLU V 194 -7.21 57.60 30.93
CA GLU V 194 -6.03 57.55 30.09
C GLU V 194 -5.23 56.27 30.31
N SER V 195 -5.32 55.68 31.51
CA SER V 195 -4.59 54.45 31.80
C SER V 195 -5.08 53.30 30.92
N LYS V 196 -6.39 53.21 30.68
CA LYS V 196 -6.93 52.16 29.83
C LYS V 196 -6.80 52.48 28.35
N LYS V 197 -6.50 53.72 27.99
CA LYS V 197 -6.33 54.08 26.59
C LYS V 197 -5.08 53.44 26.01
N LEU V 198 -5.17 52.97 24.77
CA LEU V 198 -4.06 52.33 24.07
C LEU V 198 -3.93 52.97 22.69
N TYR V 199 -2.97 53.88 22.54
CA TYR V 199 -2.74 54.53 21.26
C TYR V 199 -1.95 53.60 20.35
N CYS V 200 -2.58 53.17 19.27
CA CYS V 200 -1.96 52.23 18.33
C CYS V 200 -1.15 52.97 17.29
N VAL V 201 0.07 52.50 17.04
CA VAL V 201 0.94 53.05 16.01
C VAL V 201 1.25 51.94 15.03
N TYR V 202 0.87 52.14 13.77
CA TYR V 202 1.05 51.13 12.74
C TYR V 202 2.26 51.47 11.88
N VAL V 203 2.99 50.44 11.45
CA VAL V 203 4.18 50.60 10.64
C VAL V 203 3.97 49.87 9.32
N ALA V 204 4.21 50.55 8.21
CA ALA V 204 4.10 49.97 6.88
C ALA V 204 5.48 49.95 6.24
N VAL V 205 6.14 48.80 6.30
CA VAL V 205 7.45 48.62 5.68
C VAL V 205 7.26 47.78 4.43
N GLY V 206 7.58 48.37 3.27
CA GLY V 206 7.48 47.67 2.00
C GLY V 206 6.07 47.38 1.53
N GLN V 207 5.06 47.55 2.38
CA GLN V 207 3.69 47.36 1.95
C GLN V 207 3.34 48.37 0.87
N LYS V 208 2.56 47.93 -0.12
CA LYS V 208 2.19 48.81 -1.22
C LYS V 208 1.29 49.94 -0.73
N ARG V 209 1.40 51.10 -1.41
CA ARG V 209 0.64 52.27 -1.00
C ARG V 209 -0.86 52.03 -1.07
N SER V 210 -1.32 51.16 -1.99
CA SER V 210 -2.73 50.82 -2.04
C SER V 210 -3.16 50.11 -0.77
N THR V 211 -2.32 49.22 -0.25
CA THR V 211 -2.62 48.55 1.01
C THR V 211 -2.71 49.55 2.17
N VAL V 212 -1.79 50.52 2.21
CA VAL V 212 -1.81 51.51 3.27
C VAL V 212 -3.06 52.39 3.15
N ALA V 213 -3.44 52.76 1.93
CA ALA V 213 -4.65 53.55 1.73
C ALA V 213 -5.89 52.77 2.17
N GLN V 214 -5.94 51.48 1.83
CA GLN V 214 -7.05 50.65 2.27
C GLN V 214 -7.09 50.54 3.79
N LEU V 215 -5.93 50.41 4.42
CA LEU V 215 -5.88 50.36 5.87
C LEU V 215 -6.36 51.66 6.50
N VAL V 216 -5.97 52.80 5.92
CA VAL V 216 -6.43 54.09 6.43
C VAL V 216 -7.94 54.21 6.27
N GLN V 217 -8.48 53.78 5.12
CA GLN V 217 -9.91 53.81 4.91
C GLN V 217 -10.64 52.91 5.91
N THR V 218 -10.09 51.73 6.18
CA THR V 218 -10.69 50.83 7.16
C THR V 218 -10.68 51.45 8.54
N LEU V 219 -9.57 52.08 8.93
CA LEU V 219 -9.50 52.74 10.23
C LEU V 219 -10.51 53.88 10.32
N GLU V 220 -10.66 54.66 9.26
CA GLU V 220 -11.63 55.76 9.26
C GLU V 220 -13.06 55.23 9.32
N GLN V 221 -13.32 54.09 8.66
CA GLN V 221 -14.66 53.52 8.68
C GLN V 221 -15.07 53.12 10.09
N HIS V 222 -14.16 52.52 10.84
CA HIS V 222 -14.42 52.11 12.21
C HIS V 222 -14.09 53.19 13.23
N ASP V 223 -13.72 54.39 12.77
CA ASP V 223 -13.37 55.53 13.62
C ASP V 223 -12.17 55.25 14.49
N ALA V 224 -11.35 54.26 14.14
CA ALA V 224 -10.14 53.95 14.89
C ALA V 224 -8.96 54.82 14.50
N MET V 225 -9.09 55.61 13.44
CA MET V 225 -7.97 56.43 12.98
C MET V 225 -7.69 57.58 13.94
N LYS V 226 -8.68 58.00 14.73
CA LYS V 226 -8.52 59.15 15.60
C LYS V 226 -7.43 58.94 16.65
N TYR V 227 -7.16 57.69 17.03
CA TYR V 227 -6.17 57.39 18.06
C TYR V 227 -5.01 56.57 17.50
N SER V 228 -4.81 56.61 16.18
CA SER V 228 -3.81 55.79 15.53
C SER V 228 -2.84 56.66 14.75
N ILE V 229 -1.59 56.21 14.68
CA ILE V 229 -0.54 56.84 13.88
C ILE V 229 -0.07 55.82 12.85
N ILE V 230 -0.05 56.21 11.59
CA ILE V 230 0.37 55.35 10.50
C ILE V 230 1.73 55.87 10.00
N VAL V 231 2.76 55.07 10.21
CA VAL V 231 4.10 55.37 9.70
C VAL V 231 4.31 54.46 8.50
N ALA V 232 4.16 55.02 7.30
CA ALA V 232 4.13 54.24 6.07
C ALA V 232 5.38 54.55 5.25
N ALA V 233 6.37 53.66 5.33
CA ALA V 233 7.53 53.69 4.43
C ALA V 233 7.33 52.59 3.40
N THR V 234 6.55 52.92 2.37
CA THR V 234 6.21 51.95 1.34
C THR V 234 7.43 51.65 0.48
N ALA V 235 7.24 50.78 -0.52
CA ALA V 235 8.34 50.41 -1.39
C ALA V 235 8.84 51.58 -2.24
N SER V 236 8.01 52.62 -2.41
CA SER V 236 8.47 53.80 -3.16
C SER V 236 9.62 54.48 -2.44
N GLU V 237 9.53 54.62 -1.12
CA GLU V 237 10.64 55.15 -0.34
C GLU V 237 11.83 54.20 -0.42
N ALA V 238 13.02 54.79 -0.46
CA ALA V 238 14.24 54.00 -0.60
C ALA V 238 14.45 53.09 0.60
N ALA V 239 15.42 52.19 0.45
CA ALA V 239 15.75 51.26 1.54
C ALA V 239 16.05 51.94 2.87
N PRO V 240 16.79 53.05 2.93
CA PRO V 240 17.00 53.68 4.25
C PRO V 240 15.72 54.09 4.95
N LEU V 241 14.71 54.55 4.20
CA LEU V 241 13.48 54.98 4.84
C LEU V 241 12.70 53.79 5.38
N GLN V 242 12.64 52.69 4.61
CA GLN V 242 12.02 51.48 5.13
C GLN V 242 12.78 50.94 6.33
N TYR V 243 14.10 51.14 6.35
CA TYR V 243 14.92 50.70 7.46
C TYR V 243 14.66 51.53 8.72
N LEU V 244 14.44 52.83 8.56
CA LEU V 244 14.30 53.74 9.69
C LEU V 244 12.86 53.89 10.19
N ALA V 245 11.86 53.58 9.36
CA ALA V 245 10.48 53.79 9.76
C ALA V 245 10.08 53.02 11.02
N PRO V 246 10.45 51.74 11.19
CA PRO V 246 10.12 51.08 12.47
C PRO V 246 10.70 51.80 13.67
N PHE V 247 11.93 52.31 13.57
CA PHE V 247 12.50 53.07 14.68
C PHE V 247 11.82 54.43 14.83
N THR V 248 11.40 55.02 13.71
CA THR V 248 10.62 56.25 13.77
C THR V 248 9.36 56.06 14.60
N ALA V 249 8.57 55.04 14.28
CA ALA V 249 7.35 54.77 15.03
C ALA V 249 7.67 54.30 16.44
N ALA V 250 8.81 53.65 16.64
CA ALA V 250 9.22 53.26 17.99
C ALA V 250 9.43 54.50 18.85
N SER V 251 10.09 55.52 18.31
CA SER V 251 10.24 56.78 19.05
C SER V 251 8.89 57.46 19.25
N ILE V 252 8.02 57.40 18.24
CA ILE V 252 6.69 57.99 18.36
C ILE V 252 5.93 57.37 19.52
N GLY V 253 5.96 56.04 19.62
CA GLY V 253 5.30 55.36 20.72
C GLY V 253 6.03 55.53 22.04
N GLU V 254 7.35 55.70 22.00
CA GLU V 254 8.12 55.96 23.21
C GLU V 254 7.76 57.31 23.81
N TRP V 255 7.34 58.26 22.97
CA TRP V 255 6.84 59.52 23.50
C TRP V 255 5.63 59.28 24.41
N PHE V 256 4.68 58.45 23.96
CA PHE V 256 3.55 58.10 24.80
C PHE V 256 3.99 57.31 26.02
N ARG V 257 4.91 56.37 25.84
CA ARG V 257 5.33 55.50 26.93
C ARG V 257 5.99 56.29 28.05
N ASP V 258 6.85 57.25 27.71
CA ASP V 258 7.56 58.04 28.70
C ASP V 258 6.69 59.13 29.31
N ASN V 259 5.52 59.40 28.75
CA ASN V 259 4.61 60.42 29.26
C ASN V 259 3.47 59.82 30.08
N GLY V 260 3.58 58.55 30.48
CA GLY V 260 2.56 57.91 31.27
C GLY V 260 1.42 57.30 30.48
N LYS V 261 1.41 57.44 29.16
CA LYS V 261 0.35 56.88 28.34
C LYS V 261 0.74 55.50 27.83
N HIS V 262 -0.23 54.60 27.78
CA HIS V 262 -0.02 53.26 27.25
C HIS V 262 -0.28 53.27 25.76
N ALA V 263 0.69 52.78 24.99
CA ALA V 263 0.62 52.83 23.54
C ALA V 263 0.98 51.48 22.95
N LEU V 264 0.20 51.04 21.96
CA LEU V 264 0.52 49.86 21.17
C LEU V 264 1.20 50.29 19.88
N ILE V 265 2.16 49.48 19.43
CA ILE V 265 2.82 49.72 18.15
C ILE V 265 2.88 48.41 17.39
N VAL V 266 2.52 48.45 16.11
CA VAL V 266 2.60 47.30 15.23
C VAL V 266 3.71 47.59 14.22
N TYR V 267 4.89 47.04 14.46
CA TYR V 267 5.98 47.18 13.50
C TYR V 267 5.63 46.53 12.17
N ASP V 268 4.71 45.57 12.19
CA ASP V 268 4.27 44.78 11.04
C ASP V 268 5.52 44.16 10.41
N ASP V 269 5.60 44.14 9.07
CA ASP V 269 6.69 43.43 8.41
C ASP V 269 8.05 43.95 8.84
N LEU V 270 8.79 43.14 9.60
CA LEU V 270 10.19 43.41 9.87
C LEU V 270 11.11 42.58 8.99
N SER V 271 10.60 41.51 8.39
CA SER V 271 11.35 40.78 7.37
C SER V 271 11.62 41.67 6.17
N LYS V 272 10.68 42.53 5.81
CA LYS V 272 10.93 43.52 4.76
C LYS V 272 11.88 44.61 5.23
N GLN V 273 11.76 45.01 6.51
CA GLN V 273 12.76 45.91 7.08
C GLN V 273 14.13 45.26 7.09
N ALA V 274 14.19 43.97 7.43
CA ALA V 274 15.45 43.25 7.38
C ALA V 274 15.99 43.17 5.96
N VAL V 275 15.10 43.02 4.98
CA VAL V 275 15.51 42.99 3.58
C VAL V 275 16.09 44.34 3.17
N ALA V 276 15.46 45.43 3.58
CA ALA V 276 15.97 46.76 3.28
C ALA V 276 17.34 46.99 3.93
N TYR V 277 17.49 46.57 5.19
CA TYR V 277 18.77 46.72 5.85
C TYR V 277 19.84 45.86 5.19
N ARG V 278 19.47 44.66 4.74
CA ARG V 278 20.40 43.81 4.00
C ARG V 278 20.81 44.48 2.70
N GLN V 279 19.87 45.09 2.00
CA GLN V 279 20.19 45.85 0.78
C GLN V 279 21.19 46.94 1.09
N LEU V 280 20.95 47.70 2.15
CA LEU V 280 21.87 48.76 2.53
C LEU V 280 23.26 48.21 2.85
N SER V 281 23.32 47.08 3.55
CA SER V 281 24.60 46.52 3.96
C SER V 281 25.40 46.02 2.78
N LEU V 282 24.77 45.23 1.89
CA LEU V 282 25.48 44.74 0.72
C LEU V 282 25.90 45.88 -0.20
N LEU V 283 25.03 46.88 -0.37
CA LEU V 283 25.41 48.04 -1.17
C LEU V 283 26.51 48.86 -0.48
N LEU V 284 26.67 48.73 0.82
CA LEU V 284 27.75 49.39 1.55
C LEU V 284 28.99 48.52 1.69
N ARG V 285 29.07 47.43 0.94
CA ARG V 285 30.18 46.49 0.95
C ARG V 285 30.41 45.87 2.33
N ARG V 286 29.39 45.89 3.18
CA ARG V 286 29.50 45.24 4.48
C ARG V 286 29.51 43.71 4.30
N PRO V 287 30.20 42.99 5.16
CA PRO V 287 30.27 41.53 5.04
C PRO V 287 28.90 40.90 5.20
N PRO V 288 28.44 40.17 4.20
CA PRO V 288 27.11 39.55 4.27
C PRO V 288 27.12 38.32 5.16
N GLY V 289 25.94 37.72 5.31
CA GLY V 289 25.79 36.58 6.19
C GLY V 289 24.74 35.56 5.77
N ARG V 290 24.02 35.02 6.76
CA ARG V 290 22.97 34.06 6.47
C ARG V 290 21.92 34.68 5.56
N GLU V 291 21.64 34.01 4.44
CA GLU V 291 20.77 34.56 3.39
C GLU V 291 21.20 35.98 3.03
N ALA V 292 22.51 36.21 3.02
CA ALA V 292 23.15 37.48 2.71
C ALA V 292 22.76 38.60 3.67
N TYR V 293 22.16 38.28 4.81
CA TYR V 293 21.74 39.30 5.74
C TYR V 293 22.93 39.89 6.48
N PRO V 294 22.82 41.12 6.97
CA PRO V 294 23.93 41.74 7.69
C PRO V 294 24.20 41.03 9.02
N GLY V 295 25.41 41.26 9.53
CA GLY V 295 25.79 40.65 10.80
C GLY V 295 24.97 41.14 11.98
N ASP V 296 24.64 42.43 11.98
CA ASP V 296 23.95 43.04 13.12
C ASP V 296 22.45 43.26 12.86
N VAL V 297 21.86 42.48 11.96
CA VAL V 297 20.43 42.59 11.73
C VAL V 297 19.65 42.05 12.93
N PHE V 298 20.17 41.00 13.58
CA PHE V 298 19.61 40.60 14.86
C PHE V 298 19.81 41.69 15.90
N TYR V 299 20.98 42.35 15.89
CA TYR V 299 21.19 43.52 16.72
C TYR V 299 20.20 44.63 16.38
N LEU V 300 19.92 44.81 15.09
CA LEU V 300 18.95 45.81 14.66
C LEU V 300 17.57 45.51 15.24
N HIS V 301 17.11 44.26 15.08
CA HIS V 301 15.79 43.88 15.58
C HIS V 301 15.74 43.97 17.10
N SER V 302 16.83 43.61 17.78
CA SER V 302 16.85 43.72 19.23
C SER V 302 16.75 45.17 19.68
N ARG V 303 17.49 46.07 19.03
CA ARG V 303 17.37 47.48 19.35
C ARG V 303 15.95 47.97 19.11
N LEU V 304 15.35 47.54 18.01
CA LEU V 304 14.01 47.99 17.66
C LEU V 304 12.98 47.51 18.69
N LEU V 305 13.11 46.26 19.12
CA LEU V 305 12.06 45.66 19.95
C LEU V 305 12.23 45.98 21.43
N GLU V 306 13.47 46.15 21.89
CA GLU V 306 13.70 46.40 23.32
C GLU V 306 13.12 47.74 23.76
N ARG V 307 12.93 48.69 22.84
CA ARG V 307 12.37 49.98 23.20
C ARG V 307 10.92 49.87 23.64
N ALA V 308 10.22 48.81 23.26
CA ALA V 308 8.83 48.62 23.63
C ALA V 308 8.76 47.77 24.90
N ALA V 309 8.32 48.37 25.99
CA ALA V 309 8.22 47.67 27.27
C ALA V 309 7.34 48.49 28.21
N LYS V 310 7.06 47.91 29.37
CA LYS V 310 6.23 48.52 30.40
C LYS V 310 7.14 49.20 31.42
N LEU V 311 6.96 50.50 31.60
CA LEU V 311 7.77 51.25 32.54
C LEU V 311 7.21 51.12 33.96
N SER V 312 8.07 51.41 34.93
CA SER V 312 7.67 51.35 36.33
C SER V 312 6.90 52.61 36.73
N GLU V 313 6.37 52.59 37.95
CA GLU V 313 5.59 53.72 38.44
C GLU V 313 6.45 54.98 38.56
N LYS V 314 7.74 54.80 38.91
CA LYS V 314 8.63 55.94 39.03
C LYS V 314 8.82 56.65 37.69
N GLU V 315 8.68 55.93 36.58
CA GLU V 315 8.85 56.48 35.24
C GLU V 315 7.53 56.88 34.60
N GLY V 316 6.43 56.90 35.37
CA GLY V 316 5.14 57.28 34.86
C GLY V 316 4.21 56.13 34.57
N SER V 317 4.66 54.89 34.78
CA SER V 317 3.85 53.68 34.58
C SER V 317 3.39 53.52 33.14
N GLY V 318 4.04 54.19 32.20
CA GLY V 318 3.70 54.04 30.80
C GLY V 318 4.15 52.70 30.25
N SER V 319 3.55 52.32 29.12
CA SER V 319 3.87 51.06 28.49
C SER V 319 3.91 51.23 26.98
N LEU V 320 4.71 50.40 26.33
CA LEU V 320 4.82 50.38 24.87
C LEU V 320 4.75 48.92 24.44
N THR V 321 3.66 48.54 23.78
CA THR V 321 3.43 47.16 23.39
C THR V 321 3.75 47.01 21.90
N ALA V 322 4.67 46.10 21.59
CA ALA V 322 5.11 45.86 20.23
C ALA V 322 4.39 44.65 19.65
N LEU V 323 4.04 44.74 18.37
CA LEU V 323 3.42 43.64 17.63
C LEU V 323 4.16 43.45 16.30
N PRO V 324 5.40 42.97 16.35
CA PRO V 324 6.13 42.73 15.09
C PRO V 324 5.49 41.61 14.29
N VAL V 325 5.60 41.70 12.98
CA VAL V 325 5.07 40.70 12.06
C VAL V 325 6.20 40.24 11.15
N ILE V 326 6.41 38.93 11.08
CA ILE V 326 7.41 38.33 10.20
C ILE V 326 6.68 37.44 9.21
N GLU V 327 6.95 37.64 7.92
CA GLU V 327 6.36 36.81 6.87
C GLU V 327 7.30 35.65 6.63
N THR V 328 6.88 34.45 7.04
CA THR V 328 7.70 33.26 6.80
C THR V 328 7.52 32.78 5.36
N GLN V 329 8.56 32.15 4.84
CA GLN V 329 8.55 31.64 3.48
C GLN V 329 8.23 30.15 3.51
N GLY V 330 6.99 29.80 3.16
CA GLY V 330 6.57 28.41 3.19
C GLY V 330 6.54 27.81 4.58
N GLY V 331 6.19 28.60 5.59
CA GLY V 331 6.13 28.09 6.94
C GLY V 331 7.47 27.84 7.58
N ASP V 332 8.56 28.32 7.01
CA ASP V 332 9.90 28.08 7.52
C ASP V 332 10.16 29.09 8.64
N VAL V 333 9.82 28.70 9.86
CA VAL V 333 10.14 29.52 11.03
C VAL V 333 11.59 29.36 11.47
N SER V 334 12.33 28.47 10.83
CA SER V 334 13.73 28.26 11.16
C SER V 334 14.68 29.18 10.40
N ALA V 335 14.15 30.08 9.58
CA ALA V 335 14.99 31.00 8.82
C ALA V 335 15.65 32.00 9.77
N TYR V 336 16.64 32.72 9.22
CA TYR V 336 17.49 33.57 10.04
C TYR V 336 16.69 34.70 10.70
N ILE V 337 16.07 35.55 9.89
CA ILE V 337 15.28 36.66 10.45
C ILE V 337 14.15 36.16 11.34
N PRO V 338 13.34 35.16 10.94
CA PRO V 338 12.37 34.63 11.90
C PRO V 338 13.02 34.18 13.20
N THR V 339 13.94 33.21 13.14
CA THR V 339 14.52 32.68 14.38
C THR V 339 15.03 33.81 15.27
N ASN V 340 15.63 34.84 14.66
CA ASN V 340 15.99 36.02 15.43
C ASN V 340 14.78 36.64 16.11
N VAL V 341 13.69 36.81 15.38
CA VAL V 341 12.54 37.54 15.92
C VAL V 341 11.88 36.75 17.05
N ILE V 342 11.65 35.45 16.86
CA ILE V 342 11.20 34.62 17.98
C ILE V 342 12.19 34.65 19.14
N SER V 343 13.50 34.73 18.86
CA SER V 343 14.46 34.84 19.96
C SER V 343 14.24 36.10 20.78
N ILE V 344 14.03 37.24 20.10
CA ILE V 344 13.86 38.50 20.83
C ILE V 344 12.47 38.61 21.44
N THR V 345 11.44 38.23 20.68
CA THR V 345 10.07 38.51 21.09
C THR V 345 9.69 37.72 22.34
N ASP V 346 8.71 38.24 23.07
CA ASP V 346 8.20 37.63 24.29
C ASP V 346 6.96 36.78 24.04
N GLY V 347 6.87 36.18 22.87
CA GLY V 347 5.72 35.37 22.50
C GLY V 347 5.43 35.47 21.02
N GLN V 348 4.74 34.46 20.50
CA GLN V 348 4.45 34.36 19.08
C GLN V 348 3.00 33.96 18.88
N ILE V 349 2.43 34.36 17.74
CA ILE V 349 1.06 34.02 17.36
C ILE V 349 1.14 33.43 15.95
N PHE V 350 1.27 32.11 15.86
CA PHE V 350 1.47 31.47 14.57
C PHE V 350 0.19 31.50 13.74
N LEU V 351 0.32 31.86 12.47
CA LEU V 351 -0.79 31.92 11.52
C LEU V 351 -0.44 31.05 10.33
N GLU V 352 -1.11 29.90 10.21
CA GLU V 352 -0.82 28.91 9.19
C GLU V 352 -1.89 28.92 8.11
N ALA V 353 -1.46 28.69 6.86
CA ALA V 353 -2.37 28.75 5.73
C ALA V 353 -3.39 27.61 5.77
N GLU V 354 -2.95 26.40 6.15
CA GLU V 354 -3.87 25.26 6.19
C GLU V 354 -4.97 25.48 7.22
N LEU V 355 -4.63 26.07 8.37
CA LEU V 355 -5.66 26.41 9.35
C LEU V 355 -6.63 27.43 8.79
N PHE V 356 -6.14 28.41 8.05
CA PHE V 356 -7.00 29.42 7.44
C PHE V 356 -7.96 28.79 6.44
N TYR V 357 -7.46 27.84 5.64
CA TYR V 357 -8.26 27.29 4.56
C TYR V 357 -9.39 26.39 5.09
N LYS V 358 -9.13 25.67 6.18
CA LYS V 358 -10.13 24.78 6.75
C LYS V 358 -11.18 25.51 7.57
N GLY V 359 -11.24 26.84 7.48
CA GLY V 359 -12.28 27.63 8.13
C GLY V 359 -11.84 28.33 9.40
N ILE V 360 -10.72 27.94 9.99
CA ILE V 360 -10.26 28.56 11.23
C ILE V 360 -9.77 29.97 10.90
N ARG V 361 -10.55 30.97 11.29
CA ARG V 361 -10.20 32.36 11.03
C ARG V 361 -10.46 33.21 12.27
N PRO V 362 -9.42 33.84 12.84
CA PRO V 362 -8.02 33.86 12.39
C PRO V 362 -7.33 32.52 12.60
N ALA V 363 -6.36 32.19 11.76
CA ALA V 363 -5.72 30.87 11.78
C ALA V 363 -4.64 30.80 12.87
N ILE V 364 -5.09 30.99 14.11
CA ILE V 364 -4.18 30.99 15.25
C ILE V 364 -3.79 29.55 15.55
N ASN V 365 -2.56 29.17 15.22
CA ASN V 365 -2.03 27.86 15.55
C ASN V 365 -1.63 27.87 17.02
N VAL V 366 -2.60 27.57 17.87
CA VAL V 366 -2.40 27.64 19.31
C VAL V 366 -1.40 26.61 19.81
N GLY V 367 -1.10 25.60 18.99
CA GLY V 367 -0.06 24.64 19.35
C GLY V 367 1.31 25.28 19.44
N LEU V 368 1.65 26.10 18.46
CA LEU V 368 2.94 26.78 18.46
C LEU V 368 2.86 28.18 19.04
N SER V 369 1.70 28.81 19.00
CA SER V 369 1.54 30.14 19.59
C SER V 369 1.69 30.05 21.10
N VAL V 370 2.47 30.97 21.66
CA VAL V 370 2.76 30.97 23.09
C VAL V 370 2.95 32.41 23.54
N SER V 371 2.56 32.68 24.79
CA SER V 371 2.76 33.98 25.42
C SER V 371 3.65 33.78 26.63
N ARG V 372 4.86 34.35 26.59
CA ARG V 372 5.81 34.12 27.67
C ARG V 372 5.36 34.80 28.97
N VAL V 373 4.65 35.93 28.86
CA VAL V 373 4.11 36.58 30.04
C VAL V 373 3.05 35.70 30.70
N GLY V 374 2.40 34.84 29.93
CA GLY V 374 1.41 33.94 30.48
C GLY V 374 0.12 34.65 30.87
N SER V 375 -0.58 34.03 31.82
CA SER V 375 -1.85 34.57 32.30
C SER V 375 -1.69 35.80 33.16
N ALA V 376 -0.45 36.15 33.56
CA ALA V 376 -0.24 37.34 34.36
C ALA V 376 -0.68 38.59 33.64
N ALA V 377 -0.65 38.59 32.31
CA ALA V 377 -1.09 39.71 31.50
C ALA V 377 -2.50 39.49 30.94
N GLN V 378 -3.23 38.51 31.47
CA GLN V 378 -4.57 38.20 31.01
C GLN V 378 -5.61 38.76 31.98
N VAL V 379 -6.79 39.08 31.43
CA VAL V 379 -7.90 39.52 32.27
C VAL V 379 -8.25 38.41 33.26
N LYS V 380 -8.58 38.81 34.49
CA LYS V 380 -8.79 37.83 35.55
C LYS V 380 -9.91 36.86 35.21
N ALA V 381 -11.02 37.37 34.65
CA ALA V 381 -12.09 36.48 34.19
C ALA V 381 -11.60 35.56 33.09
N LEU V 382 -10.90 36.13 32.09
CA LEU V 382 -10.35 35.32 31.02
C LEU V 382 -9.32 34.34 31.54
N LYS V 383 -8.51 34.76 32.51
CA LYS V 383 -7.54 33.86 33.12
C LYS V 383 -8.23 32.69 33.80
N GLN V 384 -9.31 32.97 34.52
CA GLN V 384 -10.04 31.91 35.21
C GLN V 384 -10.66 30.93 34.22
N VAL V 385 -11.22 31.45 33.12
CA VAL V 385 -11.99 30.58 32.22
C VAL V 385 -11.14 29.88 31.16
N ALA V 386 -9.99 30.43 30.78
CA ALA V 386 -9.24 29.93 29.65
C ALA V 386 -8.32 28.75 29.97
N GLY V 387 -8.15 28.40 31.25
CA GLY V 387 -7.35 27.24 31.57
C GLY V 387 -7.96 25.96 31.04
N SER V 388 -9.27 25.80 31.27
CA SER V 388 -9.99 24.67 30.71
C SER V 388 -9.98 24.71 29.19
N LEU V 389 -10.08 25.92 28.62
CA LEU V 389 -9.95 26.07 27.17
C LEU V 389 -8.64 25.47 26.69
N LYS V 390 -7.54 25.83 27.34
CA LYS V 390 -6.23 25.34 26.91
C LYS V 390 -6.11 23.83 27.06
N LEU V 391 -6.58 23.28 28.19
CA LEU V 391 -6.49 21.83 28.37
C LEU V 391 -7.33 21.07 27.35
N PHE V 392 -8.57 21.51 27.13
CA PHE V 392 -9.41 20.84 26.14
C PHE V 392 -8.89 21.00 24.73
N LEU V 393 -8.30 22.16 24.41
CA LEU V 393 -7.66 22.33 23.11
C LEU V 393 -6.46 21.40 22.95
N ALA V 394 -5.67 21.21 24.00
CA ALA V 394 -4.57 20.25 23.93
C ALA V 394 -5.10 18.84 23.67
N GLN V 395 -6.16 18.47 24.38
CA GLN V 395 -6.77 17.16 24.16
C GLN V 395 -7.24 17.03 22.71
N TYR V 396 -7.87 18.07 22.18
CA TYR V 396 -8.25 18.05 20.78
C TYR V 396 -7.04 17.92 19.87
N ARG V 397 -5.94 18.57 20.22
CA ARG V 397 -4.74 18.47 19.41
C ARG V 397 -4.23 17.03 19.33
N GLU V 398 -4.23 16.31 20.43
CA GLU V 398 -3.76 14.92 20.35
C GLU V 398 -4.84 13.92 19.94
N VAL V 399 -6.12 14.31 19.84
CA VAL V 399 -7.13 13.33 19.45
C VAL V 399 -7.84 13.70 18.15
N ALA V 400 -7.42 14.78 17.48
CA ALA V 400 -8.14 15.22 16.29
C ALA V 400 -8.04 14.21 15.15
N ALA V 401 -6.93 13.47 15.08
CA ALA V 401 -6.75 12.52 13.98
C ALA V 401 -7.72 11.36 14.04
N PHE V 402 -8.42 11.19 15.16
CA PHE V 402 -9.40 10.10 15.28
C PHE V 402 -10.69 10.37 14.53
N ALA V 403 -10.86 11.55 13.94
CA ALA V 403 -12.09 11.87 13.21
C ALA V 403 -12.27 10.99 11.99
N GLN V 404 -11.20 10.41 11.46
CA GLN V 404 -11.26 9.52 10.30
C GLN V 404 -11.08 8.05 10.69
N PHE V 405 -11.41 7.72 11.94
CA PHE V 405 -11.23 6.38 12.47
C PHE V 405 -12.57 5.67 12.56
N GLY V 406 -12.62 4.44 12.06
CA GLY V 406 -13.81 3.62 12.15
C GLY V 406 -13.97 2.87 13.45
N SER V 407 -13.05 3.06 14.40
CA SER V 407 -13.12 2.36 15.68
C SER V 407 -14.23 2.95 16.54
N ASP V 408 -14.49 2.28 17.67
CA ASP V 408 -15.47 2.77 18.62
C ASP V 408 -15.05 4.10 19.24
N LEU V 409 -13.74 4.36 19.27
CA LEU V 409 -13.16 5.65 19.66
C LEU V 409 -13.28 5.91 21.16
N ASP V 410 -13.98 5.02 21.87
CA ASP V 410 -14.22 5.01 23.32
C ASP V 410 -14.93 6.28 23.78
N ALA V 411 -15.37 6.30 25.04
CA ALA V 411 -16.11 7.46 25.54
C ALA V 411 -15.20 8.68 25.69
N SER V 412 -14.01 8.50 26.27
CA SER V 412 -13.16 9.63 26.62
C SER V 412 -12.66 10.37 25.38
N THR V 413 -12.09 9.62 24.43
CA THR V 413 -11.49 10.25 23.25
C THR V 413 -12.53 10.97 22.42
N LYS V 414 -13.70 10.36 22.21
CA LYS V 414 -14.73 11.00 21.41
C LYS V 414 -15.29 12.23 22.11
N GLN V 415 -15.42 12.18 23.44
CA GLN V 415 -15.89 13.35 24.18
C GLN V 415 -14.90 14.50 24.09
N THR V 416 -13.61 14.19 24.25
CA THR V 416 -12.58 15.22 24.11
C THR V 416 -12.57 15.79 22.70
N LEU V 417 -12.72 14.93 21.70
CA LEU V 417 -12.75 15.39 20.31
C LEU V 417 -13.96 16.29 20.06
N VAL V 418 -15.12 15.94 20.60
CA VAL V 418 -16.31 16.76 20.42
C VAL V 418 -16.13 18.13 21.07
N ARG V 419 -15.64 18.14 22.32
CA ARG V 419 -15.40 19.40 23.00
C ARG V 419 -14.39 20.24 22.22
N GLY V 420 -13.37 19.59 21.65
CA GLY V 420 -12.37 20.31 20.88
C GLY V 420 -12.92 20.94 19.62
N GLU V 421 -13.74 20.20 18.86
CA GLU V 421 -14.28 20.80 17.64
C GLU V 421 -15.22 21.95 17.99
N ARG V 422 -16.01 21.78 19.05
CA ARG V 422 -16.92 22.85 19.46
C ARG V 422 -16.12 24.10 19.85
N LEU V 423 -15.04 23.92 20.62
CA LEU V 423 -14.23 25.06 21.03
C LEU V 423 -13.56 25.73 19.83
N THR V 424 -13.02 24.93 18.91
CA THR V 424 -12.34 25.51 17.74
C THR V 424 -13.33 26.27 16.86
N GLN V 425 -14.52 25.73 16.66
CA GLN V 425 -15.54 26.45 15.89
C GLN V 425 -15.99 27.70 16.61
N LEU V 426 -16.03 27.67 17.94
CA LEU V 426 -16.36 28.87 18.71
C LEU V 426 -15.28 29.94 18.54
N LEU V 427 -14.01 29.53 18.50
CA LEU V 427 -12.92 30.49 18.39
C LEU V 427 -12.91 31.22 17.06
N LYS V 428 -13.65 30.72 16.07
CA LYS V 428 -13.74 31.40 14.79
C LYS V 428 -14.36 32.78 14.95
N GLN V 429 -13.76 33.78 14.30
CA GLN V 429 -14.23 35.15 14.41
C GLN V 429 -14.16 35.82 13.03
N ASN V 430 -15.12 36.71 12.78
CA ASN V 430 -15.14 37.46 11.54
C ASN V 430 -14.11 38.58 11.57
N GLN V 431 -13.62 38.93 10.38
CA GLN V 431 -12.63 39.99 10.27
C GLN V 431 -13.23 41.34 10.63
N TYR V 432 -12.43 42.18 11.28
CA TYR V 432 -12.84 43.52 11.70
C TYR V 432 -14.07 43.47 12.61
N SER V 433 -14.18 42.43 13.43
CA SER V 433 -15.29 42.26 14.36
C SER V 433 -14.73 41.89 15.73
N PRO V 434 -14.08 42.83 16.42
CA PRO V 434 -13.53 42.53 17.74
C PRO V 434 -14.62 42.33 18.77
N LEU V 435 -14.30 41.53 19.79
CA LEU V 435 -15.21 41.24 20.89
C LEU V 435 -14.57 41.67 22.20
N ALA V 436 -15.36 42.31 23.05
CA ALA V 436 -14.87 42.72 24.36
C ALA V 436 -14.78 41.53 25.30
N THR V 437 -14.11 41.75 26.44
CA THR V 437 -13.98 40.68 27.44
C THR V 437 -15.35 40.26 27.97
N GLU V 438 -16.24 41.22 28.20
CA GLU V 438 -17.60 40.89 28.63
C GLU V 438 -18.34 40.08 27.57
N GLU V 439 -17.86 40.08 26.33
CA GLU V 439 -18.46 39.29 25.26
C GLU V 439 -17.74 37.96 25.07
N GLN V 440 -16.41 37.94 25.21
CA GLN V 440 -15.64 36.71 25.01
C GLN V 440 -15.81 35.76 26.18
N VAL V 441 -15.85 36.28 27.41
CA VAL V 441 -15.89 35.41 28.60
C VAL V 441 -17.10 34.48 28.60
N PRO V 442 -18.34 34.95 28.36
CA PRO V 442 -19.46 34.00 28.34
C PRO V 442 -19.32 32.91 27.30
N LEU V 443 -18.78 33.24 26.12
CA LEU V 443 -18.61 32.23 25.08
C LEU V 443 -17.65 31.14 25.52
N ILE V 444 -16.51 31.53 26.10
CA ILE V 444 -15.53 30.56 26.57
C ILE V 444 -16.12 29.74 27.71
N TYR V 445 -16.84 30.39 28.62
CA TYR V 445 -17.45 29.68 29.74
C TYR V 445 -18.44 28.63 29.25
N ALA V 446 -19.24 28.98 28.25
CA ALA V 446 -20.17 28.01 27.67
C ALA V 446 -19.42 26.88 26.98
N GLY V 447 -18.37 27.21 26.23
CA GLY V 447 -17.67 26.18 25.47
C GLY V 447 -16.94 25.18 26.35
N VAL V 448 -16.23 25.66 27.37
CA VAL V 448 -15.37 24.78 28.18
C VAL V 448 -16.14 23.92 29.16
N ASN V 449 -17.42 24.24 29.42
CA ASN V 449 -18.22 23.50 30.38
C ASN V 449 -19.08 22.43 29.74
N GLY V 450 -18.92 22.18 28.44
CA GLY V 450 -19.71 21.19 27.75
C GLY V 450 -21.09 21.66 27.33
N HIS V 451 -21.42 22.92 27.56
CA HIS V 451 -22.74 23.43 27.17
C HIS V 451 -22.91 23.50 25.65
N LEU V 452 -21.81 23.43 24.90
CA LEU V 452 -21.85 23.45 23.45
C LEU V 452 -21.91 22.07 22.83
N ASP V 453 -21.91 21.00 23.64
CA ASP V 453 -21.95 19.66 23.09
C ASP V 453 -23.26 19.41 22.34
N GLY V 454 -24.38 19.89 22.88
CA GLY V 454 -25.65 19.73 22.20
C GLY V 454 -25.73 20.51 20.90
N ILE V 455 -25.11 21.70 20.87
CA ILE V 455 -25.16 22.53 19.67
C ILE V 455 -24.24 21.94 18.61
N GLU V 456 -24.77 21.82 17.40
CA GLU V 456 -23.98 21.26 16.30
C GLU V 456 -22.97 22.28 15.77
N LEU V 457 -22.00 21.78 15.02
CA LEU V 457 -20.93 22.63 14.51
C LEU V 457 -21.46 23.66 13.50
N SER V 458 -22.42 23.25 12.68
CA SER V 458 -22.90 24.13 11.61
C SER V 458 -23.64 25.35 12.15
N ARG V 459 -24.03 25.34 13.43
CA ARG V 459 -24.78 26.45 14.02
C ARG V 459 -24.02 27.15 15.12
N ILE V 460 -22.70 26.99 15.19
CA ILE V 460 -21.93 27.61 16.25
C ILE V 460 -21.95 29.13 16.13
N GLY V 461 -21.80 29.65 14.92
CA GLY V 461 -21.85 31.10 14.73
C GLY V 461 -23.21 31.68 15.08
N GLU V 462 -24.28 31.00 14.65
CA GLU V 462 -25.62 31.45 15.02
C GLU V 462 -25.81 31.41 16.53
N PHE V 463 -25.31 30.35 17.18
CA PHE V 463 -25.42 30.25 18.63
C PHE V 463 -24.70 31.40 19.31
N GLU V 464 -23.48 31.71 18.86
CA GLU V 464 -22.71 32.77 19.51
C GLU V 464 -23.36 34.13 19.28
N SER V 465 -23.88 34.39 18.08
CA SER V 465 -24.54 35.66 17.82
C SER V 465 -25.79 35.81 18.66
N SER V 466 -26.64 34.78 18.69
CA SER V 466 -27.87 34.84 19.47
C SER V 466 -27.57 34.93 20.95
N PHE V 467 -26.52 34.24 21.42
CA PHE V 467 -26.16 34.31 22.83
C PHE V 467 -25.67 35.69 23.21
N LEU V 468 -24.85 36.31 22.36
CA LEU V 468 -24.41 37.68 22.63
C LEU V 468 -25.58 38.64 22.66
N SER V 469 -26.51 38.51 21.69
CA SER V 469 -27.67 39.38 21.68
C SER V 469 -28.53 39.19 22.93
N TYR V 470 -28.74 37.93 23.32
CA TYR V 470 -29.56 37.65 24.50
C TYR V 470 -28.91 38.17 25.78
N LEU V 471 -27.59 38.01 25.89
CA LEU V 471 -26.89 38.53 27.06
C LEU V 471 -26.93 40.05 27.11
N LYS V 472 -26.73 40.71 25.97
CA LYS V 472 -26.82 42.17 25.94
C LYS V 472 -28.23 42.64 26.24
N SER V 473 -29.24 41.87 25.87
CA SER V 473 -30.62 42.25 26.15
C SER V 473 -31.04 41.88 27.57
N ASN V 474 -31.00 40.59 27.90
CA ASN V 474 -31.53 40.13 29.17
C ASN V 474 -30.53 40.30 30.31
N HIS V 475 -29.40 39.62 30.23
CA HIS V 475 -28.41 39.63 31.33
C HIS V 475 -27.35 40.70 31.10
N ASN V 476 -27.81 41.94 30.94
CA ASN V 476 -26.89 43.06 30.78
C ASN V 476 -26.10 43.31 32.06
N GLU V 477 -26.69 43.02 33.22
CA GLU V 477 -25.99 43.23 34.48
C GLU V 477 -24.74 42.34 34.58
N LEU V 478 -24.84 41.10 34.08
CA LEU V 478 -23.68 40.22 34.09
C LEU V 478 -22.56 40.77 33.23
N LEU V 479 -22.90 41.26 32.03
CA LEU V 479 -21.89 41.82 31.14
C LEU V 479 -21.25 43.06 31.76
N THR V 480 -22.05 43.93 32.38
CA THR V 480 -21.50 45.12 33.03
C THR V 480 -20.59 44.73 34.18
N GLU V 481 -20.98 43.74 34.98
CA GLU V 481 -20.14 43.30 36.08
C GLU V 481 -18.83 42.73 35.57
N ILE V 482 -18.87 41.93 34.50
CA ILE V 482 -17.64 41.39 33.94
C ILE V 482 -16.74 42.50 33.43
N ARG V 483 -17.33 43.50 32.74
CA ARG V 483 -16.54 44.60 32.21
C ARG V 483 -15.90 45.42 33.32
N GLU V 484 -16.65 45.71 34.38
CA GLU V 484 -16.13 46.58 35.44
C GLU V 484 -15.17 45.83 36.37
N LYS V 485 -15.67 44.80 37.04
CA LYS V 485 -14.85 44.07 37.99
C LYS V 485 -13.67 43.37 37.31
N GLY V 486 -13.93 42.77 36.15
CA GLY V 486 -12.88 42.04 35.45
C GLY V 486 -12.62 40.65 35.99
N GLU V 487 -13.40 40.20 36.97
CA GLU V 487 -13.22 38.89 37.58
C GLU V 487 -14.57 38.19 37.70
N LEU V 488 -14.53 36.87 37.76
CA LEU V 488 -15.73 36.04 37.84
C LEU V 488 -15.84 35.50 39.26
N SER V 489 -16.71 36.12 40.06
CA SER V 489 -16.98 35.64 41.41
C SER V 489 -17.84 34.39 41.37
N LYS V 490 -17.93 33.70 42.52
CA LYS V 490 -18.69 32.46 42.58
C LYS V 490 -20.16 32.70 42.26
N GLU V 491 -20.75 33.75 42.81
CA GLU V 491 -22.14 34.09 42.47
C GLU V 491 -22.25 34.50 41.00
N LEU V 492 -21.26 35.25 40.50
CA LEU V 492 -21.26 35.60 39.08
C LEU V 492 -21.11 34.36 38.21
N LEU V 493 -20.27 33.41 38.62
CA LEU V 493 -20.12 32.18 37.87
C LEU V 493 -21.43 31.39 37.85
N ALA V 494 -22.11 31.31 39.00
CA ALA V 494 -23.39 30.60 39.05
C ALA V 494 -24.44 31.28 38.18
N SER V 495 -24.49 32.61 38.21
CA SER V 495 -25.44 33.33 37.37
C SER V 495 -25.15 33.12 35.89
N LEU V 496 -23.86 33.14 35.51
CA LEU V 496 -23.49 32.89 34.12
C LEU V 496 -23.86 31.48 33.70
N LYS V 497 -23.64 30.50 34.57
CA LYS V 497 -24.01 29.13 34.26
C LYS V 497 -25.53 29.00 34.08
N SER V 498 -26.29 29.65 34.97
CA SER V 498 -27.75 29.59 34.85
C SER V 498 -28.23 30.24 33.56
N ALA V 499 -27.67 31.39 33.20
CA ALA V 499 -28.04 32.06 31.96
C ALA V 499 -27.68 31.22 30.75
N THR V 500 -26.50 30.59 30.77
CA THR V 500 -26.09 29.74 29.66
C THR V 500 -27.01 28.53 29.52
N GLU V 501 -27.37 27.90 30.64
CA GLU V 501 -28.29 26.78 30.58
C GLU V 501 -29.65 27.21 30.05
N SER V 502 -30.15 28.37 30.50
CA SER V 502 -31.42 28.87 30.00
C SER V 502 -31.36 29.12 28.50
N PHE V 503 -30.25 29.67 28.01
CA PHE V 503 -30.14 29.94 26.58
C PHE V 503 -30.05 28.66 25.78
N VAL V 504 -29.25 27.69 26.24
CA VAL V 504 -29.12 26.44 25.49
C VAL V 504 -30.36 25.58 25.61
N ALA V 505 -31.24 25.89 26.56
CA ALA V 505 -32.54 25.20 26.60
C ALA V 505 -33.35 25.48 25.35
N THR V 506 -33.37 26.73 24.90
CA THR V 506 -34.06 27.11 23.67
C THR V 506 -33.14 27.09 22.45
N PHE V 507 -31.89 26.69 22.62
CA PHE V 507 -30.93 26.54 21.51
C PHE V 507 -30.66 27.87 20.81
N SER W 1 51.51 57.03 34.27
CA SER W 1 52.28 57.21 33.04
C SER W 1 51.42 57.88 31.97
N THR W 2 52.01 58.07 30.80
CA THR W 2 51.29 58.69 29.69
C THR W 2 50.25 57.72 29.14
N PRO W 3 48.97 58.10 29.09
CA PRO W 3 47.97 57.18 28.57
C PRO W 3 48.09 57.01 27.07
N ILE W 4 47.92 55.77 26.60
CA ILE W 4 47.96 55.50 25.17
C ILE W 4 46.68 56.00 24.53
N THR W 5 46.83 56.79 23.47
CA THR W 5 45.69 57.41 22.81
C THR W 5 45.64 57.01 21.35
N GLY W 6 44.43 57.03 20.79
CA GLY W 6 44.22 56.69 19.40
C GLY W 6 43.08 57.49 18.82
N LYS W 7 42.89 57.36 17.51
CA LYS W 7 41.87 58.09 16.77
C LYS W 7 40.98 57.13 16.01
N VAL W 8 39.68 57.40 16.01
CA VAL W 8 38.73 56.59 15.27
C VAL W 8 38.87 56.89 13.78
N THR W 9 39.04 55.84 12.98
CA THR W 9 39.16 55.98 11.54
C THR W 9 37.96 55.45 10.77
N ALA W 10 37.37 54.34 11.20
CA ALA W 10 36.20 53.79 10.51
C ALA W 10 35.19 53.31 11.54
N VAL W 11 33.91 53.52 11.21
CA VAL W 11 32.80 53.04 12.05
C VAL W 11 31.84 52.33 11.10
N ILE W 12 32.01 51.02 10.96
CA ILE W 12 31.13 50.20 10.12
C ILE W 12 30.16 49.50 11.08
N GLY W 13 29.03 50.16 11.32
CA GLY W 13 28.06 49.59 12.27
C GLY W 13 28.68 49.41 13.63
N ALA W 14 28.64 48.17 14.12
CA ALA W 14 29.29 47.84 15.40
C ALA W 14 30.80 47.75 15.28
N ILE W 15 31.35 47.77 14.07
CA ILE W 15 32.79 47.69 13.86
C ILE W 15 33.36 49.10 13.88
N VAL W 16 34.38 49.31 14.71
CA VAL W 16 35.08 50.59 14.81
C VAL W 16 36.56 50.34 14.57
N ASP W 17 37.15 51.13 13.68
CA ASP W 17 38.57 51.03 13.38
C ASP W 17 39.31 52.20 14.03
N VAL W 18 40.37 51.89 14.76
CA VAL W 18 41.13 52.88 15.51
C VAL W 18 42.58 52.83 15.06
N HIS W 19 43.17 54.00 14.82
CA HIS W 19 44.56 54.13 14.42
C HIS W 19 45.38 54.67 15.59
N PHE W 20 46.51 54.04 15.86
CA PHE W 20 47.41 54.42 16.93
C PHE W 20 48.76 54.83 16.35
N GLU W 21 49.64 55.28 17.22
CA GLU W 21 51.00 55.62 16.85
C GLU W 21 51.89 54.38 16.93
N GLN W 22 53.12 54.53 16.42
CA GLN W 22 54.06 53.41 16.43
C GLN W 22 54.42 53.03 17.85
N SER W 23 54.50 51.72 18.10
CA SER W 23 54.78 51.09 19.39
C SER W 23 53.67 51.31 20.41
N GLU W 24 52.60 52.02 20.05
CA GLU W 24 51.46 52.22 20.92
C GLU W 24 50.27 51.36 20.53
N LEU W 25 50.47 50.40 19.64
CA LEU W 25 49.37 49.58 19.14
C LEU W 25 48.96 48.57 20.21
N PRO W 26 47.72 48.59 20.69
CA PRO W 26 47.32 47.62 21.70
C PRO W 26 47.16 46.22 21.11
N ALA W 27 47.35 45.23 21.98
CA ALA W 27 47.07 43.86 21.59
C ALA W 27 45.56 43.67 21.41
N ILE W 28 45.20 42.61 20.66
CA ILE W 28 43.79 42.35 20.42
C ILE W 28 43.13 41.87 21.71
N LEU W 29 41.81 41.96 21.76
CA LEU W 29 40.94 41.68 22.92
C LEU W 29 41.11 42.75 24.00
N ASN W 30 41.94 43.77 23.77
CA ASN W 30 42.09 44.83 24.76
C ASN W 30 40.87 45.75 24.74
N ALA W 31 40.75 46.56 25.79
CA ALA W 31 39.65 47.49 25.93
C ALA W 31 40.12 48.90 25.58
N LEU W 32 39.42 49.54 24.66
CA LEU W 32 39.70 50.91 24.25
C LEU W 32 38.60 51.84 24.76
N GLU W 33 39.01 52.96 25.34
CA GLU W 33 38.12 53.86 26.05
C GLU W 33 37.85 55.10 25.19
N ILE W 34 36.58 55.42 25.01
CA ILE W 34 36.16 56.67 24.37
C ILE W 34 35.07 57.31 25.21
N LYS W 35 35.15 58.62 25.38
CA LYS W 35 34.19 59.37 26.18
C LYS W 35 33.06 59.84 25.29
N THR W 36 31.86 59.29 25.49
CA THR W 36 30.69 59.64 24.72
C THR W 36 29.71 60.43 25.58
N PRO W 37 28.98 61.38 24.97
CA PRO W 37 27.98 62.12 25.75
C PRO W 37 26.89 61.24 26.36
N GLN W 38 26.49 60.18 25.65
CA GLN W 38 25.44 59.31 26.18
C GLN W 38 25.92 58.52 27.40
N GLY W 39 27.16 58.04 27.36
CA GLY W 39 27.67 57.24 28.46
C GLY W 39 29.13 56.86 28.32
N LYS W 40 29.45 55.61 28.64
CA LYS W 40 30.83 55.13 28.63
C LYS W 40 30.91 53.94 27.67
N LEU W 41 31.16 54.22 26.41
CA LEU W 41 31.33 53.20 25.39
C LEU W 41 32.80 52.82 25.29
N VAL W 42 33.08 51.51 25.23
CA VAL W 42 34.44 51.01 25.04
C VAL W 42 34.43 50.04 23.88
N LEU W 43 35.60 49.81 23.30
CA LEU W 43 35.76 48.95 22.14
C LEU W 43 36.75 47.85 22.43
N GLU W 44 36.37 46.60 22.15
CA GLU W 44 37.27 45.46 22.25
C GLU W 44 38.04 45.31 20.95
N VAL W 45 39.35 45.10 21.05
CA VAL W 45 40.19 45.06 19.86
C VAL W 45 40.02 43.74 19.13
N ALA W 46 39.76 43.82 17.84
CA ALA W 46 39.75 42.68 16.94
C ALA W 46 41.01 42.75 16.07
N GLN W 47 41.10 41.83 15.10
CA GLN W 47 42.31 41.64 14.30
C GLN W 47 42.88 42.96 13.80
N HIS W 48 44.21 43.05 13.81
CA HIS W 48 44.91 44.26 13.39
C HIS W 48 44.84 44.39 11.87
N LEU W 49 44.52 45.60 11.40
CA LEU W 49 44.39 45.87 9.98
C LEU W 49 45.65 46.41 9.35
N GLY W 50 46.72 46.61 10.12
CA GLY W 50 47.96 47.12 9.59
C GLY W 50 47.98 48.64 9.53
N GLU W 51 49.16 49.17 9.19
CA GLU W 51 49.37 50.61 9.04
C GLU W 51 49.11 51.28 10.40
N ASN W 52 49.26 50.49 11.47
CA ASN W 52 48.97 50.92 12.84
C ASN W 52 47.49 51.26 13.02
N THR W 53 46.62 50.47 12.40
CA THR W 53 45.18 50.58 12.58
C THR W 53 44.65 49.23 13.05
N VAL W 54 43.80 49.26 14.08
CA VAL W 54 43.23 48.05 14.65
C VAL W 54 41.72 48.09 14.45
N ARG W 55 41.15 46.96 14.02
CA ARG W 55 39.71 46.82 13.98
C ARG W 55 39.20 46.47 15.36
N THR W 56 38.10 47.11 15.77
CA THR W 56 37.54 46.90 17.10
C THR W 56 36.05 46.64 16.98
N ILE W 57 35.51 45.96 18.00
CA ILE W 57 34.09 45.66 18.09
C ILE W 57 33.50 46.49 19.22
N ALA W 58 32.47 47.27 18.91
CA ALA W 58 31.88 48.17 19.89
C ALA W 58 31.14 47.39 20.97
N MET W 59 31.38 47.76 22.22
CA MET W 59 30.69 47.13 23.33
C MET W 59 29.32 47.74 23.56
N ASP W 60 29.04 48.89 22.96
CA ASP W 60 27.76 49.57 23.08
C ASP W 60 27.46 50.20 21.72
N GLY W 61 26.36 50.96 21.66
CA GLY W 61 25.95 51.54 20.40
C GLY W 61 26.98 52.51 19.86
N THR W 62 27.00 52.66 18.54
CA THR W 62 27.97 53.52 17.87
C THR W 62 27.40 54.86 17.42
N GLU W 63 26.18 55.22 17.83
CA GLU W 63 25.62 56.50 17.42
C GLU W 63 26.43 57.64 18.01
N GLY W 64 26.62 58.69 17.22
CA GLY W 64 27.33 59.87 17.64
C GLY W 64 28.83 59.86 17.45
N LEU W 65 29.41 58.73 17.04
CA LEU W 65 30.85 58.64 16.91
C LEU W 65 31.36 59.48 15.73
N VAL W 66 32.48 60.17 15.95
CA VAL W 66 33.09 61.06 14.97
C VAL W 66 34.45 60.49 14.59
N ARG W 67 34.74 60.48 13.29
CA ARG W 67 36.06 60.05 12.84
C ARG W 67 37.14 60.93 13.43
N GLY W 68 38.20 60.30 13.94
CA GLY W 68 39.26 61.01 14.60
C GLY W 68 39.04 61.29 16.07
N GLU W 69 37.95 60.79 16.65
CA GLU W 69 37.70 60.99 18.07
C GLU W 69 38.77 60.29 18.91
N LYS W 70 39.14 60.93 20.01
CA LYS W 70 40.18 60.39 20.88
C LYS W 70 39.76 59.04 21.45
N VAL W 71 40.67 58.07 21.37
CA VAL W 71 40.44 56.72 21.88
C VAL W 71 41.54 56.41 22.89
N LEU W 72 41.14 56.04 24.10
CA LEU W 72 42.08 55.76 25.18
C LEU W 72 42.21 54.26 25.36
N ASP W 73 43.46 53.79 25.49
CA ASP W 73 43.72 52.37 25.69
C ASP W 73 43.84 52.08 27.18
N THR W 74 43.12 51.05 27.63
CA THR W 74 43.17 50.65 29.03
C THR W 74 44.41 49.83 29.38
N GLY W 75 45.20 49.43 28.39
CA GLY W 75 46.38 48.64 28.63
C GLY W 75 46.15 47.15 28.77
N GLY W 76 44.89 46.70 28.66
CA GLY W 76 44.57 45.30 28.77
C GLY W 76 43.16 45.02 28.31
N PRO W 77 42.72 43.77 28.47
CA PRO W 77 41.35 43.42 28.08
C PRO W 77 40.32 44.12 28.96
N ILE W 78 39.04 43.89 28.61
CA ILE W 78 37.96 44.43 29.42
C ILE W 78 38.08 43.88 30.83
N SER W 79 38.00 44.78 31.82
CA SER W 79 38.15 44.41 33.22
C SER W 79 36.82 44.60 33.92
N VAL W 80 36.34 43.56 34.60
CA VAL W 80 35.07 43.60 35.28
C VAL W 80 35.31 43.58 36.79
N PRO W 81 34.57 44.34 37.58
CA PRO W 81 34.69 44.22 39.04
C PRO W 81 34.32 42.83 39.49
N VAL W 82 35.07 42.33 40.47
CA VAL W 82 34.96 40.94 40.90
C VAL W 82 35.07 40.88 42.43
N GLY W 83 34.36 39.91 43.00
CA GLY W 83 34.36 39.70 44.43
C GLY W 83 32.95 39.68 45.00
N ARG W 84 32.90 39.57 46.33
CA ARG W 84 31.62 39.58 47.03
C ARG W 84 30.87 40.89 46.86
N GLU W 85 31.58 41.97 46.54
CA GLU W 85 30.91 43.24 46.29
C GLU W 85 29.98 43.17 45.09
N THR W 86 30.29 42.28 44.14
CA THR W 86 29.45 42.12 42.95
C THR W 86 28.22 41.28 43.21
N LEU W 87 28.18 40.55 44.33
CA LEU W 87 27.01 39.73 44.64
C LEU W 87 25.80 40.62 44.89
N GLY W 88 24.69 40.29 44.24
CA GLY W 88 23.50 41.10 44.34
C GLY W 88 23.48 42.31 43.43
N ARG W 89 24.53 42.54 42.67
CA ARG W 89 24.61 43.66 41.75
C ARG W 89 24.42 43.18 40.31
N ILE W 90 23.96 44.09 39.46
CA ILE W 90 23.74 43.81 38.05
C ILE W 90 24.85 44.49 37.26
N ILE W 91 25.59 43.71 36.48
CA ILE W 91 26.77 44.17 35.77
C ILE W 91 26.58 43.91 34.28
N ASN W 92 26.91 44.90 33.46
CA ASN W 92 26.85 44.74 32.01
C ASN W 92 28.17 44.17 31.49
N VAL W 93 28.33 44.21 30.17
CA VAL W 93 29.51 43.63 29.54
C VAL W 93 30.77 44.42 29.90
N ILE W 94 30.61 45.73 30.17
CA ILE W 94 31.78 46.59 30.37
C ILE W 94 32.16 46.74 31.83
N GLY W 95 31.47 46.04 32.73
CA GLY W 95 31.77 46.10 34.14
C GLY W 95 31.04 47.19 34.91
N GLU W 96 30.33 48.07 34.22
CA GLU W 96 29.60 49.13 34.92
C GLU W 96 28.33 48.57 35.55
N PRO W 97 28.05 48.90 36.82
CA PRO W 97 26.81 48.46 37.44
C PRO W 97 25.63 49.25 36.89
N ILE W 98 24.74 48.57 36.16
CA ILE W 98 23.60 49.23 35.53
C ILE W 98 22.37 49.13 36.43
N ASP W 99 22.59 48.67 37.67
CA ASP W 99 21.52 48.65 38.66
C ASP W 99 21.44 49.97 39.44
N GLU W 100 22.24 50.97 39.05
CA GLU W 100 22.30 52.30 39.64
C GLU W 100 22.33 52.27 41.16
N ARG W 101 22.86 51.18 41.73
CA ARG W 101 22.99 51.03 43.16
C ARG W 101 24.29 51.59 43.70
N GLY W 102 25.09 52.23 42.85
CA GLY W 102 26.35 52.79 43.25
C GLY W 102 27.52 52.01 42.66
N PRO W 103 28.71 52.63 42.66
CA PRO W 103 29.88 51.94 42.14
C PRO W 103 30.21 50.70 42.96
N ILE W 104 30.74 49.68 42.27
CA ILE W 104 31.11 48.42 42.91
C ILE W 104 32.51 48.61 43.48
N LYS W 105 32.61 48.79 44.79
CA LYS W 105 33.89 49.05 45.45
C LYS W 105 34.61 47.73 45.71
N SER W 106 35.07 47.13 44.61
CA SER W 106 35.81 45.88 44.65
C SER W 106 37.31 46.17 44.57
N LYS W 107 38.08 45.52 45.43
CA LYS W 107 39.52 45.73 45.48
C LYS W 107 40.26 45.11 44.30
N LEU W 108 39.61 44.28 43.51
CA LEU W 108 40.23 43.63 42.36
C LEU W 108 39.33 43.74 41.15
N ARG W 109 39.96 43.74 39.97
CA ARG W 109 39.23 43.87 38.70
C ARG W 109 40.00 43.07 37.66
N LYS W 110 39.58 41.82 37.46
CA LYS W 110 40.27 40.91 36.57
C LYS W 110 39.78 41.06 35.13
N PRO W 111 40.66 40.88 34.15
CA PRO W 111 40.22 40.92 32.75
C PRO W 111 39.32 39.73 32.41
N ILE W 112 38.40 39.96 31.48
CA ILE W 112 37.48 38.90 31.05
C ILE W 112 38.15 37.88 30.14
N HIS W 113 39.34 38.17 29.63
CA HIS W 113 40.07 37.26 28.76
C HIS W 113 41.24 36.68 29.56
N ALA W 114 41.06 35.47 30.08
CA ALA W 114 42.09 34.78 30.84
C ALA W 114 42.30 33.37 30.29
N ASP W 115 43.54 32.91 30.36
CA ASP W 115 43.89 31.61 29.82
C ASP W 115 43.39 30.53 30.79
N PRO W 116 42.66 29.54 30.29
CA PRO W 116 42.05 28.53 31.18
C PRO W 116 43.10 27.74 31.94
N PRO W 117 42.75 27.17 33.09
CA PRO W 117 43.75 26.48 33.91
C PRO W 117 44.45 25.37 33.15
N SER W 118 45.75 25.25 33.38
CA SER W 118 46.58 24.32 32.62
C SER W 118 46.16 22.88 32.88
N PHE W 119 46.74 21.97 32.11
CA PHE W 119 46.40 20.56 32.22
C PHE W 119 46.76 20.01 33.60
N ALA W 120 47.88 20.46 34.16
CA ALA W 120 48.27 20.00 35.49
C ALA W 120 47.25 20.44 36.55
N GLU W 121 46.75 21.67 36.43
CA GLU W 121 45.78 22.18 37.39
C GLU W 121 44.41 21.53 37.26
N GLN W 122 44.15 20.80 36.18
CA GLN W 122 42.87 20.14 36.01
C GLN W 122 42.71 19.01 37.01
N SER W 123 41.48 18.78 37.44
CA SER W 123 41.18 17.71 38.38
C SER W 123 41.40 16.36 37.72
N THR W 124 42.14 15.48 38.41
CA THR W 124 42.44 14.17 37.85
C THR W 124 41.20 13.29 37.75
N SER W 125 40.33 13.34 38.76
CA SER W 125 39.13 12.51 38.82
C SER W 125 37.89 13.38 38.80
N ALA W 126 36.93 13.01 37.97
CA ALA W 126 35.66 13.72 37.92
C ALA W 126 34.90 13.53 39.22
N GLU W 127 34.26 14.60 39.68
CA GLU W 127 33.55 14.60 40.95
C GLU W 127 32.10 15.02 40.74
N ILE W 128 31.22 14.49 41.59
CA ILE W 128 29.80 14.78 41.54
C ILE W 128 29.50 16.01 42.40
N LEU W 129 28.65 16.89 41.91
CA LEU W 129 28.24 18.09 42.64
C LEU W 129 26.90 17.82 43.29
N GLU W 130 26.83 17.97 44.61
CA GLU W 130 25.62 17.73 45.37
C GLU W 130 24.74 18.97 45.30
N THR W 131 23.70 18.92 44.48
CA THR W 131 22.81 20.06 44.28
C THR W 131 21.62 20.08 45.23
N GLY W 132 21.45 19.05 46.04
CA GLY W 132 20.37 19.03 47.00
C GLY W 132 18.99 18.81 46.42
N ILE W 133 18.89 18.46 45.15
CA ILE W 133 17.61 18.21 44.48
C ILE W 133 17.56 16.72 44.15
N LYS W 134 16.53 16.04 44.66
CA LYS W 134 16.48 14.58 44.55
C LYS W 134 16.44 14.12 43.09
N VAL W 135 15.59 14.76 42.28
CA VAL W 135 15.47 14.36 40.89
C VAL W 135 16.75 14.67 40.12
N VAL W 136 17.49 15.69 40.56
CA VAL W 136 18.66 16.13 39.81
C VAL W 136 19.83 15.19 40.05
N ASP W 137 20.27 15.07 41.30
CA ASP W 137 21.47 14.27 41.56
C ASP W 137 21.13 12.82 41.90
N LEU W 138 20.26 12.23 41.11
CA LEU W 138 20.09 10.78 41.11
C LEU W 138 20.07 10.21 39.70
N LEU W 139 19.48 10.91 38.75
CA LEU W 139 19.37 10.46 37.36
C LEU W 139 20.28 11.24 36.41
N ALA W 140 20.48 12.53 36.67
CA ALA W 140 21.43 13.35 35.92
C ALA W 140 22.29 14.11 36.92
N PRO W 141 23.19 13.42 37.63
CA PRO W 141 24.01 14.10 38.63
C PRO W 141 24.87 15.18 38.01
N TYR W 142 24.99 16.29 38.73
CA TYR W 142 25.70 17.46 38.21
C TYR W 142 27.20 17.28 38.38
N ALA W 143 27.95 17.50 37.30
CA ALA W 143 29.39 17.34 37.34
C ALA W 143 30.02 18.54 38.05
N ARG W 144 30.83 18.26 39.07
CA ARG W 144 31.56 19.31 39.75
C ARG W 144 32.56 19.93 38.78
N GLY W 145 32.31 21.17 38.37
CA GLY W 145 33.10 21.79 37.32
C GLY W 145 32.61 21.52 35.92
N GLY W 146 31.55 20.73 35.75
CA GLY W 146 31.03 20.44 34.43
C GLY W 146 30.17 21.55 33.88
N LYS W 147 29.71 21.36 32.65
CA LYS W 147 28.90 22.33 31.92
C LYS W 147 27.51 21.71 31.72
N ILE W 148 26.65 21.89 32.72
CA ILE W 148 25.32 21.28 32.69
C ILE W 148 24.42 22.05 31.75
N GLY W 149 23.68 21.31 30.91
CA GLY W 149 22.75 21.91 29.99
C GLY W 149 21.33 21.83 30.50
N LEU W 150 20.70 22.99 30.65
CA LEU W 150 19.33 23.09 31.18
C LEU W 150 18.39 23.19 29.97
N PHE W 151 17.68 22.11 29.68
CA PHE W 151 16.78 22.06 28.53
C PHE W 151 15.34 22.26 28.98
N GLY W 152 15.07 23.49 29.40
CA GLY W 152 13.75 23.91 29.82
C GLY W 152 13.10 24.85 28.83
N GLY W 153 12.49 25.91 29.36
CA GLY W 153 11.82 26.89 28.53
C GLY W 153 11.10 27.94 29.37
N ALA W 154 9.84 28.21 29.03
CA ALA W 154 9.02 29.15 29.76
C ALA W 154 7.80 28.42 30.32
N GLY W 155 7.45 28.75 31.56
CA GLY W 155 6.36 28.08 32.24
C GLY W 155 6.72 26.77 32.88
N VAL W 156 7.96 26.32 32.75
CA VAL W 156 8.42 25.09 33.37
C VAL W 156 9.21 25.37 34.65
N GLY W 157 9.13 26.59 35.16
CA GLY W 157 9.85 26.96 36.37
C GLY W 157 11.36 26.97 36.21
N LYS W 158 11.86 27.45 35.07
CA LYS W 158 13.30 27.55 34.89
C LYS W 158 13.91 28.55 35.87
N THR W 159 13.25 29.69 36.06
CA THR W 159 13.78 30.72 36.95
C THR W 159 13.82 30.23 38.40
N VAL W 160 12.73 29.61 38.85
CA VAL W 160 12.69 29.11 40.23
C VAL W 160 13.68 27.96 40.40
N PHE W 161 13.87 27.14 39.36
CA PHE W 161 14.86 26.08 39.42
C PHE W 161 16.26 26.66 39.56
N ILE W 162 16.57 27.71 38.80
CA ILE W 162 17.87 28.36 38.91
C ILE W 162 18.07 28.94 40.30
N GLN W 163 17.05 29.61 40.84
CA GLN W 163 17.15 30.19 42.17
C GLN W 163 17.35 29.11 43.22
N GLU W 164 16.64 27.98 43.09
CA GLU W 164 16.82 26.88 44.03
C GLU W 164 18.22 26.30 43.93
N LEU W 165 18.75 26.18 42.72
CA LEU W 165 20.13 25.72 42.56
C LEU W 165 21.10 26.66 43.25
N ILE W 166 20.90 27.97 43.10
CA ILE W 166 21.76 28.95 43.76
C ILE W 166 21.69 28.78 45.27
N ASN W 167 20.48 28.68 45.81
CA ASN W 167 20.32 28.56 47.25
C ASN W 167 20.96 27.27 47.77
N ASN W 168 20.75 26.16 47.05
CA ASN W 168 21.29 24.89 47.50
C ASN W 168 22.82 24.88 47.44
N ILE W 169 23.41 25.44 46.39
CA ILE W 169 24.87 25.44 46.30
C ILE W 169 25.46 26.39 47.33
N ALA W 170 24.75 27.46 47.67
CA ALA W 170 25.25 28.38 48.69
C ALA W 170 25.03 27.84 50.10
N LYS W 171 24.13 26.87 50.25
CA LYS W 171 23.88 26.28 51.57
C LYS W 171 24.82 25.09 51.82
N ALA W 172 24.81 24.11 50.91
CA ALA W 172 25.65 22.93 51.09
C ALA W 172 27.13 23.28 51.10
N HIS W 173 27.55 24.14 50.17
CA HIS W 173 28.92 24.61 50.07
C HIS W 173 28.92 26.13 50.14
N GLY W 174 30.09 26.73 49.90
CA GLY W 174 30.16 28.18 49.79
C GLY W 174 29.26 28.70 48.67
N GLY W 175 29.35 28.08 47.50
CA GLY W 175 28.44 28.27 46.40
C GLY W 175 27.99 29.69 46.10
N PHE W 176 28.93 30.62 46.00
CA PHE W 176 28.60 31.99 45.59
C PHE W 176 28.34 31.96 44.09
N SER W 177 27.11 31.64 43.72
CA SER W 177 26.75 31.47 42.33
C SER W 177 26.79 32.81 41.59
N VAL W 178 26.73 32.72 40.26
CA VAL W 178 26.71 33.90 39.40
C VAL W 178 25.79 33.59 38.21
N PHE W 179 24.84 34.48 37.95
CA PHE W 179 23.95 34.34 36.80
C PHE W 179 24.44 35.23 35.68
N THR W 180 24.71 34.64 34.52
CA THR W 180 25.13 35.37 33.34
C THR W 180 24.03 35.22 32.29
N GLY W 181 23.33 36.31 32.02
CA GLY W 181 22.29 36.28 31.00
C GLY W 181 22.78 36.79 29.66
N VAL W 182 23.12 35.87 28.77
CA VAL W 182 23.56 36.24 27.43
C VAL W 182 22.35 36.67 26.61
N GLY W 183 22.37 37.92 26.13
CA GLY W 183 21.28 38.42 25.34
C GLY W 183 19.96 38.45 26.09
N GLU W 184 19.96 39.06 27.27
CA GLU W 184 18.74 39.15 28.06
C GLU W 184 17.73 40.07 27.38
N ARG W 185 16.45 39.81 27.66
CA ARG W 185 15.38 40.56 27.00
C ARG W 185 14.96 41.81 27.76
N THR W 186 15.61 42.12 28.88
CA THR W 186 15.37 43.33 29.66
C THR W 186 13.97 43.33 30.26
N ARG W 187 13.18 42.31 29.95
CA ARG W 187 11.91 42.03 30.61
C ARG W 187 11.97 40.74 31.42
N GLU W 188 12.49 39.68 30.80
CA GLU W 188 12.80 38.47 31.57
C GLU W 188 13.87 38.76 32.61
N GLY W 189 14.85 39.58 32.27
CA GLY W 189 15.88 39.94 33.23
C GLY W 189 15.33 40.75 34.39
N ASN W 190 14.48 41.73 34.10
CA ASN W 190 13.86 42.51 35.17
C ASN W 190 12.99 41.63 36.04
N ASP W 191 12.21 40.74 35.43
CA ASP W 191 11.38 39.82 36.19
C ASP W 191 12.22 38.93 37.10
N LEU W 192 13.31 38.39 36.55
CA LEU W 192 14.20 37.53 37.32
C LEU W 192 14.82 38.28 38.49
N TYR W 193 15.28 39.51 38.24
CA TYR W 193 15.82 40.32 39.32
C TYR W 193 14.79 40.56 40.40
N ARG W 194 13.54 40.84 40.00
CA ARG W 194 12.47 41.05 40.97
C ARG W 194 12.22 39.79 41.80
N GLU W 195 12.24 38.61 41.16
CA GLU W 195 12.00 37.38 41.91
C GLU W 195 13.14 37.09 42.89
N MET W 196 14.40 37.25 42.45
CA MET W 196 15.49 37.02 43.40
C MET W 196 15.48 38.05 44.52
N LYS W 197 15.01 39.26 44.26
CA LYS W 197 14.79 40.21 45.35
C LYS W 197 13.71 39.71 46.30
N GLU W 198 12.63 39.15 45.74
CA GLU W 198 11.56 38.61 46.58
C GLU W 198 12.05 37.43 47.40
N THR W 199 12.82 36.54 46.79
CA THR W 199 13.38 35.40 47.51
C THR W 199 14.66 35.82 48.24
N GLY W 200 15.29 34.85 48.91
CA GLY W 200 16.54 35.10 49.59
C GLY W 200 17.77 35.07 48.72
N VAL W 201 17.60 34.80 47.42
CA VAL W 201 18.74 34.69 46.52
C VAL W 201 19.46 36.04 46.42
N ILE W 202 18.70 37.12 46.28
CA ILE W 202 19.23 38.48 46.27
C ILE W 202 18.64 39.21 47.47
N ASN W 203 19.52 39.80 48.28
CA ASN W 203 19.12 40.55 49.46
C ASN W 203 19.94 41.83 49.47
N LEU W 204 19.31 42.95 49.11
CA LEU W 204 20.03 44.20 48.88
C LEU W 204 20.64 44.74 50.18
N GLU W 205 19.84 44.78 51.25
CA GLU W 205 20.31 45.38 52.49
C GLU W 205 21.38 44.53 53.18
N GLY W 206 21.36 43.22 52.97
CA GLY W 206 22.33 42.31 53.56
C GLY W 206 23.23 41.70 52.52
N GLU W 207 23.40 40.38 52.60
CA GLU W 207 24.27 39.64 51.71
C GLU W 207 23.43 38.89 50.68
N SER W 208 23.94 38.80 49.45
CA SER W 208 23.30 38.07 48.38
C SER W 208 24.16 36.87 47.97
N LYS W 209 23.51 35.90 47.32
CA LYS W 209 24.15 34.64 46.97
C LYS W 209 24.44 34.52 45.48
N VAL W 210 24.28 35.59 44.70
CA VAL W 210 24.44 35.51 43.26
C VAL W 210 24.73 36.91 42.72
N ALA W 211 25.35 36.97 41.55
CA ALA W 211 25.60 38.21 40.83
C ALA W 211 24.94 38.14 39.46
N LEU W 212 24.13 39.15 39.15
CA LEU W 212 23.39 39.18 37.88
C LEU W 212 24.13 40.00 36.85
N VAL W 213 25.26 39.45 36.40
CA VAL W 213 26.05 40.08 35.32
C VAL W 213 25.48 39.52 34.02
N PHE W 214 24.51 40.25 33.46
CA PHE W 214 23.86 39.85 32.22
C PHE W 214 23.88 40.99 31.22
N GLY W 215 23.73 40.64 29.95
CA GLY W 215 23.70 41.62 28.88
C GLY W 215 22.39 41.63 28.12
N GLN W 216 21.87 42.83 27.87
CA GLN W 216 20.59 42.96 27.18
C GLN W 216 20.75 42.69 25.69
N MET W 217 19.63 42.35 25.05
CA MET W 217 19.66 42.03 23.62
C MET W 217 19.98 43.26 22.78
N ASN W 218 19.51 44.44 23.19
CA ASN W 218 19.72 45.65 22.42
C ASN W 218 21.18 46.09 22.37
N GLU W 219 22.09 45.32 22.97
CA GLU W 219 23.51 45.60 22.86
C GLU W 219 24.07 45.02 21.57
N PRO W 220 25.14 45.60 21.05
CA PRO W 220 25.68 45.16 19.75
C PRO W 220 26.27 43.77 19.85
N PRO W 221 26.49 43.10 18.71
CA PRO W 221 27.16 41.80 18.73
C PRO W 221 28.55 41.93 19.34
N GLY W 222 28.93 40.92 20.12
CA GLY W 222 30.14 40.99 20.90
C GLY W 222 29.83 41.24 22.36
N ALA W 223 28.88 42.14 22.63
CA ALA W 223 28.44 42.35 24.00
C ALA W 223 27.77 41.09 24.55
N ARG W 224 26.86 40.51 23.78
CA ARG W 224 26.31 39.20 24.15
C ARG W 224 27.38 38.13 24.11
N ALA W 225 28.40 38.30 23.26
CA ALA W 225 29.47 37.33 23.17
C ALA W 225 30.53 37.49 24.24
N ARG W 226 30.45 38.55 25.06
CA ARG W 226 31.42 38.77 26.13
C ARG W 226 30.81 38.89 27.51
N VAL W 227 29.49 39.01 27.64
CA VAL W 227 28.87 38.93 28.96
C VAL W 227 29.14 37.56 29.57
N ALA W 228 29.14 36.52 28.74
CA ALA W 228 29.51 35.19 29.20
C ALA W 228 30.91 35.19 29.79
N LEU W 229 31.85 35.86 29.11
CA LEU W 229 33.22 35.91 29.62
C LEU W 229 33.32 36.75 30.89
N THR W 230 32.53 37.82 31.01
CA THR W 230 32.55 38.61 32.23
C THR W 230 32.08 37.80 33.42
N GLY W 231 30.91 37.15 33.30
CA GLY W 231 30.45 36.29 34.38
C GLY W 231 31.39 35.14 34.64
N LEU W 232 32.02 34.63 33.58
CA LEU W 232 33.00 33.57 33.69
C LEU W 232 34.20 34.02 34.52
N THR W 233 34.68 35.24 34.30
CA THR W 233 35.80 35.75 35.07
C THR W 233 35.41 36.00 36.52
N ILE W 234 34.17 36.44 36.74
CA ILE W 234 33.69 36.61 38.12
C ILE W 234 33.71 35.26 38.84
N ALA W 235 33.17 34.23 38.18
CA ALA W 235 33.18 32.89 38.77
C ALA W 235 34.60 32.38 38.95
N GLU W 236 35.49 32.71 38.01
CA GLU W 236 36.89 32.30 38.12
C GLU W 236 37.55 32.92 39.35
N TYR W 237 37.29 34.20 39.60
CA TYR W 237 37.84 34.84 40.79
C TYR W 237 37.28 34.17 42.03
N PHE W 238 35.97 33.91 42.05
CA PHE W 238 35.36 33.26 43.20
C PHE W 238 35.98 31.89 43.46
N ARG W 239 36.30 31.15 42.40
CA ARG W 239 36.90 29.84 42.56
C ARG W 239 38.36 29.93 43.01
N ASP W 240 39.12 30.85 42.43
CA ASP W 240 40.55 30.92 42.65
C ASP W 240 40.94 31.74 43.88
N GLU W 241 39.99 32.36 44.55
CA GLU W 241 40.27 33.09 45.79
C GLU W 241 39.62 32.46 47.00
N GLU W 242 38.29 32.30 46.98
CA GLU W 242 37.57 31.74 48.12
C GLU W 242 37.57 30.23 48.13
N GLY W 243 38.02 29.58 47.07
CA GLY W 243 38.02 28.12 47.01
C GLY W 243 36.63 27.53 47.10
N GLN W 244 35.67 28.15 46.43
CA GLN W 244 34.27 27.74 46.51
C GLN W 244 33.88 26.91 45.30
N ASP W 245 32.83 26.10 45.48
CA ASP W 245 32.22 25.35 44.38
C ASP W 245 31.24 26.28 43.66
N VAL W 246 31.80 27.19 42.88
CA VAL W 246 31.01 28.21 42.21
C VAL W 246 30.07 27.56 41.20
N LEU W 247 28.89 28.17 41.03
CA LEU W 247 27.89 27.71 40.07
C LEU W 247 27.58 28.87 39.13
N LEU W 248 27.73 28.63 37.83
CA LEU W 248 27.56 29.68 36.82
C LEU W 248 26.36 29.33 35.95
N PHE W 249 25.52 30.32 35.68
CA PHE W 249 24.34 30.16 34.84
C PHE W 249 24.51 30.95 33.55
N ILE W 250 24.28 30.30 32.42
CA ILE W 250 24.16 30.97 31.13
C ILE W 250 22.70 30.93 30.72
N ASP W 251 22.11 32.10 30.51
CA ASP W 251 20.69 32.16 30.20
C ASP W 251 20.37 31.44 28.89
N ASN W 252 21.25 31.55 27.90
CA ASN W 252 21.07 30.81 26.65
C ASN W 252 22.44 30.72 25.99
N ILE W 253 23.02 29.52 26.01
CA ILE W 253 24.35 29.34 25.41
C ILE W 253 24.29 29.49 23.90
N PHE W 254 23.19 29.06 23.28
CA PHE W 254 23.05 29.29 21.85
C PHE W 254 23.02 30.76 21.51
N ARG W 255 22.51 31.60 22.41
CA ARG W 255 22.56 33.03 22.18
C ARG W 255 24.00 33.53 22.15
N PHE W 256 24.85 32.98 23.04
CA PHE W 256 26.27 33.29 22.95
C PHE W 256 26.85 32.83 21.63
N THR W 257 26.47 31.62 21.18
CA THR W 257 26.97 31.11 19.91
C THR W 257 26.59 32.02 18.76
N GLN W 258 25.34 32.46 18.71
CA GLN W 258 24.90 33.32 17.61
C GLN W 258 25.52 34.71 17.72
N ALA W 259 25.75 35.21 18.94
CA ALA W 259 26.44 36.48 19.10
C ALA W 259 27.87 36.38 18.59
N GLY W 260 28.56 35.29 18.94
CA GLY W 260 29.89 35.06 18.41
C GLY W 260 29.88 34.92 16.90
N SER W 261 28.81 34.34 16.35
CA SER W 261 28.66 34.29 14.91
C SER W 261 28.55 35.69 14.31
N GLU W 262 27.73 36.55 14.91
CA GLU W 262 27.57 37.89 14.35
C GLU W 262 28.85 38.71 14.46
N VAL W 263 29.62 38.55 15.53
CA VAL W 263 30.83 39.35 15.67
C VAL W 263 31.97 38.76 14.85
N SER W 264 32.08 37.43 14.80
CA SER W 264 33.26 36.76 14.27
C SER W 264 32.94 35.86 13.08
N ALA W 265 31.84 36.08 12.41
CA ALA W 265 31.63 35.44 11.12
C ALA W 265 31.13 36.40 10.06
N LEU W 266 30.45 37.48 10.47
CA LEU W 266 29.80 38.37 9.53
C LEU W 266 30.33 39.80 9.64
N LEU W 267 31.35 40.02 10.47
CA LEU W 267 31.93 41.33 10.70
C LEU W 267 33.42 41.31 10.40
N GLY W 268 33.83 40.49 9.43
CA GLY W 268 35.22 40.44 9.04
C GLY W 268 35.72 39.06 8.66
N ARG W 269 35.02 38.01 9.08
CA ARG W 269 35.41 36.64 8.80
C ARG W 269 34.44 36.00 7.80
N ILE W 270 34.62 34.71 7.57
CA ILE W 270 33.85 33.97 6.58
C ILE W 270 33.13 32.83 7.30
N PRO W 271 31.83 32.67 7.13
CA PRO W 271 31.11 31.57 7.80
C PRO W 271 31.60 30.21 7.32
N SER W 272 31.54 29.23 8.23
CA SER W 272 31.98 27.87 7.96
C SER W 272 30.92 26.83 8.28
N ALA W 273 29.66 27.24 8.38
CA ALA W 273 28.62 26.36 8.92
C ALA W 273 27.27 26.87 8.42
N VAL W 274 26.21 26.45 9.10
CA VAL W 274 24.84 26.92 8.85
C VAL W 274 24.79 28.44 8.91
N GLY W 275 25.86 29.06 9.41
CA GLY W 275 25.93 30.51 9.49
C GLY W 275 26.69 31.00 10.70
N TYR W 276 27.16 30.08 11.53
CA TYR W 276 27.92 30.45 12.71
C TYR W 276 29.38 30.71 12.35
N GLN W 277 30.15 31.14 13.34
CA GLN W 277 31.52 31.54 13.11
C GLN W 277 32.37 30.34 12.70
N PRO W 278 33.39 30.56 11.87
CA PRO W 278 34.33 29.47 11.58
C PRO W 278 35.02 28.96 12.82
N THR W 279 35.25 29.83 13.81
CA THR W 279 35.92 29.47 15.05
C THR W 279 34.96 28.93 16.10
N LEU W 280 33.78 28.44 15.69
CA LEU W 280 32.72 28.10 16.64
C LEU W 280 33.22 27.16 17.73
N ALA W 281 33.85 26.06 17.33
CA ALA W 281 34.46 25.18 18.31
C ALA W 281 35.51 25.91 19.13
N THR W 282 36.25 26.83 18.50
CA THR W 282 37.33 27.51 19.20
C THR W 282 36.80 28.41 20.32
N ASP W 283 35.85 29.32 20.00
CA ASP W 283 35.42 30.22 21.07
C ASP W 283 34.55 29.49 22.07
N MET W 284 33.89 28.40 21.64
CA MET W 284 33.22 27.54 22.61
C MET W 284 34.21 26.95 23.59
N GLY W 285 35.37 26.50 23.09
CA GLY W 285 36.41 26.01 23.98
C GLY W 285 36.96 27.08 24.89
N LEU W 286 37.19 28.28 24.37
CA LEU W 286 37.64 29.38 25.22
C LEU W 286 36.64 29.68 26.33
N LEU W 287 35.35 29.70 26.00
CA LEU W 287 34.36 29.99 27.03
C LEU W 287 34.29 28.87 28.06
N GLN W 288 34.13 27.62 27.62
CA GLN W 288 33.73 26.55 28.53
C GLN W 288 34.90 25.71 29.03
N GLU W 289 36.13 25.99 28.60
CA GLU W 289 37.30 25.38 29.23
C GLU W 289 37.68 26.06 30.54
N ARG W 290 37.41 27.36 30.65
CA ARG W 290 37.63 28.05 31.92
C ARG W 290 36.62 27.61 32.97
N ILE W 291 35.60 26.84 32.57
CA ILE W 291 34.66 26.24 33.50
C ILE W 291 35.10 24.79 33.72
N THR W 292 35.77 24.55 34.85
CA THR W 292 36.27 23.23 35.18
C THR W 292 36.56 23.19 36.68
N THR W 293 37.17 22.10 37.14
CA THR W 293 37.53 21.92 38.53
C THR W 293 39.03 22.06 38.70
N THR W 294 39.44 22.95 39.59
CA THR W 294 40.84 23.18 39.89
C THR W 294 41.16 22.65 41.29
N LYS W 295 42.41 22.85 41.70
CA LYS W 295 42.84 22.40 43.03
C LYS W 295 42.11 23.15 44.13
N LYS W 296 41.92 24.46 43.96
CA LYS W 296 41.29 25.26 44.99
C LYS W 296 39.77 25.09 44.99
N GLY W 297 39.12 25.42 43.87
CA GLY W 297 37.69 25.32 43.78
C GLY W 297 37.21 24.72 42.48
N SER W 298 35.96 24.99 42.12
CA SER W 298 35.37 24.44 40.89
C SER W 298 34.17 25.27 40.53
N VAL W 299 34.12 25.74 39.28
CA VAL W 299 32.97 26.48 38.76
C VAL W 299 32.13 25.53 37.92
N THR W 300 30.86 25.41 38.25
CA THR W 300 29.93 24.53 37.56
C THR W 300 28.98 25.37 36.72
N SER W 301 28.83 25.01 35.46
CA SER W 301 28.00 25.76 34.51
C SER W 301 26.66 25.07 34.35
N VAL W 302 25.58 25.81 34.58
CA VAL W 302 24.24 25.36 34.24
C VAL W 302 23.76 26.32 33.15
N GLN W 303 23.94 25.91 31.90
CA GLN W 303 23.67 26.75 30.75
C GLN W 303 22.42 26.24 30.04
N ALA W 304 21.41 27.10 29.94
CA ALA W 304 20.23 26.74 29.17
C ALA W 304 20.58 26.72 27.69
N VAL W 305 20.17 25.64 27.01
CA VAL W 305 20.53 25.40 25.63
C VAL W 305 19.26 25.39 24.80
N TYR W 306 19.25 26.18 23.72
CA TYR W 306 18.15 26.21 22.78
C TYR W 306 18.59 25.52 21.50
N VAL W 307 17.74 24.66 20.95
CA VAL W 307 18.06 23.86 19.78
C VAL W 307 17.37 24.49 18.58
N PRO W 308 18.09 25.10 17.66
CA PRO W 308 17.44 25.70 16.47
C PRO W 308 16.78 24.63 15.62
N ALA W 309 15.53 24.91 15.24
CA ALA W 309 14.73 24.04 14.38
C ALA W 309 14.62 22.62 14.95
N ASP W 310 14.83 22.47 16.27
CA ASP W 310 14.81 21.16 16.92
C ASP W 310 15.77 20.19 16.23
N ASP W 311 16.94 20.70 15.85
CA ASP W 311 17.92 19.95 15.07
C ASP W 311 19.07 19.63 16.02
N LEU W 312 19.09 18.39 16.51
CA LEU W 312 20.17 17.96 17.40
C LEU W 312 21.52 17.89 16.70
N THR W 313 21.53 17.66 15.38
CA THR W 313 22.76 17.60 14.60
C THR W 313 23.26 18.96 14.17
N ASP W 314 22.55 20.03 14.54
CA ASP W 314 22.97 21.38 14.18
C ASP W 314 24.36 21.64 14.76
N PRO W 315 25.30 22.18 13.96
CA PRO W 315 26.68 22.29 14.43
C PRO W 315 26.86 23.11 15.70
N ALA W 316 25.99 24.09 15.97
CA ALA W 316 26.13 24.80 17.25
C ALA W 316 25.64 23.95 18.41
N PRO W 317 24.44 23.34 18.38
CA PRO W 317 24.13 22.31 19.38
C PRO W 317 25.07 21.12 19.32
N ALA W 318 25.66 20.82 18.16
CA ALA W 318 26.64 19.74 18.10
C ALA W 318 27.88 20.09 18.92
N THR W 319 28.35 21.33 18.80
CA THR W 319 29.49 21.77 19.58
C THR W 319 29.17 21.84 21.07
N THR W 320 28.00 22.38 21.41
CA THR W 320 27.62 22.46 22.83
C THR W 320 27.44 21.07 23.41
N PHE W 321 26.81 20.16 22.67
CA PHE W 321 26.61 18.79 23.13
C PHE W 321 27.92 18.00 23.15
N ALA W 322 28.93 18.44 22.41
CA ALA W 322 30.22 17.77 22.43
C ALA W 322 30.83 17.79 23.83
N HIS W 323 30.31 18.65 24.69
CA HIS W 323 30.70 18.68 26.11
C HIS W 323 29.53 19.26 26.90
N LEU W 324 28.75 18.39 27.52
CA LEU W 324 27.66 18.82 28.39
C LEU W 324 27.61 18.06 29.71
N ASP W 325 28.45 17.04 29.90
CA ASP W 325 28.44 16.27 31.14
C ASP W 325 27.06 15.72 31.42
N ALA W 326 26.27 16.44 32.24
CA ALA W 326 24.89 16.09 32.51
C ALA W 326 23.97 17.14 31.93
N THR W 327 22.77 16.72 31.53
CA THR W 327 21.77 17.61 30.98
C THR W 327 20.48 17.49 31.78
N THR W 328 19.83 18.63 32.00
CA THR W 328 18.58 18.69 32.72
C THR W 328 17.49 19.20 31.78
N VAL W 329 16.41 18.44 31.67
CA VAL W 329 15.32 18.75 30.74
C VAL W 329 14.09 19.11 31.57
N LEU W 330 13.77 20.40 31.63
CA LEU W 330 12.54 20.87 32.27
C LEU W 330 11.42 20.78 31.24
N SER W 331 10.86 19.59 31.12
CA SER W 331 9.94 19.30 30.02
C SER W 331 8.62 20.05 30.19
N ARG W 332 7.96 20.30 29.06
CA ARG W 332 6.71 21.04 29.00
C ARG W 332 5.55 20.05 29.00
N GLY W 333 4.78 20.04 30.10
CA GLY W 333 3.60 19.19 30.19
C GLY W 333 3.79 17.86 30.86
N ILE W 334 4.67 17.01 30.31
CA ILE W 334 4.80 15.64 30.80
C ILE W 334 5.32 15.63 32.24
N SER W 335 6.03 16.67 32.64
CA SER W 335 6.61 16.73 33.98
C SER W 335 5.97 17.78 34.87
N GLU W 336 5.63 18.95 34.33
CA GLU W 336 5.09 20.02 35.17
C GLU W 336 3.65 19.74 35.60
N LEU W 337 2.92 18.91 34.85
CA LEU W 337 1.62 18.45 35.32
C LEU W 337 1.81 17.58 36.56
N GLY W 338 1.45 18.09 37.72
CA GLY W 338 1.77 17.40 38.96
C GLY W 338 3.07 17.88 39.56
N ILE W 339 4.16 17.17 39.26
CA ILE W 339 5.48 17.48 39.78
C ILE W 339 5.85 18.93 39.47
N TYR W 340 6.11 19.71 40.51
CA TYR W 340 6.46 21.12 40.39
C TYR W 340 7.89 21.35 39.92
N PRO W 341 8.89 20.66 40.47
CA PRO W 341 10.26 20.87 39.97
C PRO W 341 10.45 20.47 38.52
N ALA W 342 9.54 19.70 37.94
CA ALA W 342 9.61 19.22 36.56
C ALA W 342 10.85 18.34 36.46
N VAL W 343 11.84 18.68 35.63
CA VAL W 343 13.05 17.87 35.44
C VAL W 343 12.65 16.49 34.96
N ASP W 344 12.47 16.34 33.65
CA ASP W 344 12.02 15.08 33.06
C ASP W 344 13.00 13.97 33.44
N PRO W 345 12.55 12.97 34.20
CA PRO W 345 13.49 11.94 34.67
C PRO W 345 14.12 11.11 33.57
N LEU W 346 13.52 11.06 32.39
CA LEU W 346 14.03 10.18 31.34
C LEU W 346 15.00 10.87 30.40
N ASP W 347 14.68 12.08 29.92
CA ASP W 347 15.56 12.76 28.98
C ASP W 347 16.75 13.40 29.65
N SER W 348 16.75 13.51 30.98
CA SER W 348 17.86 14.10 31.72
C SER W 348 18.94 13.03 31.89
N LYS W 349 19.98 13.12 31.09
CA LYS W 349 21.08 12.16 31.11
C LYS W 349 22.31 12.78 31.77
N SER W 350 23.31 11.94 32.01
CA SER W 350 24.54 12.37 32.64
C SER W 350 25.68 11.46 32.22
N ARG W 351 26.84 12.04 31.96
CA ARG W 351 28.03 11.26 31.63
C ARG W 351 28.68 10.65 32.86
N LEU W 352 28.41 11.18 34.04
CA LEU W 352 29.00 10.66 35.28
C LEU W 352 28.14 9.60 35.95
N LEU W 353 27.00 9.24 35.36
CA LEU W 353 26.13 8.22 35.95
C LEU W 353 26.75 6.84 35.76
N ASP W 354 27.87 6.64 36.44
CA ASP W 354 28.59 5.38 36.39
C ASP W 354 29.17 5.07 37.78
N ALA W 355 29.49 3.79 37.98
CA ALA W 355 29.95 3.35 39.30
C ALA W 355 31.33 3.90 39.64
N ALA W 356 32.13 4.21 38.62
CA ALA W 356 33.47 4.74 38.87
C ALA W 356 33.45 6.16 39.40
N VAL W 357 32.32 6.86 39.29
CA VAL W 357 32.20 8.25 39.73
C VAL W 357 31.24 8.38 40.90
N VAL W 358 29.96 8.01 40.70
CA VAL W 358 28.94 8.18 41.74
C VAL W 358 28.82 6.98 42.65
N GLY W 359 29.49 5.88 42.35
CA GLY W 359 29.44 4.70 43.20
C GLY W 359 28.55 3.61 42.64
N GLN W 360 28.81 2.38 43.09
CA GLN W 360 28.06 1.22 42.60
C GLN W 360 26.61 1.28 43.02
N GLU W 361 26.35 1.59 44.29
CA GLU W 361 24.98 1.65 44.77
C GLU W 361 24.19 2.75 44.09
N HIS W 362 24.83 3.90 43.87
CA HIS W 362 24.16 4.99 43.16
C HIS W 362 23.84 4.60 41.72
N TYR W 363 24.77 3.92 41.04
CA TYR W 363 24.48 3.41 39.70
C TYR W 363 23.30 2.45 39.74
N ASP W 364 23.28 1.53 40.69
CA ASP W 364 22.22 0.53 40.75
C ASP W 364 20.87 1.19 40.96
N VAL W 365 20.78 2.10 41.92
CA VAL W 365 19.50 2.75 42.21
C VAL W 365 19.06 3.64 41.05
N ALA W 366 20.01 4.35 40.43
CA ALA W 366 19.67 5.21 39.31
C ALA W 366 19.17 4.40 38.12
N SER W 367 19.85 3.29 37.81
CA SER W 367 19.43 2.46 36.69
C SER W 367 18.07 1.81 36.97
N LYS W 368 17.84 1.37 38.20
CA LYS W 368 16.55 0.78 38.54
C LYS W 368 15.43 1.81 38.41
N VAL W 369 15.65 3.02 38.89
CA VAL W 369 14.64 4.07 38.76
C VAL W 369 14.40 4.40 37.30
N GLN W 370 15.48 4.50 36.51
CA GLN W 370 15.37 4.82 35.09
C GLN W 370 14.55 3.77 34.35
N GLU W 371 14.86 2.49 34.59
CA GLU W 371 14.14 1.43 33.91
C GLU W 371 12.70 1.34 34.40
N THR W 372 12.45 1.63 35.68
CA THR W 372 11.09 1.62 36.20
C THR W 372 10.24 2.69 35.53
N LEU W 373 10.79 3.91 35.41
CA LEU W 373 10.07 4.99 34.75
C LEU W 373 9.90 4.69 33.25
N GLN W 374 10.92 4.09 32.64
CA GLN W 374 10.81 3.67 31.25
C GLN W 374 9.65 2.70 31.05
N THR W 375 9.55 1.67 31.90
CA THR W 375 8.47 0.71 31.79
C THR W 375 7.13 1.37 32.07
N TYR W 376 7.08 2.29 33.04
CA TYR W 376 5.84 2.98 33.34
C TYR W 376 5.33 3.78 32.15
N LYS W 377 6.23 4.53 31.50
CA LYS W 377 5.80 5.33 30.36
C LYS W 377 5.45 4.42 29.18
N SER W 378 6.14 3.30 29.04
CA SER W 378 5.82 2.36 27.97
C SER W 378 4.45 1.74 28.17
N LEU W 379 4.05 1.51 29.42
CA LEU W 379 2.75 0.92 29.72
C LEU W 379 1.66 1.96 29.96
N GLN W 380 1.99 3.24 29.94
CA GLN W 380 1.00 4.28 30.19
C GLN W 380 -0.16 4.22 29.21
N ASP W 381 0.12 3.87 27.94
CA ASP W 381 -0.94 3.84 26.95
C ASP W 381 -1.98 2.77 27.28
N ILE W 382 -1.53 1.55 27.56
CA ILE W 382 -2.48 0.48 27.89
C ILE W 382 -3.12 0.74 29.24
N ILE W 383 -2.42 1.43 30.16
CA ILE W 383 -3.04 1.80 31.42
C ILE W 383 -4.19 2.76 31.19
N ALA W 384 -4.00 3.75 30.32
CA ALA W 384 -5.04 4.73 30.05
C ALA W 384 -6.21 4.11 29.31
N ILE W 385 -5.94 3.33 28.27
CA ILE W 385 -7.03 2.79 27.46
C ILE W 385 -7.79 1.70 28.23
N LEU W 386 -7.06 0.80 28.89
CA LEU W 386 -7.69 -0.33 29.56
C LEU W 386 -7.99 -0.03 31.03
N GLY W 387 -6.95 0.27 31.81
CA GLY W 387 -7.13 0.52 33.23
C GLY W 387 -6.04 -0.05 34.10
N MET W 388 -6.42 -0.89 35.06
CA MET W 388 -5.49 -1.44 36.03
C MET W 388 -5.40 -2.96 36.02
N ASP W 389 -6.41 -3.65 35.51
CA ASP W 389 -6.45 -5.11 35.59
C ASP W 389 -5.52 -5.77 34.59
N GLU W 390 -5.28 -5.14 33.44
CA GLU W 390 -4.52 -5.78 32.38
C GLU W 390 -3.08 -6.07 32.79
N LEU W 391 -2.52 -5.28 33.70
CA LEU W 391 -1.16 -5.51 34.16
C LEU W 391 -1.10 -6.69 35.11
N SER W 392 -0.15 -7.58 34.88
CA SER W 392 0.05 -8.72 35.76
C SER W 392 0.80 -8.28 37.01
N GLU W 393 1.19 -9.25 37.84
CA GLU W 393 1.72 -8.95 39.17
C GLU W 393 2.99 -8.11 39.09
N GLN W 394 3.98 -8.55 38.32
CA GLN W 394 5.23 -7.80 38.24
C GLN W 394 5.01 -6.46 37.55
N ASP W 395 4.19 -6.42 36.50
CA ASP W 395 3.95 -5.16 35.81
C ASP W 395 3.18 -4.18 36.68
N LYS W 396 2.16 -4.65 37.40
CA LYS W 396 1.41 -3.74 38.27
C LYS W 396 2.28 -3.25 39.43
N LEU W 397 3.13 -4.12 39.99
CA LEU W 397 4.04 -3.70 41.03
C LEU W 397 5.02 -2.65 40.51
N THR W 398 5.57 -2.86 39.32
CA THR W 398 6.48 -1.90 38.73
C THR W 398 5.78 -0.57 38.46
N VAL W 399 4.53 -0.63 37.98
CA VAL W 399 3.81 0.59 37.66
C VAL W 399 3.52 1.40 38.92
N GLU W 400 3.05 0.73 39.98
CA GLU W 400 2.76 1.47 41.22
C GLU W 400 4.04 2.00 41.85
N ARG W 401 5.13 1.24 41.80
CA ARG W 401 6.40 1.74 42.31
C ARG W 401 6.89 2.93 41.51
N ALA W 402 6.69 2.89 40.19
CA ALA W 402 7.09 4.01 39.35
C ALA W 402 6.26 5.25 39.63
N ARG W 403 4.95 5.07 39.89
CA ARG W 403 4.12 6.19 40.30
C ARG W 403 4.62 6.80 41.60
N LYS W 404 4.94 5.93 42.57
CA LYS W 404 5.47 6.42 43.84
C LYS W 404 6.78 7.17 43.65
N ILE W 405 7.67 6.64 42.80
CA ILE W 405 8.95 7.29 42.56
C ILE W 405 8.76 8.62 41.86
N GLN W 406 7.86 8.68 40.87
CA GLN W 406 7.60 9.92 40.17
C GLN W 406 7.05 10.99 41.11
N ARG W 407 6.14 10.61 42.00
CA ARG W 407 5.67 11.55 43.01
C ARG W 407 6.81 11.97 43.93
N PHE W 408 7.67 11.01 44.30
CA PHE W 408 8.78 11.29 45.22
C PHE W 408 9.81 12.22 44.60
N LEU W 409 9.90 12.26 43.27
CA LEU W 409 10.92 13.08 42.61
C LEU W 409 10.73 14.56 42.90
N SER W 410 9.49 14.99 43.12
CA SER W 410 9.24 16.38 43.47
C SER W 410 9.85 16.71 44.83
N GLN W 411 10.48 17.88 44.93
CA GLN W 411 11.13 18.30 46.15
C GLN W 411 10.75 19.75 46.45
N PRO W 412 10.42 20.07 47.70
CA PRO W 412 10.14 21.47 48.05
C PRO W 412 11.35 22.35 47.82
N PHE W 413 11.10 23.57 47.36
CA PHE W 413 12.14 24.54 47.05
C PHE W 413 12.10 25.68 48.06
N ALA W 414 13.26 25.98 48.66
CA ALA W 414 13.33 27.07 49.63
C ALA W 414 13.01 28.41 48.98
N VAL W 415 13.48 28.62 47.74
CA VAL W 415 13.19 29.85 47.03
C VAL W 415 11.72 29.94 46.66
N ALA W 416 10.99 28.83 46.66
CA ALA W 416 9.57 28.80 46.34
C ALA W 416 8.69 28.95 47.57
N GLU W 417 9.28 29.20 48.74
CA GLU W 417 8.48 29.38 49.95
C GLU W 417 7.61 30.62 49.86
N VAL W 418 8.13 31.70 49.28
CA VAL W 418 7.39 32.95 49.20
C VAL W 418 6.21 32.88 48.24
N PHE W 419 6.13 31.84 47.41
CA PHE W 419 5.04 31.70 46.45
C PHE W 419 4.12 30.53 46.81
N THR W 420 4.67 29.31 46.93
CA THR W 420 3.84 28.16 47.24
C THR W 420 3.47 28.11 48.72
N GLY W 421 4.39 28.53 49.60
CA GLY W 421 4.18 28.47 51.02
C GLY W 421 4.71 27.22 51.70
N ILE W 422 5.05 26.20 50.93
CA ILE W 422 5.61 24.96 51.50
C ILE W 422 7.08 25.18 51.80
N PRO W 423 7.55 24.93 53.02
CA PRO W 423 8.97 25.09 53.31
C PRO W 423 9.83 24.16 52.46
N GLY W 424 10.99 24.68 52.02
CA GLY W 424 11.85 23.91 51.14
C GLY W 424 12.65 22.85 51.87
N LYS W 425 13.27 21.99 51.07
CA LYS W 425 14.08 20.88 51.59
C LYS W 425 15.43 20.87 50.90
N LEU W 426 16.44 20.40 51.64
CA LEU W 426 17.81 20.31 51.14
C LEU W 426 18.29 18.87 51.19
N VAL W 427 17.48 17.95 50.67
CA VAL W 427 17.80 16.53 50.72
C VAL W 427 19.19 16.28 50.16
N ARG W 428 20.04 15.63 50.96
CA ARG W 428 21.43 15.40 50.58
C ARG W 428 21.53 14.24 49.59
N LEU W 429 22.73 14.09 49.03
CA LEU W 429 22.97 13.01 48.08
C LEU W 429 22.79 11.65 48.75
N LYS W 430 23.39 11.46 49.92
CA LYS W 430 23.26 10.19 50.63
C LYS W 430 21.81 9.94 51.03
N ASP W 431 21.12 10.97 51.52
CA ASP W 431 19.72 10.81 51.87
C ASP W 431 18.89 10.42 50.64
N THR W 432 19.15 11.07 49.50
CA THR W 432 18.39 10.77 48.29
C THR W 432 18.63 9.34 47.83
N VAL W 433 19.89 8.91 47.79
CA VAL W 433 20.18 7.56 47.29
C VAL W 433 19.61 6.52 48.24
N ALA W 434 19.73 6.74 49.55
CA ALA W 434 19.16 5.79 50.51
C ALA W 434 17.64 5.73 50.38
N SER W 435 17.00 6.89 50.22
CA SER W 435 15.54 6.94 50.10
C SER W 435 15.07 6.19 48.87
N PHE W 436 15.73 6.43 47.73
CA PHE W 436 15.30 5.76 46.50
C PHE W 436 15.61 4.28 46.52
N LYS W 437 16.74 3.88 47.13
CA LYS W 437 17.03 2.46 47.28
C LYS W 437 15.99 1.77 48.14
N ALA W 438 15.59 2.42 49.24
CA ALA W 438 14.56 1.84 50.11
C ALA W 438 13.22 1.76 49.39
N VAL W 439 12.87 2.79 48.62
CA VAL W 439 11.60 2.77 47.87
C VAL W 439 11.60 1.64 46.86
N LEU W 440 12.71 1.48 46.12
CA LEU W 440 12.80 0.40 45.15
C LEU W 440 12.74 -0.97 45.81
N GLU W 441 13.34 -1.10 46.99
CA GLU W 441 13.38 -2.38 47.70
C GLU W 441 12.00 -2.81 48.20
N GLY W 442 11.00 -1.92 48.18
CA GLY W 442 9.68 -2.28 48.64
C GLY W 442 9.44 -2.08 50.12
N LYS W 443 10.40 -1.50 50.84
CA LYS W 443 10.22 -1.28 52.28
C LYS W 443 9.11 -0.29 52.58
N TYR W 444 8.80 0.60 51.64
CA TYR W 444 7.75 1.62 51.83
C TYR W 444 6.70 1.48 50.74
N ASP W 445 6.34 0.24 50.39
CA ASP W 445 5.34 0.01 49.37
C ASP W 445 3.92 0.27 49.85
N ASN W 446 3.66 0.12 51.15
CA ASN W 446 2.32 0.31 51.68
C ASN W 446 1.91 1.78 51.78
N ILE W 447 2.88 2.68 51.83
CA ILE W 447 2.57 4.11 51.96
C ILE W 447 1.86 4.61 50.70
N PRO W 448 0.80 5.40 50.82
CA PRO W 448 0.08 5.86 49.64
C PRO W 448 0.93 6.78 48.77
N GLU W 449 0.55 6.87 47.50
CA GLU W 449 1.32 7.64 46.53
C GLU W 449 1.35 9.13 46.88
N HIS W 450 0.23 9.68 47.33
CA HIS W 450 0.16 11.11 47.61
C HIS W 450 1.11 11.52 48.72
N ALA W 451 1.53 10.58 49.58
CA ALA W 451 2.50 10.89 50.61
C ALA W 451 3.90 11.13 50.05
N PHE W 452 4.13 10.88 48.77
CA PHE W 452 5.40 11.17 48.11
C PHE W 452 5.38 12.49 47.37
N TYR W 453 4.20 13.09 47.15
CA TYR W 453 4.10 14.30 46.34
C TYR W 453 4.49 15.51 47.17
N MET W 454 5.42 16.31 46.65
CA MET W 454 5.89 17.55 47.28
C MET W 454 6.54 17.26 48.62
N VAL W 455 7.47 16.29 48.61
CA VAL W 455 8.08 15.75 49.82
C VAL W 455 9.59 15.76 49.67
N GLY W 456 10.28 15.83 50.81
CA GLY W 456 11.73 15.82 50.84
C GLY W 456 12.30 14.43 51.00
N GLY W 457 12.92 14.15 52.15
CA GLY W 457 13.53 12.85 52.39
C GLY W 457 12.51 11.77 52.70
N ILE W 458 13.04 10.54 52.82
CA ILE W 458 12.17 9.39 53.09
C ILE W 458 11.56 9.50 54.48
N GLU W 459 12.29 10.08 55.44
CA GLU W 459 11.72 10.33 56.75
C GLU W 459 10.55 11.30 56.65
N ASP W 460 10.67 12.31 55.79
CA ASP W 460 9.57 13.23 55.56
C ASP W 460 8.42 12.52 54.85
N VAL W 461 8.74 11.53 54.01
CA VAL W 461 7.69 10.70 53.41
C VAL W 461 6.91 9.98 54.50
N VAL W 462 7.62 9.37 55.45
CA VAL W 462 6.95 8.67 56.54
C VAL W 462 6.11 9.64 57.37
N ALA W 463 6.66 10.82 57.65
CA ALA W 463 5.93 11.81 58.43
C ALA W 463 4.65 12.22 57.73
N LYS W 464 4.72 12.45 56.40
CA LYS W 464 3.51 12.76 55.65
C LYS W 464 2.54 11.58 55.64
N ALA W 465 3.07 10.35 55.66
CA ALA W 465 2.20 9.18 55.74
C ALA W 465 1.41 9.18 57.05
N GLU W 466 2.09 9.44 58.17
CA GLU W 466 1.38 9.52 59.44
C GLU W 466 0.41 10.70 59.46
N LYS W 467 0.78 11.81 58.83
CA LYS W 467 -0.11 12.97 58.75
C LYS W 467 -1.39 12.61 58.00
N LEU W 468 -1.25 11.92 56.87
CA LEU W 468 -2.42 11.48 56.10
C LEU W 468 -3.25 10.47 56.88
N ALA W 469 -2.60 9.54 57.58
CA ALA W 469 -3.34 8.58 58.39
C ALA W 469 -4.12 9.27 59.51
N ALA W 470 -3.50 10.26 60.15
CA ALA W 470 -4.17 10.98 61.23
C ALA W 470 -5.34 11.79 60.71
N GLU W 471 -5.18 12.47 59.58
CA GLU W 471 -6.28 13.28 59.05
C GLU W 471 -7.41 12.40 58.53
N ALA W 472 -7.08 11.24 57.96
CA ALA W 472 -8.12 10.34 57.46
C ALA W 472 -8.93 9.74 58.60
N ASN W 473 -8.27 9.35 59.68
CA ASN W 473 -8.95 8.75 60.82
C ASN W 473 -8.51 9.39 62.13
N SER X 1 74.06 23.97 -22.47
CA SER X 1 73.53 25.22 -23.00
C SER X 1 73.46 26.29 -21.90
N THR X 2 72.56 27.25 -22.08
CA THR X 2 72.39 28.32 -21.11
C THR X 2 71.26 27.95 -20.16
N PRO X 3 71.54 27.71 -18.87
CA PRO X 3 70.45 27.37 -17.95
C PRO X 3 69.50 28.54 -17.75
N ILE X 4 68.23 28.22 -17.54
CA ILE X 4 67.19 29.22 -17.28
C ILE X 4 66.94 29.21 -15.78
N THR X 5 67.49 30.21 -15.09
CA THR X 5 67.43 30.29 -13.64
C THR X 5 66.25 31.16 -13.23
N GLY X 6 65.41 30.62 -12.35
CA GLY X 6 64.27 31.36 -11.82
C GLY X 6 64.39 31.49 -10.31
N LYS X 7 63.73 32.51 -9.77
CA LYS X 7 63.75 32.80 -8.34
C LYS X 7 62.36 32.59 -7.76
N VAL X 8 62.29 31.82 -6.68
CA VAL X 8 61.01 31.60 -6.00
C VAL X 8 60.60 32.88 -5.29
N THR X 9 59.36 33.31 -5.54
CA THR X 9 58.82 34.50 -4.91
C THR X 9 57.67 34.22 -3.96
N ALA X 10 56.89 33.17 -4.19
CA ALA X 10 55.78 32.83 -3.33
C ALA X 10 55.63 31.31 -3.28
N VAL X 11 55.35 30.80 -2.08
CA VAL X 11 55.10 29.37 -1.87
C VAL X 11 53.76 29.27 -1.16
N ILE X 12 52.70 29.02 -1.92
CA ILE X 12 51.34 29.01 -1.38
C ILE X 12 50.93 27.53 -1.35
N GLY X 13 51.09 26.90 -0.19
CA GLY X 13 50.78 25.50 -0.03
C GLY X 13 51.53 24.63 -1.02
N ALA X 14 50.81 24.04 -1.98
CA ALA X 14 51.42 23.26 -3.04
C ALA X 14 51.74 24.07 -4.28
N ILE X 15 51.50 25.37 -4.26
CA ILE X 15 51.71 26.24 -5.42
C ILE X 15 52.90 27.16 -5.14
N VAL X 16 53.83 27.23 -6.09
CA VAL X 16 55.05 28.02 -5.95
C VAL X 16 55.11 29.02 -7.10
N ASP X 17 55.42 30.27 -6.77
CA ASP X 17 55.58 31.33 -7.77
C ASP X 17 57.06 31.52 -8.07
N VAL X 18 57.39 31.56 -9.36
CA VAL X 18 58.76 31.68 -9.83
C VAL X 18 58.86 32.90 -10.74
N HIS X 19 59.87 33.72 -10.52
CA HIS X 19 60.12 34.92 -11.32
C HIS X 19 61.36 34.71 -12.18
N PHE X 20 61.24 35.03 -13.47
CA PHE X 20 62.32 34.92 -14.43
C PHE X 20 62.69 36.30 -14.97
N GLU X 21 63.67 36.33 -15.87
CA GLU X 21 64.09 37.56 -16.51
C GLU X 21 63.40 37.68 -17.86
N GLN X 22 63.83 38.66 -18.66
CA GLN X 22 63.18 38.95 -19.93
C GLN X 22 63.47 37.85 -20.94
N SER X 23 62.40 37.34 -21.57
CA SER X 23 62.46 36.34 -22.64
C SER X 23 62.97 34.98 -22.18
N GLU X 24 62.80 34.65 -20.90
CA GLU X 24 63.10 33.31 -20.40
C GLU X 24 61.89 32.68 -19.71
N LEU X 25 60.69 33.06 -20.11
CA LEU X 25 59.47 32.57 -19.46
C LEU X 25 59.16 31.15 -19.91
N PRO X 26 59.11 30.17 -19.03
CA PRO X 26 58.61 28.85 -19.41
C PRO X 26 57.12 28.91 -19.72
N ALA X 27 56.70 28.10 -20.69
CA ALA X 27 55.30 28.05 -21.07
C ALA X 27 54.47 27.38 -19.98
N ILE X 28 53.15 27.47 -20.14
CA ILE X 28 52.22 26.76 -19.25
C ILE X 28 52.54 25.28 -19.26
N LEU X 29 52.53 24.66 -18.08
CA LEU X 29 52.72 23.23 -17.82
C LEU X 29 54.17 22.77 -18.08
N ASN X 30 55.13 23.69 -18.22
CA ASN X 30 56.53 23.29 -18.26
C ASN X 30 57.00 22.81 -16.90
N ALA X 31 58.01 21.95 -16.92
CA ALA X 31 58.58 21.37 -15.71
C ALA X 31 59.76 22.21 -15.23
N LEU X 32 59.75 22.57 -13.95
CA LEU X 32 60.80 23.38 -13.34
C LEU X 32 61.42 22.62 -12.17
N GLU X 33 62.75 22.68 -12.07
CA GLU X 33 63.49 21.90 -11.09
C GLU X 33 64.19 22.80 -10.09
N ILE X 34 64.15 22.40 -8.81
CA ILE X 34 64.90 23.04 -7.75
C ILE X 34 65.68 21.98 -6.99
N LYS X 35 66.96 22.25 -6.73
CA LYS X 35 67.86 21.29 -6.08
C LYS X 35 67.66 21.38 -4.57
N THR X 36 66.61 20.71 -4.10
CA THR X 36 66.35 20.62 -2.67
C THR X 36 67.33 19.65 -2.02
N PRO X 37 67.61 19.80 -0.72
CA PRO X 37 68.52 18.86 -0.07
C PRO X 37 68.08 17.40 -0.18
N GLN X 38 66.77 17.13 -0.16
CA GLN X 38 66.28 15.77 -0.25
C GLN X 38 66.30 15.21 -1.66
N GLY X 39 66.64 16.01 -2.66
CA GLY X 39 66.64 15.55 -4.04
C GLY X 39 66.37 16.66 -5.04
N LYS X 40 65.36 16.48 -5.88
CA LYS X 40 64.94 17.51 -6.81
C LYS X 40 63.43 17.67 -6.74
N LEU X 41 62.96 18.92 -6.83
CA LEU X 41 61.55 19.25 -6.79
C LEU X 41 61.10 19.74 -8.15
N VAL X 42 60.03 19.17 -8.67
CA VAL X 42 59.54 19.47 -10.01
C VAL X 42 58.33 20.38 -9.90
N LEU X 43 58.34 21.48 -10.66
CA LEU X 43 57.26 22.46 -10.68
C LEU X 43 56.67 22.52 -12.08
N GLU X 44 55.34 22.42 -12.16
CA GLU X 44 54.62 22.53 -13.42
C GLU X 44 53.98 23.90 -13.52
N VAL X 45 54.29 24.63 -14.59
CA VAL X 45 53.84 26.01 -14.72
C VAL X 45 52.34 26.02 -15.00
N ALA X 46 51.55 26.41 -13.99
CA ALA X 46 50.10 26.43 -14.12
C ALA X 46 49.59 27.70 -14.78
N GLN X 47 50.12 28.87 -14.41
CA GLN X 47 49.69 30.12 -15.00
C GLN X 47 50.89 31.05 -15.14
N HIS X 48 50.79 31.97 -16.09
CA HIS X 48 51.69 33.10 -16.19
C HIS X 48 51.03 34.27 -15.46
N LEU X 49 51.68 34.75 -14.41
CA LEU X 49 51.13 35.84 -13.61
C LEU X 49 51.54 37.22 -14.10
N GLY X 50 52.37 37.30 -15.14
CA GLY X 50 52.84 38.57 -15.65
C GLY X 50 54.08 39.05 -14.91
N GLU X 51 54.69 40.09 -15.49
CA GLU X 51 55.89 40.71 -14.94
C GLU X 51 57.00 39.65 -14.86
N ASN X 52 56.90 38.66 -15.75
CA ASN X 52 57.83 37.52 -15.82
C ASN X 52 57.76 36.68 -14.55
N THR X 53 56.55 36.44 -14.06
CA THR X 53 56.29 35.56 -12.92
C THR X 53 55.31 34.47 -13.34
N VAL X 54 55.62 33.23 -12.96
CA VAL X 54 54.81 32.08 -13.34
C VAL X 54 54.27 31.41 -12.08
N ARG X 55 52.99 31.05 -12.10
CA ARG X 55 52.37 30.32 -11.01
C ARG X 55 52.46 28.83 -11.32
N THR X 56 53.10 28.08 -10.43
CA THR X 56 53.43 26.68 -10.66
C THR X 56 52.82 25.78 -9.60
N ILE X 57 52.64 24.51 -9.96
CA ILE X 57 52.09 23.48 -9.07
C ILE X 57 53.20 22.51 -8.72
N ALA X 58 53.30 22.14 -7.44
CA ALA X 58 54.39 21.29 -6.97
C ALA X 58 54.09 19.82 -7.19
N MET X 59 55.10 19.08 -7.64
CA MET X 59 55.02 17.64 -7.77
C MET X 59 55.32 16.93 -6.45
N ASP X 60 55.91 17.63 -5.48
CA ASP X 60 56.25 17.04 -4.20
C ASP X 60 56.07 18.12 -3.12
N GLY X 61 56.37 17.76 -1.87
CA GLY X 61 56.22 18.66 -0.74
C GLY X 61 57.00 19.96 -0.88
N THR X 62 56.37 21.07 -0.50
CA THR X 62 56.96 22.39 -0.61
C THR X 62 57.70 22.83 0.64
N GLU X 63 57.81 21.97 1.65
CA GLU X 63 58.55 22.33 2.86
C GLU X 63 60.02 22.53 2.53
N GLY X 64 60.63 23.51 3.17
CA GLY X 64 62.02 23.82 2.93
C GLY X 64 62.30 24.70 1.74
N LEU X 65 61.27 25.30 1.14
CA LEU X 65 61.44 26.18 -0.01
C LEU X 65 61.62 27.60 0.48
N VAL X 66 62.79 28.19 0.20
CA VAL X 66 63.10 29.55 0.58
C VAL X 66 62.86 30.46 -0.62
N ARG X 67 62.21 31.59 -0.38
CA ARG X 67 61.97 32.54 -1.45
C ARG X 67 63.30 33.02 -2.04
N GLY X 68 63.38 33.01 -3.36
CA GLY X 68 64.61 33.36 -4.06
C GLY X 68 65.49 32.18 -4.42
N GLU X 69 65.07 30.96 -4.12
CA GLU X 69 65.86 29.79 -4.48
C GLU X 69 65.93 29.64 -5.99
N LYS X 70 67.06 29.16 -6.48
CA LYS X 70 67.26 28.99 -7.92
C LYS X 70 66.32 27.93 -8.48
N VAL X 71 65.71 28.24 -9.63
CA VAL X 71 64.77 27.36 -10.30
C VAL X 71 65.31 27.07 -11.70
N LEU X 72 65.43 25.79 -12.04
CA LEU X 72 65.96 25.39 -13.33
C LEU X 72 64.82 24.93 -14.23
N ASP X 73 64.80 25.44 -15.45
CA ASP X 73 63.79 25.07 -16.43
C ASP X 73 64.28 23.88 -17.24
N THR X 74 63.48 22.80 -17.26
CA THR X 74 63.85 21.61 -18.01
C THR X 74 63.70 21.79 -19.52
N GLY X 75 63.09 22.88 -19.97
CA GLY X 75 62.87 23.11 -21.38
C GLY X 75 61.61 22.49 -21.93
N GLY X 76 60.84 21.78 -21.12
CA GLY X 76 59.61 21.16 -21.56
C GLY X 76 58.80 20.62 -20.41
N PRO X 77 57.66 20.02 -20.72
CA PRO X 77 56.82 19.43 -19.66
C PRO X 77 57.45 18.21 -19.03
N ILE X 78 56.81 17.65 -18.01
CA ILE X 78 57.34 16.48 -17.33
C ILE X 78 57.36 15.30 -18.29
N SER X 79 58.53 14.67 -18.42
CA SER X 79 58.72 13.53 -19.31
C SER X 79 58.84 12.26 -18.48
N VAL X 80 57.98 11.29 -18.77
CA VAL X 80 57.98 10.00 -18.07
C VAL X 80 58.53 8.94 -19.02
N PRO X 81 59.41 8.05 -18.54
CA PRO X 81 59.91 6.98 -19.42
C PRO X 81 58.77 6.12 -19.93
N VAL X 82 58.88 5.70 -21.20
CA VAL X 82 57.85 4.93 -21.87
C VAL X 82 58.50 3.74 -22.57
N GLY X 83 57.68 2.75 -22.90
CA GLY X 83 58.13 1.55 -23.57
C GLY X 83 58.01 0.34 -22.67
N ARG X 84 58.39 -0.81 -23.24
CA ARG X 84 58.32 -2.06 -22.51
C ARG X 84 59.26 -2.11 -21.32
N GLU X 85 60.23 -1.19 -21.25
CA GLU X 85 61.10 -1.12 -20.08
C GLU X 85 60.32 -0.76 -18.82
N THR X 86 59.36 0.16 -18.95
CA THR X 86 58.58 0.57 -17.79
C THR X 86 57.64 -0.53 -17.31
N LEU X 87 57.39 -1.54 -18.13
CA LEU X 87 56.56 -2.66 -17.70
C LEU X 87 57.21 -3.37 -16.52
N GLY X 88 56.42 -3.60 -15.48
CA GLY X 88 56.92 -4.20 -14.26
C GLY X 88 57.60 -3.25 -13.31
N ARG X 89 57.66 -1.96 -13.62
CA ARG X 89 58.28 -0.95 -12.78
C ARG X 89 57.21 -0.10 -12.12
N ILE X 90 57.53 0.43 -10.95
CA ILE X 90 56.64 1.33 -10.22
C ILE X 90 57.19 2.74 -10.34
N ILE X 91 56.37 3.65 -10.85
CA ILE X 91 56.81 5.01 -11.16
C ILE X 91 55.86 6.01 -10.50
N ASN X 92 56.43 7.09 -9.98
CA ASN X 92 55.65 8.16 -9.38
C ASN X 92 55.31 9.20 -10.45
N VAL X 93 54.86 10.38 -10.02
CA VAL X 93 54.44 11.42 -10.95
C VAL X 93 55.62 11.92 -11.77
N ILE X 94 56.77 12.12 -11.12
CA ILE X 94 57.92 12.74 -11.77
C ILE X 94 58.42 11.93 -12.95
N GLY X 95 58.43 10.60 -12.82
CA GLY X 95 58.97 9.72 -13.83
C GLY X 95 60.11 8.85 -13.35
N GLU X 96 60.74 9.21 -12.24
CA GLU X 96 61.77 8.37 -11.67
C GLU X 96 61.16 7.08 -11.12
N PRO X 97 61.85 5.95 -11.24
CA PRO X 97 61.31 4.71 -10.68
C PRO X 97 61.32 4.76 -9.15
N ILE X 98 60.23 4.27 -8.56
CA ILE X 98 60.11 4.15 -7.11
C ILE X 98 60.03 2.69 -6.67
N ASP X 99 60.37 1.76 -7.56
CA ASP X 99 60.39 0.34 -7.24
C ASP X 99 61.76 -0.13 -6.77
N GLU X 100 62.72 0.78 -6.63
CA GLU X 100 64.04 0.46 -6.07
C GLU X 100 64.72 -0.67 -6.85
N ARG X 101 64.46 -0.74 -8.15
CA ARG X 101 65.04 -1.76 -9.02
C ARG X 101 65.97 -1.14 -10.06
N GLY X 102 66.56 0.01 -9.75
CA GLY X 102 67.43 0.70 -10.66
C GLY X 102 66.68 1.63 -11.59
N PRO X 103 67.41 2.50 -12.28
CA PRO X 103 66.76 3.42 -13.22
C PRO X 103 66.16 2.67 -14.40
N ILE X 104 65.11 3.24 -14.97
CA ILE X 104 64.44 2.67 -16.12
C ILE X 104 65.24 3.01 -17.37
N LYS X 105 65.63 2.00 -18.12
CA LYS X 105 66.41 2.19 -19.35
C LYS X 105 65.51 2.38 -20.56
N SER X 106 64.59 3.33 -20.47
CA SER X 106 63.68 3.62 -21.57
C SER X 106 64.38 4.47 -22.63
N LYS X 107 64.11 4.14 -23.89
CA LYS X 107 64.71 4.90 -24.99
C LYS X 107 64.05 6.25 -25.20
N LEU X 108 62.78 6.39 -24.82
CA LEU X 108 62.04 7.63 -25.02
C LEU X 108 61.33 8.02 -23.72
N ARG X 109 61.09 9.32 -23.57
CA ARG X 109 60.36 9.89 -22.43
C ARG X 109 59.33 10.86 -22.99
N LYS X 110 58.14 10.37 -23.28
CA LYS X 110 57.10 11.20 -23.84
C LYS X 110 56.55 12.16 -22.77
N PRO X 111 56.20 13.38 -23.15
CA PRO X 111 55.62 14.32 -22.18
C PRO X 111 54.26 13.84 -21.69
N ILE X 112 53.93 14.20 -20.45
CA ILE X 112 52.64 13.79 -19.89
C ILE X 112 51.49 14.61 -20.46
N HIS X 113 51.77 15.76 -21.06
CA HIS X 113 50.75 16.62 -21.64
C HIS X 113 50.76 16.43 -23.15
N ALA X 114 49.72 15.76 -23.66
CA ALA X 114 49.59 15.50 -25.08
C ALA X 114 48.17 15.85 -25.53
N ASP X 115 48.05 16.24 -26.79
CA ASP X 115 46.74 16.54 -27.34
C ASP X 115 45.97 15.25 -27.63
N PRO X 116 44.65 15.29 -27.54
CA PRO X 116 43.84 14.12 -27.91
C PRO X 116 44.00 13.80 -29.38
N PRO X 117 43.82 12.54 -29.78
CA PRO X 117 44.05 12.15 -31.17
C PRO X 117 42.97 12.64 -32.13
N SER X 118 42.09 13.53 -31.64
CA SER X 118 41.06 14.16 -32.46
C SER X 118 40.08 13.14 -33.01
N PHE X 119 39.82 13.18 -34.31
CA PHE X 119 38.80 12.33 -34.94
C PHE X 119 39.41 11.08 -35.57
N ALA X 120 40.45 10.54 -34.94
CA ALA X 120 41.00 9.24 -35.32
C ALA X 120 40.30 8.10 -34.60
N GLU X 121 39.05 8.30 -34.18
CA GLU X 121 38.31 7.32 -33.41
C GLU X 121 37.74 6.23 -34.33
N GLN X 122 37.24 5.17 -33.69
CA GLN X 122 36.48 4.13 -34.36
C GLN X 122 35.20 3.87 -33.59
N SER X 123 34.14 3.53 -34.32
CA SER X 123 32.89 3.10 -33.70
C SER X 123 32.88 1.58 -33.50
N THR X 124 33.93 1.09 -32.86
CA THR X 124 34.08 -0.34 -32.59
C THR X 124 33.47 -0.73 -31.24
N SER X 125 32.55 0.07 -30.71
CA SER X 125 31.88 -0.25 -29.45
C SER X 125 30.82 -1.33 -29.67
N ALA X 126 31.31 -2.52 -30.06
CA ALA X 126 30.44 -3.65 -30.28
C ALA X 126 31.02 -4.96 -29.77
N GLU X 127 32.17 -4.95 -29.10
CA GLU X 127 32.80 -6.14 -28.55
C GLU X 127 32.57 -6.17 -27.05
N ILE X 128 31.85 -7.18 -26.58
CA ILE X 128 31.56 -7.32 -25.17
C ILE X 128 32.80 -7.80 -24.44
N LEU X 129 33.18 -7.12 -23.37
CA LEU X 129 34.30 -7.53 -22.54
C LEU X 129 33.78 -8.46 -21.46
N GLU X 130 34.06 -9.75 -21.60
CA GLU X 130 33.60 -10.74 -20.62
C GLU X 130 34.47 -10.66 -19.37
N THR X 131 33.91 -10.13 -18.29
CA THR X 131 34.65 -9.93 -17.05
C THR X 131 34.44 -11.04 -16.04
N GLY X 132 33.41 -11.86 -16.21
CA GLY X 132 33.09 -12.91 -15.27
C GLY X 132 32.13 -12.49 -14.16
N ILE X 133 31.94 -11.20 -13.95
CA ILE X 133 30.99 -10.71 -12.97
C ILE X 133 29.60 -10.73 -13.60
N LYS X 134 28.69 -11.51 -13.02
CA LYS X 134 27.43 -11.80 -13.70
C LYS X 134 26.55 -10.56 -13.82
N VAL X 135 26.63 -9.65 -12.85
CA VAL X 135 25.75 -8.47 -12.88
C VAL X 135 26.18 -7.52 -14.00
N VAL X 136 27.48 -7.29 -14.15
CA VAL X 136 27.95 -6.40 -15.21
C VAL X 136 27.94 -7.12 -16.55
N ASP X 137 28.09 -8.45 -16.55
CA ASP X 137 27.97 -9.19 -17.79
C ASP X 137 26.53 -9.25 -18.27
N LEU X 138 25.57 -8.84 -17.45
CA LEU X 138 24.16 -8.85 -17.79
C LEU X 138 23.57 -7.45 -17.88
N LEU X 139 23.79 -6.62 -16.86
CA LEU X 139 23.14 -5.31 -16.82
C LEU X 139 23.93 -4.25 -17.57
N ALA X 140 25.23 -4.15 -17.31
CA ALA X 140 26.08 -3.11 -17.88
C ALA X 140 27.31 -3.75 -18.50
N PRO X 141 27.18 -4.31 -19.70
CA PRO X 141 28.34 -4.95 -20.35
C PRO X 141 29.45 -3.95 -20.59
N TYR X 142 30.69 -4.42 -20.44
CA TYR X 142 31.86 -3.57 -20.61
C TYR X 142 32.41 -3.70 -22.02
N ALA X 143 33.00 -2.61 -22.50
CA ALA X 143 33.54 -2.54 -23.85
C ALA X 143 35.04 -2.78 -23.84
N ARG X 144 35.52 -3.62 -24.76
CA ARG X 144 36.95 -3.88 -24.85
C ARG X 144 37.71 -2.62 -25.23
N GLY X 145 37.15 -1.82 -26.14
CA GLY X 145 37.74 -0.56 -26.54
C GLY X 145 37.09 0.67 -25.94
N GLY X 146 36.20 0.51 -24.96
CA GLY X 146 35.47 1.62 -24.38
C GLY X 146 35.98 2.02 -23.01
N LYS X 147 35.15 2.76 -22.30
CA LYS X 147 35.47 3.28 -20.97
C LYS X 147 34.45 2.74 -19.97
N ILE X 148 34.95 2.23 -18.84
CA ILE X 148 34.13 1.71 -17.76
C ILE X 148 34.27 2.63 -16.56
N GLY X 149 33.14 3.02 -15.97
CA GLY X 149 33.12 3.98 -14.89
C GLY X 149 33.41 3.41 -13.51
N LEU X 150 32.59 2.46 -13.08
CA LEU X 150 32.74 1.81 -11.77
C LEU X 150 32.66 2.87 -10.66
N PHE X 151 31.45 3.40 -10.50
CA PHE X 151 31.20 4.43 -9.49
C PHE X 151 31.08 3.81 -8.10
N GLY X 152 30.95 4.67 -7.10
CA GLY X 152 30.81 4.22 -5.74
C GLY X 152 31.31 5.23 -4.72
N GLY X 153 30.75 5.20 -3.51
CA GLY X 153 31.18 6.09 -2.46
C GLY X 153 32.20 5.44 -1.55
N ALA X 154 32.25 5.93 -0.31
CA ALA X 154 33.10 5.31 0.69
C ALA X 154 32.63 3.89 0.96
N GLY X 155 33.59 2.98 1.14
CA GLY X 155 33.24 1.59 1.33
C GLY X 155 32.75 0.94 0.06
N VAL X 156 31.45 0.64 0.01
CA VAL X 156 30.71 0.07 -1.13
C VAL X 156 31.44 -1.11 -1.77
N GLY X 157 32.73 -0.98 -2.04
CA GLY X 157 33.49 -2.08 -2.61
C GLY X 157 34.08 -1.80 -3.98
N LYS X 158 34.41 -0.54 -4.25
CA LYS X 158 34.94 -0.18 -5.56
C LYS X 158 36.34 -0.76 -5.77
N THR X 159 37.16 -0.76 -4.72
CA THR X 159 38.54 -1.24 -4.87
C THR X 159 38.59 -2.74 -5.14
N VAL X 160 37.81 -3.52 -4.40
CA VAL X 160 37.75 -4.96 -4.65
C VAL X 160 37.16 -5.24 -6.02
N PHE X 161 36.20 -4.43 -6.45
CA PHE X 161 35.63 -4.59 -7.78
C PHE X 161 36.69 -4.41 -8.85
N ILE X 162 37.48 -3.32 -8.78
CA ILE X 162 38.49 -3.14 -9.82
C ILE X 162 39.55 -4.23 -9.72
N GLN X 163 39.96 -4.59 -8.49
CA GLN X 163 40.96 -5.64 -8.34
C GLN X 163 40.48 -6.94 -8.96
N GLU X 164 39.21 -7.28 -8.77
CA GLU X 164 38.63 -8.43 -9.45
C GLU X 164 38.68 -8.26 -10.95
N LEU X 165 38.51 -7.02 -11.42
CA LEU X 165 38.63 -6.77 -12.86
C LEU X 165 40.02 -7.13 -13.37
N ILE X 166 41.09 -6.65 -12.71
CA ILE X 166 42.43 -7.10 -13.13
C ILE X 166 42.55 -8.61 -13.05
N ASN X 167 42.12 -9.20 -11.93
CA ASN X 167 42.33 -10.64 -11.73
C ASN X 167 41.70 -11.45 -12.85
N ASN X 168 40.50 -11.08 -13.29
CA ASN X 168 39.83 -11.83 -14.36
C ASN X 168 40.37 -11.48 -15.75
N ILE X 169 40.76 -10.23 -15.99
CA ILE X 169 41.07 -9.83 -17.36
C ILE X 169 42.56 -9.84 -17.67
N ALA X 170 43.35 -9.12 -16.87
CA ALA X 170 44.75 -8.90 -17.23
C ALA X 170 45.57 -10.17 -17.21
N LYS X 171 45.09 -11.20 -16.49
CA LYS X 171 45.81 -12.47 -16.48
C LYS X 171 45.84 -13.10 -17.86
N ALA X 172 44.73 -13.02 -18.60
CA ALA X 172 44.60 -13.63 -19.91
C ALA X 172 44.22 -12.59 -20.97
N HIS X 173 44.87 -11.44 -20.93
CA HIS X 173 44.63 -10.40 -21.92
C HIS X 173 45.75 -10.37 -22.96
N GLY X 174 45.37 -10.13 -24.21
CA GLY X 174 46.33 -10.00 -25.29
C GLY X 174 46.89 -8.59 -25.39
N GLY X 175 47.75 -8.22 -24.46
CA GLY X 175 48.34 -6.90 -24.45
C GLY X 175 48.86 -6.56 -23.08
N PHE X 176 49.18 -5.29 -22.90
CA PHE X 176 49.70 -4.77 -21.65
C PHE X 176 48.62 -4.03 -20.88
N SER X 177 48.83 -3.87 -19.57
CA SER X 177 47.92 -3.14 -18.72
C SER X 177 48.69 -2.14 -17.88
N VAL X 178 48.06 -1.01 -17.57
CA VAL X 178 48.67 0.06 -16.79
C VAL X 178 47.74 0.39 -15.62
N PHE X 179 48.30 0.38 -14.41
CA PHE X 179 47.58 0.79 -13.22
C PHE X 179 48.19 2.09 -12.70
N THR X 180 47.32 3.08 -12.43
CA THR X 180 47.78 4.40 -12.01
C THR X 180 47.66 4.63 -10.51
N GLY X 181 46.64 4.08 -9.87
CA GLY X 181 46.43 4.28 -8.45
C GLY X 181 46.37 5.74 -8.09
N VAL X 182 45.31 6.43 -8.49
CA VAL X 182 45.27 7.88 -8.39
C VAL X 182 44.66 8.20 -7.03
N GLY X 183 45.49 8.69 -6.10
CA GLY X 183 44.99 9.10 -4.80
C GLY X 183 44.29 8.02 -3.99
N GLU X 184 44.87 6.84 -3.89
CA GLU X 184 44.32 5.72 -3.14
C GLU X 184 45.25 5.37 -1.97
N ARG X 185 44.96 4.24 -1.33
CA ARG X 185 45.77 3.79 -0.20
C ARG X 185 47.07 3.17 -0.70
N THR X 186 48.19 3.61 -0.13
CA THR X 186 49.47 3.04 -0.49
C THR X 186 49.56 1.56 -0.10
N ARG X 187 48.97 1.20 1.04
CA ARG X 187 48.92 -0.22 1.42
C ARG X 187 48.12 -1.02 0.41
N GLU X 188 47.04 -0.42 -0.14
CA GLU X 188 46.28 -1.09 -1.20
C GLU X 188 47.14 -1.32 -2.42
N GLY X 189 47.95 -0.32 -2.81
CA GLY X 189 48.84 -0.49 -3.93
C GLY X 189 49.88 -1.57 -3.70
N ASN X 190 50.46 -1.60 -2.49
CA ASN X 190 51.44 -2.63 -2.17
C ASN X 190 50.81 -4.02 -2.22
N ASP X 191 49.61 -4.17 -1.64
CA ASP X 191 48.94 -5.45 -1.65
C ASP X 191 48.60 -5.89 -3.08
N LEU X 192 48.14 -4.97 -3.91
CA LEU X 192 47.72 -5.33 -5.26
C LEU X 192 48.94 -5.65 -6.14
N TYR X 193 50.04 -4.92 -5.93
CA TYR X 193 51.31 -5.25 -6.59
C TYR X 193 51.79 -6.63 -6.20
N ARG X 194 51.73 -6.95 -4.90
CA ARG X 194 52.10 -8.28 -4.44
C ARG X 194 51.17 -9.34 -5.04
N GLU X 195 49.89 -9.01 -5.19
CA GLU X 195 48.94 -9.95 -5.77
C GLU X 195 49.27 -10.25 -7.22
N MET X 196 49.62 -9.22 -8.00
CA MET X 196 50.05 -9.49 -9.37
C MET X 196 51.34 -10.30 -9.38
N LYS X 197 52.26 -10.00 -8.46
CA LYS X 197 53.51 -10.75 -8.40
C LYS X 197 53.27 -12.22 -8.14
N GLU X 198 52.35 -12.55 -7.22
CA GLU X 198 52.05 -13.94 -6.93
C GLU X 198 51.43 -14.65 -8.12
N THR X 199 50.54 -13.96 -8.84
CA THR X 199 49.89 -14.56 -10.00
C THR X 199 50.78 -14.64 -11.22
N GLY X 200 51.99 -14.06 -11.17
CA GLY X 200 52.85 -14.01 -12.33
C GLY X 200 52.53 -12.91 -13.31
N VAL X 201 51.57 -12.03 -12.98
CA VAL X 201 51.22 -10.93 -13.87
C VAL X 201 52.41 -9.99 -14.05
N ILE X 202 53.07 -9.65 -12.95
CA ILE X 202 54.32 -8.89 -13.00
C ILE X 202 55.42 -9.82 -12.50
N ASN X 203 56.23 -10.32 -13.42
CA ASN X 203 57.36 -11.19 -13.10
C ASN X 203 58.63 -10.35 -13.23
N LEU X 204 59.30 -10.12 -12.09
CA LEU X 204 60.47 -9.26 -12.09
C LEU X 204 61.53 -9.76 -13.05
N GLU X 205 61.84 -11.06 -12.99
CA GLU X 205 62.74 -11.69 -13.95
C GLU X 205 61.94 -12.43 -15.02
N GLY X 206 61.19 -11.67 -15.80
CA GLY X 206 60.34 -12.26 -16.82
C GLY X 206 59.71 -11.23 -17.71
N GLU X 207 58.61 -11.64 -18.35
CA GLU X 207 57.91 -10.77 -19.29
C GLU X 207 57.40 -9.51 -18.59
N SER X 208 56.66 -9.69 -17.50
CA SER X 208 56.16 -8.58 -16.69
C SER X 208 55.34 -7.60 -17.55
N LYS X 209 54.21 -8.12 -18.04
CA LYS X 209 53.40 -7.45 -19.05
C LYS X 209 52.58 -6.28 -18.50
N VAL X 210 52.86 -5.80 -17.29
CA VAL X 210 52.07 -4.74 -16.67
C VAL X 210 52.99 -3.68 -16.11
N ALA X 211 52.70 -2.42 -16.41
CA ALA X 211 53.43 -1.28 -15.85
C ALA X 211 52.60 -0.64 -14.75
N LEU X 212 53.26 -0.26 -13.66
CA LEU X 212 52.60 0.26 -12.48
C LEU X 212 52.99 1.71 -12.25
N VAL X 213 51.99 2.55 -12.00
CA VAL X 213 52.18 3.95 -11.65
C VAL X 213 51.59 4.17 -10.27
N PHE X 214 52.23 5.03 -9.48
CA PHE X 214 51.78 5.29 -8.12
C PHE X 214 52.14 6.74 -7.77
N GLY X 215 52.14 7.06 -6.49
CA GLY X 215 52.03 8.45 -6.09
C GLY X 215 50.69 8.71 -5.41
N GLN X 216 50.32 7.80 -4.52
CA GLN X 216 49.01 7.75 -3.89
C GLN X 216 48.70 9.00 -3.06
N MET X 217 47.50 9.04 -2.48
CA MET X 217 46.97 10.23 -1.84
C MET X 217 47.85 10.79 -0.73
N ASN X 218 48.88 10.06 -0.29
CA ASN X 218 49.86 10.64 0.61
C ASN X 218 50.68 11.75 -0.05
N GLU X 219 50.65 11.83 -1.38
CA GLU X 219 51.37 12.83 -2.13
C GLU X 219 50.60 14.14 -2.19
N PRO X 220 51.28 15.25 -2.46
CA PRO X 220 50.61 16.56 -2.53
C PRO X 220 49.63 16.60 -3.70
N PRO X 221 48.76 17.63 -3.75
CA PRO X 221 47.74 17.67 -4.81
C PRO X 221 48.28 17.62 -6.22
N GLY X 222 49.41 18.28 -6.49
CA GLY X 222 49.95 18.27 -7.85
C GLY X 222 50.25 16.86 -8.32
N ALA X 223 50.82 16.03 -7.44
CA ALA X 223 51.05 14.63 -7.79
C ALA X 223 49.74 13.94 -8.15
N ARG X 224 48.81 13.85 -7.20
CA ARG X 224 47.51 13.22 -7.43
C ARG X 224 46.87 13.71 -8.72
N ALA X 225 47.17 14.95 -9.12
CA ALA X 225 46.64 15.47 -10.37
C ALA X 225 47.36 14.88 -11.59
N ARG X 226 48.70 14.87 -11.56
CA ARG X 226 49.46 14.52 -12.76
C ARG X 226 49.82 13.03 -12.86
N VAL X 227 49.52 12.24 -11.84
CA VAL X 227 49.75 10.80 -11.93
C VAL X 227 48.81 10.16 -12.94
N ALA X 228 47.58 10.66 -13.05
CA ALA X 228 46.70 10.21 -14.12
C ALA X 228 47.31 10.53 -15.47
N LEU X 229 47.91 11.71 -15.61
CA LEU X 229 48.52 12.10 -16.88
C LEU X 229 49.71 11.21 -17.24
N THR X 230 50.55 10.88 -16.27
CA THR X 230 51.72 10.05 -16.59
C THR X 230 51.29 8.62 -16.90
N GLY X 231 50.31 8.09 -16.16
CA GLY X 231 49.76 6.81 -16.53
C GLY X 231 49.16 6.81 -17.93
N LEU X 232 48.51 7.92 -18.29
CA LEU X 232 47.98 8.07 -19.64
C LEU X 232 49.10 8.14 -20.68
N THR X 233 50.23 8.75 -20.33
CA THR X 233 51.36 8.76 -21.24
C THR X 233 51.85 7.34 -21.50
N ILE X 234 51.95 6.54 -20.44
CA ILE X 234 52.34 5.13 -20.59
C ILE X 234 51.34 4.42 -21.49
N ALA X 235 50.06 4.59 -21.22
CA ALA X 235 49.03 3.89 -21.98
C ALA X 235 49.04 4.32 -23.44
N GLU X 236 49.20 5.62 -23.70
CA GLU X 236 49.19 6.11 -25.08
C GLU X 236 50.42 5.63 -25.84
N TYR X 237 51.58 5.60 -25.19
CA TYR X 237 52.76 5.08 -25.87
C TYR X 237 52.59 3.61 -26.21
N PHE X 238 52.03 2.82 -25.29
CA PHE X 238 51.76 1.42 -25.61
C PHE X 238 50.68 1.28 -26.68
N ARG X 239 49.74 2.21 -26.73
CA ARG X 239 48.61 2.11 -27.64
C ARG X 239 49.00 2.48 -29.07
N ASP X 240 49.86 3.48 -29.25
CA ASP X 240 50.19 4.01 -30.57
C ASP X 240 51.50 3.45 -31.10
N GLU X 241 52.60 3.64 -30.37
CA GLU X 241 53.91 3.21 -30.86
C GLU X 241 54.03 1.69 -30.86
N GLU X 242 53.44 1.02 -29.87
CA GLU X 242 53.51 -0.44 -29.80
C GLU X 242 52.34 -1.14 -30.49
N GLY X 243 51.24 -0.44 -30.74
CA GLY X 243 50.10 -1.05 -31.41
C GLY X 243 49.50 -2.21 -30.65
N GLN X 244 49.33 -2.05 -29.34
CA GLN X 244 48.82 -3.11 -28.48
C GLN X 244 47.55 -2.65 -27.78
N ASP X 245 46.66 -3.60 -27.52
CA ASP X 245 45.43 -3.35 -26.77
C ASP X 245 45.80 -3.20 -25.29
N VAL X 246 45.53 -2.04 -24.72
CA VAL X 246 46.01 -1.70 -23.38
C VAL X 246 44.85 -1.72 -22.39
N LEU X 247 45.08 -2.35 -21.24
CA LEU X 247 44.13 -2.33 -20.13
C LEU X 247 44.56 -1.25 -19.13
N LEU X 248 44.02 -0.05 -19.35
CA LEU X 248 44.15 1.00 -18.35
C LEU X 248 43.48 0.58 -17.05
N PHE X 249 43.94 1.18 -15.96
CA PHE X 249 43.35 0.91 -14.65
C PHE X 249 43.58 2.12 -13.76
N ILE X 250 42.53 2.87 -13.48
CA ILE X 250 42.60 4.04 -12.61
C ILE X 250 41.77 3.74 -11.37
N ASP X 251 42.42 3.72 -10.21
CA ASP X 251 41.75 3.29 -8.99
C ASP X 251 40.79 4.34 -8.45
N ASN X 252 41.04 5.63 -8.72
CA ASN X 252 40.10 6.67 -8.34
C ASN X 252 40.32 7.87 -9.25
N ILE X 253 39.53 7.97 -10.32
CA ILE X 253 39.68 9.10 -11.24
C ILE X 253 39.20 10.39 -10.59
N PHE X 254 38.38 10.29 -9.55
CA PHE X 254 37.86 11.47 -8.88
C PHE X 254 38.97 12.26 -8.19
N ARG X 255 40.00 11.56 -7.69
CA ARG X 255 41.06 12.23 -6.95
C ARG X 255 41.77 13.26 -7.80
N PHE X 256 41.80 13.07 -9.12
CA PHE X 256 42.35 14.10 -10.00
C PHE X 256 41.55 15.39 -9.89
N THR X 257 40.22 15.28 -9.92
CA THR X 257 39.39 16.47 -9.77
C THR X 257 39.51 17.07 -8.38
N GLN X 258 39.65 16.22 -7.36
CA GLN X 258 39.84 16.72 -6.00
C GLN X 258 41.14 17.53 -5.90
N ALA X 259 42.22 17.01 -6.50
CA ALA X 259 43.49 17.73 -6.50
C ALA X 259 43.39 19.01 -7.33
N GLY X 260 42.65 18.97 -8.43
CA GLY X 260 42.44 20.18 -9.21
C GLY X 260 41.73 21.26 -8.43
N SER X 261 40.68 20.88 -7.69
CA SER X 261 40.00 21.83 -6.82
C SER X 261 40.95 22.34 -5.74
N GLU X 262 41.78 21.45 -5.18
CA GLU X 262 42.70 21.84 -4.13
C GLU X 262 43.68 22.89 -4.62
N VAL X 263 44.25 22.68 -5.81
CA VAL X 263 45.20 23.66 -6.34
C VAL X 263 44.48 24.93 -6.80
N SER X 264 43.25 24.79 -7.31
CA SER X 264 42.49 25.97 -7.73
C SER X 264 42.17 26.87 -6.56
N ALA X 265 41.92 26.26 -5.39
CA ALA X 265 41.71 27.07 -4.18
C ALA X 265 42.89 27.99 -3.90
N LEU X 266 44.09 27.58 -4.30
CA LEU X 266 45.28 28.39 -4.16
C LEU X 266 45.73 29.05 -5.46
N LEU X 267 45.01 28.83 -6.56
CA LEU X 267 45.36 29.39 -7.85
C LEU X 267 44.71 30.74 -8.10
N GLY X 268 44.02 31.30 -7.11
CA GLY X 268 43.32 32.56 -7.30
C GLY X 268 42.16 32.47 -8.26
N ARG X 269 41.36 31.41 -8.16
CA ARG X 269 40.19 31.21 -9.00
C ARG X 269 38.94 31.18 -8.14
N ILE X 270 37.93 31.95 -8.53
CA ILE X 270 36.66 31.90 -7.80
C ILE X 270 36.07 30.50 -7.92
N PRO X 271 35.66 29.87 -6.81
CA PRO X 271 35.26 28.45 -6.87
C PRO X 271 34.01 28.24 -7.71
N SER X 272 33.89 27.03 -8.25
CA SER X 272 32.72 26.62 -9.00
C SER X 272 31.69 26.02 -8.04
N ALA X 273 30.67 25.38 -8.59
CA ALA X 273 29.62 24.79 -7.77
C ALA X 273 30.21 23.77 -6.81
N VAL X 274 29.76 23.83 -5.55
CA VAL X 274 30.19 22.94 -4.49
C VAL X 274 31.70 23.17 -4.32
N GLY X 275 32.14 24.39 -4.61
CA GLY X 275 33.52 24.78 -4.36
C GLY X 275 34.55 24.04 -5.17
N TYR X 276 34.18 23.53 -6.35
CA TYR X 276 35.13 22.88 -7.23
C TYR X 276 35.86 23.90 -8.08
N GLN X 277 36.85 23.42 -8.83
CA GLN X 277 37.53 24.29 -9.78
C GLN X 277 36.60 24.58 -10.96
N PRO X 278 36.60 25.82 -11.47
CA PRO X 278 35.74 26.12 -12.62
C PRO X 278 36.06 25.30 -13.85
N THR X 279 37.34 24.99 -14.07
CA THR X 279 37.78 24.24 -15.23
C THR X 279 37.60 22.74 -15.08
N LEU X 280 36.84 22.29 -14.06
CA LEU X 280 36.69 20.87 -13.80
C LEU X 280 36.28 20.11 -15.06
N ALA X 281 35.30 20.64 -15.79
CA ALA X 281 34.89 20.01 -17.04
C ALA X 281 36.02 19.99 -18.05
N THR X 282 36.76 21.10 -18.16
CA THR X 282 37.80 21.19 -19.18
C THR X 282 38.94 20.22 -18.91
N ASP X 283 39.49 20.22 -17.68
CA ASP X 283 40.56 19.29 -17.37
C ASP X 283 40.06 17.85 -17.40
N MET X 284 38.82 17.62 -16.97
CA MET X 284 38.29 16.27 -16.98
C MET X 284 38.16 15.74 -18.41
N GLY X 285 37.69 16.58 -19.33
CA GLY X 285 37.62 16.17 -20.72
C GLY X 285 38.99 15.96 -21.33
N LEU X 286 39.94 16.85 -21.02
CA LEU X 286 41.31 16.67 -21.50
C LEU X 286 41.91 15.36 -21.00
N LEU X 287 41.59 15.01 -19.75
CA LEU X 287 42.06 13.74 -19.19
C LEU X 287 41.42 12.56 -19.91
N GLN X 288 40.09 12.59 -20.09
CA GLN X 288 39.39 11.41 -20.58
C GLN X 288 39.61 11.21 -22.07
N GLU X 289 39.83 12.29 -22.83
CA GLU X 289 39.99 12.14 -24.28
C GLU X 289 41.33 11.56 -24.67
N ARG X 290 42.31 11.55 -23.78
CA ARG X 290 43.50 10.77 -24.04
C ARG X 290 43.24 9.27 -23.95
N ILE X 291 42.09 8.88 -23.42
CA ILE X 291 41.69 7.47 -23.33
C ILE X 291 40.71 7.24 -24.48
N THR X 292 41.24 6.89 -25.64
CA THR X 292 40.42 6.66 -26.83
C THR X 292 40.99 5.48 -27.61
N THR X 293 40.13 4.84 -28.40
CA THR X 293 40.53 3.65 -29.14
C THR X 293 41.65 3.96 -30.13
N THR X 294 41.49 5.04 -30.91
CA THR X 294 42.46 5.48 -31.91
C THR X 294 42.61 4.47 -33.04
N LYS X 295 43.09 4.91 -34.20
CA LYS X 295 43.24 4.01 -35.35
C LYS X 295 44.21 2.87 -35.03
N LYS X 296 45.30 3.18 -34.34
CA LYS X 296 46.29 2.18 -33.95
C LYS X 296 46.06 1.81 -32.49
N GLY X 297 45.88 0.51 -32.23
CA GLY X 297 45.69 0.03 -30.88
C GLY X 297 44.29 0.30 -30.36
N SER X 298 44.12 0.03 -29.06
CA SER X 298 42.84 0.26 -28.39
C SER X 298 43.10 0.33 -26.89
N VAL X 299 42.19 1.01 -26.18
CA VAL X 299 42.30 1.20 -24.73
C VAL X 299 40.97 0.79 -24.10
N THR X 300 41.04 0.26 -22.89
CA THR X 300 39.87 -0.19 -22.17
C THR X 300 39.52 0.69 -20.97
N SER X 301 40.39 1.65 -20.62
CA SER X 301 40.11 2.61 -19.56
C SER X 301 39.91 1.96 -18.21
N VAL X 302 38.65 1.60 -17.89
CA VAL X 302 38.26 1.08 -16.58
C VAL X 302 38.61 2.12 -15.52
N GLN X 303 37.62 2.93 -15.15
CA GLN X 303 37.81 3.96 -14.14
C GLN X 303 37.26 3.47 -12.80
N ALA X 304 37.30 4.34 -11.80
CA ALA X 304 36.66 4.07 -10.52
C ALA X 304 36.36 5.43 -9.88
N VAL X 305 35.11 5.85 -9.96
CA VAL X 305 34.71 7.19 -9.53
C VAL X 305 34.25 7.14 -8.08
N TYR X 306 34.83 8.00 -7.25
CA TYR X 306 34.39 8.16 -5.88
C TYR X 306 33.41 9.33 -5.81
N VAL X 307 32.19 9.07 -5.36
CA VAL X 307 31.17 10.11 -5.23
C VAL X 307 31.31 10.70 -3.83
N PRO X 308 31.57 12.01 -3.70
CA PRO X 308 31.68 12.61 -2.36
C PRO X 308 30.36 12.57 -1.62
N ALA X 309 30.43 12.17 -0.34
CA ALA X 309 29.27 12.13 0.54
C ALA X 309 28.14 11.28 -0.04
N ASP X 310 28.50 10.28 -0.85
CA ASP X 310 27.53 9.42 -1.53
C ASP X 310 26.53 10.24 -2.34
N ASP X 311 27.01 11.32 -2.92
CA ASP X 311 26.18 12.22 -3.72
C ASP X 311 26.49 11.96 -5.20
N LEU X 312 25.56 11.32 -5.89
CA LEU X 312 25.75 11.04 -7.31
C LEU X 312 25.61 12.30 -8.15
N THR X 313 25.06 13.36 -7.59
CA THR X 313 24.90 14.64 -8.27
C THR X 313 26.08 15.58 -8.06
N ASP X 314 27.14 15.12 -7.39
CA ASP X 314 28.32 15.94 -7.20
C ASP X 314 28.93 16.32 -8.54
N PRO X 315 29.45 17.53 -8.69
CA PRO X 315 29.89 17.99 -10.03
C PRO X 315 30.90 17.08 -10.71
N ALA X 316 31.87 16.51 -9.98
CA ALA X 316 32.86 15.66 -10.63
C ALA X 316 32.27 14.32 -11.08
N PRO X 317 31.57 13.56 -10.22
CA PRO X 317 30.91 12.34 -10.74
C PRO X 317 29.89 12.63 -11.82
N ALA X 318 29.18 13.76 -11.73
CA ALA X 318 28.24 14.12 -12.79
C ALA X 318 28.97 14.38 -14.11
N THR X 319 30.14 15.03 -14.04
CA THR X 319 30.89 15.34 -15.24
C THR X 319 31.49 14.09 -15.87
N THR X 320 32.01 13.17 -15.05
CA THR X 320 32.65 11.98 -15.60
C THR X 320 31.66 11.02 -16.24
N PHE X 321 30.36 11.15 -15.95
CA PHE X 321 29.38 10.23 -16.52
C PHE X 321 29.35 10.32 -18.03
N ALA X 322 29.51 11.53 -18.58
CA ALA X 322 29.49 11.70 -20.02
C ALA X 322 30.66 10.99 -20.67
N HIS X 323 31.84 11.06 -20.06
CA HIS X 323 33.05 10.47 -20.65
C HIS X 323 33.22 9.01 -20.24
N LEU X 324 32.17 8.23 -20.38
CA LEU X 324 32.21 6.82 -19.98
C LEU X 324 31.20 6.05 -20.81
N ASP X 325 31.68 5.11 -21.63
CA ASP X 325 30.78 4.30 -22.44
C ASP X 325 29.89 3.43 -21.57
N ALA X 326 30.46 2.83 -20.53
CA ALA X 326 29.71 2.04 -19.57
C ALA X 326 30.09 2.50 -18.17
N THR X 327 29.10 2.49 -17.26
CA THR X 327 29.32 2.87 -15.87
C THR X 327 28.82 1.76 -14.96
N THR X 328 29.35 1.72 -13.74
CA THR X 328 29.00 0.71 -12.75
C THR X 328 28.83 1.44 -11.42
N VAL X 329 27.60 1.89 -11.15
CA VAL X 329 27.32 2.67 -9.96
C VAL X 329 27.13 1.73 -8.78
N LEU X 330 27.99 1.88 -7.77
CA LEU X 330 27.89 1.11 -6.54
C LEU X 330 27.18 1.95 -5.49
N SER X 331 26.03 1.47 -5.03
CA SER X 331 25.21 2.21 -4.07
C SER X 331 25.43 1.63 -2.68
N ARG X 332 25.60 2.52 -1.70
CA ARG X 332 25.84 2.07 -0.32
C ARG X 332 24.60 1.39 0.26
N GLY X 333 23.41 1.81 -0.16
CA GLY X 333 22.20 1.19 0.34
C GLY X 333 22.11 -0.29 0.04
N ILE X 334 22.50 -0.68 -1.19
CA ILE X 334 22.58 -2.10 -1.52
C ILE X 334 23.64 -2.78 -0.68
N SER X 335 24.74 -2.08 -0.41
CA SER X 335 25.81 -2.65 0.41
C SER X 335 25.32 -2.94 1.83
N GLU X 336 24.38 -2.16 2.34
CA GLU X 336 23.85 -2.42 3.68
C GLU X 336 23.13 -3.77 3.75
N LEU X 337 22.34 -4.11 2.73
CA LEU X 337 21.63 -5.38 2.77
C LEU X 337 22.53 -6.58 2.48
N GLY X 338 23.74 -6.35 1.98
CA GLY X 338 24.72 -7.40 1.85
C GLY X 338 24.93 -7.95 0.46
N ILE X 339 24.11 -7.56 -0.52
CA ILE X 339 24.32 -8.03 -1.90
C ILE X 339 25.62 -7.44 -2.42
N TYR X 340 26.60 -8.30 -2.64
CA TYR X 340 27.91 -7.81 -3.01
C TYR X 340 28.35 -8.49 -4.31
N PRO X 341 28.84 -7.75 -5.30
CA PRO X 341 29.18 -6.31 -5.28
C PRO X 341 27.97 -5.40 -5.16
N ALA X 342 28.17 -4.20 -4.62
CA ALA X 342 27.09 -3.26 -4.33
C ALA X 342 26.67 -2.43 -5.54
N VAL X 343 26.96 -2.92 -6.74
CA VAL X 343 26.56 -2.20 -7.95
C VAL X 343 25.05 -2.04 -7.99
N ASP X 344 24.60 -0.83 -8.28
CA ASP X 344 23.18 -0.58 -8.48
C ASP X 344 22.76 -1.18 -9.81
N PRO X 345 21.85 -2.15 -9.82
CA PRO X 345 21.47 -2.78 -11.10
C PRO X 345 20.83 -1.82 -12.08
N LEU X 346 20.02 -0.87 -11.61
CA LEU X 346 19.34 0.07 -12.48
C LEU X 346 19.92 1.47 -12.32
N ASP X 347 21.23 1.56 -12.08
CA ASP X 347 21.93 2.83 -12.19
C ASP X 347 23.28 2.65 -12.87
N SER X 348 23.69 1.42 -13.19
CA SER X 348 24.97 1.20 -13.85
C SER X 348 24.93 1.67 -15.29
N LYS X 349 24.05 1.07 -16.11
CA LYS X 349 23.86 1.43 -17.51
C LYS X 349 25.08 1.15 -18.37
N SER X 350 24.85 0.93 -19.67
CA SER X 350 25.94 0.74 -20.62
C SER X 350 25.41 1.01 -22.02
N ARG X 351 26.22 1.70 -22.83
CA ARG X 351 25.85 1.92 -24.21
C ARG X 351 25.77 0.61 -24.99
N LEU X 352 26.43 -0.44 -24.50
CA LEU X 352 26.45 -1.73 -25.17
C LEU X 352 25.14 -2.48 -25.05
N LEU X 353 24.20 -2.01 -24.24
CA LEU X 353 22.91 -2.68 -24.06
C LEU X 353 21.98 -2.33 -25.22
N ASP X 354 22.31 -2.88 -26.39
CA ASP X 354 21.46 -2.77 -27.57
C ASP X 354 21.40 -4.13 -28.25
N ALA X 355 20.24 -4.41 -28.86
CA ALA X 355 20.01 -5.73 -29.45
C ALA X 355 20.98 -6.02 -30.58
N ALA X 356 21.44 -4.97 -31.29
CA ALA X 356 22.37 -5.19 -32.40
C ALA X 356 23.68 -5.80 -31.91
N VAL X 357 24.20 -5.30 -30.79
CA VAL X 357 25.44 -5.82 -30.25
C VAL X 357 25.20 -7.00 -29.32
N VAL X 358 24.15 -6.95 -28.52
CA VAL X 358 23.91 -7.98 -27.51
C VAL X 358 23.37 -9.25 -28.17
N GLY X 359 22.23 -9.16 -28.84
CA GLY X 359 21.67 -10.33 -29.49
C GLY X 359 20.17 -10.52 -29.31
N GLN X 360 19.51 -9.54 -28.67
CA GLN X 360 18.06 -9.46 -28.55
C GLN X 360 17.51 -10.52 -27.59
N GLU X 361 18.36 -11.44 -27.13
CA GLU X 361 17.97 -12.42 -26.12
C GLU X 361 18.51 -12.02 -24.74
N HIS X 362 19.82 -11.87 -24.62
CA HIS X 362 20.41 -11.31 -23.42
C HIS X 362 19.88 -9.90 -23.17
N TYR X 363 19.63 -9.15 -24.25
CA TYR X 363 19.04 -7.82 -24.10
C TYR X 363 17.65 -7.90 -23.47
N ASP X 364 16.82 -8.84 -23.93
CA ASP X 364 15.49 -8.99 -23.36
C ASP X 364 15.56 -9.46 -21.90
N VAL X 365 16.52 -10.35 -21.59
CA VAL X 365 16.68 -10.80 -20.21
C VAL X 365 17.05 -9.64 -19.31
N ALA X 366 18.00 -8.81 -19.76
CA ALA X 366 18.39 -7.64 -18.99
C ALA X 366 17.23 -6.66 -18.84
N SER X 367 16.46 -6.47 -19.90
CA SER X 367 15.31 -5.56 -19.84
C SER X 367 14.28 -6.05 -18.83
N LYS X 368 14.01 -7.36 -18.80
CA LYS X 368 13.04 -7.88 -17.84
C LYS X 368 13.58 -7.83 -16.41
N VAL X 369 14.89 -8.04 -16.25
CA VAL X 369 15.50 -7.88 -14.93
C VAL X 369 15.33 -6.44 -14.44
N GLN X 370 15.59 -5.48 -15.31
CA GLN X 370 15.37 -4.08 -14.97
C GLN X 370 13.90 -3.82 -14.68
N GLU X 371 13.01 -4.47 -15.42
CA GLU X 371 11.57 -4.34 -15.16
C GLU X 371 11.25 -4.74 -13.73
N THR X 372 11.69 -5.95 -13.34
CA THR X 372 11.38 -6.46 -12.02
C THR X 372 11.99 -5.58 -10.93
N LEU X 373 13.24 -5.15 -11.12
CA LEU X 373 13.91 -4.36 -10.10
C LEU X 373 13.29 -2.97 -9.97
N GLN X 374 12.91 -2.35 -11.08
CA GLN X 374 12.25 -1.05 -11.03
C GLN X 374 10.90 -1.14 -10.35
N THR X 375 10.13 -2.20 -10.66
CA THR X 375 8.86 -2.39 -9.97
C THR X 375 9.08 -2.61 -8.48
N TYR X 376 10.10 -3.38 -8.12
CA TYR X 376 10.41 -3.61 -6.72
C TYR X 376 10.72 -2.29 -6.01
N LYS X 377 11.57 -1.47 -6.61
CA LYS X 377 11.92 -0.19 -5.98
C LYS X 377 10.72 0.73 -5.88
N SER X 378 9.86 0.73 -6.91
CA SER X 378 8.65 1.55 -6.86
C SER X 378 7.73 1.10 -5.75
N LEU X 379 7.65 -0.20 -5.50
CA LEU X 379 6.74 -0.73 -4.49
C LEU X 379 7.37 -0.82 -3.10
N GLN X 380 8.66 -0.51 -2.96
CA GLN X 380 9.30 -0.57 -1.64
C GLN X 380 8.56 0.26 -0.60
N ASP X 381 8.05 1.44 -0.98
CA ASP X 381 7.42 2.32 -0.02
C ASP X 381 6.21 1.66 0.62
N ILE X 382 5.29 1.16 -0.20
CA ILE X 382 4.10 0.50 0.33
C ILE X 382 4.42 -0.87 0.90
N ILE X 383 5.52 -1.49 0.47
CA ILE X 383 5.95 -2.74 1.10
C ILE X 383 6.34 -2.50 2.54
N ALA X 384 7.11 -1.43 2.78
CA ALA X 384 7.46 -1.06 4.15
C ALA X 384 6.21 -0.65 4.93
N ILE X 385 5.39 0.23 4.34
CA ILE X 385 4.23 0.75 5.07
C ILE X 385 3.18 -0.35 5.24
N LEU X 386 2.65 -0.86 4.12
CA LEU X 386 1.56 -1.84 4.20
C LEU X 386 2.08 -3.27 4.31
N GLY X 387 2.84 -3.71 3.32
CA GLY X 387 3.37 -5.06 3.28
C GLY X 387 3.05 -5.75 1.97
N MET X 388 3.45 -7.02 1.89
CA MET X 388 3.24 -7.80 0.69
C MET X 388 1.79 -8.22 0.50
N ASP X 389 1.00 -8.26 1.57
CA ASP X 389 -0.37 -8.75 1.47
C ASP X 389 -1.23 -7.84 0.60
N GLU X 390 -1.02 -6.53 0.70
CA GLU X 390 -1.86 -5.58 -0.03
C GLU X 390 -1.71 -5.75 -1.54
N LEU X 391 -0.53 -6.14 -2.01
CA LEU X 391 -0.32 -6.31 -3.45
C LEU X 391 -1.14 -7.47 -3.98
N SER X 392 -1.52 -7.39 -5.25
CA SER X 392 -2.20 -8.49 -5.92
C SER X 392 -1.21 -9.62 -6.18
N GLU X 393 -1.73 -10.71 -6.76
CA GLU X 393 -0.90 -11.88 -6.99
C GLU X 393 0.23 -11.58 -7.97
N GLN X 394 -0.06 -10.79 -9.01
CA GLN X 394 0.98 -10.44 -9.97
C GLN X 394 2.06 -9.58 -9.33
N ASP X 395 1.65 -8.57 -8.55
CA ASP X 395 2.63 -7.72 -7.89
C ASP X 395 3.44 -8.49 -6.85
N LYS X 396 2.78 -9.38 -6.10
CA LYS X 396 3.51 -10.20 -5.13
C LYS X 396 4.53 -11.09 -5.81
N LEU X 397 4.13 -11.74 -6.90
CA LEU X 397 5.07 -12.59 -7.64
C LEU X 397 6.22 -11.77 -8.20
N THR X 398 5.92 -10.57 -8.72
CA THR X 398 6.97 -9.71 -9.24
C THR X 398 7.95 -9.30 -8.16
N VAL X 399 7.45 -8.95 -6.98
CA VAL X 399 8.34 -8.54 -5.88
C VAL X 399 9.21 -9.71 -5.45
N GLU X 400 8.62 -10.91 -5.30
CA GLU X 400 9.41 -12.07 -4.91
C GLU X 400 10.48 -12.38 -5.96
N ARG X 401 10.11 -12.34 -7.24
CA ARG X 401 11.07 -12.62 -8.30
C ARG X 401 12.18 -11.58 -8.30
N ALA X 402 11.83 -10.30 -8.13
CA ALA X 402 12.84 -9.24 -8.11
C ALA X 402 13.78 -9.40 -6.93
N ARG X 403 13.25 -9.80 -5.77
CA ARG X 403 14.12 -10.11 -4.64
C ARG X 403 15.06 -11.25 -4.99
N LYS X 404 14.55 -12.26 -5.68
CA LYS X 404 15.41 -13.38 -6.07
C LYS X 404 16.52 -12.93 -7.01
N ILE X 405 16.19 -12.10 -8.01
CA ILE X 405 17.22 -11.61 -8.93
C ILE X 405 18.23 -10.76 -8.19
N GLN X 406 17.76 -9.88 -7.30
CA GLN X 406 18.68 -9.00 -6.58
C GLN X 406 19.63 -9.80 -5.70
N ARG X 407 19.11 -10.86 -5.05
CA ARG X 407 20.01 -11.76 -4.33
C ARG X 407 20.99 -12.45 -5.28
N PHE X 408 20.50 -12.89 -6.45
CA PHE X 408 21.34 -13.58 -7.41
C PHE X 408 22.45 -12.68 -7.95
N LEU X 409 22.25 -11.36 -7.91
CA LEU X 409 23.27 -10.44 -8.41
C LEU X 409 24.55 -10.54 -7.62
N SER X 410 24.47 -10.95 -6.35
CA SER X 410 25.67 -11.12 -5.55
C SER X 410 26.54 -12.24 -6.13
N GLN X 411 27.84 -11.96 -6.24
CA GLN X 411 28.79 -12.91 -6.81
C GLN X 411 30.08 -12.87 -6.02
N PRO X 412 30.60 -14.01 -5.59
CA PRO X 412 31.87 -14.03 -4.87
C PRO X 412 33.03 -13.69 -5.79
N PHE X 413 33.99 -12.95 -5.25
CA PHE X 413 35.17 -12.52 -5.98
C PHE X 413 36.41 -13.21 -5.41
N ALA X 414 37.31 -13.63 -6.31
CA ALA X 414 38.52 -14.30 -5.87
C ALA X 414 39.41 -13.41 -5.01
N VAL X 415 39.34 -12.09 -5.21
CA VAL X 415 40.11 -11.17 -4.39
C VAL X 415 39.42 -10.80 -3.08
N ALA X 416 38.24 -11.36 -2.82
CA ALA X 416 37.49 -11.06 -1.60
C ALA X 416 37.12 -12.32 -0.83
N GLU X 417 37.92 -13.38 -0.95
CA GLU X 417 37.62 -14.62 -0.23
C GLU X 417 37.77 -14.43 1.28
N VAL X 418 38.72 -13.60 1.70
CA VAL X 418 38.92 -13.33 3.12
C VAL X 418 37.68 -12.64 3.71
N PHE X 419 36.89 -11.97 2.87
CA PHE X 419 35.70 -11.27 3.33
C PHE X 419 34.45 -12.13 3.22
N THR X 420 34.19 -12.69 2.03
CA THR X 420 33.02 -13.55 1.86
C THR X 420 33.18 -14.85 2.64
N GLY X 421 34.38 -15.44 2.63
CA GLY X 421 34.56 -16.77 3.14
C GLY X 421 34.17 -17.86 2.17
N ILE X 422 33.79 -17.51 0.95
CA ILE X 422 33.39 -18.47 -0.07
C ILE X 422 34.33 -18.30 -1.26
N PRO X 423 34.78 -19.38 -1.89
CA PRO X 423 35.65 -19.23 -3.06
C PRO X 423 34.97 -18.45 -4.16
N GLY X 424 35.76 -17.62 -4.86
CA GLY X 424 35.21 -16.78 -5.90
C GLY X 424 34.72 -17.59 -7.09
N LYS X 425 33.72 -17.03 -7.78
CA LYS X 425 33.14 -17.65 -8.96
C LYS X 425 33.25 -16.71 -10.15
N LEU X 426 33.63 -17.26 -11.29
CA LEU X 426 33.74 -16.52 -12.55
C LEU X 426 32.64 -17.05 -13.46
N VAL X 427 31.57 -16.29 -13.62
CA VAL X 427 30.41 -16.71 -14.38
C VAL X 427 30.54 -16.20 -15.80
N ARG X 428 30.43 -17.11 -16.77
CA ARG X 428 30.47 -16.73 -18.17
C ARG X 428 29.19 -15.97 -18.55
N LEU X 429 29.30 -15.16 -19.61
CA LEU X 429 28.16 -14.34 -20.04
C LEU X 429 26.99 -15.22 -20.45
N LYS X 430 27.25 -16.25 -21.26
CA LYS X 430 26.17 -17.13 -21.68
C LYS X 430 25.56 -17.85 -20.48
N ASP X 431 26.40 -18.28 -19.54
CA ASP X 431 25.90 -18.94 -18.35
C ASP X 431 24.97 -18.04 -17.56
N THR X 432 25.37 -16.79 -17.31
CA THR X 432 24.56 -15.91 -16.48
C THR X 432 23.29 -15.48 -17.21
N VAL X 433 23.36 -15.25 -18.53
CA VAL X 433 22.15 -14.85 -19.24
C VAL X 433 21.16 -16.01 -19.28
N ALA X 434 21.65 -17.24 -19.46
CA ALA X 434 20.75 -18.39 -19.41
C ALA X 434 20.15 -18.55 -18.02
N SER X 435 20.97 -18.37 -16.99
CA SER X 435 20.48 -18.52 -15.62
C SER X 435 19.38 -17.51 -15.31
N PHE X 436 19.61 -16.25 -15.70
CA PHE X 436 18.63 -15.22 -15.39
C PHE X 436 17.40 -15.33 -16.28
N LYS X 437 17.55 -15.84 -17.50
CA LYS X 437 16.37 -16.15 -18.32
C LYS X 437 15.53 -17.23 -17.65
N ALA X 438 16.18 -18.29 -17.14
CA ALA X 438 15.45 -19.34 -16.44
C ALA X 438 14.77 -18.81 -15.20
N VAL X 439 15.44 -17.91 -14.47
CA VAL X 439 14.84 -17.31 -13.29
C VAL X 439 13.62 -16.47 -13.67
N LEU X 440 13.71 -15.71 -14.75
CA LEU X 440 12.62 -14.82 -15.15
C LEU X 440 11.37 -15.60 -15.54
N GLU X 441 11.53 -16.79 -16.12
CA GLU X 441 10.35 -17.59 -16.47
C GLU X 441 9.66 -18.19 -15.25
N GLY X 442 10.25 -18.07 -14.06
CA GLY X 442 9.68 -18.65 -12.87
C GLY X 442 10.01 -20.10 -12.63
N LYS X 443 11.01 -20.65 -13.34
CA LYS X 443 11.37 -22.04 -13.16
C LYS X 443 11.95 -22.30 -11.77
N TYR X 444 12.40 -21.27 -11.06
CA TYR X 444 13.02 -21.42 -9.76
C TYR X 444 12.30 -20.56 -8.72
N ASP X 445 10.97 -20.46 -8.84
CA ASP X 445 10.20 -19.68 -7.88
C ASP X 445 10.12 -20.39 -6.53
N ASN X 446 10.02 -21.72 -6.54
CA ASN X 446 9.93 -22.47 -5.30
C ASN X 446 11.24 -22.39 -4.51
N ILE X 447 12.36 -22.21 -5.18
CA ILE X 447 13.65 -22.14 -4.48
C ILE X 447 13.67 -20.90 -3.61
N PRO X 448 14.09 -20.98 -2.35
CA PRO X 448 14.14 -19.80 -1.49
C PRO X 448 15.13 -18.76 -2.02
N GLU X 449 14.84 -17.50 -1.72
CA GLU X 449 15.66 -16.41 -2.22
C GLU X 449 17.08 -16.46 -1.64
N HIS X 450 17.24 -17.07 -0.46
CA HIS X 450 18.57 -17.15 0.14
C HIS X 450 19.51 -18.05 -0.64
N ALA X 451 18.98 -18.96 -1.47
CA ALA X 451 19.84 -19.81 -2.28
C ALA X 451 20.54 -19.04 -3.39
N PHE X 452 20.08 -17.84 -3.72
CA PHE X 452 20.71 -17.00 -4.71
C PHE X 452 21.81 -16.13 -4.12
N TYR X 453 22.09 -16.27 -2.83
CA TYR X 453 23.00 -15.38 -2.10
C TYR X 453 24.41 -15.94 -2.21
N MET X 454 25.34 -15.16 -2.74
CA MET X 454 26.75 -15.55 -2.89
C MET X 454 26.87 -16.86 -3.67
N VAL X 455 26.38 -16.83 -4.91
CA VAL X 455 26.42 -17.99 -5.80
C VAL X 455 26.90 -17.52 -7.17
N GLY X 456 27.16 -18.49 -8.04
CA GLY X 456 27.58 -18.19 -9.40
C GLY X 456 26.48 -18.40 -10.42
N GLY X 457 26.49 -19.56 -11.08
CA GLY X 457 25.47 -19.89 -12.05
C GLY X 457 24.23 -20.46 -11.40
N ILE X 458 23.26 -20.79 -12.26
CA ILE X 458 22.01 -21.36 -11.77
C ILE X 458 22.24 -22.76 -11.19
N GLU X 459 23.25 -23.47 -11.67
CA GLU X 459 23.60 -24.75 -11.08
C GLU X 459 24.05 -24.57 -9.63
N ASP X 460 24.80 -23.51 -9.36
CA ASP X 460 25.18 -23.20 -7.98
C ASP X 460 23.96 -22.83 -7.15
N VAL X 461 22.98 -22.16 -7.76
CA VAL X 461 21.73 -21.85 -7.06
C VAL X 461 21.01 -23.14 -6.66
N VAL X 462 20.92 -24.08 -7.59
CA VAL X 462 20.27 -25.36 -7.31
C VAL X 462 21.03 -26.10 -6.22
N ALA X 463 22.36 -26.11 -6.29
CA ALA X 463 23.16 -26.79 -5.28
C ALA X 463 22.94 -26.19 -3.90
N LYS X 464 22.96 -24.85 -3.81
CA LYS X 464 22.75 -24.20 -2.52
C LYS X 464 21.35 -24.44 -1.99
N ALA X 465 20.35 -24.42 -2.86
CA ALA X 465 18.98 -24.71 -2.43
C ALA X 465 18.88 -26.13 -1.89
N GLU X 466 19.50 -27.09 -2.57
CA GLU X 466 19.48 -28.47 -2.09
C GLU X 466 20.18 -28.59 -0.74
N LYS X 467 21.34 -27.94 -0.60
CA LYS X 467 22.06 -28.01 0.66
C LYS X 467 21.24 -27.41 1.81
N LEU X 468 20.61 -26.26 1.56
CA LEU X 468 19.79 -25.64 2.60
C LEU X 468 18.56 -26.48 2.92
N ALA X 469 17.96 -27.12 1.92
CA ALA X 469 16.75 -27.91 2.15
C ALA X 469 17.04 -29.24 2.83
N ALA X 470 18.21 -29.82 2.61
CA ALA X 470 18.51 -31.16 3.14
C ALA X 470 19.45 -31.11 4.35
N GLU X 471 20.64 -30.52 4.20
CA GLU X 471 21.60 -30.51 5.30
C GLU X 471 21.20 -29.52 6.38
N ALA X 472 20.73 -28.33 5.99
CA ALA X 472 20.35 -27.32 6.97
C ALA X 472 18.96 -27.55 7.53
N ASN X 473 18.07 -28.16 6.75
CA ASN X 473 16.69 -28.38 7.19
C ASN X 473 16.34 -29.87 7.19
N THR Y 2 26.15 72.71 -27.01
CA THR Y 2 27.16 71.67 -27.18
C THR Y 2 26.73 70.38 -26.51
N PRO Y 3 26.60 69.30 -27.28
CA PRO Y 3 26.23 68.01 -26.70
C PRO Y 3 27.29 67.49 -25.75
N ILE Y 4 26.84 66.75 -24.74
CA ILE Y 4 27.75 66.15 -23.76
C ILE Y 4 28.29 64.87 -24.36
N THR Y 5 29.61 64.78 -24.49
CA THR Y 5 30.27 63.66 -25.15
C THR Y 5 31.07 62.84 -24.15
N GLY Y 6 31.05 61.51 -24.35
CA GLY Y 6 31.83 60.62 -23.51
C GLY Y 6 32.49 59.55 -24.35
N LYS Y 7 33.42 58.83 -23.72
CA LYS Y 7 34.17 57.78 -24.39
C LYS Y 7 34.01 56.47 -23.62
N VAL Y 8 33.86 55.37 -24.36
CA VAL Y 8 33.74 54.06 -23.74
C VAL Y 8 35.07 53.66 -23.13
N THR Y 9 35.04 53.28 -21.85
CA THR Y 9 36.23 52.86 -21.13
C THR Y 9 36.30 51.35 -20.95
N ALA Y 10 35.17 50.72 -20.66
CA ALA Y 10 35.13 49.27 -20.48
C ALA Y 10 33.80 48.73 -20.96
N VAL Y 11 33.84 47.55 -21.57
CA VAL Y 11 32.65 46.84 -22.03
C VAL Y 11 32.70 45.47 -21.37
N ILE Y 12 32.02 45.33 -20.24
CA ILE Y 12 32.05 44.11 -19.44
C ILE Y 12 30.71 43.41 -19.64
N GLY Y 13 30.67 42.46 -20.58
CA GLY Y 13 29.42 41.78 -20.84
C GLY Y 13 28.34 42.74 -21.31
N ALA Y 14 27.25 42.80 -20.56
CA ALA Y 14 26.11 43.62 -20.93
C ALA Y 14 26.21 45.06 -20.41
N ILE Y 15 27.18 45.38 -19.56
CA ILE Y 15 27.34 46.73 -19.05
C ILE Y 15 28.55 47.37 -19.72
N VAL Y 16 28.47 48.67 -19.97
CA VAL Y 16 29.53 49.43 -20.61
C VAL Y 16 29.92 50.58 -19.70
N ASP Y 17 31.22 50.73 -19.44
CA ASP Y 17 31.74 51.82 -18.63
C ASP Y 17 32.12 52.99 -19.54
N VAL Y 18 31.59 54.17 -19.24
CA VAL Y 18 31.80 55.36 -20.05
C VAL Y 18 32.45 56.43 -19.19
N HIS Y 19 33.49 57.06 -19.72
CA HIS Y 19 34.18 58.16 -19.07
C HIS Y 19 33.88 59.45 -19.81
N PHE Y 20 33.51 60.49 -19.07
CA PHE Y 20 33.25 61.81 -19.63
C PHE Y 20 34.36 62.76 -19.21
N GLU Y 21 34.92 63.47 -20.19
CA GLU Y 21 36.02 64.39 -19.95
C GLU Y 21 35.56 65.75 -19.45
N GLN Y 22 34.33 65.85 -18.96
CA GLN Y 22 33.80 67.10 -18.42
C GLN Y 22 33.17 66.82 -17.06
N SER Y 23 33.16 67.86 -16.21
CA SER Y 23 32.60 67.71 -14.88
C SER Y 23 31.09 67.51 -14.88
N GLU Y 24 30.42 67.85 -15.98
CA GLU Y 24 28.96 67.70 -16.08
C GLU Y 24 28.63 66.27 -16.46
N LEU Y 25 28.82 65.37 -15.50
CA LEU Y 25 28.50 63.97 -15.72
C LEU Y 25 26.99 63.78 -15.86
N PRO Y 26 26.56 62.88 -16.74
CA PRO Y 26 25.12 62.59 -16.83
C PRO Y 26 24.61 61.96 -15.54
N ALA Y 27 23.37 62.29 -15.19
CA ALA Y 27 22.78 61.77 -13.97
C ALA Y 27 22.46 60.28 -14.12
N ILE Y 28 22.20 59.64 -12.99
CA ILE Y 28 21.79 58.24 -13.01
C ILE Y 28 20.48 58.11 -13.78
N LEU Y 29 20.32 56.98 -14.47
CA LEU Y 29 19.17 56.59 -15.29
C LEU Y 29 19.08 57.40 -16.57
N ASN Y 30 20.07 58.24 -16.88
CA ASN Y 30 20.06 58.98 -18.13
C ASN Y 30 20.39 58.05 -19.31
N ALA Y 31 19.94 58.44 -20.49
CA ALA Y 31 20.15 57.65 -21.69
C ALA Y 31 21.40 58.13 -22.42
N LEU Y 32 22.31 57.21 -22.70
CA LEU Y 32 23.54 57.49 -23.43
C LEU Y 32 23.47 56.87 -24.82
N GLU Y 33 23.86 57.64 -25.83
CA GLU Y 33 23.73 57.23 -27.22
C GLU Y 33 25.11 56.93 -27.80
N ILE Y 34 25.22 55.77 -28.46
CA ILE Y 34 26.44 55.37 -29.14
C ILE Y 34 26.09 55.03 -30.58
N LYS Y 35 26.79 55.65 -31.52
CA LYS Y 35 26.56 55.40 -32.95
C LYS Y 35 27.25 54.10 -33.34
N THR Y 36 26.48 53.16 -33.88
CA THR Y 36 26.99 51.87 -34.29
C THR Y 36 26.56 51.56 -35.72
N PRO Y 37 27.35 50.80 -36.47
CA PRO Y 37 26.94 50.45 -37.84
C PRO Y 37 25.63 49.68 -37.92
N GLN Y 38 25.33 48.84 -36.92
CA GLN Y 38 24.09 48.07 -36.96
C GLN Y 38 22.85 48.91 -36.67
N GLY Y 39 23.01 50.15 -36.25
CA GLY Y 39 21.88 50.98 -35.89
C GLY Y 39 22.21 52.03 -34.85
N LYS Y 40 21.46 52.05 -33.76
CA LYS Y 40 21.73 52.96 -32.66
C LYS Y 40 21.68 52.20 -31.35
N LEU Y 41 22.71 52.41 -30.52
CA LEU Y 41 22.83 51.75 -29.22
C LEU Y 41 22.56 52.77 -28.13
N VAL Y 42 21.73 52.39 -27.16
CA VAL Y 42 21.35 53.25 -26.05
C VAL Y 42 21.92 52.66 -24.77
N LEU Y 43 22.51 53.50 -23.93
CA LEU Y 43 23.07 53.09 -22.65
C LEU Y 43 22.38 53.87 -21.54
N GLU Y 44 21.96 53.17 -20.50
CA GLU Y 44 21.32 53.79 -19.35
C GLU Y 44 22.30 53.81 -18.18
N VAL Y 45 22.56 55.00 -17.65
CA VAL Y 45 23.51 55.16 -16.56
C VAL Y 45 22.94 54.53 -15.29
N ALA Y 46 23.72 53.67 -14.65
CA ALA Y 46 23.30 53.01 -13.43
C ALA Y 46 24.17 53.35 -12.23
N GLN Y 47 25.43 53.68 -12.42
CA GLN Y 47 26.33 53.98 -11.32
C GLN Y 47 27.35 55.02 -11.77
N HIS Y 48 27.83 55.80 -10.82
CA HIS Y 48 28.96 56.71 -11.04
C HIS Y 48 30.16 56.08 -10.36
N LEU Y 49 31.00 55.42 -11.16
CA LEU Y 49 32.12 54.67 -10.59
C LEU Y 49 33.11 55.59 -9.88
N GLY Y 50 33.43 56.72 -10.48
CA GLY Y 50 34.40 57.65 -9.93
C GLY Y 50 35.37 58.10 -11.01
N GLU Y 51 36.04 59.22 -10.74
CA GLU Y 51 36.99 59.82 -11.68
C GLU Y 51 36.32 60.07 -13.03
N ASN Y 52 35.14 60.68 -12.98
CA ASN Y 52 34.37 61.07 -14.16
C ASN Y 52 34.04 59.86 -15.04
N THR Y 53 33.81 58.70 -14.42
CA THR Y 53 33.43 57.49 -15.11
C THR Y 53 32.08 57.03 -14.59
N VAL Y 54 31.17 56.69 -15.51
CA VAL Y 54 29.82 56.25 -15.18
C VAL Y 54 29.64 54.82 -15.67
N ARG Y 55 29.04 53.97 -14.84
CA ARG Y 55 28.74 52.60 -15.21
C ARG Y 55 27.33 52.54 -15.75
N THR Y 56 27.19 52.05 -16.99
CA THR Y 56 25.92 52.06 -17.70
C THR Y 56 25.55 50.64 -18.13
N ILE Y 57 24.25 50.43 -18.33
CA ILE Y 57 23.71 49.16 -18.80
C ILE Y 57 23.25 49.33 -20.23
N ALA Y 58 23.71 48.44 -21.12
CA ALA Y 58 23.40 48.58 -22.53
C ALA Y 58 21.95 48.15 -22.81
N MET Y 59 21.24 48.98 -23.57
CA MET Y 59 19.88 48.66 -23.98
C MET Y 59 19.82 47.59 -25.06
N ASP Y 60 20.79 47.57 -25.98
CA ASP Y 60 20.87 46.56 -27.01
C ASP Y 60 22.15 45.75 -26.79
N GLY Y 61 22.45 44.86 -27.73
CA GLY Y 61 23.64 44.04 -27.61
C GLY Y 61 24.89 44.89 -27.72
N THR Y 62 25.94 44.45 -27.02
CA THR Y 62 27.23 45.12 -27.04
C THR Y 62 28.12 44.64 -28.19
N GLU Y 63 27.53 44.13 -29.26
CA GLU Y 63 28.29 43.65 -30.41
C GLU Y 63 29.15 44.77 -31.00
N GLY Y 64 30.44 44.46 -31.17
CA GLY Y 64 31.34 45.33 -31.90
C GLY Y 64 31.71 46.63 -31.21
N LEU Y 65 31.60 46.70 -29.88
CA LEU Y 65 31.96 47.92 -29.16
C LEU Y 65 33.47 47.94 -28.89
N VAL Y 66 34.08 49.10 -29.08
CA VAL Y 66 35.50 49.29 -28.83
C VAL Y 66 35.67 50.30 -27.70
N ARG Y 67 36.84 50.26 -27.06
CA ARG Y 67 37.16 51.19 -25.99
C ARG Y 67 37.54 52.54 -26.60
N GLY Y 68 36.62 53.49 -26.54
CA GLY Y 68 36.86 54.78 -27.12
C GLY Y 68 35.73 55.24 -28.02
N GLU Y 69 34.65 54.46 -28.05
CA GLU Y 69 33.49 54.83 -28.85
C GLU Y 69 32.90 56.15 -28.36
N LYS Y 70 32.48 56.98 -29.29
CA LYS Y 70 31.85 58.24 -28.94
C LYS Y 70 30.49 57.97 -28.30
N VAL Y 71 30.26 58.54 -27.14
CA VAL Y 71 29.01 58.36 -26.40
C VAL Y 71 28.34 59.72 -26.25
N LEU Y 72 27.08 59.79 -26.66
CA LEU Y 72 26.30 61.02 -26.61
C LEU Y 72 25.25 60.91 -25.50
N ASP Y 73 25.18 61.94 -24.65
CA ASP Y 73 24.21 61.97 -23.57
C ASP Y 73 22.97 62.70 -24.03
N THR Y 74 21.81 62.03 -23.94
CA THR Y 74 20.55 62.63 -24.37
C THR Y 74 20.08 63.75 -23.45
N GLY Y 75 20.69 63.91 -22.29
CA GLY Y 75 20.26 64.91 -21.33
C GLY Y 75 19.13 64.49 -20.42
N GLY Y 76 18.63 63.27 -20.57
CA GLY Y 76 17.55 62.78 -19.75
C GLY Y 76 17.43 61.27 -19.83
N PRO Y 77 16.48 60.71 -19.09
CA PRO Y 77 16.27 59.25 -19.13
C PRO Y 77 15.75 58.79 -20.48
N ILE Y 78 15.60 57.47 -20.65
CA ILE Y 78 15.08 56.94 -21.90
C ILE Y 78 13.65 57.43 -22.09
N SER Y 79 13.39 58.04 -23.25
CA SER Y 79 12.08 58.60 -23.56
C SER Y 79 11.41 57.74 -24.62
N VAL Y 80 10.17 57.36 -24.36
CA VAL Y 80 9.40 56.55 -25.31
C VAL Y 80 8.16 57.34 -25.73
N PRO Y 81 7.62 57.09 -26.93
CA PRO Y 81 6.39 57.79 -27.32
C PRO Y 81 5.23 57.40 -26.43
N VAL Y 82 4.34 58.36 -26.18
CA VAL Y 82 3.15 58.15 -25.36
C VAL Y 82 1.98 58.86 -26.01
N GLY Y 83 0.83 58.21 -26.01
CA GLY Y 83 -0.38 58.76 -26.58
C GLY Y 83 -1.10 57.72 -27.41
N ARG Y 84 -2.10 58.18 -28.16
CA ARG Y 84 -2.89 57.30 -29.00
C ARG Y 84 -2.08 56.69 -30.14
N GLU Y 85 -0.95 57.32 -30.51
CA GLU Y 85 -0.13 56.80 -31.60
C GLU Y 85 0.48 55.45 -31.25
N THR Y 86 0.77 55.21 -29.98
CA THR Y 86 1.35 53.94 -29.57
C THR Y 86 0.37 52.78 -29.66
N LEU Y 87 -0.93 53.07 -29.74
CA LEU Y 87 -1.93 52.00 -29.85
C LEU Y 87 -1.76 51.25 -31.17
N GLY Y 88 -1.76 49.92 -31.08
CA GLY Y 88 -1.58 49.10 -32.25
C GLY Y 88 -0.17 49.06 -32.79
N ARG Y 89 0.81 49.53 -32.02
CA ARG Y 89 2.19 49.57 -32.45
C ARG Y 89 3.06 48.84 -31.44
N ILE Y 90 4.06 48.11 -31.93
CA ILE Y 90 4.99 47.38 -31.09
C ILE Y 90 6.11 48.33 -30.69
N ILE Y 91 6.34 48.47 -29.38
CA ILE Y 91 7.29 49.42 -28.84
C ILE Y 91 8.51 48.65 -28.34
N ASN Y 92 9.69 49.10 -28.75
CA ASN Y 92 10.94 48.55 -28.24
C ASN Y 92 11.25 49.14 -26.87
N VAL Y 93 12.34 48.66 -26.27
CA VAL Y 93 12.75 49.15 -24.96
C VAL Y 93 13.19 50.61 -25.01
N ILE Y 94 13.49 51.13 -26.20
CA ILE Y 94 13.92 52.51 -26.34
C ILE Y 94 12.86 53.36 -27.05
N GLY Y 95 11.63 52.86 -27.12
CA GLY Y 95 10.54 53.58 -27.76
C GLY Y 95 10.48 53.42 -29.27
N GLU Y 96 11.42 52.71 -29.87
CA GLU Y 96 11.41 52.54 -31.32
C GLU Y 96 10.35 51.52 -31.72
N PRO Y 97 9.73 51.69 -32.89
CA PRO Y 97 8.75 50.71 -33.38
C PRO Y 97 9.45 49.49 -33.95
N ILE Y 98 9.24 48.34 -33.30
CA ILE Y 98 9.84 47.10 -33.78
C ILE Y 98 9.26 46.73 -35.15
N ASP Y 99 7.95 46.83 -35.29
CA ASP Y 99 7.32 46.63 -36.59
C ASP Y 99 7.67 47.78 -37.52
N GLU Y 100 7.95 47.45 -38.78
CA GLU Y 100 8.36 48.46 -39.76
C GLU Y 100 7.13 49.15 -40.36
N ARG Y 101 6.33 49.75 -39.48
CA ARG Y 101 5.18 50.55 -39.86
C ARG Y 101 5.50 52.03 -39.91
N GLY Y 102 6.78 52.38 -39.96
CA GLY Y 102 7.20 53.76 -39.96
C GLY Y 102 7.39 54.30 -38.56
N PRO Y 103 7.90 55.52 -38.45
CA PRO Y 103 8.08 56.13 -37.13
C PRO Y 103 6.76 56.43 -36.46
N ILE Y 104 6.80 56.54 -35.14
CA ILE Y 104 5.61 56.82 -34.35
C ILE Y 104 5.49 58.33 -34.17
N LYS Y 105 4.40 58.90 -34.67
CA LYS Y 105 4.20 60.35 -34.66
C LYS Y 105 3.53 60.82 -33.37
N SER Y 106 4.13 60.48 -32.23
CA SER Y 106 3.61 60.91 -30.95
C SER Y 106 4.21 62.25 -30.56
N LYS Y 107 3.35 63.19 -30.17
CA LYS Y 107 3.80 64.52 -29.80
C LYS Y 107 4.41 64.60 -28.42
N LEU Y 108 4.28 63.54 -27.61
CA LEU Y 108 4.84 63.51 -26.26
C LEU Y 108 5.78 62.33 -26.12
N ARG Y 109 6.89 62.55 -25.42
CA ARG Y 109 7.87 61.49 -25.16
C ARG Y 109 8.26 61.61 -23.68
N LYS Y 110 7.67 60.76 -22.85
CA LYS Y 110 7.94 60.83 -21.41
C LYS Y 110 9.04 59.85 -21.02
N PRO Y 111 9.85 60.20 -20.03
CA PRO Y 111 10.89 59.27 -19.57
C PRO Y 111 10.29 58.05 -18.90
N ILE Y 112 11.01 56.93 -19.01
CA ILE Y 112 10.54 55.70 -18.39
C ILE Y 112 10.67 55.73 -16.88
N HIS Y 113 11.52 56.61 -16.34
CA HIS Y 113 11.73 56.71 -14.90
C HIS Y 113 10.92 57.89 -14.38
N ALA Y 114 9.85 57.60 -13.66
CA ALA Y 114 9.00 58.62 -13.08
C ALA Y 114 8.69 58.27 -11.63
N ASP Y 115 8.39 59.29 -10.85
CA ASP Y 115 8.08 59.08 -9.44
C ASP Y 115 6.75 58.35 -9.30
N PRO Y 116 6.65 57.38 -8.40
CA PRO Y 116 5.37 56.72 -8.18
C PRO Y 116 4.36 57.70 -7.62
N PRO Y 117 3.07 57.48 -7.87
CA PRO Y 117 2.05 58.39 -7.35
C PRO Y 117 2.10 58.45 -5.83
N SER Y 118 1.87 59.65 -5.30
CA SER Y 118 1.96 59.86 -3.87
C SER Y 118 0.81 59.15 -3.14
N PHE Y 119 0.97 59.01 -1.82
CA PHE Y 119 -0.04 58.34 -1.02
C PHE Y 119 -1.38 59.07 -1.06
N ALA Y 120 -1.35 60.40 -1.25
CA ALA Y 120 -2.60 61.14 -1.35
C ALA Y 120 -3.40 60.72 -2.58
N GLU Y 121 -2.73 60.53 -3.71
CA GLU Y 121 -3.40 60.13 -4.95
C GLU Y 121 -3.37 58.60 -5.08
N GLN Y 122 -4.02 57.96 -4.12
CA GLN Y 122 -4.09 56.50 -4.04
C GLN Y 122 -5.54 56.04 -3.96
N SER Y 123 -6.37 56.57 -4.87
CA SER Y 123 -7.77 56.18 -4.94
C SER Y 123 -7.90 54.68 -5.15
N THR Y 124 -8.53 54.01 -4.18
CA THR Y 124 -8.67 52.56 -4.21
C THR Y 124 -10.14 52.18 -4.17
N SER Y 125 -10.49 51.14 -4.93
CA SER Y 125 -11.85 50.67 -5.04
C SER Y 125 -11.87 49.15 -4.94
N ALA Y 126 -13.07 48.61 -4.72
CA ALA Y 126 -13.27 47.16 -4.59
C ALA Y 126 -14.23 46.65 -5.66
N GLU Y 127 -14.20 47.25 -6.85
CA GLU Y 127 -15.09 46.83 -7.92
C GLU Y 127 -14.72 45.43 -8.41
N ILE Y 128 -15.74 44.62 -8.65
CA ILE Y 128 -15.54 43.25 -9.13
C ILE Y 128 -15.21 43.27 -10.61
N LEU Y 129 -14.39 42.32 -11.04
CA LEU Y 129 -14.02 42.16 -12.45
C LEU Y 129 -14.38 40.74 -12.87
N GLU Y 130 -15.39 40.61 -13.74
CA GLU Y 130 -15.86 39.31 -14.21
C GLU Y 130 -15.01 38.88 -15.39
N THR Y 131 -14.08 37.96 -15.15
CA THR Y 131 -13.20 37.46 -16.20
C THR Y 131 -13.73 36.21 -16.88
N GLY Y 132 -14.83 35.63 -16.39
CA GLY Y 132 -15.40 34.45 -17.00
C GLY Y 132 -14.74 33.14 -16.64
N ILE Y 133 -13.73 33.15 -15.77
CA ILE Y 133 -13.05 31.94 -15.34
C ILE Y 133 -13.55 31.56 -13.96
N LYS Y 134 -14.10 30.34 -13.84
CA LYS Y 134 -14.82 29.94 -12.64
C LYS Y 134 -13.98 30.17 -11.38
N VAL Y 135 -12.72 29.73 -11.40
CA VAL Y 135 -11.86 29.89 -10.24
C VAL Y 135 -11.69 31.36 -9.88
N VAL Y 136 -11.49 32.20 -10.90
CA VAL Y 136 -11.22 33.62 -10.63
C VAL Y 136 -12.46 34.28 -10.02
N ASP Y 137 -13.63 34.05 -10.62
CA ASP Y 137 -14.83 34.65 -10.08
C ASP Y 137 -15.27 34.01 -8.77
N LEU Y 138 -14.72 32.86 -8.39
CA LEU Y 138 -15.09 32.20 -7.14
C LEU Y 138 -14.10 32.45 -6.01
N LEU Y 139 -12.84 32.07 -6.19
CA LEU Y 139 -11.88 32.02 -5.09
C LEU Y 139 -10.97 33.22 -5.03
N ALA Y 140 -10.52 33.74 -6.17
CA ALA Y 140 -9.62 34.89 -6.22
C ALA Y 140 -10.20 35.94 -7.16
N PRO Y 141 -11.23 36.65 -6.71
CA PRO Y 141 -11.86 37.67 -7.57
C PRO Y 141 -10.87 38.76 -7.95
N TYR Y 142 -10.90 39.14 -9.22
CA TYR Y 142 -10.05 40.21 -9.72
C TYR Y 142 -10.74 41.55 -9.52
N ALA Y 143 -9.94 42.57 -9.23
CA ALA Y 143 -10.45 43.90 -8.93
C ALA Y 143 -10.22 44.82 -10.12
N ARG Y 144 -11.29 45.47 -10.57
CA ARG Y 144 -11.17 46.46 -11.63
C ARG Y 144 -10.42 47.67 -11.09
N GLY Y 145 -9.35 48.06 -11.79
CA GLY Y 145 -8.46 49.10 -11.31
C GLY Y 145 -7.41 48.61 -10.33
N GLY Y 146 -7.43 47.33 -9.95
CA GLY Y 146 -6.44 46.76 -9.06
C GLY Y 146 -5.31 46.08 -9.81
N LYS Y 147 -4.50 45.36 -9.05
CA LYS Y 147 -3.36 44.63 -9.59
C LYS Y 147 -3.61 43.13 -9.44
N ILE Y 148 -3.40 42.39 -10.52
CA ILE Y 148 -3.69 40.97 -10.59
C ILE Y 148 -2.40 40.21 -10.86
N GLY Y 149 -2.16 39.17 -10.07
CA GLY Y 149 -0.95 38.38 -10.21
C GLY Y 149 -1.18 36.98 -10.72
N LEU Y 150 -0.35 36.54 -11.65
CA LEU Y 150 -0.43 35.19 -12.22
C LEU Y 150 0.88 34.48 -11.85
N PHE Y 151 0.90 33.87 -10.68
CA PHE Y 151 2.09 33.15 -10.21
C PHE Y 151 2.09 31.73 -10.73
N GLY Y 152 3.23 31.31 -11.27
CA GLY Y 152 3.35 29.96 -11.78
C GLY Y 152 4.77 29.69 -12.24
N GLY Y 153 5.09 28.41 -12.32
CA GLY Y 153 6.39 27.98 -12.78
C GLY Y 153 6.45 27.91 -14.29
N ALA Y 154 7.55 27.35 -14.79
CA ALA Y 154 7.73 27.20 -16.23
C ALA Y 154 6.79 26.12 -16.76
N GLY Y 155 6.07 26.44 -17.82
CA GLY Y 155 5.17 25.48 -18.44
C GLY Y 155 4.01 25.06 -17.55
N VAL Y 156 3.44 26.01 -16.81
CA VAL Y 156 2.30 25.71 -15.94
C VAL Y 156 1.01 26.31 -16.48
N GLY Y 157 1.07 27.39 -17.24
CA GLY Y 157 -0.14 27.96 -17.81
C GLY Y 157 -0.24 29.47 -17.71
N LYS Y 158 0.85 30.14 -17.33
CA LYS Y 158 0.78 31.59 -17.15
C LYS Y 158 0.45 32.32 -18.45
N THR Y 159 1.16 31.99 -19.52
CA THR Y 159 0.94 32.69 -20.79
C THR Y 159 -0.45 32.38 -21.35
N VAL Y 160 -0.86 31.13 -21.28
CA VAL Y 160 -2.20 30.76 -21.75
C VAL Y 160 -3.25 31.48 -20.91
N PHE Y 161 -3.05 31.53 -19.59
CA PHE Y 161 -4.01 32.15 -18.70
C PHE Y 161 -4.14 33.64 -19.01
N ILE Y 162 -3.01 34.33 -19.20
CA ILE Y 162 -3.04 35.76 -19.47
C ILE Y 162 -3.63 36.03 -20.85
N GLN Y 163 -3.34 35.18 -21.84
CA GLN Y 163 -3.98 35.30 -23.14
C GLN Y 163 -5.49 35.16 -23.01
N GLU Y 164 -5.92 34.27 -22.12
CA GLU Y 164 -7.35 34.13 -21.87
C GLU Y 164 -7.93 35.42 -21.30
N LEU Y 165 -7.21 36.07 -20.38
CA LEU Y 165 -7.69 37.38 -19.90
C LEU Y 165 -7.77 38.41 -21.03
N ILE Y 166 -6.76 38.48 -21.89
CA ILE Y 166 -6.85 39.45 -23.00
C ILE Y 166 -8.09 39.17 -23.84
N ASN Y 167 -8.30 37.90 -24.20
CA ASN Y 167 -9.46 37.55 -25.02
C ASN Y 167 -10.75 37.92 -24.31
N ASN Y 168 -10.86 37.62 -23.01
CA ASN Y 168 -12.10 37.83 -22.28
C ASN Y 168 -12.39 39.32 -22.07
N ILE Y 169 -11.49 40.03 -21.39
CA ILE Y 169 -11.83 41.35 -20.89
C ILE Y 169 -11.26 42.47 -21.77
N ALA Y 170 -10.17 42.19 -22.48
CA ALA Y 170 -9.55 43.24 -23.28
C ALA Y 170 -10.48 43.72 -24.39
N LYS Y 171 -11.19 42.80 -25.04
CA LYS Y 171 -12.08 43.18 -26.13
C LYS Y 171 -13.23 44.05 -25.62
N ALA Y 172 -13.79 43.71 -24.47
CA ALA Y 172 -14.93 44.43 -23.90
C ALA Y 172 -14.52 45.49 -22.88
N HIS Y 173 -13.22 45.76 -22.75
CA HIS Y 173 -12.77 46.74 -21.77
C HIS Y 173 -13.30 48.13 -22.10
N GLY Y 174 -13.26 48.52 -23.37
CA GLY Y 174 -13.72 49.82 -23.81
C GLY Y 174 -12.65 50.90 -23.78
N GLY Y 175 -11.75 50.84 -22.80
CA GLY Y 175 -10.67 51.80 -22.68
C GLY Y 175 -9.42 51.36 -23.42
N PHE Y 176 -8.32 51.99 -23.08
CA PHE Y 176 -7.02 51.71 -23.70
C PHE Y 176 -6.21 50.83 -22.76
N SER Y 177 -5.85 49.63 -23.23
CA SER Y 177 -5.03 48.70 -22.47
C SER Y 177 -3.64 48.62 -23.10
N VAL Y 178 -2.69 48.13 -22.31
CA VAL Y 178 -1.30 48.02 -22.75
C VAL Y 178 -0.78 46.64 -22.37
N PHE Y 179 -0.14 45.97 -23.32
CA PHE Y 179 0.58 44.72 -23.06
C PHE Y 179 2.07 44.99 -23.08
N THR Y 180 2.77 44.49 -22.07
CA THR Y 180 4.21 44.67 -21.93
C THR Y 180 4.88 43.30 -21.83
N GLY Y 181 5.41 42.82 -22.95
CA GLY Y 181 6.13 41.56 -22.94
C GLY Y 181 7.54 41.74 -22.40
N VAL Y 182 7.77 41.25 -21.19
CA VAL Y 182 9.03 41.46 -20.48
C VAL Y 182 9.79 40.14 -20.49
N GLY Y 183 10.86 40.07 -21.29
CA GLY Y 183 11.73 38.91 -21.30
C GLY Y 183 11.03 37.61 -21.62
N GLU Y 184 10.17 37.60 -22.62
CA GLU Y 184 9.35 36.44 -22.94
C GLU Y 184 9.72 35.88 -24.32
N ARG Y 185 8.96 34.89 -24.74
CA ARG Y 185 9.23 34.23 -26.02
C ARG Y 185 8.76 35.13 -27.17
N THR Y 186 9.66 35.38 -28.13
CA THR Y 186 9.32 36.23 -29.26
C THR Y 186 8.19 35.63 -30.09
N ARG Y 187 8.22 34.31 -30.29
CA ARG Y 187 7.12 33.64 -30.97
C ARG Y 187 5.82 33.75 -30.18
N GLU Y 188 5.91 33.74 -28.85
CA GLU Y 188 4.72 33.97 -28.04
C GLU Y 188 4.16 35.35 -28.29
N GLY Y 189 5.03 36.36 -28.38
CA GLY Y 189 4.59 37.69 -28.75
C GLY Y 189 3.97 37.73 -30.12
N ASN Y 190 4.49 36.93 -31.06
CA ASN Y 190 3.93 36.91 -32.40
C ASN Y 190 2.53 36.30 -32.40
N ASP Y 191 2.33 35.19 -31.70
CA ASP Y 191 0.99 34.60 -31.66
C ASP Y 191 0.02 35.53 -30.93
N LEU Y 192 0.50 36.23 -29.90
CA LEU Y 192 -0.32 37.23 -29.24
C LEU Y 192 -0.71 38.36 -30.19
N TYR Y 193 0.24 38.86 -30.97
CA TYR Y 193 -0.05 39.90 -31.96
C TYR Y 193 -1.06 39.41 -32.98
N ARG Y 194 -0.88 38.19 -33.47
CA ARG Y 194 -1.80 37.61 -34.44
C ARG Y 194 -3.20 37.46 -33.84
N GLU Y 195 -3.29 37.00 -32.60
CA GLU Y 195 -4.58 36.80 -31.98
C GLU Y 195 -5.31 38.12 -31.77
N MET Y 196 -4.60 39.17 -31.35
CA MET Y 196 -5.26 40.47 -31.24
C MET Y 196 -5.60 41.04 -32.61
N LYS Y 197 -4.82 40.75 -33.63
CA LYS Y 197 -5.20 41.17 -34.98
C LYS Y 197 -6.49 40.50 -35.42
N GLU Y 198 -6.63 39.20 -35.13
CA GLU Y 198 -7.85 38.49 -35.50
C GLU Y 198 -9.05 38.97 -34.69
N THR Y 199 -8.88 39.18 -33.39
CA THR Y 199 -10.00 39.59 -32.54
C THR Y 199 -10.43 41.03 -32.78
N GLY Y 200 -9.63 41.83 -33.49
CA GLY Y 200 -10.00 43.17 -33.85
C GLY Y 200 -9.61 44.25 -32.86
N VAL Y 201 -9.07 43.88 -31.69
CA VAL Y 201 -8.60 44.91 -30.76
C VAL Y 201 -7.39 45.63 -31.33
N ILE Y 202 -6.65 44.98 -32.23
CA ILE Y 202 -5.63 45.63 -33.04
C ILE Y 202 -6.18 45.73 -34.45
N ASN Y 203 -6.39 46.96 -34.92
CA ASN Y 203 -6.86 47.23 -36.27
C ASN Y 203 -5.74 48.02 -36.92
N LEU Y 204 -5.00 47.38 -37.82
CA LEU Y 204 -3.83 48.01 -38.42
C LEU Y 204 -4.22 49.24 -39.23
N GLU Y 205 -5.30 49.15 -40.00
CA GLU Y 205 -5.69 50.20 -40.92
C GLU Y 205 -6.64 51.23 -40.30
N GLY Y 206 -6.96 51.08 -39.02
CA GLY Y 206 -7.87 52.01 -38.35
C GLY Y 206 -7.39 52.30 -36.94
N GLU Y 207 -8.30 52.14 -35.98
CA GLU Y 207 -8.06 52.47 -34.59
C GLU Y 207 -7.90 51.19 -33.78
N SER Y 208 -6.84 51.14 -32.97
CA SER Y 208 -6.58 50.02 -32.08
C SER Y 208 -6.64 50.50 -30.63
N LYS Y 209 -6.99 49.59 -29.73
CA LYS Y 209 -7.20 49.92 -28.33
C LYS Y 209 -6.08 49.45 -27.41
N VAL Y 210 -5.06 48.79 -27.95
CA VAL Y 210 -4.00 48.19 -27.14
C VAL Y 210 -2.64 48.59 -27.70
N ALA Y 211 -1.71 48.92 -26.81
CA ALA Y 211 -0.35 49.29 -27.15
C ALA Y 211 0.58 48.12 -26.85
N LEU Y 212 1.53 47.87 -27.74
CA LEU Y 212 2.33 46.66 -27.70
C LEU Y 212 3.77 47.04 -27.34
N VAL Y 213 4.29 46.47 -26.25
CA VAL Y 213 5.64 46.73 -25.78
C VAL Y 213 6.31 45.40 -25.50
N PHE Y 214 7.50 45.18 -26.07
CA PHE Y 214 8.15 43.88 -26.00
C PHE Y 214 9.61 44.00 -25.61
N GLY Y 215 10.02 43.18 -24.64
CA GLY Y 215 11.40 43.08 -24.20
C GLY Y 215 11.85 41.64 -24.15
N GLN Y 216 11.44 40.87 -25.17
CA GLN Y 216 11.57 39.41 -25.17
C GLN Y 216 12.99 38.97 -24.79
N MET Y 217 13.09 37.73 -24.29
CA MET Y 217 14.35 37.26 -23.71
C MET Y 217 15.54 37.38 -24.65
N ASN Y 218 15.31 37.37 -25.96
CA ASN Y 218 16.41 37.57 -26.89
C ASN Y 218 17.11 38.91 -26.68
N GLU Y 219 16.42 39.88 -26.09
CA GLU Y 219 17.01 41.17 -25.78
C GLU Y 219 18.03 41.02 -24.65
N PRO Y 220 18.99 41.94 -24.56
CA PRO Y 220 19.96 41.89 -23.47
C PRO Y 220 19.31 42.18 -22.14
N PRO Y 221 20.00 41.91 -21.02
CA PRO Y 221 19.36 42.08 -19.71
C PRO Y 221 18.84 43.48 -19.45
N GLY Y 222 19.54 44.51 -19.91
CA GLY Y 222 19.06 45.87 -19.70
C GLY Y 222 17.72 46.12 -20.36
N ALA Y 223 17.53 45.61 -21.57
CA ALA Y 223 16.26 45.76 -22.25
C ALA Y 223 15.15 45.03 -21.50
N ARG Y 224 15.44 43.81 -21.03
CA ARG Y 224 14.44 43.08 -20.25
C ARG Y 224 14.10 43.82 -18.96
N ALA Y 225 15.06 44.53 -18.38
CA ALA Y 225 14.80 45.28 -17.16
C ALA Y 225 13.98 46.54 -17.41
N ARG Y 226 14.22 47.23 -18.52
CA ARG Y 226 13.60 48.53 -18.76
C ARG Y 226 12.35 48.48 -19.62
N VAL Y 227 12.06 47.35 -20.26
CA VAL Y 227 10.86 47.28 -21.10
C VAL Y 227 9.60 47.32 -20.24
N ALA Y 228 9.66 46.74 -19.03
CA ALA Y 228 8.55 46.86 -18.11
C ALA Y 228 8.29 48.32 -17.76
N LEU Y 229 9.35 49.08 -17.55
CA LEU Y 229 9.19 50.50 -17.24
C LEU Y 229 8.66 51.27 -18.45
N THR Y 230 9.06 50.88 -19.66
CA THR Y 230 8.54 51.56 -20.85
C THR Y 230 7.03 51.34 -20.99
N GLY Y 231 6.59 50.08 -20.94
CA GLY Y 231 5.17 49.81 -20.99
C GLY Y 231 4.43 50.44 -19.84
N LEU Y 232 5.06 50.48 -18.67
CA LEU Y 232 4.50 51.16 -17.51
C LEU Y 232 4.28 52.64 -17.76
N THR Y 233 5.26 53.30 -18.39
CA THR Y 233 5.14 54.72 -18.67
C THR Y 233 4.04 54.98 -19.68
N ILE Y 234 3.91 54.09 -20.67
CA ILE Y 234 2.81 54.22 -21.64
C ILE Y 234 1.47 54.12 -20.91
N ALA Y 235 1.35 53.12 -20.03
CA ALA Y 235 0.10 52.95 -19.28
C ALA Y 235 -0.17 54.12 -18.36
N GLU Y 236 0.89 54.68 -17.74
CA GLU Y 236 0.73 55.82 -16.85
C GLU Y 236 0.26 57.05 -17.62
N TYR Y 237 0.82 57.26 -18.82
CA TYR Y 237 0.34 58.37 -19.64
C TYR Y 237 -1.11 58.18 -20.03
N PHE Y 238 -1.50 56.94 -20.36
CA PHE Y 238 -2.90 56.67 -20.66
C PHE Y 238 -3.80 56.95 -19.44
N ARG Y 239 -3.34 56.56 -18.25
CA ARG Y 239 -4.16 56.71 -17.06
C ARG Y 239 -4.31 58.18 -16.66
N ASP Y 240 -3.19 58.91 -16.61
CA ASP Y 240 -3.22 60.26 -16.06
C ASP Y 240 -3.69 61.28 -17.09
N GLU Y 241 -2.94 61.43 -18.20
CA GLU Y 241 -3.25 62.47 -19.16
C GLU Y 241 -4.55 62.19 -19.89
N GLU Y 242 -4.73 60.98 -20.39
CA GLU Y 242 -5.95 60.64 -21.13
C GLU Y 242 -7.15 60.41 -20.22
N GLY Y 243 -6.91 60.13 -18.94
CA GLY Y 243 -8.01 59.89 -18.01
C GLY Y 243 -8.86 58.70 -18.40
N GLN Y 244 -8.23 57.61 -18.81
CA GLN Y 244 -8.91 56.42 -19.30
C GLN Y 244 -8.52 55.22 -18.46
N ASP Y 245 -9.46 54.28 -18.33
CA ASP Y 245 -9.15 53.02 -17.66
C ASP Y 245 -8.15 52.22 -18.49
N VAL Y 246 -7.15 51.66 -17.81
CA VAL Y 246 -6.04 50.98 -18.47
C VAL Y 246 -5.93 49.57 -17.91
N LEU Y 247 -5.63 48.61 -18.78
CA LEU Y 247 -5.33 47.24 -18.39
C LEU Y 247 -3.87 46.98 -18.80
N LEU Y 248 -2.96 47.10 -17.86
CA LEU Y 248 -1.53 46.92 -18.13
C LEU Y 248 -1.21 45.44 -17.97
N PHE Y 249 -1.11 44.74 -19.09
CA PHE Y 249 -0.79 43.31 -19.08
C PHE Y 249 0.72 43.15 -19.20
N ILE Y 250 1.36 42.75 -18.10
CA ILE Y 250 2.78 42.43 -18.09
C ILE Y 250 2.92 40.93 -17.92
N ASP Y 251 3.55 40.28 -18.90
CA ASP Y 251 3.65 38.84 -18.91
C ASP Y 251 5.00 38.48 -18.29
N ASN Y 252 4.95 37.78 -17.15
CA ASN Y 252 6.13 37.32 -16.42
C ASN Y 252 6.97 38.55 -16.06
N ILE Y 253 6.45 39.33 -15.11
CA ILE Y 253 7.15 40.51 -14.62
C ILE Y 253 8.47 40.12 -13.95
N PHE Y 254 8.61 38.85 -13.55
CA PHE Y 254 9.80 38.40 -12.85
C PHE Y 254 11.07 38.61 -13.65
N ARG Y 255 10.97 38.73 -14.99
CA ARG Y 255 12.14 38.97 -15.79
C ARG Y 255 12.83 40.28 -15.42
N PHE Y 256 12.07 41.26 -14.93
CA PHE Y 256 12.68 42.52 -14.50
C PHE Y 256 13.64 42.29 -13.33
N THR Y 257 13.17 41.59 -12.29
CA THR Y 257 14.03 41.29 -11.16
C THR Y 257 15.17 40.35 -11.56
N GLN Y 258 14.90 39.43 -12.49
CA GLN Y 258 15.95 38.54 -12.97
C GLN Y 258 17.05 39.33 -13.65
N ALA Y 259 16.68 40.30 -14.48
CA ALA Y 259 17.68 41.13 -15.15
C ALA Y 259 18.39 42.05 -14.16
N GLY Y 260 17.69 42.52 -13.13
CA GLY Y 260 18.34 43.31 -12.11
C GLY Y 260 19.42 42.52 -11.37
N SER Y 261 19.07 41.30 -10.95
CA SER Y 261 20.07 40.43 -10.33
C SER Y 261 21.17 40.06 -11.33
N GLU Y 262 20.81 39.98 -12.61
CA GLU Y 262 21.79 39.67 -13.64
C GLU Y 262 22.86 40.75 -13.74
N VAL Y 263 22.43 42.00 -13.87
CA VAL Y 263 23.39 43.10 -14.00
C VAL Y 263 24.06 43.44 -12.67
N SER Y 264 23.43 43.10 -11.55
CA SER Y 264 23.98 43.46 -10.24
C SER Y 264 25.34 42.83 -10.01
N ALA Y 265 25.50 41.56 -10.41
CA ALA Y 265 26.76 40.86 -10.17
C ALA Y 265 27.91 41.60 -10.84
N LEU Y 266 27.75 41.99 -12.10
CA LEU Y 266 28.79 42.71 -12.81
C LEU Y 266 28.84 44.19 -12.46
N LEU Y 267 27.79 44.73 -11.84
CA LEU Y 267 27.75 46.12 -11.41
C LEU Y 267 28.51 46.35 -10.11
N GLY Y 268 29.31 45.39 -9.67
CA GLY Y 268 30.00 45.53 -8.39
C GLY Y 268 29.06 45.52 -7.21
N ARG Y 269 28.00 44.71 -7.26
CA ARG Y 269 27.03 44.61 -6.18
C ARG Y 269 27.13 43.23 -5.55
N ILE Y 270 27.20 43.20 -4.22
CA ILE Y 270 27.24 41.92 -3.52
C ILE Y 270 25.90 41.21 -3.70
N PRO Y 271 25.89 39.96 -4.17
CA PRO Y 271 24.63 39.28 -4.41
C PRO Y 271 23.86 39.04 -3.12
N SER Y 272 22.54 39.07 -3.23
CA SER Y 272 21.65 38.83 -2.09
C SER Y 272 21.36 37.33 -2.01
N ALA Y 273 20.38 36.96 -1.19
CA ALA Y 273 20.02 35.56 -1.04
C ALA Y 273 19.51 35.00 -2.37
N VAL Y 274 19.85 33.73 -2.61
CA VAL Y 274 19.43 33.00 -3.81
C VAL Y 274 20.07 33.74 -5.00
N GLY Y 275 21.22 34.36 -4.73
CA GLY Y 275 21.99 35.01 -5.78
C GLY Y 275 21.27 36.12 -6.50
N TYR Y 276 20.49 36.91 -5.78
CA TYR Y 276 19.73 38.01 -6.36
C TYR Y 276 20.44 39.33 -6.09
N GLN Y 277 19.96 40.38 -6.74
CA GLN Y 277 20.48 41.71 -6.49
C GLN Y 277 20.10 42.15 -5.07
N PRO Y 278 20.96 42.92 -4.40
CA PRO Y 278 20.60 43.40 -3.07
C PRO Y 278 19.37 44.29 -3.07
N THR Y 279 19.12 45.01 -4.16
CA THR Y 279 18.08 46.03 -4.19
C THR Y 279 16.75 45.49 -4.72
N LEU Y 280 16.59 44.17 -4.83
CA LEU Y 280 15.47 43.58 -5.57
C LEU Y 280 14.14 44.17 -5.13
N ALA Y 281 13.90 44.19 -3.82
CA ALA Y 281 12.67 44.77 -3.30
C ALA Y 281 12.54 46.23 -3.71
N THR Y 282 13.65 46.97 -3.69
CA THR Y 282 13.59 48.41 -3.93
C THR Y 282 13.17 48.72 -5.38
N ASP Y 283 13.93 48.24 -6.36
CA ASP Y 283 13.60 48.60 -7.75
C ASP Y 283 12.30 47.92 -8.17
N MET Y 284 12.05 46.71 -7.66
CA MET Y 284 10.81 46.04 -8.01
C MET Y 284 9.60 46.79 -7.47
N GLY Y 285 9.65 47.29 -6.24
CA GLY Y 285 8.58 48.11 -5.72
C GLY Y 285 8.47 49.45 -6.44
N LEU Y 286 9.61 50.03 -6.81
CA LEU Y 286 9.59 51.26 -7.59
C LEU Y 286 8.83 51.06 -8.89
N LEU Y 287 9.01 49.91 -9.52
CA LEU Y 287 8.23 49.58 -10.70
C LEU Y 287 6.77 49.35 -10.35
N GLN Y 288 6.51 48.54 -9.32
CA GLN Y 288 5.15 48.07 -9.07
C GLN Y 288 4.23 49.20 -8.61
N GLU Y 289 4.74 50.13 -7.81
CA GLU Y 289 3.88 51.18 -7.27
C GLU Y 289 3.39 52.14 -8.34
N ARG Y 290 4.22 52.40 -9.35
CA ARG Y 290 3.77 53.24 -10.45
C ARG Y 290 2.59 52.61 -11.19
N ILE Y 291 2.41 51.30 -11.03
CA ILE Y 291 1.18 50.62 -11.46
C ILE Y 291 0.21 50.71 -10.29
N THR Y 292 -0.74 51.63 -10.39
CA THR Y 292 -1.74 51.78 -9.34
C THR Y 292 -2.89 52.62 -9.89
N THR Y 293 -4.02 52.56 -9.19
CA THR Y 293 -5.18 53.37 -9.53
C THR Y 293 -5.11 54.68 -8.74
N THR Y 294 -5.05 55.80 -9.45
CA THR Y 294 -5.01 57.10 -8.83
C THR Y 294 -6.37 57.78 -8.98
N LYS Y 295 -6.46 59.00 -8.45
CA LYS Y 295 -7.68 59.79 -8.59
C LYS Y 295 -7.91 60.27 -10.03
N LYS Y 296 -6.90 60.16 -10.89
CA LYS Y 296 -7.04 60.56 -12.28
C LYS Y 296 -7.44 59.40 -13.20
N GLY Y 297 -7.19 58.17 -12.80
CA GLY Y 297 -7.55 57.02 -13.61
C GLY Y 297 -7.26 55.73 -12.89
N SER Y 298 -7.71 54.63 -13.50
CA SER Y 298 -7.57 53.30 -12.92
C SER Y 298 -6.80 52.40 -13.87
N VAL Y 299 -5.91 51.58 -13.30
CA VAL Y 299 -5.10 50.65 -14.06
C VAL Y 299 -5.41 49.25 -13.55
N THR Y 300 -6.14 48.47 -14.34
CA THR Y 300 -6.46 47.08 -13.99
C THR Y 300 -5.35 46.19 -14.57
N SER Y 301 -4.23 46.17 -13.88
CA SER Y 301 -3.04 45.48 -14.38
C SER Y 301 -3.08 44.00 -14.02
N VAL Y 302 -2.72 43.16 -14.98
CA VAL Y 302 -2.54 41.72 -14.76
C VAL Y 302 -1.08 41.40 -15.03
N GLN Y 303 -0.39 40.91 -14.01
CA GLN Y 303 1.04 40.61 -14.09
C GLN Y 303 1.24 39.12 -13.82
N ALA Y 304 1.87 38.42 -14.77
CA ALA Y 304 2.29 37.06 -14.54
C ALA Y 304 3.62 37.07 -13.79
N VAL Y 305 3.81 36.09 -12.91
CA VAL Y 305 5.03 35.95 -12.14
C VAL Y 305 5.55 34.53 -12.29
N TYR Y 306 6.81 34.39 -12.69
CA TYR Y 306 7.45 33.10 -12.85
C TYR Y 306 8.23 32.77 -11.58
N VAL Y 307 7.88 31.66 -10.95
CA VAL Y 307 8.54 31.20 -9.73
C VAL Y 307 9.66 30.23 -10.13
N PRO Y 308 10.91 30.52 -9.82
CA PRO Y 308 11.99 29.58 -10.16
C PRO Y 308 11.83 28.27 -9.40
N ALA Y 309 12.08 27.16 -10.11
CA ALA Y 309 12.07 25.83 -9.52
C ALA Y 309 10.73 25.49 -8.85
N ASP Y 310 9.66 26.10 -9.33
CA ASP Y 310 8.32 25.96 -8.74
C ASP Y 310 8.32 26.29 -7.26
N ASP Y 311 9.33 27.00 -6.79
CA ASP Y 311 9.50 27.31 -5.37
C ASP Y 311 8.82 28.65 -5.12
N LEU Y 312 7.75 28.62 -4.34
CA LEU Y 312 6.99 29.83 -4.07
C LEU Y 312 7.68 30.71 -3.03
N THR Y 313 8.73 30.21 -2.39
CA THR Y 313 9.47 30.96 -1.38
C THR Y 313 10.65 31.74 -1.97
N ASP Y 314 10.82 31.72 -3.29
CA ASP Y 314 11.89 32.48 -3.91
C ASP Y 314 11.70 33.96 -3.62
N PRO Y 315 12.79 34.69 -3.34
CA PRO Y 315 12.63 36.09 -2.88
C PRO Y 315 11.84 36.97 -3.83
N ALA Y 316 12.03 36.83 -5.14
CA ALA Y 316 11.35 37.71 -6.08
C ALA Y 316 9.83 37.55 -6.05
N PRO Y 317 9.26 36.36 -6.32
CA PRO Y 317 7.80 36.25 -6.23
C PRO Y 317 7.27 36.43 -4.82
N ALA Y 318 8.01 35.98 -3.81
CA ALA Y 318 7.55 36.12 -2.43
C ALA Y 318 7.38 37.58 -2.05
N THR Y 319 8.34 38.43 -2.45
CA THR Y 319 8.19 39.85 -2.20
C THR Y 319 7.19 40.49 -3.15
N THR Y 320 7.04 39.95 -4.36
CA THR Y 320 6.07 40.49 -5.31
C THR Y 320 4.65 40.28 -4.83
N PHE Y 321 4.43 39.26 -4.00
CA PHE Y 321 3.09 38.97 -3.50
C PHE Y 321 2.49 40.16 -2.78
N ALA Y 322 3.28 40.84 -1.95
CA ALA Y 322 2.79 41.97 -1.17
C ALA Y 322 2.43 43.18 -2.02
N HIS Y 323 2.86 43.22 -3.28
CA HIS Y 323 2.58 44.33 -4.17
C HIS Y 323 1.33 44.11 -5.02
N LEU Y 324 0.56 43.07 -4.73
CA LEU Y 324 -0.46 42.59 -5.64
C LEU Y 324 -1.78 42.42 -4.90
N ASP Y 325 -2.86 42.92 -5.51
CA ASP Y 325 -4.18 42.84 -4.87
C ASP Y 325 -4.77 41.44 -5.03
N ALA Y 326 -5.01 41.02 -6.26
CA ALA Y 326 -5.56 39.70 -6.54
C ALA Y 326 -4.43 38.76 -6.94
N THR Y 327 -4.38 37.60 -6.32
CA THR Y 327 -3.31 36.63 -6.53
C THR Y 327 -3.86 35.34 -7.11
N THR Y 328 -3.24 34.88 -8.20
CA THR Y 328 -3.61 33.61 -8.83
C THR Y 328 -2.33 32.79 -8.96
N VAL Y 329 -2.22 31.75 -8.14
CA VAL Y 329 -1.03 30.88 -8.14
C VAL Y 329 -1.32 29.65 -8.99
N LEU Y 330 -0.44 29.39 -9.95
CA LEU Y 330 -0.54 28.22 -10.82
C LEU Y 330 0.57 27.25 -10.43
N SER Y 331 0.22 26.17 -9.74
CA SER Y 331 1.19 25.19 -9.29
C SER Y 331 1.24 24.02 -10.27
N ARG Y 332 2.42 23.42 -10.40
CA ARG Y 332 2.60 22.30 -11.32
C ARG Y 332 1.83 21.07 -10.87
N GLY Y 333 1.60 20.92 -9.56
CA GLY Y 333 0.98 19.71 -9.05
C GLY Y 333 -0.44 19.52 -9.56
N ILE Y 334 -1.25 20.59 -9.49
CA ILE Y 334 -2.63 20.48 -9.94
C ILE Y 334 -2.70 20.31 -11.45
N SER Y 335 -1.81 20.99 -12.18
CA SER Y 335 -1.73 20.79 -13.62
C SER Y 335 -1.39 19.35 -13.96
N GLU Y 336 -0.57 18.71 -13.12
CA GLU Y 336 -0.20 17.32 -13.35
C GLU Y 336 -1.39 16.38 -13.23
N LEU Y 337 -2.45 16.79 -12.53
CA LEU Y 337 -3.64 15.98 -12.37
C LEU Y 337 -4.63 16.15 -13.52
N GLY Y 338 -4.28 16.95 -14.52
CA GLY Y 338 -5.14 17.16 -15.67
C GLY Y 338 -5.89 18.48 -15.66
N ILE Y 339 -5.90 19.20 -14.53
CA ILE Y 339 -6.56 20.50 -14.47
C ILE Y 339 -5.70 21.51 -15.22
N TYR Y 340 -6.05 21.77 -16.47
CA TYR Y 340 -5.26 22.61 -17.37
C TYR Y 340 -5.14 24.06 -16.90
N PRO Y 341 -6.20 24.69 -16.35
CA PRO Y 341 -6.00 26.03 -15.77
C PRO Y 341 -4.92 26.07 -14.71
N ALA Y 342 -4.68 24.95 -14.02
CA ALA Y 342 -3.52 24.76 -13.15
C ALA Y 342 -3.50 25.70 -11.95
N VAL Y 343 -4.58 26.43 -11.71
CA VAL Y 343 -4.63 27.37 -10.60
C VAL Y 343 -4.88 26.59 -9.31
N ASP Y 344 -3.91 26.64 -8.39
CA ASP Y 344 -4.05 25.92 -7.14
C ASP Y 344 -5.11 26.68 -6.33
N PRO Y 345 -6.23 26.04 -5.99
CA PRO Y 345 -7.34 26.78 -5.39
C PRO Y 345 -7.05 27.34 -4.01
N LEU Y 346 -6.00 26.88 -3.32
CA LEU Y 346 -5.79 27.28 -1.93
C LEU Y 346 -5.12 28.65 -1.84
N ASP Y 347 -3.90 28.77 -2.37
CA ASP Y 347 -3.18 30.03 -2.26
C ASP Y 347 -3.67 31.09 -3.23
N SER Y 348 -4.54 30.73 -4.16
CA SER Y 348 -5.15 31.70 -5.07
C SER Y 348 -6.14 32.52 -4.26
N LYS Y 349 -5.67 33.63 -3.71
CA LYS Y 349 -6.47 34.45 -2.81
C LYS Y 349 -6.47 35.89 -3.29
N SER Y 350 -7.56 36.59 -2.98
CA SER Y 350 -7.71 37.99 -3.36
C SER Y 350 -8.35 38.75 -2.21
N ARG Y 351 -8.06 40.04 -2.15
CA ARG Y 351 -8.65 40.91 -1.15
C ARG Y 351 -10.15 41.08 -1.33
N LEU Y 352 -10.64 40.95 -2.57
CA LEU Y 352 -12.07 41.09 -2.85
C LEU Y 352 -12.91 39.98 -2.26
N LEU Y 353 -12.30 38.90 -1.77
CA LEU Y 353 -13.05 37.80 -1.21
C LEU Y 353 -13.61 38.18 0.16
N ASP Y 354 -14.55 39.12 0.17
CA ASP Y 354 -15.17 39.62 1.40
C ASP Y 354 -16.68 39.64 1.22
N ALA Y 355 -17.41 39.36 2.30
CA ALA Y 355 -18.86 39.35 2.23
C ALA Y 355 -19.43 40.72 1.87
N ALA Y 356 -18.70 41.79 2.20
CA ALA Y 356 -19.15 43.13 1.88
C ALA Y 356 -18.90 43.52 0.43
N VAL Y 357 -18.13 42.73 -0.32
CA VAL Y 357 -17.80 43.03 -1.70
C VAL Y 357 -18.51 42.09 -2.66
N VAL Y 358 -18.25 40.78 -2.56
CA VAL Y 358 -18.86 39.80 -3.46
C VAL Y 358 -20.20 39.30 -2.94
N GLY Y 359 -20.60 39.66 -1.74
CA GLY Y 359 -21.85 39.17 -1.18
C GLY Y 359 -21.64 38.04 -0.19
N GLN Y 360 -22.60 37.93 0.74
CA GLN Y 360 -22.49 36.90 1.77
C GLN Y 360 -22.54 35.49 1.17
N GLU Y 361 -23.43 35.28 0.20
CA GLU Y 361 -23.55 33.95 -0.39
C GLU Y 361 -22.28 33.58 -1.16
N HIS Y 362 -21.69 34.54 -1.87
CA HIS Y 362 -20.45 34.27 -2.59
C HIS Y 362 -19.33 33.90 -1.63
N TYR Y 363 -19.21 34.66 -0.54
CA TYR Y 363 -18.17 34.35 0.44
C TYR Y 363 -18.40 32.97 1.05
N ASP Y 364 -19.66 32.66 1.38
CA ASP Y 364 -19.95 31.36 1.97
C ASP Y 364 -19.60 30.22 1.02
N VAL Y 365 -19.95 30.36 -0.25
CA VAL Y 365 -19.66 29.31 -1.24
C VAL Y 365 -18.15 29.16 -1.40
N ALA Y 366 -17.44 30.27 -1.53
CA ALA Y 366 -15.99 30.20 -1.69
C ALA Y 366 -15.32 29.59 -0.48
N SER Y 367 -15.78 29.95 0.72
CA SER Y 367 -15.19 29.40 1.94
C SER Y 367 -15.46 27.91 2.04
N LYS Y 368 -16.68 27.47 1.70
CA LYS Y 368 -16.98 26.04 1.72
C LYS Y 368 -16.11 25.29 0.72
N VAL Y 369 -15.92 25.85 -0.46
CA VAL Y 369 -15.03 25.23 -1.45
C VAL Y 369 -13.62 25.13 -0.88
N GLN Y 370 -13.15 26.19 -0.25
CA GLN Y 370 -11.79 26.19 0.27
C GLN Y 370 -11.61 25.16 1.38
N GLU Y 371 -12.59 25.01 2.28
CA GLU Y 371 -12.43 24.01 3.33
C GLU Y 371 -12.52 22.60 2.74
N THR Y 372 -13.34 22.40 1.71
CA THR Y 372 -13.38 21.08 1.08
C THR Y 372 -12.03 20.73 0.45
N LEU Y 373 -11.43 21.66 -0.28
CA LEU Y 373 -10.11 21.39 -0.85
C LEU Y 373 -9.04 21.23 0.23
N GLN Y 374 -9.14 21.98 1.32
CA GLN Y 374 -8.17 21.84 2.39
C GLN Y 374 -8.29 20.46 3.06
N THR Y 375 -9.52 20.00 3.29
CA THR Y 375 -9.71 18.66 3.84
C THR Y 375 -9.19 17.60 2.88
N TYR Y 376 -9.40 17.81 1.57
CA TYR Y 376 -8.80 16.91 0.60
C TYR Y 376 -7.28 16.88 0.75
N LYS Y 377 -6.65 18.06 0.76
CA LYS Y 377 -5.20 18.13 0.75
C LYS Y 377 -4.61 17.53 2.02
N SER Y 378 -5.26 17.75 3.16
CA SER Y 378 -4.81 17.11 4.39
C SER Y 378 -4.91 15.59 4.32
N LEU Y 379 -5.70 15.06 3.39
CA LEU Y 379 -5.87 13.62 3.23
C LEU Y 379 -5.14 13.06 2.02
N GLN Y 380 -4.16 13.80 1.48
CA GLN Y 380 -3.33 13.28 0.39
C GLN Y 380 -2.65 11.98 0.81
N ASP Y 381 -1.79 12.06 1.82
CA ASP Y 381 -0.95 10.93 2.19
C ASP Y 381 -1.78 9.77 2.74
N ILE Y 382 -2.81 10.07 3.53
CA ILE Y 382 -3.58 9.00 4.17
C ILE Y 382 -4.30 8.16 3.11
N ILE Y 383 -4.76 8.80 2.04
CA ILE Y 383 -5.39 8.05 0.95
C ILE Y 383 -4.33 7.35 0.11
N ALA Y 384 -3.24 8.04 -0.20
CA ALA Y 384 -2.24 7.49 -1.12
C ALA Y 384 -1.55 6.26 -0.53
N ILE Y 385 -1.20 6.30 0.74
CA ILE Y 385 -0.37 5.24 1.32
C ILE Y 385 -1.20 4.19 2.04
N LEU Y 386 -2.38 4.56 2.56
CA LEU Y 386 -3.21 3.60 3.29
C LEU Y 386 -4.42 3.17 2.46
N GLY Y 387 -5.21 4.14 1.99
CA GLY Y 387 -6.36 3.82 1.18
C GLY Y 387 -7.59 4.63 1.53
N MET Y 388 -8.43 4.91 0.53
CA MET Y 388 -9.65 5.67 0.76
C MET Y 388 -10.68 4.87 1.57
N ASP Y 389 -10.53 3.55 1.63
CA ASP Y 389 -11.51 2.73 2.34
C ASP Y 389 -11.47 3.01 3.84
N GLU Y 390 -10.30 3.31 4.39
CA GLU Y 390 -10.17 3.51 5.84
C GLU Y 390 -10.83 4.79 6.33
N LEU Y 391 -11.14 5.73 5.44
CA LEU Y 391 -11.77 6.97 5.87
C LEU Y 391 -13.23 6.72 6.26
N SER Y 392 -13.76 7.65 7.07
CA SER Y 392 -15.15 7.56 7.49
C SER Y 392 -16.08 7.91 6.32
N GLU Y 393 -17.37 7.60 6.51
CA GLU Y 393 -18.35 7.86 5.47
C GLU Y 393 -18.45 9.35 5.15
N GLN Y 394 -18.45 10.19 6.18
CA GLN Y 394 -18.45 11.63 5.96
C GLN Y 394 -17.14 12.07 5.30
N ASP Y 395 -16.01 11.49 5.73
CA ASP Y 395 -14.73 11.81 5.11
C ASP Y 395 -14.70 11.34 3.66
N LYS Y 396 -15.25 10.17 3.38
CA LYS Y 396 -15.33 9.68 2.00
C LYS Y 396 -16.18 10.61 1.15
N LEU Y 397 -17.32 11.05 1.68
CA LEU Y 397 -18.19 11.97 0.96
C LEU Y 397 -17.48 13.28 0.68
N THR Y 398 -16.77 13.81 1.67
CA THR Y 398 -16.01 15.05 1.49
C THR Y 398 -14.92 14.87 0.44
N VAL Y 399 -14.23 13.73 0.46
CA VAL Y 399 -13.16 13.48 -0.49
C VAL Y 399 -13.71 13.42 -1.91
N GLU Y 400 -14.82 12.70 -2.10
CA GLU Y 400 -15.36 12.57 -3.45
C GLU Y 400 -15.94 13.90 -3.94
N ARG Y 401 -16.57 14.66 -3.03
CA ARG Y 401 -17.07 15.98 -3.42
C ARG Y 401 -15.93 16.92 -3.79
N ALA Y 402 -14.82 16.83 -3.06
CA ALA Y 402 -13.68 17.68 -3.37
C ALA Y 402 -13.00 17.25 -4.67
N ARG Y 403 -13.02 15.94 -4.98
CA ARG Y 403 -12.55 15.50 -6.29
C ARG Y 403 -13.41 16.09 -7.40
N LYS Y 404 -14.74 16.04 -7.21
CA LYS Y 404 -15.65 16.62 -8.18
C LYS Y 404 -15.40 18.12 -8.34
N ILE Y 405 -15.18 18.81 -7.22
CA ILE Y 405 -14.91 20.24 -7.28
C ILE Y 405 -13.61 20.52 -8.03
N GLN Y 406 -12.55 19.77 -7.71
CA GLN Y 406 -11.26 19.98 -8.36
C GLN Y 406 -11.37 19.77 -9.87
N ARG Y 407 -12.13 18.75 -10.28
CA ARG Y 407 -12.39 18.59 -11.71
C ARG Y 407 -13.18 19.77 -12.26
N PHE Y 408 -14.15 20.27 -11.49
CA PHE Y 408 -15.01 21.35 -11.95
C PHE Y 408 -14.24 22.67 -12.08
N LEU Y 409 -13.11 22.81 -11.39
CA LEU Y 409 -12.31 24.02 -11.50
C LEU Y 409 -11.81 24.23 -12.93
N SER Y 410 -11.46 23.14 -13.62
CA SER Y 410 -10.99 23.25 -14.99
C SER Y 410 -12.07 23.82 -15.88
N GLN Y 411 -11.68 24.79 -16.72
CA GLN Y 411 -12.61 25.48 -17.61
C GLN Y 411 -12.01 25.59 -19.00
N PRO Y 412 -12.81 25.38 -20.04
CA PRO Y 412 -12.29 25.51 -21.42
C PRO Y 412 -12.01 26.97 -21.76
N PHE Y 413 -10.74 27.26 -22.06
CA PHE Y 413 -10.34 28.58 -22.50
C PHE Y 413 -10.41 28.64 -24.02
N ALA Y 414 -10.89 29.77 -24.54
CA ALA Y 414 -11.04 29.92 -25.98
C ALA Y 414 -9.70 29.85 -26.68
N VAL Y 415 -8.66 30.44 -26.09
CA VAL Y 415 -7.32 30.37 -26.67
C VAL Y 415 -6.64 29.03 -26.42
N ALA Y 416 -7.25 28.16 -25.62
CA ALA Y 416 -6.66 26.88 -25.26
C ALA Y 416 -7.18 25.71 -26.08
N GLU Y 417 -7.97 25.98 -27.12
CA GLU Y 417 -8.44 24.91 -28.00
C GLU Y 417 -7.29 24.19 -28.68
N VAL Y 418 -6.12 24.81 -28.74
CA VAL Y 418 -4.93 24.15 -29.28
C VAL Y 418 -4.54 22.95 -28.44
N PHE Y 419 -4.87 22.95 -27.15
CA PHE Y 419 -4.54 21.86 -26.24
C PHE Y 419 -5.76 21.02 -25.85
N THR Y 420 -6.84 21.67 -25.41
CA THR Y 420 -8.01 20.91 -24.97
C THR Y 420 -8.72 20.25 -26.15
N GLY Y 421 -8.86 20.97 -27.25
CA GLY Y 421 -9.70 20.52 -28.34
C GLY Y 421 -11.17 20.71 -28.12
N ILE Y 422 -11.56 21.35 -27.03
CA ILE Y 422 -12.95 21.65 -26.72
C ILE Y 422 -13.14 23.15 -26.84
N PRO Y 423 -14.21 23.63 -27.46
CA PRO Y 423 -14.41 25.08 -27.58
C PRO Y 423 -14.48 25.74 -26.21
N GLY Y 424 -13.89 26.92 -26.12
CA GLY Y 424 -13.87 27.64 -24.85
C GLY Y 424 -15.25 28.09 -24.43
N LYS Y 425 -15.45 28.17 -23.12
CA LYS Y 425 -16.73 28.55 -22.55
C LYS Y 425 -16.54 29.75 -21.63
N LEU Y 426 -17.54 30.63 -21.61
CA LEU Y 426 -17.55 31.84 -20.79
C LEU Y 426 -18.54 31.63 -19.65
N VAL Y 427 -18.04 31.13 -18.53
CA VAL Y 427 -18.88 30.90 -17.36
C VAL Y 427 -19.02 32.20 -16.58
N ARG Y 428 -20.26 32.64 -16.39
CA ARG Y 428 -20.50 33.91 -15.71
C ARG Y 428 -20.25 33.76 -14.21
N LEU Y 429 -20.10 34.91 -13.55
CA LEU Y 429 -19.90 34.92 -12.10
C LEU Y 429 -21.07 34.29 -11.37
N LYS Y 430 -22.29 34.74 -11.68
CA LYS Y 430 -23.47 34.21 -11.03
C LYS Y 430 -23.65 32.73 -11.35
N ASP Y 431 -23.39 32.35 -12.61
CA ASP Y 431 -23.48 30.94 -12.99
C ASP Y 431 -22.48 30.10 -12.20
N THR Y 432 -21.24 30.59 -12.05
CA THR Y 432 -20.24 29.86 -11.30
C THR Y 432 -20.65 29.70 -9.84
N VAL Y 433 -21.16 30.78 -9.24
CA VAL Y 433 -21.57 30.72 -7.84
C VAL Y 433 -22.71 29.74 -7.66
N ALA Y 434 -23.71 29.79 -8.54
CA ALA Y 434 -24.84 28.88 -8.45
C ALA Y 434 -24.40 27.43 -8.62
N SER Y 435 -23.54 27.17 -9.62
CA SER Y 435 -23.08 25.81 -9.85
C SER Y 435 -22.31 25.27 -8.66
N PHE Y 436 -21.41 26.08 -8.08
CA PHE Y 436 -20.60 25.59 -6.98
C PHE Y 436 -21.42 25.45 -5.69
N LYS Y 437 -22.40 26.33 -5.46
CA LYS Y 437 -23.25 26.14 -4.30
C LYS Y 437 -24.15 24.92 -4.46
N ALA Y 438 -24.57 24.62 -5.70
CA ALA Y 438 -25.34 23.41 -5.92
C ALA Y 438 -24.48 22.16 -5.69
N VAL Y 439 -23.24 22.18 -6.16
CA VAL Y 439 -22.35 21.03 -5.96
C VAL Y 439 -22.03 20.84 -4.49
N LEU Y 440 -21.75 21.94 -3.78
CA LEU Y 440 -21.44 21.85 -2.36
C LEU Y 440 -22.61 21.31 -1.56
N GLU Y 441 -23.84 21.58 -2.00
CA GLU Y 441 -25.02 21.07 -1.33
C GLU Y 441 -25.20 19.57 -1.52
N GLY Y 442 -24.41 18.94 -2.39
CA GLY Y 442 -24.55 17.53 -2.66
C GLY Y 442 -25.63 17.17 -3.67
N LYS Y 443 -26.11 18.14 -4.44
CA LYS Y 443 -27.20 17.89 -5.38
C LYS Y 443 -26.75 16.97 -6.51
N TYR Y 444 -25.47 16.98 -6.87
CA TYR Y 444 -24.95 16.20 -7.98
C TYR Y 444 -23.85 15.24 -7.50
N ASP Y 445 -24.09 14.56 -6.39
CA ASP Y 445 -23.13 13.59 -5.90
C ASP Y 445 -23.10 12.33 -6.78
N ASN Y 446 -24.23 12.00 -7.41
CA ASN Y 446 -24.28 10.81 -8.26
C ASN Y 446 -23.54 10.99 -9.57
N ILE Y 447 -23.38 12.22 -10.04
CA ILE Y 447 -22.72 12.49 -11.32
C ILE Y 447 -21.26 12.06 -11.23
N PRO Y 448 -20.71 11.37 -12.23
CA PRO Y 448 -19.32 10.93 -12.15
C PRO Y 448 -18.34 12.11 -12.17
N GLU Y 449 -17.15 11.84 -11.67
CA GLU Y 449 -16.12 12.88 -11.60
C GLU Y 449 -15.69 13.34 -12.98
N HIS Y 450 -15.76 12.45 -13.97
CA HIS Y 450 -15.34 12.82 -15.32
C HIS Y 450 -16.22 13.91 -15.93
N ALA Y 451 -17.51 13.93 -15.57
CA ALA Y 451 -18.41 14.93 -16.13
C ALA Y 451 -18.04 16.34 -15.71
N PHE Y 452 -17.35 16.49 -14.58
CA PHE Y 452 -16.87 17.80 -14.15
C PHE Y 452 -15.55 18.19 -14.81
N TYR Y 453 -14.91 17.28 -15.53
CA TYR Y 453 -13.62 17.55 -16.15
C TYR Y 453 -13.83 18.37 -17.42
N MET Y 454 -13.15 19.52 -17.49
CA MET Y 454 -13.05 20.34 -18.70
C MET Y 454 -14.43 20.77 -19.19
N VAL Y 455 -15.16 21.46 -18.31
CA VAL Y 455 -16.53 21.87 -18.59
C VAL Y 455 -16.73 23.31 -18.14
N GLY Y 456 -17.89 23.86 -18.51
CA GLY Y 456 -18.26 25.22 -18.13
C GLY Y 456 -19.12 25.26 -16.89
N GLY Y 457 -20.41 25.58 -17.05
CA GLY Y 457 -21.33 25.63 -15.94
C GLY Y 457 -21.85 24.26 -15.55
N ILE Y 458 -22.73 24.25 -14.55
CA ILE Y 458 -23.32 23.00 -14.09
C ILE Y 458 -24.20 22.38 -15.16
N GLU Y 459 -24.78 23.21 -16.04
CA GLU Y 459 -25.52 22.68 -17.18
C GLU Y 459 -24.60 21.89 -18.10
N ASP Y 460 -23.38 22.38 -18.31
CA ASP Y 460 -22.41 21.63 -19.09
C ASP Y 460 -22.03 20.33 -18.39
N VAL Y 461 -21.94 20.36 -17.05
CA VAL Y 461 -21.67 19.13 -16.30
C VAL Y 461 -22.78 18.11 -16.52
N VAL Y 462 -24.03 18.56 -16.45
CA VAL Y 462 -25.17 17.66 -16.67
C VAL Y 462 -25.14 17.10 -18.09
N ALA Y 463 -24.86 17.96 -19.07
CA ALA Y 463 -24.81 17.50 -20.45
C ALA Y 463 -23.71 16.48 -20.66
N LYS Y 464 -22.53 16.72 -20.08
CA LYS Y 464 -21.43 15.77 -20.23
C LYS Y 464 -21.74 14.46 -19.52
N ALA Y 465 -22.38 14.51 -18.36
CA ALA Y 465 -22.78 13.29 -17.67
C ALA Y 465 -23.78 12.50 -18.50
N GLU Y 466 -24.75 13.19 -19.11
CA GLU Y 466 -25.72 12.52 -19.95
C GLU Y 466 -25.06 11.89 -21.17
N LYS Y 467 -24.12 12.60 -21.79
CA LYS Y 467 -23.39 12.05 -22.93
C LYS Y 467 -22.57 10.83 -22.52
N LEU Y 468 -21.92 10.90 -21.35
CA LEU Y 468 -21.13 9.76 -20.87
C LEU Y 468 -22.02 8.55 -20.62
N ALA Y 469 -23.18 8.76 -20.01
CA ALA Y 469 -24.12 7.66 -19.79
C ALA Y 469 -24.60 7.09 -21.11
N ALA Y 470 -24.86 7.96 -22.10
CA ALA Y 470 -25.34 7.50 -23.40
C ALA Y 470 -24.28 6.65 -24.11
N GLU Y 471 -23.02 7.09 -24.08
CA GLU Y 471 -21.99 6.33 -24.79
C GLU Y 471 -21.61 5.07 -24.03
N ALA Y 472 -21.76 5.08 -22.70
CA ALA Y 472 -21.44 3.89 -21.92
C ALA Y 472 -22.50 2.81 -22.12
N ASN Y 473 -23.76 3.20 -22.25
CA ASN Y 473 -24.88 2.28 -22.42
C ASN Y 473 -25.00 1.29 -21.26
N SER Z 1 -14.13 -46.06 29.49
CA SER Z 1 -13.74 -44.93 30.35
C SER Z 1 -14.40 -45.03 31.72
N SER Z 2 -13.80 -44.36 32.70
CA SER Z 2 -14.30 -44.37 34.07
C SER Z 2 -15.04 -43.05 34.32
N GLY Z 3 -16.29 -43.15 34.77
CA GLY Z 3 -17.07 -41.96 35.03
C GLY Z 3 -17.63 -41.34 33.77
N LEU Z 4 -17.87 -40.03 33.84
CA LEU Z 4 -18.43 -39.28 32.72
C LEU Z 4 -17.74 -37.92 32.64
N LYS Z 5 -17.50 -37.47 31.42
CA LYS Z 5 -16.92 -36.16 31.16
C LYS Z 5 -17.96 -35.25 30.55
N LEU Z 6 -18.08 -34.04 31.08
CA LEU Z 6 -19.08 -33.06 30.66
C LEU Z 6 -18.39 -31.84 30.09
N GLN Z 7 -18.84 -31.38 28.93
CA GLN Z 7 -18.31 -30.21 28.26
C GLN Z 7 -19.40 -29.13 28.27
N PHE Z 8 -19.37 -28.29 29.31
CA PHE Z 8 -20.33 -27.21 29.47
C PHE Z 8 -19.68 -25.90 29.03
N ALA Z 9 -20.25 -25.27 28.01
CA ALA Z 9 -19.68 -24.05 27.44
C ALA Z 9 -20.73 -22.95 27.38
N LEU Z 10 -20.26 -21.72 27.61
CA LEU Z 10 -21.09 -20.53 27.55
C LEU Z 10 -20.39 -19.47 26.70
N PRO Z 11 -21.15 -18.65 25.97
CA PRO Z 11 -20.51 -17.67 25.07
C PRO Z 11 -19.63 -16.67 25.78
N HIS Z 12 -19.99 -16.27 27.01
CA HIS Z 12 -19.14 -15.34 27.75
C HIS Z 12 -17.90 -16.04 28.30
N GLU Z 13 -18.11 -17.09 29.10
CA GLU Z 13 -17.00 -17.86 29.66
C GLU Z 13 -17.41 -19.32 29.73
N THR Z 14 -16.64 -20.19 29.09
CA THR Z 14 -16.92 -21.62 29.15
C THR Z 14 -16.72 -22.14 30.57
N LEU Z 15 -17.60 -23.06 30.97
CA LEU Z 15 -17.60 -23.56 32.34
C LEU Z 15 -16.79 -24.85 32.49
N TYR Z 16 -17.17 -25.90 31.78
CA TYR Z 16 -16.57 -27.21 31.93
C TYR Z 16 -16.07 -27.73 30.58
N SER Z 17 -15.00 -28.51 30.63
CA SER Z 17 -14.43 -29.08 29.41
C SER Z 17 -13.67 -30.35 29.80
N GLY Z 18 -14.29 -31.50 29.54
CA GLY Z 18 -13.65 -32.78 29.82
C GLY Z 18 -13.34 -33.01 31.28
N SER Z 19 -14.28 -32.68 32.16
CA SER Z 19 -14.11 -32.84 33.60
C SER Z 19 -14.91 -34.04 34.08
N GLU Z 20 -14.30 -34.86 34.94
CA GLU Z 20 -15.01 -36.01 35.49
C GLU Z 20 -16.23 -35.56 36.26
N VAL Z 21 -17.37 -36.23 36.00
CA VAL Z 21 -18.65 -35.83 36.55
C VAL Z 21 -19.54 -37.04 36.64
N THR Z 22 -20.36 -37.10 37.69
CA THR Z 22 -21.37 -38.12 37.85
C THR Z 22 -22.69 -37.63 37.26
N GLN Z 23 -23.79 -38.28 37.63
CA GLN Z 23 -25.13 -37.99 37.11
C GLN Z 23 -25.38 -36.49 36.97
N VAL Z 24 -25.83 -36.08 35.80
CA VAL Z 24 -26.15 -34.69 35.49
C VAL Z 24 -27.55 -34.64 34.91
N ASN Z 25 -28.41 -33.81 35.50
CA ASN Z 25 -29.77 -33.64 34.99
C ASN Z 25 -29.74 -32.79 33.72
N LEU Z 26 -30.46 -33.25 32.70
CA LEU Z 26 -30.51 -32.57 31.40
C LEU Z 26 -31.97 -32.40 30.99
N PRO Z 27 -32.66 -31.39 31.53
CA PRO Z 27 -34.07 -31.18 31.18
C PRO Z 27 -34.29 -30.93 29.70
N ALA Z 28 -34.95 -31.87 29.04
CA ALA Z 28 -35.24 -31.79 27.63
C ALA Z 28 -36.70 -31.38 27.43
N LYS Z 29 -37.17 -31.45 26.18
CA LYS Z 29 -38.58 -31.15 25.91
C LYS Z 29 -39.50 -32.11 26.65
N SER Z 30 -39.15 -33.38 26.70
CA SER Z 30 -39.94 -34.36 27.45
C SER Z 30 -39.58 -34.30 28.94
N GLY Z 31 -38.33 -34.60 29.27
CA GLY Z 31 -37.90 -34.59 30.66
C GLY Z 31 -36.39 -34.66 30.76
N ARG Z 32 -35.91 -34.58 31.99
CA ARG Z 32 -34.47 -34.59 32.24
C ARG Z 32 -33.94 -36.02 32.25
N ILE Z 33 -32.70 -36.18 31.80
CA ILE Z 33 -32.05 -37.47 31.71
C ILE Z 33 -30.86 -37.45 32.68
N GLY Z 34 -30.93 -38.29 33.71
CA GLY Z 34 -29.85 -38.40 34.66
C GLY Z 34 -28.76 -39.35 34.20
N VAL Z 35 -27.95 -38.91 33.24
CA VAL Z 35 -26.91 -39.77 32.65
C VAL Z 35 -25.87 -40.05 33.72
N LEU Z 36 -25.81 -41.31 34.19
CA LEU Z 36 -24.81 -41.69 35.18
C LEU Z 36 -23.42 -41.73 34.57
N ALA Z 37 -23.22 -42.60 33.59
CA ALA Z 37 -21.94 -42.74 32.90
C ALA Z 37 -22.19 -43.47 31.59
N ASN Z 38 -21.20 -43.36 30.69
CA ASN Z 38 -21.25 -44.03 29.39
C ASN Z 38 -22.50 -43.61 28.61
N HIS Z 39 -23.56 -44.41 28.71
CA HIS Z 39 -24.86 -44.12 28.11
C HIS Z 39 -24.84 -44.21 26.59
N VAL Z 40 -25.97 -44.61 26.00
CA VAL Z 40 -26.13 -44.68 24.55
C VAL Z 40 -26.07 -43.25 24.00
N PRO Z 41 -25.50 -43.05 22.81
CA PRO Z 41 -25.55 -41.71 22.20
C PRO Z 41 -26.98 -41.24 22.03
N THR Z 42 -27.22 -39.98 22.37
CA THR Z 42 -28.55 -39.39 22.30
C THR Z 42 -28.44 -37.96 21.76
N VAL Z 43 -29.56 -37.45 21.25
CA VAL Z 43 -29.68 -36.06 20.85
C VAL Z 43 -31.06 -35.59 21.30
N GLU Z 44 -31.11 -34.71 22.29
CA GLU Z 44 -32.36 -34.21 22.84
C GLU Z 44 -32.30 -32.69 22.93
N GLN Z 45 -33.38 -32.03 22.51
CA GLN Z 45 -33.46 -30.58 22.65
C GLN Z 45 -33.73 -30.21 24.11
N LEU Z 46 -32.84 -29.42 24.69
CA LEU Z 46 -32.97 -29.03 26.08
C LEU Z 46 -34.00 -27.90 26.24
N LEU Z 47 -34.78 -28.01 27.31
CA LEU Z 47 -35.77 -27.01 27.69
C LEU Z 47 -35.30 -26.29 28.93
N PRO Z 48 -35.65 -25.00 29.09
CA PRO Z 48 -35.29 -24.29 30.32
C PRO Z 48 -35.70 -25.05 31.58
N GLY Z 49 -34.70 -25.53 32.31
CA GLY Z 49 -34.95 -26.35 33.48
C GLY Z 49 -33.68 -26.48 34.29
N VAL Z 50 -33.80 -27.16 35.43
CA VAL Z 50 -32.69 -27.27 36.37
C VAL Z 50 -31.71 -28.32 35.85
N VAL Z 51 -30.45 -27.92 35.67
CA VAL Z 51 -29.35 -28.83 35.35
C VAL Z 51 -28.53 -28.96 36.62
N GLU Z 52 -28.71 -30.08 37.31
CA GLU Z 52 -28.06 -30.34 38.59
C GLU Z 52 -26.84 -31.22 38.32
N VAL Z 53 -25.65 -30.72 38.68
CA VAL Z 53 -24.40 -31.36 38.33
C VAL Z 53 -23.72 -31.86 39.61
N MET Z 54 -23.64 -33.18 39.78
CA MET Z 54 -22.93 -33.80 40.90
C MET Z 54 -21.47 -34.02 40.53
N GLU Z 55 -20.57 -33.61 41.43
CA GLU Z 55 -19.20 -34.08 41.43
C GLU Z 55 -18.89 -34.62 42.83
N GLY Z 56 -17.61 -34.86 43.12
CA GLY Z 56 -17.28 -35.29 44.47
C GLY Z 56 -17.39 -34.19 45.52
N SER Z 57 -17.53 -32.94 45.09
CA SER Z 57 -17.55 -31.81 46.03
C SER Z 57 -18.92 -31.60 46.64
N ASN Z 58 -19.92 -31.32 45.81
CA ASN Z 58 -21.26 -30.99 46.29
C ASN Z 58 -22.24 -31.18 45.14
N SER Z 59 -23.48 -30.72 45.35
CA SER Z 59 -24.55 -30.78 44.35
C SER Z 59 -24.97 -29.35 44.05
N LYS Z 60 -24.40 -28.79 42.98
CA LYS Z 60 -24.67 -27.40 42.60
C LYS Z 60 -25.75 -27.35 41.53
N LYS Z 61 -26.71 -26.44 41.71
CA LYS Z 61 -27.80 -26.29 40.75
C LYS Z 61 -27.42 -25.29 39.67
N PHE Z 62 -27.72 -25.64 38.42
CA PHE Z 62 -27.41 -24.79 37.27
C PHE Z 62 -28.65 -24.73 36.39
N PHE Z 63 -29.52 -23.76 36.66
CA PHE Z 63 -30.67 -23.52 35.80
C PHE Z 63 -30.19 -23.13 34.40
N ILE Z 64 -30.41 -24.01 33.43
CA ILE Z 64 -29.90 -23.82 32.08
C ILE Z 64 -30.86 -22.92 31.29
N SER Z 65 -30.31 -22.25 30.29
CA SER Z 65 -31.09 -21.42 29.39
C SER Z 65 -31.37 -22.11 28.06
N GLY Z 66 -31.03 -23.38 27.93
CA GLY Z 66 -31.24 -24.13 26.71
C GLY Z 66 -29.95 -24.75 26.20
N GLY Z 67 -30.09 -25.51 25.12
CA GLY Z 67 -28.99 -26.19 24.48
C GLY Z 67 -29.42 -27.55 23.99
N PHE Z 68 -28.45 -28.42 23.75
CA PHE Z 68 -28.70 -29.79 23.31
C PHE Z 68 -27.97 -30.75 24.23
N ALA Z 69 -28.65 -31.85 24.58
CA ALA Z 69 -28.04 -32.92 25.38
C ALA Z 69 -27.63 -34.04 24.43
N THR Z 70 -26.44 -33.87 23.84
CA THR Z 70 -25.92 -34.79 22.84
C THR Z 70 -24.80 -35.63 23.44
N VAL Z 71 -24.85 -36.94 23.17
CA VAL Z 71 -23.88 -37.89 23.71
C VAL Z 71 -23.30 -38.69 22.56
N GLN Z 72 -22.11 -39.24 22.80
CA GLN Z 72 -21.35 -40.03 21.84
C GLN Z 72 -20.95 -41.35 22.50
N PRO Z 73 -20.77 -42.42 21.72
CA PRO Z 73 -20.34 -43.69 22.31
C PRO Z 73 -19.07 -43.61 23.14
N ASP Z 74 -18.19 -42.64 22.86
CA ASP Z 74 -17.03 -42.44 23.73
C ASP Z 74 -17.38 -41.73 25.04
N SER Z 75 -18.68 -41.58 25.34
CA SER Z 75 -19.16 -40.96 26.57
C SER Z 75 -18.67 -39.51 26.69
N GLN Z 76 -19.03 -38.71 25.70
CA GLN Z 76 -18.73 -37.28 25.68
C GLN Z 76 -20.04 -36.51 25.79
N LEU Z 77 -20.26 -35.85 26.92
CA LEU Z 77 -21.49 -35.09 27.17
C LEU Z 77 -21.18 -33.61 26.93
N CYS Z 78 -21.32 -33.18 25.69
CA CYS Z 78 -21.07 -31.78 25.32
C CYS Z 78 -22.40 -31.04 25.34
N VAL Z 79 -22.64 -30.31 26.42
CA VAL Z 79 -23.87 -29.52 26.58
C VAL Z 79 -23.54 -28.10 26.16
N THR Z 80 -24.02 -27.71 24.98
CA THR Z 80 -23.77 -26.37 24.43
C THR Z 80 -24.86 -25.45 24.95
N ALA Z 81 -24.60 -24.85 26.11
CA ALA Z 81 -25.55 -23.96 26.76
C ALA Z 81 -25.20 -22.51 26.47
N ILE Z 82 -25.97 -21.60 27.07
CA ILE Z 82 -25.78 -20.16 26.86
C ILE Z 82 -25.54 -19.47 28.19
N GLU Z 83 -26.50 -19.56 29.10
CA GLU Z 83 -26.41 -18.91 30.39
C GLU Z 83 -26.72 -19.92 31.49
N ALA Z 84 -25.96 -19.87 32.57
CA ALA Z 84 -26.07 -20.79 33.69
C ALA Z 84 -26.63 -20.07 34.91
N PHE Z 85 -26.67 -20.79 36.04
CA PHE Z 85 -27.19 -20.28 37.30
C PHE Z 85 -26.13 -20.51 38.37
N PRO Z 86 -25.08 -19.67 38.40
CA PRO Z 86 -24.01 -19.87 39.39
C PRO Z 86 -24.51 -19.80 40.81
N LEU Z 87 -24.46 -20.94 41.51
CA LEU Z 87 -24.97 -21.07 42.87
C LEU Z 87 -26.38 -20.51 42.99
N GLU Z 88 -26.54 -19.42 43.74
CA GLU Z 88 -27.83 -18.75 43.86
C GLU Z 88 -27.69 -17.23 43.80
N SER Z 89 -26.53 -16.70 43.42
CA SER Z 89 -26.35 -15.25 43.33
C SER Z 89 -27.18 -14.63 42.22
N PHE Z 90 -27.58 -15.41 41.22
CA PHE Z 90 -28.41 -14.92 40.13
C PHE Z 90 -29.87 -14.76 40.54
N SER Z 91 -30.27 -15.29 41.69
CA SER Z 91 -31.66 -15.23 42.12
C SER Z 91 -32.07 -13.80 42.43
N GLN Z 92 -33.24 -13.40 41.92
CA GLN Z 92 -33.80 -12.09 42.24
C GLN Z 92 -35.29 -12.16 41.89
N GLU Z 93 -36.15 -12.02 42.90
CA GLU Z 93 -37.58 -12.19 42.69
C GLU Z 93 -38.17 -11.04 41.86
N ASN Z 94 -37.85 -9.80 42.25
CA ASN Z 94 -38.62 -8.65 41.80
C ASN Z 94 -38.48 -8.43 40.30
N ILE Z 95 -37.25 -8.49 39.78
CA ILE Z 95 -37.04 -8.19 38.37
C ILE Z 95 -37.73 -9.24 37.50
N LYS Z 96 -37.66 -10.51 37.92
CA LYS Z 96 -38.32 -11.56 37.15
C LYS Z 96 -39.84 -11.39 37.16
N ASN Z 97 -40.40 -11.10 38.33
CA ASN Z 97 -41.86 -10.93 38.41
C ASN Z 97 -42.32 -9.73 37.58
N LEU Z 98 -41.62 -8.60 37.68
CA LEU Z 98 -42.03 -7.42 36.94
C LEU Z 98 -41.84 -7.61 35.44
N LEU Z 99 -40.77 -8.30 35.03
CA LEU Z 99 -40.58 -8.59 33.62
C LEU Z 99 -41.68 -9.50 33.08
N ALA Z 100 -42.08 -10.50 33.87
CA ALA Z 100 -43.18 -11.36 33.44
C ALA Z 100 -44.47 -10.58 33.27
N GLU Z 101 -44.85 -9.80 34.28
CA GLU Z 101 -46.11 -9.06 34.19
C GLU Z 101 -46.05 -7.96 33.14
N ALA Z 102 -44.85 -7.45 32.83
CA ALA Z 102 -44.71 -6.43 31.82
C ALA Z 102 -44.70 -7.02 30.41
N LYS Z 103 -44.25 -8.26 30.27
CA LYS Z 103 -44.34 -8.92 28.97
C LYS Z 103 -45.69 -9.59 28.76
N LYS Z 104 -46.53 -9.67 29.79
CA LYS Z 104 -47.89 -10.16 29.59
C LYS Z 104 -48.73 -9.23 28.71
N ASN Z 105 -48.55 -7.91 28.84
CA ASN Z 105 -49.37 -7.02 28.04
C ASN Z 105 -48.97 -7.07 26.57
N VAL Z 106 -47.68 -7.30 26.30
CA VAL Z 106 -47.19 -7.42 24.94
C VAL Z 106 -47.16 -8.88 24.47
N SER Z 107 -47.86 -9.77 25.19
CA SER Z 107 -47.94 -11.18 24.81
C SER Z 107 -48.82 -11.41 23.59
N SER Z 108 -49.54 -10.39 23.13
CA SER Z 108 -50.40 -10.49 21.95
C SER Z 108 -50.19 -9.29 21.03
N SER Z 109 -48.93 -8.86 20.87
CA SER Z 109 -48.67 -7.66 20.09
C SER Z 109 -48.62 -7.94 18.60
N ASP Z 110 -47.62 -8.70 18.15
CA ASP Z 110 -47.40 -8.90 16.71
C ASP Z 110 -46.85 -10.31 16.49
N ALA Z 111 -47.74 -11.25 16.21
CA ALA Z 111 -47.39 -12.55 15.64
C ALA Z 111 -46.21 -13.23 16.35
N ARG Z 112 -45.03 -13.16 15.73
CA ARG Z 112 -43.85 -13.81 16.27
C ARG Z 112 -43.50 -13.28 17.66
N GLU Z 113 -43.50 -11.96 17.82
CA GLU Z 113 -43.20 -11.37 19.12
C GLU Z 113 -44.26 -11.77 20.15
N ALA Z 114 -45.52 -11.80 19.74
CA ALA Z 114 -46.59 -12.21 20.65
C ALA Z 114 -46.39 -13.65 21.12
N ALA Z 115 -46.06 -14.55 20.19
CA ALA Z 115 -45.85 -15.95 20.56
C ALA Z 115 -44.62 -16.10 21.45
N GLU Z 116 -43.56 -15.36 21.16
CA GLU Z 116 -42.31 -15.49 21.92
C GLU Z 116 -42.40 -14.85 23.30
N ALA Z 117 -43.26 -13.85 23.48
CA ALA Z 117 -43.45 -13.26 24.80
C ALA Z 117 -44.00 -14.28 25.79
N ALA Z 118 -44.89 -15.15 25.32
CA ALA Z 118 -45.42 -16.20 26.19
C ALA Z 118 -44.31 -17.15 26.64
N ILE Z 119 -43.41 -17.52 25.73
CA ILE Z 119 -42.31 -18.40 26.10
C ILE Z 119 -41.35 -17.69 27.04
N GLN Z 120 -41.14 -16.38 26.83
CA GLN Z 120 -40.30 -15.62 27.75
C GLN Z 120 -40.90 -15.59 29.15
N VAL Z 121 -42.21 -15.41 29.25
CA VAL Z 121 -42.86 -15.46 30.55
C VAL Z 121 -42.79 -16.85 31.15
N GLU Z 122 -42.86 -17.89 30.29
CA GLU Z 122 -42.73 -19.26 30.79
C GLU Z 122 -41.36 -19.52 31.39
N VAL Z 123 -40.30 -19.07 30.72
CA VAL Z 123 -38.97 -19.27 31.27
C VAL Z 123 -38.75 -18.36 32.49
N LEU Z 124 -39.44 -17.22 32.54
CA LEU Z 124 -39.40 -16.42 33.76
C LEU Z 124 -40.08 -17.14 34.93
N GLU Z 125 -41.17 -17.84 34.65
CA GLU Z 125 -41.81 -18.66 35.70
C GLU Z 125 -40.92 -19.82 36.11
N ASN Z 126 -40.18 -20.39 35.16
CA ASN Z 126 -39.18 -21.41 35.51
C ASN Z 126 -38.11 -20.81 36.42
N LEU Z 127 -37.67 -19.58 36.12
CA LEU Z 127 -36.76 -18.88 37.01
C LEU Z 127 -37.37 -18.70 38.40
N GLN Z 128 -38.66 -18.36 38.45
CA GLN Z 128 -39.37 -18.26 39.72
C GLN Z 128 -39.32 -19.57 40.50
N SER Z 129 -39.54 -20.68 39.80
CA SER Z 129 -39.48 -21.99 40.44
C SER Z 129 -38.08 -22.28 40.97
N VAL Z 130 -37.05 -21.96 40.18
CA VAL Z 130 -35.66 -22.16 40.61
C VAL Z 130 -35.25 -21.19 41.73
N LEU Z 131 -36.01 -20.12 41.93
CA LEU Z 131 -35.63 -19.10 42.90
C LEU Z 131 -35.53 -19.69 44.31
N LYS Z 132 -36.47 -20.56 44.68
CA LYS Z 132 -36.49 -21.20 46.00
C LYS Z 132 -36.61 -20.18 47.13
N SER AA 1 -42.99 -23.25 23.73
CA SER AA 1 -44.38 -23.36 23.28
C SER AA 1 -44.47 -23.42 21.76
N ALA AA 2 -45.29 -22.55 21.17
CA ALA AA 2 -45.47 -22.49 19.73
C ALA AA 2 -44.51 -21.44 19.17
N TRP AA 3 -43.24 -21.82 19.09
CA TRP AA 3 -42.19 -20.96 18.56
C TRP AA 3 -41.82 -21.30 17.13
N ARG AA 4 -42.58 -22.17 16.47
CA ARG AA 4 -42.35 -22.51 15.06
C ARG AA 4 -43.45 -22.00 14.16
N LYS AA 5 -44.71 -22.35 14.43
CA LYS AA 5 -45.82 -21.84 13.64
C LYS AA 5 -46.23 -20.44 14.10
N ALA AA 6 -46.67 -20.33 15.35
CA ALA AA 6 -46.96 -19.01 15.91
C ALA AA 6 -45.70 -18.19 16.06
N GLY AA 7 -44.60 -18.83 16.45
CA GLY AA 7 -43.33 -18.15 16.56
C GLY AA 7 -42.61 -18.04 15.23
N ILE AA 8 -41.28 -18.12 15.25
CA ILE AA 8 -40.51 -17.99 14.02
C ILE AA 8 -39.63 -19.22 13.81
N SER AA 9 -38.70 -19.47 14.72
CA SER AA 9 -37.79 -20.60 14.60
C SER AA 9 -37.15 -20.84 15.96
N TYR AA 10 -36.26 -21.85 16.01
CA TYR AA 10 -35.57 -22.18 17.24
C TYR AA 10 -34.58 -21.10 17.66
N ALA AA 11 -34.01 -20.38 16.70
CA ALA AA 11 -32.99 -19.38 17.02
C ALA AA 11 -33.55 -18.27 17.89
N ALA AA 12 -34.68 -17.68 17.48
CA ALA AA 12 -35.28 -16.62 18.28
C ALA AA 12 -35.80 -17.14 19.60
N TYR AA 13 -36.34 -18.37 19.61
CA TYR AA 13 -36.81 -18.96 20.86
C TYR AA 13 -35.67 -19.06 21.88
N LEU AA 14 -34.54 -19.62 21.47
CA LEU AA 14 -33.41 -19.77 22.39
C LEU AA 14 -32.83 -18.40 22.76
N ASN AA 15 -32.77 -17.47 21.80
CA ASN AA 15 -32.23 -16.15 22.07
C ASN AA 15 -33.06 -15.43 23.13
N VAL AA 16 -34.39 -15.48 23.00
CA VAL AA 16 -35.25 -14.81 23.96
C VAL AA 16 -35.25 -15.55 25.30
N ALA AA 17 -35.12 -16.88 25.27
CA ALA AA 17 -35.00 -17.62 26.52
C ALA AA 17 -33.75 -17.19 27.29
N ALA AA 18 -32.63 -17.00 26.59
CA ALA AA 18 -31.43 -16.50 27.25
C ALA AA 18 -31.59 -15.04 27.67
N GLN AA 19 -32.25 -14.23 26.84
CA GLN AA 19 -32.40 -12.81 27.13
C GLN AA 19 -33.30 -12.58 28.33
N ALA AA 20 -34.22 -13.50 28.61
CA ALA AA 20 -35.06 -13.38 29.80
C ALA AA 20 -34.21 -13.39 31.06
N ILE AA 21 -33.24 -14.31 31.12
CA ILE AA 21 -32.32 -14.34 32.26
C ILE AA 21 -31.37 -13.14 32.19
N ARG AA 22 -30.92 -12.79 30.99
CA ARG AA 22 -29.94 -11.71 30.84
C ARG AA 22 -30.49 -10.39 31.37
N SER AA 23 -31.74 -10.07 31.01
CA SER AA 23 -32.35 -8.85 31.53
C SER AA 23 -32.67 -8.98 33.01
N SER AA 24 -33.13 -10.15 33.44
CA SER AA 24 -33.44 -10.40 34.85
C SER AA 24 -32.21 -10.95 35.57
N LEU AA 25 -31.15 -10.13 35.59
CA LEU AA 25 -29.88 -10.50 36.18
C LEU AA 25 -29.56 -9.59 37.36
N LYS AA 26 -28.88 -10.16 38.34
CA LYS AA 26 -28.48 -9.38 39.52
C LYS AA 26 -27.39 -8.37 39.14
N THR AA 27 -27.28 -7.32 39.97
CA THR AA 27 -26.29 -6.28 39.69
C THR AA 27 -24.88 -6.82 39.82
N GLU AA 28 -24.64 -7.77 40.73
CA GLU AA 28 -23.32 -8.36 40.86
C GLU AA 28 -22.95 -9.15 39.61
N LEU AA 29 -23.91 -9.89 39.04
CA LEU AA 29 -23.68 -10.61 37.80
C LEU AA 29 -23.71 -9.69 36.59
N GLN AA 30 -24.30 -8.50 36.71
CA GLN AA 30 -24.38 -7.56 35.60
C GLN AA 30 -23.01 -6.95 35.32
N THR AA 31 -22.28 -7.52 34.37
CA THR AA 31 -20.95 -7.09 34.00
C THR AA 31 -20.96 -6.61 32.55
N ALA AA 32 -19.76 -6.34 32.02
CA ALA AA 32 -19.65 -5.84 30.65
C ALA AA 32 -20.12 -6.86 29.63
N SER AA 33 -19.88 -8.15 29.87
CA SER AA 33 -20.24 -9.17 28.88
C SER AA 33 -21.74 -9.27 28.70
N VAL AA 34 -22.49 -9.35 29.81
CA VAL AA 34 -23.94 -9.46 29.71
C VAL AA 34 -24.54 -8.17 29.16
N LEU AA 35 -23.92 -7.02 29.47
CA LEU AA 35 -24.38 -5.76 28.90
C LEU AA 35 -24.18 -5.74 27.39
N ASN AA 36 -23.04 -6.24 26.92
CA ASN AA 36 -22.80 -6.32 25.48
C ASN AA 36 -23.79 -7.28 24.81
N ARG AA 37 -24.07 -8.40 25.46
CA ARG AA 37 -25.05 -9.34 24.91
C ARG AA 37 -26.44 -8.71 24.84
N SER AA 38 -26.83 -7.96 25.86
CA SER AA 38 -28.15 -7.34 25.88
C SER AA 38 -28.30 -6.33 24.76
N GLN AA 39 -27.27 -5.54 24.49
CA GLN AA 39 -27.33 -4.53 23.45
C GLN AA 39 -27.44 -5.19 22.08
N THR AA 40 -28.40 -4.71 21.28
CA THR AA 40 -28.64 -5.22 19.93
C THR AA 40 -28.71 -4.03 18.98
N ASP AA 41 -27.75 -3.95 18.05
CA ASP AA 41 -27.69 -2.83 17.11
C ASP AA 41 -27.58 -3.29 15.67
N ALA AA 42 -27.94 -4.55 15.39
CA ALA AA 42 -27.93 -5.06 14.03
C ALA AA 42 -29.26 -4.74 13.35
N PHE AA 43 -29.19 -4.14 12.17
CA PHE AA 43 -30.37 -3.73 11.41
C PHE AA 43 -30.47 -4.59 10.15
N TYR AA 44 -31.64 -5.20 9.96
CA TYR AA 44 -31.87 -6.04 8.78
C TYR AA 44 -31.92 -5.17 7.54
N THR AA 45 -30.84 -5.17 6.77
CA THR AA 45 -30.71 -4.38 5.55
C THR AA 45 -30.50 -5.35 4.40
N GLN AA 46 -31.60 -5.81 3.81
CA GLN AA 46 -31.53 -6.77 2.73
C GLN AA 46 -30.92 -6.14 1.48
N TYR AA 47 -30.45 -7.01 0.58
CA TYR AA 47 -29.76 -6.56 -0.61
C TYR AA 47 -30.74 -5.99 -1.63
N LYS AA 48 -30.20 -5.21 -2.58
CA LYS AA 48 -31.03 -4.58 -3.60
C LYS AA 48 -31.37 -5.56 -4.72
N ASN AA 49 -30.35 -6.09 -5.40
CA ASN AA 49 -30.59 -7.06 -6.45
C ASN AA 49 -31.09 -8.40 -5.93
N GLY AA 50 -31.05 -8.61 -4.61
CA GLY AA 50 -31.53 -9.85 -4.03
C GLY AA 50 -32.90 -9.74 -3.39
N THR AA 51 -33.14 -8.65 -2.64
CA THR AA 51 -34.42 -8.49 -1.96
C THR AA 51 -34.93 -7.05 -1.99
N ALA AA 52 -34.52 -6.25 -2.98
CA ALA AA 52 -34.98 -4.90 -3.30
C ALA AA 52 -34.47 -3.86 -2.32
N ALA AA 53 -33.84 -4.24 -1.21
CA ALA AA 53 -33.30 -3.30 -0.21
C ALA AA 53 -34.34 -2.25 0.17
N SER AA 54 -35.43 -2.73 0.78
CA SER AA 54 -36.54 -1.84 1.11
C SER AA 54 -36.13 -0.80 2.15
N GLU AA 55 -35.72 -1.26 3.34
CA GLU AA 55 -35.34 -0.37 4.42
C GLU AA 55 -34.50 -1.15 5.41
N PRO AA 56 -33.73 -0.46 6.26
CA PRO AA 56 -32.92 -1.15 7.29
C PRO AA 56 -33.70 -1.37 8.57
N THR AA 57 -34.63 -2.32 8.51
CA THR AA 57 -35.45 -2.63 9.67
C THR AA 57 -34.62 -3.33 10.75
N PRO AA 58 -35.07 -3.27 12.00
CA PRO AA 58 -34.34 -3.95 13.07
C PRO AA 58 -34.31 -5.47 12.86
N ILE AA 59 -33.22 -6.08 13.28
CA ILE AA 59 -33.05 -7.53 13.14
C ILE AA 59 -33.98 -8.26 14.11
PB ADP BA . 32.67 10.03 23.87
O1B ADP BA . 31.86 9.24 22.87
O2B ADP BA . 32.05 11.35 24.26
O3B ADP BA . 34.13 10.14 23.50
PA ADP BA . 32.43 7.60 25.38
O1A ADP BA . 31.50 7.11 24.31
O2A ADP BA . 33.77 6.93 25.56
O3A ADP BA . 32.68 9.19 25.25
O5' ADP BA . 31.68 7.45 26.79
C5' ADP BA . 30.34 7.95 26.98
C4' ADP BA . 29.76 7.23 28.19
O4' ADP BA . 29.50 5.87 27.84
C3' ADP BA . 30.75 7.21 29.34
O3' ADP BA . 30.24 7.97 30.43
C2' ADP BA . 30.90 5.76 29.74
O2' ADP BA . 30.58 5.58 31.12
C1' ADP BA . 29.93 4.98 28.87
N9 ADP BA . 30.59 3.80 28.28
C8 ADP BA . 31.17 3.74 27.07
N7 ADP BA . 31.68 2.50 26.83
C5 ADP BA . 31.44 1.75 27.91
C6 ADP BA . 31.72 0.35 28.33
N6 ADP BA . 32.37 -0.50 27.51
N1 ADP BA . 31.28 -0.05 29.54
C2 ADP BA . 30.63 0.79 30.37
N3 ADP BA . 30.35 2.08 30.06
C4 ADP BA . 30.71 2.60 28.87
MG MG CA . 35.91 9.88 22.61
PB ADP DA . 23.13 10.33 -22.82
O1B ADP DA . 24.03 9.33 -22.14
O2B ADP DA . 23.56 10.69 -24.23
O3B ADP DA . 22.79 11.53 -21.97
PA ADP DA . 21.49 8.44 -24.12
O1A ADP DA . 20.36 8.91 -25.00
O2A ADP DA . 22.82 8.04 -24.73
O3A ADP DA . 21.74 9.56 -22.98
O5' ADP DA . 20.97 7.17 -23.28
C5' ADP DA . 20.10 6.24 -23.91
C4' ADP DA . 20.52 4.81 -23.58
O4' ADP DA . 19.37 3.97 -23.56
C3' ADP DA . 21.48 4.27 -24.61
O3' ADP DA . 22.75 4.00 -24.02
C2' ADP DA . 20.87 2.99 -25.13
O2' ADP DA . 21.74 1.89 -24.90
C1' ADP DA . 19.57 2.80 -24.35
N9 ADP DA . 18.44 2.62 -25.30
C8 ADP DA . 18.22 1.53 -26.06
N7 ADP DA . 17.10 1.69 -26.82
C5 ADP DA . 16.59 2.90 -26.54
C6 ADP DA . 15.42 3.69 -26.98
N6 ADP DA . 14.55 3.22 -27.90
N1 ADP DA . 15.24 4.92 -26.44
C2 ADP DA . 16.09 5.41 -25.52
N3 ADP DA . 17.18 4.74 -25.07
C4 ADP DA . 17.48 3.51 -25.53
MG MG EA . 22.70 12.27 -25.00
PB ADP FA . 0.22 39.78 4.29
O1B ADP FA . 1.18 38.67 3.93
O2B ADP FA . -0.16 40.68 3.14
O3B ADP FA . 0.56 40.50 5.57
PA ADP FA . -2.39 39.79 5.31
O1A ADP FA . -2.23 39.74 6.81
O2A ADP FA . -2.53 41.11 4.60
O3A ADP FA . -1.15 39.00 4.64
O5' ADP FA . -3.66 38.89 4.91
C5' ADP FA . -4.96 39.47 4.97
C4' ADP FA . -5.98 38.56 4.30
O4' ADP FA . -6.37 37.52 5.20
C3' ADP FA . -7.22 39.33 3.91
O3' ADP FA . -7.36 39.38 2.49
C2' ADP FA . -8.40 38.56 4.51
O2' ADP FA . -9.30 38.16 3.47
C1' ADP FA . -7.80 37.34 5.18
N9 ADP FA . -8.29 37.26 6.58
C8 ADP FA . -7.54 37.44 7.67
N7 ADP FA . -8.27 37.30 8.81
C5 ADP FA . -9.52 37.00 8.43
C6 ADP FA . -10.81 36.71 9.12
N6 ADP FA . -10.89 36.72 10.48
N1 ADP FA . -11.89 36.45 8.36
C2 ADP FA . -11.82 36.45 7.01
N3 ADP FA . -10.69 36.69 6.32
C4 ADP FA . -9.53 36.97 6.96
MG MG GA . -0.92 41.86 5.93
PB ADP HA . 36.51 2.40 -0.53
O1B ADP HA . 35.51 2.36 -1.66
O2B ADP HA . 36.17 3.39 0.57
O3B ADP HA . 37.95 2.44 -0.99
PA ADP HA . 36.63 -0.40 -0.64
O1A ADP HA . 36.08 -0.21 -2.02
O2A ADP HA . 38.06 -0.81 -0.44
O3A ADP HA . 36.39 0.97 0.19
O5' ADP HA . 35.72 -1.50 0.11
C5' ADP HA . 35.08 -1.30 1.37
C4' ADP HA . 34.08 -2.44 1.55
O4' ADP HA . 33.97 -3.19 0.34
C3' ADP HA . 34.42 -3.43 2.65
O3' ADP HA . 33.49 -3.19 3.71
C2' ADP HA . 34.19 -4.81 2.06
O2' ADP HA . 33.33 -5.63 2.85
C1' ADP HA . 33.54 -4.49 0.73
N9 ADP HA . 33.66 -5.45 -0.42
C8 ADP HA . 34.04 -5.11 -1.66
N7 ADP HA . 34.02 -6.17 -2.50
C5 ADP HA . 33.60 -7.22 -1.78
C6 ADP HA . 33.36 -8.66 -2.07
N6 ADP HA . 33.56 -9.19 -3.30
N1 ADP HA . 32.93 -9.43 -1.04
C2 ADP HA . 32.72 -8.93 0.19
N3 ADP HA . 32.92 -7.63 0.51
C4 ADP HA . 33.36 -6.74 -0.41
MG MG IA . 39.26 3.00 -2.68
PB ADP JA . 4.41 29.60 -19.13
O1B ADP JA . 3.72 28.81 -18.05
O2B ADP JA . 3.81 30.95 -19.41
O3B ADP JA . 5.93 29.61 -19.02
PA ADP JA . 2.63 28.64 -21.04
O1A ADP JA . 1.70 29.15 -19.98
O2A ADP JA . 2.56 29.27 -22.40
O3A ADP JA . 4.12 28.75 -20.46
O5' ADP JA . 2.42 27.05 -21.18
C5' ADP JA . 1.17 26.48 -20.79
C4' ADP JA . 1.15 24.98 -21.07
O4' ADP JA . 0.24 24.35 -20.17
C3' ADP JA . 0.65 24.72 -22.49
O3' ADP JA . 1.60 23.91 -23.19
C2' ADP JA . -0.65 23.97 -22.33
O2' ADP JA . -0.55 22.68 -22.95
C1' ADP JA . -0.88 23.81 -20.84
N9 ADP JA . -2.06 24.62 -20.44
C8 ADP JA . -2.03 25.64 -19.57
N7 ADP JA . -3.27 26.19 -19.41
C5 ADP JA . -4.11 25.48 -20.20
C6 ADP JA . -5.56 25.54 -20.51
N6 ADP JA . -6.37 26.45 -19.93
N1 ADP JA . -6.04 24.63 -21.39
C2 ADP JA . -5.24 23.72 -21.97
N3 ADP JA . -3.93 23.61 -21.74
C4 ADP JA . -3.31 24.46 -20.88
#